data_6J4Z
#
_entry.id   6J4Z
#
_cell.length_a   1
_cell.length_b   1
_cell.length_c   1
_cell.angle_alpha   90
_cell.angle_beta   90
_cell.angle_gamma   90
#
_symmetry.space_group_name_H-M   'P 1'
#
loop_
_entity.id
_entity.type
_entity.pdbx_description
1 polymer 'DNA-directed RNA polymerase subunit'
2 polymer 'DNA-directed RNA polymerase subunit beta'
3 polymer 'RNA polymerase II third largest subunit B44, part of central core'
4 polymer 'RNA polymerase II subunit B32'
5 polymer 'RNA polymerase subunit ABC27, common to RNA polymerases I, II, and III'
6 polymer 'RNA polymerase subunit ABC23, common to RNA polymerases I, II, and III'
7 polymer 'RNA polymerase II subunit'
8 polymer 'DNA-directed RNA polymerases I, II, and III subunit RPABC3'
9 polymer 'DNA-directed RNA polymerase subunit'
10 polymer 'RNA polymerase subunit ABC10-beta, common to RNA polymerases I, II, and III'
11 polymer 'RNA polymerase II subunit B12.5'
12 polymer 'RNA polymerase subunit ABC10-alpha'
13 polymer "RNA (5'-R(P*GP*CP*CP*UP*GP*GP*UP*GP*UP*CP*UP*UP*GP*GP*GP*U)-3')"
14 polymer 'DNA (198-MER)'
15 polymer 'DNA (198-MER)'
16 polymer 'Transcription elongation factor SPT4'
17 polymer Spt5
18 polymer 'Histone H3.3'
19 polymer 'Histone H4'
20 polymer 'Histone H2A type 1-B/E'
21 polymer 'Histone H2B type 1-J'
22 polymer 'DNA (42-MER)'
23 polymer 'DNA (42-MER)'
24 non-polymer 'ZINC ION'
25 non-polymer 'MAGNESIUM ION'
#
loop_
_entity_poly.entity_id
_entity_poly.type
_entity_poly.pdbx_seq_one_letter_code
_entity_poly.pdbx_strand_id
1 'polypeptide(L)'
;MSQFPYSSAPLRSVKEVQFGLLSPEEIRAISVVKIEYPEIMDESRQRPREGGLNDPKLGSIDRNFKCQTCGEGMAECPGH
FGHMELAKPVFHIGFIPKIKKVCECICMNCGKLLLDETNPTMAQAIRIRDPKKRFNAVWQLCKTKMVCEADAPVDEYSEQ
KVVSRGGCGNTQPVVRKDGMKLWGTWKKSGFSDRDAQPERKLLTPGEILNVFKHISPEDCFRLGFNEDYARPEWMIITVL
PVPPPQVRPSIAMDETTQGQDDLTHKLSDILKANINVQKLEMDGSPQHIINEVEQLLQFHVATYMDNDIAGQPQALQKSG
RPVKAIRARLKGKEGRLRGNLMGKRVDFSARTVISGDPNLELDQVGVPISIAKTLSYPETVTQYNIHRLTEYVRNGPNEH
PGAKYVIRDNGDRIDLRYHKRAGDIVLQYGWKVERHLMDDDPVLFNRQPSLHKMSMMAHRVKVMPYSTFRLNLSVTSPYN
ADFDGDEMNLHVPQSEETRAELSQLCAVPLQIVSPQSNKPVMGIVQDTLCGVRKMTLRDTFIEYEQVMNMLFWVPSWDGV
VPQPAILKPKPLWTGKQLLSIAIPSGIHLQRTDGGNSLLSPKDNGMLIVDGKVMFGVVDKKTVGSGGGGLIHTVMREKGP
KICAELFGNIQKVVNYWLLHNGFSIGIGDAIADASTMKEITHAISSAKEQVQEIIYKAQHNELELKPGMTLRESFEGEVS
RTLNDARDSAGRSAEMNLKDLNNVKQMVSAGSKGSFINIAQMSACVGQQMVEGKRIAFGFADRSLPHFTKDDFSPESKGF
VENSYLRGLTPQEFFFHAMAGREGLIDTAVKTAETGYIQRRLVKALEDIMVHYDGTTRNSLGDIIQFLYGEDGLDGTQVE
RQTIDTIPGSDKAFHKRYYVDLMDEKNSIKPDVIEYAADILGDVELQKELNSEYEQLVSDRKFLREIVFVNGDHNWPLPV
NLRRIIQNAQQIFHLDRAKASDLTIPEIIHGVRDLCKKLFVLRGENELIKEAQQNATSLFQCLVRARLATRRILEEFRLN
RDAFEWVLGTIEAQFQRSLVHPGEMVGVIAAQSIGEPATQMTLNTFHYAGVSSKNVTLGVPRLKEILNVAKNIKTPALTV
YLDREIALDIEKAKVIQSSIEYTTLKNVTSATEIYYDPDPTSTVIEEDFDTVEAYFSIPDEKVEETIDKQSPWLLRLELD
RARMLDKQLTMNQVADKISEVFSDDLFVMWSEDNADKLIIRCRVIRDPKAMDEELEAEEDQMLKRIEAHMLDLIALRGIP
GISKVYMVKHKVSVPDESGEYKNEELWALETDGINLAEVMAVPGVDSSRTYSNSFVEILSVLGIEATRSSLYKEILNVIA
FDGSYVNYRHMALLVDVMTSRGYLMAITRHGINRADTGALMRCSFEETVEILFEAGAAAELDDCRGVSENVMLGQLAPMG
TGAFDVMIDEKLLTSLPADYAPTMPLFKGKATQGSATPYDNNAQYDDEFNHDDVADVMFSPMAETGSGDDRSGGLTEYAG
IQSPYQPTSPGLSATSPGFAPTSPGFAPTSPRYSPTSPGYSPTSPSYSPTSPSYSPTSPSYSPTSPSYSPTSPSYSPTSP
SYSPTSPSYSPTSPSYSPTSPSYSPTSPQYSPTSPQYSPTSPQYSPTSPQYSPTSPQYSPTSPQYSPTSPQYSPTSPQYS
PTSPQYSPTSPQYSPTSPQYSPTSPQYSPTSPQYSPTSPQYSPASPQYSPSRHSPNGESKEGE
;
A
2 'polypeptide(L)'
;MSYDPYSIDDTITTEDCWTVISAFFEEKGLVSQQLDSFDEFMETSIQDLVWEEPRLILDQPAQHTNEKDNINKRYEIRFG
KIYLSRPTMTEADGTTHAMFPQEARLRNLTYSSPVYLDMEKSMFTSIDDEGNPNATLDWQQVHEPIKDGVEEGNKVHIGK
VPIMLRSKFCSLRTLDEVDLYKMKECPYDMGGYFVINGSEKVLIAQERSAANIVQVFKKAAPSPISHVAEIRSALEKGSR
LISTMQIKLYGREDKGTGRTIKATLPYVKQDIPIVIVFRALGVVPDGEILQHICYDENDWQMLEMLKPCIEEGFVIQDKE
VALDFIGRRGSAALGIRREKRIQYAKDILQKELLPHITQEEGFETRKTFFLGYMVNRLLLCALERKDQDDRDHFGKKRLD
LAGPLLANLFRILFRKLTREIYRYMQRCIETDRDFNLNLAVKSTTITSGLKYSLATGNWGEQKKAMSSRAGVSQVLNRYT
YSSTLSHLRRTNTPIGRDGKLAKPRQLHNTHWGLVCPAETPEGQACGLVKNLSLLSGISIGSPSEPIINFLEEWGMEPLE
DYDPAQHTKSTRIFVNGVWTGIHRDPSMLVSTMRDLRRSGAISPEVSIIRDIREREFKIFTDVGRVYRPLFIVEDDESKD
NKGELRITKEHIRKIQQGYDDDAMNDDSEEQEQDVYGWSSLVTSGVIEYVDGEEEETIMIAMTPEDLQTRSLEQKEIDLN
DTAKRIKPEMSTSSHHTFTHCEIHPSMILGVAASIIPFPDHNQSPRNTYQSAMGKQAMGVFLTNYNVRMDTMANILYYPQ
KPLAKTQAMEYLKFRELPAGQNAIVAIACYSGYNQEDSMIMNQSSIDRGLFRSLFFRSYMDQEKRFGISIVEEFEKPTRA
TTLRLKHGTYEKLDEDGLIAPGVRVSGDDIIIGKTTPIPPDTEELGQRTKYHTKRDASTPLRSTENGIVDQVLLTTNQEG
LKFVKVRMRTTKVPQIGDKFASRHGQKGTIGVTYRHEDMPFSAEGIVPDLIINPHAIPSRMTVAHLIECLLSKVGSIRGY
EGDATPFTDLTVDAVSNLLRDNGYQSRGFEVMYNGHTGKKLMAQVFFGPTYYQRLRHMVDDKIHARARGPVQVLTRQPVE
GRSRDGGLRFGEMERDCMIAHGAAGFLKERLMEASDAFRVHVCGICGLMSVIANLKKNQFECRSCKNKTNIYQLHIPYAA
KLLFQELMAMNIAPRLYTERSGVSMRS
;
B
3 'polypeptide(L)'
;MSKEPKVNIINAQDDEVELMLSDVNLSLANSLRRTMLAEVPTLAIDLVEIKMNTSVLADEFISHRLGLIPLVSEDVEEMK
YSRDCTCEDYCDECSVVLELSARHEGEEGTTDVYSSSLIKVSGPGNLNVGEPVRRDDYDQGILLCKLRNHQELNIRCIAK
KGIAKEHAKWSPCSAIAFEYDPHNKLKHTDFWFEVDAKKEWPDSKYATWEEPPKPGEVFDYKAKPNRFYMTVETTGSLKA
NQVFSRGIKTLQEKLANVLFELENSRPANTTAYGGATAYGGQTVYGRETSYGGNTNYGDYNAPY
;
C
4 'polypeptide(L)'
;MNVSTSTVGARRRRAKQQVDDEENATLLRLGPEFALKQYDHDGNEHDLIALSLSESRLLIREALKARSRARNGGVDIESS
NGEIDDDELAKVTSGAVANGVVKKTLDYLNTFARFKDEETCTAVDQLLHNSSDCSVLHPFEIAQLSSLGCEDVDEAITLI
PSLAAKKEVNLQRILDELNRLEDPYK
;
D
5 'polypeptide(L)'
;MEDNNRIISRLWRSFRTVKEMAADRGYFISQEEMDQSLEEFRSKICDSMGNPQRKLMSFLANPTPEALEKYSDLGTLWVE
FCDEPSVGIKTMRNFCLRIQEKNFSTGIFIYQNNITPSANKMIPTVSPAIIETFQESDLVVNITHHELVPKHIRLSDGEK
SQLLQRYKLKESQLPRIQREDPVARYLGLKRGQVVKIIRRSETSGRYASYRICL
;
E
6 'polypeptide(L)'
;MSEDEAFNEQTENFENFEDEHFSDDNFEDRSTQPEDYAVGVTADGRQIINGDGIQEVNGTIKAHRKRSNKELAILKEERT
TTPYLTKYERARILGTRALQISMNAPVLVDIEGETDPLQIAMKELSQRKIPLVIRRYLPDGSYEDWGCDELIVDN
;
F
7 'polypeptide(L)'
;MFFLKDLSLILTLHPSYFGPQMNQYLREKLLTDVEGTCTGQFGYIVTVLDGMNIDVGKGRIIPGSGSAEFEVKYRAVVWK
PFKGEVVDAIVSNVSPIGFFADVGPLNVFVSTRLIPDNLVYNPSNSPPAYMSNDELITKGSKVRLKVVGTRTDVNEIYAI
GSIKEDFLGAI
;
G
8 'polypeptide(L)'
;MSSALFDDIFTVQTVDNGRYNKVSRIIGISTTNSAIKLTLDINNEMFPVSQDDSLTVTLANSLSLDGEDESANFSKSWRP
PKPTDKSLADDYDYVMFGTVYKFEEGDEDKIKVYVSFGGLLMCLEGGYKSLASLKQDNLYILIRR
;
H
9 'polypeptide(L)'
;MASFRFCLECNNMLYPKEDKENQRLLYSCRNCDYTELAEDPKVYRHELITNIGETAGIVDDIGQDPTLPRSDKECPECHS
RDCVFFQSQQRRKDTNMTLFYVCLNCKKTFRDESE
;
I
10 'polypeptide(L)' MIIPVRCFSCGKVVGDKWDAYLRLLEEGKQEGDALDELKLKRYCCRRMVLTHVDLIEKFLRYNPLEKKDFDS J
11 'polypeptide(L)'
;MNAPDRFELFILPDDVPKLKITPDSRVPNCIIIKFEREDHTLANLLREELALYPDVTFVAYKVEHPLFANFVMRLQTEEG
TRPKQALERACASIINKLKTLDHKFNEEWNIKNFSLND
;
K
12 'polypeptide(L)' MSREGFVAPSGTDLAAAASGVAPNKHYGVKYTCGACAHNFSLNKSDPVRCKECGHRVIYKARTKRMIQFDAR L
13 'polyribonucleotide' GCCUGGUGUCUUGGGU P
14 'polydeoxyribonucleotide'
;(DA)(DT)(DC)(DA)(DG)(DA)(DA)(DT)(DC)(DC)(DC)(DG)(DG)(DT)(DG)(DC)(DC)(DG)(DA)(DG)
(DG)(DC)(DC)(DG)(DC)(DT)(DC)(DA)(DA)(DT)(DT)(DG)(DG)(DT)(DC)(DG)(DT)(DA)(DG)(DA)
(DC)(DA)(DG)(DC)(DT)(DC)(DT)(DA)(DG)(DC)(DA)(DC)(DC)(DG)(DC)(DT)(DT)(DA)(DA)(DA)
(DC)(DG)(DC)(DA)(DC)(DG)(DT)(DA)(DC)(DG)(DC)(DG)(DC)(DT)(DG)(DT)(DC)(DC)(DC)(DC)
(DC)(DG)(DC)(DG)(DT)(DT)(DT)(DT)(DA)(DA)(DC)(DC)(DG)(DC)(DC)(DA)(DA)(DG)(DG)(DG)
(DG)(DA)(DT)(DT)(DA)(DC)(DA)(DC)(DC)(DC)(DA)(DA)(DG)(DA)(DC)(DA)(DC)(DC)(DA)(DG)
(DG)(DC)(DA)(DC)(DG)(DA)(DG)(DA)(DC)(DA)(DG)(DA)(DA)(DA)(DA)(DA)(DA)(DA)(DC)(DA)
(DA)(DC)(DG)(DA)(DA)(DA)(DA)(DC)(DG)(DG)(DC)(DC)(DA)(DC)(DC)(DA)(DC)(DC)(DC)(DA)
(DA)(DA)(DC)(DA)(DC)(DA)(DC)(DC)(DA)(DA)(DA)(DC)(DA)(DC)(DA)(DA)(DG)(DA)(DG)(DC)
(DT)(DA)(DA)(DT)(DT)(DG)(DA)(DC)(DT)(DG)(DA)(DC)(DG)(DT)(DA)(DA)(DG)(DC)
;
T
15 'polydeoxyribonucleotide'
;(DG)(DC)(DT)(DT)(DA)(DC)(DG)(DT)(DC)(DA)(DG)(DT)(DC)(DT)(DG)(DG)(DC)(DC)(DA)(DT)
(DC)(DT)(DT)(DT)(DG)(DT)(DG)(DT)(DT)(DT)(DG)(DG)(DT)(DG)(DT)(DG)(DT)(DT)(DT)(DG)
(DG)(DG)(DT)(DG)(DG)(DT)(DG)(DG)(DC)(DC)(DG)(DT)(DT)(DT)(DT)(DC)(DG)(DT)(DT)(DG)
(DT)(DT)(DT)(DT)(DT)(DT)(DT)(DC)(DT)(DG)(DT)(DC)(DT)(DC)(DG)(DT)(DG)(DC)(DC)(DT)
(DG)(DG)(DT)(DG)(DT)(DC)(DT)(DT)(DG)(DG)(DG)(DT)(DG)(DT)(DA)(DA)(DT)(DC)(DC)(DC)
(DC)(DT)(DT)(DG)(DG)(DC)(DG)(DG)(DT)(DT)(DA)(DA)(DA)(DA)(DC)(DG)(DC)(DG)(DG)(DG)
(DG)(DG)(DA)(DC)(DA)(DG)(DC)(DG)(DC)(DG)(DT)(DA)(DC)(DG)(DT)(DG)(DC)(DG)(DT)(DT)
(DT)(DA)(DA)(DG)(DC)(DG)(DG)(DT)(DG)(DC)(DT)(DA)(DG)(DA)(DG)(DC)(DT)(DG)(DT)(DC)
(DT)(DA)(DC)(DG)(DA)(DC)(DC)(DA)(DA)(DT)(DT)(DG)(DA)(DG)(DC)(DG)(DG)(DC)(DC)(DT)
(DC)(DG)(DG)(DC)(DA)(DC)(DC)(DG)(DG)(DG)(DA)(DT)(DT)(DC)(DT)(DG)(DA)(DT)
;
N
16 'polypeptide(L)'
;MRERACMLCGIVLPGRVFMQNGCPNCDSVLNLRDSDQATVNECTSSSFEGLVAVGDNEHSWVAKWLRVDRFQPGLYAVRV
DGRLPSDIVAALEQYGVYYRPRDGSVID
;
V
17 'polypeptide(L)'
;GPGMSETHKNQLDKVSTVSPDGPSEAVKEHSLQSKDLSKNDGQFIVPLDRNVIEQEEHKQVKSSAQAHNTTGDAADNEIE
DGVPSEDVEFDKFKEDDYDEDDEVEEEGDIRSRKRRRHNQFLDVEAEVDDEEDDDDDDDDVELKHDFIQDDHIQHETQNE
GFIAGHVDDDRLHRKLDQSREKIADQDAQELADEFKQRYGRSASSKYMGSASTTAPQRLLIPTVDDPGIWGVKVRLGKEK
DVVRQILKKKLAREGTKNPLEIYSAFQRDSFKGHVYIEARKAEAINDALKGNVNVFSNNSKFLVGIVEYKDLLRPVKSSD
VKLTRGSYVRVKNGKFKGDLAQVDEVLENGLEARLKLVPRLDYGKDLSHLSTSSSVDSTKNRRKFYTSKFRPAQRLFSEA
EARVHEPTIRRDRDGFVTYGGEEYYEGFLYKTFRLQNLIVNSINPTLNELSLFQSNEESTTIDLSTIADSLKETAKNLVS
FQPGDNVEIINGELNHLTGTVSSVNQSTIVSVRLHSDDDTINSETVEIPTSDLRKIFNVGDHVRVIHGKHTDDTGLIVEV
NGDKVEFISNQTKRTVIVFSNYLIKSTDSTVSINESGRFELHDLVQVNSDLVGIVIRAQKDSFDVLCSDGKLLSLPPVSI
YSKLNLNPNQQIAIDSNGVEVKVGDTVREFTGERRQGTILHVYRNFLFLRSREIVENQGVFVTSSNRVKTITSKSNGTGG
QISGPDLSRMNPSRVIPPPSIPVANQRMTGRDPTLNKTVKIRQGGYKGKIGIVKEANGDRFRVELHNPNKTIPIPCSFLL
IESTHGWVPYEDFVASDRRGGNIPRHEISGHVQQPQHGRAPAWGSGGKTPAWGSGGKTPAWGSGGSGGKTPAWGSGGKTP
TWGSGAKTPAWGSGSKTPAWSGLDEEDRRDF
;
W
18 'polypeptide(L)'
;GSHMARTKQTARKSTGGKAPRKQLATKAARKSAPSTGGVKKPHRYRPGTVALREIRRYQKSTELLIRKLPFQRLVREIAQ
DFKTDLRFQSAAIGALQEASEAYLVGLFEDTNLCAIHAKRVTIMPKDIQLARRIRGERA
;
a,e
19 'polypeptide(L)'
;GSHMSGRGKGGKGLGKGGAKRHRKVLRDNIQGITKPAIRRLARRGGVKRISGLIYEETRGVLKVFLENVIRDAVTYTEHA
KRKTVTAMDVVYALKRQGRTLYGFGG
;
b,f
20 'polypeptide(L)'
;GSHMSGRGKQGGKARAKAKTRSSRAGLQFPVGRVHRLLRKGNYSERVGAGAPVYLAAVLEYLTAEILELAGNAARDNKKT
RIIPRHLQLAIRNDEELNKLLGRVTIAQGGVLPNIQAVLLPKKTESHHKAKGK
;
c,g
21 'polypeptide(L)'
;GSHMPEPAKSAPAPKKGSKKAVTKAQKKDGKKRKRSRKESYSIYVYKVLKQVHPDTGISSKAMGIMNSFVNDIFERIAGE
ASRLAHYNKRSTITSREIQTAVRLLLPGELAKHAVSEGTKAVTKYTSAK
;
d,h
22 'polydeoxyribonucleotide'
;(DG)(DG)(DG)(DG)(DA)(DT)(DT)(DA)(DC)(DA)(DC)(DC)(DC)(DA)(DA)(DG)(DA)(DC)(DA)(DC)
(DC)(DA)(DG)(DG)(DC)(DA)(DC)(DG)(DA)(DG)(DA)(DC)(DA)(DG)(DA)(DA)(DA)(DA)(DA)(DA)
(DA)(DC)
;
0
23 'polydeoxyribonucleotide'
;(DG)(DT)(DT)(DT)(DT)(DT)(DT)(DT)(DC)(DT)(DG)(DT)(DC)(DT)(DC)(DG)(DT)(DG)(DC)(DC)
(DT)(DG)(DG)(DT)(DG)(DT)(DC)(DT)(DT)(DG)(DG)(DG)(DT)(DG)(DT)(DA)(DA)(DT)(DC)(DC)
(DC)(DC)
;
1
#
# COMPACT_ATOMS: atom_id res chain seq x y z
N SER A 2 -31.09 -26.03 -15.24
CA SER A 2 -31.20 -27.12 -16.19
C SER A 2 -30.20 -28.21 -15.85
N GLN A 3 -29.02 -27.80 -15.38
CA GLN A 3 -28.07 -28.74 -14.81
C GLN A 3 -28.42 -29.11 -13.38
N PHE A 4 -29.38 -28.47 -12.81
CA PHE A 4 -29.96 -28.72 -11.51
C PHE A 4 -31.17 -29.62 -11.62
N PRO A 5 -31.23 -30.72 -10.85
CA PRO A 5 -32.43 -31.56 -10.86
C PRO A 5 -33.63 -30.77 -10.34
N TYR A 6 -34.82 -31.18 -10.77
CA TYR A 6 -36.03 -30.40 -10.48
C TYR A 6 -36.29 -30.37 -8.98
N SER A 7 -36.71 -29.22 -8.47
CA SER A 7 -37.12 -29.08 -7.09
C SER A 7 -38.40 -28.24 -7.02
N SER A 8 -39.35 -28.68 -6.20
CA SER A 8 -40.65 -28.01 -6.12
C SER A 8 -40.60 -26.67 -5.42
N ALA A 9 -39.53 -26.37 -4.68
CA ALA A 9 -39.43 -25.08 -3.99
C ALA A 9 -39.41 -23.94 -5.00
N PRO A 10 -40.13 -22.85 -4.75
CA PRO A 10 -40.15 -21.73 -5.69
C PRO A 10 -38.80 -21.06 -5.88
N LEU A 11 -38.48 -20.77 -7.12
CA LEU A 11 -37.26 -20.06 -7.48
C LEU A 11 -37.45 -18.57 -7.33
N ARG A 12 -36.58 -17.91 -6.57
CA ARG A 12 -36.62 -16.46 -6.42
C ARG A 12 -35.20 -15.91 -6.46
N SER A 13 -35.11 -14.59 -6.60
CA SER A 13 -33.82 -13.90 -6.53
C SER A 13 -33.64 -13.20 -5.20
N VAL A 14 -32.40 -12.80 -4.93
CA VAL A 14 -32.06 -12.11 -3.71
C VAL A 14 -32.31 -10.62 -3.87
N LYS A 15 -33.11 -10.06 -2.97
CA LYS A 15 -33.39 -8.63 -2.95
C LYS A 15 -32.69 -7.88 -1.84
N GLU A 16 -32.30 -8.55 -0.76
CA GLU A 16 -31.73 -7.87 0.39
C GLU A 16 -30.76 -8.79 1.10
N VAL A 17 -29.65 -8.24 1.59
CA VAL A 17 -28.74 -8.99 2.45
C VAL A 17 -28.73 -8.33 3.81
N GLN A 18 -29.21 -9.03 4.82
CA GLN A 18 -29.21 -8.58 6.19
C GLN A 18 -28.00 -9.13 6.95
N PHE A 19 -27.08 -8.26 7.31
CA PHE A 19 -25.92 -8.74 8.06
C PHE A 19 -26.27 -8.76 9.54
N GLY A 20 -25.52 -9.54 10.30
CA GLY A 20 -25.69 -9.54 11.74
C GLY A 20 -24.80 -10.56 12.40
N LEU A 21 -25.01 -10.76 13.69
CA LEU A 21 -24.27 -11.77 14.42
C LEU A 21 -25.12 -13.01 14.69
N LEU A 22 -24.46 -14.14 14.77
CA LEU A 22 -25.08 -15.41 15.10
C LEU A 22 -25.09 -15.57 16.62
N SER A 23 -26.29 -15.66 17.19
CA SER A 23 -26.39 -15.90 18.63
C SER A 23 -25.86 -17.29 18.97
N PRO A 24 -25.41 -17.49 20.22
CA PRO A 24 -25.07 -18.84 20.68
C PRO A 24 -26.19 -19.85 20.53
N GLU A 25 -27.41 -19.46 20.84
CA GLU A 25 -28.56 -20.35 20.68
C GLU A 25 -28.75 -20.78 19.24
N GLU A 26 -28.67 -19.83 18.31
CA GLU A 26 -28.87 -20.11 16.88
C GLU A 26 -27.79 -21.05 16.33
N ILE A 27 -26.53 -20.85 16.74
CA ILE A 27 -25.43 -21.72 16.31
C ILE A 27 -25.73 -23.18 16.64
N ARG A 28 -26.33 -23.42 17.81
CA ARG A 28 -26.68 -24.78 18.17
C ARG A 28 -27.89 -25.24 17.39
N ALA A 29 -28.80 -24.33 17.06
CA ALA A 29 -29.98 -24.74 16.34
C ALA A 29 -29.67 -25.19 14.92
N ILE A 30 -28.67 -24.58 14.26
CA ILE A 30 -28.35 -25.01 12.91
C ILE A 30 -27.29 -26.11 12.88
N SER A 31 -26.61 -26.36 13.98
CA SER A 31 -25.57 -27.37 14.03
C SER A 31 -26.17 -28.76 13.93
N VAL A 32 -25.45 -29.67 13.31
CA VAL A 32 -25.90 -31.05 13.22
C VAL A 32 -25.08 -32.01 14.07
N VAL A 33 -24.05 -31.54 14.79
CA VAL A 33 -23.20 -32.42 15.61
C VAL A 33 -22.31 -31.60 16.54
N LYS A 34 -22.06 -32.14 17.75
CA LYS A 34 -21.14 -31.50 18.69
C LYS A 34 -19.75 -32.10 18.50
N ILE A 35 -18.74 -31.22 18.46
CA ILE A 35 -17.36 -31.58 18.14
C ILE A 35 -16.45 -31.59 19.37
N GLU A 36 -15.89 -32.75 19.73
CA GLU A 36 -15.15 -32.80 20.98
C GLU A 36 -13.71 -33.32 20.86
N TYR A 37 -13.46 -34.25 19.95
CA TYR A 37 -12.18 -34.98 19.93
C TYR A 37 -11.29 -34.56 18.77
N PRO A 38 -10.05 -34.14 19.06
CA PRO A 38 -9.14 -33.67 18.00
C PRO A 38 -8.55 -34.77 17.15
N GLU A 39 -8.66 -36.04 17.55
CA GLU A 39 -8.18 -37.13 16.72
C GLU A 39 -9.10 -37.33 15.52
N ILE A 40 -8.57 -36.98 14.34
CA ILE A 40 -9.33 -37.03 13.09
C ILE A 40 -9.81 -38.45 12.76
N MET A 41 -8.92 -39.44 12.92
CA MET A 41 -9.23 -40.80 12.49
C MET A 41 -9.76 -41.64 13.64
N ASP A 42 -10.49 -42.70 13.28
CA ASP A 42 -11.05 -43.61 14.27
C ASP A 42 -9.93 -44.25 15.09
N GLU A 43 -8.97 -44.89 14.40
CA GLU A 43 -7.71 -45.42 14.93
C GLU A 43 -6.80 -45.77 13.76
N SER A 44 -6.79 -44.93 12.72
CA SER A 44 -6.05 -45.08 11.47
C SER A 44 -6.44 -46.34 10.69
N ARG A 45 -7.60 -46.91 10.99
CA ARG A 45 -8.16 -48.08 10.32
C ARG A 45 -9.37 -47.76 9.46
N GLN A 46 -9.34 -46.64 8.69
CA GLN A 46 -10.40 -46.22 7.75
C GLN A 46 -11.69 -45.84 8.46
N ARG A 47 -12.55 -44.99 7.81
CA ARG A 47 -13.78 -44.41 8.40
C ARG A 47 -13.39 -43.45 9.53
N PRO A 48 -13.68 -42.17 9.36
CA PRO A 48 -13.35 -41.15 10.35
C PRO A 48 -14.35 -41.10 11.49
N ARG A 49 -13.78 -40.75 12.63
CA ARG A 49 -14.39 -40.80 13.94
C ARG A 49 -15.50 -39.78 14.14
N GLU A 50 -16.65 -40.35 14.51
CA GLU A 50 -17.83 -39.59 14.90
C GLU A 50 -17.51 -38.71 16.10
N GLY A 51 -18.04 -37.49 16.07
CA GLY A 51 -17.64 -36.46 17.00
C GLY A 51 -16.30 -35.83 16.71
N GLY A 52 -15.56 -36.35 15.74
CA GLY A 52 -14.31 -35.77 15.30
C GLY A 52 -14.52 -34.76 14.20
N LEU A 53 -13.42 -34.13 13.80
CA LEU A 53 -13.47 -33.01 12.87
C LEU A 53 -13.88 -33.40 11.45
N ASN A 54 -13.81 -34.68 11.09
CA ASN A 54 -14.33 -35.16 9.82
C ASN A 54 -15.51 -36.09 9.98
N ASP A 55 -16.32 -35.89 11.03
CA ASP A 55 -17.56 -36.61 11.24
C ASP A 55 -18.40 -36.58 9.97
N PRO A 56 -18.83 -37.74 9.45
CA PRO A 56 -19.56 -37.74 8.18
C PRO A 56 -20.88 -36.98 8.19
N LYS A 57 -21.45 -36.62 9.35
CA LYS A 57 -22.62 -35.76 9.32
C LYS A 57 -22.32 -34.36 8.81
N LEU A 58 -21.06 -33.91 8.86
CA LEU A 58 -20.75 -32.58 8.36
C LEU A 58 -20.77 -32.52 6.85
N GLY A 59 -20.57 -33.64 6.19
CA GLY A 59 -20.68 -33.70 4.75
C GLY A 59 -19.65 -34.58 4.09
N SER A 60 -19.86 -34.78 2.80
CA SER A 60 -19.03 -35.64 1.96
C SER A 60 -18.15 -34.84 1.02
N ILE A 61 -16.85 -35.15 0.99
CA ILE A 61 -16.04 -34.56 -0.07
C ILE A 61 -15.47 -35.71 -0.88
N ASP A 62 -16.17 -36.84 -0.84
CA ASP A 62 -15.73 -38.07 -1.47
C ASP A 62 -16.86 -38.58 -2.35
N ARG A 63 -16.52 -39.02 -3.56
CA ARG A 63 -17.50 -39.37 -4.60
C ARG A 63 -18.36 -40.59 -4.26
N ASN A 64 -17.99 -41.39 -3.27
CA ASN A 64 -18.65 -42.65 -3.00
C ASN A 64 -19.38 -42.74 -1.67
N PHE A 65 -19.41 -41.69 -0.86
CA PHE A 65 -20.12 -41.71 0.40
C PHE A 65 -21.18 -40.61 0.33
N LYS A 66 -22.44 -40.99 0.46
CA LYS A 66 -23.50 -39.99 0.50
C LYS A 66 -23.63 -39.36 1.87
N CYS A 67 -24.09 -38.11 1.88
CA CYS A 67 -24.24 -37.33 3.10
C CYS A 67 -25.26 -38.00 4.00
N GLN A 68 -24.94 -38.17 5.27
CA GLN A 68 -25.89 -38.83 6.15
C GLN A 68 -26.95 -37.87 6.67
N THR A 69 -26.95 -36.62 6.22
CA THR A 69 -27.98 -35.67 6.57
C THR A 69 -28.94 -35.36 5.44
N CYS A 70 -28.47 -35.14 4.22
CA CYS A 70 -29.37 -34.76 3.15
C CYS A 70 -29.55 -35.81 2.07
N GLY A 71 -28.75 -36.87 2.08
CA GLY A 71 -28.90 -37.91 1.08
C GLY A 71 -28.41 -37.57 -0.32
N GLU A 72 -27.90 -36.36 -0.55
CA GLU A 72 -27.49 -35.93 -1.87
C GLU A 72 -26.03 -36.28 -2.12
N GLY A 73 -25.65 -36.31 -3.40
CA GLY A 73 -24.27 -36.55 -3.74
C GLY A 73 -23.41 -35.35 -3.37
N MET A 74 -22.09 -35.55 -3.45
CA MET A 74 -21.14 -34.50 -3.09
C MET A 74 -21.28 -33.23 -3.95
N ALA A 75 -21.77 -33.37 -5.18
CA ALA A 75 -21.92 -32.21 -6.06
C ALA A 75 -23.00 -31.27 -5.54
N GLU A 76 -24.16 -31.82 -5.17
CA GLU A 76 -25.25 -30.99 -4.69
C GLU A 76 -25.14 -30.62 -3.22
N CYS A 77 -24.56 -31.49 -2.39
CA CYS A 77 -24.55 -31.30 -0.93
C CYS A 77 -23.76 -30.06 -0.55
N PRO A 78 -24.38 -29.07 0.09
CA PRO A 78 -23.64 -27.88 0.50
C PRO A 78 -22.75 -28.07 1.71
N GLY A 79 -22.92 -29.15 2.45
CA GLY A 79 -22.22 -29.13 3.73
C GLY A 79 -23.05 -28.51 4.83
N HIS A 80 -22.87 -29.04 6.04
CA HIS A 80 -23.67 -28.65 7.20
C HIS A 80 -22.71 -28.33 8.33
N PHE A 81 -23.04 -27.31 9.11
CA PHE A 81 -22.16 -26.86 10.17
C PHE A 81 -22.24 -27.72 11.41
N GLY A 82 -21.14 -27.78 12.15
CA GLY A 82 -21.16 -28.25 13.51
C GLY A 82 -21.03 -27.10 14.49
N HIS A 83 -20.78 -27.46 15.75
CA HIS A 83 -20.50 -26.46 16.77
C HIS A 83 -19.50 -27.03 17.76
N MET A 84 -18.72 -26.14 18.36
CA MET A 84 -17.73 -26.53 19.34
C MET A 84 -17.94 -25.68 20.59
N GLU A 85 -18.31 -26.34 21.69
CA GLU A 85 -18.50 -25.63 22.95
C GLU A 85 -17.16 -25.25 23.56
N LEU A 86 -17.04 -24.00 23.98
CA LEU A 86 -15.85 -23.53 24.64
C LEU A 86 -16.07 -23.60 26.14
N ALA A 87 -15.05 -24.09 26.87
CA ALA A 87 -15.20 -24.20 28.32
C ALA A 87 -15.31 -22.83 28.97
N LYS A 88 -14.72 -21.80 28.36
CA LYS A 88 -14.76 -20.48 28.94
C LYS A 88 -14.96 -19.51 27.79
N PRO A 89 -15.81 -18.49 27.95
CA PRO A 89 -15.99 -17.49 26.89
C PRO A 89 -14.75 -16.65 26.64
N VAL A 90 -14.46 -16.44 25.35
CA VAL A 90 -13.32 -15.65 24.89
C VAL A 90 -13.80 -14.53 23.97
N PHE A 91 -12.95 -13.51 23.83
CA PHE A 91 -13.21 -12.41 22.91
C PHE A 91 -13.11 -12.82 21.44
N HIS A 92 -13.95 -12.20 20.63
CA HIS A 92 -13.80 -12.16 19.19
C HIS A 92 -12.77 -11.08 18.82
N ILE A 93 -11.68 -11.50 18.18
CA ILE A 93 -10.55 -10.61 17.86
C ILE A 93 -10.95 -9.40 17.00
N GLY A 94 -11.96 -9.57 16.15
CA GLY A 94 -12.41 -8.49 15.28
C GLY A 94 -13.14 -7.36 15.98
N PHE A 95 -13.71 -7.62 17.14
CA PHE A 95 -14.63 -6.67 17.76
C PHE A 95 -14.07 -5.99 19.00
N ILE A 96 -12.84 -6.35 19.41
CA ILE A 96 -12.22 -5.75 20.61
C ILE A 96 -12.28 -4.23 20.65
N PRO A 97 -11.84 -3.47 19.62
CA PRO A 97 -11.91 -1.99 19.75
C PRO A 97 -13.31 -1.44 19.89
N LYS A 98 -14.33 -2.17 19.44
CA LYS A 98 -15.70 -1.70 19.66
C LYS A 98 -16.16 -2.04 21.07
N ILE A 99 -15.85 -3.25 21.56
CA ILE A 99 -16.05 -3.61 22.97
C ILE A 99 -15.48 -2.55 23.90
N LYS A 100 -14.23 -2.14 23.65
CA LYS A 100 -13.56 -1.10 24.43
C LYS A 100 -14.38 0.19 24.45
N LYS A 101 -14.98 0.54 23.32
CA LYS A 101 -15.78 1.75 23.21
C LYS A 101 -17.06 1.65 24.03
N VAL A 102 -17.65 0.46 24.06
CA VAL A 102 -18.88 0.21 24.82
C VAL A 102 -18.66 0.36 26.32
N CYS A 103 -17.51 -0.10 26.83
CA CYS A 103 -17.18 0.04 28.26
C CYS A 103 -17.21 1.49 28.74
N GLU A 104 -16.66 2.43 27.97
CA GLU A 104 -16.69 3.82 28.43
C GLU A 104 -18.07 4.45 28.34
N CYS A 105 -19.02 3.81 27.67
CA CYS A 105 -20.37 4.34 27.51
C CYS A 105 -21.29 3.91 28.63
N ILE A 106 -21.15 2.69 29.11
CA ILE A 106 -22.09 2.12 30.06
C ILE A 106 -21.44 2.05 31.44
N CYS A 107 -22.29 1.80 32.43
CA CYS A 107 -21.88 1.56 33.80
C CYS A 107 -21.31 0.17 33.94
N MET A 108 -20.11 0.04 34.55
CA MET A 108 -19.52 -1.28 34.64
C MET A 108 -20.15 -2.17 35.74
N ASN A 109 -21.30 -1.78 36.29
CA ASN A 109 -22.00 -2.59 37.29
C ASN A 109 -23.38 -2.96 36.75
N CYS A 110 -24.20 -1.98 36.36
CA CYS A 110 -25.53 -2.29 35.87
C CYS A 110 -25.71 -2.08 34.38
N GLY A 111 -24.83 -1.34 33.72
CA GLY A 111 -24.90 -1.21 32.27
C GLY A 111 -25.86 -0.19 31.70
N LYS A 112 -26.04 0.96 32.33
CA LYS A 112 -26.94 1.96 31.77
C LYS A 112 -26.17 3.13 31.14
N LEU A 113 -26.71 3.61 30.02
CA LEU A 113 -26.20 4.82 29.34
C LEU A 113 -26.14 6.04 30.25
N LEU A 114 -24.91 6.57 30.39
CA LEU A 114 -24.55 7.65 31.30
C LEU A 114 -25.29 8.97 31.06
N LEU A 115 -25.97 9.17 29.94
CA LEU A 115 -26.74 10.40 29.76
C LEU A 115 -28.16 10.15 29.29
N ASP A 116 -28.99 11.16 29.57
CA ASP A 116 -30.43 11.18 29.43
C ASP A 116 -30.83 12.32 28.49
N GLU A 117 -32.08 12.28 28.04
CA GLU A 117 -32.70 13.33 27.23
C GLU A 117 -32.79 14.69 27.93
N THR A 118 -32.61 14.74 29.26
CA THR A 118 -32.52 16.01 29.97
C THR A 118 -31.34 16.86 29.55
N ASN A 119 -30.24 16.24 29.14
CA ASN A 119 -29.08 16.99 28.66
C ASN A 119 -29.39 17.51 27.25
N PRO A 120 -29.44 18.84 27.04
CA PRO A 120 -29.91 19.37 25.73
C PRO A 120 -29.10 18.95 24.52
N THR A 121 -27.77 19.02 24.60
CA THR A 121 -26.92 18.59 23.49
C THR A 121 -27.07 17.09 23.24
N MET A 122 -27.12 16.31 24.31
CA MET A 122 -27.36 14.86 24.20
C MET A 122 -28.72 14.53 23.61
N ALA A 123 -29.75 15.34 23.91
CA ALA A 123 -31.05 15.11 23.29
C ALA A 123 -31.02 15.35 21.79
N GLN A 124 -30.15 16.23 21.33
CA GLN A 124 -29.97 16.45 19.90
C GLN A 124 -29.28 15.25 19.25
N ALA A 125 -28.35 14.63 19.97
CA ALA A 125 -27.56 13.53 19.41
C ALA A 125 -28.35 12.25 19.20
N ILE A 126 -29.39 11.99 20.00
CA ILE A 126 -30.18 10.77 19.76
C ILE A 126 -31.03 10.88 18.50
N ARG A 127 -31.27 12.10 18.02
CA ARG A 127 -32.07 12.29 16.82
C ARG A 127 -31.34 11.87 15.55
N ILE A 128 -30.01 11.75 15.59
CA ILE A 128 -29.21 11.47 14.41
C ILE A 128 -29.64 10.10 13.88
N ARG A 129 -30.05 10.08 12.62
CA ARG A 129 -30.66 8.91 12.01
C ARG A 129 -29.68 7.77 11.75
N ASP A 130 -28.43 8.06 11.43
CA ASP A 130 -27.50 6.98 11.11
C ASP A 130 -27.01 6.34 12.40
N PRO A 131 -27.19 5.02 12.59
CA PRO A 131 -26.76 4.36 13.84
C PRO A 131 -25.30 4.57 14.22
N LYS A 132 -24.39 4.48 13.25
CA LYS A 132 -22.97 4.63 13.54
C LYS A 132 -22.66 6.03 14.05
N LYS A 133 -23.18 7.06 13.38
CA LYS A 133 -22.90 8.43 13.78
C LYS A 133 -23.53 8.76 15.12
N ARG A 134 -24.76 8.29 15.35
CA ARG A 134 -25.43 8.45 16.65
C ARG A 134 -24.60 7.85 17.78
N PHE A 135 -24.16 6.59 17.61
CA PHE A 135 -23.35 5.91 18.63
C PHE A 135 -22.08 6.70 18.93
N ASN A 136 -21.45 7.27 17.89
CA ASN A 136 -20.22 8.01 18.07
C ASN A 136 -20.50 9.34 18.77
N ALA A 137 -21.57 10.02 18.36
CA ALA A 137 -21.99 11.28 18.99
C ALA A 137 -22.29 11.10 20.47
N VAL A 138 -22.98 10.00 20.82
CA VAL A 138 -23.23 9.68 22.23
C VAL A 138 -21.92 9.48 22.97
N TRP A 139 -21.05 8.64 22.42
CA TRP A 139 -19.78 8.32 23.08
C TRP A 139 -18.89 9.55 23.20
N GLN A 140 -19.03 10.50 22.26
CA GLN A 140 -18.25 11.74 22.29
C GLN A 140 -18.67 12.59 23.48
N LEU A 141 -19.92 12.47 23.91
CA LEU A 141 -20.43 13.19 25.07
C LEU A 141 -20.03 12.44 26.34
N CYS A 142 -20.39 11.15 26.41
CA CYS A 142 -20.26 10.35 27.64
C CYS A 142 -18.81 10.05 27.99
N LYS A 143 -17.86 10.25 27.05
CA LYS A 143 -16.44 9.96 27.29
C LYS A 143 -15.93 10.73 28.51
N THR A 144 -16.34 12.01 28.64
CA THR A 144 -15.81 12.88 29.67
C THR A 144 -16.55 12.67 30.99
N LYS A 145 -17.73 12.04 30.92
CA LYS A 145 -18.48 11.68 32.11
C LYS A 145 -17.68 10.58 32.79
N MET A 146 -16.98 10.90 33.89
CA MET A 146 -16.05 9.92 34.46
C MET A 146 -16.57 9.17 35.66
N VAL A 147 -17.85 9.29 35.98
CA VAL A 147 -18.45 8.51 37.05
C VAL A 147 -19.87 8.16 36.66
N CYS A 148 -20.27 6.92 36.92
CA CYS A 148 -21.67 6.55 36.76
C CYS A 148 -22.46 7.01 37.95
N GLU A 149 -23.33 7.97 37.73
CA GLU A 149 -24.11 8.58 38.78
C GLU A 149 -25.27 7.69 39.19
N ALA A 150 -25.40 7.52 40.50
CA ALA A 150 -26.51 6.78 41.10
C ALA A 150 -27.77 7.61 41.03
N ASP A 151 -27.60 8.93 41.00
CA ASP A 151 -28.64 9.93 41.08
C ASP A 151 -28.62 10.65 39.73
N ALA A 152 -29.78 11.15 39.29
CA ALA A 152 -29.82 12.06 38.13
C ALA A 152 -28.92 13.29 38.33
N PRO A 153 -28.45 13.94 37.23
CA PRO A 153 -27.57 15.12 37.40
C PRO A 153 -28.20 16.32 38.13
N LYS A 161 -34.40 16.67 46.78
CA LYS A 161 -34.93 15.48 46.13
C LYS A 161 -33.77 14.60 45.65
N VAL A 162 -34.06 13.33 45.41
CA VAL A 162 -33.11 12.37 44.87
C VAL A 162 -33.87 11.67 43.75
N VAL A 163 -33.45 11.87 42.52
CA VAL A 163 -33.99 11.17 41.37
C VAL A 163 -32.94 10.17 40.92
N SER A 164 -33.29 8.89 40.96
CA SER A 164 -32.31 7.87 40.62
C SER A 164 -32.52 7.47 39.17
N ARG A 165 -31.43 7.29 38.46
CA ARG A 165 -31.40 6.89 37.06
C ARG A 165 -31.15 5.40 36.89
N GLY A 166 -31.03 4.68 38.00
CA GLY A 166 -30.73 3.27 37.98
C GLY A 166 -29.26 3.01 38.16
N GLY A 167 -28.48 4.07 38.36
CA GLY A 167 -27.06 3.99 38.54
C GLY A 167 -26.70 3.32 39.84
N CYS A 168 -25.42 2.95 39.95
CA CYS A 168 -24.88 2.27 41.11
C CYS A 168 -23.88 3.12 41.88
N GLY A 169 -23.56 4.31 41.37
CA GLY A 169 -22.70 5.27 42.01
C GLY A 169 -21.22 5.09 41.77
N ASN A 170 -20.80 3.96 41.19
CA ASN A 170 -19.38 3.68 41.04
C ASN A 170 -18.71 4.61 40.03
N THR A 171 -17.46 4.95 40.32
CA THR A 171 -16.66 5.69 39.36
C THR A 171 -16.25 4.76 38.22
N GLN A 172 -16.11 5.32 37.02
CA GLN A 172 -15.80 4.38 35.96
C GLN A 172 -14.31 4.36 35.61
N PRO A 173 -13.82 3.21 35.18
CA PRO A 173 -12.40 3.08 34.86
C PRO A 173 -12.09 3.58 33.47
N VAL A 174 -10.82 3.88 33.26
CA VAL A 174 -10.28 4.14 31.92
C VAL A 174 -9.72 2.84 31.38
N VAL A 175 -10.43 2.28 30.40
CA VAL A 175 -10.12 0.96 29.87
C VAL A 175 -9.08 1.13 28.78
N ARG A 176 -8.03 0.32 28.84
CA ARG A 176 -6.96 0.32 27.85
C ARG A 176 -6.72 -1.09 27.31
N LYS A 177 -6.39 -1.15 26.03
CA LYS A 177 -6.11 -2.39 25.34
C LYS A 177 -4.61 -2.68 25.38
N ASP A 178 -4.26 -3.92 25.73
CA ASP A 178 -2.88 -4.38 25.78
C ASP A 178 -2.87 -5.75 25.09
N GLY A 179 -2.78 -5.74 23.76
CA GLY A 179 -2.84 -6.98 23.01
C GLY A 179 -4.24 -7.56 23.04
N MET A 180 -4.35 -8.84 23.42
CA MET A 180 -5.66 -9.47 23.53
C MET A 180 -6.28 -9.30 24.91
N LYS A 181 -5.76 -8.40 25.73
CA LYS A 181 -6.23 -8.23 27.09
C LYS A 181 -6.65 -6.78 27.26
N LEU A 182 -7.70 -6.56 28.03
CA LEU A 182 -8.18 -5.23 28.36
C LEU A 182 -7.96 -4.92 29.83
N TRP A 183 -7.33 -3.79 30.10
CA TRP A 183 -7.05 -3.36 31.47
C TRP A 183 -7.88 -2.13 31.75
N GLY A 184 -8.52 -2.13 32.91
CA GLY A 184 -9.34 -1.04 33.42
C GLY A 184 -8.75 -0.47 34.69
N THR A 185 -8.57 0.83 34.79
CA THR A 185 -7.93 1.45 35.94
C THR A 185 -9.00 2.28 36.63
N TRP A 186 -9.42 1.81 37.81
CA TRP A 186 -10.42 2.51 38.61
C TRP A 186 -9.79 3.47 39.61
N LYS A 187 -10.41 4.63 39.77
CA LYS A 187 -9.88 5.65 40.64
C LYS A 187 -10.68 5.58 41.95
N LYS A 188 -10.13 4.86 42.92
CA LYS A 188 -10.79 4.73 44.22
C LYS A 188 -10.71 6.02 45.02
N SER A 189 -11.85 6.46 45.54
CA SER A 189 -11.92 7.69 46.32
C SER A 189 -11.48 7.43 47.76
N ARG A 194 -6.20 13.70 48.30
CA ARG A 194 -6.67 13.61 46.92
C ARG A 194 -6.30 12.31 46.23
N ASP A 195 -5.10 12.29 45.63
CA ASP A 195 -4.59 11.13 44.94
C ASP A 195 -4.30 9.99 45.92
N ALA A 196 -4.61 8.75 45.52
CA ALA A 196 -4.44 7.67 46.47
C ALA A 196 -3.68 6.56 45.77
N GLN A 197 -4.18 5.34 45.79
CA GLN A 197 -3.58 4.31 44.95
C GLN A 197 -4.63 3.61 44.10
N PRO A 198 -4.48 3.58 42.78
CA PRO A 198 -5.50 2.92 41.96
C PRO A 198 -5.09 1.49 41.64
N GLU A 199 -6.05 0.57 41.57
CA GLU A 199 -5.69 -0.82 41.30
C GLU A 199 -6.37 -1.28 40.02
N ARG A 200 -5.58 -1.44 38.97
CA ARG A 200 -6.08 -1.92 37.70
C ARG A 200 -6.04 -3.44 37.70
N LYS A 201 -7.20 -4.07 37.61
CA LYS A 201 -7.33 -5.50 37.48
C LYS A 201 -7.76 -5.85 36.05
N LEU A 202 -7.52 -7.09 35.66
CA LEU A 202 -7.82 -7.53 34.31
C LEU A 202 -9.32 -7.72 34.17
N LEU A 203 -9.84 -7.24 33.04
CA LEU A 203 -11.25 -7.36 32.70
C LEU A 203 -11.43 -8.58 31.81
N THR A 204 -11.67 -9.73 32.44
CA THR A 204 -11.78 -10.98 31.71
C THR A 204 -13.01 -10.96 30.80
N PRO A 205 -13.03 -11.78 29.75
CA PRO A 205 -14.25 -11.92 28.93
C PRO A 205 -15.49 -12.38 29.70
N GLY A 206 -15.34 -13.32 30.62
CA GLY A 206 -16.47 -13.79 31.40
C GLY A 206 -17.10 -12.71 32.26
N GLU A 207 -16.27 -11.88 32.89
CA GLU A 207 -16.76 -10.75 33.68
C GLU A 207 -17.58 -9.80 32.83
N ILE A 208 -17.06 -9.42 31.65
CA ILE A 208 -17.74 -8.51 30.75
C ILE A 208 -19.02 -9.13 30.17
N LEU A 209 -19.01 -10.45 29.97
CA LEU A 209 -20.15 -11.17 29.39
C LEU A 209 -21.41 -11.01 30.22
N ASN A 210 -21.30 -11.19 31.54
CA ASN A 210 -22.45 -11.09 32.43
C ASN A 210 -22.99 -9.66 32.45
N VAL A 211 -22.09 -8.67 32.49
CA VAL A 211 -22.48 -7.26 32.45
C VAL A 211 -23.29 -6.94 31.20
N PHE A 212 -22.88 -7.49 30.05
CA PHE A 212 -23.60 -7.19 28.81
C PHE A 212 -25.01 -7.76 28.74
N LYS A 213 -25.26 -8.94 29.33
CA LYS A 213 -26.63 -9.47 29.29
C LYS A 213 -27.62 -8.65 30.11
N HIS A 214 -27.17 -7.80 31.02
CA HIS A 214 -28.09 -7.01 31.82
C HIS A 214 -28.41 -5.66 31.19
N ILE A 215 -27.84 -5.34 30.03
CA ILE A 215 -28.19 -4.12 29.32
C ILE A 215 -29.64 -4.19 28.86
N SER A 216 -30.40 -3.13 29.15
CA SER A 216 -31.82 -3.11 28.83
C SER A 216 -32.03 -2.99 27.31
N PRO A 217 -33.18 -3.49 26.81
CA PRO A 217 -33.57 -3.24 25.41
C PRO A 217 -33.57 -1.78 24.97
N GLU A 218 -34.02 -0.86 25.83
CA GLU A 218 -34.02 0.55 25.46
C GLU A 218 -32.62 1.12 25.33
N ASP A 219 -31.69 0.66 26.15
CA ASP A 219 -30.32 1.15 26.02
C ASP A 219 -29.56 0.44 24.93
N CYS A 220 -29.92 -0.82 24.63
CA CYS A 220 -29.40 -1.52 23.46
C CYS A 220 -29.67 -0.78 22.16
N PHE A 221 -30.87 -0.23 21.98
CA PHE A 221 -31.16 0.53 20.76
C PHE A 221 -30.33 1.81 20.70
N ARG A 222 -30.30 2.58 21.80
CA ARG A 222 -29.58 3.87 21.84
C ARG A 222 -28.08 3.74 21.61
N LEU A 223 -27.53 2.54 21.77
CA LEU A 223 -26.13 2.30 21.51
C LEU A 223 -25.87 1.92 20.06
N GLY A 224 -26.88 2.03 19.21
CA GLY A 224 -26.74 1.66 17.81
C GLY A 224 -26.73 0.18 17.53
N PHE A 225 -26.97 -0.66 18.52
CA PHE A 225 -27.06 -2.08 18.29
C PHE A 225 -28.51 -2.40 17.94
N ASN A 226 -28.84 -3.68 17.78
CA ASN A 226 -30.14 -4.06 17.27
C ASN A 226 -30.57 -5.33 17.99
N GLU A 227 -31.76 -5.28 18.57
CA GLU A 227 -32.22 -6.33 19.47
C GLU A 227 -32.39 -7.67 18.76
N ASP A 228 -32.69 -7.67 17.46
CA ASP A 228 -32.94 -8.91 16.74
C ASP A 228 -31.75 -9.46 16.00
N TYR A 229 -30.82 -8.62 15.59
CA TYR A 229 -29.79 -9.01 14.65
C TYR A 229 -28.36 -8.84 15.17
N ALA A 230 -28.11 -7.83 16.01
CA ALA A 230 -26.76 -7.57 16.51
C ALA A 230 -26.90 -7.19 17.98
N ARG A 231 -27.14 -8.20 18.81
CA ARG A 231 -27.22 -8.00 20.26
C ARG A 231 -25.82 -7.99 20.86
N PRO A 232 -25.48 -7.00 21.69
CA PRO A 232 -24.08 -6.76 22.04
C PRO A 232 -23.36 -7.86 22.79
N GLU A 233 -24.04 -8.77 23.48
CA GLU A 233 -23.28 -9.84 24.11
C GLU A 233 -22.84 -10.91 23.13
N TRP A 234 -23.35 -10.90 21.91
CA TRP A 234 -22.94 -11.83 20.88
C TRP A 234 -21.57 -11.52 20.28
N MET A 235 -20.96 -10.39 20.65
CA MET A 235 -19.57 -10.12 20.28
C MET A 235 -18.56 -10.91 21.11
N ILE A 236 -19.01 -11.58 22.14
CA ILE A 236 -18.16 -12.50 22.90
C ILE A 236 -18.51 -13.90 22.45
N ILE A 237 -17.48 -14.73 22.25
CA ILE A 237 -17.62 -16.04 21.65
C ILE A 237 -17.73 -17.07 22.76
N THR A 238 -18.83 -17.81 22.78
CA THR A 238 -18.98 -18.94 23.69
C THR A 238 -19.05 -20.29 23.02
N VAL A 239 -19.57 -20.35 21.80
CA VAL A 239 -19.60 -21.60 21.04
C VAL A 239 -19.16 -21.28 19.61
N LEU A 240 -18.24 -22.07 19.09
CA LEU A 240 -17.62 -21.82 17.81
C LEU A 240 -18.27 -22.67 16.74
N PRO A 241 -18.71 -22.06 15.64
CA PRO A 241 -19.26 -22.83 14.53
C PRO A 241 -18.16 -23.53 13.76
N VAL A 242 -18.37 -24.82 13.52
CA VAL A 242 -17.39 -25.68 12.87
C VAL A 242 -17.76 -25.77 11.40
N PRO A 243 -16.96 -25.21 10.50
CA PRO A 243 -17.33 -25.20 9.09
C PRO A 243 -17.24 -26.58 8.49
N PRO A 244 -18.04 -26.88 7.46
CA PRO A 244 -18.03 -28.23 6.88
C PRO A 244 -16.75 -28.47 6.10
N PRO A 245 -16.45 -29.71 5.65
CA PRO A 245 -15.18 -29.93 4.92
C PRO A 245 -15.04 -29.19 3.60
N GLN A 246 -16.12 -28.73 2.97
CA GLN A 246 -16.02 -27.95 1.74
C GLN A 246 -15.20 -26.68 1.93
N VAL A 247 -15.16 -26.13 3.14
CA VAL A 247 -14.40 -24.93 3.40
C VAL A 247 -12.91 -25.26 3.58
N ARG A 248 -12.55 -26.51 3.88
CA ARG A 248 -11.18 -26.85 4.23
C ARG A 248 -10.88 -28.23 3.64
N PRO A 249 -10.79 -28.34 2.33
CA PRO A 249 -10.62 -29.66 1.72
C PRO A 249 -9.20 -30.16 1.90
N SER A 250 -9.06 -31.48 1.88
CA SER A 250 -7.75 -32.09 1.90
C SER A 250 -7.21 -32.20 0.48
N ILE A 251 -5.89 -32.17 0.39
CA ILE A 251 -5.15 -32.24 -0.86
C ILE A 251 -4.14 -33.36 -0.73
N ALA A 252 -3.80 -33.98 -1.85
CA ALA A 252 -2.86 -35.09 -1.85
C ALA A 252 -1.61 -34.56 -2.51
N MET A 253 -0.56 -34.40 -1.70
CA MET A 253 0.73 -33.92 -2.17
C MET A 253 1.36 -34.87 -3.20
N ASP A 254 1.65 -36.11 -2.80
CA ASP A 254 2.12 -37.10 -3.77
C ASP A 254 1.26 -38.37 -3.73
N GLU A 255 0.09 -38.28 -4.36
CA GLU A 255 -0.98 -39.26 -4.46
C GLU A 255 -1.52 -39.96 -3.22
N THR A 256 -0.71 -40.80 -2.55
CA THR A 256 -1.17 -41.52 -1.37
C THR A 256 -0.79 -40.85 -0.06
N THR A 257 -0.44 -39.57 -0.11
CA THR A 257 -0.05 -38.80 1.06
C THR A 257 -0.87 -37.53 1.02
N GLN A 258 -1.64 -37.29 2.07
CA GLN A 258 -2.52 -36.14 2.10
C GLN A 258 -2.23 -35.32 3.34
N GLY A 259 -2.11 -34.02 3.13
CA GLY A 259 -1.98 -33.08 4.22
C GLY A 259 -3.28 -32.36 4.40
N GLN A 260 -3.44 -31.74 5.56
CA GLN A 260 -4.67 -31.06 5.90
C GLN A 260 -4.56 -29.56 5.69
N ASP A 261 -5.72 -28.93 5.53
CA ASP A 261 -5.82 -27.50 5.36
C ASP A 261 -5.35 -26.83 6.65
N ASP A 262 -4.87 -25.58 6.52
CA ASP A 262 -4.42 -24.79 7.67
C ASP A 262 -5.50 -24.65 8.72
N LEU A 263 -6.76 -24.55 8.31
CA LEU A 263 -7.85 -24.43 9.26
C LEU A 263 -8.05 -25.73 10.03
N THR A 264 -7.90 -26.87 9.35
CA THR A 264 -8.04 -28.17 10.01
C THR A 264 -7.00 -28.36 11.11
N HIS A 265 -5.74 -28.03 10.82
CA HIS A 265 -4.71 -28.09 11.86
C HIS A 265 -4.99 -27.09 12.98
N LYS A 266 -5.46 -25.90 12.64
CA LYS A 266 -5.71 -24.87 13.63
C LYS A 266 -6.91 -25.19 14.50
N LEU A 267 -7.92 -25.87 13.94
CA LEU A 267 -9.06 -26.28 14.75
C LEU A 267 -8.70 -27.40 15.70
N SER A 268 -7.81 -28.29 15.28
CA SER A 268 -7.25 -29.28 16.19
C SER A 268 -6.57 -28.61 17.38
N ASP A 269 -5.80 -27.55 17.16
CA ASP A 269 -5.14 -26.85 18.25
C ASP A 269 -6.13 -26.20 19.21
N ILE A 270 -7.19 -25.59 18.68
CA ILE A 270 -8.23 -25.03 19.54
C ILE A 270 -8.93 -26.13 20.33
N LEU A 271 -9.18 -27.25 19.67
CA LEU A 271 -9.88 -28.35 20.33
C LEU A 271 -9.04 -28.99 21.44
N LYS A 272 -7.75 -29.26 21.17
CA LYS A 272 -6.85 -29.72 22.23
C LYS A 272 -6.81 -28.73 23.39
N ALA A 273 -6.62 -27.44 23.08
CA ALA A 273 -6.54 -26.41 24.11
C ALA A 273 -7.85 -26.30 24.89
N ASN A 274 -8.98 -26.63 24.26
CA ASN A 274 -10.25 -26.59 24.96
C ASN A 274 -10.35 -27.69 26.00
N ILE A 275 -9.81 -28.86 25.71
CA ILE A 275 -9.88 -29.98 26.64
C ILE A 275 -9.05 -29.70 27.90
N ASN A 276 -7.90 -29.03 27.73
CA ASN A 276 -7.04 -28.73 28.87
C ASN A 276 -7.63 -27.66 29.79
N VAL A 277 -8.55 -26.83 29.31
CA VAL A 277 -9.25 -25.94 30.22
C VAL A 277 -10.24 -26.72 31.08
N GLN A 278 -10.76 -27.83 30.55
CA GLN A 278 -11.65 -28.69 31.33
C GLN A 278 -10.85 -29.51 32.34
N LYS A 279 -9.59 -29.78 32.01
CA LYS A 279 -8.66 -30.58 32.80
C LYS A 279 -8.11 -29.81 33.99
N LEU A 280 -8.33 -28.50 34.08
CA LEU A 280 -7.77 -27.66 35.14
C LEU A 280 -8.75 -27.50 36.30
N GLU A 281 -9.98 -27.07 36.04
CA GLU A 281 -10.95 -26.65 37.07
C GLU A 281 -11.41 -27.77 38.00
N MET A 282 -10.95 -29.01 37.80
CA MET A 282 -11.37 -30.15 38.60
C MET A 282 -10.28 -30.69 39.51
N ASP A 283 -9.05 -30.18 39.40
CA ASP A 283 -7.92 -30.65 40.19
C ASP A 283 -6.81 -29.60 40.18
N GLY A 284 -5.54 -30.05 40.13
CA GLY A 284 -4.35 -29.22 40.23
C GLY A 284 -4.32 -27.98 39.34
N SER A 285 -4.83 -26.88 39.88
CA SER A 285 -4.70 -25.55 39.28
C SER A 285 -3.90 -24.62 40.18
N PRO A 286 -2.60 -24.45 39.95
CA PRO A 286 -1.87 -23.36 40.62
C PRO A 286 -2.15 -21.93 40.16
N GLN A 287 -3.40 -21.56 39.91
CA GLN A 287 -3.88 -20.24 39.48
C GLN A 287 -3.08 -19.55 38.37
N HIS A 288 -1.80 -19.19 38.63
CA HIS A 288 -0.87 -18.71 37.60
C HIS A 288 -0.75 -19.63 36.38
N ILE A 289 -1.19 -20.88 36.48
CA ILE A 289 -1.28 -21.81 35.38
C ILE A 289 -2.59 -21.65 34.62
N ILE A 290 -3.69 -21.38 35.34
CA ILE A 290 -4.99 -21.11 34.72
C ILE A 290 -4.90 -19.92 33.78
N ASN A 291 -4.15 -18.89 34.16
CA ASN A 291 -4.01 -17.72 33.29
C ASN A 291 -3.17 -18.01 32.07
N GLU A 292 -2.21 -18.92 32.16
CA GLU A 292 -1.44 -19.24 30.96
C GLU A 292 -2.23 -20.10 29.98
N VAL A 293 -3.10 -20.97 30.50
CA VAL A 293 -3.85 -21.86 29.62
C VAL A 293 -5.06 -21.17 29.01
N GLU A 294 -5.77 -20.35 29.79
CA GLU A 294 -6.89 -19.58 29.23
C GLU A 294 -6.44 -18.55 28.20
N GLN A 295 -5.34 -17.84 28.46
CA GLN A 295 -4.83 -16.89 27.47
C GLN A 295 -4.44 -17.59 26.18
N LEU A 296 -4.01 -18.85 26.26
CA LEU A 296 -3.61 -19.58 25.07
C LEU A 296 -4.82 -20.01 24.26
N LEU A 297 -5.94 -20.30 24.90
CA LEU A 297 -7.16 -20.57 24.17
C LEU A 297 -7.63 -19.31 23.44
N GLN A 298 -7.58 -18.17 24.12
CA GLN A 298 -7.84 -16.87 23.50
C GLN A 298 -6.93 -16.63 22.30
N PHE A 299 -5.66 -17.01 22.42
CA PHE A 299 -4.71 -16.81 21.34
C PHE A 299 -5.09 -17.61 20.10
N HIS A 300 -5.33 -18.91 20.26
CA HIS A 300 -5.64 -19.77 19.13
C HIS A 300 -6.94 -19.39 18.44
N VAL A 301 -7.94 -18.96 19.20
CA VAL A 301 -9.20 -18.54 18.61
C VAL A 301 -9.01 -17.21 17.89
N ALA A 302 -8.07 -16.40 18.36
CA ALA A 302 -7.83 -15.13 17.67
C ALA A 302 -7.10 -15.36 16.34
N THR A 303 -5.97 -16.05 16.36
CA THR A 303 -5.23 -16.24 15.12
C THR A 303 -5.93 -17.18 14.15
N TYR A 304 -6.95 -17.93 14.60
CA TYR A 304 -7.78 -18.71 13.71
C TYR A 304 -8.61 -17.81 12.80
N MET A 305 -9.01 -16.66 13.30
CA MET A 305 -9.79 -15.73 12.50
C MET A 305 -8.93 -14.65 11.86
N ASP A 306 -7.90 -14.18 12.54
CA ASP A 306 -7.09 -13.07 12.04
C ASP A 306 -5.67 -13.31 12.54
N ASN A 307 -4.74 -13.58 11.63
CA ASN A 307 -3.36 -13.84 12.01
C ASN A 307 -2.45 -12.69 11.56
N ASP A 308 -3.02 -11.48 11.50
CA ASP A 308 -2.23 -10.28 11.25
C ASP A 308 -2.41 -9.26 12.36
N ILE A 309 -2.60 -9.74 13.58
CA ILE A 309 -2.76 -8.89 14.75
C ILE A 309 -1.49 -8.08 14.99
N ALA A 310 -1.62 -6.76 15.01
CA ALA A 310 -0.47 -5.88 15.17
C ALA A 310 0.09 -5.95 16.58
N GLY A 311 1.41 -5.92 16.68
CA GLY A 311 2.09 -5.86 17.95
C GLY A 311 2.42 -7.19 18.60
N GLN A 312 2.19 -8.31 17.93
CA GLN A 312 2.51 -9.60 18.54
C GLN A 312 2.91 -10.57 17.43
N PRO A 313 3.71 -11.59 17.73
CA PRO A 313 4.16 -12.51 16.67
C PRO A 313 3.04 -13.35 16.10
N GLN A 314 3.16 -13.62 14.80
CA GLN A 314 2.21 -14.44 14.08
C GLN A 314 2.30 -15.91 14.49
N ALA A 315 1.15 -16.58 14.48
CA ALA A 315 1.13 -18.04 14.56
C ALA A 315 1.83 -18.63 13.35
N LEU A 316 2.64 -19.65 13.59
CA LEU A 316 3.44 -20.26 12.53
C LEU A 316 3.11 -21.74 12.38
N GLN A 317 3.13 -22.20 11.13
CA GLN A 317 3.16 -23.61 10.83
C GLN A 317 4.54 -24.20 11.16
N LYS A 318 4.60 -25.53 11.28
CA LYS A 318 5.88 -26.19 11.52
C LYS A 318 6.86 -26.00 10.38
N SER A 319 6.37 -25.77 9.16
CA SER A 319 7.24 -25.38 8.06
C SER A 319 7.86 -24.00 8.23
N GLY A 320 7.39 -23.20 9.18
CA GLY A 320 7.92 -21.90 9.45
C GLY A 320 7.13 -20.74 8.86
N ARG A 321 6.31 -21.01 7.85
CA ARG A 321 5.53 -19.95 7.21
C ARG A 321 4.26 -19.69 8.02
N PRO A 322 3.74 -18.46 7.98
CA PRO A 322 2.53 -18.12 8.76
C PRO A 322 1.26 -18.87 8.34
N VAL A 323 0.40 -19.07 9.34
CA VAL A 323 -0.86 -19.77 9.15
C VAL A 323 -1.79 -18.88 8.33
N LYS A 324 -2.53 -19.50 7.42
CA LYS A 324 -3.47 -18.78 6.56
C LYS A 324 -4.81 -18.65 7.28
N ALA A 325 -5.00 -17.53 7.96
CA ALA A 325 -6.23 -17.31 8.72
C ALA A 325 -7.37 -16.94 7.77
N ILE A 326 -8.59 -16.93 8.32
CA ILE A 326 -9.78 -16.64 7.50
C ILE A 326 -9.73 -15.21 6.96
N ARG A 327 -9.26 -14.26 7.76
CA ARG A 327 -9.18 -12.87 7.30
C ARG A 327 -8.29 -12.74 6.08
N ALA A 328 -7.16 -13.48 6.09
CA ALA A 328 -6.24 -13.43 4.97
C ALA A 328 -6.79 -14.13 3.75
N ARG A 329 -7.77 -15.03 3.94
CA ARG A 329 -8.43 -15.67 2.81
C ARG A 329 -9.24 -14.69 1.98
N LEU A 330 -9.70 -13.59 2.56
CA LEU A 330 -10.64 -12.75 1.84
C LEU A 330 -9.98 -11.51 1.25
N LYS A 331 -8.85 -11.09 1.77
CA LYS A 331 -8.29 -9.82 1.34
C LYS A 331 -7.26 -10.09 0.24
N GLY A 332 -6.93 -9.04 -0.49
CA GLY A 332 -5.85 -9.06 -1.43
C GLY A 332 -6.28 -9.61 -2.78
N LYS A 333 -5.39 -9.44 -3.77
CA LYS A 333 -5.63 -9.81 -5.16
C LYS A 333 -6.08 -11.25 -5.37
N GLU A 334 -5.58 -12.19 -4.58
CA GLU A 334 -5.93 -13.59 -4.82
C GLU A 334 -7.01 -14.12 -3.90
N GLY A 335 -7.57 -13.30 -3.02
CA GLY A 335 -8.53 -13.78 -2.04
C GLY A 335 -9.90 -13.98 -2.66
N ARG A 336 -10.88 -14.30 -1.81
CA ARG A 336 -12.21 -14.67 -2.28
C ARG A 336 -12.89 -13.53 -3.04
N LEU A 337 -12.70 -12.30 -2.59
CA LEU A 337 -13.46 -11.21 -3.21
C LEU A 337 -12.81 -10.71 -4.49
N ARG A 338 -11.54 -10.33 -4.44
CA ARG A 338 -10.95 -9.79 -5.66
C ARG A 338 -10.57 -10.90 -6.64
N GLY A 339 -10.27 -12.09 -6.14
CA GLY A 339 -9.83 -13.19 -6.98
C GLY A 339 -10.85 -14.19 -7.48
N ASN A 340 -12.01 -14.31 -6.83
CA ASN A 340 -13.02 -15.27 -7.25
C ASN A 340 -14.41 -14.70 -7.49
N LEU A 341 -14.68 -13.46 -7.09
CA LEU A 341 -16.02 -12.91 -7.19
C LEU A 341 -16.07 -11.68 -8.08
N MET A 342 -15.15 -10.73 -7.90
CA MET A 342 -15.11 -9.62 -8.82
C MET A 342 -14.52 -10.04 -10.16
N GLY A 343 -13.79 -11.15 -10.19
CA GLY A 343 -13.30 -11.72 -11.42
C GLY A 343 -12.97 -13.18 -11.16
N LYS A 344 -12.97 -13.97 -12.23
CA LYS A 344 -12.79 -15.41 -12.05
C LYS A 344 -12.46 -16.00 -13.40
N ARG A 345 -11.97 -17.23 -13.38
CA ARG A 345 -11.69 -17.95 -14.60
C ARG A 345 -12.99 -18.49 -15.19
N VAL A 346 -13.05 -18.59 -16.52
CA VAL A 346 -14.30 -18.90 -17.20
C VAL A 346 -14.07 -19.94 -18.29
N ASP A 347 -15.13 -20.70 -18.55
CA ASP A 347 -15.21 -21.66 -19.64
C ASP A 347 -15.43 -20.95 -20.98
N PHE A 348 -15.34 -21.74 -22.05
CA PHE A 348 -15.55 -21.31 -23.43
C PHE A 348 -14.73 -20.09 -23.81
N SER A 349 -13.43 -20.19 -23.59
CA SER A 349 -12.49 -19.14 -23.90
C SER A 349 -11.32 -19.73 -24.65
N ALA A 350 -10.57 -18.86 -25.32
CA ALA A 350 -9.43 -19.35 -26.08
C ALA A 350 -8.44 -18.21 -26.23
N ARG A 351 -7.21 -18.58 -26.57
CA ARG A 351 -6.17 -17.57 -26.65
C ARG A 351 -5.06 -18.04 -27.58
N THR A 352 -4.58 -17.14 -28.44
CA THR A 352 -3.40 -17.42 -29.26
C THR A 352 -2.84 -16.13 -29.82
N VAL A 353 -1.70 -16.26 -30.50
CA VAL A 353 -1.03 -15.15 -31.16
C VAL A 353 -1.90 -14.65 -32.32
N ILE A 354 -1.87 -13.35 -32.58
CA ILE A 354 -2.70 -12.75 -33.62
C ILE A 354 -1.86 -12.38 -34.83
N SER A 355 -2.50 -12.37 -35.99
CA SER A 355 -1.85 -11.92 -37.22
C SER A 355 -2.85 -11.05 -37.95
N GLY A 356 -2.37 -10.15 -38.80
CA GLY A 356 -3.26 -9.34 -39.61
C GLY A 356 -3.66 -9.90 -40.96
N ASP A 357 -4.85 -9.53 -41.41
CA ASP A 357 -5.28 -9.91 -42.73
C ASP A 357 -6.10 -8.81 -43.39
N PRO A 358 -5.55 -8.11 -44.39
CA PRO A 358 -6.33 -7.14 -45.16
C PRO A 358 -7.50 -7.68 -45.96
N ASN A 359 -7.61 -8.98 -46.16
CA ASN A 359 -8.68 -9.52 -47.01
C ASN A 359 -9.76 -10.17 -46.17
N LEU A 360 -9.99 -9.59 -45.01
CA LEU A 360 -11.09 -9.89 -44.12
C LEU A 360 -11.88 -8.61 -43.93
N GLU A 361 -13.20 -8.74 -43.76
CA GLU A 361 -14.02 -7.59 -43.45
C GLU A 361 -13.68 -7.05 -42.07
N LEU A 362 -13.99 -5.78 -41.87
CA LEU A 362 -13.72 -5.09 -40.60
C LEU A 362 -14.24 -5.86 -39.39
N ASP A 363 -15.44 -6.39 -39.46
CA ASP A 363 -16.04 -7.05 -38.31
C ASP A 363 -15.80 -8.55 -38.29
N GLN A 364 -14.86 -9.08 -39.07
CA GLN A 364 -14.57 -10.49 -39.00
C GLN A 364 -13.37 -10.80 -38.10
N VAL A 365 -13.30 -12.03 -37.62
CA VAL A 365 -12.12 -12.59 -36.97
C VAL A 365 -11.85 -13.99 -37.50
N GLY A 366 -10.64 -14.22 -37.99
CA GLY A 366 -10.26 -15.55 -38.45
C GLY A 366 -9.92 -16.44 -37.28
N VAL A 367 -10.58 -17.60 -37.21
CA VAL A 367 -10.48 -18.51 -36.08
C VAL A 367 -9.87 -19.82 -36.56
N PRO A 368 -8.72 -20.24 -36.01
CA PRO A 368 -8.12 -21.55 -36.34
C PRO A 368 -9.09 -22.72 -36.21
N ILE A 369 -8.95 -23.69 -37.11
CA ILE A 369 -9.82 -24.87 -37.13
C ILE A 369 -9.80 -25.61 -35.81
N SER A 370 -8.60 -25.82 -35.22
CA SER A 370 -8.49 -26.59 -33.99
C SER A 370 -9.25 -25.93 -32.85
N ILE A 371 -9.21 -24.61 -32.78
CA ILE A 371 -9.98 -23.88 -31.79
C ILE A 371 -11.47 -24.03 -32.08
N ALA A 372 -11.84 -23.94 -33.36
CA ALA A 372 -13.24 -24.07 -33.75
C ALA A 372 -13.83 -25.44 -33.47
N LYS A 373 -13.02 -26.47 -33.35
CA LYS A 373 -13.57 -27.77 -32.99
C LYS A 373 -13.66 -27.98 -31.48
N THR A 374 -12.90 -27.22 -30.69
CA THR A 374 -13.00 -27.32 -29.24
C THR A 374 -14.12 -26.49 -28.67
N LEU A 375 -14.34 -25.28 -29.16
CA LEU A 375 -15.43 -24.47 -28.66
C LEU A 375 -16.75 -24.94 -29.24
N SER A 376 -17.84 -24.57 -28.57
CA SER A 376 -19.15 -25.02 -29.03
C SER A 376 -20.23 -24.04 -28.62
N TYR A 377 -21.38 -24.19 -29.27
CA TYR A 377 -22.57 -23.39 -28.99
C TYR A 377 -23.76 -24.33 -28.89
N PRO A 378 -24.57 -24.25 -27.85
CA PRO A 378 -25.71 -25.17 -27.76
C PRO A 378 -26.93 -24.66 -28.50
N GLU A 379 -27.15 -25.14 -29.71
CA GLU A 379 -28.26 -24.69 -30.53
C GLU A 379 -29.48 -25.57 -30.28
N THR A 380 -30.60 -24.93 -29.94
CA THR A 380 -31.85 -25.64 -29.72
C THR A 380 -32.45 -26.16 -31.03
N VAL A 381 -32.93 -27.39 -31.00
CA VAL A 381 -33.49 -28.08 -32.16
C VAL A 381 -34.92 -27.60 -32.37
N THR A 382 -35.23 -27.12 -33.58
CA THR A 382 -36.59 -26.73 -33.95
C THR A 382 -36.95 -27.36 -35.28
N GLN A 383 -38.22 -27.17 -35.67
CA GLN A 383 -38.72 -27.65 -36.96
C GLN A 383 -37.94 -27.11 -38.15
N TYR A 384 -37.32 -25.93 -38.04
CA TYR A 384 -36.68 -25.30 -39.19
C TYR A 384 -35.24 -25.74 -39.38
N ASN A 385 -34.62 -26.36 -38.39
CA ASN A 385 -33.24 -26.75 -38.51
C ASN A 385 -32.94 -28.22 -38.19
N ILE A 386 -33.96 -29.04 -37.93
CA ILE A 386 -33.76 -30.42 -37.50
C ILE A 386 -33.04 -31.25 -38.56
N HIS A 387 -33.35 -31.03 -39.83
CA HIS A 387 -32.67 -31.77 -40.89
C HIS A 387 -31.21 -31.37 -40.96
N ARG A 388 -30.93 -30.06 -40.91
CA ARG A 388 -29.58 -29.51 -40.89
C ARG A 388 -28.76 -30.05 -39.74
N LEU A 389 -29.35 -30.12 -38.54
CA LEU A 389 -28.60 -30.53 -37.34
C LEU A 389 -28.29 -32.02 -37.32
N THR A 390 -29.12 -32.86 -37.93
CA THR A 390 -28.81 -34.29 -38.02
C THR A 390 -27.54 -34.55 -38.81
N GLU A 391 -27.29 -33.76 -39.86
CA GLU A 391 -26.06 -33.88 -40.65
C GLU A 391 -24.83 -33.68 -39.78
N TYR A 392 -24.85 -32.67 -38.91
CA TYR A 392 -23.77 -32.44 -37.96
C TYR A 392 -23.55 -33.65 -37.05
N VAL A 393 -24.63 -34.27 -36.59
CA VAL A 393 -24.51 -35.41 -35.68
C VAL A 393 -23.80 -36.60 -36.35
N ARG A 394 -24.11 -36.89 -37.61
CA ARG A 394 -23.42 -37.98 -38.30
C ARG A 394 -21.94 -37.71 -38.49
N ASN A 395 -21.56 -36.46 -38.71
CA ASN A 395 -20.15 -36.16 -38.91
C ASN A 395 -19.35 -36.34 -37.64
N GLY A 396 -19.93 -36.10 -36.47
CA GLY A 396 -19.28 -36.44 -35.25
C GLY A 396 -18.29 -35.38 -34.81
N PRO A 397 -17.58 -35.65 -33.71
CA PRO A 397 -16.69 -34.64 -33.13
C PRO A 397 -15.42 -34.40 -33.91
N ASN A 398 -15.04 -35.24 -34.87
CA ASN A 398 -13.73 -35.10 -35.51
C ASN A 398 -13.77 -34.61 -36.94
N GLU A 399 -14.94 -34.45 -37.54
CA GLU A 399 -15.04 -33.93 -38.89
C GLU A 399 -15.86 -32.65 -38.85
N HIS A 400 -15.36 -31.63 -39.47
CA HIS A 400 -15.99 -30.32 -39.48
C HIS A 400 -16.70 -30.09 -40.79
N PRO A 401 -17.96 -29.65 -40.77
CA PRO A 401 -18.74 -29.18 -39.61
C PRO A 401 -19.47 -30.27 -38.81
N GLY A 402 -19.20 -30.34 -37.52
CA GLY A 402 -19.73 -31.42 -36.71
C GLY A 402 -20.30 -31.00 -35.37
N ALA A 403 -20.31 -31.90 -34.39
CA ALA A 403 -21.02 -31.66 -33.15
C ALA A 403 -20.47 -32.58 -32.07
N LYS A 404 -20.61 -32.16 -30.82
CA LYS A 404 -19.99 -32.87 -29.71
C LYS A 404 -20.97 -33.53 -28.75
N TYR A 405 -22.13 -32.94 -28.48
CA TYR A 405 -23.04 -33.53 -27.51
C TYR A 405 -24.47 -33.37 -27.98
N VAL A 406 -25.35 -34.25 -27.49
CA VAL A 406 -26.79 -34.06 -27.63
C VAL A 406 -27.36 -34.05 -26.22
N ILE A 407 -28.04 -32.97 -25.87
CA ILE A 407 -28.56 -32.78 -24.53
C ILE A 407 -30.07 -32.90 -24.50
N ARG A 408 -30.58 -33.86 -23.72
CA ARG A 408 -32.02 -34.01 -23.57
C ARG A 408 -32.54 -32.99 -22.56
N ASP A 409 -33.86 -32.79 -22.59
CA ASP A 409 -34.55 -31.97 -21.59
C ASP A 409 -34.33 -32.40 -20.15
N ASN A 410 -33.87 -33.62 -19.90
CA ASN A 410 -33.64 -34.03 -18.52
C ASN A 410 -32.24 -33.62 -18.05
N GLY A 411 -31.33 -33.44 -19.00
CA GLY A 411 -29.98 -32.97 -18.76
C GLY A 411 -28.89 -33.97 -19.06
N ASP A 412 -29.24 -35.24 -19.30
CA ASP A 412 -28.25 -36.25 -19.65
C ASP A 412 -27.53 -35.92 -20.95
N ARG A 413 -26.21 -35.81 -20.91
CA ARG A 413 -25.45 -35.58 -22.13
C ARG A 413 -24.99 -36.89 -22.75
N ILE A 414 -25.09 -36.97 -24.07
CA ILE A 414 -24.55 -38.08 -24.82
C ILE A 414 -23.23 -37.65 -25.44
N ASP A 415 -22.15 -38.26 -25.02
CA ASP A 415 -20.82 -37.90 -25.46
C ASP A 415 -20.56 -38.59 -26.79
N LEU A 416 -20.44 -37.81 -27.86
CA LEU A 416 -20.31 -38.38 -29.18
C LEU A 416 -18.92 -38.91 -29.49
N ARG A 417 -17.96 -38.80 -28.58
CA ARG A 417 -16.70 -39.50 -28.81
C ARG A 417 -16.86 -41.01 -28.62
N TYR A 418 -17.71 -41.42 -27.70
CA TYR A 418 -17.81 -42.82 -27.30
C TYR A 418 -19.09 -43.49 -27.74
N HIS A 419 -19.95 -42.80 -28.48
CA HIS A 419 -21.19 -43.42 -28.90
C HIS A 419 -20.98 -44.07 -30.26
N LYS A 420 -20.92 -45.40 -30.24
CA LYS A 420 -20.67 -46.23 -31.40
C LYS A 420 -21.92 -46.44 -32.23
N ARG A 421 -23.10 -46.14 -31.67
CA ARG A 421 -24.32 -46.25 -32.45
C ARG A 421 -24.85 -44.84 -32.70
N ALA A 422 -23.97 -43.96 -33.19
CA ALA A 422 -24.35 -42.59 -33.48
C ALA A 422 -25.39 -42.47 -34.57
N GLY A 423 -25.38 -43.40 -35.53
CA GLY A 423 -26.38 -43.46 -36.58
C GLY A 423 -27.80 -43.72 -36.13
N ASP A 424 -27.98 -44.24 -34.93
CA ASP A 424 -29.32 -44.53 -34.40
C ASP A 424 -29.88 -43.46 -33.48
N ILE A 425 -29.40 -42.22 -33.56
CA ILE A 425 -30.00 -41.13 -32.80
C ILE A 425 -31.02 -40.39 -33.66
N VAL A 426 -32.22 -40.19 -33.12
CA VAL A 426 -33.27 -39.38 -33.74
C VAL A 426 -33.51 -38.18 -32.82
N LEU A 427 -33.43 -36.98 -33.37
CA LEU A 427 -33.58 -35.80 -32.53
C LEU A 427 -35.04 -35.41 -32.33
N GLN A 428 -35.37 -35.08 -31.09
CA GLN A 428 -36.67 -34.56 -30.70
C GLN A 428 -36.56 -33.05 -30.57
N TYR A 429 -37.62 -32.34 -30.97
CA TYR A 429 -37.73 -30.91 -30.69
C TYR A 429 -37.50 -30.61 -29.22
N GLY A 430 -36.84 -29.48 -28.95
CA GLY A 430 -36.56 -29.07 -27.60
C GLY A 430 -35.24 -29.58 -27.03
N TRP A 431 -34.69 -30.66 -27.59
CA TRP A 431 -33.33 -31.06 -27.27
C TRP A 431 -32.31 -30.01 -27.70
N LYS A 432 -31.08 -30.17 -27.23
CA LYS A 432 -30.00 -29.29 -27.63
C LYS A 432 -28.86 -30.08 -28.26
N VAL A 433 -28.28 -29.53 -29.32
CA VAL A 433 -27.07 -30.07 -29.95
C VAL A 433 -25.94 -29.07 -29.77
N GLU A 434 -24.86 -29.48 -29.11
CA GLU A 434 -23.70 -28.60 -28.98
C GLU A 434 -22.84 -28.73 -30.23
N ARG A 435 -23.11 -27.90 -31.23
CA ARG A 435 -22.38 -27.99 -32.48
C ARG A 435 -21.11 -27.18 -32.45
N HIS A 436 -20.24 -27.45 -33.41
CA HIS A 436 -19.00 -26.70 -33.57
C HIS A 436 -19.28 -25.24 -33.89
N LEU A 437 -18.30 -24.39 -33.60
CA LEU A 437 -18.34 -23.01 -34.00
C LEU A 437 -18.29 -22.92 -35.53
N MET A 438 -19.10 -22.04 -36.10
CA MET A 438 -19.32 -21.99 -37.54
C MET A 438 -19.41 -20.55 -37.98
N ASP A 439 -19.32 -20.37 -39.31
CA ASP A 439 -19.28 -19.06 -39.94
C ASP A 439 -20.45 -18.18 -39.50
N ASP A 440 -20.13 -16.91 -39.26
CA ASP A 440 -20.99 -15.81 -38.86
C ASP A 440 -21.53 -15.90 -37.44
N ASP A 441 -21.16 -16.90 -36.65
CA ASP A 441 -21.42 -16.83 -35.22
C ASP A 441 -20.71 -15.62 -34.61
N PRO A 442 -21.39 -14.83 -33.80
CA PRO A 442 -20.73 -13.73 -33.08
C PRO A 442 -19.96 -14.22 -31.88
N VAL A 443 -18.78 -13.65 -31.67
CA VAL A 443 -17.94 -13.94 -30.51
C VAL A 443 -17.38 -12.63 -30.00
N LEU A 444 -17.12 -12.60 -28.69
CA LEU A 444 -16.53 -11.44 -28.05
C LEU A 444 -15.01 -11.56 -28.03
N PHE A 445 -14.33 -10.53 -28.53
CA PHE A 445 -12.90 -10.57 -28.71
C PHE A 445 -12.30 -9.51 -27.82
N ASN A 446 -11.13 -9.77 -27.28
CA ASN A 446 -10.65 -8.99 -26.15
C ASN A 446 -9.13 -9.07 -26.03
N ARG A 447 -8.46 -7.93 -25.84
CA ARG A 447 -7.04 -7.90 -25.50
C ARG A 447 -6.82 -7.19 -24.18
N GLN A 448 -6.06 -7.81 -23.28
CA GLN A 448 -5.65 -7.15 -22.06
C GLN A 448 -4.45 -6.23 -22.26
N PRO A 449 -4.36 -5.11 -21.51
CA PRO A 449 -5.27 -4.58 -20.48
C PRO A 449 -6.47 -3.86 -21.09
N SER A 450 -7.66 -4.09 -20.54
CA SER A 450 -8.92 -3.54 -21.07
C SER A 450 -9.12 -2.12 -20.56
N LEU A 451 -8.46 -1.16 -21.22
CA LEU A 451 -8.43 0.20 -20.68
C LEU A 451 -9.71 0.97 -20.96
N HIS A 452 -10.46 0.60 -21.98
CA HIS A 452 -11.69 1.33 -22.33
C HIS A 452 -12.57 0.36 -23.09
N LYS A 453 -13.79 0.80 -23.41
CA LYS A 453 -14.83 -0.15 -23.83
C LYS A 453 -14.55 -0.77 -25.17
N MET A 454 -13.75 -0.13 -26.03
CA MET A 454 -13.44 -0.78 -27.30
C MET A 454 -12.29 -1.77 -27.18
N SER A 455 -11.89 -2.15 -25.98
CA SER A 455 -11.10 -3.36 -25.80
C SER A 455 -11.93 -4.63 -25.90
N MET A 456 -13.26 -4.55 -25.99
CA MET A 456 -14.08 -5.75 -26.12
C MET A 456 -15.17 -5.48 -27.16
N MET A 457 -14.98 -6.01 -28.36
CA MET A 457 -15.95 -5.83 -29.43
C MET A 457 -16.33 -7.19 -29.98
N ALA A 458 -17.54 -7.29 -30.51
CA ALA A 458 -18.02 -8.53 -31.11
C ALA A 458 -17.62 -8.64 -32.57
N HIS A 459 -16.96 -9.74 -32.93
CA HIS A 459 -16.63 -10.01 -34.32
C HIS A 459 -17.38 -11.23 -34.82
N ARG A 460 -17.57 -11.32 -36.13
CA ARG A 460 -18.07 -12.51 -36.81
C ARG A 460 -16.96 -13.51 -37.15
N VAL A 461 -17.10 -14.75 -36.68
CA VAL A 461 -16.14 -15.81 -36.95
C VAL A 461 -16.02 -16.10 -38.45
N LYS A 462 -14.80 -16.28 -38.94
CA LYS A 462 -14.54 -17.00 -40.19
C LYS A 462 -13.49 -18.07 -39.93
N VAL A 463 -13.87 -19.35 -40.07
CA VAL A 463 -12.95 -20.45 -39.80
C VAL A 463 -11.93 -20.58 -40.93
N MET A 464 -10.66 -20.74 -40.56
CA MET A 464 -9.50 -20.66 -41.46
C MET A 464 -8.44 -21.66 -40.99
N PRO A 465 -7.57 -22.14 -41.89
CA PRO A 465 -6.41 -22.94 -41.46
C PRO A 465 -5.38 -22.07 -40.76
N TYR A 466 -4.37 -22.74 -40.16
CA TYR A 466 -3.27 -22.12 -39.40
C TYR A 466 -3.75 -21.55 -38.07
N SER A 467 -2.85 -21.37 -37.12
CA SER A 467 -3.18 -21.32 -35.70
C SER A 467 -3.22 -19.93 -35.09
N THR A 468 -3.19 -18.87 -35.89
CA THR A 468 -3.26 -17.53 -35.34
C THR A 468 -4.68 -17.01 -35.48
N PHE A 469 -5.06 -16.05 -34.64
CA PHE A 469 -6.26 -15.26 -34.88
C PHE A 469 -6.03 -14.17 -35.92
N ARG A 470 -6.92 -14.04 -36.87
CA ARG A 470 -6.77 -13.03 -37.90
C ARG A 470 -7.69 -11.85 -37.65
N LEU A 471 -7.14 -10.66 -37.78
CA LEU A 471 -7.88 -9.42 -37.61
C LEU A 471 -7.70 -8.62 -38.88
N ASN A 472 -8.76 -7.95 -39.32
CA ASN A 472 -8.56 -6.93 -40.33
C ASN A 472 -7.72 -5.84 -39.69
N LEU A 473 -6.81 -5.27 -40.49
CA LEU A 473 -5.81 -4.37 -39.95
C LEU A 473 -6.34 -3.08 -39.34
N SER A 474 -7.51 -2.64 -39.74
CA SER A 474 -7.99 -1.36 -39.24
C SER A 474 -8.52 -1.43 -37.81
N VAL A 475 -8.64 -2.61 -37.22
CA VAL A 475 -9.02 -2.69 -35.81
C VAL A 475 -7.84 -2.78 -34.85
N THR A 476 -6.59 -2.76 -35.34
CA THR A 476 -5.46 -2.81 -34.42
C THR A 476 -5.41 -1.60 -33.51
N SER A 477 -5.87 -0.43 -33.99
CA SER A 477 -5.74 0.80 -33.22
C SER A 477 -6.58 0.79 -31.94
N PRO A 478 -7.92 0.54 -31.97
CA PRO A 478 -8.67 0.51 -30.69
C PRO A 478 -8.19 -0.54 -29.71
N TYR A 479 -7.68 -1.67 -30.17
CA TYR A 479 -7.16 -2.64 -29.22
C TYR A 479 -5.78 -2.27 -28.71
N ASN A 480 -5.13 -1.28 -29.33
CA ASN A 480 -3.71 -0.98 -29.19
C ASN A 480 -2.87 -2.25 -29.38
N ALA A 481 -3.30 -3.06 -30.33
CA ALA A 481 -2.70 -4.32 -30.70
C ALA A 481 -1.69 -4.11 -31.80
N ASP A 482 -0.67 -4.94 -31.81
CA ASP A 482 0.15 -5.14 -32.99
C ASP A 482 0.52 -6.61 -33.04
N PHE A 483 1.42 -6.98 -33.93
CA PHE A 483 1.63 -8.38 -34.23
C PHE A 483 3.07 -8.75 -33.95
N ASP A 484 3.60 -8.24 -32.84
CA ASP A 484 4.94 -8.55 -32.44
C ASP A 484 5.00 -9.61 -31.34
N GLY A 485 3.95 -10.43 -31.22
CA GLY A 485 3.87 -11.39 -30.15
C GLY A 485 2.65 -11.29 -29.26
N ASP A 486 1.89 -10.19 -29.32
CA ASP A 486 0.60 -10.03 -28.63
C ASP A 486 -0.29 -11.26 -28.73
N GLU A 487 -1.06 -11.49 -27.67
CA GLU A 487 -2.09 -12.51 -27.69
C GLU A 487 -3.41 -11.86 -27.37
N MET A 488 -4.50 -12.50 -27.80
CA MET A 488 -5.82 -11.96 -27.54
C MET A 488 -6.75 -13.10 -27.18
N ASN A 489 -7.88 -12.75 -26.57
CA ASN A 489 -8.79 -13.71 -25.96
C ASN A 489 -10.10 -13.71 -26.71
N LEU A 490 -10.73 -14.86 -26.77
CA LEU A 490 -12.00 -14.98 -27.47
C LEU A 490 -12.98 -15.64 -26.54
N HIS A 491 -14.19 -15.11 -26.48
CA HIS A 491 -15.23 -15.66 -25.62
C HIS A 491 -16.47 -15.94 -26.44
N VAL A 492 -17.07 -17.10 -26.23
CA VAL A 492 -18.18 -17.57 -27.04
C VAL A 492 -19.45 -17.46 -26.20
N PRO A 493 -20.43 -16.67 -26.59
CA PRO A 493 -21.70 -16.64 -25.85
C PRO A 493 -22.39 -17.99 -25.97
N GLN A 494 -23.13 -18.35 -24.93
CA GLN A 494 -23.68 -19.70 -24.81
C GLN A 494 -25.19 -19.78 -24.90
N SER A 495 -25.87 -18.74 -25.37
CA SER A 495 -27.33 -18.81 -25.46
C SER A 495 -27.82 -17.85 -26.51
N GLU A 496 -29.07 -18.05 -26.90
CA GLU A 496 -29.77 -17.19 -27.84
C GLU A 496 -29.87 -15.74 -27.39
N GLU A 497 -30.03 -15.48 -26.09
CA GLU A 497 -30.19 -14.10 -25.63
C GLU A 497 -28.92 -13.30 -25.78
N THR A 498 -27.79 -13.89 -25.47
CA THR A 498 -26.53 -13.15 -25.51
C THR A 498 -25.95 -13.00 -26.91
N ARG A 499 -26.20 -13.94 -27.81
CA ARG A 499 -25.89 -13.69 -29.23
C ARG A 499 -26.53 -12.40 -29.71
N ALA A 500 -27.79 -12.19 -29.40
CA ALA A 500 -28.47 -10.99 -29.87
C ALA A 500 -27.90 -9.73 -29.22
N GLU A 501 -27.53 -9.83 -27.93
CA GLU A 501 -26.92 -8.70 -27.24
C GLU A 501 -25.59 -8.31 -27.86
N LEU A 502 -24.79 -9.30 -28.25
CA LEU A 502 -23.51 -9.03 -28.89
C LEU A 502 -23.69 -8.33 -30.23
N SER A 503 -24.53 -8.88 -31.10
CA SER A 503 -24.66 -8.31 -32.44
C SER A 503 -25.36 -6.95 -32.44
N GLN A 504 -26.21 -6.66 -31.47
CA GLN A 504 -26.98 -5.42 -31.52
C GLN A 504 -26.44 -4.33 -30.59
N LEU A 505 -25.44 -4.62 -29.79
CA LEU A 505 -24.87 -3.59 -28.91
C LEU A 505 -23.37 -3.48 -29.04
N CYS A 506 -22.66 -4.59 -29.14
CA CYS A 506 -21.21 -4.59 -29.02
C CYS A 506 -20.49 -4.73 -30.36
N ALA A 507 -21.22 -4.99 -31.45
CA ALA A 507 -20.63 -5.25 -32.76
C ALA A 507 -19.74 -4.10 -33.22
N VAL A 508 -18.63 -4.44 -33.87
CA VAL A 508 -17.61 -3.55 -34.40
C VAL A 508 -18.14 -2.30 -35.12
N PRO A 509 -19.08 -2.35 -36.09
CA PRO A 509 -19.48 -1.10 -36.77
C PRO A 509 -20.14 -0.08 -35.86
N LEU A 510 -20.85 -0.52 -34.82
CA LEU A 510 -21.42 0.40 -33.83
C LEU A 510 -20.35 1.14 -33.02
N GLN A 511 -19.12 0.68 -33.04
CA GLN A 511 -18.06 1.21 -32.20
C GLN A 511 -17.11 2.13 -32.92
N ILE A 512 -17.40 2.46 -34.20
CA ILE A 512 -16.49 3.23 -35.03
C ILE A 512 -16.24 4.61 -34.43
N VAL A 513 -17.29 5.25 -33.93
CA VAL A 513 -17.19 6.53 -33.25
C VAL A 513 -17.21 6.28 -31.75
N SER A 514 -16.26 6.87 -31.03
CA SER A 514 -16.20 6.68 -29.60
C SER A 514 -16.70 7.89 -28.86
N PRO A 515 -17.38 7.72 -27.73
CA PRO A 515 -17.82 8.87 -26.94
C PRO A 515 -16.69 9.60 -26.24
N GLN A 516 -15.48 9.06 -26.23
CA GLN A 516 -14.37 9.70 -25.53
C GLN A 516 -14.09 11.10 -26.08
N SER A 517 -14.02 11.22 -27.39
CA SER A 517 -13.68 12.52 -27.97
C SER A 517 -14.51 12.88 -29.20
N ASN A 518 -15.72 12.31 -29.31
CA ASN A 518 -16.72 12.45 -30.38
C ASN A 518 -16.07 12.44 -31.77
N LYS A 519 -15.34 11.36 -32.02
CA LYS A 519 -14.56 11.20 -33.24
C LYS A 519 -14.27 9.72 -33.41
N PRO A 520 -13.87 9.28 -34.61
CA PRO A 520 -13.57 7.87 -34.79
C PRO A 520 -12.32 7.43 -34.07
N VAL A 521 -12.27 6.13 -33.75
CA VAL A 521 -11.05 5.52 -33.23
C VAL A 521 -10.46 4.52 -34.19
N MET A 522 -11.03 4.36 -35.38
CA MET A 522 -10.44 3.50 -36.38
C MET A 522 -10.32 4.28 -37.65
N GLY A 523 -9.21 4.08 -38.34
CA GLY A 523 -9.05 4.64 -39.65
C GLY A 523 -8.21 3.76 -40.54
N ILE A 524 -7.87 4.28 -41.67
CA ILE A 524 -6.98 3.59 -42.59
C ILE A 524 -5.58 3.81 -42.02
N VAL A 525 -4.76 2.76 -42.00
CA VAL A 525 -3.48 2.79 -41.31
C VAL A 525 -2.41 2.16 -42.18
N GLN A 526 -1.16 2.39 -41.75
CA GLN A 526 0.12 1.79 -42.14
C GLN A 526 0.20 1.68 -43.66
N ASP A 527 0.41 0.49 -44.23
CA ASP A 527 0.58 0.31 -45.68
C ASP A 527 -0.53 0.95 -46.50
N THR A 528 -1.77 0.73 -46.10
CA THR A 528 -2.90 1.21 -46.87
C THR A 528 -2.97 2.72 -46.85
N LEU A 529 -2.49 3.34 -45.78
CA LEU A 529 -2.54 4.79 -45.64
C LEU A 529 -1.37 5.41 -46.39
N CYS A 530 -0.17 4.85 -46.23
CA CYS A 530 0.98 5.22 -47.07
C CYS A 530 0.65 5.08 -48.54
N GLY A 531 0.05 3.96 -48.93
CA GLY A 531 -0.22 3.71 -50.32
C GLY A 531 -1.29 4.61 -50.90
N VAL A 532 -2.28 4.99 -50.10
CA VAL A 532 -3.41 5.75 -50.63
C VAL A 532 -2.98 7.19 -50.92
N ARG A 533 -1.98 7.70 -50.20
CA ARG A 533 -1.42 8.99 -50.56
C ARG A 533 -0.75 8.92 -51.93
N LYS A 534 0.13 7.94 -52.12
CA LYS A 534 0.82 7.74 -53.40
C LYS A 534 -0.18 7.55 -54.54
N MET A 535 -1.25 6.80 -54.30
CA MET A 535 -2.21 6.52 -55.37
C MET A 535 -3.01 7.76 -55.76
N THR A 536 -3.31 8.65 -54.83
CA THR A 536 -4.17 9.77 -55.16
C THR A 536 -3.41 11.03 -55.51
N LEU A 537 -2.10 10.94 -55.67
CA LEU A 537 -1.31 12.02 -56.27
C LEU A 537 -1.87 12.39 -57.64
N ARG A 538 -1.72 13.66 -57.99
CA ARG A 538 -2.30 14.22 -59.20
C ARG A 538 -1.79 13.53 -60.46
N ASP A 539 -0.54 13.07 -60.47
CA ASP A 539 0.04 12.41 -61.63
C ASP A 539 0.13 10.89 -61.53
N THR A 540 -0.82 10.22 -60.89
CA THR A 540 -0.89 8.77 -60.95
C THR A 540 -1.91 8.34 -61.99
N PHE A 541 -1.45 7.66 -63.04
CA PHE A 541 -2.36 7.23 -64.08
C PHE A 541 -2.27 5.72 -64.24
N ILE A 542 -3.38 5.11 -64.63
CA ILE A 542 -3.52 3.66 -64.64
C ILE A 542 -4.14 3.28 -65.97
N GLU A 543 -3.51 2.37 -66.68
CA GLU A 543 -4.02 1.93 -67.96
C GLU A 543 -5.20 0.99 -67.77
N TYR A 544 -5.91 0.76 -68.88
CA TYR A 544 -7.21 0.08 -68.89
C TYR A 544 -7.16 -1.32 -68.32
N GLU A 545 -6.18 -2.12 -68.70
CA GLU A 545 -6.11 -3.52 -68.30
C GLU A 545 -6.05 -3.68 -66.78
N GLN A 546 -5.30 -2.81 -66.11
CA GLN A 546 -5.21 -2.85 -64.66
C GLN A 546 -6.49 -2.33 -63.98
N VAL A 547 -7.09 -1.27 -64.53
CA VAL A 547 -8.35 -0.70 -64.04
C VAL A 547 -9.46 -1.72 -63.90
N MET A 548 -9.58 -2.64 -64.86
CA MET A 548 -10.66 -3.63 -64.80
C MET A 548 -10.52 -4.53 -63.59
N ASN A 549 -9.29 -4.96 -63.28
CA ASN A 549 -9.05 -5.76 -62.09
C ASN A 549 -9.43 -5.00 -60.81
N MET A 550 -9.01 -3.74 -60.72
CA MET A 550 -9.27 -2.92 -59.53
C MET A 550 -10.75 -2.71 -59.28
N LEU A 551 -11.54 -2.50 -60.32
CA LEU A 551 -12.97 -2.34 -60.14
C LEU A 551 -13.56 -3.63 -59.58
N PHE A 552 -13.17 -4.77 -60.13
CA PHE A 552 -13.69 -6.07 -59.70
C PHE A 552 -13.28 -6.39 -58.27
N TRP A 553 -12.26 -5.73 -57.74
CA TRP A 553 -11.79 -5.98 -56.40
C TRP A 553 -12.68 -5.34 -55.36
N VAL A 554 -13.51 -4.38 -55.76
CA VAL A 554 -14.50 -3.75 -54.90
C VAL A 554 -15.78 -4.56 -54.78
N PRO A 555 -16.08 -5.14 -53.62
CA PRO A 555 -17.29 -5.97 -53.48
C PRO A 555 -18.59 -5.24 -53.76
N SER A 556 -18.67 -3.96 -53.41
CA SER A 556 -19.89 -3.17 -53.56
C SER A 556 -20.07 -2.52 -54.92
N TRP A 557 -19.15 -2.75 -55.86
CA TRP A 557 -19.22 -2.13 -57.18
C TRP A 557 -20.50 -2.49 -57.94
N ASP A 558 -21.08 -1.50 -58.60
CA ASP A 558 -22.35 -1.63 -59.30
C ASP A 558 -22.23 -2.15 -60.72
N GLY A 559 -21.03 -2.51 -61.16
CA GLY A 559 -20.77 -3.05 -62.48
C GLY A 559 -20.59 -2.04 -63.60
N VAL A 560 -20.66 -0.74 -63.32
CA VAL A 560 -20.49 0.28 -64.35
C VAL A 560 -19.07 0.84 -64.28
N VAL A 561 -18.25 0.53 -65.28
CA VAL A 561 -16.90 1.10 -65.38
C VAL A 561 -17.00 2.60 -65.69
N PRO A 562 -16.39 3.48 -64.92
CA PRO A 562 -16.48 4.90 -65.21
C PRO A 562 -15.56 5.33 -66.35
N GLN A 563 -15.97 6.41 -67.01
CA GLN A 563 -15.23 6.91 -68.17
C GLN A 563 -13.85 7.39 -67.78
N PRO A 564 -12.84 7.11 -68.59
CA PRO A 564 -11.49 7.56 -68.27
C PRO A 564 -11.36 9.06 -68.30
N ALA A 565 -10.42 9.55 -67.50
CA ALA A 565 -10.14 10.97 -67.47
C ALA A 565 -9.54 11.45 -68.78
N ILE A 566 -8.69 10.63 -69.40
CA ILE A 566 -8.12 10.93 -70.72
C ILE A 566 -8.67 9.93 -71.74
N LEU A 567 -9.35 10.43 -72.76
CA LEU A 567 -9.82 9.56 -73.82
C LEU A 567 -8.83 9.34 -74.95
N LYS A 568 -8.11 10.37 -75.38
CA LYS A 568 -7.25 10.24 -76.55
C LYS A 568 -5.93 10.93 -76.25
N PRO A 569 -4.78 10.38 -76.67
CA PRO A 569 -4.49 9.21 -77.51
C PRO A 569 -4.50 7.85 -76.87
N LYS A 570 -4.81 7.76 -75.59
CA LYS A 570 -4.80 6.48 -74.92
C LYS A 570 -5.71 6.60 -73.72
N PRO A 571 -6.57 5.64 -73.44
CA PRO A 571 -7.45 5.74 -72.27
C PRO A 571 -6.66 5.59 -70.98
N LEU A 572 -6.78 6.58 -70.09
CA LEU A 572 -6.09 6.60 -68.81
C LEU A 572 -7.03 7.13 -67.75
N TRP A 573 -7.07 6.46 -66.62
CA TRP A 573 -7.78 6.89 -65.44
C TRP A 573 -6.81 7.47 -64.41
N THR A 574 -7.30 8.43 -63.65
CA THR A 574 -6.50 8.94 -62.55
C THR A 574 -6.80 8.11 -61.32
N GLY A 575 -5.87 8.13 -60.37
CA GLY A 575 -6.07 7.45 -59.10
C GLY A 575 -7.29 7.89 -58.33
N LYS A 576 -7.59 9.19 -58.32
CA LYS A 576 -8.76 9.72 -57.63
C LYS A 576 -10.07 9.13 -58.14
N GLN A 577 -10.16 8.76 -59.41
CA GLN A 577 -11.42 8.20 -59.90
C GLN A 577 -11.70 6.83 -59.33
N LEU A 578 -10.68 5.97 -59.23
CA LEU A 578 -10.90 4.60 -58.77
C LEU A 578 -11.14 4.55 -57.27
N LEU A 579 -10.41 5.37 -56.50
CA LEU A 579 -10.71 5.52 -55.08
C LEU A 579 -12.15 5.93 -54.86
N SER A 580 -12.67 6.81 -55.73
CA SER A 580 -14.03 7.32 -55.61
C SER A 580 -15.08 6.24 -55.80
N ILE A 581 -14.75 5.15 -56.49
CA ILE A 581 -15.65 4.00 -56.59
C ILE A 581 -15.96 3.44 -55.21
N ALA A 582 -14.97 3.45 -54.31
CA ALA A 582 -15.18 2.89 -52.98
C ALA A 582 -16.00 3.77 -52.07
N ILE A 583 -16.16 5.05 -52.39
CA ILE A 583 -16.98 5.95 -51.57
C ILE A 583 -18.43 5.94 -52.04
N PRO A 584 -19.40 5.73 -51.15
CA PRO A 584 -20.79 5.71 -51.57
C PRO A 584 -21.24 7.09 -52.01
N SER A 585 -22.29 7.11 -52.84
CA SER A 585 -22.82 8.35 -53.38
C SER A 585 -23.53 9.18 -52.32
N GLY A 586 -23.71 10.46 -52.63
CA GLY A 586 -24.34 11.40 -51.72
C GLY A 586 -23.48 11.94 -50.60
N ILE A 587 -22.16 11.81 -50.68
CA ILE A 587 -21.26 12.26 -49.63
C ILE A 587 -20.58 13.57 -50.03
N HIS A 588 -20.77 14.60 -49.23
CA HIS A 588 -20.16 15.91 -49.46
C HIS A 588 -19.30 16.32 -48.28
N LEU A 589 -18.11 16.77 -48.61
CA LEU A 589 -17.12 17.17 -47.62
C LEU A 589 -16.24 18.23 -48.23
N GLN A 590 -15.97 19.28 -47.48
CA GLN A 590 -15.10 20.37 -47.94
C GLN A 590 -14.17 20.69 -46.79
N ARG A 591 -12.88 20.79 -47.09
CA ARG A 591 -11.94 21.25 -46.09
C ARG A 591 -10.89 22.10 -46.78
N THR A 592 -10.51 23.18 -46.12
CA THR A 592 -9.50 24.09 -46.62
C THR A 592 -8.23 24.02 -45.78
N ASP A 593 -7.11 23.72 -46.43
CA ASP A 593 -5.80 23.72 -45.78
C ASP A 593 -5.04 24.95 -46.26
N GLY A 594 -4.62 25.77 -45.31
CA GLY A 594 -3.84 26.98 -45.54
C GLY A 594 -4.38 27.96 -46.55
N GLY A 595 -5.68 28.24 -46.47
CA GLY A 595 -6.35 29.21 -47.33
C GLY A 595 -6.23 28.95 -48.82
N ASN A 596 -6.24 27.69 -49.23
CA ASN A 596 -6.11 27.36 -50.64
C ASN A 596 -7.32 27.81 -51.45
N SER A 597 -7.07 28.10 -52.73
CA SER A 597 -8.13 28.45 -53.65
C SER A 597 -8.69 27.18 -54.28
N LEU A 598 -9.82 27.34 -54.97
CA LEU A 598 -10.40 26.24 -55.73
C LEU A 598 -9.51 25.72 -56.86
N LEU A 599 -8.48 26.46 -57.24
CA LEU A 599 -7.54 26.00 -58.24
C LEU A 599 -6.40 25.17 -57.65
N SER A 600 -6.28 25.11 -56.31
CA SER A 600 -5.37 24.33 -55.46
C SER A 600 -3.99 24.07 -56.07
N PRO A 601 -3.13 25.10 -56.16
CA PRO A 601 -1.78 24.90 -56.73
C PRO A 601 -0.93 23.86 -56.02
N LYS A 602 -1.04 23.75 -54.70
CA LYS A 602 -0.21 22.82 -53.97
C LYS A 602 -0.80 21.43 -53.91
N ASP A 603 -1.99 21.25 -54.51
CA ASP A 603 -2.77 20.01 -54.48
C ASP A 603 -3.15 19.62 -53.05
N ASN A 604 -3.43 20.60 -52.21
CA ASN A 604 -3.90 20.37 -50.85
C ASN A 604 -5.40 20.65 -50.73
N GLY A 605 -5.89 20.63 -49.51
CA GLY A 605 -7.31 20.63 -49.23
C GLY A 605 -8.01 19.35 -49.68
N MET A 606 -9.33 19.41 -49.67
CA MET A 606 -10.15 18.26 -50.04
C MET A 606 -11.54 18.74 -50.42
N LEU A 607 -12.06 18.22 -51.52
CA LEU A 607 -13.41 18.51 -51.99
C LEU A 607 -14.06 17.24 -52.52
N ILE A 608 -15.16 16.83 -51.92
CA ILE A 608 -15.85 15.65 -52.38
C ILE A 608 -17.29 16.02 -52.66
N VAL A 609 -17.77 15.68 -53.86
CA VAL A 609 -19.09 16.00 -54.36
C VAL A 609 -19.70 14.73 -54.91
N ASP A 610 -20.87 14.35 -54.39
CA ASP A 610 -21.61 13.14 -54.78
C ASP A 610 -20.73 11.90 -54.80
N GLY A 611 -19.92 11.75 -53.76
CA GLY A 611 -19.07 10.57 -53.68
C GLY A 611 -17.97 10.52 -54.70
N LYS A 612 -17.54 11.66 -55.24
CA LYS A 612 -16.49 11.66 -56.24
C LYS A 612 -15.46 12.69 -55.82
N VAL A 613 -14.18 12.33 -55.86
CA VAL A 613 -13.12 13.22 -55.43
C VAL A 613 -12.86 14.23 -56.55
N MET A 614 -13.13 15.50 -56.27
CA MET A 614 -12.78 16.54 -57.24
C MET A 614 -11.29 16.86 -57.22
N PHE A 615 -10.75 17.29 -56.09
CA PHE A 615 -9.31 17.48 -56.00
C PHE A 615 -8.83 17.14 -54.60
N GLY A 616 -7.52 17.05 -54.45
CA GLY A 616 -6.94 16.80 -53.15
C GLY A 616 -6.30 15.45 -52.94
N VAL A 617 -5.02 15.46 -52.58
CA VAL A 617 -4.36 14.28 -52.06
C VAL A 617 -5.08 13.78 -50.80
N VAL A 618 -5.33 12.48 -50.77
CA VAL A 618 -5.98 11.82 -49.64
C VAL A 618 -4.89 11.33 -48.68
N ASP A 619 -4.86 11.88 -47.47
CA ASP A 619 -3.82 11.55 -46.50
C ASP A 619 -4.47 11.46 -45.12
N LYS A 620 -3.66 11.51 -44.06
CA LYS A 620 -4.16 11.34 -42.70
C LYS A 620 -5.23 12.35 -42.31
N LYS A 621 -5.20 13.56 -42.87
CA LYS A 621 -6.23 14.52 -42.53
C LYS A 621 -7.62 14.14 -43.04
N THR A 622 -7.73 13.27 -44.04
CA THR A 622 -9.04 12.92 -44.57
C THR A 622 -9.51 11.53 -44.17
N VAL A 623 -8.64 10.51 -44.25
CA VAL A 623 -9.02 9.13 -44.01
C VAL A 623 -8.39 8.59 -42.74
N GLY A 624 -7.73 9.44 -41.97
CA GLY A 624 -7.22 9.04 -40.68
C GLY A 624 -8.33 8.96 -39.65
N SER A 625 -7.98 9.05 -38.37
CA SER A 625 -9.00 8.90 -37.35
C SER A 625 -9.47 10.24 -36.82
N GLY A 626 -9.04 11.33 -37.45
CA GLY A 626 -9.43 12.65 -36.99
C GLY A 626 -10.92 12.91 -37.08
N GLY A 627 -11.39 13.80 -36.21
CA GLY A 627 -12.78 14.21 -36.24
C GLY A 627 -13.11 14.95 -37.54
N GLY A 628 -14.34 14.75 -38.02
CA GLY A 628 -14.74 15.45 -39.22
C GLY A 628 -14.18 14.93 -40.52
N GLY A 629 -13.41 13.84 -40.48
CA GLY A 629 -12.88 13.26 -41.68
C GLY A 629 -13.91 12.44 -42.42
N LEU A 630 -13.40 11.68 -43.39
CA LEU A 630 -14.25 10.89 -44.29
C LEU A 630 -15.07 9.85 -43.54
N ILE A 631 -14.41 9.07 -42.68
CA ILE A 631 -15.06 7.99 -41.95
C ILE A 631 -16.20 8.49 -41.07
N HIS A 632 -15.94 9.55 -40.29
CA HIS A 632 -17.00 10.21 -39.51
C HIS A 632 -18.19 10.62 -40.35
N THR A 633 -17.94 11.12 -41.56
CA THR A 633 -19.01 11.66 -42.39
C THR A 633 -19.91 10.57 -42.95
N VAL A 634 -19.33 9.48 -43.43
CA VAL A 634 -20.09 8.36 -43.96
C VAL A 634 -20.97 7.74 -42.88
N MET A 635 -20.46 7.71 -41.64
CA MET A 635 -21.21 7.19 -40.49
C MET A 635 -22.50 7.97 -40.26
N ARG A 636 -22.41 9.31 -40.22
CA ARG A 636 -23.61 10.14 -40.04
C ARG A 636 -24.59 10.01 -41.20
N GLU A 637 -24.08 9.94 -42.43
CA GLU A 637 -24.99 9.96 -43.57
C GLU A 637 -25.55 8.60 -43.91
N LYS A 638 -24.78 7.54 -43.72
CA LYS A 638 -25.21 6.24 -44.17
C LYS A 638 -25.40 5.20 -43.08
N GLY A 639 -24.93 5.44 -41.87
CA GLY A 639 -25.08 4.47 -40.82
C GLY A 639 -23.93 3.48 -40.73
N PRO A 640 -23.91 2.68 -39.67
CA PRO A 640 -22.73 1.84 -39.39
C PRO A 640 -22.47 0.75 -40.40
N LYS A 641 -23.51 0.17 -41.01
CA LYS A 641 -23.31 -0.92 -41.97
C LYS A 641 -22.52 -0.47 -43.19
N ILE A 642 -22.96 0.60 -43.83
CA ILE A 642 -22.26 1.14 -45.01
C ILE A 642 -20.84 1.54 -44.64
N CYS A 643 -20.68 2.25 -43.52
CA CYS A 643 -19.39 2.72 -43.05
C CYS A 643 -18.41 1.58 -42.80
N ALA A 644 -18.89 0.43 -42.38
CA ALA A 644 -17.99 -0.71 -42.20
C ALA A 644 -17.50 -1.23 -43.53
N GLU A 645 -18.35 -1.23 -44.56
CA GLU A 645 -17.87 -1.59 -45.90
C GLU A 645 -16.84 -0.61 -46.43
N LEU A 646 -16.87 0.66 -46.00
CA LEU A 646 -15.93 1.65 -46.50
C LEU A 646 -14.49 1.23 -46.21
N PHE A 647 -14.22 0.73 -45.01
CA PHE A 647 -12.89 0.25 -44.65
C PHE A 647 -12.44 -0.89 -45.56
N GLY A 648 -13.33 -1.86 -45.78
CA GLY A 648 -12.97 -3.01 -46.60
C GLY A 648 -12.72 -2.64 -48.06
N ASN A 649 -13.57 -1.78 -48.62
CA ASN A 649 -13.43 -1.34 -50.00
C ASN A 649 -12.10 -0.62 -50.26
N ILE A 650 -11.84 0.45 -49.48
CA ILE A 650 -10.59 1.20 -49.60
C ILE A 650 -9.36 0.30 -49.47
N GLN A 651 -9.34 -0.60 -48.48
CA GLN A 651 -8.19 -1.47 -48.26
C GLN A 651 -7.92 -2.36 -49.46
N LYS A 652 -8.96 -2.96 -50.04
CA LYS A 652 -8.76 -3.93 -51.09
C LYS A 652 -8.26 -3.27 -52.37
N VAL A 653 -8.73 -2.06 -52.66
CA VAL A 653 -8.24 -1.32 -53.81
C VAL A 653 -6.79 -0.91 -53.64
N VAL A 654 -6.47 -0.26 -52.53
CA VAL A 654 -5.14 0.32 -52.33
C VAL A 654 -4.07 -0.75 -52.24
N ASN A 655 -4.33 -1.83 -51.50
CA ASN A 655 -3.31 -2.88 -51.36
C ASN A 655 -3.03 -3.57 -52.68
N TYR A 656 -4.04 -3.72 -53.54
CA TYR A 656 -3.77 -4.22 -54.88
C TYR A 656 -2.90 -3.27 -55.66
N TRP A 657 -3.32 -2.01 -55.76
CA TRP A 657 -2.55 -1.02 -56.50
C TRP A 657 -1.13 -0.88 -55.96
N LEU A 658 -0.98 -0.88 -54.64
CA LEU A 658 0.34 -0.73 -54.03
C LEU A 658 1.20 -1.94 -54.30
N LEU A 659 0.59 -3.13 -54.41
CA LEU A 659 1.31 -4.35 -54.76
C LEU A 659 1.99 -4.21 -56.12
N HIS A 660 1.37 -3.51 -57.07
CA HIS A 660 1.93 -3.41 -58.40
C HIS A 660 2.75 -2.16 -58.61
N ASN A 661 2.66 -1.19 -57.71
CA ASN A 661 3.57 -0.06 -57.77
C ASN A 661 4.82 -0.37 -56.96
N GLY A 662 4.68 -0.99 -55.80
CA GLY A 662 5.83 -1.22 -54.95
C GLY A 662 6.16 -0.01 -54.09
N PHE A 663 6.90 -0.28 -53.02
CA PHE A 663 7.41 0.77 -52.14
C PHE A 663 8.48 0.17 -51.26
N SER A 664 9.53 0.94 -51.00
CA SER A 664 10.65 0.43 -50.22
C SER A 664 11.26 1.56 -49.41
N ILE A 665 12.32 1.24 -48.68
CA ILE A 665 13.17 2.24 -48.04
C ILE A 665 14.57 1.65 -47.93
N GLY A 666 15.60 2.48 -48.09
CA GLY A 666 16.96 2.00 -47.98
C GLY A 666 17.84 3.04 -47.31
N ILE A 667 19.12 2.67 -47.15
CA ILE A 667 20.12 3.54 -46.53
C ILE A 667 20.27 4.85 -47.28
N GLY A 668 20.04 4.85 -48.60
CA GLY A 668 20.15 6.06 -49.39
C GLY A 668 19.23 7.17 -48.93
N ASP A 669 18.06 6.79 -48.42
CA ASP A 669 17.04 7.75 -48.03
C ASP A 669 17.35 8.49 -46.75
N ALA A 670 18.41 8.15 -46.02
CA ALA A 670 18.82 8.92 -44.86
C ALA A 670 19.92 9.91 -45.17
N ILE A 671 20.40 9.93 -46.41
CA ILE A 671 21.64 10.61 -46.75
C ILE A 671 21.33 11.93 -47.42
N ALA A 672 21.68 13.04 -46.77
CA ALA A 672 21.62 14.32 -47.43
C ALA A 672 22.93 14.62 -48.14
N ASP A 673 22.84 15.37 -49.24
CA ASP A 673 23.98 15.63 -50.10
C ASP A 673 24.99 16.57 -49.44
N ALA A 674 26.18 16.61 -50.04
CA ALA A 674 27.34 17.30 -49.46
C ALA A 674 27.11 18.80 -49.25
N SER A 675 26.34 19.45 -50.12
CA SER A 675 26.05 20.86 -49.96
C SER A 675 25.24 21.13 -48.70
N THR A 676 24.19 20.34 -48.48
CA THR A 676 23.30 20.52 -47.33
C THR A 676 24.02 20.27 -46.01
N MET A 677 24.94 19.30 -45.98
CA MET A 677 25.68 19.01 -44.76
C MET A 677 26.47 20.22 -44.27
N LYS A 678 27.04 21.01 -45.19
CA LYS A 678 27.81 22.18 -44.77
C LYS A 678 26.90 23.22 -44.15
N GLU A 679 25.69 23.38 -44.70
CA GLU A 679 24.67 24.18 -44.02
C GLU A 679 24.37 23.63 -42.64
N ILE A 680 24.12 22.31 -42.56
CA ILE A 680 23.83 21.62 -41.30
C ILE A 680 24.96 21.83 -40.30
N THR A 681 26.20 21.64 -40.74
CA THR A 681 27.38 21.76 -39.87
C THR A 681 27.58 23.20 -39.41
N HIS A 682 27.26 24.16 -40.27
CA HIS A 682 27.39 25.56 -39.88
C HIS A 682 26.42 25.93 -38.77
N ALA A 683 25.14 25.55 -38.91
CA ALA A 683 24.16 25.91 -37.89
C ALA A 683 24.50 25.30 -36.52
N ILE A 684 25.08 24.11 -36.50
CA ILE A 684 25.52 23.54 -35.22
C ILE A 684 26.76 24.24 -34.69
N SER A 685 27.70 24.58 -35.59
CA SER A 685 28.91 25.32 -35.20
C SER A 685 28.60 26.68 -34.61
N SER A 686 27.65 27.39 -35.21
CA SER A 686 27.28 28.71 -34.70
C SER A 686 26.54 28.62 -33.39
N ALA A 687 25.75 27.57 -33.18
CA ALA A 687 25.09 27.37 -31.90
C ALA A 687 26.07 27.09 -30.77
N LYS A 688 27.13 26.33 -31.03
CA LYS A 688 28.16 26.14 -30.02
C LYS A 688 28.86 27.46 -29.66
N GLU A 689 29.00 28.37 -30.61
CA GLU A 689 29.59 29.66 -30.29
C GLU A 689 28.70 30.49 -29.38
N GLN A 690 27.38 30.54 -29.66
CA GLN A 690 26.46 31.28 -28.81
C GLN A 690 26.46 30.73 -27.38
N VAL A 691 26.60 29.41 -27.22
CA VAL A 691 26.67 28.82 -25.88
C VAL A 691 27.95 29.26 -25.16
N GLN A 692 29.05 29.41 -25.91
CA GLN A 692 30.28 29.98 -25.36
C GLN A 692 30.06 31.40 -24.86
N GLU A 693 29.41 32.24 -25.68
CA GLU A 693 29.07 33.60 -25.29
C GLU A 693 28.22 33.63 -24.01
N ILE A 694 27.26 32.72 -23.89
CA ILE A 694 26.43 32.69 -22.69
C ILE A 694 27.25 32.35 -21.46
N ILE A 695 28.16 31.39 -21.58
CA ILE A 695 29.07 31.04 -20.48
C ILE A 695 29.95 32.23 -20.09
N TYR A 696 30.48 32.94 -21.10
CA TYR A 696 31.28 34.14 -20.87
C TYR A 696 30.49 35.20 -20.10
N LYS A 697 29.28 35.49 -20.57
CA LYS A 697 28.43 36.50 -19.92
C LYS A 697 28.12 36.13 -18.49
N ALA A 698 27.67 34.89 -18.27
CA ALA A 698 27.33 34.44 -16.93
C ALA A 698 28.53 34.45 -15.98
N GLN A 699 29.72 34.20 -16.50
CA GLN A 699 30.89 34.20 -15.64
C GLN A 699 31.49 35.58 -15.46
N HIS A 700 31.11 36.54 -16.30
CA HIS A 700 31.55 37.92 -16.13
C HIS A 700 30.44 38.84 -15.65
N ASN A 701 29.36 38.27 -15.07
CA ASN A 701 28.23 38.99 -14.49
C ASN A 701 27.55 39.92 -15.49
N GLU A 702 27.42 39.47 -16.73
CA GLU A 702 26.80 40.30 -17.76
C GLU A 702 25.55 39.64 -18.29
N LEU A 703 24.97 38.70 -17.56
CA LEU A 703 23.81 37.95 -18.00
C LEU A 703 22.53 38.44 -17.34
N GLU A 704 21.49 38.60 -18.15
CA GLU A 704 20.18 38.98 -17.66
C GLU A 704 19.57 37.85 -16.84
N LEU A 705 19.05 38.19 -15.67
CA LEU A 705 18.36 37.24 -14.81
C LEU A 705 16.89 37.17 -15.21
N LYS A 706 16.40 35.94 -15.42
CA LYS A 706 15.02 35.67 -15.75
C LYS A 706 14.17 35.72 -14.48
N PRO A 707 12.95 36.25 -14.56
CA PRO A 707 12.11 36.38 -13.36
C PRO A 707 11.80 35.04 -12.70
N GLY A 708 11.92 35.01 -11.38
CA GLY A 708 11.69 33.78 -10.66
C GLY A 708 12.84 32.80 -10.66
N MET A 709 13.97 33.15 -11.27
CA MET A 709 15.05 32.21 -11.43
C MET A 709 16.36 32.77 -10.90
N THR A 710 17.13 31.90 -10.25
CA THR A 710 18.49 32.18 -9.85
C THR A 710 19.39 32.29 -11.09
N LEU A 711 20.63 32.69 -10.88
CA LEU A 711 21.58 32.78 -12.00
C LEU A 711 21.78 31.42 -12.67
N ARG A 712 21.99 30.35 -11.88
CA ARG A 712 22.30 29.06 -12.49
C ARG A 712 21.10 28.46 -13.21
N GLU A 713 19.90 28.66 -12.67
CA GLU A 713 18.68 28.28 -13.38
C GLU A 713 18.53 29.03 -14.69
N SER A 714 18.69 30.37 -14.64
CA SER A 714 18.61 31.18 -15.85
C SER A 714 19.65 30.78 -16.88
N PHE A 715 20.88 30.52 -16.41
CA PHE A 715 21.95 30.07 -17.29
C PHE A 715 21.58 28.76 -17.97
N GLU A 716 21.17 27.76 -17.17
CA GLU A 716 20.78 26.45 -17.70
C GLU A 716 19.58 26.56 -18.63
N GLY A 717 18.65 27.44 -18.32
CA GLY A 717 17.48 27.63 -19.15
C GLY A 717 17.77 28.18 -20.53
N GLU A 718 18.63 29.21 -20.60
CA GLU A 718 18.98 29.82 -21.87
C GLU A 718 19.75 28.87 -22.78
N VAL A 719 20.68 28.10 -22.22
CA VAL A 719 21.45 27.13 -23.00
C VAL A 719 20.56 26.06 -23.60
N SER A 720 19.57 25.58 -22.84
CA SER A 720 18.67 24.53 -23.33
C SER A 720 17.82 25.04 -24.50
N ARG A 721 17.24 26.23 -24.37
CA ARG A 721 16.46 26.83 -25.46
C ARG A 721 17.30 27.01 -26.71
N THR A 722 18.56 27.42 -26.58
CA THR A 722 19.44 27.59 -27.74
C THR A 722 19.68 26.27 -28.48
N LEU A 723 19.98 25.21 -27.72
CA LEU A 723 20.34 23.94 -28.32
C LEU A 723 19.15 23.21 -28.96
N ASN A 724 17.96 23.33 -28.37
CA ASN A 724 16.80 22.71 -29.03
C ASN A 724 16.40 23.46 -30.28
N ASP A 725 16.57 24.79 -30.29
CA ASP A 725 16.28 25.54 -31.51
C ASP A 725 17.32 25.28 -32.58
N ALA A 726 18.57 25.04 -32.18
CA ALA A 726 19.62 24.66 -33.12
C ALA A 726 19.29 23.37 -33.87
N ARG A 727 18.80 22.35 -33.16
CA ARG A 727 18.52 21.07 -33.81
C ARG A 727 17.33 21.20 -34.76
N ASP A 728 16.26 21.86 -34.30
CA ASP A 728 15.09 22.12 -35.15
C ASP A 728 15.48 22.89 -36.40
N SER A 729 16.37 23.89 -36.25
CA SER A 729 16.82 24.63 -37.43
C SER A 729 17.59 23.73 -38.36
N ALA A 730 18.46 22.87 -37.81
CA ALA A 730 19.20 21.92 -38.63
C ALA A 730 18.27 20.87 -39.22
N GLY A 731 17.28 20.43 -38.46
CA GLY A 731 16.30 19.48 -38.98
C GLY A 731 15.49 20.04 -40.13
N ARG A 732 15.10 21.32 -40.02
CA ARG A 732 14.34 21.99 -41.08
C ARG A 732 15.12 22.05 -42.38
N SER A 733 16.42 22.34 -42.29
CA SER A 733 17.28 22.36 -43.47
C SER A 733 17.36 20.98 -44.14
N ALA A 734 17.55 19.93 -43.35
CA ALA A 734 17.61 18.58 -43.90
C ALA A 734 16.30 18.16 -44.56
N GLU A 735 15.17 18.50 -43.94
CA GLU A 735 13.85 18.15 -44.45
C GLU A 735 13.61 18.75 -45.83
N MET A 736 13.84 20.06 -45.97
CA MET A 736 13.53 20.76 -47.21
C MET A 736 14.36 20.29 -48.40
N ASN A 737 15.59 19.84 -48.15
CA ASN A 737 16.43 19.32 -49.23
C ASN A 737 15.92 18.00 -49.79
N LEU A 738 15.09 17.26 -49.07
CA LEU A 738 14.69 15.94 -49.54
C LEU A 738 13.70 16.07 -50.69
N LYS A 739 13.93 15.32 -51.76
CA LYS A 739 13.06 15.38 -52.90
C LYS A 739 11.74 14.70 -52.59
N ASP A 740 10.72 15.02 -53.39
CA ASP A 740 9.43 14.34 -53.29
C ASP A 740 9.50 12.82 -53.45
N LEU A 741 10.42 12.30 -54.25
CA LEU A 741 10.47 10.87 -54.42
C LEU A 741 11.12 10.12 -53.27
N ASN A 742 11.86 10.82 -52.40
CA ASN A 742 12.51 10.21 -51.24
C ASN A 742 11.49 9.49 -50.36
N ASN A 743 11.79 8.24 -50.06
CA ASN A 743 10.85 7.33 -49.42
C ASN A 743 10.56 7.70 -47.97
N VAL A 744 11.57 8.18 -47.22
CA VAL A 744 11.32 8.68 -45.87
C VAL A 744 10.32 9.82 -45.89
N LYS A 745 10.46 10.75 -46.84
CA LYS A 745 9.55 11.88 -46.95
C LYS A 745 8.13 11.45 -47.24
N GLN A 746 7.94 10.39 -48.01
CA GLN A 746 6.59 9.94 -48.33
C GLN A 746 5.85 9.41 -47.11
N MET A 747 6.53 8.68 -46.23
CA MET A 747 5.87 8.22 -45.01
C MET A 747 5.58 9.36 -44.05
N VAL A 748 6.51 10.30 -43.89
CA VAL A 748 6.25 11.44 -43.02
C VAL A 748 5.09 12.28 -43.55
N SER A 749 5.04 12.47 -44.87
CA SER A 749 3.99 13.29 -45.45
C SER A 749 2.64 12.60 -45.39
N ALA A 750 2.59 11.27 -45.54
CA ALA A 750 1.34 10.57 -45.38
C ALA A 750 0.84 10.52 -43.95
N GLY A 751 1.70 10.72 -42.96
CA GLY A 751 1.21 10.50 -41.62
C GLY A 751 1.12 9.06 -41.17
N SER A 752 1.72 8.12 -41.89
CA SER A 752 1.51 6.72 -41.55
C SER A 752 2.47 6.20 -40.51
N LYS A 753 3.63 6.83 -40.35
CA LYS A 753 4.63 6.51 -39.34
C LYS A 753 5.68 7.59 -39.43
N GLY A 754 6.20 8.02 -38.29
CA GLY A 754 7.27 8.98 -38.33
C GLY A 754 6.75 10.41 -38.32
N SER A 755 7.66 11.33 -38.03
CA SER A 755 7.34 12.75 -37.95
C SER A 755 8.62 13.50 -38.24
N PHE A 756 8.51 14.84 -38.24
CA PHE A 756 9.61 15.75 -38.58
C PHE A 756 10.88 15.41 -37.81
N ILE A 757 10.76 15.22 -36.48
CA ILE A 757 11.89 14.97 -35.60
C ILE A 757 12.67 13.71 -36.02
N ASN A 758 12.00 12.75 -36.66
CA ASN A 758 12.67 11.51 -37.07
C ASN A 758 13.58 11.75 -38.27
N ILE A 759 13.16 12.58 -39.22
CA ILE A 759 14.04 12.99 -40.32
C ILE A 759 15.25 13.71 -39.75
N ALA A 760 15.00 14.62 -38.80
CA ALA A 760 16.06 15.41 -38.16
C ALA A 760 17.10 14.51 -37.50
N GLN A 761 16.66 13.52 -36.73
CA GLN A 761 17.60 12.72 -35.97
C GLN A 761 18.34 11.70 -36.81
N MET A 762 17.73 11.19 -37.87
CA MET A 762 18.45 10.23 -38.71
C MET A 762 19.49 10.93 -39.56
N SER A 763 19.22 12.15 -40.01
CA SER A 763 20.02 12.76 -41.05
C SER A 763 20.86 13.94 -40.60
N ALA A 764 20.43 14.69 -39.60
CA ALA A 764 21.09 15.94 -39.26
C ALA A 764 21.76 15.95 -37.90
N CYS A 765 21.02 15.70 -36.82
CA CYS A 765 21.53 15.91 -35.48
C CYS A 765 20.57 15.31 -34.45
N VAL A 766 21.07 14.39 -33.62
CA VAL A 766 20.25 13.75 -32.60
C VAL A 766 19.80 14.75 -31.56
N GLY A 767 20.68 15.62 -31.12
CA GLY A 767 20.31 16.73 -30.28
C GLY A 767 20.49 16.47 -28.81
N GLN A 768 19.88 17.33 -28.02
CA GLN A 768 20.14 17.36 -26.58
C GLN A 768 19.52 16.17 -25.86
N GLN A 769 20.32 15.53 -25.00
CA GLN A 769 19.86 14.43 -24.16
C GLN A 769 19.45 14.98 -22.80
N MET A 770 18.28 14.59 -22.32
CA MET A 770 17.75 15.09 -21.07
C MET A 770 17.58 13.96 -20.08
N VAL A 771 17.83 14.24 -18.80
CA VAL A 771 17.53 13.33 -17.70
C VAL A 771 16.89 14.14 -16.58
N GLU A 772 15.71 13.67 -16.12
CA GLU A 772 14.91 14.31 -15.07
C GLU A 772 14.62 15.78 -15.39
N GLY A 773 14.36 16.05 -16.66
CA GLY A 773 14.07 17.39 -17.11
C GLY A 773 15.25 18.33 -17.18
N LYS A 774 16.47 17.87 -16.86
CA LYS A 774 17.63 18.72 -16.82
C LYS A 774 18.71 18.10 -17.70
N ARG A 775 19.73 18.89 -18.03
CA ARG A 775 20.90 18.33 -18.69
C ARG A 775 21.62 17.34 -17.79
N ILE A 776 22.54 16.58 -18.40
CA ILE A 776 23.27 15.50 -17.73
C ILE A 776 24.00 16.02 -16.50
N ALA A 777 23.83 15.34 -15.38
CA ALA A 777 24.35 15.84 -14.13
C ALA A 777 25.80 15.44 -13.93
N PHE A 778 26.47 16.16 -13.04
CA PHE A 778 27.85 15.88 -12.67
C PHE A 778 27.87 14.72 -11.69
N GLY A 779 27.76 13.50 -12.21
CA GLY A 779 27.80 12.33 -11.34
C GLY A 779 29.18 11.96 -10.85
N PHE A 780 30.21 12.33 -11.59
CA PHE A 780 31.54 12.41 -11.02
C PHE A 780 31.69 13.78 -10.40
N ALA A 781 32.74 13.95 -9.59
CA ALA A 781 32.99 15.24 -8.94
C ALA A 781 33.29 16.32 -9.97
N ASP A 782 32.35 17.25 -10.16
CA ASP A 782 32.45 18.40 -11.06
C ASP A 782 32.67 18.06 -12.53
N ARG A 783 32.32 16.85 -12.98
CA ARG A 783 32.40 16.52 -14.40
C ARG A 783 31.46 15.36 -14.69
N SER A 784 31.11 15.24 -15.96
CA SER A 784 30.16 14.22 -16.37
C SER A 784 30.79 12.87 -16.68
N LEU A 785 32.04 12.87 -17.12
CA LEU A 785 32.76 11.66 -17.46
C LEU A 785 34.22 11.94 -17.15
N PRO A 786 35.02 10.92 -16.84
CA PRO A 786 36.44 11.15 -16.60
C PRO A 786 37.25 11.54 -17.82
N HIS A 787 36.66 11.68 -19.00
CA HIS A 787 37.41 12.11 -20.16
C HIS A 787 37.37 13.61 -20.35
N PHE A 788 36.72 14.33 -19.44
CA PHE A 788 36.65 15.78 -19.51
C PHE A 788 37.32 16.38 -18.28
N THR A 789 37.80 17.61 -18.40
CA THR A 789 38.24 18.38 -17.25
C THR A 789 37.06 18.87 -16.43
N LYS A 790 37.33 19.21 -15.17
CA LYS A 790 36.31 19.73 -14.28
C LYS A 790 35.80 21.09 -14.73
N ASP A 791 34.58 21.41 -14.24
CA ASP A 791 33.90 22.70 -14.45
C ASP A 791 33.79 23.06 -15.93
N ASP A 792 33.43 22.09 -16.75
CA ASP A 792 33.24 22.25 -18.19
C ASP A 792 31.75 22.21 -18.49
N PHE A 793 31.18 23.35 -18.85
CA PHE A 793 29.75 23.46 -19.15
C PHE A 793 29.44 23.56 -20.63
N SER A 794 30.40 23.21 -21.50
CA SER A 794 30.23 23.28 -22.94
C SER A 794 29.16 22.28 -23.40
N PRO A 795 28.64 22.42 -24.64
CA PRO A 795 27.70 21.41 -25.18
C PRO A 795 28.15 19.95 -25.12
N GLU A 796 29.39 19.63 -25.52
CA GLU A 796 29.78 18.23 -25.59
C GLU A 796 29.91 17.62 -24.20
N SER A 797 30.16 18.45 -23.19
CA SER A 797 30.39 17.97 -21.84
C SER A 797 29.11 17.53 -21.15
N LYS A 798 27.99 18.14 -21.48
CA LYS A 798 26.76 17.89 -20.73
C LYS A 798 25.67 17.30 -21.61
N GLY A 799 26.07 16.55 -22.62
CA GLY A 799 25.18 15.63 -23.28
C GLY A 799 24.62 16.03 -24.62
N PHE A 800 25.22 16.99 -25.31
CA PHE A 800 24.77 17.32 -26.65
C PHE A 800 25.39 16.33 -27.62
N VAL A 801 24.54 15.59 -28.33
CA VAL A 801 24.97 14.59 -29.30
C VAL A 801 24.95 15.28 -30.66
N GLU A 802 26.13 15.65 -31.14
CA GLU A 802 26.21 16.41 -32.37
C GLU A 802 25.95 15.57 -33.61
N ASN A 803 26.43 14.34 -33.62
CA ASN A 803 26.29 13.49 -34.79
C ASN A 803 24.88 12.98 -34.97
N SER A 804 24.56 12.59 -36.21
CA SER A 804 23.34 11.88 -36.52
C SER A 804 23.56 10.39 -36.35
N TYR A 805 22.45 9.63 -36.29
CA TYR A 805 22.55 8.18 -36.23
C TYR A 805 23.22 7.59 -37.46
N LEU A 806 23.03 8.24 -38.61
CA LEU A 806 23.71 7.85 -39.85
C LEU A 806 25.22 7.97 -39.73
N ARG A 807 25.69 9.12 -39.26
CA ARG A 807 27.11 9.39 -39.10
C ARG A 807 27.75 8.46 -38.08
N GLY A 808 27.02 8.16 -37.03
CA GLY A 808 27.47 7.34 -35.93
C GLY A 808 27.87 8.20 -34.75
N LEU A 809 27.62 7.70 -33.56
CA LEU A 809 27.88 8.47 -32.36
C LEU A 809 29.28 8.18 -31.85
N THR A 810 29.89 9.20 -31.24
CA THR A 810 31.17 8.99 -30.60
C THR A 810 30.96 8.26 -29.28
N PRO A 811 32.02 7.68 -28.70
CA PRO A 811 31.88 7.00 -27.40
C PRO A 811 31.33 7.83 -26.26
N GLN A 812 31.70 9.11 -26.14
CA GLN A 812 31.16 9.93 -25.06
C GLN A 812 29.66 10.14 -25.24
N GLU A 813 29.27 10.58 -26.44
CA GLU A 813 27.87 10.77 -26.83
C GLU A 813 27.04 9.52 -26.62
N PHE A 814 27.60 8.35 -26.98
CA PHE A 814 26.91 7.07 -26.84
C PHE A 814 26.42 6.82 -25.43
N PHE A 815 27.28 7.00 -24.44
CA PHE A 815 26.88 6.74 -23.06
C PHE A 815 25.77 7.68 -22.63
N PHE A 816 25.91 8.98 -22.96
CA PHE A 816 24.90 9.96 -22.60
C PHE A 816 23.56 9.60 -23.22
N HIS A 817 23.59 9.13 -24.47
CA HIS A 817 22.37 8.69 -25.12
C HIS A 817 21.76 7.51 -24.41
N ALA A 818 22.61 6.62 -23.88
CA ALA A 818 22.10 5.47 -23.16
C ALA A 818 21.52 5.86 -21.81
N MET A 819 22.02 6.94 -21.20
CA MET A 819 21.41 7.45 -19.97
C MET A 819 20.01 7.97 -20.19
N ALA A 820 19.83 8.84 -21.19
CA ALA A 820 18.50 9.33 -21.53
C ALA A 820 17.57 8.20 -21.91
N GLY A 821 18.07 7.24 -22.68
CA GLY A 821 17.23 6.13 -23.10
C GLY A 821 16.76 5.26 -21.97
N ARG A 822 17.65 4.96 -21.02
CA ARG A 822 17.31 4.21 -19.83
C ARG A 822 16.17 4.84 -19.05
N GLU A 823 16.23 6.16 -18.85
CA GLU A 823 15.19 6.89 -18.13
C GLU A 823 13.81 6.69 -18.75
N GLY A 824 13.75 6.60 -20.07
CA GLY A 824 12.47 6.34 -20.73
C GLY A 824 11.93 4.95 -20.45
N LEU A 825 12.80 3.95 -20.43
CA LEU A 825 12.33 2.61 -20.11
C LEU A 825 11.89 2.50 -18.67
N ILE A 826 12.59 3.16 -17.76
CA ILE A 826 12.21 3.17 -16.34
C ILE A 826 10.87 3.88 -16.16
N ASP A 827 10.73 5.06 -16.78
CA ASP A 827 9.51 5.85 -16.67
C ASP A 827 8.29 5.08 -17.13
N THR A 828 8.36 4.50 -18.34
CA THR A 828 7.25 3.72 -18.89
C THR A 828 6.91 2.55 -17.97
N ALA A 829 7.93 1.91 -17.40
CA ALA A 829 7.71 0.74 -16.56
C ALA A 829 7.17 1.14 -15.19
N VAL A 830 7.51 2.33 -14.70
CA VAL A 830 7.14 2.75 -13.36
C VAL A 830 5.75 3.34 -13.50
N LYS A 831 5.62 4.46 -14.25
CA LYS A 831 4.39 5.22 -14.28
C LYS A 831 3.19 4.49 -14.90
N THR A 832 3.38 3.28 -15.46
CA THR A 832 2.23 2.53 -15.93
C THR A 832 1.38 2.04 -14.76
N ALA A 833 2.03 1.71 -13.64
CA ALA A 833 1.31 1.29 -12.45
C ALA A 833 0.69 2.44 -11.71
N GLU A 834 1.27 3.63 -11.83
CA GLU A 834 0.68 4.83 -11.24
C GLU A 834 -0.68 5.12 -11.87
N THR A 835 -0.75 5.10 -13.19
CA THR A 835 -2.00 5.38 -13.89
C THR A 835 -2.95 4.21 -13.82
N GLY A 836 -2.43 3.01 -13.61
CA GLY A 836 -3.30 1.85 -13.49
C GLY A 836 -4.10 1.93 -12.21
N TYR A 837 -3.45 2.34 -11.13
CA TYR A 837 -4.15 2.59 -9.87
C TYR A 837 -5.17 3.71 -9.99
N ILE A 838 -4.83 4.79 -10.70
CA ILE A 838 -5.77 5.88 -10.94
C ILE A 838 -7.06 5.39 -11.60
N GLN A 839 -6.93 4.55 -12.62
CA GLN A 839 -8.12 4.11 -13.33
C GLN A 839 -8.99 3.21 -12.45
N ARG A 840 -8.37 2.36 -11.64
CA ARG A 840 -9.13 1.51 -10.74
C ARG A 840 -9.97 2.32 -9.73
N ARG A 841 -9.40 3.33 -9.09
CA ARG A 841 -10.20 4.14 -8.16
C ARG A 841 -11.32 4.90 -8.85
N LEU A 842 -11.06 5.46 -10.04
CA LEU A 842 -12.09 6.14 -10.81
C LEU A 842 -13.28 5.23 -11.15
N VAL A 843 -13.02 4.00 -11.55
CA VAL A 843 -14.11 3.11 -11.95
C VAL A 843 -15.00 2.77 -10.75
N LYS A 844 -14.39 2.44 -9.61
CA LYS A 844 -15.17 2.13 -8.41
C LYS A 844 -15.95 3.32 -7.90
N ALA A 845 -15.41 4.53 -8.04
CA ALA A 845 -16.15 5.72 -7.68
C ALA A 845 -17.40 5.91 -8.53
N LEU A 846 -17.38 5.50 -9.79
CA LEU A 846 -18.42 5.91 -10.72
C LEU A 846 -19.28 4.79 -11.27
N GLU A 847 -18.99 3.52 -10.93
CA GLU A 847 -19.55 2.38 -11.65
C GLU A 847 -21.07 2.29 -11.59
N ASP A 848 -21.69 2.73 -10.50
CA ASP A 848 -23.12 2.60 -10.28
C ASP A 848 -23.96 3.76 -10.81
N ILE A 849 -23.40 4.65 -11.62
CA ILE A 849 -24.10 5.86 -12.04
C ILE A 849 -24.79 5.62 -13.36
N MET A 850 -26.10 5.85 -13.41
CA MET A 850 -26.90 5.44 -14.54
C MET A 850 -27.86 6.57 -14.87
N VAL A 851 -28.17 6.71 -16.16
CA VAL A 851 -29.23 7.59 -16.63
C VAL A 851 -30.58 6.91 -16.46
N HIS A 852 -31.52 7.58 -15.83
CA HIS A 852 -32.83 6.99 -15.60
C HIS A 852 -33.81 7.58 -16.62
N TYR A 853 -35.00 7.01 -16.66
CA TYR A 853 -35.98 7.39 -17.67
C TYR A 853 -36.55 8.79 -17.54
N ASP A 854 -36.35 9.48 -16.43
CA ASP A 854 -36.77 10.87 -16.33
C ASP A 854 -35.68 11.84 -16.74
N GLY A 855 -34.58 11.34 -17.29
CA GLY A 855 -33.48 12.18 -17.68
C GLY A 855 -32.48 12.48 -16.60
N THR A 856 -32.80 12.19 -15.33
CA THR A 856 -31.85 12.50 -14.27
C THR A 856 -30.70 11.50 -14.31
N THR A 857 -29.58 11.90 -13.74
CA THR A 857 -28.43 11.03 -13.57
C THR A 857 -28.26 10.67 -12.10
N ARG A 858 -28.35 9.39 -11.77
CA ARG A 858 -28.40 9.00 -10.37
C ARG A 858 -27.49 7.83 -10.09
N ASN A 859 -27.13 7.68 -8.82
CA ASN A 859 -26.38 6.50 -8.40
C ASN A 859 -27.36 5.45 -7.88
N SER A 860 -26.84 4.42 -7.22
CA SER A 860 -27.69 3.33 -6.75
C SER A 860 -28.55 3.72 -5.57
N LEU A 861 -28.21 4.77 -4.86
CA LEU A 861 -29.07 5.25 -3.78
C LEU A 861 -30.18 6.15 -4.29
N GLY A 862 -30.23 6.43 -5.58
CA GLY A 862 -31.19 7.41 -6.05
C GLY A 862 -30.82 8.85 -5.75
N ASP A 863 -29.60 9.12 -5.30
CA ASP A 863 -29.16 10.49 -5.19
C ASP A 863 -29.06 11.10 -6.58
N ILE A 864 -29.49 12.33 -6.74
CA ILE A 864 -29.33 13.04 -8.01
C ILE A 864 -27.91 13.57 -8.12
N ILE A 865 -27.19 13.17 -9.16
CA ILE A 865 -25.90 13.79 -9.41
C ILE A 865 -26.00 14.94 -10.40
N GLN A 866 -26.78 14.79 -11.46
CA GLN A 866 -27.13 15.86 -12.38
C GLN A 866 -28.61 15.74 -12.70
N PHE A 867 -29.31 16.86 -12.75
CA PHE A 867 -30.72 16.83 -13.11
C PHE A 867 -30.94 16.48 -14.57
N LEU A 868 -29.94 16.66 -15.42
CA LEU A 868 -30.07 16.26 -16.82
C LEU A 868 -28.67 15.94 -17.29
N TYR A 869 -28.50 14.76 -17.89
CA TYR A 869 -27.16 14.27 -18.23
C TYR A 869 -26.41 15.18 -19.19
N GLY A 870 -25.20 15.56 -18.81
CA GLY A 870 -24.37 16.43 -19.61
C GLY A 870 -24.90 17.82 -19.81
N GLU A 871 -25.92 18.20 -19.06
CA GLU A 871 -26.72 19.42 -19.16
C GLU A 871 -27.41 19.60 -20.51
N ASP A 872 -27.36 18.61 -21.41
CA ASP A 872 -28.03 18.71 -22.69
C ASP A 872 -28.83 17.48 -23.10
N GLY A 873 -28.81 16.41 -22.32
CA GLY A 873 -29.53 15.21 -22.70
C GLY A 873 -28.98 14.46 -23.89
N LEU A 874 -27.74 14.70 -24.29
CA LEU A 874 -27.22 14.16 -25.55
C LEU A 874 -26.25 13.01 -25.31
N ASP A 875 -26.12 12.17 -26.32
CA ASP A 875 -25.14 11.09 -26.31
C ASP A 875 -23.85 11.61 -26.93
N GLY A 876 -22.73 11.32 -26.25
CA GLY A 876 -21.41 11.79 -26.69
C GLY A 876 -21.01 11.43 -28.11
N THR A 877 -21.51 10.33 -28.65
CA THR A 877 -21.14 9.96 -30.02
C THR A 877 -21.83 10.79 -31.10
N GLN A 878 -22.72 11.70 -30.74
CA GLN A 878 -23.63 12.30 -31.72
C GLN A 878 -23.42 13.78 -31.90
N VAL A 879 -22.31 14.34 -31.43
CA VAL A 879 -22.08 15.77 -31.53
C VAL A 879 -20.83 16.02 -32.36
N GLU A 880 -20.78 17.19 -32.99
CA GLU A 880 -19.64 17.59 -33.82
C GLU A 880 -19.41 19.09 -33.66
N ARG A 881 -18.16 19.53 -33.84
CA ARG A 881 -17.87 20.95 -33.77
C ARG A 881 -18.58 21.67 -34.89
N GLN A 882 -19.36 22.68 -34.54
CA GLN A 882 -20.06 23.50 -35.51
C GLN A 882 -19.89 24.96 -35.11
N THR A 883 -19.88 25.84 -36.11
CA THR A 883 -19.77 27.27 -35.83
C THR A 883 -21.13 27.91 -35.69
N ILE A 884 -21.28 28.74 -34.67
CA ILE A 884 -22.53 29.45 -34.37
C ILE A 884 -22.39 30.87 -34.91
N ASP A 885 -23.03 31.17 -36.03
CA ASP A 885 -22.59 32.28 -36.86
C ASP A 885 -23.02 33.64 -36.33
N THR A 886 -23.79 33.72 -35.26
CA THR A 886 -24.12 35.02 -34.71
C THR A 886 -23.09 35.54 -33.74
N ILE A 887 -22.02 34.79 -33.47
CA ILE A 887 -21.05 35.26 -32.48
C ILE A 887 -19.94 36.12 -33.10
N PRO A 888 -19.22 35.74 -34.16
CA PRO A 888 -18.12 36.59 -34.60
C PRO A 888 -18.62 37.75 -35.46
N GLY A 889 -17.68 38.59 -35.87
CA GLY A 889 -17.94 39.69 -36.77
C GLY A 889 -18.40 40.95 -36.09
N SER A 890 -18.30 42.06 -36.82
CA SER A 890 -18.81 43.34 -36.38
C SER A 890 -20.32 43.43 -36.57
N ASP A 891 -20.93 44.35 -35.83
CA ASP A 891 -22.35 44.69 -35.97
C ASP A 891 -22.71 45.05 -37.41
N LYS A 892 -21.81 45.72 -38.12
CA LYS A 892 -22.07 46.09 -39.50
C LYS A 892 -22.14 44.87 -40.41
N ALA A 893 -21.15 43.99 -40.31
CA ALA A 893 -21.14 42.76 -41.11
C ALA A 893 -22.34 41.88 -40.76
N PHE A 894 -22.66 41.81 -39.48
CA PHE A 894 -23.87 41.15 -38.99
C PHE A 894 -25.12 41.71 -39.66
N HIS A 895 -25.29 43.03 -39.60
CA HIS A 895 -26.46 43.68 -40.17
C HIS A 895 -26.57 43.45 -41.67
N LYS A 896 -25.43 43.47 -42.37
CA LYS A 896 -25.39 43.22 -43.80
C LYS A 896 -25.93 41.84 -44.15
N ARG A 897 -25.64 40.86 -43.29
CA ARG A 897 -25.98 39.46 -43.54
C ARG A 897 -27.44 39.13 -43.20
N TYR A 898 -28.01 39.75 -42.17
CA TYR A 898 -29.29 39.32 -41.60
C TYR A 898 -30.48 40.24 -41.85
N TYR A 899 -30.27 41.52 -42.07
CA TYR A 899 -31.35 42.50 -42.15
C TYR A 899 -32.06 42.55 -43.48
N VAL A 900 -33.38 42.62 -43.43
CA VAL A 900 -34.22 42.79 -44.62
C VAL A 900 -35.01 44.07 -44.43
N ASP A 901 -34.91 44.96 -45.40
CA ASP A 901 -35.59 46.25 -45.37
C ASP A 901 -36.61 46.26 -46.49
N LEU A 902 -37.89 46.16 -46.16
CA LEU A 902 -38.89 46.20 -47.21
C LEU A 902 -39.19 47.61 -47.70
N MET A 903 -38.54 48.64 -47.16
CA MET A 903 -38.73 50.00 -47.61
C MET A 903 -37.60 50.45 -48.54
N ASP A 904 -36.39 50.51 -48.01
CA ASP A 904 -35.20 50.82 -48.82
C ASP A 904 -34.97 49.66 -49.79
N GLU A 905 -35.19 49.92 -51.07
CA GLU A 905 -35.16 48.87 -52.10
C GLU A 905 -33.79 48.21 -52.28
N LYS A 906 -32.71 48.98 -52.16
CA LYS A 906 -31.36 48.47 -52.35
C LYS A 906 -30.82 47.71 -51.14
N ASN A 907 -31.56 47.66 -50.04
CA ASN A 907 -31.19 46.83 -48.90
C ASN A 907 -32.22 45.75 -48.65
N SER A 908 -33.02 45.43 -49.66
CA SER A 908 -33.99 44.36 -49.62
C SER A 908 -33.43 43.11 -50.27
N ILE A 909 -34.29 42.10 -50.43
CA ILE A 909 -33.90 40.86 -51.06
C ILE A 909 -33.86 41.08 -52.56
N LYS A 910 -32.84 40.49 -53.21
CA LYS A 910 -32.66 40.62 -54.65
C LYS A 910 -33.88 40.08 -55.40
N PRO A 911 -34.31 40.73 -56.48
CA PRO A 911 -35.56 40.33 -57.14
C PRO A 911 -35.49 39.03 -57.93
N ASP A 912 -34.32 38.60 -58.38
CA ASP A 912 -34.21 37.42 -59.21
C ASP A 912 -34.29 36.10 -58.44
N VAL A 913 -34.27 36.13 -57.10
CA VAL A 913 -34.37 34.89 -56.35
C VAL A 913 -35.78 34.57 -55.88
N ILE A 914 -36.74 35.48 -56.04
CA ILE A 914 -38.13 35.21 -55.65
C ILE A 914 -39.07 35.59 -56.79
N GLU A 915 -40.21 34.90 -56.87
CA GLU A 915 -41.22 35.22 -57.87
C GLU A 915 -42.12 36.37 -57.42
N TYR A 916 -42.51 36.37 -56.15
CA TYR A 916 -43.45 37.32 -55.56
C TYR A 916 -42.81 38.66 -55.21
N ALA A 917 -41.72 39.03 -55.87
CA ALA A 917 -40.91 40.20 -55.54
C ALA A 917 -41.71 41.48 -55.55
N ALA A 918 -42.73 41.59 -56.41
CA ALA A 918 -43.54 42.79 -56.50
C ALA A 918 -44.32 43.03 -55.21
N ASP A 919 -45.01 42.01 -54.69
CA ASP A 919 -45.85 42.18 -53.51
C ASP A 919 -45.07 42.31 -52.20
N ILE A 920 -43.76 42.59 -52.27
CA ILE A 920 -42.90 42.60 -51.10
C ILE A 920 -42.66 44.01 -50.58
N LEU A 921 -42.16 44.90 -51.46
CA LEU A 921 -41.71 46.22 -51.02
C LEU A 921 -42.86 47.06 -50.48
N GLY A 922 -42.63 47.66 -49.32
CA GLY A 922 -43.58 48.57 -48.72
C GLY A 922 -44.46 47.95 -47.67
N ASP A 923 -44.67 46.63 -47.73
CA ASP A 923 -45.54 45.87 -46.85
C ASP A 923 -45.08 45.98 -45.39
N VAL A 924 -45.78 46.83 -44.63
CA VAL A 924 -45.43 47.05 -43.23
C VAL A 924 -45.79 45.85 -42.38
N GLU A 925 -46.83 45.11 -42.76
CA GLU A 925 -47.25 43.94 -42.00
C GLU A 925 -46.25 42.79 -42.10
N LEU A 926 -45.62 42.61 -43.26
CA LEU A 926 -44.55 41.63 -43.38
C LEU A 926 -43.27 42.11 -42.71
N GLN A 927 -43.07 43.43 -42.62
CA GLN A 927 -41.93 44.00 -41.92
C GLN A 927 -42.01 43.81 -40.41
N LYS A 928 -43.21 43.62 -39.85
CA LYS A 928 -43.30 43.37 -38.41
C LYS A 928 -42.72 42.03 -38.02
N GLU A 929 -42.91 41.01 -38.86
CA GLU A 929 -42.28 39.71 -38.62
C GLU A 929 -40.77 39.81 -38.71
N LEU A 930 -40.26 40.33 -39.83
CA LEU A 930 -38.81 40.46 -40.04
C LEU A 930 -38.13 41.33 -38.99
N ASN A 931 -38.86 42.29 -38.42
CA ASN A 931 -38.28 43.04 -37.31
C ASN A 931 -38.17 42.16 -36.08
N SER A 932 -39.22 41.37 -35.81
CA SER A 932 -39.22 40.45 -34.68
C SER A 932 -38.18 39.36 -34.85
N GLU A 933 -37.93 38.93 -36.10
CA GLU A 933 -36.85 38.00 -36.38
C GLU A 933 -35.51 38.61 -36.00
N TYR A 934 -35.21 39.80 -36.50
CA TYR A 934 -33.92 40.43 -36.24
C TYR A 934 -33.75 40.77 -34.77
N GLU A 935 -34.85 41.13 -34.09
CA GLU A 935 -34.79 41.41 -32.66
C GLU A 935 -34.45 40.16 -31.88
N GLN A 936 -35.00 39.02 -32.30
CA GLN A 936 -34.67 37.74 -31.69
C GLN A 936 -33.19 37.43 -31.85
N LEU A 937 -32.66 37.62 -33.07
CA LEU A 937 -31.24 37.42 -33.34
C LEU A 937 -30.36 38.36 -32.53
N VAL A 938 -30.83 39.56 -32.22
CA VAL A 938 -30.04 40.49 -31.43
C VAL A 938 -29.95 40.05 -29.98
N SER A 939 -31.07 39.59 -29.42
CA SER A 939 -31.07 38.97 -28.09
C SER A 939 -30.07 37.83 -27.96
N ASP A 940 -30.12 36.86 -28.89
CA ASP A 940 -29.19 35.73 -28.89
C ASP A 940 -27.73 36.16 -28.89
N ARG A 941 -27.35 37.00 -29.85
CA ARG A 941 -25.96 37.49 -29.95
C ARG A 941 -25.53 38.19 -28.68
N LYS A 942 -26.42 38.95 -28.05
CA LYS A 942 -26.07 39.66 -26.83
C LYS A 942 -25.92 38.69 -25.66
N PHE A 943 -26.88 37.77 -25.53
CA PHE A 943 -26.81 36.71 -24.51
C PHE A 943 -25.55 35.86 -24.65
N LEU A 944 -25.26 35.37 -25.86
CA LEU A 944 -24.12 34.47 -26.05
C LEU A 944 -22.78 35.16 -25.88
N ARG A 945 -22.67 36.41 -26.27
CA ARG A 945 -21.36 37.07 -26.24
C ARG A 945 -21.04 37.59 -24.85
N GLU A 946 -22.04 37.88 -24.03
CA GLU A 946 -21.78 38.49 -22.73
C GLU A 946 -21.89 37.53 -21.56
N ILE A 947 -22.54 36.38 -21.74
CA ILE A 947 -22.81 35.44 -20.65
C ILE A 947 -22.19 34.08 -20.94
N VAL A 948 -22.47 33.52 -22.11
CA VAL A 948 -22.08 32.14 -22.41
C VAL A 948 -20.61 32.07 -22.84
N PHE A 949 -20.24 32.78 -23.89
CA PHE A 949 -18.91 32.59 -24.52
C PHE A 949 -18.19 33.92 -24.52
N VAL A 950 -17.68 34.30 -23.35
CA VAL A 950 -17.08 35.61 -23.13
C VAL A 950 -15.83 35.81 -23.98
N ASN A 951 -15.04 34.76 -24.16
CA ASN A 951 -13.80 34.89 -24.94
C ASN A 951 -13.99 34.90 -26.45
N GLY A 952 -15.21 34.77 -26.95
CA GLY A 952 -15.46 34.88 -28.38
C GLY A 952 -15.34 33.62 -29.18
N ASP A 953 -15.03 32.48 -28.56
CA ASP A 953 -14.98 31.21 -29.28
C ASP A 953 -16.35 30.88 -29.83
N HIS A 954 -16.42 30.56 -31.12
CA HIS A 954 -17.70 30.39 -31.75
C HIS A 954 -17.83 29.03 -32.40
N ASN A 955 -16.80 28.20 -32.28
CA ASN A 955 -16.80 26.83 -32.76
C ASN A 955 -16.92 25.93 -31.54
N TRP A 956 -17.98 25.12 -31.47
CA TRP A 956 -18.28 24.36 -30.27
C TRP A 956 -18.96 23.05 -30.62
N PRO A 957 -18.73 21.99 -29.84
CA PRO A 957 -19.47 20.74 -30.02
C PRO A 957 -20.95 20.98 -29.80
N LEU A 958 -21.74 20.58 -30.78
CA LEU A 958 -23.19 20.73 -30.81
C LEU A 958 -23.80 19.56 -31.57
N PRO A 959 -25.07 19.24 -31.32
CA PRO A 959 -25.72 18.12 -32.01
C PRO A 959 -26.03 18.52 -33.44
N VAL A 960 -26.46 17.50 -34.21
CA VAL A 960 -26.91 17.50 -35.61
C VAL A 960 -26.52 18.69 -36.47
N ASN A 961 -25.50 18.44 -37.29
CA ASN A 961 -24.78 19.37 -38.15
C ASN A 961 -25.62 19.83 -39.32
N LEU A 962 -26.03 21.09 -39.24
CA LEU A 962 -26.96 21.68 -40.18
C LEU A 962 -26.33 21.92 -41.54
N ARG A 963 -25.03 22.27 -41.55
CA ARG A 963 -24.33 22.48 -42.82
C ARG A 963 -24.38 21.26 -43.73
N ARG A 964 -24.23 20.07 -43.17
CA ARG A 964 -24.27 18.89 -44.01
C ARG A 964 -25.70 18.59 -44.48
N ILE A 965 -26.69 18.83 -43.62
CA ILE A 965 -28.09 18.57 -43.97
C ILE A 965 -28.54 19.45 -45.12
N ILE A 966 -28.08 20.69 -45.14
CA ILE A 966 -28.51 21.63 -46.18
C ILE A 966 -27.90 21.25 -47.51
N GLN A 967 -26.60 20.97 -47.54
CA GLN A 967 -25.96 20.64 -48.81
C GLN A 967 -26.41 19.29 -49.36
N ASN A 968 -26.97 18.41 -48.52
CA ASN A 968 -27.62 17.20 -49.05
C ASN A 968 -28.95 17.56 -49.70
N ALA A 969 -29.67 18.52 -49.12
CA ALA A 969 -30.93 18.95 -49.69
C ALA A 969 -30.70 19.62 -51.03
N GLN A 970 -29.58 20.33 -51.15
CA GLN A 970 -29.19 20.91 -52.43
C GLN A 970 -28.92 19.84 -53.49
N GLN A 971 -28.48 18.66 -53.09
CA GLN A 971 -28.23 17.63 -54.09
C GLN A 971 -29.48 16.87 -54.50
N ILE A 972 -30.34 16.49 -53.54
CA ILE A 972 -31.53 15.70 -53.85
C ILE A 972 -32.46 16.45 -54.78
N PHE A 973 -32.67 17.73 -54.53
CA PHE A 973 -33.63 18.48 -55.30
C PHE A 973 -32.97 19.34 -56.35
N HIS A 974 -31.66 19.12 -56.63
CA HIS A 974 -30.92 19.84 -57.67
C HIS A 974 -31.05 21.34 -57.45
N LEU A 975 -30.76 21.77 -56.23
CA LEU A 975 -30.88 23.19 -55.94
C LEU A 975 -29.85 24.18 -56.49
N ASP A 976 -29.30 23.87 -57.67
CA ASP A 976 -28.71 24.86 -58.56
C ASP A 976 -29.90 25.63 -59.14
N ARG A 977 -29.63 26.56 -60.06
CA ARG A 977 -30.70 27.33 -60.69
C ARG A 977 -30.75 28.77 -60.20
N ALA A 978 -31.00 29.70 -61.13
CA ALA A 978 -31.45 31.04 -60.78
C ALA A 978 -32.97 31.12 -60.79
N LYS A 979 -33.63 30.00 -61.09
CA LYS A 979 -35.08 29.94 -61.13
C LYS A 979 -35.68 30.46 -59.83
N ALA A 980 -36.12 31.71 -59.85
CA ALA A 980 -36.72 32.33 -58.68
C ALA A 980 -37.55 31.33 -57.89
N SER A 981 -37.43 31.42 -56.57
CA SER A 981 -38.08 30.51 -55.63
C SER A 981 -39.52 30.91 -55.35
N ASP A 982 -40.38 29.90 -55.22
CA ASP A 982 -41.76 30.05 -54.83
C ASP A 982 -41.98 29.92 -53.32
N LEU A 983 -40.95 30.09 -52.51
CA LEU A 983 -41.03 29.87 -51.07
C LEU A 983 -41.30 31.22 -50.43
N THR A 984 -42.49 31.38 -49.85
CA THR A 984 -42.88 32.68 -49.33
C THR A 984 -42.26 32.97 -47.96
N ILE A 985 -42.16 34.25 -47.66
CA ILE A 985 -41.51 34.70 -46.43
C ILE A 985 -42.23 34.25 -45.14
N PRO A 986 -43.58 34.38 -45.01
CA PRO A 986 -44.21 33.88 -43.76
C PRO A 986 -44.05 32.39 -43.54
N GLU A 987 -43.89 31.60 -44.59
CA GLU A 987 -43.62 30.18 -44.41
C GLU A 987 -42.28 29.95 -43.71
N ILE A 988 -41.28 30.77 -44.04
CA ILE A 988 -39.96 30.63 -43.43
C ILE A 988 -39.98 30.98 -41.95
N ILE A 989 -40.49 32.17 -41.61
CA ILE A 989 -40.43 32.67 -40.24
C ILE A 989 -41.27 31.82 -39.30
N HIS A 990 -42.47 31.45 -39.75
CA HIS A 990 -43.33 30.61 -38.92
C HIS A 990 -42.84 29.17 -38.90
N GLY A 991 -42.29 28.68 -40.02
CA GLY A 991 -41.72 27.35 -40.04
C GLY A 991 -40.62 27.14 -39.01
N VAL A 992 -39.62 28.03 -39.00
CA VAL A 992 -38.49 27.91 -38.08
C VAL A 992 -38.93 28.07 -36.62
N ARG A 993 -39.81 29.03 -36.34
CA ARG A 993 -40.26 29.27 -34.98
C ARG A 993 -41.07 28.10 -34.42
N ASP A 994 -41.87 27.45 -35.27
CA ASP A 994 -42.63 26.28 -34.83
C ASP A 994 -41.73 25.07 -34.61
N LEU A 995 -40.64 24.96 -35.37
CA LEU A 995 -39.67 23.89 -35.18
C LEU A 995 -39.11 23.85 -33.77
N CYS A 996 -38.74 25.01 -33.22
CA CYS A 996 -38.09 25.08 -31.91
C CYS A 996 -38.98 24.66 -30.75
N LYS A 997 -40.26 24.41 -30.98
CA LYS A 997 -41.15 23.87 -29.97
C LYS A 997 -41.33 22.37 -30.06
N LYS A 998 -40.77 21.72 -31.08
CA LYS A 998 -40.89 20.28 -31.27
C LYS A 998 -39.60 19.53 -30.98
N LEU A 999 -38.58 20.19 -30.42
CA LEU A 999 -37.32 19.53 -30.13
C LEU A 999 -37.37 18.95 -28.72
N PHE A 1000 -38.18 17.90 -28.57
CA PHE A 1000 -38.56 17.39 -27.26
C PHE A 1000 -37.40 16.62 -26.66
N VAL A 1001 -36.86 17.13 -25.56
CA VAL A 1001 -36.00 16.33 -24.69
C VAL A 1001 -36.81 15.66 -23.59
N LEU A 1002 -37.71 16.41 -22.95
CA LEU A 1002 -38.56 15.92 -21.89
C LEU A 1002 -40.01 16.18 -22.23
N ARG A 1003 -40.86 15.17 -22.06
CA ARG A 1003 -42.27 15.31 -22.39
C ARG A 1003 -43.08 15.39 -21.11
N GLY A 1004 -44.24 16.03 -21.20
CA GLY A 1004 -45.07 16.31 -20.04
C GLY A 1004 -45.43 17.78 -20.10
N GLU A 1005 -46.57 18.11 -19.52
CA GLU A 1005 -47.10 19.47 -19.53
C GLU A 1005 -46.80 20.29 -18.29
N ASN A 1006 -46.23 19.69 -17.23
CA ASN A 1006 -45.86 20.41 -16.02
C ASN A 1006 -45.00 21.63 -16.34
N GLU A 1007 -45.30 22.72 -15.62
CA GLU A 1007 -44.67 24.03 -15.82
C GLU A 1007 -43.15 23.96 -15.67
N LEU A 1008 -42.67 23.17 -14.70
CA LEU A 1008 -41.23 23.05 -14.49
C LEU A 1008 -40.56 22.30 -15.63
N ILE A 1009 -41.24 21.32 -16.22
CA ILE A 1009 -40.69 20.56 -17.33
C ILE A 1009 -40.48 21.46 -18.55
N LYS A 1010 -41.48 22.28 -18.87
CA LYS A 1010 -41.37 23.18 -20.03
C LYS A 1010 -40.21 24.16 -19.87
N GLU A 1011 -39.99 24.64 -18.65
CA GLU A 1011 -38.83 25.51 -18.43
C GLU A 1011 -37.54 24.72 -18.63
N ALA A 1012 -37.47 23.51 -18.06
CA ALA A 1012 -36.31 22.64 -18.24
C ALA A 1012 -36.10 22.25 -19.70
N GLN A 1013 -37.20 21.97 -20.42
CA GLN A 1013 -37.10 21.61 -21.83
C GLN A 1013 -36.57 22.77 -22.65
N GLN A 1014 -36.98 23.98 -22.31
CA GLN A 1014 -36.53 25.17 -23.03
C GLN A 1014 -35.07 25.47 -22.72
N ASN A 1015 -34.68 25.28 -21.46
CA ASN A 1015 -33.29 25.49 -21.05
C ASN A 1015 -32.32 24.52 -21.72
N ALA A 1016 -32.69 23.24 -21.80
CA ALA A 1016 -31.83 22.21 -22.39
C ALA A 1016 -31.45 22.49 -23.84
N THR A 1017 -32.32 23.13 -24.60
CA THR A 1017 -32.10 23.34 -26.02
C THR A 1017 -31.82 24.79 -26.36
N SER A 1018 -31.52 25.63 -25.37
CA SER A 1018 -31.30 27.06 -25.60
C SER A 1018 -30.16 27.29 -26.59
N LEU A 1019 -29.02 26.64 -26.38
CA LEU A 1019 -27.88 26.86 -27.25
C LEU A 1019 -28.15 26.35 -28.66
N PHE A 1020 -28.79 25.18 -28.77
CA PHE A 1020 -29.08 24.61 -30.08
C PHE A 1020 -30.08 25.43 -30.88
N GLN A 1021 -31.12 25.97 -30.23
CA GLN A 1021 -32.07 26.86 -30.93
C GLN A 1021 -31.38 28.06 -31.54
N CYS A 1022 -30.46 28.68 -30.80
CA CYS A 1022 -29.69 29.80 -31.33
C CYS A 1022 -28.91 29.38 -32.57
N LEU A 1023 -28.32 28.18 -32.55
CA LEU A 1023 -27.60 27.66 -33.71
C LEU A 1023 -28.49 27.52 -34.93
N VAL A 1024 -29.70 26.99 -34.75
CA VAL A 1024 -30.64 26.80 -35.86
C VAL A 1024 -31.03 28.14 -36.44
N ARG A 1025 -31.50 29.06 -35.58
CA ARG A 1025 -31.93 30.39 -36.01
C ARG A 1025 -30.81 31.14 -36.72
N ALA A 1026 -29.56 30.92 -36.31
CA ALA A 1026 -28.44 31.59 -36.95
C ALA A 1026 -28.20 31.10 -38.37
N ARG A 1027 -28.67 29.89 -38.71
CA ARG A 1027 -28.52 29.34 -40.05
C ARG A 1027 -29.77 29.56 -40.89
N LEU A 1028 -30.93 29.26 -40.34
CA LEU A 1028 -32.19 29.38 -41.07
C LEU A 1028 -32.78 30.78 -40.92
N ALA A 1029 -31.94 31.76 -41.21
CA ALA A 1029 -32.31 33.16 -41.31
C ALA A 1029 -32.76 33.45 -42.73
N THR A 1030 -33.76 34.34 -42.83
CA THR A 1030 -34.45 34.66 -44.09
C THR A 1030 -33.51 34.90 -45.27
N ARG A 1031 -32.51 35.76 -45.12
CA ARG A 1031 -31.62 36.04 -46.25
C ARG A 1031 -30.82 34.82 -46.66
N ARG A 1032 -30.35 34.04 -45.70
CA ARG A 1032 -29.53 32.88 -46.03
C ARG A 1032 -30.35 31.78 -46.69
N ILE A 1033 -31.59 31.56 -46.26
CA ILE A 1033 -32.42 30.54 -46.86
C ILE A 1033 -32.69 30.86 -48.32
N LEU A 1034 -32.86 32.15 -48.62
CA LEU A 1034 -33.26 32.57 -49.95
C LEU A 1034 -32.08 32.90 -50.86
N GLU A 1035 -31.09 33.66 -50.36
CA GLU A 1035 -29.97 34.02 -51.22
C GLU A 1035 -28.91 32.92 -51.28
N GLU A 1036 -28.53 32.35 -50.15
CA GLU A 1036 -27.36 31.48 -50.10
C GLU A 1036 -27.71 30.02 -50.38
N PHE A 1037 -28.63 29.45 -49.61
CA PHE A 1037 -28.96 28.04 -49.81
C PHE A 1037 -29.97 27.83 -50.92
N ARG A 1038 -30.84 28.81 -51.18
CA ARG A 1038 -31.80 28.78 -52.30
C ARG A 1038 -32.77 27.61 -52.23
N LEU A 1039 -33.40 27.42 -51.08
CA LEU A 1039 -34.33 26.32 -50.95
C LEU A 1039 -35.68 26.68 -51.57
N ASN A 1040 -36.36 25.67 -52.09
CA ASN A 1040 -37.72 25.79 -52.57
C ASN A 1040 -38.69 25.26 -51.52
N ARG A 1041 -39.96 25.11 -51.91
CA ARG A 1041 -40.97 24.65 -50.97
C ARG A 1041 -40.77 23.20 -50.56
N ASP A 1042 -40.50 22.33 -51.54
CA ASP A 1042 -40.28 20.91 -51.28
C ASP A 1042 -39.07 20.65 -50.38
N ALA A 1043 -37.95 21.29 -50.70
CA ALA A 1043 -36.73 21.09 -49.94
C ALA A 1043 -36.79 21.64 -48.53
N PHE A 1044 -37.38 22.82 -48.33
CA PHE A 1044 -37.38 23.43 -47.01
C PHE A 1044 -38.20 22.63 -46.01
N GLU A 1045 -39.36 22.11 -46.42
CA GLU A 1045 -40.17 21.29 -45.53
C GLU A 1045 -39.44 20.00 -45.18
N TRP A 1046 -38.65 19.49 -46.12
CA TRP A 1046 -37.83 18.31 -45.88
C TRP A 1046 -36.74 18.59 -44.87
N VAL A 1047 -36.04 19.74 -45.00
CA VAL A 1047 -35.01 20.16 -44.04
C VAL A 1047 -35.55 20.23 -42.61
N LEU A 1048 -36.73 20.81 -42.41
CA LEU A 1048 -37.33 20.87 -41.08
C LEU A 1048 -37.60 19.49 -40.51
N GLY A 1049 -38.15 18.60 -41.33
CA GLY A 1049 -38.43 17.24 -40.89
C GLY A 1049 -37.18 16.46 -40.52
N THR A 1050 -36.10 16.66 -41.27
CA THR A 1050 -34.86 15.94 -40.99
C THR A 1050 -34.23 16.39 -39.68
N ILE A 1051 -34.14 17.71 -39.45
CA ILE A 1051 -33.61 18.27 -38.20
C ILE A 1051 -34.38 17.71 -37.02
N GLU A 1052 -35.72 17.72 -37.13
CA GLU A 1052 -36.58 17.22 -36.08
C GLU A 1052 -36.34 15.74 -35.80
N ALA A 1053 -36.18 14.95 -36.86
CA ALA A 1053 -35.96 13.52 -36.68
C ALA A 1053 -34.58 13.23 -36.11
N GLN A 1054 -33.55 13.90 -36.62
CA GLN A 1054 -32.19 13.61 -36.17
C GLN A 1054 -31.90 14.12 -34.77
N PHE A 1055 -32.57 15.19 -34.33
CA PHE A 1055 -32.34 15.64 -32.96
C PHE A 1055 -32.84 14.61 -31.95
N GLN A 1056 -34.01 14.02 -32.20
CA GLN A 1056 -34.52 12.97 -31.33
C GLN A 1056 -33.55 11.81 -31.24
N ARG A 1057 -33.02 11.39 -32.39
CA ARG A 1057 -32.06 10.30 -32.49
C ARG A 1057 -30.75 10.56 -31.75
N SER A 1058 -30.46 11.81 -31.39
CA SER A 1058 -29.21 12.20 -30.78
C SER A 1058 -29.31 12.27 -29.26
N LEU A 1059 -30.49 12.06 -28.71
CA LEU A 1059 -30.68 12.02 -27.26
C LEU A 1059 -30.00 10.77 -26.70
N VAL A 1060 -29.40 10.90 -25.52
CA VAL A 1060 -28.82 9.75 -24.85
C VAL A 1060 -29.94 8.78 -24.47
N HIS A 1061 -29.60 7.52 -24.48
CA HIS A 1061 -30.62 6.53 -24.22
C HIS A 1061 -30.65 6.18 -22.75
N PRO A 1062 -31.82 6.19 -22.12
CA PRO A 1062 -31.95 5.72 -20.74
C PRO A 1062 -31.40 4.31 -20.54
N GLY A 1063 -30.73 4.11 -19.41
CA GLY A 1063 -30.01 2.90 -19.14
C GLY A 1063 -28.53 2.96 -19.39
N GLU A 1064 -28.05 4.01 -20.04
CA GLU A 1064 -26.65 4.12 -20.42
C GLU A 1064 -25.80 4.32 -19.17
N MET A 1065 -24.79 3.49 -19.00
CA MET A 1065 -23.93 3.55 -17.82
C MET A 1065 -22.86 4.62 -18.03
N VAL A 1066 -23.29 5.88 -17.92
CA VAL A 1066 -22.43 7.01 -18.22
C VAL A 1066 -21.32 7.18 -17.21
N GLY A 1067 -21.47 6.59 -16.03
CA GLY A 1067 -20.45 6.61 -15.00
C GLY A 1067 -19.16 5.94 -15.43
N VAL A 1068 -19.27 4.68 -15.85
CA VAL A 1068 -18.11 3.90 -16.28
C VAL A 1068 -17.47 4.52 -17.50
N ILE A 1069 -18.28 5.03 -18.43
CA ILE A 1069 -17.77 5.69 -19.64
C ILE A 1069 -16.93 6.90 -19.28
N ALA A 1070 -17.40 7.69 -18.31
CA ALA A 1070 -16.62 8.81 -17.80
C ALA A 1070 -15.30 8.37 -17.22
N ALA A 1071 -15.30 7.28 -16.45
CA ALA A 1071 -14.08 6.81 -15.80
C ALA A 1071 -13.03 6.40 -16.82
N GLN A 1072 -13.44 5.68 -17.85
CA GLN A 1072 -12.51 5.25 -18.88
C GLN A 1072 -12.05 6.41 -19.75
N SER A 1073 -12.94 7.33 -20.07
CA SER A 1073 -12.60 8.49 -20.90
C SER A 1073 -11.55 9.39 -20.27
N ILE A 1074 -11.53 9.50 -18.96
CA ILE A 1074 -10.50 10.30 -18.29
C ILE A 1074 -9.23 9.51 -18.06
N GLY A 1075 -9.34 8.22 -17.75
CA GLY A 1075 -8.17 7.45 -17.37
C GLY A 1075 -7.28 7.07 -18.53
N GLU A 1076 -7.89 6.69 -19.66
CA GLU A 1076 -7.15 6.28 -20.85
C GLU A 1076 -6.13 7.31 -21.35
N PRO A 1077 -6.45 8.62 -21.50
CA PRO A 1077 -5.39 9.56 -21.93
C PRO A 1077 -4.24 9.67 -20.95
N ALA A 1078 -4.55 9.61 -19.64
CA ALA A 1078 -3.54 9.64 -18.59
C ALA A 1078 -2.52 8.52 -18.75
N THR A 1079 -2.94 7.36 -19.28
CA THR A 1079 -2.05 6.20 -19.46
C THR A 1079 -1.05 6.41 -20.59
N GLN A 1080 -1.03 7.57 -21.25
CA GLN A 1080 -0.15 7.82 -22.40
C GLN A 1080 0.36 9.26 -22.32
N MET A 1081 0.59 9.73 -21.10
CA MET A 1081 0.93 11.13 -20.91
C MET A 1081 1.93 11.31 -19.77
N ASN A 1095 6.29 27.53 -14.15
CA ASN A 1095 6.71 26.21 -13.73
C ASN A 1095 5.66 25.60 -12.82
N VAL A 1096 4.59 25.07 -13.41
CA VAL A 1096 3.53 24.42 -12.66
C VAL A 1096 3.60 22.92 -12.88
N THR A 1097 3.15 22.18 -11.87
CA THR A 1097 3.09 20.72 -11.94
C THR A 1097 2.04 20.30 -12.96
N LEU A 1098 2.39 19.33 -13.81
CA LEU A 1098 1.45 18.83 -14.81
C LEU A 1098 1.51 17.32 -14.80
N GLY A 1099 0.86 16.72 -15.80
CA GLY A 1099 0.77 15.28 -16.02
C GLY A 1099 0.24 14.53 -14.82
N VAL A 1100 0.66 13.26 -14.73
CA VAL A 1100 0.16 12.37 -13.66
C VAL A 1100 0.35 12.89 -12.23
N PRO A 1101 1.48 13.49 -11.82
CA PRO A 1101 1.57 13.99 -10.43
C PRO A 1101 0.56 15.06 -10.08
N ARG A 1102 0.20 15.92 -11.04
CA ARG A 1102 -0.81 16.93 -10.78
C ARG A 1102 -2.20 16.32 -10.69
N LEU A 1103 -2.53 15.44 -11.64
CA LEU A 1103 -3.77 14.64 -11.62
C LEU A 1103 -3.99 13.93 -10.29
N LYS A 1104 -2.92 13.39 -9.73
CA LYS A 1104 -2.99 12.66 -8.47
C LYS A 1104 -3.40 13.57 -7.32
N GLU A 1105 -2.85 14.80 -7.27
CA GLU A 1105 -3.23 15.80 -6.27
C GLU A 1105 -4.73 16.10 -6.27
N ILE A 1106 -5.35 16.14 -7.45
CA ILE A 1106 -6.76 16.48 -7.55
C ILE A 1106 -7.62 15.37 -6.95
N LEU A 1107 -7.46 14.14 -7.43
CA LEU A 1107 -8.35 13.03 -7.02
C LEU A 1107 -8.22 12.75 -5.52
N ASN A 1108 -7.02 12.88 -4.99
CA ASN A 1108 -6.56 12.70 -3.61
C ASN A 1108 -6.84 13.88 -2.73
N VAL A 1109 -7.52 14.92 -3.26
CA VAL A 1109 -7.77 16.30 -2.78
C VAL A 1109 -6.91 16.63 -1.56
N ALA A 1110 -5.63 16.70 -1.88
CA ALA A 1110 -4.56 17.02 -0.95
C ALA A 1110 -4.69 18.43 -0.43
N LYS A 1111 -4.40 18.60 0.85
CA LYS A 1111 -4.58 19.88 1.50
C LYS A 1111 -3.41 20.81 1.18
N ASN A 1112 -2.24 20.22 0.93
CA ASN A 1112 -1.01 20.94 0.65
C ASN A 1112 -0.47 20.47 -0.70
N ILE A 1113 -0.80 21.20 -1.76
CA ILE A 1113 -0.40 20.83 -3.12
C ILE A 1113 1.04 21.28 -3.30
N LYS A 1114 1.68 20.81 -4.37
CA LYS A 1114 3.11 21.04 -4.52
C LYS A 1114 3.41 22.45 -5.03
N THR A 1115 2.57 22.99 -5.90
CA THR A 1115 2.79 24.32 -6.48
C THR A 1115 1.55 25.20 -6.30
N PRO A 1116 1.29 25.69 -5.10
CA PRO A 1116 0.17 26.62 -4.90
C PRO A 1116 0.44 27.95 -5.59
N ALA A 1117 -0.59 28.49 -6.25
CA ALA A 1117 -0.42 29.67 -7.06
C ALA A 1117 -1.74 30.41 -7.20
N LEU A 1118 -1.68 31.75 -7.17
CA LEU A 1118 -2.83 32.61 -7.36
C LEU A 1118 -2.71 33.30 -8.71
N THR A 1119 -3.82 33.48 -9.39
CA THR A 1119 -3.88 34.31 -10.59
C THR A 1119 -4.63 35.59 -10.23
N VAL A 1120 -3.91 36.71 -10.19
CA VAL A 1120 -4.49 37.94 -9.65
C VAL A 1120 -4.72 38.96 -10.77
N TYR A 1121 -5.91 38.98 -11.34
CA TYR A 1121 -6.27 40.01 -12.30
C TYR A 1121 -6.46 41.35 -11.62
N LEU A 1122 -6.14 42.41 -12.35
CA LEU A 1122 -6.15 43.77 -11.84
C LEU A 1122 -7.27 44.55 -12.53
N ASP A 1123 -7.76 45.59 -11.85
CA ASP A 1123 -8.72 46.52 -12.44
C ASP A 1123 -8.18 47.14 -13.73
N ARG A 1124 -9.10 47.40 -14.67
CA ARG A 1124 -8.76 47.76 -16.05
C ARG A 1124 -7.86 48.98 -16.15
N GLU A 1125 -8.20 50.03 -15.40
CA GLU A 1125 -7.44 51.27 -15.42
C GLU A 1125 -5.99 51.08 -14.97
N ILE A 1126 -5.77 50.15 -14.04
CA ILE A 1126 -4.44 49.81 -13.56
C ILE A 1126 -3.73 48.84 -14.49
N ALA A 1127 -4.48 47.93 -15.11
CA ALA A 1127 -3.91 46.85 -15.92
C ALA A 1127 -3.24 47.33 -17.20
N LEU A 1128 -3.55 48.53 -17.68
CA LEU A 1128 -2.90 49.05 -18.87
C LEU A 1128 -1.88 50.15 -18.54
N ASP A 1129 -1.41 50.20 -17.29
CA ASP A 1129 -0.41 51.16 -16.86
C ASP A 1129 0.59 50.43 -15.97
N ILE A 1130 1.73 50.07 -16.54
CA ILE A 1130 2.74 49.25 -15.88
C ILE A 1130 3.27 49.88 -14.59
N GLU A 1131 3.31 51.22 -14.52
CA GLU A 1131 3.82 51.88 -13.32
C GLU A 1131 2.89 51.68 -12.13
N LYS A 1132 1.58 51.75 -12.35
CA LYS A 1132 0.63 51.53 -11.26
C LYS A 1132 0.62 50.06 -10.84
N ALA A 1133 0.82 49.15 -11.78
CA ALA A 1133 0.86 47.72 -11.47
C ALA A 1133 2.04 47.37 -10.58
N LYS A 1134 3.19 48.01 -10.80
CA LYS A 1134 4.34 47.79 -9.93
C LYS A 1134 4.06 48.22 -8.49
N VAL A 1135 3.24 49.25 -8.32
CA VAL A 1135 2.86 49.71 -6.99
C VAL A 1135 2.08 48.61 -6.26
N ILE A 1136 1.12 48.01 -6.98
CA ILE A 1136 0.34 46.87 -6.47
C ILE A 1136 1.24 45.71 -6.11
N GLN A 1137 2.25 45.45 -6.96
CA GLN A 1137 3.22 44.37 -6.73
C GLN A 1137 3.89 44.47 -5.37
N SER A 1138 4.46 45.63 -5.07
CA SER A 1138 5.22 45.78 -3.83
C SER A 1138 4.33 45.73 -2.58
N SER A 1139 3.04 46.02 -2.71
CA SER A 1139 2.17 45.98 -1.53
C SER A 1139 1.72 44.56 -1.20
N ILE A 1140 1.69 43.68 -2.19
CA ILE A 1140 1.21 42.31 -1.98
C ILE A 1140 2.33 41.42 -1.47
N GLU A 1141 3.54 41.67 -1.93
CA GLU A 1141 4.69 40.80 -1.66
C GLU A 1141 5.10 40.85 -0.19
N TYR A 1142 5.27 39.68 0.39
CA TYR A 1142 5.62 39.57 1.79
C TYR A 1142 7.10 39.89 1.95
N THR A 1143 7.41 40.82 2.85
CA THR A 1143 8.80 41.14 3.16
C THR A 1143 8.95 41.11 4.66
N THR A 1144 9.81 40.24 5.16
CA THR A 1144 10.08 40.24 6.59
C THR A 1144 11.32 41.08 6.86
N LEU A 1145 11.60 41.26 8.14
CA LEU A 1145 12.80 41.95 8.56
C LEU A 1145 14.02 41.10 8.21
N LYS A 1146 13.87 39.78 8.38
CA LYS A 1146 14.91 38.82 8.00
C LYS A 1146 15.30 38.91 6.53
N ASN A 1147 14.36 39.29 5.66
CA ASN A 1147 14.63 39.35 4.23
C ASN A 1147 15.60 40.47 3.88
N VAL A 1148 15.59 41.55 4.65
CA VAL A 1148 16.39 42.74 4.33
C VAL A 1148 17.61 42.87 5.23
N THR A 1149 17.77 42.01 6.22
CA THR A 1149 18.85 42.12 7.17
C THR A 1149 20.06 41.36 6.64
N SER A 1150 21.21 42.03 6.62
CA SER A 1150 22.48 41.41 6.24
C SER A 1150 23.27 40.85 7.42
N ALA A 1151 23.27 41.53 8.56
CA ALA A 1151 24.03 41.08 9.71
C ALA A 1151 23.46 41.66 11.00
N THR A 1152 23.60 40.89 12.09
CA THR A 1152 23.25 41.31 13.43
C THR A 1152 24.49 41.21 14.31
N GLU A 1153 24.58 42.09 15.31
CA GLU A 1153 25.72 42.12 16.21
C GLU A 1153 25.26 42.35 17.64
N ILE A 1154 26.07 41.91 18.60
CA ILE A 1154 25.79 42.11 20.03
C ILE A 1154 27.02 42.72 20.68
N TYR A 1155 26.92 43.99 21.08
CA TYR A 1155 28.03 44.66 21.74
C TYR A 1155 27.80 44.83 23.24
N TYR A 1156 28.90 45.05 23.95
CA TYR A 1156 28.89 45.56 25.33
C TYR A 1156 29.19 47.06 25.27
N ASP A 1157 28.14 47.88 25.28
CA ASP A 1157 28.28 49.33 25.22
C ASP A 1157 27.82 49.98 26.51
N PRO A 1158 28.69 50.08 27.53
CA PRO A 1158 28.22 50.38 28.89
C PRO A 1158 27.75 51.80 29.11
N ASP A 1159 28.27 52.76 28.35
CA ASP A 1159 27.89 54.17 28.50
C ASP A 1159 26.75 54.44 27.55
N PRO A 1160 25.53 54.71 28.04
CA PRO A 1160 24.39 54.90 27.13
C PRO A 1160 24.51 56.10 26.20
N THR A 1161 25.28 57.13 26.56
CA THR A 1161 25.38 58.31 25.72
C THR A 1161 26.54 58.24 24.73
N SER A 1162 27.43 57.25 24.85
CA SER A 1162 28.52 57.05 23.90
C SER A 1162 28.60 55.63 23.35
N THR A 1163 29.68 55.34 22.64
CA THR A 1163 29.89 54.04 22.00
C THR A 1163 31.38 53.84 21.78
N VAL A 1164 31.84 52.62 22.07
CA VAL A 1164 33.19 52.22 21.75
C VAL A 1164 33.42 52.12 20.25
N ILE A 1165 32.35 51.91 19.48
CA ILE A 1165 32.46 51.75 18.03
C ILE A 1165 32.79 53.09 17.36
N GLU A 1166 34.01 53.16 16.80
CA GLU A 1166 34.46 54.33 16.06
C GLU A 1166 33.64 54.54 14.78
N GLU A 1167 33.08 53.46 14.23
CA GLU A 1167 32.31 53.57 13.00
C GLU A 1167 31.00 54.31 13.23
N ASP A 1168 30.33 54.05 14.34
CA ASP A 1168 29.08 54.73 14.65
C ASP A 1168 29.31 55.96 15.52
N PHE A 1169 30.53 56.49 15.56
CA PHE A 1169 30.83 57.64 16.41
C PHE A 1169 30.10 58.89 15.95
N ASP A 1170 30.39 59.35 14.73
CA ASP A 1170 29.73 60.54 14.21
C ASP A 1170 28.23 60.36 14.05
N THR A 1171 27.78 59.12 13.86
CA THR A 1171 26.36 58.86 13.72
C THR A 1171 25.60 59.09 15.01
N VAL A 1172 26.02 58.42 16.10
CA VAL A 1172 25.26 58.52 17.34
C VAL A 1172 25.51 59.84 18.08
N GLU A 1173 26.73 60.39 18.02
CA GLU A 1173 27.05 61.65 18.72
C GLU A 1173 26.19 62.80 18.22
N ALA A 1174 26.11 62.98 16.91
CA ALA A 1174 25.30 64.09 16.42
C ALA A 1174 23.81 63.80 16.60
N TYR A 1175 23.40 62.52 16.51
CA TYR A 1175 21.98 62.18 16.58
C TYR A 1175 21.38 62.54 17.95
N PHE A 1176 22.09 62.22 19.04
CA PHE A 1176 21.57 62.47 20.39
C PHE A 1176 21.52 63.95 20.74
N SER A 1177 22.19 64.81 19.97
CA SER A 1177 22.18 66.24 20.22
C SER A 1177 21.21 66.93 19.28
N GLN A 1190 19.15 51.68 31.53
CA GLN A 1190 19.00 50.66 30.49
C GLN A 1190 20.22 49.76 30.39
N SER A 1191 20.05 48.65 29.68
CA SER A 1191 21.01 47.56 29.71
C SER A 1191 22.30 47.96 29.00
N PRO A 1192 23.45 47.47 29.46
CA PRO A 1192 24.70 47.75 28.76
C PRO A 1192 24.86 46.96 27.48
N TRP A 1193 24.07 45.90 27.28
CA TRP A 1193 24.17 45.10 26.07
C TRP A 1193 23.46 45.81 24.91
N LEU A 1194 24.13 45.86 23.76
CA LEU A 1194 23.62 46.53 22.56
C LEU A 1194 23.30 45.50 21.49
N LEU A 1195 22.13 45.63 20.88
CA LEU A 1195 21.80 44.86 19.67
C LEU A 1195 21.93 45.78 18.46
N ARG A 1196 22.88 45.46 17.58
CA ARG A 1196 23.20 46.26 16.41
C ARG A 1196 22.97 45.40 15.16
N LEU A 1197 21.99 45.79 14.34
CA LEU A 1197 21.69 45.05 13.11
C LEU A 1197 21.89 45.94 11.89
N GLU A 1198 22.45 45.35 10.83
CA GLU A 1198 22.77 46.05 9.59
C GLU A 1198 21.85 45.65 8.45
N LEU A 1199 21.30 46.66 7.77
CA LEU A 1199 20.44 46.44 6.61
C LEU A 1199 21.25 46.51 5.32
N ASP A 1200 20.92 45.64 4.37
CA ASP A 1200 21.57 45.62 3.08
C ASP A 1200 21.00 46.71 2.19
N ARG A 1201 21.88 47.57 1.64
CA ARG A 1201 21.42 48.73 0.88
C ARG A 1201 20.71 48.34 -0.41
N ALA A 1202 21.23 47.30 -1.09
CA ALA A 1202 20.66 46.88 -2.37
C ALA A 1202 19.24 46.36 -2.22
N ARG A 1203 19.01 45.44 -1.28
CA ARG A 1203 17.66 44.91 -1.12
C ARG A 1203 16.69 45.95 -0.58
N MET A 1204 17.16 46.83 0.31
CA MET A 1204 16.33 47.95 0.77
C MET A 1204 15.99 48.94 -0.34
N LEU A 1205 16.91 49.15 -1.28
CA LEU A 1205 16.63 50.07 -2.37
C LEU A 1205 15.64 49.50 -3.38
N ASP A 1206 15.83 48.23 -3.76
CA ASP A 1206 14.95 47.57 -4.72
C ASP A 1206 13.52 47.48 -4.20
N LYS A 1207 13.35 47.04 -2.95
CA LYS A 1207 12.03 46.89 -2.35
C LYS A 1207 11.37 48.21 -2.01
N GLN A 1208 12.09 49.34 -2.15
CA GLN A 1208 11.59 50.70 -1.90
C GLN A 1208 11.13 50.89 -0.45
N LEU A 1209 12.05 50.64 0.48
CA LEU A 1209 11.74 50.75 1.89
C LEU A 1209 12.68 51.80 2.49
N THR A 1210 12.12 52.66 3.34
CA THR A 1210 12.87 53.67 4.06
C THR A 1210 13.15 53.23 5.49
N MET A 1211 14.25 53.77 6.06
CA MET A 1211 14.62 53.48 7.45
C MET A 1211 13.49 53.80 8.42
N ASN A 1212 12.75 54.88 8.13
CA ASN A 1212 11.64 55.32 8.97
C ASN A 1212 10.55 54.25 9.06
N GLN A 1213 10.06 53.80 7.90
CA GLN A 1213 8.92 52.90 7.87
C GLN A 1213 9.28 51.52 8.42
N VAL A 1214 10.55 51.13 8.27
CA VAL A 1214 11.03 49.89 8.88
C VAL A 1214 10.99 50.01 10.39
N ALA A 1215 11.41 51.17 10.91
CA ALA A 1215 11.38 51.43 12.34
C ALA A 1215 9.96 51.57 12.88
N ASP A 1216 9.05 52.14 12.08
CA ASP A 1216 7.65 52.27 12.49
C ASP A 1216 7.03 50.92 12.86
N LYS A 1217 7.16 49.93 11.97
CA LYS A 1217 6.62 48.59 12.23
C LYS A 1217 7.22 47.97 13.48
N ILE A 1218 8.49 48.25 13.74
CA ILE A 1218 9.17 47.79 14.93
C ILE A 1218 8.57 48.41 16.18
N SER A 1219 8.28 49.73 16.11
CA SER A 1219 7.67 50.45 17.24
C SER A 1219 6.37 49.81 17.74
N GLU A 1220 5.43 49.49 16.85
CA GLU A 1220 4.12 48.98 17.27
C GLU A 1220 4.24 47.67 18.04
N VAL A 1221 5.12 46.77 17.60
CA VAL A 1221 5.30 45.47 18.26
C VAL A 1221 6.25 45.48 19.44
N PHE A 1222 7.17 46.45 19.53
CA PHE A 1222 8.16 46.48 20.59
C PHE A 1222 8.05 47.66 21.55
N SER A 1223 7.02 48.51 21.39
CA SER A 1223 6.58 49.62 22.24
C SER A 1223 7.64 50.35 23.06
N ASP A 1224 7.81 49.99 24.33
CA ASP A 1224 8.78 50.68 25.18
C ASP A 1224 9.91 49.79 25.68
N ASP A 1225 10.04 48.56 25.16
CA ASP A 1225 11.15 47.70 25.56
C ASP A 1225 12.37 47.85 24.67
N LEU A 1226 12.39 48.83 23.76
CA LEU A 1226 13.52 48.89 22.84
C LEU A 1226 13.63 50.30 22.26
N PHE A 1227 14.83 50.86 22.39
CA PHE A 1227 15.20 52.15 21.83
C PHE A 1227 15.77 51.95 20.43
N VAL A 1228 15.15 52.55 19.42
CA VAL A 1228 15.52 52.33 18.04
C VAL A 1228 16.24 53.56 17.52
N MET A 1229 17.39 53.35 16.88
CA MET A 1229 18.25 54.39 16.33
C MET A 1229 18.79 53.95 14.99
N TRP A 1230 18.56 54.75 13.96
CA TRP A 1230 18.92 54.35 12.61
C TRP A 1230 19.90 55.33 12.01
N SER A 1231 20.79 54.83 11.15
CA SER A 1231 21.72 55.73 10.49
C SER A 1231 21.07 56.29 9.24
N GLU A 1232 21.73 57.24 8.62
CA GLU A 1232 21.15 57.85 7.43
C GLU A 1232 21.47 57.04 6.19
N ASP A 1233 20.63 57.20 5.17
CA ASP A 1233 20.84 56.48 3.91
C ASP A 1233 22.09 56.93 3.17
N ASN A 1234 22.62 58.12 3.50
CA ASN A 1234 23.85 58.57 2.87
C ASN A 1234 25.08 57.90 3.45
N ALA A 1235 24.95 57.26 4.61
CA ALA A 1235 26.07 56.65 5.34
C ALA A 1235 26.66 55.51 4.52
N ASP A 1236 27.90 55.15 4.84
CA ASP A 1236 28.54 54.06 4.13
C ASP A 1236 27.85 52.73 4.41
N LYS A 1237 27.52 52.47 5.68
CA LYS A 1237 26.72 51.32 6.06
C LYS A 1237 25.39 51.74 6.69
N LEU A 1238 24.31 51.03 6.35
CA LEU A 1238 22.99 51.26 6.90
C LEU A 1238 22.85 50.46 8.19
N ILE A 1239 22.73 51.16 9.33
CA ILE A 1239 22.83 50.53 10.64
C ILE A 1239 21.61 50.92 11.47
N ILE A 1240 21.10 49.97 12.26
CA ILE A 1240 20.05 50.20 13.24
C ILE A 1240 20.50 49.64 14.58
N ARG A 1241 20.51 50.50 15.60
CA ARG A 1241 20.89 50.16 16.96
C ARG A 1241 19.67 49.96 17.87
N CYS A 1242 19.77 48.99 18.76
CA CYS A 1242 18.68 48.63 19.65
C CYS A 1242 19.25 48.30 21.02
N ARG A 1243 18.55 48.71 22.07
CA ARG A 1243 18.92 48.38 23.44
C ARG A 1243 17.67 48.05 24.23
N VAL A 1244 17.82 47.16 25.20
CA VAL A 1244 16.71 46.91 26.12
C VAL A 1244 16.69 48.09 27.08
N ILE A 1245 15.51 48.46 27.57
CA ILE A 1245 15.45 49.49 28.59
C ILE A 1245 14.95 48.93 29.91
N GLU A 1258 20.09 37.46 34.54
CA GLU A 1258 20.89 36.94 33.43
C GLU A 1258 20.24 37.25 32.09
N GLU A 1259 20.97 37.94 31.19
CA GLU A 1259 20.35 38.39 29.96
C GLU A 1259 21.26 38.21 28.76
N ASP A 1260 22.34 37.42 28.89
CA ASP A 1260 23.20 37.18 27.73
C ASP A 1260 22.47 36.37 26.69
N GLN A 1261 21.70 35.37 27.17
CA GLN A 1261 20.96 34.48 26.29
C GLN A 1261 19.64 35.10 25.87
N MET A 1262 19.08 35.98 26.72
CA MET A 1262 17.80 36.62 26.41
C MET A 1262 17.90 37.46 25.15
N LEU A 1263 19.10 37.99 24.86
CA LEU A 1263 19.28 38.76 23.65
C LEU A 1263 19.38 37.86 22.44
N LYS A 1264 19.93 36.65 22.61
CA LYS A 1264 19.91 35.70 21.52
C LYS A 1264 18.49 35.20 21.24
N ARG A 1265 17.72 34.96 22.30
CA ARG A 1265 16.32 34.56 22.15
C ARG A 1265 15.49 35.68 21.53
N ILE A 1266 15.73 36.92 21.93
CA ILE A 1266 15.02 38.05 21.34
C ILE A 1266 15.40 38.21 19.87
N GLU A 1267 16.70 38.04 19.55
CA GLU A 1267 17.16 38.17 18.17
C GLU A 1267 16.49 37.12 17.30
N ALA A 1268 16.34 35.90 17.84
CA ALA A 1268 15.62 34.84 17.15
C ALA A 1268 14.17 35.26 16.98
N HIS A 1269 13.58 35.82 18.03
CA HIS A 1269 12.19 36.28 18.02
C HIS A 1269 12.00 37.41 17.02
N MET A 1270 13.01 38.25 16.83
CA MET A 1270 12.90 39.38 15.89
C MET A 1270 12.85 38.90 14.44
N LEU A 1271 13.85 38.11 14.04
CA LEU A 1271 13.95 37.62 12.66
C LEU A 1271 12.79 36.73 12.25
N ASP A 1272 12.09 36.11 13.21
CA ASP A 1272 11.05 35.14 12.93
C ASP A 1272 9.65 35.73 12.93
N LEU A 1273 9.49 37.01 13.25
CA LEU A 1273 8.13 37.50 13.42
C LEU A 1273 7.87 38.91 12.91
N ILE A 1274 8.89 39.73 12.71
CA ILE A 1274 8.62 41.10 12.34
C ILE A 1274 8.25 41.15 10.86
N ALA A 1275 7.06 41.64 10.56
CA ALA A 1275 6.56 41.76 9.21
C ALA A 1275 6.57 43.23 8.83
N LEU A 1276 7.32 43.57 7.79
CA LEU A 1276 7.41 44.99 7.45
C LEU A 1276 6.22 45.46 6.63
N ARG A 1277 5.78 44.67 5.67
CA ARG A 1277 4.57 44.95 4.87
C ARG A 1277 4.19 43.69 4.13
N GLY A 1278 3.08 43.77 3.39
CA GLY A 1278 2.64 42.73 2.49
C GLY A 1278 1.68 41.73 3.10
N ILE A 1279 1.24 40.82 2.24
CA ILE A 1279 0.25 39.80 2.57
C ILE A 1279 0.97 38.50 2.92
N PRO A 1280 0.76 37.95 4.12
CA PRO A 1280 1.41 36.68 4.50
C PRO A 1280 1.11 35.53 3.55
N GLY A 1281 2.13 34.70 3.32
CA GLY A 1281 2.02 33.59 2.39
C GLY A 1281 2.36 33.89 0.95
N ILE A 1282 2.56 35.14 0.58
CA ILE A 1282 2.87 35.50 -0.80
C ILE A 1282 4.36 35.80 -0.88
N SER A 1283 5.14 34.77 -1.22
CA SER A 1283 6.59 34.90 -1.19
C SER A 1283 7.14 35.64 -2.39
N LYS A 1284 6.50 35.49 -3.55
CA LYS A 1284 6.94 36.13 -4.77
C LYS A 1284 5.73 36.57 -5.58
N VAL A 1285 5.88 37.67 -6.31
CA VAL A 1285 4.85 38.19 -7.19
C VAL A 1285 5.48 38.39 -8.56
N TYR A 1286 4.87 37.80 -9.59
CA TYR A 1286 5.38 37.89 -10.94
C TYR A 1286 4.48 38.80 -11.74
N MET A 1287 5.08 39.53 -12.67
CA MET A 1287 4.36 40.44 -13.53
C MET A 1287 4.14 39.70 -14.85
N VAL A 1288 2.89 39.32 -15.12
CA VAL A 1288 2.55 38.45 -16.25
C VAL A 1288 1.66 39.23 -17.21
N LYS A 1289 1.95 39.13 -18.51
CA LYS A 1289 1.11 39.75 -19.52
C LYS A 1289 0.09 38.76 -20.04
N HIS A 1290 -1.19 39.16 -20.06
CA HIS A 1290 -2.29 38.35 -20.56
C HIS A 1290 -2.76 38.91 -21.90
N LYS A 1291 -2.95 38.03 -22.87
CA LYS A 1291 -3.61 38.37 -24.12
C LYS A 1291 -5.08 37.95 -24.01
N VAL A 1292 -5.96 38.92 -23.82
CA VAL A 1292 -7.39 38.66 -23.63
C VAL A 1292 -8.18 39.22 -24.81
N SER A 1293 -9.09 38.42 -25.35
CA SER A 1293 -9.90 38.81 -26.50
C SER A 1293 -11.14 39.55 -26.01
N VAL A 1294 -11.32 40.79 -26.47
CA VAL A 1294 -12.38 41.68 -26.02
C VAL A 1294 -12.95 42.38 -27.25
N PRO A 1295 -14.27 42.57 -27.36
CA PRO A 1295 -14.82 43.17 -28.58
C PRO A 1295 -14.45 44.64 -28.71
N ASP A 1296 -14.28 45.08 -29.96
CA ASP A 1296 -13.96 46.47 -30.28
C ASP A 1296 -15.15 47.38 -29.95
N GLU A 1297 -15.00 48.69 -30.20
CA GLU A 1297 -16.19 49.52 -30.32
C GLU A 1297 -16.94 49.23 -31.60
N SER A 1298 -16.22 48.87 -32.68
CA SER A 1298 -16.87 48.40 -33.90
C SER A 1298 -17.58 47.06 -33.75
N GLY A 1299 -17.31 46.31 -32.67
CA GLY A 1299 -17.85 44.98 -32.48
C GLY A 1299 -16.99 43.83 -32.94
N GLU A 1300 -15.84 44.10 -33.56
CA GLU A 1300 -14.99 43.03 -34.05
C GLU A 1300 -14.09 42.56 -32.92
N TYR A 1301 -13.87 41.26 -32.84
CA TYR A 1301 -13.02 40.73 -31.78
C TYR A 1301 -11.57 41.09 -32.06
N LYS A 1302 -10.93 41.77 -31.12
CA LYS A 1302 -9.51 42.05 -31.26
C LYS A 1302 -8.76 41.67 -30.00
N ASN A 1303 -7.47 41.40 -30.17
CA ASN A 1303 -6.66 41.07 -29.02
C ASN A 1303 -6.35 42.34 -28.24
N GLU A 1304 -5.99 42.16 -26.98
CA GLU A 1304 -5.72 43.30 -26.12
C GLU A 1304 -4.80 42.82 -25.02
N GLU A 1305 -3.63 43.43 -24.90
CA GLU A 1305 -2.65 43.02 -23.90
C GLU A 1305 -2.93 43.72 -22.58
N LEU A 1306 -2.99 42.94 -21.50
CA LEU A 1306 -3.23 43.47 -20.17
C LEU A 1306 -2.27 42.81 -19.19
N TRP A 1307 -1.86 43.58 -18.19
CA TRP A 1307 -0.96 43.12 -17.14
C TRP A 1307 -1.75 42.47 -16.01
N ALA A 1308 -1.25 41.33 -15.52
CA ALA A 1308 -1.80 40.69 -14.34
C ALA A 1308 -0.65 40.20 -13.49
N LEU A 1309 -0.98 39.67 -12.31
CA LEU A 1309 0.03 39.15 -11.41
C LEU A 1309 -0.23 37.69 -11.10
N GLU A 1310 0.85 36.95 -10.82
CA GLU A 1310 0.76 35.58 -10.33
C GLU A 1310 1.73 35.41 -9.18
N THR A 1311 1.33 34.61 -8.18
CA THR A 1311 2.05 34.48 -6.93
C THR A 1311 2.48 33.04 -6.71
N ASP A 1312 3.58 32.86 -5.96
CA ASP A 1312 3.82 31.62 -5.25
C ASP A 1312 3.27 31.66 -3.84
N GLY A 1313 2.55 30.61 -3.46
CA GLY A 1313 1.81 30.55 -2.22
C GLY A 1313 0.43 31.17 -2.35
N ILE A 1314 -0.45 30.81 -1.42
CA ILE A 1314 -1.83 31.28 -1.49
C ILE A 1314 -2.28 31.93 -0.19
N ASN A 1315 -3.15 32.94 -0.34
CA ASN A 1315 -3.98 33.51 0.72
C ASN A 1315 -5.11 34.25 0.03
N LEU A 1316 -6.07 33.51 -0.53
CA LEU A 1316 -7.06 34.09 -1.46
C LEU A 1316 -7.88 35.18 -0.82
N ALA A 1317 -8.30 34.99 0.45
CA ALA A 1317 -9.18 35.95 1.12
C ALA A 1317 -8.50 37.30 1.29
N GLU A 1318 -7.26 37.29 1.80
CA GLU A 1318 -6.57 38.53 2.08
C GLU A 1318 -6.17 39.28 0.80
N VAL A 1319 -5.81 38.56 -0.26
CA VAL A 1319 -5.37 39.22 -1.49
C VAL A 1319 -6.55 39.85 -2.21
N MET A 1320 -7.73 39.23 -2.13
CA MET A 1320 -8.96 39.78 -2.72
C MET A 1320 -9.29 41.18 -2.19
N ALA A 1321 -9.01 41.42 -0.92
CA ALA A 1321 -9.42 42.67 -0.29
C ALA A 1321 -8.50 43.85 -0.65
N VAL A 1322 -7.32 43.59 -1.18
CA VAL A 1322 -6.30 44.60 -1.46
C VAL A 1322 -6.77 45.57 -2.54
N PRO A 1323 -6.76 46.88 -2.26
CA PRO A 1323 -7.16 47.88 -3.26
C PRO A 1323 -6.29 47.82 -4.50
N GLY A 1324 -6.93 47.82 -5.67
CA GLY A 1324 -6.22 47.69 -6.92
C GLY A 1324 -6.54 46.36 -7.57
N VAL A 1325 -6.65 45.33 -6.74
CA VAL A 1325 -6.98 43.99 -7.23
C VAL A 1325 -8.44 43.94 -7.64
N ASP A 1326 -8.71 43.37 -8.81
CA ASP A 1326 -10.07 43.11 -9.26
C ASP A 1326 -10.63 41.98 -8.39
N SER A 1327 -11.33 42.35 -7.32
CA SER A 1327 -11.87 41.38 -6.37
C SER A 1327 -12.95 40.48 -6.93
N SER A 1328 -13.49 40.73 -8.12
CA SER A 1328 -14.49 39.83 -8.67
C SER A 1328 -13.94 38.74 -9.57
N ARG A 1329 -12.62 38.65 -9.78
CA ARG A 1329 -12.10 37.67 -10.73
C ARG A 1329 -10.90 36.86 -10.26
N THR A 1330 -10.35 37.13 -9.08
CA THR A 1330 -9.14 36.47 -8.59
C THR A 1330 -9.31 34.96 -8.46
N TYR A 1331 -8.32 34.21 -8.94
CA TYR A 1331 -8.40 32.76 -9.04
C TYR A 1331 -7.20 32.10 -8.38
N SER A 1332 -7.43 30.92 -7.81
CA SER A 1332 -6.40 30.10 -7.17
C SER A 1332 -6.43 28.67 -7.67
N ASN A 1333 -5.26 28.07 -7.85
CA ASN A 1333 -5.23 26.67 -8.23
C ASN A 1333 -5.36 25.70 -7.05
N SER A 1334 -5.59 26.15 -5.82
CA SER A 1334 -5.98 25.25 -4.73
C SER A 1334 -7.47 25.36 -4.51
N PHE A 1335 -8.22 24.41 -5.04
CA PHE A 1335 -9.67 24.36 -4.86
C PHE A 1335 -10.10 24.06 -3.43
N VAL A 1336 -9.23 23.51 -2.58
CA VAL A 1336 -9.55 23.40 -1.15
C VAL A 1336 -9.75 24.78 -0.53
N GLU A 1337 -8.91 25.73 -0.91
CA GLU A 1337 -9.04 27.09 -0.38
C GLU A 1337 -10.25 27.80 -0.96
N ILE A 1338 -10.52 27.59 -2.25
CA ILE A 1338 -11.71 28.11 -2.93
C ILE A 1338 -12.98 27.73 -2.20
N LEU A 1339 -13.07 26.48 -1.74
CA LEU A 1339 -14.26 26.01 -1.02
C LEU A 1339 -14.49 26.82 0.24
N SER A 1340 -13.42 27.16 0.95
CA SER A 1340 -13.58 27.91 2.19
C SER A 1340 -13.94 29.37 1.93
N VAL A 1341 -13.48 29.93 0.82
CA VAL A 1341 -13.72 31.34 0.53
C VAL A 1341 -14.97 31.55 -0.32
N LEU A 1342 -15.17 30.76 -1.37
CA LEU A 1342 -16.20 31.10 -2.35
C LEU A 1342 -17.38 30.15 -2.37
N GLY A 1343 -17.28 28.98 -1.76
CA GLY A 1343 -18.41 28.08 -1.68
C GLY A 1343 -18.36 27.01 -2.74
N ILE A 1344 -19.36 26.13 -2.69
CA ILE A 1344 -19.28 24.86 -3.41
C ILE A 1344 -19.46 25.03 -4.91
N GLU A 1345 -20.31 25.97 -5.35
CA GLU A 1345 -20.53 26.15 -6.78
C GLU A 1345 -19.31 26.73 -7.48
N ALA A 1346 -18.57 27.59 -6.81
CA ALA A 1346 -17.32 28.09 -7.39
C ALA A 1346 -16.28 26.99 -7.46
N THR A 1347 -16.28 26.07 -6.49
CA THR A 1347 -15.37 24.93 -6.52
C THR A 1347 -15.60 24.07 -7.74
N ARG A 1348 -16.87 23.84 -8.12
CA ARG A 1348 -17.21 23.10 -9.33
C ARG A 1348 -16.50 23.66 -10.56
N SER A 1349 -16.60 24.97 -10.78
CA SER A 1349 -15.93 25.56 -11.94
C SER A 1349 -14.42 25.47 -11.82
N SER A 1350 -13.88 25.67 -10.61
CA SER A 1350 -12.44 25.64 -10.45
C SER A 1350 -11.88 24.23 -10.61
N LEU A 1351 -12.58 23.24 -10.04
CA LEU A 1351 -12.22 21.84 -10.24
C LEU A 1351 -12.18 21.47 -11.72
N TYR A 1352 -13.22 21.87 -12.46
CA TYR A 1352 -13.24 21.61 -13.90
C TYR A 1352 -12.08 22.27 -14.63
N LYS A 1353 -11.81 23.53 -14.31
CA LYS A 1353 -10.72 24.25 -14.96
C LYS A 1353 -9.39 23.54 -14.76
N GLU A 1354 -9.12 23.06 -13.54
CA GLU A 1354 -7.83 22.44 -13.26
C GLU A 1354 -7.70 21.06 -13.89
N ILE A 1355 -8.78 20.29 -13.96
CA ILE A 1355 -8.70 18.99 -14.63
C ILE A 1355 -8.52 19.18 -16.13
N LEU A 1356 -9.37 20.00 -16.75
CA LEU A 1356 -9.29 20.29 -18.19
C LEU A 1356 -7.90 20.74 -18.63
N ASN A 1357 -7.28 21.65 -17.85
CA ASN A 1357 -5.94 22.13 -18.14
C ASN A 1357 -4.93 20.97 -18.19
N VAL A 1358 -5.07 19.98 -17.31
CA VAL A 1358 -4.18 18.82 -17.33
C VAL A 1358 -4.37 18.01 -18.60
N ILE A 1359 -5.61 17.68 -18.94
CA ILE A 1359 -5.88 16.83 -20.10
C ILE A 1359 -5.53 17.54 -21.40
N ALA A 1360 -5.97 18.79 -21.55
CA ALA A 1360 -5.76 19.54 -22.79
C ALA A 1360 -4.30 19.90 -23.05
N PHE A 1361 -3.41 19.76 -22.07
CA PHE A 1361 -2.04 20.26 -22.19
C PHE A 1361 -1.23 19.49 -23.23
N ASP A 1362 -1.30 18.16 -23.22
CA ASP A 1362 -0.67 17.36 -24.27
C ASP A 1362 -1.54 17.19 -25.51
N GLY A 1363 -2.26 18.23 -25.89
CA GLY A 1363 -3.13 18.31 -27.04
C GLY A 1363 -4.37 17.45 -27.09
N SER A 1364 -4.58 16.61 -26.07
CA SER A 1364 -5.74 15.72 -26.09
C SER A 1364 -7.00 16.55 -25.91
N TYR A 1365 -8.14 15.96 -26.20
CA TYR A 1365 -9.38 16.67 -25.97
C TYR A 1365 -10.39 15.63 -25.52
N VAL A 1366 -10.98 15.84 -24.35
CA VAL A 1366 -12.06 14.99 -23.86
C VAL A 1366 -13.32 15.82 -23.83
N ASN A 1367 -14.41 15.25 -24.35
CA ASN A 1367 -15.72 15.91 -24.42
C ASN A 1367 -16.13 16.35 -23.02
N TYR A 1368 -16.81 17.50 -22.96
CA TYR A 1368 -17.14 18.18 -21.70
C TYR A 1368 -17.89 17.29 -20.71
N ARG A 1369 -18.82 16.45 -21.18
CA ARG A 1369 -19.73 15.77 -20.27
C ARG A 1369 -19.02 14.79 -19.34
N HIS A 1370 -17.86 14.26 -19.76
CA HIS A 1370 -17.16 13.29 -18.92
C HIS A 1370 -16.48 13.96 -17.74
N MET A 1371 -15.78 15.07 -17.98
CA MET A 1371 -15.15 15.75 -16.86
C MET A 1371 -16.20 16.41 -15.97
N ALA A 1372 -17.28 16.91 -16.59
CA ALA A 1372 -18.41 17.46 -15.84
C ALA A 1372 -19.01 16.43 -14.91
N LEU A 1373 -19.14 15.19 -15.39
CA LEU A 1373 -19.72 14.13 -14.56
C LEU A 1373 -18.86 13.82 -13.35
N LEU A 1374 -17.54 13.79 -13.53
CA LEU A 1374 -16.64 13.50 -12.42
C LEU A 1374 -16.70 14.58 -11.34
N VAL A 1375 -16.74 15.86 -11.73
CA VAL A 1375 -16.75 16.90 -10.71
C VAL A 1375 -18.09 17.03 -10.01
N ASP A 1376 -19.19 16.59 -10.62
CA ASP A 1376 -20.45 16.61 -9.89
C ASP A 1376 -20.48 15.54 -8.82
N VAL A 1377 -19.87 14.39 -9.08
CA VAL A 1377 -19.74 13.36 -8.05
C VAL A 1377 -18.88 13.87 -6.90
N MET A 1378 -17.81 14.59 -7.21
CA MET A 1378 -16.90 15.08 -6.19
C MET A 1378 -17.46 16.22 -5.36
N THR A 1379 -18.59 16.81 -5.74
CA THR A 1379 -19.14 17.95 -5.03
C THR A 1379 -20.56 17.74 -4.59
N SER A 1380 -21.16 16.58 -4.84
CA SER A 1380 -22.57 16.40 -4.53
C SER A 1380 -22.84 16.44 -3.04
N ARG A 1381 -21.90 16.00 -2.21
CA ARG A 1381 -22.16 16.01 -0.77
C ARG A 1381 -22.02 17.39 -0.16
N GLY A 1382 -21.64 18.41 -0.93
CA GLY A 1382 -21.40 19.72 -0.39
C GLY A 1382 -19.99 19.95 0.08
N TYR A 1383 -19.23 18.91 0.33
CA TYR A 1383 -17.80 19.04 0.58
C TYR A 1383 -17.06 18.20 -0.44
N LEU A 1384 -15.75 18.34 -0.47
CA LEU A 1384 -14.97 17.60 -1.47
C LEU A 1384 -14.78 16.17 -1.00
N MET A 1385 -15.37 15.22 -1.71
CA MET A 1385 -15.15 13.81 -1.44
C MET A 1385 -13.99 13.34 -2.31
N ALA A 1386 -12.86 13.04 -1.68
CA ALA A 1386 -11.72 12.49 -2.41
C ALA A 1386 -12.02 11.10 -2.95
N ILE A 1387 -11.40 10.78 -4.08
CA ILE A 1387 -11.43 9.44 -4.67
C ILE A 1387 -10.37 8.57 -4.01
N THR A 1388 -10.54 8.31 -2.71
CA THR A 1388 -9.72 7.41 -1.90
C THR A 1388 -10.70 6.66 -1.02
N ARG A 1389 -10.21 5.66 -0.26
CA ARG A 1389 -11.08 4.93 0.67
C ARG A 1389 -11.77 5.83 1.69
N HIS A 1390 -11.10 6.91 2.11
CA HIS A 1390 -11.66 7.79 3.13
C HIS A 1390 -12.84 8.59 2.61
N GLY A 1391 -12.91 8.84 1.31
CA GLY A 1391 -14.09 9.43 0.74
C GLY A 1391 -15.15 8.46 0.26
N ILE A 1392 -14.73 7.52 -0.60
CA ILE A 1392 -15.65 6.64 -1.31
C ILE A 1392 -16.45 5.78 -0.34
N ASN A 1393 -15.78 5.20 0.65
CA ASN A 1393 -16.46 4.26 1.54
C ASN A 1393 -17.17 4.93 2.70
N ARG A 1394 -17.19 6.27 2.78
CA ARG A 1394 -18.07 6.99 3.70
C ARG A 1394 -19.48 7.24 3.14
N ALA A 1395 -19.93 6.46 2.16
CA ALA A 1395 -21.23 6.63 1.55
C ALA A 1395 -22.20 5.64 2.17
N ASP A 1396 -23.50 5.90 2.00
CA ASP A 1396 -24.50 5.00 2.53
C ASP A 1396 -24.79 3.81 1.61
N THR A 1397 -23.87 3.47 0.72
CA THR A 1397 -24.03 2.34 -0.19
C THR A 1397 -23.86 1.03 0.58
N GLY A 1398 -24.35 -0.05 -0.03
CA GLY A 1398 -24.32 -1.36 0.61
C GLY A 1398 -22.92 -1.82 0.98
N ALA A 1399 -22.86 -2.70 1.99
CA ALA A 1399 -21.59 -3.20 2.48
C ALA A 1399 -20.85 -4.07 1.48
N LEU A 1400 -21.55 -4.86 0.69
CA LEU A 1400 -20.89 -5.71 -0.30
C LEU A 1400 -20.20 -4.88 -1.38
N MET A 1401 -20.86 -3.82 -1.83
CA MET A 1401 -20.27 -2.90 -2.79
C MET A 1401 -19.04 -2.19 -2.22
N ARG A 1402 -19.14 -1.69 -0.99
CA ARG A 1402 -18.06 -0.91 -0.39
C ARG A 1402 -16.83 -1.76 -0.06
N CYS A 1403 -17.06 -3.00 0.36
CA CYS A 1403 -15.95 -3.88 0.74
C CYS A 1403 -15.17 -4.41 -0.45
N SER A 1404 -15.71 -4.31 -1.65
CA SER A 1404 -15.00 -4.72 -2.85
C SER A 1404 -13.94 -3.73 -3.31
N PHE A 1405 -13.82 -2.56 -2.69
CA PHE A 1405 -12.80 -1.61 -3.07
C PHE A 1405 -11.55 -1.76 -2.21
N GLU A 1406 -11.63 -1.31 -0.95
CA GLU A 1406 -10.52 -1.38 -0.01
C GLU A 1406 -11.12 -1.59 1.38
N GLU A 1407 -10.25 -1.96 2.32
CA GLU A 1407 -10.60 -2.19 3.73
C GLU A 1407 -11.67 -3.26 3.84
N THR A 1408 -11.44 -4.36 3.10
CA THR A 1408 -12.47 -5.36 2.83
C THR A 1408 -13.04 -6.00 4.09
N VAL A 1409 -12.17 -6.50 4.95
CA VAL A 1409 -12.63 -7.28 6.10
C VAL A 1409 -13.20 -6.35 7.18
N GLU A 1410 -12.56 -5.19 7.35
CA GLU A 1410 -12.99 -4.18 8.31
C GLU A 1410 -14.42 -3.70 8.03
N ILE A 1411 -14.73 -3.40 6.76
CA ILE A 1411 -16.09 -3.05 6.36
C ILE A 1411 -17.08 -4.10 6.82
N LEU A 1412 -16.75 -5.38 6.62
CA LEU A 1412 -17.71 -6.44 6.88
C LEU A 1412 -17.90 -6.71 8.37
N PHE A 1413 -16.82 -6.66 9.15
CA PHE A 1413 -16.97 -6.71 10.61
C PHE A 1413 -17.83 -5.57 11.12
N GLU A 1414 -17.51 -4.32 10.72
CA GLU A 1414 -18.30 -3.16 11.10
C GLU A 1414 -19.74 -3.26 10.62
N ALA A 1415 -19.97 -3.88 9.46
CA ALA A 1415 -21.32 -4.02 8.93
C ALA A 1415 -22.14 -4.97 9.79
N GLY A 1416 -21.49 -6.03 10.27
CA GLY A 1416 -22.16 -6.96 11.16
C GLY A 1416 -22.56 -6.33 12.48
N ALA A 1417 -21.60 -5.68 13.14
CA ALA A 1417 -21.83 -5.10 14.46
C ALA A 1417 -22.90 -4.01 14.48
N ALA A 1418 -23.18 -3.37 13.34
CA ALA A 1418 -24.21 -2.35 13.28
C ALA A 1418 -25.43 -2.76 12.47
N ALA A 1419 -25.58 -4.07 12.20
CA ALA A 1419 -26.70 -4.67 11.46
C ALA A 1419 -27.12 -3.91 10.20
N GLU A 1420 -26.16 -3.65 9.32
CA GLU A 1420 -26.44 -2.94 8.07
C GLU A 1420 -27.35 -3.73 7.12
N LEU A 1421 -28.27 -3.02 6.50
CA LEU A 1421 -29.14 -3.51 5.45
C LEU A 1421 -28.68 -3.07 4.07
N ASP A 1422 -28.49 -4.03 3.16
CA ASP A 1422 -28.01 -3.76 1.81
C ASP A 1422 -29.19 -3.99 0.88
N ASP A 1423 -29.66 -2.93 0.24
CA ASP A 1423 -30.87 -2.96 -0.56
C ASP A 1423 -30.67 -3.45 -2.00
N CYS A 1424 -29.45 -3.87 -2.37
CA CYS A 1424 -29.15 -4.61 -3.61
C CYS A 1424 -29.54 -3.82 -4.87
N ARG A 1425 -29.36 -2.52 -4.84
CA ARG A 1425 -29.65 -1.72 -6.01
C ARG A 1425 -28.40 -1.43 -6.85
N GLY A 1426 -27.22 -1.64 -6.31
CA GLY A 1426 -26.01 -1.37 -7.06
C GLY A 1426 -25.70 -2.44 -8.07
N VAL A 1427 -24.87 -2.06 -9.04
CA VAL A 1427 -24.41 -3.01 -10.05
C VAL A 1427 -23.56 -4.09 -9.41
N SER A 1428 -22.62 -3.68 -8.56
CA SER A 1428 -21.67 -4.61 -7.94
C SER A 1428 -22.34 -5.65 -7.06
N GLU A 1429 -23.36 -5.24 -6.28
CA GLU A 1429 -24.14 -6.20 -5.47
C GLU A 1429 -24.67 -7.36 -6.32
N ASN A 1430 -25.35 -7.05 -7.42
CA ASN A 1430 -26.00 -8.06 -8.23
C ASN A 1430 -25.02 -8.89 -9.05
N VAL A 1431 -23.93 -8.27 -9.52
CA VAL A 1431 -22.89 -9.01 -10.26
C VAL A 1431 -22.30 -10.12 -9.39
N MET A 1432 -21.94 -9.81 -8.15
CA MET A 1432 -21.30 -10.86 -7.36
C MET A 1432 -22.29 -11.90 -6.85
N LEU A 1433 -23.57 -11.58 -6.81
CA LEU A 1433 -24.58 -12.59 -6.49
C LEU A 1433 -25.10 -13.27 -7.74
N GLY A 1434 -24.54 -12.96 -8.90
CA GLY A 1434 -24.97 -13.54 -10.16
C GLY A 1434 -26.39 -13.31 -10.62
N GLN A 1435 -26.93 -12.12 -10.38
CA GLN A 1435 -28.30 -11.82 -10.77
C GLN A 1435 -28.24 -10.70 -11.80
N LEU A 1436 -29.25 -10.66 -12.68
CA LEU A 1436 -29.36 -9.61 -13.69
C LEU A 1436 -29.39 -8.23 -13.06
N ALA A 1437 -28.41 -7.41 -13.39
CA ALA A 1437 -28.18 -6.11 -12.78
C ALA A 1437 -29.09 -5.04 -13.39
N PRO A 1438 -29.57 -4.10 -12.59
CA PRO A 1438 -30.43 -3.06 -13.14
C PRO A 1438 -29.69 -2.03 -13.99
N MET A 1439 -29.25 -2.42 -15.18
CA MET A 1439 -28.45 -1.58 -16.07
C MET A 1439 -28.68 -2.13 -17.47
N GLY A 1440 -28.65 -1.24 -18.46
CA GLY A 1440 -28.77 -1.57 -19.87
C GLY A 1440 -29.93 -2.48 -20.18
N THR A 1441 -29.63 -3.66 -20.72
CA THR A 1441 -30.68 -4.62 -21.08
C THR A 1441 -31.42 -5.17 -19.87
N GLY A 1442 -30.91 -4.95 -18.66
CA GLY A 1442 -31.54 -5.36 -17.43
C GLY A 1442 -32.28 -4.26 -16.69
N ALA A 1443 -32.41 -3.07 -17.27
CA ALA A 1443 -33.02 -1.95 -16.58
C ALA A 1443 -34.54 -1.93 -16.65
N PHE A 1444 -35.17 -3.00 -17.08
CA PHE A 1444 -36.61 -3.04 -17.25
C PHE A 1444 -37.03 -4.49 -17.29
N ASP A 1445 -38.33 -4.73 -17.14
CA ASP A 1445 -38.89 -6.06 -17.28
C ASP A 1445 -39.66 -6.18 -18.58
N VAL A 1446 -39.80 -7.41 -19.05
CA VAL A 1446 -40.52 -7.72 -20.27
C VAL A 1446 -41.75 -8.55 -19.94
N MET A 1447 -42.93 -8.06 -20.32
CA MET A 1447 -44.19 -8.74 -20.05
C MET A 1447 -44.80 -9.26 -21.33
N ILE A 1448 -45.68 -10.25 -21.20
CA ILE A 1448 -46.38 -10.84 -22.33
C ILE A 1448 -47.70 -10.12 -22.58
N ASP A 1449 -47.90 -9.67 -23.81
CA ASP A 1449 -49.06 -8.87 -24.21
C ASP A 1449 -50.22 -9.80 -24.53
N GLU A 1450 -50.97 -10.17 -23.47
CA GLU A 1450 -52.15 -11.01 -23.62
C GLU A 1450 -53.20 -10.41 -24.56
N LYS A 1451 -53.33 -9.07 -24.59
CA LYS A 1451 -54.30 -8.42 -25.46
C LYS A 1451 -53.97 -8.61 -26.93
N LEU A 1452 -52.69 -8.51 -27.30
CA LEU A 1452 -52.31 -8.64 -28.70
C LEU A 1452 -52.36 -10.08 -29.19
N LEU A 1453 -52.21 -11.06 -28.30
CA LEU A 1453 -52.33 -12.44 -28.72
C LEU A 1453 -53.74 -12.82 -29.16
N THR A 1454 -54.76 -12.11 -28.70
CA THR A 1454 -56.14 -12.49 -29.03
C THR A 1454 -56.51 -12.19 -30.48
N SER A 1455 -55.70 -11.42 -31.21
CA SER A 1455 -55.93 -11.21 -32.63
C SER A 1455 -55.48 -12.37 -33.51
N LEU A 1456 -54.85 -13.39 -32.94
CA LEU A 1456 -54.46 -14.57 -33.70
C LEU A 1456 -55.67 -15.46 -33.96
N PRO A 1457 -55.62 -16.31 -35.01
CA PRO A 1457 -56.72 -17.26 -35.25
C PRO A 1457 -56.89 -18.26 -34.11
N ALA A 1458 -58.03 -18.95 -34.13
CA ALA A 1458 -58.39 -19.87 -33.05
C ALA A 1458 -57.67 -21.21 -33.07
N ASP A 1459 -57.16 -21.68 -34.21
CA ASP A 1459 -56.44 -22.96 -34.23
C ASP A 1459 -55.06 -22.91 -33.59
N TYR A 1460 -54.57 -21.74 -33.19
CA TYR A 1460 -53.32 -21.58 -32.47
C TYR A 1460 -53.47 -21.69 -30.96
N ALA A 1461 -54.67 -22.02 -30.47
CA ALA A 1461 -55.02 -21.88 -29.06
C ALA A 1461 -54.46 -22.99 -28.16
N PRO A 1462 -54.06 -22.62 -26.94
CA PRO A 1462 -53.68 -23.62 -25.92
C PRO A 1462 -54.88 -24.47 -25.52
N THR A 1463 -54.66 -25.77 -25.35
CA THR A 1463 -55.79 -26.59 -24.91
C THR A 1463 -55.72 -26.81 -23.41
N ASP B 9 60.48 4.33 -31.77
CA ASP B 9 59.39 3.37 -31.80
C ASP B 9 58.31 3.86 -32.75
N ASP B 10 57.09 3.35 -32.61
CA ASP B 10 56.00 3.79 -33.47
C ASP B 10 54.70 3.77 -32.68
N THR B 11 53.61 4.09 -33.37
CA THR B 11 52.31 4.31 -32.75
C THR B 11 51.51 3.02 -32.68
N ILE B 12 50.75 2.87 -31.59
CA ILE B 12 49.87 1.73 -31.40
C ILE B 12 48.66 1.88 -32.32
N THR B 13 48.43 0.88 -33.17
CA THR B 13 47.37 0.91 -34.16
C THR B 13 46.16 0.20 -33.57
N THR B 14 45.05 0.22 -34.31
CA THR B 14 43.85 -0.49 -33.86
C THR B 14 44.10 -1.99 -33.75
N GLU B 15 44.74 -2.59 -34.75
CA GLU B 15 45.06 -4.01 -34.72
C GLU B 15 45.93 -4.39 -33.52
N ASP B 16 46.87 -3.51 -33.15
CA ASP B 16 47.71 -3.73 -31.98
C ASP B 16 46.93 -3.73 -30.67
N CYS B 17 45.91 -2.87 -30.56
CA CYS B 17 45.05 -2.87 -29.38
C CYS B 17 44.37 -4.23 -29.19
N TRP B 18 43.89 -4.84 -30.28
CA TRP B 18 43.28 -6.15 -30.18
C TRP B 18 44.28 -7.25 -29.83
N THR B 19 45.56 -7.06 -30.13
CA THR B 19 46.57 -8.02 -29.68
C THR B 19 46.68 -8.02 -28.16
N VAL B 20 46.65 -6.84 -27.54
CA VAL B 20 46.66 -6.72 -26.07
C VAL B 20 45.43 -7.39 -25.48
N ILE B 21 44.25 -7.07 -26.03
CA ILE B 21 42.99 -7.61 -25.53
C ILE B 21 42.97 -9.13 -25.65
N SER B 22 43.49 -9.66 -26.77
CA SER B 22 43.61 -11.11 -26.92
C SER B 22 44.42 -11.75 -25.82
N ALA B 23 45.44 -11.06 -25.32
CA ALA B 23 46.28 -11.63 -24.28
C ALA B 23 45.52 -11.73 -22.95
N PHE B 24 44.72 -10.70 -22.65
CA PHE B 24 43.80 -10.72 -21.50
C PHE B 24 42.92 -11.96 -21.48
N PHE B 25 42.14 -12.19 -22.54
CA PHE B 25 41.20 -13.30 -22.50
C PHE B 25 41.89 -14.64 -22.58
N GLU B 26 43.08 -14.68 -23.18
CA GLU B 26 43.85 -15.92 -23.18
C GLU B 26 44.23 -16.33 -21.77
N GLU B 27 44.61 -15.37 -20.93
CA GLU B 27 44.96 -15.71 -19.56
C GLU B 27 43.73 -15.82 -18.65
N LYS B 28 42.81 -14.87 -18.72
CA LYS B 28 41.77 -14.78 -17.70
C LYS B 28 40.43 -15.33 -18.10
N GLY B 29 40.13 -15.42 -19.39
CA GLY B 29 38.79 -15.83 -19.78
C GLY B 29 37.70 -14.88 -19.36
N LEU B 30 36.49 -15.42 -19.28
CA LEU B 30 35.31 -14.61 -19.01
C LEU B 30 34.72 -14.80 -17.62
N VAL B 31 35.07 -15.87 -16.92
CA VAL B 31 34.45 -16.17 -15.64
C VAL B 31 35.47 -16.27 -14.52
N SER B 32 36.63 -15.64 -14.68
CA SER B 32 37.68 -15.76 -13.68
C SER B 32 37.31 -15.11 -12.36
N GLN B 33 36.44 -14.10 -12.36
CA GLN B 33 36.00 -13.53 -11.09
C GLN B 33 35.12 -14.50 -10.32
N GLN B 34 34.47 -15.43 -11.01
CA GLN B 34 33.79 -16.49 -10.27
C GLN B 34 34.77 -17.51 -9.73
N LEU B 35 35.71 -17.97 -10.57
CA LEU B 35 36.57 -19.08 -10.18
C LEU B 35 37.61 -18.67 -9.15
N ASP B 36 38.25 -17.52 -9.33
CA ASP B 36 39.27 -17.08 -8.38
C ASP B 36 38.66 -16.81 -7.02
N SER B 37 37.47 -16.23 -6.99
CA SER B 37 36.78 -15.98 -5.72
C SER B 37 36.51 -17.27 -4.97
N PHE B 38 36.01 -18.29 -5.67
CA PHE B 38 35.73 -19.55 -4.98
C PHE B 38 37.01 -20.25 -4.56
N ASP B 39 38.07 -20.14 -5.38
CA ASP B 39 39.34 -20.78 -5.05
C ASP B 39 39.91 -20.21 -3.77
N GLU B 40 39.81 -18.90 -3.59
CA GLU B 40 40.29 -18.25 -2.39
C GLU B 40 39.49 -18.70 -1.18
N PHE B 41 38.22 -19.05 -1.38
CA PHE B 41 37.39 -19.52 -0.29
C PHE B 41 37.83 -20.89 0.21
N MET B 42 38.16 -21.81 -0.70
CA MET B 42 38.59 -23.14 -0.27
C MET B 42 39.98 -23.11 0.34
N GLU B 43 40.91 -22.37 -0.26
CA GLU B 43 42.28 -22.35 0.23
C GLU B 43 42.39 -21.72 1.60
N THR B 44 41.72 -20.61 1.82
CA THR B 44 42.05 -19.81 2.98
C THR B 44 40.86 -19.48 3.86
N SER B 45 39.71 -19.13 3.27
CA SER B 45 38.62 -18.53 4.04
C SER B 45 38.00 -19.53 5.01
N ILE B 46 37.86 -20.79 4.59
CA ILE B 46 37.31 -21.84 5.45
C ILE B 46 38.18 -21.99 6.69
N GLN B 47 39.49 -22.05 6.48
CA GLN B 47 40.47 -22.17 7.56
C GLN B 47 40.36 -21.03 8.55
N ASP B 48 40.28 -19.79 8.05
CA ASP B 48 40.16 -18.63 8.93
C ASP B 48 38.86 -18.65 9.73
N LEU B 49 37.77 -19.11 9.11
CA LEU B 49 36.49 -19.16 9.79
C LEU B 49 36.52 -20.14 10.96
N VAL B 50 37.23 -21.25 10.80
CA VAL B 50 37.37 -22.21 11.88
C VAL B 50 38.09 -21.59 13.07
N TRP B 51 39.12 -20.80 12.80
CA TRP B 51 39.86 -20.16 13.88
C TRP B 51 39.19 -18.91 14.43
N GLU B 52 37.95 -18.61 14.01
CA GLU B 52 37.24 -17.45 14.55
C GLU B 52 36.82 -17.67 16.00
N GLU B 53 36.43 -18.90 16.34
CA GLU B 53 36.19 -19.30 17.72
C GLU B 53 36.93 -20.59 17.96
N PRO B 54 38.24 -20.51 18.20
CA PRO B 54 39.09 -21.71 18.04
C PRO B 54 38.95 -22.76 19.14
N ARG B 55 38.29 -22.47 20.26
CA ARG B 55 38.21 -23.46 21.34
C ARG B 55 36.86 -23.48 22.04
N LEU B 56 36.42 -24.68 22.42
CA LEU B 56 35.25 -24.88 23.25
C LEU B 56 35.73 -25.21 24.66
N ILE B 57 35.10 -24.63 25.66
CA ILE B 57 35.54 -24.77 27.05
C ILE B 57 34.36 -25.10 27.94
N LEU B 58 34.50 -26.14 28.76
CA LEU B 58 33.56 -26.46 29.84
C LEU B 58 34.29 -26.33 31.18
N ASP B 59 33.54 -26.52 32.26
CA ASP B 59 34.01 -26.39 33.64
C ASP B 59 32.97 -26.97 34.59
N GLN B 60 33.45 -27.60 35.67
CA GLN B 60 32.65 -28.10 36.78
C GLN B 60 33.66 -28.01 37.93
N PRO B 61 33.21 -27.46 39.08
CA PRO B 61 33.96 -27.30 40.32
C PRO B 61 33.66 -28.50 41.23
N ALA B 62 34.16 -29.66 40.81
CA ALA B 62 33.95 -30.93 41.50
C ALA B 62 33.83 -30.96 43.03
N GLN B 63 32.60 -31.00 43.52
CA GLN B 63 32.32 -31.15 44.94
C GLN B 63 31.20 -32.15 44.68
N HIS B 64 31.38 -33.38 45.17
CA HIS B 64 30.38 -34.43 44.98
C HIS B 64 30.52 -35.53 46.04
N ASP B 69 36.80 -32.08 48.18
CA ASP B 69 37.61 -32.65 47.13
C ASP B 69 37.36 -32.00 45.78
N ASN B 70 37.26 -30.66 45.78
CA ASN B 70 37.04 -29.92 44.55
C ASN B 70 38.06 -30.28 43.49
N ILE B 71 37.60 -30.50 42.26
CA ILE B 71 38.50 -30.86 41.17
C ILE B 71 38.08 -30.26 39.84
N ASN B 72 38.33 -28.97 39.67
CA ASN B 72 38.00 -28.28 38.43
C ASN B 72 38.47 -29.13 37.26
N LYS B 73 37.54 -29.55 36.41
CA LYS B 73 37.84 -30.40 35.27
C LYS B 73 37.33 -29.63 34.06
N ARG B 74 38.22 -28.86 33.43
CA ARG B 74 37.86 -28.20 32.20
C ARG B 74 38.01 -29.16 31.03
N TYR B 75 36.93 -29.29 30.28
CA TYR B 75 36.91 -30.08 29.06
C TYR B 75 37.10 -29.12 27.92
N GLU B 76 38.09 -29.38 27.08
CA GLU B 76 38.47 -28.46 26.03
C GLU B 76 38.66 -29.19 24.72
N ILE B 77 38.16 -28.57 23.64
CA ILE B 77 38.27 -29.10 22.29
C ILE B 77 38.75 -28.00 21.37
N ARG B 78 39.84 -28.27 20.64
CA ARG B 78 40.52 -27.31 19.79
C ARG B 78 40.46 -27.76 18.33
N PHE B 79 40.07 -26.85 17.45
CA PHE B 79 39.94 -27.16 16.03
C PHE B 79 41.21 -26.77 15.30
N GLY B 80 41.81 -27.71 14.57
CA GLY B 80 43.05 -27.38 13.89
C GLY B 80 43.02 -27.22 12.38
N LYS B 81 43.93 -27.93 11.71
CA LYS B 81 44.11 -27.83 10.26
C LYS B 81 42.90 -28.36 9.53
N ILE B 82 42.63 -27.79 8.35
CA ILE B 82 41.60 -28.29 7.43
C ILE B 82 42.26 -29.03 6.28
N TYR B 83 41.67 -30.16 5.89
CA TYR B 83 42.14 -30.93 4.76
C TYR B 83 40.94 -31.19 3.86
N LEU B 84 41.21 -31.21 2.57
CA LEU B 84 40.20 -31.38 1.54
C LEU B 84 40.54 -32.60 0.71
N SER B 85 39.51 -33.33 0.32
CA SER B 85 39.60 -34.45 -0.60
C SER B 85 38.80 -34.15 -1.85
N ARG B 86 39.21 -34.81 -2.93
CA ARG B 86 38.51 -34.70 -4.20
C ARG B 86 37.11 -35.28 -4.06
N PRO B 87 36.17 -34.83 -4.90
CA PRO B 87 34.78 -35.29 -4.76
C PRO B 87 34.61 -36.78 -5.00
N THR B 88 33.83 -37.41 -4.14
CA THR B 88 33.74 -38.86 -4.09
C THR B 88 32.28 -39.28 -4.00
N MET B 89 31.91 -40.26 -4.81
CA MET B 89 30.59 -40.87 -4.76
C MET B 89 30.65 -42.10 -3.87
N THR B 90 29.89 -42.08 -2.78
CA THR B 90 29.79 -43.27 -1.94
C THR B 90 28.43 -43.91 -2.10
N GLU B 91 28.41 -45.02 -2.82
CA GLU B 91 27.24 -45.85 -3.05
C GLU B 91 26.70 -46.40 -1.72
N ALA B 92 25.45 -46.87 -1.77
CA ALA B 92 24.88 -47.59 -0.64
C ALA B 92 25.68 -48.84 -0.29
N ASP B 93 26.24 -49.52 -1.31
CA ASP B 93 27.27 -50.55 -1.12
C ASP B 93 28.31 -50.21 -0.05
N GLY B 94 28.89 -49.01 -0.13
CA GLY B 94 30.07 -48.66 0.62
C GLY B 94 31.28 -48.34 -0.24
N THR B 95 31.32 -48.87 -1.46
CA THR B 95 32.37 -48.58 -2.42
C THR B 95 32.40 -47.10 -2.78
N THR B 96 33.60 -46.62 -3.09
CA THR B 96 33.83 -45.21 -3.38
C THR B 96 34.61 -45.14 -4.68
N HIS B 97 34.48 -44.01 -5.36
CA HIS B 97 35.27 -43.70 -6.53
C HIS B 97 35.22 -42.22 -6.78
N ALA B 98 36.13 -41.72 -7.60
CA ALA B 98 36.13 -40.32 -7.96
C ALA B 98 34.88 -40.03 -8.78
N MET B 99 34.19 -38.96 -8.44
CA MET B 99 32.98 -38.56 -9.14
C MET B 99 33.31 -37.53 -10.21
N PHE B 100 32.85 -37.77 -11.40
CA PHE B 100 32.98 -36.70 -12.37
C PHE B 100 31.60 -36.12 -12.66
N PRO B 101 31.53 -34.84 -13.07
CA PRO B 101 30.23 -34.15 -13.22
C PRO B 101 29.17 -34.82 -14.07
N GLN B 102 29.53 -35.50 -15.16
CA GLN B 102 28.52 -36.08 -16.03
C GLN B 102 27.68 -37.13 -15.32
N GLU B 103 28.32 -37.96 -14.49
CA GLU B 103 27.55 -38.89 -13.65
C GLU B 103 26.67 -38.13 -12.67
N ALA B 104 27.20 -37.04 -12.09
CA ALA B 104 26.46 -36.25 -11.11
C ALA B 104 25.20 -35.63 -11.68
N ARG B 105 25.26 -35.08 -12.89
CA ARG B 105 24.05 -34.57 -13.55
C ARG B 105 23.01 -35.66 -13.77
N LEU B 106 23.44 -36.79 -14.35
CA LEU B 106 22.52 -37.85 -14.75
C LEU B 106 21.75 -38.44 -13.57
N ARG B 107 22.45 -38.75 -12.48
CA ARG B 107 21.86 -39.46 -11.36
C ARG B 107 21.34 -38.52 -10.27
N ASN B 108 21.22 -37.22 -10.56
CA ASN B 108 20.72 -36.20 -9.62
C ASN B 108 21.49 -36.21 -8.31
N LEU B 109 22.80 -36.24 -8.42
CA LEU B 109 23.67 -36.17 -7.26
C LEU B 109 24.19 -34.76 -7.08
N THR B 110 24.84 -34.54 -5.95
CA THR B 110 25.49 -33.28 -5.65
C THR B 110 26.98 -33.46 -5.81
N TYR B 111 27.58 -32.59 -6.58
CA TYR B 111 29.02 -32.63 -6.82
C TYR B 111 29.69 -31.90 -5.68
N SER B 112 30.20 -32.65 -4.71
CA SER B 112 30.71 -32.04 -3.49
C SER B 112 31.87 -32.83 -2.95
N SER B 113 32.73 -32.15 -2.22
CA SER B 113 33.94 -32.67 -1.59
C SER B 113 33.74 -32.90 -0.11
N PRO B 114 34.15 -34.05 0.43
CA PRO B 114 34.14 -34.21 1.90
C PRO B 114 35.21 -33.35 2.54
N VAL B 115 34.85 -32.74 3.66
CA VAL B 115 35.76 -31.89 4.42
C VAL B 115 36.06 -32.53 5.77
N TYR B 116 37.35 -32.66 6.08
CA TYR B 116 37.82 -33.20 7.35
C TYR B 116 38.53 -32.12 8.13
N LEU B 117 38.35 -32.15 9.43
CA LEU B 117 38.88 -31.16 10.37
C LEU B 117 39.56 -31.83 11.54
N ASP B 118 40.81 -31.44 11.77
CA ASP B 118 41.52 -31.86 12.96
C ASP B 118 40.86 -31.28 14.20
N MET B 119 40.69 -32.09 15.21
CA MET B 119 40.14 -31.71 16.49
C MET B 119 41.05 -32.27 17.57
N GLU B 120 41.27 -31.50 18.63
CA GLU B 120 42.22 -31.91 19.64
C GLU B 120 41.53 -31.82 21.00
N LYS B 121 41.66 -32.88 21.77
CA LYS B 121 41.08 -32.96 23.11
C LYS B 121 42.16 -32.64 24.12
N SER B 122 41.77 -32.01 25.22
CA SER B 122 42.69 -31.77 26.33
C SER B 122 41.89 -31.74 27.62
N MET B 123 42.55 -32.12 28.73
CA MET B 123 41.83 -32.41 29.98
C MET B 123 42.51 -31.85 31.22
N PHE B 124 42.34 -30.55 31.43
CA PHE B 124 42.73 -29.93 32.69
C PHE B 124 41.97 -30.49 33.87
N THR B 125 42.68 -30.75 34.97
CA THR B 125 42.13 -31.35 36.18
C THR B 125 42.88 -30.70 37.33
N SER B 126 42.16 -29.99 38.21
CA SER B 126 42.81 -29.27 39.31
C SER B 126 42.02 -29.33 40.60
N ILE B 127 42.58 -29.97 41.63
CA ILE B 127 41.90 -30.12 42.91
C ILE B 127 42.08 -28.84 43.72
N ASP B 128 41.17 -27.88 43.52
CA ASP B 128 41.19 -26.64 44.30
C ASP B 128 39.83 -25.92 44.33
N GLY B 153 41.82 -35.24 19.12
CA GLY B 153 41.39 -36.44 18.44
C GLY B 153 42.16 -36.70 17.16
N ASN B 154 41.44 -36.83 16.04
CA ASN B 154 42.05 -36.93 14.73
C ASN B 154 40.96 -36.50 13.72
N LYS B 155 41.24 -36.55 12.43
CA LYS B 155 40.43 -36.26 11.26
C LYS B 155 38.92 -36.47 11.28
N VAL B 156 38.15 -35.78 12.13
CA VAL B 156 36.70 -35.98 12.17
C VAL B 156 36.04 -35.27 10.99
N HIS B 157 35.13 -35.98 10.32
CA HIS B 157 34.40 -35.54 9.14
C HIS B 157 33.26 -34.60 9.51
N ILE B 158 33.25 -33.40 8.94
CA ILE B 158 32.25 -32.40 9.31
C ILE B 158 31.24 -32.06 8.23
N GLY B 159 31.36 -32.57 7.03
CA GLY B 159 30.35 -32.29 6.02
C GLY B 159 30.93 -32.23 4.64
N LYS B 160 30.06 -32.04 3.66
CA LYS B 160 30.44 -31.93 2.27
C LYS B 160 30.16 -30.52 1.73
N VAL B 161 31.12 -29.96 1.01
CA VAL B 161 31.04 -28.63 0.42
C VAL B 161 30.94 -28.76 -1.10
N PRO B 162 29.89 -28.23 -1.75
CA PRO B 162 29.80 -28.26 -3.21
C PRO B 162 30.95 -27.54 -3.90
N ILE B 163 31.51 -28.18 -4.92
CA ILE B 163 32.68 -27.70 -5.65
C ILE B 163 32.24 -26.99 -6.92
N MET B 164 32.77 -25.79 -7.14
CA MET B 164 32.55 -25.08 -8.40
C MET B 164 33.30 -25.75 -9.52
N LEU B 165 32.60 -26.06 -10.61
CA LEU B 165 33.22 -26.78 -11.73
C LEU B 165 34.31 -25.92 -12.34
N ARG B 166 35.40 -26.58 -12.74
CA ARG B 166 36.62 -26.05 -13.33
C ARG B 166 37.47 -25.25 -12.34
N SER B 167 37.08 -25.18 -11.07
CA SER B 167 37.95 -24.60 -10.05
C SER B 167 39.11 -25.54 -9.76
N LYS B 168 39.99 -25.12 -8.85
CA LYS B 168 41.17 -25.93 -8.55
C LYS B 168 40.85 -27.24 -7.84
N PHE B 169 39.67 -27.38 -7.27
CA PHE B 169 39.33 -28.60 -6.53
C PHE B 169 38.37 -29.50 -7.28
N CYS B 170 38.15 -29.23 -8.56
CA CYS B 170 37.30 -30.04 -9.40
C CYS B 170 38.14 -31.04 -10.17
N SER B 171 37.64 -32.26 -10.31
CA SER B 171 38.39 -33.30 -10.99
C SER B 171 38.56 -33.07 -12.50
N LEU B 172 37.97 -32.01 -13.06
CA LEU B 172 38.15 -31.71 -14.46
C LEU B 172 39.30 -30.75 -14.72
N ARG B 173 39.81 -30.08 -13.68
CA ARG B 173 40.86 -29.08 -13.84
C ARG B 173 42.12 -29.65 -14.47
N THR B 174 42.34 -30.94 -14.31
CA THR B 174 43.49 -31.61 -14.89
C THR B 174 43.04 -32.26 -16.18
N LEU B 175 43.16 -33.59 -16.27
CA LEU B 175 42.65 -34.41 -17.37
C LEU B 175 43.31 -34.13 -18.72
N ASP B 176 43.22 -32.88 -19.22
CA ASP B 176 43.79 -32.39 -20.49
C ASP B 176 42.94 -32.88 -21.66
N GLU B 177 42.70 -31.97 -22.60
CA GLU B 177 41.74 -31.99 -23.73
C GLU B 177 41.34 -33.34 -24.30
N VAL B 178 42.29 -34.27 -24.37
CA VAL B 178 42.05 -35.63 -24.89
C VAL B 178 41.02 -36.36 -24.05
N ASP B 179 41.25 -36.41 -22.74
CA ASP B 179 40.44 -37.13 -21.77
C ASP B 179 39.18 -36.39 -21.33
N LEU B 180 39.11 -35.08 -21.54
CA LEU B 180 37.85 -34.35 -21.37
C LEU B 180 36.72 -34.94 -22.21
N TYR B 181 37.00 -35.23 -23.48
CA TYR B 181 36.01 -35.87 -24.34
C TYR B 181 35.56 -37.22 -23.80
N LYS B 182 36.44 -37.98 -23.14
CA LYS B 182 35.99 -39.25 -22.60
C LYS B 182 35.07 -39.07 -21.40
N MET B 183 35.29 -38.04 -20.60
CA MET B 183 34.37 -37.75 -19.50
C MET B 183 33.08 -37.05 -19.91
N LYS B 184 32.78 -36.99 -21.22
CA LYS B 184 31.57 -36.41 -21.79
C LYS B 184 31.41 -34.93 -21.47
N GLU B 185 32.50 -34.21 -21.28
CA GLU B 185 32.48 -32.81 -20.91
C GLU B 185 32.83 -31.95 -22.12
N CYS B 186 32.17 -30.84 -22.23
CA CYS B 186 32.43 -30.07 -23.44
C CYS B 186 33.52 -29.05 -23.17
N PRO B 187 34.51 -28.94 -24.04
CA PRO B 187 35.61 -27.99 -23.80
C PRO B 187 35.18 -26.54 -23.84
N TYR B 188 34.04 -26.22 -24.43
CA TYR B 188 33.51 -24.86 -24.40
C TYR B 188 32.82 -24.51 -23.08
N ASP B 189 32.54 -25.49 -22.24
CA ASP B 189 31.92 -25.26 -20.93
C ASP B 189 32.98 -24.73 -19.98
N MET B 190 32.83 -23.48 -19.56
CA MET B 190 33.83 -22.80 -18.76
C MET B 190 33.58 -22.86 -17.26
N GLY B 191 32.58 -23.62 -16.82
CA GLY B 191 32.38 -23.74 -15.39
C GLY B 191 31.82 -22.50 -14.74
N GLY B 192 32.18 -22.29 -13.49
CA GLY B 192 31.63 -21.21 -12.70
C GLY B 192 30.29 -21.48 -12.05
N TYR B 193 29.86 -22.73 -11.99
CA TYR B 193 28.57 -23.04 -11.40
C TYR B 193 28.65 -24.33 -10.59
N PHE B 194 27.60 -24.60 -9.83
CA PHE B 194 27.56 -25.76 -8.96
C PHE B 194 26.53 -26.74 -9.48
N VAL B 195 26.59 -27.97 -9.03
CA VAL B 195 25.59 -28.97 -9.35
C VAL B 195 24.94 -29.44 -8.06
N ILE B 196 23.65 -29.16 -7.89
CA ILE B 196 22.91 -29.51 -6.70
C ILE B 196 21.66 -30.28 -7.10
N ASN B 197 21.60 -31.56 -6.67
CA ASN B 197 20.58 -32.53 -7.07
C ASN B 197 20.38 -32.57 -8.57
N GLY B 198 21.49 -32.59 -9.30
CA GLY B 198 21.45 -32.67 -10.73
C GLY B 198 21.20 -31.36 -11.44
N SER B 199 20.86 -30.31 -10.73
CA SER B 199 20.46 -29.05 -11.32
C SER B 199 21.62 -28.08 -11.21
N GLU B 200 21.92 -27.37 -12.28
CA GLU B 200 23.04 -26.45 -12.28
C GLU B 200 22.66 -25.11 -11.68
N LYS B 201 23.31 -24.73 -10.58
CA LYS B 201 23.00 -23.52 -9.85
C LYS B 201 24.20 -22.59 -9.91
N VAL B 202 23.95 -21.32 -10.25
CA VAL B 202 24.96 -20.27 -10.32
C VAL B 202 24.67 -19.23 -9.25
N LEU B 203 25.72 -18.71 -8.61
CA LEU B 203 25.54 -17.67 -7.62
C LEU B 203 25.56 -16.29 -8.29
N ILE B 204 24.58 -15.47 -7.95
CA ILE B 204 24.42 -14.14 -8.50
C ILE B 204 25.10 -13.15 -7.58
N ALA B 205 26.02 -12.36 -8.12
CA ALA B 205 26.70 -11.31 -7.36
C ALA B 205 25.70 -10.37 -6.68
N GLN B 206 25.92 -10.13 -5.40
CA GLN B 206 25.03 -9.31 -4.58
C GLN B 206 25.67 -7.97 -4.32
N GLU B 207 24.98 -6.89 -4.71
CA GLU B 207 25.51 -5.55 -4.55
C GLU B 207 25.17 -5.03 -3.17
N ARG B 208 26.15 -4.47 -2.47
CA ARG B 208 25.89 -3.88 -1.17
C ARG B 208 26.69 -2.59 -1.04
N SER B 209 26.33 -1.79 -0.04
CA SER B 209 27.09 -0.59 0.27
C SER B 209 28.40 -0.96 0.95
N ALA B 210 29.41 -0.15 0.69
CA ALA B 210 30.71 -0.34 1.33
C ALA B 210 30.63 -0.18 2.82
N ALA B 211 31.46 -0.92 3.52
CA ALA B 211 31.61 -0.76 4.96
C ALA B 211 32.74 0.20 5.26
N ASN B 212 32.72 0.73 6.49
CA ASN B 212 33.81 1.55 7.05
C ASN B 212 34.00 2.87 6.29
N ILE B 213 32.91 3.42 5.76
CA ILE B 213 32.94 4.73 5.12
C ILE B 213 31.82 5.58 5.67
N VAL B 214 32.09 6.88 5.80
CA VAL B 214 31.15 7.86 6.31
C VAL B 214 30.34 8.40 5.15
N GLN B 215 29.01 8.35 5.28
CA GLN B 215 28.14 8.95 4.29
C GLN B 215 27.22 9.96 4.97
N VAL B 216 27.04 11.12 4.35
CA VAL B 216 26.18 12.16 4.88
C VAL B 216 24.97 12.37 3.98
N PHE B 217 23.78 12.30 4.55
CA PHE B 217 22.56 12.54 3.79
C PHE B 217 21.72 13.61 4.47
N LYS B 218 20.90 14.28 3.67
CA LYS B 218 19.95 15.25 4.18
C LYS B 218 18.61 14.59 4.47
N LYS B 219 17.87 15.16 5.41
CA LYS B 219 16.59 14.62 5.85
C LYS B 219 15.44 15.51 5.39
N ALA B 220 14.25 14.90 5.29
CA ALA B 220 13.05 15.52 4.77
C ALA B 220 12.54 16.59 5.74
N ALA B 221 11.66 17.46 5.23
CA ALA B 221 11.19 18.62 5.99
C ALA B 221 10.48 18.28 7.32
N PRO B 222 9.46 17.36 7.40
CA PRO B 222 8.78 17.19 8.70
C PRO B 222 9.56 16.45 9.78
N SER B 223 10.87 16.63 9.84
CA SER B 223 11.74 15.95 10.79
C SER B 223 12.60 16.96 11.54
N PRO B 224 12.80 16.78 12.85
CA PRO B 224 13.71 17.66 13.59
C PRO B 224 15.17 17.53 13.17
N ILE B 225 15.53 16.44 12.51
CA ILE B 225 16.85 16.20 11.98
C ILE B 225 16.97 16.74 10.57
N SER B 226 18.11 17.34 10.26
CA SER B 226 18.36 17.91 8.93
C SER B 226 19.49 17.21 8.19
N HIS B 227 20.50 16.72 8.91
CA HIS B 227 21.62 16.01 8.34
C HIS B 227 21.95 14.83 9.22
N VAL B 228 22.36 13.73 8.61
CA VAL B 228 22.69 12.50 9.33
C VAL B 228 23.99 11.98 8.75
N ALA B 229 24.90 11.53 9.61
CA ALA B 229 26.08 10.80 9.18
C ALA B 229 25.87 9.36 9.60
N GLU B 230 26.26 8.43 8.72
CA GLU B 230 25.98 7.02 8.98
C GLU B 230 27.20 6.20 8.63
N ILE B 231 27.41 5.11 9.36
CA ILE B 231 28.45 4.17 9.00
C ILE B 231 28.11 2.77 9.50
N ARG B 232 28.32 1.76 8.66
CA ARG B 232 28.19 0.38 9.10
C ARG B 232 29.60 -0.17 9.23
N SER B 233 29.96 -0.60 10.43
CA SER B 233 31.31 -1.03 10.74
C SER B 233 31.40 -2.53 10.57
N ALA B 234 32.45 -2.98 9.89
CA ALA B 234 32.66 -4.38 9.60
C ALA B 234 34.15 -4.65 9.65
N LEU B 235 34.51 -5.82 10.19
CA LEU B 235 35.91 -6.12 10.45
C LEU B 235 36.62 -6.41 9.14
N GLU B 236 37.95 -6.44 9.20
CA GLU B 236 38.69 -6.79 8.00
C GLU B 236 38.81 -8.30 7.85
N LYS B 237 39.19 -8.99 8.93
CA LYS B 237 39.21 -10.44 8.91
C LYS B 237 37.77 -10.98 8.86
N GLY B 238 37.58 -12.08 8.12
CA GLY B 238 36.26 -12.51 7.68
C GLY B 238 35.45 -11.63 6.75
N SER B 239 35.29 -10.35 7.13
CA SER B 239 34.78 -9.15 6.44
C SER B 239 33.34 -8.87 6.87
N ARG B 240 32.94 -9.42 8.01
CA ARG B 240 31.54 -9.71 8.28
C ARG B 240 30.96 -8.48 8.96
N LEU B 241 29.64 -8.27 8.82
CA LEU B 241 29.01 -7.17 9.54
C LEU B 241 29.06 -7.33 11.06
N ILE B 242 29.12 -6.20 11.74
CA ILE B 242 29.13 -6.15 13.20
C ILE B 242 28.00 -5.28 13.73
N SER B 243 28.03 -4.01 13.37
CA SER B 243 27.09 -3.04 13.93
C SER B 243 27.00 -1.84 13.02
N THR B 244 26.10 -0.93 13.38
CA THR B 244 25.79 0.23 12.60
C THR B 244 25.62 1.40 13.55
N MET B 245 26.04 2.59 13.12
CA MET B 245 26.14 3.71 14.03
C MET B 245 25.71 4.94 13.25
N GLN B 246 25.11 5.91 13.94
CA GLN B 246 24.60 7.10 13.30
C GLN B 246 24.93 8.31 14.17
N ILE B 247 25.08 9.46 13.53
CA ILE B 247 25.21 10.74 14.22
C ILE B 247 24.23 11.72 13.59
N LYS B 248 23.22 12.11 14.34
CA LYS B 248 22.14 12.93 13.82
C LYS B 248 22.31 14.36 14.33
N LEU B 249 22.11 15.32 13.44
CA LEU B 249 22.08 16.74 13.78
C LEU B 249 20.63 17.18 13.88
N TYR B 250 20.19 17.53 15.09
CA TYR B 250 18.82 17.93 15.27
C TYR B 250 18.65 19.39 14.84
N GLY B 251 17.44 19.91 15.06
CA GLY B 251 17.16 21.29 14.75
C GLY B 251 16.93 21.58 13.27
N ARG B 252 15.72 22.02 12.96
CA ARG B 252 15.29 22.41 11.63
C ARG B 252 15.84 23.84 11.36
N GLU B 253 15.36 24.49 10.31
CA GLU B 253 15.70 25.87 9.96
C GLU B 253 14.86 26.82 10.81
N ASP B 254 15.52 27.47 11.79
CA ASP B 254 14.90 28.37 12.78
C ASP B 254 13.86 27.68 13.64
N LYS B 255 13.99 26.37 13.80
CA LYS B 255 13.11 25.57 14.63
C LYS B 255 13.94 24.44 15.18
N GLY B 256 13.73 24.09 16.44
CA GLY B 256 14.60 23.11 17.06
C GLY B 256 15.48 23.71 18.12
N THR B 257 15.32 25.02 18.37
CA THR B 257 15.94 25.86 19.42
C THR B 257 17.43 25.54 19.52
N GLY B 258 17.93 25.06 20.65
CA GLY B 258 19.26 24.50 20.75
C GLY B 258 19.57 23.43 19.72
N ARG B 259 20.60 23.66 18.90
CA ARG B 259 20.83 22.88 17.68
C ARG B 259 21.91 21.82 17.92
N THR B 260 21.67 20.94 18.87
CA THR B 260 22.80 20.22 19.41
C THR B 260 22.95 18.96 18.57
N ILE B 261 23.88 18.09 18.93
CA ILE B 261 24.13 16.89 18.16
C ILE B 261 24.17 15.70 19.10
N LYS B 262 23.37 14.68 18.82
CA LYS B 262 23.43 13.46 19.61
C LYS B 262 23.78 12.31 18.68
N ALA B 263 24.37 11.27 19.24
CA ALA B 263 24.73 10.07 18.50
C ALA B 263 23.86 8.89 18.88
N THR B 264 23.97 7.83 18.09
CA THR B 264 23.28 6.57 18.34
C THR B 264 24.33 5.50 18.49
N LEU B 265 24.24 4.72 19.57
CA LEU B 265 25.21 3.67 19.81
C LEU B 265 24.52 2.32 19.77
N PRO B 266 25.19 1.27 19.27
CA PRO B 266 24.60 -0.07 19.30
C PRO B 266 24.26 -0.51 20.71
N TYR B 267 23.07 -1.10 20.84
CA TYR B 267 22.54 -1.66 22.09
C TYR B 267 22.33 -0.59 23.16
N VAL B 268 21.98 0.64 22.79
CA VAL B 268 21.60 1.68 23.73
C VAL B 268 20.29 2.28 23.23
N LYS B 269 19.32 2.42 24.13
CA LYS B 269 17.96 2.72 23.71
C LYS B 269 17.75 4.17 23.27
N GLN B 270 18.63 5.08 23.66
CA GLN B 270 18.36 6.50 23.46
C GLN B 270 19.58 7.20 22.88
N ASP B 271 19.33 8.32 22.20
CA ASP B 271 20.41 9.13 21.63
C ASP B 271 21.17 9.91 22.69
N ILE B 272 22.49 9.85 22.62
CA ILE B 272 23.40 10.43 23.61
C ILE B 272 24.17 11.58 22.98
N PRO B 273 24.18 12.77 23.60
CA PRO B 273 24.94 13.92 23.05
C PRO B 273 26.42 13.63 22.88
N ILE B 274 27.01 14.27 21.87
CA ILE B 274 28.37 13.98 21.41
C ILE B 274 29.40 14.22 22.49
N VAL B 275 29.29 15.37 23.17
CA VAL B 275 30.27 15.77 24.19
C VAL B 275 30.39 14.70 25.27
N ILE B 276 29.26 14.09 25.64
CA ILE B 276 29.23 13.05 26.67
C ILE B 276 30.07 11.84 26.27
N VAL B 277 30.00 11.44 25.00
CA VAL B 277 30.77 10.27 24.59
C VAL B 277 32.25 10.62 24.47
N PHE B 278 32.58 11.86 24.11
CA PHE B 278 33.97 12.31 24.13
C PHE B 278 34.55 12.22 25.54
N ARG B 279 33.79 12.69 26.53
CA ARG B 279 34.25 12.63 27.91
C ARG B 279 34.35 11.19 28.39
N ALA B 280 33.37 10.37 28.03
CA ALA B 280 33.34 8.95 28.35
C ALA B 280 34.50 8.14 27.76
N LEU B 281 35.29 8.70 26.86
CA LEU B 281 36.43 7.96 26.33
C LEU B 281 37.73 8.36 26.96
N GLY B 282 37.74 9.40 27.79
CA GLY B 282 38.93 9.80 28.50
C GLY B 282 39.48 11.16 28.18
N VAL B 283 38.76 11.95 27.38
CA VAL B 283 39.15 13.31 27.05
C VAL B 283 38.02 14.24 27.47
N VAL B 284 38.22 14.95 28.58
CA VAL B 284 37.12 15.66 29.24
C VAL B 284 37.11 17.18 29.10
N PRO B 285 38.20 17.97 29.26
CA PRO B 285 38.05 19.43 29.12
C PRO B 285 37.70 19.82 27.68
N ASP B 286 36.68 20.70 27.57
CA ASP B 286 36.20 21.38 26.35
C ASP B 286 37.30 21.69 25.34
N GLY B 287 38.38 22.33 25.80
CA GLY B 287 39.40 22.85 24.89
C GLY B 287 40.10 21.76 24.12
N GLU B 288 40.22 20.57 24.72
CA GLU B 288 40.80 19.44 24.01
C GLU B 288 39.79 18.84 23.04
N ILE B 289 38.53 18.75 23.47
CA ILE B 289 37.44 18.27 22.62
C ILE B 289 37.36 19.05 21.32
N LEU B 290 37.29 20.38 21.41
CA LEU B 290 37.22 21.18 20.19
C LEU B 290 38.51 21.09 19.39
N GLN B 291 39.63 20.79 20.05
CA GLN B 291 40.89 20.62 19.33
C GLN B 291 40.90 19.31 18.55
N HIS B 292 40.08 18.34 18.93
CA HIS B 292 39.95 17.11 18.18
C HIS B 292 38.99 17.20 17.00
N ILE B 293 38.04 18.14 17.01
CA ILE B 293 37.08 18.19 15.91
C ILE B 293 37.45 19.22 14.85
N CYS B 294 37.31 20.50 15.17
CA CYS B 294 37.55 21.56 14.22
C CYS B 294 39.03 21.90 14.13
N TYR B 295 39.59 21.87 12.92
CA TYR B 295 40.98 22.24 12.71
C TYR B 295 41.14 23.64 12.14
N ASP B 296 40.24 24.55 12.51
CA ASP B 296 40.30 25.92 12.01
C ASP B 296 39.63 26.77 13.09
N GLU B 297 40.46 27.36 13.95
CA GLU B 297 40.04 28.24 15.03
C GLU B 297 39.33 29.52 14.58
N ASN B 298 39.49 29.91 13.31
CA ASN B 298 38.82 31.10 12.80
C ASN B 298 37.37 30.84 12.42
N ASP B 299 37.04 29.62 11.97
CA ASP B 299 35.71 29.22 11.53
C ASP B 299 34.70 29.39 12.64
N TRP B 300 34.16 30.61 12.79
CA TRP B 300 33.22 30.89 13.87
C TRP B 300 31.83 30.35 13.59
N GLN B 301 31.46 30.17 12.32
CA GLN B 301 30.18 29.55 11.97
C GLN B 301 30.11 28.12 12.48
N MET B 302 31.15 27.35 12.23
CA MET B 302 31.21 25.98 12.74
C MET B 302 31.27 25.96 14.25
N LEU B 303 32.06 26.87 14.85
CA LEU B 303 32.16 26.94 16.30
C LEU B 303 30.85 27.34 16.96
N GLU B 304 30.09 28.24 16.32
CA GLU B 304 28.77 28.60 16.83
C GLU B 304 27.80 27.44 16.78
N MET B 305 27.96 26.51 15.83
CA MET B 305 27.02 25.41 15.82
C MET B 305 27.39 24.37 16.86
N LEU B 306 28.64 24.34 17.33
CA LEU B 306 28.95 23.39 18.38
C LEU B 306 28.69 23.95 19.77
N LYS B 307 28.39 25.27 19.87
CA LYS B 307 28.11 25.98 21.12
C LYS B 307 27.02 25.27 21.93
N PRO B 308 25.80 25.03 21.40
CA PRO B 308 24.76 24.39 22.24
C PRO B 308 25.12 22.99 22.72
N CYS B 309 26.00 22.28 22.00
CA CYS B 309 26.39 20.93 22.39
C CYS B 309 27.22 20.95 23.66
N ILE B 310 28.04 21.99 23.83
CA ILE B 310 28.85 22.10 25.03
C ILE B 310 27.96 22.34 26.23
N GLU B 311 27.04 23.31 26.12
CA GLU B 311 26.20 23.67 27.25
C GLU B 311 25.19 22.59 27.61
N GLU B 312 24.70 21.81 26.64
CA GLU B 312 23.80 20.74 27.01
C GLU B 312 24.53 19.53 27.60
N GLY B 313 25.86 19.54 27.60
CA GLY B 313 26.56 18.44 28.22
C GLY B 313 27.61 18.98 29.17
N PHE B 314 27.29 20.12 29.78
CA PHE B 314 28.27 20.77 30.64
C PHE B 314 28.32 20.11 32.01
N VAL B 315 27.15 19.77 32.56
CA VAL B 315 27.04 19.26 33.93
C VAL B 315 27.67 17.89 34.10
N ILE B 316 27.99 17.19 33.01
CA ILE B 316 28.67 15.93 33.07
C ILE B 316 30.14 16.33 32.96
N GLN B 317 30.81 16.43 34.10
CA GLN B 317 32.12 17.06 34.17
C GLN B 317 33.28 16.10 34.41
N ASP B 318 33.05 14.78 34.37
CA ASP B 318 34.15 13.84 34.52
C ASP B 318 33.77 12.49 33.93
N LYS B 319 34.78 11.62 33.84
CA LYS B 319 34.68 10.35 33.13
C LYS B 319 33.64 9.43 33.76
N GLU B 320 33.68 9.31 35.09
CA GLU B 320 32.88 8.32 35.79
C GLU B 320 31.38 8.55 35.63
N VAL B 321 30.91 9.77 35.88
CA VAL B 321 29.49 10.07 35.69
C VAL B 321 29.08 10.04 34.22
N ALA B 322 30.03 10.20 33.30
CA ALA B 322 29.73 10.05 31.89
C ALA B 322 29.46 8.60 31.53
N LEU B 323 30.39 7.71 31.86
CA LEU B 323 30.23 6.29 31.62
C LEU B 323 28.97 5.73 32.28
N ASP B 324 28.59 6.26 33.44
CA ASP B 324 27.39 5.77 34.10
C ASP B 324 26.14 6.26 33.39
N PHE B 325 26.16 7.50 32.87
CA PHE B 325 25.04 8.03 32.09
C PHE B 325 24.74 7.14 30.89
N ILE B 326 25.79 6.57 30.29
CA ILE B 326 25.61 5.67 29.17
C ILE B 326 24.97 4.37 29.62
N GLY B 327 25.60 3.69 30.60
CA GLY B 327 25.13 2.37 31.05
C GLY B 327 23.68 2.32 31.50
N ARG B 328 23.12 3.45 31.93
CA ARG B 328 21.75 3.55 32.39
C ARG B 328 20.74 3.52 31.25
N ARG B 329 21.21 3.48 30.00
CA ARG B 329 20.36 3.33 28.82
C ARG B 329 20.61 2.09 28.00
N GLY B 330 21.74 1.40 28.18
CA GLY B 330 22.04 0.35 27.24
C GLY B 330 21.42 -1.03 27.21
N SER B 331 20.08 -1.09 27.15
CA SER B 331 19.28 -2.31 27.03
C SER B 331 19.53 -3.42 28.04
N ALA B 332 20.23 -3.12 29.13
CA ALA B 332 20.52 -4.17 30.09
C ALA B 332 19.38 -4.43 31.04
N ALA B 333 19.72 -5.02 32.18
CA ALA B 333 18.81 -5.36 33.25
C ALA B 333 18.75 -4.15 34.19
N LEU B 334 17.82 -4.20 35.11
CA LEU B 334 17.62 -3.12 36.05
C LEU B 334 18.31 -3.48 37.35
N GLY B 335 19.31 -2.69 37.74
CA GLY B 335 20.01 -2.96 38.97
C GLY B 335 21.34 -3.66 38.83
N ILE B 336 22.28 -2.97 38.16
CA ILE B 336 23.61 -3.56 38.02
C ILE B 336 24.63 -2.68 38.78
N ARG B 337 24.11 -1.72 39.55
CA ARG B 337 24.84 -0.66 40.24
C ARG B 337 26.06 0.01 39.57
N ARG B 338 26.32 1.28 39.95
CA ARG B 338 27.40 2.11 39.43
C ARG B 338 28.77 1.42 39.46
N GLU B 339 29.02 0.60 40.48
CA GLU B 339 30.30 -0.11 40.64
C GLU B 339 30.58 -1.05 39.47
N LYS B 340 29.54 -1.47 38.74
CA LYS B 340 29.63 -2.38 37.58
C LYS B 340 29.00 -1.86 36.30
N ARG B 341 27.93 -1.07 36.40
CA ARG B 341 27.28 -0.45 35.23
C ARG B 341 28.24 0.38 34.39
N ILE B 342 29.26 0.98 35.00
CA ILE B 342 30.41 1.50 34.26
C ILE B 342 31.12 0.39 33.48
N GLN B 343 31.53 -0.68 34.17
CA GLN B 343 32.26 -1.78 33.52
C GLN B 343 31.46 -2.52 32.45
N TYR B 344 30.14 -2.39 32.43
CA TYR B 344 29.38 -2.94 31.30
C TYR B 344 29.40 -1.99 30.11
N ALA B 345 29.26 -0.69 30.36
CA ALA B 345 29.36 0.31 29.31
C ALA B 345 30.74 0.43 28.69
N LYS B 346 31.82 0.23 29.47
CA LYS B 346 33.17 0.18 28.90
C LYS B 346 33.34 -0.91 27.85
N ASP B 347 32.52 -1.96 27.88
CA ASP B 347 32.59 -2.95 26.83
C ASP B 347 31.87 -2.44 25.59
N ILE B 348 30.72 -1.79 25.78
CA ILE B 348 29.96 -1.20 24.67
C ILE B 348 30.76 -0.08 24.00
N LEU B 349 31.73 0.51 24.70
CA LEU B 349 32.57 1.51 24.05
C LEU B 349 33.81 0.90 23.41
N GLN B 350 34.44 -0.06 24.09
CA GLN B 350 35.66 -0.69 23.56
C GLN B 350 35.35 -1.54 22.33
N LYS B 351 34.37 -2.41 22.45
CA LYS B 351 33.86 -3.15 21.31
C LYS B 351 32.48 -2.64 20.98
N GLU B 352 32.04 -2.99 19.77
CA GLU B 352 30.77 -2.69 19.09
C GLU B 352 30.77 -1.26 18.55
N LEU B 353 31.36 -0.31 19.26
CA LEU B 353 31.47 1.06 18.76
C LEU B 353 32.76 1.16 17.95
N LEU B 354 32.60 1.42 16.65
CA LEU B 354 33.70 1.45 15.68
C LEU B 354 34.70 0.30 15.72
N PRO B 355 34.24 -0.97 15.73
CA PRO B 355 35.18 -2.10 15.90
C PRO B 355 36.21 -2.28 14.80
N HIS B 356 36.05 -1.64 13.65
CA HIS B 356 37.03 -1.72 12.58
C HIS B 356 38.34 -1.02 12.88
N ILE B 357 38.36 -0.06 13.81
CA ILE B 357 39.62 0.62 14.12
C ILE B 357 40.54 -0.27 14.95
N THR B 358 40.07 -0.71 16.12
CA THR B 358 40.78 -1.68 16.95
C THR B 358 39.83 -2.17 18.03
N GLN B 359 40.17 -3.32 18.61
CA GLN B 359 39.46 -3.87 19.76
C GLN B 359 40.35 -4.20 20.96
N GLU B 360 41.65 -3.99 20.88
CA GLU B 360 42.49 -4.18 22.05
C GLU B 360 42.41 -2.96 22.99
N GLU B 361 42.79 -3.18 24.23
CA GLU B 361 42.70 -2.13 25.25
C GLU B 361 43.81 -1.10 25.09
N GLY B 362 43.62 0.04 25.75
CA GLY B 362 44.61 1.10 25.82
C GLY B 362 44.89 1.74 24.48
N PHE B 363 43.93 1.70 23.55
CA PHE B 363 44.06 2.37 22.26
C PHE B 363 42.92 3.35 21.98
N GLU B 364 42.30 3.91 23.02
CA GLU B 364 41.18 4.84 22.90
C GLU B 364 41.53 6.15 22.22
N THR B 365 42.81 6.46 22.00
CA THR B 365 43.18 7.66 21.26
C THR B 365 42.73 7.61 19.82
N ARG B 366 42.69 6.43 19.20
CA ARG B 366 42.24 6.34 17.81
C ARG B 366 40.75 6.58 17.67
N LYS B 367 39.94 6.09 18.61
CA LYS B 367 38.50 6.31 18.48
C LYS B 367 38.14 7.76 18.75
N THR B 368 38.82 8.41 19.70
CA THR B 368 38.51 9.80 19.98
C THR B 368 38.85 10.69 18.80
N PHE B 369 40.00 10.45 18.17
CA PHE B 369 40.37 11.21 16.99
C PHE B 369 39.44 10.97 15.82
N PHE B 370 39.00 9.73 15.64
CA PHE B 370 38.07 9.41 14.56
C PHE B 370 36.71 10.06 14.77
N LEU B 371 36.20 10.01 16.00
CA LEU B 371 34.94 10.65 16.34
C LEU B 371 34.94 12.14 16.00
N GLY B 372 36.05 12.82 16.25
CA GLY B 372 36.15 14.23 15.87
C GLY B 372 36.06 14.43 14.37
N TYR B 373 36.67 13.54 13.59
CA TYR B 373 36.57 13.60 12.14
C TYR B 373 35.12 13.53 11.66
N MET B 374 34.33 12.61 12.22
CA MET B 374 32.93 12.47 11.86
C MET B 374 32.15 13.75 12.07
N VAL B 375 32.26 14.35 13.26
CA VAL B 375 31.57 15.59 13.57
C VAL B 375 32.00 16.70 12.62
N ASN B 376 33.29 16.74 12.27
CA ASN B 376 33.79 17.70 11.30
C ASN B 376 33.11 17.53 9.95
N ARG B 377 33.02 16.29 9.47
CA ARG B 377 32.35 16.02 8.19
C ARG B 377 30.87 16.36 8.25
N LEU B 378 30.22 16.05 9.37
CA LEU B 378 28.80 16.38 9.56
C LEU B 378 28.55 17.87 9.41
N LEU B 379 29.41 18.71 9.99
CA LEU B 379 29.13 20.14 9.96
C LEU B 379 29.46 20.76 8.61
N LEU B 380 30.46 20.25 7.89
CA LEU B 380 30.76 20.72 6.53
C LEU B 380 29.54 20.60 5.62
N CYS B 381 28.75 19.53 5.77
CA CYS B 381 27.58 19.41 4.93
C CYS B 381 26.49 20.36 5.42
N ALA B 382 26.33 20.46 6.74
CA ALA B 382 25.34 21.38 7.29
C ALA B 382 25.70 22.84 7.02
N LEU B 383 27.00 23.16 6.87
CA LEU B 383 27.40 24.51 6.51
C LEU B 383 27.37 24.78 5.01
N GLU B 384 26.86 23.83 4.21
CA GLU B 384 26.78 23.94 2.75
C GLU B 384 28.14 24.22 2.10
N ARG B 385 29.22 23.69 2.67
CA ARG B 385 30.54 23.75 2.07
C ARG B 385 30.87 22.50 1.27
N LYS B 386 30.04 21.48 1.36
CA LYS B 386 30.24 20.22 0.69
C LYS B 386 28.88 19.63 0.44
N ASP B 387 28.68 19.10 -0.77
CA ASP B 387 27.44 18.43 -1.13
C ASP B 387 27.25 17.19 -0.27
N GLN B 388 26.00 16.78 -0.13
CA GLN B 388 25.75 15.49 0.49
C GLN B 388 26.25 14.41 -0.46
N ASP B 389 26.61 13.27 0.12
CA ASP B 389 27.16 12.18 -0.67
C ASP B 389 26.13 11.60 -1.62
N ASP B 390 26.62 11.08 -2.73
CA ASP B 390 25.78 10.50 -3.77
C ASP B 390 25.82 9.00 -3.50
N ARG B 391 24.67 8.46 -3.06
CA ARG B 391 24.54 7.06 -2.70
C ARG B 391 24.82 6.10 -3.86
N ASP B 392 24.75 6.59 -5.09
CA ASP B 392 24.90 5.76 -6.27
C ASP B 392 26.29 5.78 -6.87
N HIS B 393 27.18 6.64 -6.36
CA HIS B 393 28.59 6.64 -6.74
C HIS B 393 29.14 5.22 -6.58
N PHE B 394 29.62 4.65 -7.68
CA PHE B 394 30.03 3.26 -7.72
C PHE B 394 31.26 2.97 -6.88
N GLY B 395 32.09 3.96 -6.59
CA GLY B 395 33.23 3.76 -5.70
C GLY B 395 32.82 3.46 -4.26
N LYS B 396 31.60 3.81 -3.89
CA LYS B 396 31.07 3.49 -2.58
C LYS B 396 30.32 2.16 -2.59
N LYS B 397 30.57 1.27 -3.55
CA LYS B 397 29.81 0.04 -3.68
C LYS B 397 30.75 -1.15 -3.77
N ARG B 398 30.22 -2.32 -3.42
CA ARG B 398 30.97 -3.58 -3.42
C ARG B 398 30.10 -4.67 -4.00
N LEU B 399 30.74 -5.65 -4.61
CA LEU B 399 30.06 -6.83 -5.15
C LEU B 399 30.47 -8.06 -4.37
N ASP B 400 29.51 -8.73 -3.76
CA ASP B 400 29.77 -9.97 -3.07
C ASP B 400 29.64 -11.11 -4.07
N LEU B 401 30.73 -11.83 -4.32
CA LEU B 401 30.69 -12.96 -5.23
C LEU B 401 30.71 -14.26 -4.44
N ALA B 402 31.04 -15.37 -5.13
CA ALA B 402 30.89 -16.73 -4.59
C ALA B 402 31.64 -16.89 -3.27
N GLY B 403 32.88 -16.41 -3.22
CA GLY B 403 33.72 -16.47 -2.04
C GLY B 403 33.13 -15.86 -0.78
N PRO B 404 33.00 -14.52 -0.75
CA PRO B 404 32.37 -13.86 0.41
C PRO B 404 31.00 -14.36 0.79
N LEU B 405 30.14 -14.68 -0.19
CA LEU B 405 28.80 -15.18 0.11
C LEU B 405 28.84 -16.53 0.81
N LEU B 406 29.72 -17.43 0.38
CA LEU B 406 29.80 -18.73 1.06
C LEU B 406 30.36 -18.58 2.47
N ALA B 407 31.32 -17.68 2.68
CA ALA B 407 31.90 -17.54 4.01
C ALA B 407 30.86 -17.08 5.02
N ASN B 408 29.99 -16.15 4.63
CA ASN B 408 28.95 -15.70 5.54
C ASN B 408 27.98 -16.82 5.88
N LEU B 409 27.63 -17.64 4.88
CA LEU B 409 26.75 -18.77 5.15
C LEU B 409 27.43 -19.86 5.95
N PHE B 410 28.70 -20.13 5.65
CA PHE B 410 29.43 -21.16 6.37
C PHE B 410 29.63 -20.77 7.83
N ARG B 411 29.86 -19.48 8.09
CA ARG B 411 29.99 -18.98 9.45
C ARG B 411 28.74 -19.28 10.28
N ILE B 412 27.55 -18.99 9.75
CA ILE B 412 26.30 -19.22 10.48
C ILE B 412 26.13 -20.70 10.78
N LEU B 413 26.45 -21.56 9.83
CA LEU B 413 26.21 -22.99 10.01
C LEU B 413 27.24 -23.62 10.92
N PHE B 414 28.47 -23.14 10.90
CA PHE B 414 29.48 -23.70 11.78
C PHE B 414 29.20 -23.39 13.24
N ARG B 415 28.62 -22.23 13.57
CA ARG B 415 28.17 -22.01 14.94
C ARG B 415 27.05 -22.96 15.33
N LYS B 416 26.12 -23.22 14.41
CA LYS B 416 25.05 -24.17 14.68
C LYS B 416 25.59 -25.56 14.97
N LEU B 417 26.60 -26.00 14.21
CA LEU B 417 27.27 -27.25 14.52
C LEU B 417 27.96 -27.19 15.86
N THR B 418 28.59 -26.05 16.18
CA THR B 418 29.27 -25.88 17.46
C THR B 418 28.34 -26.05 18.66
N ARG B 419 27.19 -25.35 18.67
CA ARG B 419 26.24 -25.49 19.77
C ARG B 419 25.71 -26.91 19.91
N GLU B 420 25.58 -27.65 18.81
CA GLU B 420 25.13 -29.04 18.94
C GLU B 420 26.20 -29.91 19.56
N ILE B 421 27.47 -29.55 19.38
CA ILE B 421 28.53 -30.27 20.05
C ILE B 421 28.51 -29.96 21.54
N TYR B 422 28.40 -28.66 21.88
CA TYR B 422 28.34 -28.22 23.27
C TYR B 422 27.16 -28.81 24.03
N ARG B 423 25.95 -28.77 23.44
CA ARG B 423 24.79 -29.38 24.09
C ARG B 423 24.94 -30.90 24.23
N TYR B 424 25.75 -31.52 23.39
CA TYR B 424 25.90 -32.97 23.47
C TYR B 424 26.93 -33.37 24.52
N MET B 425 27.96 -32.56 24.73
CA MET B 425 28.94 -32.84 25.78
C MET B 425 28.34 -32.81 27.19
N GLN B 426 27.45 -31.87 27.47
CA GLN B 426 26.87 -31.83 28.81
C GLN B 426 26.03 -33.05 29.16
N ARG B 427 25.45 -33.74 28.19
CA ARG B 427 24.86 -35.03 28.54
C ARG B 427 25.86 -36.17 28.50
N CYS B 428 26.77 -36.22 27.53
CA CYS B 428 27.64 -37.38 27.43
C CYS B 428 28.77 -37.41 28.45
N ILE B 429 28.97 -36.36 29.24
CA ILE B 429 30.02 -36.38 30.24
C ILE B 429 29.42 -36.65 31.63
N GLU B 430 28.10 -36.48 31.79
CA GLU B 430 27.45 -36.93 33.02
C GLU B 430 27.46 -38.45 33.16
N THR B 431 27.58 -39.17 32.06
CA THR B 431 27.80 -40.61 32.11
C THR B 431 29.24 -40.96 32.42
N ASP B 432 30.15 -39.96 32.36
CA ASP B 432 31.60 -40.11 32.54
C ASP B 432 32.17 -41.17 31.60
N ARG B 433 31.74 -41.13 30.34
CA ARG B 433 32.20 -42.06 29.33
C ARG B 433 32.88 -41.29 28.20
N ASP B 434 34.10 -41.70 27.86
CA ASP B 434 34.89 -41.13 26.78
C ASP B 434 34.11 -41.14 25.46
N PHE B 435 33.78 -39.97 24.95
CA PHE B 435 33.01 -39.89 23.73
C PHE B 435 33.94 -40.10 22.54
N ASN B 436 33.46 -40.86 21.57
CA ASN B 436 34.18 -41.35 20.41
C ASN B 436 34.31 -40.29 19.31
N LEU B 437 34.04 -39.03 19.63
CA LEU B 437 34.13 -37.84 18.79
C LEU B 437 33.26 -37.94 17.54
N ASN B 438 33.47 -38.98 16.71
CA ASN B 438 32.68 -39.20 15.49
C ASN B 438 31.18 -39.31 15.75
N LEU B 439 30.78 -39.57 17.00
CA LEU B 439 29.39 -39.57 17.43
C LEU B 439 28.94 -38.21 17.92
N ALA B 440 29.82 -37.21 17.93
CA ALA B 440 29.46 -35.87 18.36
C ALA B 440 29.61 -34.84 17.26
N VAL B 441 29.69 -35.28 16.01
CA VAL B 441 29.74 -34.40 14.86
C VAL B 441 28.73 -34.94 13.85
N LYS B 442 27.60 -34.27 13.72
CA LYS B 442 26.57 -34.70 12.80
C LYS B 442 26.82 -33.90 11.53
N SER B 443 27.33 -34.58 10.50
CA SER B 443 27.60 -33.92 9.23
C SER B 443 26.35 -33.46 8.50
N THR B 444 25.14 -33.80 8.97
CA THR B 444 23.96 -33.34 8.27
C THR B 444 23.74 -31.85 8.44
N THR B 445 24.29 -31.25 9.49
CA THR B 445 24.08 -29.82 9.72
C THR B 445 24.68 -28.94 8.61
N ILE B 446 25.94 -29.17 8.27
CA ILE B 446 26.56 -28.39 7.19
C ILE B 446 26.08 -28.84 5.82
N THR B 447 26.03 -30.17 5.59
CA THR B 447 25.66 -30.69 4.28
C THR B 447 24.25 -30.29 3.87
N SER B 448 23.28 -30.45 4.76
CA SER B 448 21.92 -30.08 4.41
C SER B 448 21.77 -28.57 4.35
N GLY B 449 22.50 -27.86 5.21
CA GLY B 449 22.43 -26.41 5.21
C GLY B 449 22.90 -25.81 3.89
N LEU B 450 24.09 -26.21 3.41
CA LEU B 450 24.58 -25.70 2.15
C LEU B 450 23.72 -26.13 0.96
N LYS B 451 23.33 -27.42 0.92
CA LYS B 451 22.45 -27.89 -0.15
C LYS B 451 21.13 -27.12 -0.22
N TYR B 452 20.51 -26.86 0.93
CA TYR B 452 19.18 -26.24 0.90
C TYR B 452 19.26 -24.81 0.40
N SER B 453 20.25 -24.06 0.89
CA SER B 453 20.38 -22.67 0.50
C SER B 453 20.77 -22.53 -0.96
N LEU B 454 21.66 -23.39 -1.45
CA LEU B 454 22.02 -23.32 -2.86
C LEU B 454 20.87 -23.77 -3.76
N ALA B 455 20.00 -24.66 -3.28
CA ALA B 455 18.93 -25.14 -4.12
C ALA B 455 17.76 -24.18 -4.19
N THR B 456 17.46 -23.49 -3.09
CA THR B 456 16.31 -22.59 -3.10
C THR B 456 16.68 -21.13 -3.21
N GLY B 457 17.92 -20.73 -2.93
CA GLY B 457 18.18 -19.32 -2.88
C GLY B 457 17.82 -18.64 -1.58
N ASN B 458 17.25 -19.34 -0.62
CA ASN B 458 16.91 -18.76 0.67
C ASN B 458 18.16 -18.67 1.54
N TRP B 459 18.62 -17.45 1.78
CA TRP B 459 19.90 -17.18 2.42
C TRP B 459 19.76 -17.09 3.93
N GLY B 460 19.75 -18.25 4.57
CA GLY B 460 19.64 -18.29 6.02
C GLY B 460 19.31 -19.68 6.48
N GLU B 461 18.99 -19.76 7.77
CA GLU B 461 18.56 -21.03 8.35
C GLU B 461 17.18 -21.31 7.79
N GLN B 462 16.93 -22.59 7.50
CA GLN B 462 15.66 -23.03 6.91
C GLN B 462 14.43 -22.56 7.69
N LYS B 463 14.47 -22.63 9.03
CA LYS B 463 13.32 -22.18 9.83
C LYS B 463 13.07 -20.67 9.73
N LYS B 464 14.03 -19.89 9.25
CA LYS B 464 13.89 -18.45 9.09
C LYS B 464 13.86 -18.03 7.63
N ALA B 465 13.07 -18.70 6.80
CA ALA B 465 13.10 -18.47 5.35
C ALA B 465 12.61 -17.08 4.98
N MET B 466 11.59 -16.57 5.66
CA MET B 466 11.30 -15.14 5.53
C MET B 466 12.35 -14.32 6.29
N SER B 467 12.40 -13.01 5.96
CA SER B 467 13.39 -11.99 6.38
C SER B 467 14.77 -12.22 5.76
N SER B 468 15.09 -13.47 5.42
CA SER B 468 16.28 -13.84 4.65
C SER B 468 16.15 -13.38 3.20
N ARG B 469 17.29 -13.15 2.56
CA ARG B 469 17.30 -12.71 1.17
C ARG B 469 17.07 -13.89 0.23
N ALA B 470 16.20 -13.67 -0.75
CA ALA B 470 15.84 -14.65 -1.77
C ALA B 470 16.52 -14.39 -3.10
N GLY B 471 16.59 -15.44 -3.92
CA GLY B 471 17.12 -15.30 -5.25
C GLY B 471 18.61 -15.20 -5.43
N VAL B 472 19.40 -15.52 -4.41
CA VAL B 472 20.85 -15.46 -4.55
C VAL B 472 21.36 -16.56 -5.49
N SER B 473 20.77 -17.74 -5.42
CA SER B 473 21.04 -18.82 -6.35
C SER B 473 19.91 -19.03 -7.34
N GLN B 474 20.25 -19.26 -8.60
CA GLN B 474 19.27 -19.43 -9.66
C GLN B 474 19.70 -20.56 -10.58
N VAL B 475 18.72 -21.22 -11.20
CA VAL B 475 19.01 -22.25 -12.18
C VAL B 475 19.68 -21.66 -13.39
N LEU B 476 20.82 -22.22 -13.78
CA LEU B 476 21.63 -21.64 -14.84
C LEU B 476 20.90 -21.76 -16.18
N ASN B 477 20.65 -20.63 -16.82
CA ASN B 477 19.98 -20.61 -18.10
C ASN B 477 20.91 -21.20 -19.16
N ARG B 478 20.46 -22.24 -19.85
CA ARG B 478 21.25 -22.88 -20.91
C ARG B 478 20.57 -22.83 -22.25
N TYR B 479 19.68 -21.86 -22.48
CA TYR B 479 18.92 -21.82 -23.72
C TYR B 479 19.86 -21.64 -24.92
N THR B 480 20.88 -20.80 -24.77
CA THR B 480 21.87 -20.57 -25.81
C THR B 480 23.18 -20.16 -25.17
N TYR B 481 24.26 -20.20 -25.98
CA TYR B 481 25.59 -20.00 -25.43
C TYR B 481 25.79 -18.60 -24.88
N SER B 482 25.33 -17.59 -25.62
CA SER B 482 25.40 -16.20 -25.16
C SER B 482 24.71 -16.03 -23.82
N SER B 483 23.59 -16.71 -23.62
CA SER B 483 22.83 -16.57 -22.39
C SER B 483 23.58 -17.17 -21.22
N THR B 484 24.40 -18.19 -21.46
CA THR B 484 25.20 -18.75 -20.37
C THR B 484 26.25 -17.74 -19.91
N LEU B 485 26.97 -17.12 -20.85
CA LEU B 485 27.95 -16.10 -20.50
C LEU B 485 27.33 -14.95 -19.72
N SER B 486 26.19 -14.44 -20.17
CA SER B 486 25.57 -13.33 -19.46
C SER B 486 25.14 -13.73 -18.06
N HIS B 487 24.59 -14.93 -17.91
CA HIS B 487 24.06 -15.35 -16.62
C HIS B 487 25.16 -15.50 -15.58
N LEU B 488 26.35 -15.91 -15.98
CA LEU B 488 27.44 -16.09 -15.04
C LEU B 488 28.06 -14.76 -14.61
N ARG B 489 27.74 -13.66 -15.28
CA ARG B 489 28.30 -12.35 -15.03
C ARG B 489 27.25 -11.34 -14.60
N ARG B 490 26.20 -11.82 -13.97
CA ARG B 490 25.08 -10.96 -13.61
C ARG B 490 25.30 -10.47 -12.20
N THR B 491 24.75 -9.30 -11.88
CA THR B 491 24.82 -8.73 -10.55
C THR B 491 23.42 -8.34 -10.17
N ASN B 492 23.16 -8.28 -8.87
CA ASN B 492 21.84 -7.99 -8.38
C ASN B 492 21.93 -6.97 -7.26
N THR B 493 21.06 -5.97 -7.29
CA THR B 493 20.93 -5.05 -6.19
C THR B 493 19.68 -5.42 -5.41
N PRO B 494 19.75 -5.74 -4.14
CA PRO B 494 18.56 -6.24 -3.43
C PRO B 494 17.75 -5.15 -2.74
N ILE B 495 17.20 -4.24 -3.53
CA ILE B 495 16.46 -3.10 -2.98
C ILE B 495 14.97 -3.44 -2.92
N GLY B 496 14.44 -4.12 -3.94
CA GLY B 496 13.06 -4.50 -3.93
C GLY B 496 12.22 -4.32 -5.18
N ARG B 497 11.00 -3.88 -4.98
CA ARG B 497 9.96 -3.58 -5.97
C ARG B 497 9.07 -2.59 -5.23
N ASP B 498 9.33 -2.53 -3.92
CA ASP B 498 8.74 -1.59 -2.99
C ASP B 498 9.72 -0.42 -2.95
N GLY B 499 9.22 0.77 -3.24
CA GLY B 499 10.10 1.92 -3.35
C GLY B 499 10.15 2.11 -4.85
N LYS B 500 9.48 3.19 -5.27
CA LYS B 500 9.44 3.57 -6.68
C LYS B 500 10.65 4.44 -7.01
N LEU B 501 10.43 5.74 -7.18
CA LEU B 501 11.48 6.72 -7.51
C LEU B 501 12.35 6.35 -8.71
N ALA B 502 13.63 6.71 -8.67
CA ALA B 502 14.52 6.38 -9.77
C ALA B 502 15.98 6.13 -9.43
N LYS B 503 16.45 6.58 -8.27
CA LYS B 503 17.89 6.66 -8.02
C LYS B 503 18.61 5.31 -8.10
N PRO B 504 18.18 4.22 -7.46
CA PRO B 504 18.93 2.97 -7.71
C PRO B 504 18.69 2.41 -9.10
N ARG B 505 17.63 2.80 -9.79
CA ARG B 505 17.39 2.29 -11.14
C ARG B 505 18.13 3.02 -12.25
N GLN B 506 18.55 4.27 -12.04
CA GLN B 506 19.17 5.02 -13.14
C GLN B 506 20.55 4.52 -13.49
N LEU B 507 20.92 4.70 -14.75
CA LEU B 507 22.29 4.47 -15.19
C LEU B 507 23.14 5.66 -14.77
N HIS B 508 23.90 5.49 -13.70
CA HIS B 508 24.72 6.58 -13.16
C HIS B 508 26.01 6.71 -13.97
N ASN B 509 26.54 7.94 -14.03
CA ASN B 509 27.76 8.24 -14.79
C ASN B 509 28.93 7.34 -14.40
N THR B 510 29.05 7.00 -13.13
CA THR B 510 30.20 6.23 -12.68
C THR B 510 30.11 4.75 -13.06
N HIS B 511 29.06 4.34 -13.75
CA HIS B 511 28.99 2.99 -14.27
C HIS B 511 29.87 2.75 -15.48
N TRP B 512 30.31 3.82 -16.16
CA TRP B 512 31.17 3.78 -17.35
C TRP B 512 32.29 2.78 -17.22
N GLY B 513 32.31 1.82 -18.15
CA GLY B 513 33.34 0.81 -18.21
C GLY B 513 33.27 -0.28 -17.16
N LEU B 514 32.37 -0.19 -16.20
CA LEU B 514 32.26 -1.19 -15.15
C LEU B 514 31.01 -2.05 -15.27
N VAL B 515 29.85 -1.50 -15.55
CA VAL B 515 28.70 -2.32 -15.90
C VAL B 515 28.16 -1.85 -17.24
N CYS B 516 27.53 -2.78 -17.95
CA CYS B 516 27.02 -2.50 -19.29
C CYS B 516 25.97 -1.40 -19.27
N PRO B 517 26.05 -0.43 -20.17
CA PRO B 517 25.00 0.59 -20.30
C PRO B 517 23.75 0.14 -21.04
N ALA B 518 23.79 -0.99 -21.72
CA ALA B 518 22.69 -1.47 -22.54
C ALA B 518 21.92 -2.64 -21.95
N GLU B 519 22.60 -3.63 -21.42
CA GLU B 519 22.01 -4.90 -20.97
C GLU B 519 21.28 -4.76 -19.64
N THR B 520 19.94 -4.65 -19.70
CA THR B 520 19.13 -4.69 -18.48
C THR B 520 17.74 -5.23 -18.75
N PRO B 521 17.16 -5.98 -17.81
CA PRO B 521 15.85 -6.60 -18.06
C PRO B 521 14.72 -5.58 -18.17
N GLU B 522 13.69 -5.95 -18.92
CA GLU B 522 12.44 -5.21 -18.93
C GLU B 522 11.61 -5.58 -17.72
N GLY B 523 10.78 -4.64 -17.27
CA GLY B 523 9.86 -4.94 -16.20
C GLY B 523 10.30 -4.53 -14.81
N GLN B 524 10.00 -5.35 -13.81
CA GLN B 524 10.14 -4.93 -12.42
C GLN B 524 11.59 -4.81 -11.97
N ALA B 525 12.47 -5.61 -12.53
CA ALA B 525 13.88 -5.59 -12.20
C ALA B 525 14.68 -4.56 -12.99
N CYS B 526 14.02 -3.74 -13.82
CA CYS B 526 14.70 -2.85 -14.76
C CYS B 526 15.56 -1.82 -14.06
N GLY B 527 16.85 -1.86 -14.34
CA GLY B 527 17.81 -0.97 -13.74
C GLY B 527 18.41 -1.45 -12.44
N LEU B 528 17.84 -2.48 -11.82
CA LEU B 528 18.38 -3.02 -10.57
C LEU B 528 19.30 -4.20 -10.80
N VAL B 529 19.04 -4.98 -11.81
CA VAL B 529 19.92 -6.08 -12.20
C VAL B 529 20.81 -5.58 -13.31
N LYS B 530 22.12 -5.72 -13.13
CA LYS B 530 23.08 -5.15 -14.07
C LYS B 530 24.03 -6.23 -14.52
N ASN B 531 24.90 -5.90 -15.46
CA ASN B 531 25.81 -6.91 -16.01
C ASN B 531 27.17 -6.30 -16.24
N LEU B 532 28.20 -7.04 -15.83
CA LEU B 532 29.58 -6.56 -15.87
C LEU B 532 30.05 -6.36 -17.30
N SER B 533 30.66 -5.20 -17.54
CA SER B 533 31.30 -4.92 -18.81
C SER B 533 32.41 -5.92 -19.08
N LEU B 534 32.81 -5.99 -20.36
CA LEU B 534 33.61 -7.10 -20.88
C LEU B 534 34.98 -7.18 -20.21
N LEU B 535 35.58 -6.03 -19.89
CA LEU B 535 36.91 -6.02 -19.28
C LEU B 535 36.90 -5.83 -17.78
N SER B 536 35.75 -5.96 -17.14
CA SER B 536 35.68 -5.77 -15.70
C SER B 536 36.37 -6.89 -14.97
N GLY B 537 36.82 -6.59 -13.76
CA GLY B 537 37.31 -7.60 -12.86
C GLY B 537 36.84 -7.26 -11.46
N ILE B 538 36.97 -8.23 -10.57
CA ILE B 538 36.59 -8.05 -9.18
C ILE B 538 37.79 -8.35 -8.30
N SER B 539 38.07 -7.44 -7.37
CA SER B 539 39.19 -7.58 -6.47
C SER B 539 39.02 -8.80 -5.58
N ILE B 540 40.07 -9.62 -5.50
CA ILE B 540 40.00 -10.82 -4.68
C ILE B 540 40.21 -10.50 -3.21
N GLY B 541 40.93 -9.44 -2.92
CA GLY B 541 41.22 -9.13 -1.52
C GLY B 541 42.71 -9.27 -1.26
N SER B 542 43.22 -8.41 -0.39
CA SER B 542 44.65 -8.33 -0.14
C SER B 542 44.86 -7.91 1.30
N PRO B 543 45.90 -8.41 1.96
CA PRO B 543 46.14 -8.01 3.36
C PRO B 543 46.61 -6.57 3.42
N SER B 544 46.08 -5.85 4.41
CA SER B 544 46.45 -4.44 4.58
C SER B 544 47.77 -4.25 5.32
N GLU B 545 48.23 -5.28 6.03
CA GLU B 545 49.47 -5.17 6.82
C GLU B 545 50.72 -4.77 6.04
N PRO B 546 51.04 -5.32 4.84
CA PRO B 546 52.20 -4.80 4.10
C PRO B 546 52.13 -3.34 3.71
N ILE B 547 50.92 -2.80 3.54
CA ILE B 547 50.74 -1.40 3.16
C ILE B 547 51.12 -0.47 4.30
N ILE B 548 50.73 -0.81 5.53
CA ILE B 548 51.13 -0.04 6.71
C ILE B 548 52.65 0.06 6.81
N ASN B 549 53.34 -1.07 6.67
CA ASN B 549 54.79 -1.10 6.73
C ASN B 549 55.41 -0.20 5.68
N PHE B 550 54.83 -0.15 4.49
CA PHE B 550 55.35 0.74 3.46
C PHE B 550 55.13 2.21 3.79
N LEU B 551 54.02 2.55 4.43
CA LEU B 551 53.74 3.95 4.71
C LEU B 551 54.65 4.52 5.80
N GLU B 552 54.91 3.74 6.85
CA GLU B 552 55.78 4.20 7.92
C GLU B 552 57.25 4.26 7.51
N GLU B 553 57.66 3.39 6.59
CA GLU B 553 59.03 3.44 6.10
C GLU B 553 59.29 4.71 5.29
N TRP B 554 58.26 5.31 4.70
CA TRP B 554 58.45 6.48 3.86
C TRP B 554 57.82 7.73 4.47
N GLY B 555 57.80 7.84 5.79
CA GLY B 555 57.65 9.13 6.42
C GLY B 555 56.33 9.42 7.09
N MET B 556 55.45 8.45 7.27
CA MET B 556 54.17 8.71 7.89
C MET B 556 54.36 8.84 9.38
N GLU B 557 53.72 9.81 9.96
CA GLU B 557 53.84 10.14 11.36
C GLU B 557 52.62 9.69 12.15
N PRO B 558 52.84 9.19 13.36
CA PRO B 558 51.75 8.64 14.17
C PRO B 558 50.74 9.69 14.61
N LEU B 559 49.61 9.18 15.07
CA LEU B 559 48.50 10.00 15.54
C LEU B 559 48.74 10.66 16.88
N GLU B 560 49.64 10.13 17.72
CA GLU B 560 49.97 10.82 18.97
C GLU B 560 50.80 12.08 18.77
N ASP B 561 51.43 12.26 17.61
CA ASP B 561 52.22 13.45 17.33
C ASP B 561 51.51 14.55 16.57
N TYR B 562 50.19 14.70 16.69
CA TYR B 562 49.51 15.50 15.69
C TYR B 562 48.74 16.54 16.48
N ASP B 563 48.83 17.79 16.03
CA ASP B 563 48.22 18.95 16.61
C ASP B 563 47.73 19.89 15.51
N PRO B 564 46.46 20.31 15.52
CA PRO B 564 46.01 21.23 14.45
C PRO B 564 46.73 22.56 14.42
N ALA B 565 47.28 23.04 15.56
CA ALA B 565 48.04 24.27 15.50
C ALA B 565 49.36 24.06 14.76
N GLN B 566 50.04 22.94 15.01
CA GLN B 566 51.26 22.63 14.28
C GLN B 566 50.97 22.08 12.90
N HIS B 567 49.98 21.19 12.80
CA HIS B 567 49.56 20.60 11.54
C HIS B 567 48.28 21.27 11.05
N THR B 568 48.44 22.46 10.55
CA THR B 568 47.30 23.18 10.01
C THR B 568 47.17 22.96 8.51
N LYS B 569 48.07 22.17 7.92
CA LYS B 569 48.06 21.99 6.47
C LYS B 569 48.33 20.56 6.00
N SER B 570 48.67 19.61 6.86
CA SER B 570 49.05 18.29 6.38
C SER B 570 47.83 17.46 5.96
N THR B 571 48.10 16.42 5.18
CA THR B 571 47.08 15.53 4.62
C THR B 571 46.89 14.30 5.50
N ARG B 572 45.62 13.97 5.74
CA ARG B 572 45.22 12.75 6.43
C ARG B 572 45.27 11.53 5.52
N ILE B 573 45.67 10.40 6.09
CA ILE B 573 45.89 9.16 5.34
C ILE B 573 44.96 8.08 5.89
N PHE B 574 44.16 7.49 5.02
CA PHE B 574 43.24 6.41 5.38
C PHE B 574 43.62 5.13 4.69
N VAL B 575 43.58 4.02 5.42
CA VAL B 575 43.82 2.68 4.90
C VAL B 575 42.61 1.85 5.30
N ASN B 576 41.75 1.52 4.34
CA ASN B 576 40.49 0.78 4.55
C ASN B 576 39.56 1.51 5.53
N GLY B 577 39.52 2.83 5.43
CA GLY B 577 38.58 3.62 6.19
C GLY B 577 38.97 3.98 7.61
N VAL B 578 40.08 3.47 8.14
CA VAL B 578 40.53 3.88 9.47
C VAL B 578 41.63 4.91 9.29
N TRP B 579 41.48 6.05 9.93
CA TRP B 579 42.51 7.07 10.00
C TRP B 579 43.74 6.55 10.72
N THR B 580 44.85 6.35 10.01
CA THR B 580 46.02 5.72 10.61
C THR B 580 47.22 6.63 10.76
N GLY B 581 47.21 7.81 10.15
CA GLY B 581 48.40 8.65 10.24
C GLY B 581 48.22 9.93 9.48
N ILE B 582 49.29 10.73 9.45
CA ILE B 582 49.33 11.99 8.75
C ILE B 582 50.70 12.15 8.09
N HIS B 583 50.73 12.78 6.92
CA HIS B 583 51.97 13.05 6.22
C HIS B 583 51.95 14.48 5.73
N ARG B 584 53.10 15.14 5.85
CA ARG B 584 53.22 16.55 5.59
C ARG B 584 53.55 16.90 4.13
N ASP B 585 54.17 15.97 3.41
CA ASP B 585 54.53 16.10 1.99
C ASP B 585 53.90 14.96 1.20
N PRO B 586 52.62 15.04 0.88
CA PRO B 586 51.98 13.94 0.16
C PRO B 586 52.43 13.76 -1.28
N SER B 587 52.86 14.83 -1.94
CA SER B 587 53.24 14.78 -3.37
C SER B 587 54.33 13.77 -3.68
N MET B 588 55.37 13.67 -2.84
CA MET B 588 56.41 12.69 -3.12
C MET B 588 55.92 11.28 -2.78
N LEU B 589 55.15 11.18 -1.69
CA LEU B 589 54.65 9.89 -1.17
C LEU B 589 53.82 9.14 -2.19
N VAL B 590 52.89 9.84 -2.85
CA VAL B 590 51.98 9.15 -3.77
C VAL B 590 52.73 8.66 -4.99
N SER B 591 53.68 9.45 -5.51
CA SER B 591 54.51 9.01 -6.63
C SER B 591 55.29 7.75 -6.31
N THR B 592 55.85 7.65 -5.10
CA THR B 592 56.57 6.45 -4.69
C THR B 592 55.63 5.26 -4.61
N MET B 593 54.50 5.44 -3.91
CA MET B 593 53.49 4.41 -3.77
C MET B 593 52.98 3.97 -5.14
N ARG B 594 52.75 4.93 -6.03
CA ARG B 594 52.27 4.60 -7.37
C ARG B 594 53.28 3.72 -8.08
N ASP B 595 54.56 4.04 -7.94
CA ASP B 595 55.60 3.25 -8.61
C ASP B 595 55.73 1.85 -8.04
N LEU B 596 55.43 1.67 -6.76
CA LEU B 596 55.43 0.33 -6.19
C LEU B 596 54.33 -0.53 -6.79
N ARG B 597 53.18 0.06 -7.10
CA ARG B 597 52.14 -0.75 -7.72
C ARG B 597 52.49 -1.07 -9.16
N ARG B 598 53.11 -0.12 -9.86
CA ARG B 598 53.45 -0.33 -11.25
C ARG B 598 54.60 -1.30 -11.44
N SER B 599 55.31 -1.67 -10.37
CA SER B 599 56.36 -2.67 -10.50
C SER B 599 55.95 -4.04 -9.98
N GLY B 600 54.98 -4.12 -9.08
CA GLY B 600 54.56 -5.39 -8.52
C GLY B 600 54.85 -5.58 -7.05
N ALA B 601 55.60 -4.69 -6.41
CA ALA B 601 55.87 -4.76 -4.97
C ALA B 601 54.59 -4.75 -4.15
N ILE B 602 53.62 -3.96 -4.55
CA ILE B 602 52.28 -3.97 -4.00
C ILE B 602 51.38 -4.66 -5.00
N SER B 603 50.42 -5.44 -4.51
CA SER B 603 49.48 -6.17 -5.35
C SER B 603 48.76 -5.22 -6.29
N PRO B 604 48.70 -5.54 -7.59
CA PRO B 604 48.15 -4.60 -8.58
C PRO B 604 46.70 -4.21 -8.39
N GLU B 605 45.94 -4.95 -7.61
CA GLU B 605 44.55 -4.61 -7.38
C GLU B 605 44.36 -3.58 -6.28
N VAL B 606 45.43 -3.12 -5.63
CA VAL B 606 45.30 -2.08 -4.62
C VAL B 606 44.99 -0.74 -5.26
N SER B 607 44.11 0.02 -4.62
CA SER B 607 43.75 1.36 -5.03
C SER B 607 44.55 2.42 -4.27
N ILE B 608 45.06 3.42 -4.99
CA ILE B 608 45.85 4.50 -4.42
C ILE B 608 45.18 5.77 -4.88
N ILE B 609 44.48 6.45 -3.98
CA ILE B 609 43.58 7.54 -4.32
C ILE B 609 44.00 8.78 -3.56
N ARG B 610 44.46 9.79 -4.29
CA ARG B 610 44.74 11.08 -3.70
C ARG B 610 43.61 12.04 -4.04
N ASP B 611 42.89 12.50 -3.02
CA ASP B 611 41.89 13.55 -3.15
C ASP B 611 42.56 14.84 -2.70
N ILE B 612 43.03 15.65 -3.66
CA ILE B 612 43.83 16.82 -3.32
C ILE B 612 42.99 17.91 -2.65
N ARG B 613 41.78 18.18 -3.18
CA ARG B 613 40.93 19.25 -2.65
C ARG B 613 40.54 19.01 -1.20
N GLU B 614 40.09 17.82 -0.86
CA GLU B 614 39.68 17.58 0.51
C GLU B 614 40.84 17.26 1.43
N ARG B 615 42.08 17.28 0.92
CA ARG B 615 43.30 16.98 1.66
C ARG B 615 43.21 15.63 2.35
N GLU B 616 42.85 14.62 1.58
CA GLU B 616 42.70 13.26 2.05
C GLU B 616 43.40 12.32 1.10
N PHE B 617 44.01 11.29 1.66
CA PHE B 617 44.70 10.27 0.88
C PHE B 617 44.19 8.93 1.34
N LYS B 618 43.49 8.21 0.47
CA LYS B 618 42.81 6.99 0.83
C LYS B 618 43.40 5.84 0.04
N ILE B 619 43.63 4.73 0.72
CA ILE B 619 44.17 3.52 0.13
C ILE B 619 43.17 2.42 0.46
N PHE B 620 42.85 1.59 -0.53
CA PHE B 620 41.89 0.51 -0.32
C PHE B 620 42.51 -0.82 -0.73
N THR B 621 42.51 -1.78 0.20
CA THR B 621 42.81 -3.16 -0.11
C THR B 621 41.59 -4.05 0.06
N ASP B 622 40.41 -3.45 0.21
CA ASP B 622 39.12 -4.13 0.33
C ASP B 622 38.87 -5.19 -0.74
N VAL B 623 38.14 -6.21 -0.35
CA VAL B 623 37.63 -7.22 -1.28
C VAL B 623 36.32 -6.73 -1.89
N GLY B 624 36.10 -7.00 -3.18
CA GLY B 624 34.87 -6.69 -3.84
C GLY B 624 34.81 -5.40 -4.62
N ARG B 625 35.93 -4.72 -4.81
CA ARG B 625 35.96 -3.49 -5.61
C ARG B 625 35.98 -3.84 -7.08
N VAL B 626 35.16 -3.18 -7.86
CA VAL B 626 35.10 -3.42 -9.30
C VAL B 626 36.11 -2.52 -9.99
N TYR B 627 36.96 -3.11 -10.83
CA TYR B 627 38.02 -2.35 -11.47
C TYR B 627 38.15 -2.75 -12.93
N ARG B 628 38.88 -1.94 -13.68
CA ARG B 628 39.10 -2.16 -15.10
C ARG B 628 40.50 -1.72 -15.45
N PRO B 629 41.10 -2.25 -16.50
CA PRO B 629 42.45 -1.83 -16.88
C PRO B 629 42.50 -0.69 -17.87
N LEU B 630 43.57 0.09 -17.79
CA LEU B 630 43.84 1.17 -18.73
C LEU B 630 45.32 1.19 -19.09
N PHE B 631 45.62 1.70 -20.29
CA PHE B 631 46.98 2.05 -20.67
C PHE B 631 47.49 3.20 -19.85
N ILE B 632 48.75 3.12 -19.42
CA ILE B 632 49.39 4.23 -18.72
C ILE B 632 50.04 5.17 -19.71
N VAL B 633 49.77 6.47 -19.55
CA VAL B 633 50.40 7.52 -20.34
C VAL B 633 51.48 8.16 -19.49
N GLU B 634 52.65 8.38 -20.08
CA GLU B 634 53.74 9.02 -19.36
C GLU B 634 53.44 10.50 -19.09
N ASP B 635 53.45 10.89 -17.82
CA ASP B 635 53.04 12.23 -17.42
C ASP B 635 54.17 13.04 -16.80
N ASP B 636 55.33 12.44 -16.58
CA ASP B 636 56.46 13.11 -15.95
C ASP B 636 57.26 13.88 -16.99
N GLU B 637 57.41 15.18 -16.76
CA GLU B 637 58.17 16.08 -17.64
C GLU B 637 59.67 15.95 -17.36
N SER B 638 60.17 14.71 -17.32
CA SER B 638 61.60 14.46 -17.16
C SER B 638 62.14 13.55 -18.27
N LYS B 639 61.44 13.41 -19.39
CA LYS B 639 61.84 12.50 -20.44
C LYS B 639 61.14 12.86 -21.75
N ASP B 640 61.79 12.47 -22.84
CA ASP B 640 61.27 12.62 -24.20
C ASP B 640 60.03 11.75 -24.44
N ASN B 641 59.85 10.74 -23.59
CA ASN B 641 58.71 9.83 -23.64
C ASN B 641 57.38 10.54 -23.45
N LYS B 642 57.38 11.71 -22.80
CA LYS B 642 56.17 12.41 -22.33
C LYS B 642 55.15 12.62 -23.44
N GLY B 643 53.88 12.50 -23.07
CA GLY B 643 52.74 12.67 -23.94
C GLY B 643 52.36 11.46 -24.75
N GLU B 644 53.15 10.39 -24.72
CA GLU B 644 52.92 9.19 -25.51
C GLU B 644 52.60 8.00 -24.61
N LEU B 645 52.08 6.95 -25.22
CA LEU B 645 51.79 5.70 -24.52
C LEU B 645 53.08 5.05 -24.05
N ARG B 646 53.07 4.50 -22.83
CA ARG B 646 54.23 3.73 -22.39
C ARG B 646 54.39 2.42 -23.15
N ILE B 647 53.32 1.86 -23.64
CA ILE B 647 53.43 0.57 -24.32
C ILE B 647 53.91 0.81 -25.74
N THR B 648 54.79 -0.08 -26.22
CA THR B 648 55.40 0.07 -27.52
C THR B 648 55.28 -1.26 -28.24
N LYS B 649 55.61 -1.27 -29.54
CA LYS B 649 55.58 -2.50 -30.32
C LYS B 649 56.54 -3.56 -29.81
N GLU B 650 57.53 -3.21 -29.00
CA GLU B 650 58.43 -4.23 -28.47
C GLU B 650 57.71 -5.13 -27.49
N HIS B 651 56.90 -4.56 -26.59
CA HIS B 651 56.00 -5.34 -25.75
C HIS B 651 55.05 -6.18 -26.60
N ILE B 652 54.47 -5.57 -27.64
CA ILE B 652 53.55 -6.25 -28.54
C ILE B 652 54.26 -7.40 -29.25
N ARG B 653 55.54 -7.22 -29.56
CA ARG B 653 56.32 -8.28 -30.19
C ARG B 653 56.47 -9.48 -29.26
N LYS B 654 56.86 -9.21 -28.02
CA LYS B 654 57.04 -10.27 -27.03
C LYS B 654 55.73 -10.98 -26.68
N ILE B 655 54.61 -10.24 -26.69
CA ILE B 655 53.30 -10.84 -26.45
C ILE B 655 52.97 -11.93 -27.46
N GLN B 656 53.19 -11.65 -28.75
CA GLN B 656 52.91 -12.66 -29.77
C GLN B 656 53.89 -13.83 -29.72
N GLN B 657 55.14 -13.59 -29.32
CA GLN B 657 56.07 -14.69 -29.19
C GLN B 657 55.79 -15.57 -27.97
N GLY B 658 55.43 -14.96 -26.84
CA GLY B 658 55.24 -15.72 -25.62
C GLY B 658 56.42 -15.73 -24.68
N TYR B 659 57.53 -15.11 -25.05
CA TYR B 659 58.76 -15.17 -24.27
C TYR B 659 59.50 -13.84 -24.42
N ASP B 660 60.38 -13.56 -23.46
CA ASP B 660 61.23 -12.39 -23.54
C ASP B 660 62.53 -12.75 -24.23
N ASP B 661 63.19 -11.71 -24.77
CA ASP B 661 64.51 -11.86 -25.40
C ASP B 661 65.64 -11.66 -24.37
N ASP B 662 65.68 -12.57 -23.40
CA ASP B 662 66.70 -12.66 -22.35
C ASP B 662 66.91 -11.33 -21.60
N VAL B 675 56.27 -17.93 -18.78
CA VAL B 675 55.34 -17.48 -19.80
C VAL B 675 55.21 -15.95 -19.73
N TYR B 676 55.06 -15.33 -20.89
CA TYR B 676 54.97 -13.88 -20.99
C TYR B 676 53.59 -13.54 -21.56
N GLY B 677 52.64 -13.21 -20.70
CA GLY B 677 51.29 -12.94 -21.13
C GLY B 677 50.81 -11.65 -20.51
N TRP B 678 49.50 -11.61 -20.21
CA TRP B 678 48.84 -10.38 -19.77
C TRP B 678 49.47 -9.81 -18.51
N SER B 679 49.61 -10.64 -17.48
CA SER B 679 50.14 -10.20 -16.19
C SER B 679 51.60 -9.76 -16.27
N SER B 680 52.31 -10.19 -17.31
CA SER B 680 53.66 -9.68 -17.53
C SER B 680 53.64 -8.18 -17.81
N LEU B 681 52.63 -7.72 -18.55
CA LEU B 681 52.47 -6.30 -18.81
C LEU B 681 52.12 -5.50 -17.57
N VAL B 682 51.39 -6.08 -16.63
CA VAL B 682 50.93 -5.32 -15.48
C VAL B 682 52.07 -5.06 -14.51
N THR B 683 53.00 -6.00 -14.38
CA THR B 683 54.10 -5.83 -13.47
C THR B 683 55.32 -5.25 -14.17
N SER B 684 55.14 -4.71 -15.37
CA SER B 684 56.20 -3.98 -16.06
C SER B 684 55.76 -2.54 -16.36
N GLY B 685 54.76 -2.05 -15.63
CA GLY B 685 54.39 -0.65 -15.67
C GLY B 685 53.74 -0.11 -16.92
N VAL B 686 53.23 -0.95 -17.81
CA VAL B 686 52.54 -0.43 -18.98
C VAL B 686 51.02 -0.43 -18.88
N ILE B 687 50.43 -1.24 -18.00
CA ILE B 687 48.99 -1.25 -17.77
C ILE B 687 48.75 -1.27 -16.27
N GLU B 688 47.76 -0.52 -15.80
CA GLU B 688 47.37 -0.65 -14.41
C GLU B 688 45.85 -0.69 -14.32
N TYR B 689 45.40 -1.21 -13.19
CA TYR B 689 44.00 -1.31 -12.85
C TYR B 689 43.53 -0.08 -12.08
N VAL B 690 42.37 0.45 -12.45
CA VAL B 690 41.74 1.51 -11.68
C VAL B 690 40.32 1.10 -11.36
N ASP B 691 39.88 1.41 -10.15
CA ASP B 691 38.51 1.20 -9.73
C ASP B 691 37.75 2.51 -9.81
N GLY B 692 36.49 2.50 -9.37
CA GLY B 692 35.64 3.68 -9.48
C GLY B 692 36.12 4.88 -8.69
N GLU B 693 36.74 4.63 -7.53
CA GLU B 693 37.18 5.73 -6.67
C GLU B 693 38.41 6.41 -7.26
N GLU B 694 39.39 5.63 -7.71
CA GLU B 694 40.59 6.21 -8.30
C GLU B 694 40.29 6.87 -9.64
N GLU B 695 39.27 6.37 -10.35
CA GLU B 695 38.87 6.93 -11.65
C GLU B 695 38.47 8.39 -11.55
N GLU B 696 38.02 8.82 -10.36
CA GLU B 696 37.65 10.21 -10.12
C GLU B 696 38.81 11.20 -10.28
N THR B 697 40.05 10.74 -10.16
CA THR B 697 41.19 11.64 -10.09
C THR B 697 42.10 11.59 -11.30
N ILE B 698 41.69 10.94 -12.38
CA ILE B 698 42.54 10.78 -13.54
C ILE B 698 41.87 11.42 -14.75
N MET B 699 42.65 11.58 -15.81
CA MET B 699 42.20 12.22 -17.04
C MET B 699 42.45 11.26 -18.18
N ILE B 700 41.40 10.81 -18.85
CA ILE B 700 41.45 9.69 -19.77
C ILE B 700 41.21 10.18 -21.18
N ALA B 701 42.12 9.85 -22.10
CA ALA B 701 41.88 10.11 -23.51
C ALA B 701 41.08 8.95 -24.10
N MET B 702 40.21 9.27 -25.05
CA MET B 702 39.27 8.25 -25.53
C MET B 702 39.94 7.27 -26.48
N THR B 703 40.85 7.73 -27.31
CA THR B 703 41.58 6.87 -28.21
C THR B 703 43.02 7.36 -28.25
N PRO B 704 43.97 6.51 -28.68
CA PRO B 704 45.37 6.96 -28.79
C PRO B 704 45.56 8.17 -29.68
N GLU B 705 44.75 8.32 -30.72
CA GLU B 705 44.86 9.47 -31.61
C GLU B 705 44.57 10.80 -30.92
N ASP B 706 43.81 10.81 -29.83
CA ASP B 706 43.53 12.05 -29.14
C ASP B 706 44.68 12.53 -28.28
N LEU B 707 45.74 11.75 -28.14
CA LEU B 707 46.90 12.16 -27.37
C LEU B 707 47.69 13.27 -28.04
N GLN B 708 47.55 13.43 -29.36
CA GLN B 708 48.30 14.40 -30.12
C GLN B 708 47.35 15.22 -30.98
N THR B 709 47.65 16.51 -31.09
CA THR B 709 46.86 17.42 -31.90
C THR B 709 47.11 17.12 -33.38
N ARG B 710 46.16 17.51 -34.23
CA ARG B 710 46.21 17.15 -35.65
C ARG B 710 46.48 18.40 -36.48
N SER B 711 46.54 18.19 -37.79
CA SER B 711 46.84 19.23 -38.78
C SER B 711 45.86 20.41 -38.75
N LEU B 719 39.62 17.76 -43.42
CA LEU B 719 38.56 16.75 -43.33
C LEU B 719 37.45 17.10 -44.33
N ASN B 720 36.37 17.68 -43.82
CA ASN B 720 35.20 18.16 -44.59
C ASN B 720 34.55 17.06 -45.44
N ASP B 721 34.61 15.81 -44.96
CA ASP B 721 33.87 14.71 -45.58
C ASP B 721 32.47 14.69 -44.97
N THR B 722 31.48 15.10 -45.78
CA THR B 722 30.12 15.32 -45.31
C THR B 722 29.36 14.06 -44.88
N ALA B 723 29.94 12.87 -45.06
CA ALA B 723 29.30 11.62 -44.67
C ALA B 723 29.69 11.19 -43.26
N LYS B 724 30.96 11.38 -42.91
CA LYS B 724 31.53 10.89 -41.67
C LYS B 724 31.24 11.82 -40.49
N ARG B 725 31.45 11.26 -39.29
CA ARG B 725 31.01 11.92 -38.08
C ARG B 725 32.00 12.99 -37.59
N ILE B 726 31.43 13.99 -36.93
CA ILE B 726 32.17 15.14 -36.43
C ILE B 726 32.84 14.78 -35.11
N LYS B 727 34.13 15.05 -34.99
CA LYS B 727 34.80 14.85 -33.71
C LYS B 727 34.67 16.13 -32.89
N PRO B 728 34.45 16.01 -31.56
CA PRO B 728 34.30 17.22 -30.72
C PRO B 728 35.49 18.16 -30.75
N GLU B 729 35.19 19.45 -30.57
CA GLU B 729 36.21 20.48 -30.68
C GLU B 729 37.14 20.50 -29.46
N MET B 730 36.57 20.38 -28.25
CA MET B 730 37.30 20.36 -26.97
C MET B 730 38.07 21.66 -26.73
N SER B 731 37.37 22.79 -26.83
CA SER B 731 38.03 24.08 -26.72
C SER B 731 37.77 24.82 -25.41
N THR B 732 37.40 24.12 -24.34
CA THR B 732 37.24 24.85 -23.07
C THR B 732 38.55 24.94 -22.30
N SER B 733 39.40 23.92 -22.35
CA SER B 733 40.72 23.96 -21.73
C SER B 733 41.76 24.07 -22.83
N SER B 734 42.73 24.97 -22.64
CA SER B 734 43.73 25.21 -23.66
C SER B 734 44.66 24.02 -23.88
N HIS B 735 45.19 23.45 -22.79
CA HIS B 735 46.06 22.27 -22.94
C HIS B 735 45.67 21.19 -21.94
N HIS B 736 45.40 19.98 -22.44
CA HIS B 736 45.07 18.83 -21.62
C HIS B 736 46.30 17.97 -21.30
N THR B 737 46.33 17.43 -20.09
CA THR B 737 47.42 16.58 -19.58
C THR B 737 46.87 15.19 -19.28
N PHE B 738 46.80 14.34 -20.31
CA PHE B 738 46.23 13.01 -20.15
C PHE B 738 47.12 12.11 -19.32
N THR B 739 46.52 11.39 -18.37
CA THR B 739 47.21 10.36 -17.59
C THR B 739 46.99 8.94 -18.07
N HIS B 740 45.89 8.63 -18.74
CA HIS B 740 45.59 7.27 -19.14
C HIS B 740 44.92 7.26 -20.50
N CYS B 741 44.81 6.06 -21.08
CA CYS B 741 44.10 5.90 -22.34
C CYS B 741 43.33 4.59 -22.35
N GLU B 742 42.11 4.65 -22.86
CA GLU B 742 41.27 3.47 -23.04
C GLU B 742 41.94 2.48 -23.98
N ILE B 743 41.76 1.19 -23.68
CA ILE B 743 42.33 0.17 -24.55
C ILE B 743 41.54 0.04 -25.85
N HIS B 744 40.21 -0.07 -25.73
CA HIS B 744 39.33 0.18 -26.85
C HIS B 744 37.98 0.55 -26.27
N PRO B 745 37.32 1.56 -26.79
CA PRO B 745 36.08 2.03 -26.15
C PRO B 745 34.92 1.09 -26.30
N SER B 746 34.93 0.18 -27.28
CA SER B 746 33.86 -0.80 -27.41
C SER B 746 33.76 -1.80 -26.26
N MET B 747 34.78 -1.89 -25.41
CA MET B 747 34.72 -2.76 -24.24
C MET B 747 33.83 -2.24 -23.12
N ILE B 748 33.19 -1.08 -23.26
CA ILE B 748 32.19 -0.69 -22.27
C ILE B 748 30.95 -1.55 -22.34
N LEU B 749 30.72 -2.25 -23.44
CA LEU B 749 29.53 -3.08 -23.57
C LEU B 749 29.76 -4.40 -22.86
N GLY B 750 28.67 -5.08 -22.52
CA GLY B 750 28.74 -6.39 -21.93
C GLY B 750 28.61 -7.50 -22.95
N VAL B 751 28.45 -8.72 -22.44
CA VAL B 751 28.37 -9.92 -23.27
C VAL B 751 27.26 -9.80 -24.31
N ALA B 752 26.05 -9.44 -23.85
CA ALA B 752 24.88 -9.50 -24.73
C ALA B 752 24.95 -8.42 -25.80
N ALA B 753 25.24 -7.18 -25.40
CA ALA B 753 25.26 -6.06 -26.34
C ALA B 753 26.41 -6.14 -27.34
N SER B 754 27.43 -6.96 -27.07
CA SER B 754 28.56 -7.10 -27.98
C SER B 754 28.22 -7.87 -29.24
N ILE B 755 27.04 -8.48 -29.31
CA ILE B 755 26.62 -9.22 -30.49
C ILE B 755 26.01 -8.28 -31.52
N ILE B 756 25.63 -7.08 -31.11
CA ILE B 756 24.97 -6.14 -32.02
C ILE B 756 25.99 -5.55 -32.98
N PRO B 757 25.77 -5.63 -34.28
CA PRO B 757 26.61 -4.92 -35.24
C PRO B 757 26.20 -3.46 -35.23
N PHE B 758 27.20 -2.58 -35.14
CA PHE B 758 27.01 -1.13 -35.17
C PHE B 758 26.10 -0.53 -34.10
N PRO B 759 26.24 -0.86 -32.80
CA PRO B 759 25.34 -0.25 -31.79
C PRO B 759 25.43 1.27 -31.70
N ASP B 760 26.49 1.89 -32.20
CA ASP B 760 26.60 3.33 -32.25
C ASP B 760 25.70 3.98 -33.29
N HIS B 761 24.90 3.22 -34.04
CA HIS B 761 23.94 3.79 -34.97
C HIS B 761 22.50 3.52 -34.57
N ASN B 762 22.24 3.10 -33.34
CA ASN B 762 20.88 2.77 -32.94
C ASN B 762 20.38 3.69 -31.84
N GLN B 763 19.08 3.99 -31.92
CA GLN B 763 18.34 4.50 -30.78
C GLN B 763 18.48 3.58 -29.60
N SER B 764 18.82 4.17 -28.44
CA SER B 764 19.25 3.39 -27.28
C SER B 764 18.30 2.30 -26.76
N PRO B 765 16.96 2.43 -26.77
CA PRO B 765 16.16 1.29 -26.30
C PRO B 765 16.30 0.04 -27.14
N ARG B 766 16.50 0.16 -28.45
CA ARG B 766 16.72 -1.03 -29.28
C ARG B 766 17.93 -1.85 -28.85
N ASN B 767 18.97 -1.23 -28.34
CA ASN B 767 20.08 -2.04 -27.84
C ASN B 767 19.68 -2.79 -26.58
N THR B 768 18.89 -2.17 -25.72
CA THR B 768 18.36 -2.87 -24.56
C THR B 768 17.46 -4.03 -24.98
N TYR B 769 16.55 -3.80 -25.93
CA TYR B 769 15.64 -4.86 -26.36
C TYR B 769 16.38 -6.04 -26.98
N GLN B 770 17.40 -5.77 -27.79
CA GLN B 770 18.17 -6.88 -28.34
C GLN B 770 18.94 -7.62 -27.26
N SER B 771 19.49 -6.90 -26.28
CA SER B 771 20.22 -7.55 -25.18
C SER B 771 19.34 -8.52 -24.40
N ALA B 772 18.03 -8.28 -24.38
CA ALA B 772 17.11 -9.22 -23.77
C ALA B 772 16.82 -10.38 -24.72
N MET B 773 16.50 -10.07 -25.98
CA MET B 773 16.06 -11.11 -26.92
C MET B 773 17.19 -12.05 -27.29
N GLY B 774 18.43 -11.55 -27.30
CA GLY B 774 19.58 -12.38 -27.62
C GLY B 774 19.73 -13.60 -26.74
N LYS B 775 19.29 -13.51 -25.50
CA LYS B 775 19.32 -14.64 -24.59
C LYS B 775 18.19 -15.64 -24.84
N GLN B 776 17.27 -15.36 -25.76
CA GLN B 776 16.17 -16.26 -26.09
C GLN B 776 16.28 -16.88 -27.46
N ALA B 777 17.43 -16.82 -28.11
CA ALA B 777 17.54 -17.24 -29.49
C ALA B 777 18.19 -18.60 -29.57
N MET B 778 17.51 -19.55 -30.22
CA MET B 778 18.03 -20.90 -30.39
C MET B 778 19.35 -20.88 -31.12
N GLY B 779 20.29 -21.68 -30.63
CA GLY B 779 21.47 -21.92 -31.41
C GLY B 779 21.97 -23.31 -31.14
N VAL B 780 23.18 -23.44 -30.59
CA VAL B 780 23.72 -24.72 -30.17
C VAL B 780 24.40 -24.44 -28.85
N PHE B 781 23.75 -24.76 -27.74
CA PHE B 781 24.22 -24.26 -26.45
C PHE B 781 25.48 -24.98 -25.98
N LEU B 782 25.64 -26.24 -26.33
CA LEU B 782 26.89 -26.97 -26.11
C LEU B 782 27.01 -28.07 -27.15
N THR B 783 28.22 -28.54 -27.33
CA THR B 783 28.46 -29.58 -28.31
C THR B 783 28.13 -30.98 -27.80
N ASN B 784 27.83 -31.15 -26.51
CA ASN B 784 27.55 -32.46 -25.95
C ASN B 784 26.08 -32.69 -25.67
N TYR B 785 25.18 -32.03 -26.42
CA TYR B 785 23.75 -32.11 -26.15
C TYR B 785 23.18 -33.52 -26.18
N ASN B 786 23.80 -34.46 -26.92
CA ASN B 786 23.26 -35.81 -26.99
C ASN B 786 23.42 -36.60 -25.71
N VAL B 787 24.40 -36.26 -24.86
CA VAL B 787 24.59 -36.99 -23.61
C VAL B 787 24.03 -36.27 -22.38
N ARG B 788 23.66 -35.00 -22.50
CA ARG B 788 22.98 -34.30 -21.42
C ARG B 788 21.49 -34.57 -21.50
N MET B 789 20.84 -34.69 -20.35
CA MET B 789 19.39 -34.85 -20.32
C MET B 789 18.76 -33.66 -19.61
N ASP B 790 18.61 -32.56 -20.34
CA ASP B 790 18.06 -31.33 -19.80
C ASP B 790 16.56 -31.33 -19.98
N THR B 791 15.87 -30.57 -19.12
CA THR B 791 14.42 -30.44 -19.19
C THR B 791 13.93 -29.96 -20.55
N MET B 792 14.61 -28.97 -21.13
CA MET B 792 14.25 -28.48 -22.45
C MET B 792 15.54 -28.10 -23.14
N ALA B 793 15.65 -28.43 -24.41
CA ALA B 793 16.81 -28.02 -25.18
C ALA B 793 16.37 -27.76 -26.60
N ASN B 794 16.99 -26.77 -27.23
CA ASN B 794 16.73 -26.45 -28.61
C ASN B 794 18.02 -26.33 -29.38
N ILE B 795 18.10 -26.97 -30.54
CA ILE B 795 19.27 -26.88 -31.40
C ILE B 795 18.79 -26.54 -32.79
N LEU B 796 19.23 -25.39 -33.29
CA LEU B 796 19.00 -24.98 -34.66
C LEU B 796 19.68 -25.97 -35.61
N TYR B 797 18.96 -26.38 -36.67
CA TYR B 797 19.50 -27.34 -37.63
C TYR B 797 20.80 -26.87 -38.26
N TYR B 798 20.80 -25.70 -38.89
CA TYR B 798 21.93 -25.24 -39.70
C TYR B 798 22.36 -23.86 -39.24
N PRO B 799 23.10 -23.76 -38.14
CA PRO B 799 23.61 -22.45 -37.73
C PRO B 799 24.59 -21.90 -38.76
N GLN B 800 24.55 -20.59 -38.95
CA GLN B 800 25.53 -19.92 -39.79
C GLN B 800 26.21 -18.82 -38.99
N LYS B 801 27.48 -18.57 -39.27
CA LYS B 801 28.07 -17.41 -38.63
C LYS B 801 27.68 -16.14 -39.37
N PRO B 802 27.52 -15.02 -38.66
CA PRO B 802 27.00 -13.81 -39.30
C PRO B 802 28.02 -13.15 -40.22
N LEU B 803 27.52 -12.61 -41.34
CA LEU B 803 28.34 -11.83 -42.25
C LEU B 803 28.84 -10.52 -41.70
N ALA B 804 28.21 -9.97 -40.68
CA ALA B 804 28.67 -8.73 -40.07
C ALA B 804 28.94 -9.03 -38.62
N LYS B 805 30.21 -9.04 -38.25
CA LYS B 805 30.63 -9.44 -36.93
C LYS B 805 31.39 -8.31 -36.27
N THR B 806 31.66 -8.48 -34.99
CA THR B 806 32.48 -7.54 -34.25
C THR B 806 33.71 -8.27 -33.75
N GLN B 807 34.74 -7.51 -33.40
CA GLN B 807 35.97 -8.09 -32.89
C GLN B 807 35.76 -8.84 -31.59
N ALA B 808 34.85 -8.39 -30.74
CA ALA B 808 34.66 -9.02 -29.45
C ALA B 808 34.04 -10.40 -29.57
N MET B 809 33.39 -10.71 -30.70
CA MET B 809 32.82 -12.03 -30.91
C MET B 809 33.84 -13.15 -31.00
N GLU B 810 35.10 -12.84 -31.31
CA GLU B 810 36.13 -13.88 -31.38
C GLU B 810 36.26 -14.63 -30.04
N TYR B 811 36.18 -13.89 -28.93
CA TYR B 811 36.34 -14.43 -27.57
C TYR B 811 35.04 -14.95 -26.95
N LEU B 812 33.90 -14.61 -27.51
CA LEU B 812 32.64 -15.14 -27.02
C LEU B 812 32.31 -16.45 -27.69
N LYS B 813 33.08 -16.82 -28.71
CA LYS B 813 32.99 -18.05 -29.48
C LYS B 813 31.77 -18.06 -30.36
N PHE B 814 31.25 -16.87 -30.66
CA PHE B 814 30.00 -16.75 -31.40
C PHE B 814 30.15 -17.28 -32.80
N ARG B 815 31.31 -17.09 -33.43
CA ARG B 815 31.46 -17.67 -34.76
C ARG B 815 31.60 -19.18 -34.70
N GLU B 816 31.98 -19.75 -33.56
CA GLU B 816 32.09 -21.19 -33.42
C GLU B 816 30.77 -21.83 -32.97
N LEU B 817 29.97 -21.15 -32.16
CA LEU B 817 28.63 -21.62 -31.80
C LEU B 817 27.57 -20.58 -32.12
N PRO B 818 27.30 -20.35 -33.41
CA PRO B 818 26.39 -19.28 -33.80
C PRO B 818 24.95 -19.64 -33.52
N ALA B 819 24.12 -18.59 -33.46
CA ALA B 819 22.73 -18.73 -33.02
C ALA B 819 21.80 -17.97 -33.97
N GLY B 820 21.73 -18.41 -35.21
CA GLY B 820 20.89 -17.74 -36.19
C GLY B 820 21.32 -18.06 -37.61
N GLN B 821 20.60 -17.45 -38.55
CA GLN B 821 20.85 -17.68 -39.97
C GLN B 821 20.76 -16.39 -40.75
N ASN B 822 21.54 -16.31 -41.82
CA ASN B 822 21.51 -15.18 -42.74
C ASN B 822 20.36 -15.31 -43.73
N ALA B 823 19.29 -14.58 -43.52
CA ALA B 823 18.18 -14.62 -44.46
C ALA B 823 18.38 -13.55 -45.52
N ILE B 824 17.96 -13.83 -46.74
CA ILE B 824 17.92 -12.80 -47.78
C ILE B 824 16.64 -12.03 -47.63
N VAL B 825 16.76 -10.74 -47.36
CA VAL B 825 15.66 -9.90 -46.91
C VAL B 825 15.46 -8.79 -47.90
N ALA B 826 14.22 -8.63 -48.35
CA ALA B 826 13.77 -7.46 -49.08
C ALA B 826 12.94 -6.64 -48.11
N ILE B 827 13.24 -5.35 -48.01
CA ILE B 827 12.37 -4.41 -47.31
C ILE B 827 11.39 -3.82 -48.31
N ALA B 828 10.16 -4.29 -48.27
CA ALA B 828 9.18 -3.87 -49.26
C ALA B 828 7.79 -4.02 -48.67
N CYS B 829 6.88 -3.21 -49.17
CA CYS B 829 5.44 -3.44 -49.03
C CYS B 829 5.05 -4.35 -50.18
N TYR B 830 4.58 -5.56 -49.85
CA TYR B 830 4.19 -6.46 -50.90
C TYR B 830 2.68 -6.65 -50.92
N SER B 831 2.13 -7.65 -50.27
CA SER B 831 0.69 -7.85 -50.37
C SER B 831 -0.08 -7.25 -49.23
N GLY B 832 0.58 -6.52 -48.34
CA GLY B 832 -0.11 -6.06 -47.17
C GLY B 832 -0.23 -7.08 -46.07
N TYR B 833 0.33 -8.28 -46.24
CA TYR B 833 0.40 -9.27 -45.18
C TYR B 833 1.62 -9.09 -44.32
N ASN B 834 2.23 -7.93 -44.33
CA ASN B 834 3.34 -7.68 -43.44
C ASN B 834 3.24 -6.32 -42.76
N GLN B 835 2.04 -5.80 -42.63
CA GLN B 835 1.84 -4.55 -41.94
C GLN B 835 1.97 -4.80 -40.44
N GLU B 836 2.30 -3.74 -39.70
CA GLU B 836 2.37 -3.72 -38.24
C GLU B 836 3.29 -4.81 -37.70
N ASP B 837 4.49 -4.88 -38.27
CA ASP B 837 5.62 -5.68 -37.77
C ASP B 837 5.43 -7.17 -37.98
N SER B 838 4.62 -7.60 -38.92
CA SER B 838 4.74 -8.98 -39.35
C SER B 838 5.63 -9.08 -40.58
N MET B 839 5.75 -10.28 -41.11
CA MET B 839 6.70 -10.51 -42.20
C MET B 839 6.24 -11.73 -42.99
N ILE B 840 6.49 -11.66 -44.29
CA ILE B 840 6.21 -12.75 -45.21
C ILE B 840 7.46 -13.58 -45.37
N MET B 841 7.33 -14.89 -45.17
CA MET B 841 8.47 -15.77 -45.37
C MET B 841 8.25 -16.64 -46.60
N ASN B 842 9.34 -16.92 -47.30
CA ASN B 842 9.35 -17.72 -48.52
C ASN B 842 9.16 -19.18 -48.12
N GLN B 843 8.02 -19.77 -48.51
CA GLN B 843 7.70 -21.17 -48.17
C GLN B 843 8.71 -22.16 -48.72
N SER B 844 9.31 -21.89 -49.87
CA SER B 844 10.28 -22.82 -50.41
C SER B 844 11.55 -22.84 -49.57
N SER B 845 11.97 -21.68 -49.06
CA SER B 845 13.09 -21.64 -48.12
C SER B 845 12.84 -22.49 -46.88
N ILE B 846 11.63 -22.44 -46.31
CA ILE B 846 11.29 -23.31 -45.18
C ILE B 846 11.43 -24.78 -45.54
N ASP B 847 10.92 -25.15 -46.73
CA ASP B 847 11.03 -26.52 -47.23
C ASP B 847 12.48 -26.99 -47.33
N ARG B 848 13.41 -26.12 -47.68
CA ARG B 848 14.78 -26.56 -47.78
C ARG B 848 15.51 -26.52 -46.46
N GLY B 849 14.86 -26.07 -45.39
CA GLY B 849 15.46 -26.18 -44.08
C GLY B 849 15.71 -24.89 -43.33
N LEU B 850 15.35 -23.73 -43.87
CA LEU B 850 15.60 -22.45 -43.21
C LEU B 850 14.89 -22.41 -41.85
N PHE B 851 15.65 -22.01 -40.82
CA PHE B 851 15.18 -21.77 -39.45
C PHE B 851 14.47 -22.97 -38.82
N ARG B 852 14.65 -24.16 -39.37
CA ARG B 852 14.14 -25.37 -38.74
C ARG B 852 14.97 -25.70 -37.49
N SER B 853 14.31 -26.25 -36.47
CA SER B 853 15.04 -26.58 -35.25
C SER B 853 14.51 -27.84 -34.60
N LEU B 854 15.42 -28.55 -33.94
CA LEU B 854 15.13 -29.63 -33.00
C LEU B 854 14.63 -29.10 -31.66
N PHE B 855 13.75 -29.89 -31.03
CA PHE B 855 13.26 -29.59 -29.70
C PHE B 855 13.32 -30.87 -28.87
N PHE B 856 13.84 -30.79 -27.63
CA PHE B 856 14.04 -31.92 -26.75
C PHE B 856 13.34 -31.67 -25.42
N ARG B 857 12.62 -32.67 -24.91
CA ARG B 857 12.08 -32.61 -23.56
C ARG B 857 12.41 -33.88 -22.79
N SER B 858 12.91 -33.75 -21.56
CA SER B 858 13.18 -34.89 -20.69
C SER B 858 12.20 -35.03 -19.54
N TYR B 859 11.72 -36.24 -19.31
CA TYR B 859 10.89 -36.58 -18.16
C TYR B 859 11.68 -37.45 -17.20
N MET B 860 11.61 -37.15 -15.91
CA MET B 860 12.30 -37.89 -14.87
C MET B 860 11.28 -38.51 -13.93
N ASP B 861 11.54 -39.74 -13.49
CA ASP B 861 10.75 -40.33 -12.42
C ASP B 861 11.60 -41.30 -11.62
N GLN B 862 11.19 -41.55 -10.37
CA GLN B 862 11.85 -42.52 -9.53
C GLN B 862 10.88 -43.17 -8.56
N GLU B 863 11.28 -44.34 -8.06
CA GLU B 863 10.49 -45.06 -7.05
C GLU B 863 10.68 -44.43 -5.68
N LYS B 864 9.57 -44.29 -4.96
CA LYS B 864 9.57 -43.72 -3.62
C LYS B 864 9.38 -44.81 -2.58
N ARG B 865 9.91 -44.58 -1.39
CA ARG B 865 9.79 -45.53 -0.28
C ARG B 865 8.73 -45.06 0.71
N PHE B 866 7.81 -45.95 1.06
CA PHE B 866 6.84 -45.67 2.10
C PHE B 866 6.95 -46.55 3.34
N GLY B 867 7.76 -47.61 3.29
CA GLY B 867 7.96 -48.43 4.46
C GLY B 867 9.11 -49.37 4.25
N ILE B 868 9.25 -50.30 5.22
CA ILE B 868 10.39 -51.21 5.29
C ILE B 868 10.52 -52.01 3.99
N SER B 869 9.40 -52.54 3.50
CA SER B 869 9.36 -53.25 2.23
C SER B 869 8.21 -52.74 1.38
N ILE B 870 7.81 -51.48 1.58
CA ILE B 870 6.73 -50.89 0.81
C ILE B 870 7.37 -49.88 -0.12
N VAL B 871 7.52 -50.26 -1.38
CA VAL B 871 8.13 -49.42 -2.40
C VAL B 871 7.24 -49.44 -3.62
N GLU B 872 7.26 -48.34 -4.36
CA GLU B 872 6.65 -48.31 -5.68
C GLU B 872 7.42 -49.23 -6.62
N GLU B 873 6.79 -49.59 -7.74
CA GLU B 873 7.37 -50.56 -8.64
C GLU B 873 7.05 -50.20 -10.08
N PHE B 874 8.09 -50.14 -10.91
CA PHE B 874 7.96 -49.95 -12.35
C PHE B 874 7.47 -51.23 -12.99
N GLU B 875 6.37 -51.13 -13.74
CA GLU B 875 5.76 -52.27 -14.41
C GLU B 875 4.73 -51.71 -15.38
N LYS B 876 4.22 -52.58 -16.23
CA LYS B 876 3.08 -52.28 -17.09
C LYS B 876 1.85 -52.66 -16.31
N PRO B 877 1.05 -51.70 -15.82
CA PRO B 877 0.00 -52.08 -14.86
C PRO B 877 -1.17 -52.76 -15.55
N THR B 878 -1.53 -53.91 -15.01
CA THR B 878 -2.68 -54.67 -15.46
C THR B 878 -3.97 -54.03 -14.97
N ARG B 879 -4.97 -53.97 -15.86
CA ARG B 879 -6.22 -53.29 -15.54
C ARG B 879 -6.97 -54.00 -14.41
N ALA B 880 -6.74 -55.30 -14.25
CA ALA B 880 -7.46 -56.08 -13.25
C ALA B 880 -6.98 -55.79 -11.83
N THR B 881 -5.72 -55.42 -11.66
CA THR B 881 -5.14 -55.32 -10.32
C THR B 881 -4.89 -53.89 -9.85
N THR B 882 -5.03 -52.89 -10.70
CA THR B 882 -4.69 -51.51 -10.37
C THR B 882 -5.91 -50.65 -10.61
N LEU B 883 -6.24 -49.83 -9.62
CA LEU B 883 -7.39 -48.94 -9.72
C LEU B 883 -7.02 -47.51 -10.11
N ARG B 884 -8.02 -46.81 -10.65
CA ARG B 884 -7.97 -45.41 -11.08
C ARG B 884 -6.87 -45.19 -12.12
N LEU B 885 -6.88 -46.05 -13.14
CA LEU B 885 -6.04 -45.92 -14.33
C LEU B 885 -6.34 -44.67 -15.15
N LYS B 886 -5.30 -44.17 -15.80
CA LYS B 886 -5.40 -43.04 -16.72
C LYS B 886 -6.18 -43.44 -17.97
N HIS B 887 -6.70 -42.44 -18.66
CA HIS B 887 -7.53 -42.68 -19.84
C HIS B 887 -6.72 -43.01 -21.10
N GLY B 888 -5.44 -42.68 -21.15
CA GLY B 888 -4.64 -42.95 -22.34
C GLY B 888 -4.26 -44.40 -22.54
N THR B 889 -3.61 -44.67 -23.68
CA THR B 889 -3.18 -46.00 -24.04
C THR B 889 -1.93 -46.40 -23.28
N TYR B 890 -1.88 -47.65 -22.85
CA TYR B 890 -0.71 -48.24 -22.23
C TYR B 890 0.06 -49.17 -23.17
N GLU B 891 -0.34 -49.25 -24.43
CA GLU B 891 0.18 -50.28 -25.33
C GLU B 891 1.56 -49.99 -25.89
N LYS B 892 2.19 -48.88 -25.54
CA LYS B 892 3.55 -48.68 -26.00
C LYS B 892 4.60 -49.05 -24.96
N LEU B 893 4.19 -49.39 -23.74
CA LEU B 893 5.15 -49.82 -22.73
C LEU B 893 5.61 -51.25 -22.98
N ASP B 894 6.90 -51.49 -22.78
CA ASP B 894 7.41 -52.85 -22.75
C ASP B 894 7.16 -53.45 -21.37
N GLU B 895 7.59 -54.71 -21.21
CA GLU B 895 7.39 -55.44 -19.96
C GLU B 895 8.18 -54.87 -18.78
N ASP B 896 9.27 -54.16 -19.02
CA ASP B 896 10.03 -53.55 -17.92
C ASP B 896 9.41 -52.27 -17.37
N GLY B 897 8.24 -51.88 -17.87
CA GLY B 897 7.59 -50.65 -17.49
C GLY B 897 8.07 -49.40 -18.20
N LEU B 898 8.96 -49.53 -19.17
CA LEU B 898 9.58 -48.39 -19.82
C LEU B 898 9.31 -48.48 -21.31
N ILE B 899 9.12 -47.34 -21.94
CA ILE B 899 8.93 -47.33 -23.38
C ILE B 899 10.29 -47.41 -24.05
N ALA B 900 10.32 -47.86 -25.29
CA ALA B 900 11.60 -48.03 -25.94
C ALA B 900 11.84 -46.90 -26.95
N PRO B 901 13.11 -46.54 -27.15
CA PRO B 901 13.44 -45.53 -28.17
C PRO B 901 13.01 -45.93 -29.57
N GLY B 902 12.63 -44.92 -30.34
CA GLY B 902 12.14 -45.10 -31.68
C GLY B 902 10.63 -45.10 -31.83
N VAL B 903 9.88 -45.11 -30.75
CA VAL B 903 8.43 -45.20 -30.86
C VAL B 903 7.89 -43.78 -30.85
N ARG B 904 7.02 -43.45 -31.81
CA ARG B 904 6.36 -42.16 -31.76
C ARG B 904 5.31 -42.13 -30.66
N VAL B 905 5.19 -40.99 -29.97
CA VAL B 905 4.22 -40.82 -28.90
C VAL B 905 3.43 -39.55 -29.18
N SER B 906 2.17 -39.57 -28.78
CA SER B 906 1.28 -38.43 -28.80
C SER B 906 0.82 -38.16 -27.38
N GLY B 907 0.19 -37.00 -27.19
CA GLY B 907 -0.34 -36.58 -25.90
C GLY B 907 -1.19 -37.58 -25.15
N ASP B 908 -0.97 -37.63 -23.83
CA ASP B 908 -1.65 -38.44 -22.83
C ASP B 908 -1.26 -39.92 -22.88
N ASP B 909 -0.49 -40.35 -23.87
CA ASP B 909 0.12 -41.67 -23.83
C ASP B 909 0.99 -41.84 -22.59
N ILE B 910 0.90 -43.00 -21.96
CA ILE B 910 1.76 -43.34 -20.84
C ILE B 910 3.12 -43.77 -21.36
N ILE B 911 4.18 -43.20 -20.80
CA ILE B 911 5.52 -43.61 -21.20
C ILE B 911 6.30 -44.23 -20.06
N ILE B 912 5.90 -44.02 -18.81
CA ILE B 912 6.54 -44.64 -17.66
C ILE B 912 5.40 -45.15 -16.79
N GLY B 913 5.27 -46.47 -16.68
CA GLY B 913 4.30 -47.07 -15.80
C GLY B 913 4.82 -47.31 -14.41
N LYS B 914 4.08 -46.82 -13.42
CA LYS B 914 4.48 -47.02 -12.04
C LYS B 914 3.22 -47.13 -11.19
N THR B 915 3.25 -48.02 -10.21
CA THR B 915 2.14 -48.19 -9.29
C THR B 915 2.57 -47.95 -7.85
N THR B 916 1.59 -47.62 -7.02
CA THR B 916 1.78 -47.52 -5.58
C THR B 916 0.72 -48.38 -4.90
N PRO B 917 1.09 -49.21 -3.91
CA PRO B 917 0.09 -50.03 -3.24
C PRO B 917 -0.84 -49.22 -2.36
N ILE B 918 -2.07 -49.71 -2.21
CA ILE B 918 -3.06 -49.08 -1.35
C ILE B 918 -2.95 -49.74 0.01
N PRO B 919 -2.86 -48.98 1.10
CA PRO B 919 -2.79 -49.57 2.45
C PRO B 919 -4.10 -50.23 2.81
N PRO B 920 -4.09 -51.18 3.76
CA PRO B 920 -5.36 -51.76 4.22
C PRO B 920 -5.99 -50.94 5.34
N TYR B 931 -7.35 -59.45 -3.05
CA TYR B 931 -6.35 -58.43 -3.36
C TYR B 931 -6.82 -57.08 -3.89
N HIS B 932 -6.24 -56.69 -5.04
CA HIS B 932 -6.61 -55.56 -5.89
C HIS B 932 -6.17 -54.42 -4.98
N THR B 933 -4.85 -54.20 -5.02
CA THR B 933 -4.14 -53.43 -4.02
C THR B 933 -3.37 -52.21 -4.50
N LYS B 934 -3.19 -52.01 -5.81
CA LYS B 934 -2.37 -50.88 -6.18
C LYS B 934 -3.15 -49.76 -6.84
N ARG B 935 -2.47 -48.61 -6.89
CA ARG B 935 -2.92 -47.37 -7.49
C ARG B 935 -1.91 -46.87 -8.50
N ASP B 936 -2.41 -46.38 -9.62
CA ASP B 936 -1.54 -45.93 -10.70
C ASP B 936 -0.85 -44.63 -10.32
N ALA B 937 0.43 -44.53 -10.65
CA ALA B 937 1.18 -43.32 -10.44
C ALA B 937 2.04 -43.03 -11.64
N SER B 938 1.49 -43.26 -12.82
CA SER B 938 2.24 -43.22 -14.06
C SER B 938 2.33 -41.80 -14.60
N THR B 939 3.24 -41.61 -15.55
CA THR B 939 3.49 -40.28 -16.09
C THR B 939 3.07 -40.25 -17.54
N PRO B 940 2.09 -39.43 -17.91
CA PRO B 940 1.76 -39.27 -19.32
C PRO B 940 2.52 -38.12 -19.96
N LEU B 941 2.77 -38.29 -21.26
CA LEU B 941 3.26 -37.20 -22.10
C LEU B 941 2.33 -36.00 -22.03
N ARG B 942 2.92 -34.80 -22.02
CA ARG B 942 2.20 -33.55 -22.01
C ARG B 942 1.21 -33.48 -23.17
N SER B 943 -0.01 -33.00 -22.88
CA SER B 943 -1.13 -33.15 -23.80
C SER B 943 -0.92 -32.43 -25.13
N THR B 944 -0.16 -31.35 -25.14
CA THR B 944 0.05 -30.53 -26.32
C THR B 944 1.23 -30.97 -27.18
N GLU B 945 1.87 -32.10 -26.90
CA GLU B 945 3.12 -32.43 -27.56
C GLU B 945 3.03 -33.77 -28.28
N ASN B 946 4.03 -34.00 -29.15
CA ASN B 946 4.25 -35.25 -29.86
C ASN B 946 5.71 -35.31 -30.26
N GLY B 947 6.13 -36.47 -30.72
CA GLY B 947 7.49 -36.65 -31.18
C GLY B 947 7.90 -38.11 -31.07
N ILE B 948 9.21 -38.33 -31.00
CA ILE B 948 9.77 -39.67 -30.96
C ILE B 948 10.57 -39.81 -29.68
N VAL B 949 10.44 -40.95 -29.00
CA VAL B 949 11.30 -41.25 -27.87
C VAL B 949 12.71 -41.44 -28.38
N ASP B 950 13.66 -40.71 -27.82
CA ASP B 950 15.01 -40.76 -28.37
C ASP B 950 15.97 -41.64 -27.60
N GLN B 951 15.85 -41.67 -26.28
CA GLN B 951 16.85 -42.31 -25.44
C GLN B 951 16.24 -42.45 -24.05
N VAL B 952 16.52 -43.57 -23.40
CA VAL B 952 15.97 -43.85 -22.08
C VAL B 952 17.10 -44.26 -21.16
N LEU B 953 17.31 -43.46 -20.13
CA LEU B 953 18.33 -43.71 -19.14
C LEU B 953 17.72 -44.50 -18.01
N LEU B 954 18.39 -45.57 -17.59
CA LEU B 954 17.97 -46.32 -16.42
C LEU B 954 19.14 -46.45 -15.46
N THR B 955 18.92 -46.10 -14.19
CA THR B 955 19.97 -46.11 -13.20
C THR B 955 19.32 -46.12 -11.82
N THR B 956 20.15 -46.00 -10.78
CA THR B 956 19.64 -45.83 -9.44
C THR B 956 20.15 -44.54 -8.83
N ASN B 957 19.40 -44.03 -7.87
CA ASN B 957 19.73 -42.79 -7.21
C ASN B 957 20.52 -43.06 -5.94
N GLN B 958 20.82 -41.99 -5.21
CA GLN B 958 21.61 -42.06 -3.98
C GLN B 958 20.99 -42.99 -2.94
N GLU B 959 19.68 -43.13 -2.93
CA GLU B 959 19.01 -43.98 -1.96
C GLU B 959 18.86 -45.42 -2.44
N GLY B 960 19.34 -45.75 -3.63
CA GLY B 960 19.32 -47.12 -4.10
C GLY B 960 18.08 -47.60 -4.84
N LEU B 961 17.03 -46.79 -4.95
CA LEU B 961 15.86 -47.20 -5.71
C LEU B 961 16.04 -46.88 -7.19
N LYS B 962 15.16 -47.48 -8.02
CA LYS B 962 15.30 -47.34 -9.45
C LYS B 962 14.92 -45.94 -9.91
N PHE B 963 15.53 -45.52 -11.01
CA PHE B 963 15.48 -44.14 -11.45
C PHE B 963 15.57 -44.09 -12.97
N VAL B 964 14.63 -43.40 -13.62
CA VAL B 964 14.60 -43.41 -15.08
C VAL B 964 14.52 -41.97 -15.57
N LYS B 965 15.02 -41.74 -16.78
CA LYS B 965 14.78 -40.53 -17.55
C LYS B 965 14.45 -40.88 -18.98
N VAL B 966 13.44 -40.24 -19.54
CA VAL B 966 13.02 -40.45 -20.91
C VAL B 966 13.15 -39.14 -21.66
N ARG B 967 14.01 -39.07 -22.67
CA ARG B 967 14.11 -37.86 -23.45
C ARG B 967 13.32 -38.04 -24.73
N MET B 968 12.46 -37.07 -25.05
CA MET B 968 11.70 -37.08 -26.28
C MET B 968 12.21 -35.98 -27.19
N ARG B 969 12.34 -36.25 -28.48
CA ARG B 969 12.74 -35.27 -29.49
C ARG B 969 11.62 -35.09 -30.50
N THR B 970 11.40 -33.86 -30.91
CA THR B 970 10.61 -33.59 -32.10
C THR B 970 11.25 -32.47 -32.87
N THR B 971 10.72 -32.22 -34.05
CA THR B 971 11.23 -31.16 -34.90
C THR B 971 10.16 -30.11 -35.10
N LYS B 972 10.54 -28.85 -34.88
CA LYS B 972 9.64 -27.71 -35.03
C LYS B 972 9.97 -26.98 -36.31
N VAL B 973 8.99 -26.86 -37.18
CA VAL B 973 9.13 -26.27 -38.51
C VAL B 973 8.46 -24.91 -38.46
N PRO B 974 9.12 -23.84 -38.93
CA PRO B 974 8.53 -22.49 -38.87
C PRO B 974 7.18 -22.44 -39.54
N GLN B 975 6.27 -21.67 -38.97
CA GLN B 975 4.93 -21.58 -39.53
C GLN B 975 4.39 -20.25 -39.09
N ILE B 976 3.25 -19.86 -39.69
CA ILE B 976 2.48 -18.68 -39.33
C ILE B 976 2.38 -18.55 -37.81
N GLY B 977 2.76 -17.39 -37.28
CA GLY B 977 2.71 -17.15 -35.87
C GLY B 977 4.02 -17.26 -35.14
N ASP B 978 5.00 -17.97 -35.71
CA ASP B 978 6.30 -18.06 -35.04
C ASP B 978 7.04 -16.74 -35.11
N LYS B 979 7.92 -16.52 -34.16
CA LYS B 979 8.54 -15.23 -33.91
C LYS B 979 9.99 -15.22 -34.34
N PHE B 980 10.44 -14.10 -34.92
CA PHE B 980 11.79 -13.93 -35.44
C PHE B 980 12.23 -12.50 -35.19
N ALA B 981 13.53 -12.29 -35.20
CA ALA B 981 14.05 -10.95 -34.95
C ALA B 981 15.44 -10.85 -35.54
N SER B 982 15.75 -9.67 -36.08
CA SER B 982 17.11 -9.32 -36.40
C SER B 982 17.80 -8.88 -35.12
N ARG B 983 19.08 -8.52 -35.18
CA ARG B 983 19.76 -8.20 -33.94
C ARG B 983 19.58 -6.74 -33.53
N HIS B 984 18.51 -6.07 -33.95
CA HIS B 984 18.34 -4.66 -33.66
C HIS B 984 17.00 -4.35 -33.04
N GLY B 985 16.41 -5.32 -32.35
CA GLY B 985 15.12 -5.06 -31.75
C GLY B 985 13.98 -4.98 -32.73
N GLN B 986 14.11 -5.57 -33.91
CA GLN B 986 13.14 -5.49 -34.97
C GLN B 986 12.57 -6.89 -35.03
N LYS B 987 11.49 -7.12 -34.30
CA LYS B 987 10.96 -8.46 -34.10
C LYS B 987 9.61 -8.58 -34.77
N GLY B 988 9.25 -9.80 -35.12
CA GLY B 988 7.97 -9.99 -35.79
C GLY B 988 7.56 -11.43 -35.87
N THR B 989 6.30 -11.62 -36.18
CA THR B 989 5.75 -12.94 -36.45
C THR B 989 5.44 -13.10 -37.93
N ILE B 990 5.44 -14.34 -38.38
CA ILE B 990 5.15 -14.62 -39.78
C ILE B 990 3.67 -14.37 -40.04
N GLY B 991 3.39 -13.56 -41.04
CA GLY B 991 2.01 -13.28 -41.36
C GLY B 991 1.43 -14.18 -42.43
N VAL B 992 2.26 -14.68 -43.33
CA VAL B 992 1.80 -15.61 -44.36
C VAL B 992 3.05 -16.24 -44.96
N THR B 993 2.87 -17.36 -45.64
CA THR B 993 3.93 -17.91 -46.46
C THR B 993 3.55 -17.89 -47.93
N TYR B 994 4.56 -17.70 -48.78
CA TYR B 994 4.45 -17.73 -50.23
C TYR B 994 5.44 -18.71 -50.82
N ARG B 995 4.99 -19.47 -51.81
CA ARG B 995 5.90 -20.36 -52.50
C ARG B 995 6.85 -19.54 -53.37
N HIS B 996 7.94 -20.21 -53.80
CA HIS B 996 9.01 -19.60 -54.59
C HIS B 996 8.56 -18.71 -55.74
N GLU B 997 7.62 -19.18 -56.54
CA GLU B 997 7.30 -18.45 -57.76
C GLU B 997 6.43 -17.23 -57.54
N ASP B 998 5.81 -17.07 -56.38
CA ASP B 998 5.03 -15.86 -56.13
C ASP B 998 5.84 -14.73 -55.51
N MET B 999 7.04 -14.99 -55.05
CA MET B 999 7.85 -13.93 -54.47
C MET B 999 8.31 -12.95 -55.55
N PRO B 1000 8.54 -11.69 -55.21
CA PRO B 1000 9.26 -10.80 -56.10
C PRO B 1000 10.68 -11.28 -56.30
N PHE B 1001 11.22 -11.03 -57.48
CA PHE B 1001 12.57 -11.47 -57.78
C PHE B 1001 13.36 -10.35 -58.44
N SER B 1002 14.67 -10.39 -58.23
CA SER B 1002 15.58 -9.52 -58.93
C SER B 1002 15.89 -10.14 -60.29
N ALA B 1003 16.48 -9.32 -61.15
CA ALA B 1003 16.85 -9.76 -62.50
C ALA B 1003 17.73 -11.00 -62.51
N GLU B 1004 18.64 -11.13 -61.56
CA GLU B 1004 19.43 -12.36 -61.41
C GLU B 1004 18.63 -13.57 -60.96
N GLY B 1005 17.34 -13.46 -60.66
CA GLY B 1005 16.54 -14.57 -60.21
C GLY B 1005 16.70 -14.91 -58.75
N ILE B 1006 17.29 -14.02 -57.98
CA ILE B 1006 17.38 -14.16 -56.54
C ILE B 1006 16.05 -13.74 -55.95
N VAL B 1007 15.49 -14.57 -55.07
CA VAL B 1007 14.24 -14.16 -54.43
C VAL B 1007 14.54 -14.00 -52.95
N PRO B 1008 13.87 -13.11 -52.23
CA PRO B 1008 14.17 -12.99 -50.80
C PRO B 1008 13.59 -14.18 -50.08
N ASP B 1009 14.28 -14.57 -49.01
CA ASP B 1009 13.73 -15.48 -48.02
C ASP B 1009 12.64 -14.86 -47.16
N LEU B 1010 12.55 -13.54 -47.08
CA LEU B 1010 11.85 -12.92 -45.98
C LEU B 1010 11.61 -11.46 -46.33
N ILE B 1011 10.40 -10.96 -46.14
CA ILE B 1011 10.04 -9.57 -46.43
C ILE B 1011 9.57 -8.88 -45.17
N ILE B 1012 10.32 -7.89 -44.71
CA ILE B 1012 9.90 -7.05 -43.62
C ILE B 1012 9.33 -5.76 -44.18
N ASN B 1013 8.74 -4.95 -43.31
CA ASN B 1013 7.90 -3.84 -43.72
C ASN B 1013 8.69 -2.55 -43.66
N PRO B 1014 8.58 -1.65 -44.63
CA PRO B 1014 9.31 -0.37 -44.56
C PRO B 1014 8.94 0.50 -43.38
N HIS B 1015 7.74 0.39 -42.85
CA HIS B 1015 7.32 1.26 -41.74
C HIS B 1015 8.00 0.92 -40.43
N ALA B 1016 8.72 -0.19 -40.35
CA ALA B 1016 9.44 -0.51 -39.14
C ALA B 1016 10.66 0.37 -38.91
N ILE B 1017 11.10 1.13 -39.91
CA ILE B 1017 12.39 1.80 -39.85
C ILE B 1017 12.26 3.23 -39.35
N PRO B 1018 11.44 4.15 -39.94
CA PRO B 1018 11.67 5.58 -39.65
C PRO B 1018 11.36 6.00 -38.23
N SER B 1019 10.34 5.42 -37.60
CA SER B 1019 10.08 5.85 -36.23
C SER B 1019 10.92 5.10 -35.23
N ARG B 1020 11.38 3.90 -35.57
CA ARG B 1020 12.25 3.22 -34.63
C ARG B 1020 13.70 3.65 -34.76
N MET B 1021 14.07 4.18 -35.93
CA MET B 1021 15.39 4.75 -36.22
C MET B 1021 16.52 3.74 -36.01
N THR B 1022 16.29 2.50 -36.40
CA THR B 1022 17.31 1.47 -36.38
C THR B 1022 18.11 1.53 -37.68
N VAL B 1023 18.85 2.62 -37.85
CA VAL B 1023 19.63 2.84 -39.06
C VAL B 1023 20.73 1.78 -39.19
N ALA B 1024 21.22 1.29 -38.05
CA ALA B 1024 22.21 0.21 -38.03
C ALA B 1024 21.74 -1.04 -38.76
N HIS B 1025 20.43 -1.29 -38.75
CA HIS B 1025 19.89 -2.46 -39.44
C HIS B 1025 20.12 -2.33 -40.94
N LEU B 1026 19.87 -1.15 -41.48
CA LEU B 1026 20.11 -0.90 -42.90
C LEU B 1026 21.59 -1.01 -43.25
N ILE B 1027 22.46 -0.33 -42.50
CA ILE B 1027 23.91 -0.40 -42.74
C ILE B 1027 24.43 -1.83 -42.66
N GLU B 1028 23.90 -2.64 -41.74
CA GLU B 1028 24.33 -4.04 -41.66
C GLU B 1028 23.97 -4.79 -42.94
N CYS B 1029 22.80 -4.50 -43.49
CA CYS B 1029 22.39 -5.12 -44.74
C CYS B 1029 23.32 -4.73 -45.87
N LEU B 1030 23.60 -3.43 -45.98
CA LEU B 1030 24.54 -2.91 -46.99
C LEU B 1030 25.91 -3.55 -46.85
N LEU B 1031 26.47 -3.54 -45.65
CA LEU B 1031 27.79 -4.12 -45.41
C LEU B 1031 27.84 -5.60 -45.71
N SER B 1032 26.77 -6.33 -45.40
CA SER B 1032 26.78 -7.77 -45.62
C SER B 1032 26.68 -8.12 -47.09
N LYS B 1033 25.98 -7.29 -47.86
CA LYS B 1033 25.96 -7.44 -49.32
C LYS B 1033 27.36 -7.38 -49.89
N VAL B 1034 28.10 -6.31 -49.58
CA VAL B 1034 29.51 -6.18 -49.97
C VAL B 1034 30.29 -7.40 -49.52
N GLY B 1035 30.07 -7.82 -48.28
CA GLY B 1035 30.85 -8.91 -47.70
C GLY B 1035 30.65 -10.24 -48.40
N SER B 1036 29.44 -10.51 -48.87
CA SER B 1036 29.21 -11.79 -49.52
C SER B 1036 29.69 -11.79 -50.96
N ILE B 1037 29.70 -10.64 -51.62
CA ILE B 1037 30.25 -10.57 -52.98
C ILE B 1037 31.77 -10.75 -52.95
N ARG B 1038 32.46 -10.01 -52.10
CA ARG B 1038 33.92 -10.10 -52.11
C ARG B 1038 34.43 -11.26 -51.29
N GLY B 1039 33.57 -11.89 -50.49
CA GLY B 1039 34.00 -13.04 -49.75
C GLY B 1039 34.72 -12.83 -48.44
N TYR B 1040 34.23 -11.95 -47.57
CA TYR B 1040 34.76 -11.90 -46.22
C TYR B 1040 33.66 -11.37 -45.32
N GLU B 1041 33.88 -11.48 -44.03
CA GLU B 1041 32.97 -10.92 -43.04
C GLU B 1041 33.44 -9.52 -42.67
N GLY B 1042 32.62 -8.52 -42.99
CA GLY B 1042 32.98 -7.15 -42.68
C GLY B 1042 33.10 -6.94 -41.19
N ASP B 1043 33.97 -6.01 -40.81
CA ASP B 1043 34.18 -5.67 -39.42
C ASP B 1043 33.20 -4.57 -39.08
N ALA B 1044 32.24 -4.89 -38.22
CA ALA B 1044 31.18 -3.97 -37.80
C ALA B 1044 31.32 -3.55 -36.35
N THR B 1045 32.53 -3.64 -35.80
CA THR B 1045 32.81 -3.14 -34.46
C THR B 1045 32.38 -1.68 -34.34
N PRO B 1046 31.77 -1.28 -33.23
CA PRO B 1046 31.46 0.13 -33.06
C PRO B 1046 32.70 0.94 -32.79
N PHE B 1047 32.60 2.23 -33.12
CA PHE B 1047 33.60 3.26 -32.83
C PHE B 1047 34.88 3.01 -33.64
N THR B 1048 34.71 2.71 -34.92
CA THR B 1048 35.81 2.58 -35.87
C THR B 1048 35.70 3.62 -36.98
N ASP B 1049 36.67 3.58 -37.90
CA ASP B 1049 36.76 4.50 -39.02
C ASP B 1049 35.88 4.15 -40.20
N LEU B 1050 35.21 2.99 -40.17
CA LEU B 1050 34.34 2.58 -41.26
C LEU B 1050 33.19 3.56 -41.47
N THR B 1051 33.00 3.99 -42.71
CA THR B 1051 31.92 4.90 -43.06
C THR B 1051 31.02 4.23 -44.08
N VAL B 1052 29.80 4.76 -44.20
CA VAL B 1052 28.85 4.26 -45.18
C VAL B 1052 29.35 4.47 -46.60
N ASP B 1053 29.98 5.61 -46.87
CA ASP B 1053 30.49 5.91 -48.21
C ASP B 1053 31.59 4.95 -48.64
N ALA B 1054 32.45 4.54 -47.71
CA ALA B 1054 33.50 3.60 -48.05
C ALA B 1054 32.93 2.26 -48.46
N VAL B 1055 31.90 1.80 -47.76
CA VAL B 1055 31.24 0.55 -48.12
C VAL B 1055 30.49 0.69 -49.45
N SER B 1056 29.84 1.84 -49.66
CA SER B 1056 29.12 2.11 -50.90
C SER B 1056 30.01 2.12 -52.13
N ASN B 1057 31.22 2.67 -52.01
CA ASN B 1057 32.18 2.69 -53.12
C ASN B 1057 32.55 1.29 -53.58
N LEU B 1058 32.85 0.40 -52.64
CA LEU B 1058 33.16 -0.98 -52.97
C LEU B 1058 32.01 -1.66 -53.70
N LEU B 1059 30.79 -1.46 -53.21
CA LEU B 1059 29.62 -2.11 -53.78
C LEU B 1059 29.37 -1.72 -55.24
N ARG B 1060 29.52 -0.43 -55.57
CA ARG B 1060 29.25 0.00 -56.94
C ARG B 1060 30.26 -0.59 -57.91
N ASP B 1061 31.53 -0.69 -57.50
CA ASP B 1061 32.58 -1.32 -58.28
C ASP B 1061 32.37 -2.81 -58.56
N ASN B 1062 31.36 -3.44 -58.00
CA ASN B 1062 31.06 -4.84 -58.23
C ASN B 1062 29.82 -5.02 -59.09
N GLY B 1063 29.27 -3.93 -59.63
CA GLY B 1063 28.19 -4.02 -60.58
C GLY B 1063 26.79 -3.83 -60.01
N TYR B 1064 26.68 -3.54 -58.72
CA TYR B 1064 25.38 -3.31 -58.08
C TYR B 1064 25.21 -1.83 -57.77
N GLN B 1065 23.95 -1.38 -57.76
CA GLN B 1065 23.65 -0.01 -57.35
C GLN B 1065 24.16 0.25 -55.94
N SER B 1066 24.72 1.45 -55.73
CA SER B 1066 25.63 1.63 -54.61
C SER B 1066 24.92 1.71 -53.27
N ARG B 1067 23.63 2.02 -53.26
CA ARG B 1067 22.91 2.13 -52.00
C ARG B 1067 22.17 0.86 -51.63
N GLY B 1068 22.38 -0.23 -52.36
CA GLY B 1068 21.78 -1.50 -52.03
C GLY B 1068 20.51 -1.83 -52.76
N PHE B 1069 19.91 -0.88 -53.46
CA PHE B 1069 18.68 -1.13 -54.18
C PHE B 1069 18.93 -2.04 -55.37
N GLU B 1070 17.86 -2.69 -55.83
CA GLU B 1070 17.87 -3.49 -57.02
C GLU B 1070 16.49 -3.39 -57.63
N VAL B 1071 16.44 -3.36 -58.96
CA VAL B 1071 15.18 -3.50 -59.67
C VAL B 1071 14.61 -4.87 -59.39
N MET B 1072 13.32 -4.94 -59.13
CA MET B 1072 12.69 -6.22 -58.87
C MET B 1072 11.39 -6.30 -59.63
N TYR B 1073 10.89 -7.52 -59.78
CA TYR B 1073 9.77 -7.81 -60.65
C TYR B 1073 8.66 -8.45 -59.83
N ASN B 1074 7.43 -8.05 -60.07
CA ASN B 1074 6.31 -8.65 -59.37
C ASN B 1074 6.14 -10.09 -59.82
N GLY B 1075 5.97 -10.99 -58.87
CA GLY B 1075 5.89 -12.40 -59.19
C GLY B 1075 4.59 -12.82 -59.84
N HIS B 1076 3.50 -12.11 -59.58
CA HIS B 1076 2.23 -12.52 -60.14
C HIS B 1076 2.14 -12.24 -61.63
N THR B 1077 2.67 -11.10 -62.06
CA THR B 1077 2.45 -10.61 -63.41
C THR B 1077 3.70 -10.56 -64.26
N GLY B 1078 4.88 -10.57 -63.66
CA GLY B 1078 6.09 -10.30 -64.40
C GLY B 1078 6.35 -8.84 -64.68
N LYS B 1079 5.42 -7.94 -64.34
CA LYS B 1079 5.62 -6.52 -64.58
C LYS B 1079 6.61 -5.97 -63.57
N LYS B 1080 7.46 -5.02 -63.98
CA LYS B 1080 8.32 -4.33 -63.03
C LYS B 1080 7.54 -3.60 -61.95
N LEU B 1081 8.14 -3.52 -60.77
CA LEU B 1081 7.62 -2.65 -59.75
C LEU B 1081 8.13 -1.24 -60.07
N MET B 1082 7.24 -0.25 -59.97
CA MET B 1082 7.61 1.14 -60.19
C MET B 1082 8.68 1.63 -59.22
N ALA B 1083 8.85 0.99 -58.08
CA ALA B 1083 9.83 1.38 -57.08
C ALA B 1083 10.87 0.28 -56.95
N GLN B 1084 12.11 0.67 -56.68
CA GLN B 1084 13.14 -0.32 -56.44
C GLN B 1084 13.24 -0.64 -54.96
N VAL B 1085 13.73 -1.85 -54.67
CA VAL B 1085 13.58 -2.48 -53.37
C VAL B 1085 14.97 -2.72 -52.78
N PHE B 1086 15.19 -2.18 -51.58
CA PHE B 1086 16.33 -2.52 -50.74
C PHE B 1086 16.40 -3.99 -50.43
N PHE B 1087 17.56 -4.60 -50.74
CA PHE B 1087 17.65 -6.04 -50.89
C PHE B 1087 19.03 -6.52 -50.48
N GLY B 1088 19.10 -7.54 -49.62
CA GLY B 1088 20.36 -8.08 -49.18
C GLY B 1088 20.31 -8.96 -47.94
N PRO B 1089 21.44 -9.59 -47.59
CA PRO B 1089 21.47 -10.48 -46.43
C PRO B 1089 21.40 -9.75 -45.11
N THR B 1090 20.68 -10.34 -44.15
CA THR B 1090 20.63 -9.86 -42.78
C THR B 1090 20.56 -11.04 -41.82
N TYR B 1091 21.27 -10.95 -40.70
CA TYR B 1091 21.30 -12.04 -39.73
C TYR B 1091 20.02 -12.06 -38.93
N TYR B 1092 19.29 -13.16 -38.99
CA TYR B 1092 18.04 -13.18 -38.25
C TYR B 1092 18.10 -14.31 -37.23
N GLN B 1093 17.51 -14.06 -36.07
CA GLN B 1093 17.51 -15.05 -34.99
C GLN B 1093 16.11 -15.57 -34.62
N ARG B 1094 16.04 -16.88 -34.47
CA ARG B 1094 14.80 -17.58 -34.09
C ARG B 1094 14.54 -17.65 -32.59
N LEU B 1095 13.55 -16.90 -32.12
CA LEU B 1095 13.27 -16.82 -30.69
C LEU B 1095 12.35 -17.95 -30.24
N ARG B 1096 12.35 -18.21 -28.93
CA ARG B 1096 11.66 -19.33 -28.31
C ARG B 1096 10.14 -19.27 -28.38
N HIS B 1097 9.52 -18.18 -28.77
CA HIS B 1097 8.06 -18.06 -28.70
C HIS B 1097 7.44 -18.54 -30.00
N MET B 1098 6.86 -19.72 -29.94
CA MET B 1098 6.21 -20.37 -31.06
C MET B 1098 4.74 -20.60 -30.73
N VAL B 1099 3.88 -20.43 -31.73
CA VAL B 1099 2.44 -20.36 -31.54
C VAL B 1099 1.90 -21.66 -30.95
N ASP B 1100 2.45 -22.82 -31.33
CA ASP B 1100 1.91 -24.05 -30.77
C ASP B 1100 2.33 -24.28 -29.33
N ASP B 1101 3.15 -23.41 -28.76
CA ASP B 1101 3.40 -23.42 -27.33
C ASP B 1101 2.47 -22.47 -26.58
N LYS B 1102 1.61 -21.75 -27.28
CA LYS B 1102 0.74 -20.75 -26.65
C LYS B 1102 -0.73 -20.99 -26.88
N ILE B 1103 -1.12 -21.52 -28.05
CA ILE B 1103 -2.52 -21.74 -28.41
C ILE B 1103 -3.21 -22.55 -27.31
N HIS B 1104 -4.43 -22.13 -26.97
CA HIS B 1104 -5.15 -22.82 -25.91
C HIS B 1104 -6.64 -22.59 -26.07
N ALA B 1105 -7.42 -23.64 -25.85
CA ALA B 1105 -8.87 -23.53 -25.84
C ALA B 1105 -9.46 -24.43 -24.76
N ARG B 1106 -10.58 -24.00 -24.18
CA ARG B 1106 -11.27 -24.83 -23.21
C ARG B 1106 -12.77 -24.81 -23.42
N ALA B 1107 -13.38 -25.99 -23.57
CA ALA B 1107 -14.83 -26.04 -23.51
C ALA B 1107 -15.27 -26.19 -22.06
N ARG B 1108 -15.47 -27.42 -21.61
CA ARG B 1108 -15.54 -27.78 -20.21
C ARG B 1108 -14.27 -28.51 -19.82
N GLY B 1109 -14.07 -28.70 -18.52
CA GLY B 1109 -12.87 -29.36 -18.07
C GLY B 1109 -12.71 -29.40 -16.56
N PRO B 1110 -11.50 -29.67 -16.09
CA PRO B 1110 -11.29 -29.91 -14.66
C PRO B 1110 -11.50 -28.64 -13.87
N VAL B 1111 -11.94 -28.79 -12.62
CA VAL B 1111 -12.18 -27.67 -11.74
C VAL B 1111 -11.35 -27.80 -10.49
N GLN B 1112 -11.22 -26.69 -9.77
CA GLN B 1112 -10.55 -26.70 -8.48
C GLN B 1112 -11.49 -27.33 -7.44
N VAL B 1113 -10.90 -28.11 -6.53
CA VAL B 1113 -11.68 -28.75 -5.47
C VAL B 1113 -12.36 -27.72 -4.58
N LEU B 1114 -11.64 -26.64 -4.27
CA LEU B 1114 -12.08 -25.65 -3.28
C LEU B 1114 -13.14 -24.70 -3.79
N THR B 1115 -12.99 -24.18 -5.01
CA THR B 1115 -13.91 -23.16 -5.52
C THR B 1115 -14.88 -23.67 -6.58
N ARG B 1116 -14.68 -24.87 -7.11
CA ARG B 1116 -15.41 -25.45 -8.25
C ARG B 1116 -15.43 -24.57 -9.48
N GLN B 1117 -14.47 -23.68 -9.63
CA GLN B 1117 -14.11 -22.84 -10.76
C GLN B 1117 -13.00 -23.47 -11.58
N PRO B 1118 -12.99 -23.23 -12.90
CA PRO B 1118 -11.97 -23.77 -13.79
C PRO B 1118 -10.54 -23.57 -13.28
N VAL B 1119 -9.68 -24.57 -13.50
CA VAL B 1119 -8.30 -24.51 -13.05
C VAL B 1119 -7.46 -23.50 -13.81
N GLU B 1120 -6.29 -23.17 -13.27
CA GLU B 1120 -5.38 -22.22 -13.89
C GLU B 1120 -4.32 -22.95 -14.72
N GLY B 1121 -4.11 -22.51 -15.95
CA GLY B 1121 -2.93 -22.94 -16.66
C GLY B 1121 -3.14 -23.86 -17.83
N ARG B 1122 -2.49 -23.54 -18.96
CA ARG B 1122 -2.35 -24.37 -20.16
C ARG B 1122 -2.07 -25.84 -19.87
N SER B 1123 -1.16 -26.11 -18.95
CA SER B 1123 -0.71 -27.46 -18.66
C SER B 1123 -1.75 -28.27 -17.89
N ARG B 1124 -2.83 -27.63 -17.43
CA ARG B 1124 -3.87 -28.31 -16.69
C ARG B 1124 -5.23 -28.20 -17.37
N ASP B 1125 -5.28 -27.89 -18.68
CA ASP B 1125 -6.52 -27.58 -19.41
C ASP B 1125 -7.30 -26.44 -18.77
N GLY B 1126 -6.60 -25.37 -18.41
CA GLY B 1126 -7.25 -24.29 -17.71
C GLY B 1126 -8.07 -23.34 -18.58
N GLY B 1127 -8.79 -22.46 -17.90
CA GLY B 1127 -9.61 -21.43 -18.52
C GLY B 1127 -9.02 -20.04 -18.35
N LEU B 1128 -9.37 -19.15 -19.28
CA LEU B 1128 -8.91 -17.77 -19.22
C LEU B 1128 -9.60 -17.00 -18.09
N ARG B 1129 -8.86 -16.06 -17.52
CA ARG B 1129 -9.37 -15.20 -16.45
C ARG B 1129 -10.16 -14.02 -16.98
N PHE B 1130 -11.44 -13.95 -16.63
CA PHE B 1130 -12.31 -12.79 -16.82
C PHE B 1130 -12.15 -11.84 -15.65
N GLY B 1131 -11.21 -10.90 -15.79
CA GLY B 1131 -10.78 -10.07 -14.68
C GLY B 1131 -11.67 -8.88 -14.42
N GLU B 1132 -11.23 -8.05 -13.47
CA GLU B 1132 -12.03 -6.88 -13.05
C GLU B 1132 -12.21 -5.88 -14.17
N MET B 1133 -11.20 -5.72 -15.03
CA MET B 1133 -11.26 -4.74 -16.09
C MET B 1133 -12.19 -5.18 -17.22
N GLU B 1134 -12.33 -6.47 -17.45
CA GLU B 1134 -13.28 -6.96 -18.44
C GLU B 1134 -14.71 -6.82 -17.99
N ARG B 1135 -14.96 -7.03 -16.69
CA ARG B 1135 -16.23 -6.71 -16.07
C ARG B 1135 -16.68 -5.28 -16.40
N ASP B 1136 -15.81 -4.29 -16.20
CA ASP B 1136 -16.17 -2.89 -16.45
C ASP B 1136 -16.56 -2.63 -17.90
N CYS B 1137 -15.86 -3.24 -18.85
CA CYS B 1137 -16.16 -3.06 -20.28
C CYS B 1137 -17.58 -3.51 -20.61
N MET B 1138 -18.03 -4.62 -20.04
CA MET B 1138 -19.38 -5.06 -20.34
C MET B 1138 -20.42 -4.13 -19.72
N ILE B 1139 -20.13 -3.53 -18.57
CA ILE B 1139 -21.02 -2.52 -18.02
C ILE B 1139 -21.14 -1.34 -18.97
N ALA B 1140 -20.01 -0.86 -19.49
CA ALA B 1140 -20.01 0.28 -20.42
C ALA B 1140 -20.82 -0.03 -21.66
N HIS B 1141 -20.71 -1.24 -22.19
CA HIS B 1141 -21.54 -1.64 -23.32
C HIS B 1141 -23.01 -1.75 -22.94
N GLY B 1142 -23.33 -1.78 -21.65
CA GLY B 1142 -24.66 -2.07 -21.16
C GLY B 1142 -25.13 -3.47 -21.40
N ALA B 1143 -24.23 -4.42 -21.57
CA ALA B 1143 -24.62 -5.79 -21.87
C ALA B 1143 -24.76 -6.57 -20.57
N ALA B 1144 -25.81 -6.23 -19.83
CA ALA B 1144 -26.05 -6.81 -18.51
C ALA B 1144 -26.37 -8.29 -18.59
N GLY B 1145 -27.15 -8.68 -19.59
CA GLY B 1145 -27.50 -10.09 -19.77
C GLY B 1145 -26.28 -10.96 -20.01
N PHE B 1146 -25.40 -10.52 -20.90
CA PHE B 1146 -24.16 -11.26 -21.19
C PHE B 1146 -23.29 -11.43 -19.95
N LEU B 1147 -23.17 -10.39 -19.15
CA LEU B 1147 -22.30 -10.43 -17.99
C LEU B 1147 -22.79 -11.43 -16.96
N LYS B 1148 -24.10 -11.46 -16.69
CA LYS B 1148 -24.70 -12.46 -15.82
C LYS B 1148 -24.39 -13.89 -16.25
N GLU B 1149 -24.62 -14.21 -17.52
CA GLU B 1149 -24.38 -15.56 -18.03
C GLU B 1149 -22.92 -15.99 -17.89
N ARG B 1150 -21.97 -15.13 -18.31
CA ARG B 1150 -20.53 -15.41 -18.19
C ARG B 1150 -20.14 -15.85 -16.79
N LEU B 1151 -20.69 -15.20 -15.78
CA LEU B 1151 -20.20 -15.37 -14.42
C LEU B 1151 -21.00 -16.44 -13.69
N MET B 1152 -21.99 -17.05 -14.35
CA MET B 1152 -22.79 -18.09 -13.72
C MET B 1152 -22.89 -19.39 -14.50
N GLU B 1153 -23.70 -19.38 -15.56
CA GLU B 1153 -23.93 -20.58 -16.38
C GLU B 1153 -22.66 -21.09 -17.03
N ALA B 1154 -21.78 -20.19 -17.42
CA ALA B 1154 -20.52 -20.53 -18.06
C ALA B 1154 -19.40 -20.71 -17.05
N SER B 1155 -19.73 -20.79 -15.77
CA SER B 1155 -18.73 -21.05 -14.75
C SER B 1155 -19.26 -21.91 -13.61
N ASP B 1156 -19.38 -21.35 -12.42
CA ASP B 1156 -19.55 -22.07 -11.16
C ASP B 1156 -20.93 -21.91 -10.53
N ALA B 1157 -21.98 -21.89 -11.37
CA ALA B 1157 -23.36 -21.80 -10.92
C ALA B 1157 -23.74 -22.91 -9.94
N PHE B 1158 -24.46 -22.53 -8.90
CA PHE B 1158 -24.80 -23.43 -7.80
C PHE B 1158 -26.19 -23.08 -7.30
N ARG B 1159 -26.94 -24.10 -6.90
CA ARG B 1159 -28.27 -23.94 -6.31
C ARG B 1159 -28.23 -24.13 -4.80
N VAL B 1160 -28.77 -23.17 -4.06
CA VAL B 1160 -28.88 -23.29 -2.60
C VAL B 1160 -30.35 -23.10 -2.21
N HIS B 1161 -30.68 -23.61 -1.02
CA HIS B 1161 -31.97 -23.41 -0.39
C HIS B 1161 -31.87 -22.49 0.81
N VAL B 1162 -32.82 -21.56 0.93
CA VAL B 1162 -32.85 -20.68 2.10
C VAL B 1162 -34.19 -20.79 2.81
N CYS B 1163 -34.18 -20.42 4.08
CA CYS B 1163 -35.37 -20.40 4.91
C CYS B 1163 -36.01 -19.04 4.76
N GLY B 1164 -37.31 -19.02 4.45
CA GLY B 1164 -38.00 -17.75 4.28
C GLY B 1164 -38.13 -16.90 5.53
N ILE B 1165 -37.87 -17.48 6.70
CA ILE B 1165 -38.07 -16.78 7.96
C ILE B 1165 -36.76 -16.18 8.44
N CYS B 1166 -35.74 -17.01 8.60
CA CYS B 1166 -34.46 -16.57 9.12
C CYS B 1166 -33.43 -16.26 8.05
N GLY B 1167 -33.71 -16.57 6.79
CA GLY B 1167 -32.82 -16.12 5.73
C GLY B 1167 -31.47 -16.80 5.64
N LEU B 1168 -31.23 -17.85 6.41
CA LEU B 1168 -29.96 -18.55 6.39
C LEU B 1168 -30.02 -19.72 5.42
N MET B 1169 -28.85 -20.20 5.00
CA MET B 1169 -28.75 -21.38 4.17
C MET B 1169 -28.73 -22.66 4.99
N SER B 1170 -29.61 -22.75 5.99
CA SER B 1170 -29.66 -23.85 6.93
C SER B 1170 -30.68 -24.90 6.56
N VAL B 1171 -31.07 -24.98 5.32
CA VAL B 1171 -32.13 -25.92 4.98
C VAL B 1171 -31.49 -27.25 4.70
N ILE B 1172 -32.13 -28.30 5.18
CA ILE B 1172 -31.75 -29.68 4.96
C ILE B 1172 -32.74 -30.24 3.96
N ALA B 1173 -32.26 -30.55 2.76
CA ALA B 1173 -33.12 -30.83 1.63
C ALA B 1173 -32.81 -32.21 1.12
N ASN B 1174 -33.73 -33.15 1.33
CA ASN B 1174 -33.64 -34.46 0.72
C ASN B 1174 -34.58 -34.45 -0.47
N LEU B 1175 -34.01 -34.53 -1.67
CA LEU B 1175 -34.81 -34.29 -2.87
C LEU B 1175 -35.55 -35.54 -3.31
N LYS B 1176 -35.00 -36.73 -3.06
CA LYS B 1176 -35.76 -37.92 -3.39
C LYS B 1176 -36.87 -38.17 -2.37
N LYS B 1177 -36.69 -37.79 -1.10
CA LYS B 1177 -37.80 -37.91 -0.19
C LYS B 1177 -38.75 -36.72 -0.26
N ASN B 1178 -38.33 -35.63 -0.92
CA ASN B 1178 -39.12 -34.41 -1.15
C ASN B 1178 -39.57 -33.76 0.17
N GLN B 1179 -38.67 -33.73 1.15
CA GLN B 1179 -38.99 -33.14 2.45
C GLN B 1179 -37.90 -32.15 2.81
N PHE B 1180 -38.31 -30.97 3.25
CA PHE B 1180 -37.42 -29.86 3.59
C PHE B 1180 -37.74 -29.36 4.99
N GLU B 1181 -36.70 -28.97 5.72
CA GLU B 1181 -36.92 -28.45 7.06
C GLU B 1181 -35.75 -27.58 7.48
N CYS B 1182 -36.07 -26.35 7.86
CA CYS B 1182 -35.18 -25.52 8.67
C CYS B 1182 -35.55 -25.82 10.11
N ARG B 1183 -34.68 -26.57 10.78
CA ARG B 1183 -34.92 -26.99 12.17
C ARG B 1183 -35.03 -25.83 13.13
N SER B 1184 -34.29 -24.76 12.88
CA SER B 1184 -34.32 -23.61 13.77
C SER B 1184 -35.67 -22.92 13.77
N CYS B 1185 -36.26 -22.72 12.60
CA CYS B 1185 -37.55 -22.04 12.55
C CYS B 1185 -38.73 -23.00 12.63
N LYS B 1186 -38.49 -24.32 12.68
CA LYS B 1186 -39.53 -25.34 12.60
C LYS B 1186 -40.46 -25.07 11.41
N ASN B 1187 -39.84 -24.89 10.25
CA ASN B 1187 -40.54 -24.37 9.08
C ASN B 1187 -40.30 -25.35 7.94
N LYS B 1188 -41.40 -25.89 7.42
CA LYS B 1188 -41.35 -26.83 6.31
C LYS B 1188 -42.08 -26.30 5.08
N THR B 1189 -42.50 -25.04 5.09
CA THR B 1189 -43.35 -24.53 4.02
C THR B 1189 -42.81 -23.27 3.37
N ASN B 1190 -42.22 -22.37 4.15
CA ASN B 1190 -41.76 -21.09 3.62
C ASN B 1190 -40.27 -21.20 3.30
N ILE B 1191 -39.96 -21.81 2.15
CA ILE B 1191 -38.58 -22.14 1.80
C ILE B 1191 -38.39 -21.83 0.32
N TYR B 1192 -37.28 -21.18 -0.03
CA TYR B 1192 -37.01 -20.75 -1.38
C TYR B 1192 -35.69 -21.35 -1.86
N GLN B 1193 -35.55 -21.51 -3.18
CA GLN B 1193 -34.28 -21.82 -3.78
C GLN B 1193 -33.70 -20.64 -4.55
N LEU B 1194 -32.38 -20.56 -4.53
CA LEU B 1194 -31.62 -19.49 -5.16
C LEU B 1194 -30.60 -20.09 -6.11
N HIS B 1195 -30.24 -19.31 -7.13
CA HIS B 1195 -29.09 -19.59 -7.97
C HIS B 1195 -28.04 -18.55 -7.65
N ILE B 1196 -26.94 -18.96 -7.04
CA ILE B 1196 -25.85 -18.03 -6.74
C ILE B 1196 -24.53 -18.69 -7.15
N PRO B 1197 -23.48 -17.89 -7.36
CA PRO B 1197 -22.15 -18.48 -7.57
C PRO B 1197 -21.72 -19.35 -6.41
N TYR B 1198 -21.07 -20.48 -6.73
CA TYR B 1198 -20.46 -21.32 -5.72
C TYR B 1198 -19.47 -20.55 -4.85
N ALA B 1199 -18.65 -19.70 -5.47
CA ALA B 1199 -17.71 -18.91 -4.68
C ALA B 1199 -18.40 -17.92 -3.74
N ALA B 1200 -19.67 -17.57 -4.01
CA ALA B 1200 -20.42 -16.75 -3.07
C ALA B 1200 -20.96 -17.58 -1.92
N LYS B 1201 -21.47 -18.78 -2.22
CA LYS B 1201 -21.84 -19.75 -1.19
C LYS B 1201 -20.68 -20.03 -0.26
N LEU B 1202 -19.49 -20.21 -0.82
CA LEU B 1202 -18.29 -20.43 -0.05
C LEU B 1202 -18.02 -19.24 0.86
N LEU B 1203 -18.10 -18.03 0.31
CA LEU B 1203 -17.88 -16.80 1.07
C LEU B 1203 -18.79 -16.72 2.29
N PHE B 1204 -20.08 -17.01 2.12
CA PHE B 1204 -21.01 -16.93 3.24
C PHE B 1204 -20.71 -17.96 4.31
N GLN B 1205 -20.32 -19.19 3.92
CA GLN B 1205 -19.91 -20.14 4.94
C GLN B 1205 -18.65 -19.71 5.66
N GLU B 1206 -17.71 -19.05 4.99
CA GLU B 1206 -16.56 -18.54 5.73
C GLU B 1206 -16.98 -17.43 6.68
N LEU B 1207 -17.96 -16.61 6.29
CA LEU B 1207 -18.43 -15.56 7.19
C LEU B 1207 -19.16 -16.14 8.39
N MET B 1208 -20.00 -17.16 8.19
CA MET B 1208 -20.66 -17.86 9.29
C MET B 1208 -19.64 -18.41 10.28
N ALA B 1209 -18.53 -18.97 9.78
CA ALA B 1209 -17.49 -19.51 10.65
C ALA B 1209 -16.83 -18.45 11.52
N MET B 1210 -16.95 -17.17 11.18
CA MET B 1210 -16.48 -16.07 12.01
C MET B 1210 -17.60 -15.35 12.72
N ASN B 1211 -18.74 -16.03 12.91
CA ASN B 1211 -19.90 -15.53 13.67
C ASN B 1211 -20.60 -14.38 12.97
N ILE B 1212 -20.41 -14.19 11.67
CA ILE B 1212 -21.15 -13.17 10.94
C ILE B 1212 -22.31 -13.87 10.26
N ALA B 1213 -23.52 -13.35 10.45
CA ALA B 1213 -24.74 -13.88 9.84
C ALA B 1213 -25.14 -13.14 8.59
N PRO B 1214 -24.94 -13.69 7.41
CA PRO B 1214 -25.46 -13.04 6.20
C PRO B 1214 -26.82 -13.56 5.77
N ARG B 1215 -27.87 -12.81 6.07
CA ARG B 1215 -29.24 -13.27 5.87
C ARG B 1215 -29.75 -12.83 4.50
N LEU B 1216 -30.07 -13.79 3.66
CA LEU B 1216 -30.55 -13.55 2.30
C LEU B 1216 -32.08 -13.52 2.29
N TYR B 1217 -32.68 -12.34 2.10
CA TYR B 1217 -34.13 -12.26 1.98
C TYR B 1217 -34.51 -12.00 0.55
N THR B 1218 -35.64 -12.57 0.11
CA THR B 1218 -36.06 -12.39 -1.27
C THR B 1218 -37.12 -11.32 -1.48
N GLU B 1219 -37.41 -10.48 -0.48
CA GLU B 1219 -38.40 -9.41 -0.63
C GLU B 1219 -38.00 -8.21 0.19
N ARG B 1220 -38.43 -7.03 -0.26
CA ARG B 1220 -38.11 -5.81 0.46
C ARG B 1220 -39.21 -5.51 1.45
N SER B 1221 -39.02 -4.44 2.23
CA SER B 1221 -39.98 -4.07 3.25
C SER B 1221 -39.90 -2.56 3.51
N GLY B 1222 -38.77 -1.97 3.14
CA GLY B 1222 -38.53 -0.55 3.38
C GLY B 1222 -38.02 -0.27 4.77
N GLU C 4 4.03 -17.23 -84.97
CA GLU C 4 4.57 -15.90 -84.69
C GLU C 4 5.58 -15.75 -83.50
N PRO C 5 5.44 -16.50 -82.38
CA PRO C 5 6.52 -16.49 -81.38
C PRO C 5 7.86 -16.99 -81.92
N LYS C 6 8.92 -16.27 -81.56
CA LYS C 6 10.27 -16.56 -82.00
C LYS C 6 11.20 -16.71 -80.80
N VAL C 7 12.21 -17.56 -80.95
CA VAL C 7 13.17 -17.87 -79.89
C VAL C 7 14.55 -17.77 -80.51
N ASN C 8 15.51 -17.23 -79.75
CA ASN C 8 16.89 -17.12 -80.19
C ASN C 8 17.72 -17.49 -78.98
N ILE C 9 18.35 -18.66 -79.03
CA ILE C 9 19.16 -19.18 -77.93
C ILE C 9 20.54 -18.53 -77.93
N ILE C 10 20.81 -17.74 -76.90
CA ILE C 10 22.08 -17.03 -76.77
C ILE C 10 23.19 -17.97 -76.33
N ASN C 11 22.95 -18.82 -75.34
CA ASN C 11 23.96 -19.81 -74.96
C ASN C 11 23.26 -21.08 -74.53
N ALA C 12 24.03 -22.15 -74.46
CA ALA C 12 23.46 -23.44 -74.12
C ALA C 12 24.52 -24.39 -73.59
N GLN C 13 24.12 -25.22 -72.65
CA GLN C 13 24.91 -26.32 -72.13
C GLN C 13 23.92 -27.24 -71.43
N ASP C 14 24.45 -28.30 -70.80
CA ASP C 14 23.61 -29.38 -70.27
C ASP C 14 22.62 -28.87 -69.22
N ASP C 15 23.10 -28.08 -68.26
CA ASP C 15 22.28 -27.70 -67.12
C ASP C 15 21.81 -26.26 -67.09
N GLU C 16 22.08 -25.46 -68.12
CA GLU C 16 21.43 -24.16 -68.20
C GLU C 16 21.34 -23.69 -69.65
N VAL C 17 20.19 -23.11 -69.98
CA VAL C 17 19.95 -22.55 -71.29
C VAL C 17 19.61 -21.09 -71.09
N GLU C 18 20.34 -20.23 -71.78
CA GLU C 18 20.06 -18.81 -71.79
C GLU C 18 19.41 -18.52 -73.13
N LEU C 19 18.32 -17.76 -73.12
CA LEU C 19 17.59 -17.62 -74.36
C LEU C 19 16.83 -16.32 -74.36
N MET C 20 16.54 -15.84 -75.57
CA MET C 20 15.67 -14.71 -75.78
C MET C 20 14.34 -15.20 -76.33
N LEU C 21 13.28 -14.67 -75.78
CA LEU C 21 11.92 -15.01 -76.13
C LEU C 21 11.24 -13.74 -76.63
N SER C 22 10.56 -13.84 -77.76
CA SER C 22 10.04 -12.62 -78.36
C SER C 22 8.74 -12.88 -79.07
N ASP C 23 8.05 -11.80 -79.40
CA ASP C 23 6.72 -11.79 -80.00
C ASP C 23 5.70 -12.57 -79.17
N VAL C 24 5.77 -12.44 -77.86
CA VAL C 24 4.74 -12.95 -76.97
C VAL C 24 4.33 -11.88 -75.97
N ASN C 25 3.23 -12.16 -75.27
CA ASN C 25 2.74 -11.31 -74.22
C ASN C 25 3.55 -11.54 -72.95
N LEU C 26 3.72 -10.46 -72.18
CA LEU C 26 4.31 -10.52 -70.84
C LEU C 26 3.76 -11.65 -69.99
N SER C 27 2.43 -11.80 -69.97
CA SER C 27 1.80 -12.83 -69.15
C SER C 27 2.22 -14.23 -69.53
N LEU C 28 2.48 -14.47 -70.82
CA LEU C 28 2.90 -15.79 -71.24
C LEU C 28 4.33 -16.08 -70.81
N ALA C 29 5.20 -15.07 -70.90
CA ALA C 29 6.56 -15.24 -70.40
C ALA C 29 6.57 -15.50 -68.91
N ASN C 30 5.70 -14.84 -68.17
CA ASN C 30 5.66 -15.02 -66.72
C ASN C 30 5.09 -16.38 -66.36
N SER C 31 4.02 -16.80 -67.03
CA SER C 31 3.42 -18.10 -66.76
C SER C 31 4.38 -19.23 -67.10
N LEU C 32 5.21 -19.05 -68.11
CA LEU C 32 6.23 -20.03 -68.39
C LEU C 32 7.26 -20.10 -67.26
N ARG C 33 7.70 -18.94 -66.77
CA ARG C 33 8.57 -18.87 -65.61
C ARG C 33 8.00 -19.62 -64.40
N ARG C 34 6.74 -19.35 -64.06
CA ARG C 34 6.12 -20.01 -62.91
C ARG C 34 5.96 -21.51 -63.11
N THR C 35 5.51 -21.93 -64.30
CA THR C 35 5.30 -23.36 -64.55
C THR C 35 6.56 -24.17 -64.39
N MET C 36 7.70 -23.67 -64.90
CA MET C 36 8.95 -24.41 -64.79
C MET C 36 9.38 -24.58 -63.34
N LEU C 37 9.13 -23.57 -62.52
CA LEU C 37 9.50 -23.66 -61.11
C LEU C 37 8.59 -24.61 -60.35
N ALA C 38 7.28 -24.57 -60.64
CA ALA C 38 6.30 -25.11 -59.72
C ALA C 38 5.61 -26.38 -60.19
N GLU C 39 5.46 -26.61 -61.48
CA GLU C 39 4.56 -27.66 -61.92
C GLU C 39 5.18 -28.70 -62.85
N VAL C 40 6.45 -28.58 -63.17
CA VAL C 40 7.12 -29.58 -63.98
C VAL C 40 7.44 -30.75 -63.07
N PRO C 41 6.88 -31.95 -63.29
CA PRO C 41 7.09 -33.05 -62.35
C PRO C 41 8.54 -33.49 -62.30
N THR C 42 8.97 -33.99 -61.15
CA THR C 42 10.24 -34.69 -61.01
C THR C 42 10.06 -35.85 -60.06
N LEU C 43 11.16 -36.56 -59.83
CA LEU C 43 11.19 -37.68 -58.91
C LEU C 43 12.04 -37.29 -57.71
N ALA C 44 11.59 -37.69 -56.52
CA ALA C 44 12.30 -37.34 -55.29
C ALA C 44 11.89 -38.30 -54.20
N ILE C 45 12.84 -38.60 -53.31
CA ILE C 45 12.62 -39.46 -52.15
C ILE C 45 11.49 -38.89 -51.29
N ASP C 46 10.55 -39.76 -50.90
CA ASP C 46 9.42 -39.27 -50.12
C ASP C 46 9.07 -40.17 -48.94
N LEU C 47 9.85 -41.21 -48.67
CA LEU C 47 9.62 -42.12 -47.55
C LEU C 47 10.92 -42.81 -47.24
N VAL C 48 11.35 -42.74 -45.99
CA VAL C 48 12.63 -43.28 -45.58
C VAL C 48 12.37 -44.23 -44.44
N GLU C 49 12.73 -45.48 -44.62
CA GLU C 49 12.59 -46.50 -43.59
C GLU C 49 13.94 -46.69 -42.94
N ILE C 50 14.09 -46.26 -41.70
CA ILE C 50 15.36 -46.38 -41.00
C ILE C 50 15.32 -47.66 -40.18
N LYS C 51 16.13 -48.64 -40.59
CA LYS C 51 16.28 -49.85 -39.79
C LYS C 51 17.39 -49.74 -38.76
N MET C 52 18.39 -48.88 -38.99
CA MET C 52 19.44 -48.67 -38.02
C MET C 52 20.05 -47.32 -38.31
N ASN C 53 20.21 -46.50 -37.26
CA ASN C 53 20.95 -45.24 -37.37
C ASN C 53 21.58 -44.96 -36.02
N THR C 54 22.84 -45.33 -35.87
CA THR C 54 23.61 -45.03 -34.68
C THR C 54 24.62 -43.90 -34.90
N SER C 55 24.39 -43.07 -35.90
CA SER C 55 25.21 -41.88 -36.07
C SER C 55 24.81 -40.77 -35.11
N VAL C 56 25.60 -39.70 -35.12
CA VAL C 56 25.35 -38.55 -34.25
C VAL C 56 24.25 -37.63 -34.77
N LEU C 57 23.77 -37.87 -35.98
CA LEU C 57 22.71 -37.06 -36.55
C LEU C 57 21.38 -37.68 -36.20
N ALA C 58 20.37 -36.83 -35.99
CA ALA C 58 19.07 -37.34 -35.64
C ALA C 58 18.42 -37.97 -36.87
N ASP C 59 17.57 -38.98 -36.60
CA ASP C 59 16.89 -39.74 -37.66
C ASP C 59 16.22 -38.88 -38.72
N GLU C 60 15.36 -37.94 -38.32
CA GLU C 60 14.67 -37.17 -39.35
C GLU C 60 15.56 -36.12 -39.98
N PHE C 61 16.62 -35.71 -39.30
CA PHE C 61 17.64 -34.86 -39.89
C PHE C 61 18.27 -35.55 -41.10
N ILE C 62 18.66 -36.82 -40.96
CA ILE C 62 19.23 -37.53 -42.09
C ILE C 62 18.17 -37.70 -43.15
N SER C 63 16.95 -38.09 -42.74
CA SER C 63 15.85 -38.26 -43.68
C SER C 63 15.56 -36.99 -44.45
N HIS C 64 15.67 -35.85 -43.78
CA HIS C 64 15.42 -34.57 -44.43
C HIS C 64 16.43 -34.29 -45.54
N ARG C 65 17.70 -34.61 -45.29
CA ARG C 65 18.71 -34.44 -46.33
C ARG C 65 18.45 -35.35 -47.53
N LEU C 66 18.02 -36.58 -47.27
CA LEU C 66 17.71 -37.53 -48.34
C LEU C 66 16.67 -36.99 -49.30
N GLY C 67 15.62 -36.36 -48.79
CA GLY C 67 14.58 -35.80 -49.66
C GLY C 67 15.09 -34.76 -50.64
N LEU C 68 16.18 -34.10 -50.33
CA LEU C 68 16.74 -33.04 -51.13
C LEU C 68 17.71 -33.50 -52.21
N ILE C 69 18.07 -34.78 -52.23
CA ILE C 69 18.97 -35.32 -53.25
C ILE C 69 18.33 -35.40 -54.62
N PRO C 70 18.88 -34.71 -55.64
CA PRO C 70 18.26 -34.73 -56.96
C PRO C 70 18.42 -36.05 -57.68
N LEU C 71 17.33 -36.59 -58.19
CA LEU C 71 17.34 -37.85 -58.92
C LEU C 71 17.02 -37.64 -60.39
N VAL C 72 17.66 -38.45 -61.24
CA VAL C 72 17.41 -38.49 -62.68
C VAL C 72 15.93 -38.74 -62.90
N SER C 73 15.27 -37.82 -63.62
CA SER C 73 13.83 -37.86 -63.77
C SER C 73 13.39 -37.85 -65.24
N GLU C 74 14.28 -38.30 -66.14
CA GLU C 74 14.09 -38.18 -67.57
C GLU C 74 12.81 -38.86 -68.07
N ASP C 75 12.56 -40.09 -67.66
CA ASP C 75 11.40 -40.83 -68.13
C ASP C 75 10.17 -40.73 -67.22
N VAL C 76 10.09 -39.69 -66.39
CA VAL C 76 9.04 -39.58 -65.38
C VAL C 76 7.64 -39.38 -65.97
N GLU C 77 7.52 -38.92 -67.23
CA GLU C 77 6.20 -38.71 -67.83
C GLU C 77 5.39 -40.00 -67.98
N GLU C 78 6.04 -41.12 -68.25
CA GLU C 78 5.30 -42.37 -68.33
C GLU C 78 4.95 -42.95 -66.97
N MET C 79 5.50 -42.41 -65.90
CA MET C 79 5.24 -42.89 -64.56
C MET C 79 3.99 -42.23 -64.00
N LYS C 80 3.24 -42.99 -63.20
CA LYS C 80 2.01 -42.55 -62.58
C LYS C 80 2.28 -41.91 -61.22
N TYR C 81 1.33 -41.09 -60.78
CA TYR C 81 1.34 -40.65 -59.39
C TYR C 81 0.85 -41.79 -58.52
N SER C 82 1.42 -41.87 -57.31
CA SER C 82 1.03 -42.89 -56.34
C SER C 82 -0.46 -42.79 -56.01
N ARG C 83 -0.98 -41.58 -55.92
CA ARG C 83 -2.38 -41.37 -55.57
C ARG C 83 -3.34 -41.80 -56.66
N ASP C 84 -2.86 -41.99 -57.89
CA ASP C 84 -3.67 -42.44 -59.00
C ASP C 84 -3.48 -43.90 -59.38
N CYS C 85 -2.72 -44.69 -58.62
CA CYS C 85 -2.50 -46.06 -59.03
C CYS C 85 -3.45 -47.02 -58.34
N THR C 86 -3.97 -47.95 -59.14
CA THR C 86 -4.98 -48.96 -58.84
C THR C 86 -4.50 -50.10 -57.95
N CYS C 87 -3.21 -50.20 -57.71
CA CYS C 87 -2.58 -51.26 -56.95
C CYS C 87 -2.75 -51.12 -55.43
N GLU C 88 -2.42 -52.24 -54.78
CA GLU C 88 -2.30 -52.39 -53.34
C GLU C 88 -0.86 -52.00 -53.09
N ASP C 89 -0.59 -51.42 -51.92
CA ASP C 89 0.61 -50.69 -51.44
C ASP C 89 1.56 -50.31 -52.59
N TYR C 90 2.88 -50.21 -52.40
CA TYR C 90 3.56 -49.77 -53.60
C TYR C 90 3.91 -50.95 -54.49
N CYS C 91 4.40 -50.61 -55.67
CA CYS C 91 4.76 -51.58 -56.68
C CYS C 91 5.77 -50.96 -57.62
N ASP C 92 5.99 -51.64 -58.72
CA ASP C 92 7.01 -51.28 -59.70
C ASP C 92 6.57 -50.15 -60.61
N GLU C 93 5.28 -49.85 -60.65
CA GLU C 93 4.79 -48.82 -61.56
C GLU C 93 4.69 -47.45 -60.94
N CYS C 94 4.73 -47.33 -59.60
CA CYS C 94 4.54 -46.01 -59.01
C CYS C 94 5.65 -45.58 -58.06
N SER C 95 6.74 -46.33 -57.93
CA SER C 95 7.80 -45.91 -57.02
C SER C 95 9.12 -46.52 -57.44
N VAL C 96 10.20 -45.88 -57.03
CA VAL C 96 11.55 -46.42 -57.13
C VAL C 96 12.03 -46.70 -55.72
N VAL C 97 12.65 -47.85 -55.48
CA VAL C 97 13.19 -48.17 -54.17
C VAL C 97 14.70 -48.00 -54.20
N LEU C 98 15.24 -47.22 -53.27
CA LEU C 98 16.68 -47.10 -53.11
C LEU C 98 17.12 -47.59 -51.75
N GLU C 99 18.37 -48.07 -51.68
CA GLU C 99 18.93 -48.57 -50.44
C GLU C 99 20.31 -47.98 -50.19
N LEU C 100 20.64 -47.80 -48.92
CA LEU C 100 21.94 -47.29 -48.51
C LEU C 100 22.42 -48.02 -47.28
N SER C 101 23.70 -48.37 -47.26
CA SER C 101 24.28 -49.03 -46.08
C SER C 101 25.74 -48.61 -45.96
N ALA C 102 26.10 -47.97 -44.86
CA ALA C 102 27.47 -47.60 -44.61
C ALA C 102 27.88 -47.97 -43.19
N ARG C 103 29.19 -48.10 -42.98
CA ARG C 103 29.74 -48.53 -41.70
C ARG C 103 31.21 -48.14 -41.72
N HIS C 104 31.76 -47.88 -40.54
CA HIS C 104 33.18 -47.59 -40.35
C HIS C 104 33.83 -48.65 -39.47
N GLU C 105 34.71 -49.43 -40.08
CA GLU C 105 35.55 -50.36 -39.33
C GLU C 105 36.93 -49.73 -39.16
N GLY C 106 37.50 -49.91 -37.98
CA GLY C 106 38.76 -49.29 -37.63
C GLY C 106 38.51 -48.34 -36.48
N GLU C 107 39.48 -48.16 -35.59
CA GLU C 107 39.31 -47.26 -34.46
C GLU C 107 39.67 -45.82 -34.76
N GLU C 108 40.02 -45.49 -35.99
CA GLU C 108 40.53 -44.16 -36.28
C GLU C 108 39.98 -43.72 -37.62
N GLY C 109 39.96 -42.40 -37.84
CA GLY C 109 39.53 -41.85 -39.10
C GLY C 109 38.03 -41.71 -39.13
N THR C 110 37.55 -41.12 -40.23
CA THR C 110 36.13 -40.86 -40.38
C THR C 110 35.68 -41.36 -41.74
N THR C 111 34.55 -42.05 -41.76
CA THR C 111 33.95 -42.51 -43.00
C THR C 111 32.88 -41.52 -43.38
N ASP C 112 33.05 -40.90 -44.53
CA ASP C 112 32.11 -39.93 -45.05
C ASP C 112 31.11 -40.64 -45.95
N VAL C 113 29.83 -40.49 -45.65
CA VAL C 113 28.80 -41.16 -46.42
C VAL C 113 28.32 -40.16 -47.47
N TYR C 114 28.42 -40.57 -48.72
CA TYR C 114 28.10 -39.70 -49.85
C TYR C 114 26.91 -40.25 -50.60
N SER C 115 26.29 -39.36 -51.39
CA SER C 115 25.12 -39.73 -52.18
C SER C 115 25.42 -40.80 -53.22
N SER C 116 26.69 -41.03 -53.57
CA SER C 116 27.04 -42.06 -54.54
C SER C 116 26.84 -43.46 -54.00
N SER C 117 26.72 -43.63 -52.69
CA SER C 117 26.42 -44.93 -52.10
C SER C 117 24.95 -45.30 -52.18
N LEU C 118 24.11 -44.45 -52.75
CA LEU C 118 22.70 -44.80 -52.92
C LEU C 118 22.56 -45.79 -54.07
N ILE C 119 22.04 -46.97 -53.77
CA ILE C 119 21.96 -48.06 -54.73
C ILE C 119 20.51 -48.25 -55.12
N LYS C 120 20.24 -48.13 -56.42
CA LYS C 120 18.91 -48.45 -56.93
C LYS C 120 18.69 -49.94 -56.81
N VAL C 121 17.55 -50.35 -56.28
CA VAL C 121 17.26 -51.75 -56.03
C VAL C 121 16.15 -52.26 -56.93
N SER C 122 15.15 -51.44 -57.19
CA SER C 122 14.10 -51.79 -58.13
C SER C 122 13.66 -50.50 -58.80
N GLY C 123 12.66 -50.59 -59.65
CA GLY C 123 12.25 -49.45 -60.41
C GLY C 123 11.56 -49.85 -61.70
N PRO C 124 10.79 -48.95 -62.28
CA PRO C 124 10.08 -49.29 -63.52
C PRO C 124 11.02 -49.45 -64.71
N GLY C 125 11.59 -50.65 -64.83
CA GLY C 125 12.49 -50.94 -65.94
C GLY C 125 11.79 -50.82 -67.28
N ASN C 126 12.56 -50.48 -68.32
CA ASN C 126 13.98 -50.14 -68.18
C ASN C 126 14.15 -48.64 -68.30
N LEU C 127 13.23 -47.90 -67.69
CA LEU C 127 13.22 -46.45 -67.79
C LEU C 127 14.40 -45.88 -67.01
N ASN C 128 15.07 -44.90 -67.60
CA ASN C 128 16.23 -44.25 -66.96
C ASN C 128 15.75 -43.23 -65.93
N VAL C 129 15.39 -43.73 -64.76
CA VAL C 129 14.93 -42.90 -63.65
C VAL C 129 15.44 -43.49 -62.35
N GLY C 130 15.82 -42.62 -61.42
CA GLY C 130 16.07 -42.99 -60.04
C GLY C 130 17.52 -42.91 -59.61
N GLU C 131 18.45 -42.85 -60.51
CA GLU C 131 19.84 -42.74 -60.11
C GLU C 131 20.13 -41.33 -59.59
N PRO C 132 20.79 -41.19 -58.44
CA PRO C 132 21.22 -39.86 -57.99
C PRO C 132 22.20 -39.25 -58.98
N VAL C 133 21.87 -38.04 -59.43
CA VAL C 133 22.64 -37.30 -60.42
C VAL C 133 24.11 -37.12 -60.01
N ARG C 134 25.00 -37.27 -61.00
CA ARG C 134 26.44 -37.12 -60.86
C ARG C 134 26.98 -36.16 -61.90
N ARG C 135 28.01 -35.39 -61.54
CA ARG C 135 28.61 -34.52 -62.54
C ARG C 135 29.49 -35.33 -63.48
N ASP C 136 30.49 -36.00 -62.92
CA ASP C 136 31.42 -36.85 -63.66
C ASP C 136 31.17 -38.31 -63.26
N ASP C 137 32.16 -39.18 -63.50
CA ASP C 137 32.16 -40.50 -62.89
C ASP C 137 32.99 -40.61 -61.61
N TYR C 138 33.96 -39.73 -61.37
CA TYR C 138 34.74 -39.79 -60.14
C TYR C 138 34.24 -38.84 -59.07
N ASP C 139 33.04 -38.32 -59.24
CA ASP C 139 32.49 -37.30 -58.36
C ASP C 139 31.74 -38.08 -57.30
N GLN C 140 32.13 -37.93 -56.02
CA GLN C 140 31.42 -38.63 -54.95
C GLN C 140 30.04 -38.04 -54.68
N GLY C 141 29.78 -36.80 -55.07
CA GLY C 141 28.48 -36.22 -54.85
C GLY C 141 28.21 -35.52 -53.55
N ILE C 142 27.00 -35.65 -53.03
CA ILE C 142 26.53 -34.82 -51.93
C ILE C 142 26.79 -35.51 -50.60
N LEU C 143 27.38 -34.74 -49.68
CA LEU C 143 27.64 -35.22 -48.33
C LEU C 143 26.35 -35.42 -47.56
N LEU C 144 26.17 -36.61 -46.99
CA LEU C 144 24.96 -36.92 -46.22
C LEU C 144 25.18 -36.99 -44.73
N CYS C 145 26.30 -37.57 -44.32
CA CYS C 145 26.56 -37.89 -42.93
C CYS C 145 28.05 -38.13 -42.79
N LYS C 146 28.49 -38.31 -41.55
CA LYS C 146 29.85 -38.73 -41.30
C LYS C 146 29.81 -39.73 -40.17
N LEU C 147 30.67 -40.74 -40.27
CA LEU C 147 30.66 -41.83 -39.32
C LEU C 147 32.04 -42.01 -38.72
N ARG C 148 32.08 -42.45 -37.48
CA ARG C 148 33.30 -42.76 -36.77
C ARG C 148 33.09 -44.20 -36.31
N ASN C 149 34.13 -44.81 -35.71
CA ASN C 149 34.21 -46.21 -35.29
C ASN C 149 32.94 -46.75 -34.64
N HIS C 150 32.42 -47.83 -35.25
CA HIS C 150 31.27 -48.67 -34.90
C HIS C 150 29.93 -48.03 -35.25
N GLN C 151 29.90 -46.82 -35.78
CA GLN C 151 28.64 -46.17 -36.10
C GLN C 151 28.17 -46.61 -37.48
N GLU C 152 26.89 -46.96 -37.59
CA GLU C 152 26.35 -47.56 -38.80
C GLU C 152 25.09 -46.83 -39.22
N LEU C 153 24.83 -46.81 -40.53
CA LEU C 153 23.65 -46.20 -41.11
C LEU C 153 23.10 -47.13 -42.17
N ASN C 154 21.90 -47.66 -41.96
CA ASN C 154 21.31 -48.62 -42.90
C ASN C 154 19.85 -48.24 -43.10
N ILE C 155 19.53 -47.64 -44.25
CA ILE C 155 18.23 -47.05 -44.54
C ILE C 155 17.68 -47.55 -45.88
N ARG C 156 16.35 -47.57 -45.99
CA ARG C 156 15.65 -47.90 -47.22
C ARG C 156 14.74 -46.75 -47.62
N CYS C 157 14.95 -46.21 -48.82
CA CYS C 157 14.28 -45.01 -49.30
C CYS C 157 13.31 -45.30 -50.43
N ILE C 158 12.13 -44.70 -50.36
CA ILE C 158 11.11 -44.81 -51.40
C ILE C 158 11.00 -43.48 -52.11
N ALA C 159 11.29 -43.47 -53.42
CA ALA C 159 11.20 -42.25 -54.21
C ALA C 159 9.89 -42.21 -55.00
N LYS C 160 9.26 -41.04 -55.05
CA LYS C 160 7.95 -40.91 -55.69
C LYS C 160 7.91 -39.68 -56.58
N LYS C 161 7.00 -39.73 -57.55
CA LYS C 161 6.75 -38.63 -58.47
C LYS C 161 5.96 -37.53 -57.77
N GLY C 162 6.37 -36.28 -57.95
CA GLY C 162 5.66 -35.19 -57.31
C GLY C 162 5.97 -33.89 -57.99
N ILE C 163 5.29 -32.83 -57.55
CA ILE C 163 5.44 -31.50 -58.12
C ILE C 163 5.77 -30.52 -57.02
N ALA C 164 6.34 -29.38 -57.44
CA ALA C 164 6.90 -28.45 -56.46
C ALA C 164 5.85 -27.72 -55.64
N LYS C 165 4.60 -27.65 -56.11
CA LYS C 165 3.51 -27.13 -55.30
C LYS C 165 3.39 -27.82 -53.95
N GLU C 166 3.66 -29.13 -53.90
CA GLU C 166 3.57 -29.84 -52.64
C GLU C 166 4.76 -29.64 -51.73
N HIS C 167 5.97 -29.68 -52.27
CA HIS C 167 7.18 -29.48 -51.47
C HIS C 167 8.31 -29.12 -52.41
N ALA C 168 9.12 -28.14 -52.02
CA ALA C 168 10.16 -27.58 -52.90
C ALA C 168 11.21 -28.58 -53.36
N LYS C 169 11.31 -29.75 -52.73
CA LYS C 169 12.30 -30.74 -53.14
C LYS C 169 12.01 -31.30 -54.54
N TRP C 170 10.77 -31.22 -55.01
CA TRP C 170 10.38 -31.66 -56.34
C TRP C 170 10.57 -30.60 -57.41
N SER C 171 11.23 -29.49 -57.12
CA SER C 171 11.41 -28.50 -58.19
C SER C 171 12.59 -28.84 -59.08
N PRO C 172 12.42 -28.82 -60.40
CA PRO C 172 13.54 -29.05 -61.30
C PRO C 172 14.45 -27.86 -61.54
N CYS C 173 14.02 -26.65 -61.22
CA CYS C 173 14.86 -25.48 -61.47
C CYS C 173 15.60 -25.09 -60.21
N SER C 174 16.56 -24.21 -60.37
CA SER C 174 16.98 -23.42 -59.22
C SER C 174 16.48 -22.00 -59.39
N ALA C 175 17.37 -21.07 -59.68
CA ALA C 175 16.95 -19.74 -60.03
C ALA C 175 16.44 -19.72 -61.46
N ILE C 176 15.61 -18.74 -61.78
CA ILE C 176 15.31 -18.42 -63.17
C ILE C 176 15.57 -16.92 -63.33
N ALA C 177 16.69 -16.58 -63.93
CA ALA C 177 16.96 -15.20 -64.30
C ALA C 177 15.98 -14.77 -65.37
N PHE C 178 15.59 -13.50 -65.31
CA PHE C 178 14.49 -13.04 -66.14
C PHE C 178 14.53 -11.53 -66.16
N GLU C 179 14.54 -10.93 -67.34
CA GLU C 179 14.51 -9.48 -67.46
C GLU C 179 14.11 -9.12 -68.87
N TYR C 180 13.81 -7.85 -69.06
CA TYR C 180 13.41 -7.29 -70.34
C TYR C 180 13.59 -5.78 -70.30
N ASP C 181 13.57 -5.18 -71.48
CA ASP C 181 13.71 -3.74 -71.67
C ASP C 181 14.87 -3.11 -70.89
N PRO C 182 16.12 -3.51 -71.17
CA PRO C 182 17.26 -3.02 -70.37
C PRO C 182 17.47 -1.51 -70.33
N HIS C 183 16.91 -0.74 -71.27
CA HIS C 183 17.07 0.70 -71.23
C HIS C 183 15.85 1.44 -70.75
N ASN C 184 14.82 0.73 -70.29
CA ASN C 184 13.62 1.31 -69.67
C ASN C 184 12.86 2.24 -70.63
N LYS C 185 12.80 1.87 -71.91
CA LYS C 185 12.01 2.66 -72.86
C LYS C 185 10.53 2.64 -72.54
N LEU C 186 10.02 1.54 -71.98
CA LEU C 186 8.60 1.47 -71.65
C LEU C 186 8.21 2.32 -70.44
N LYS C 187 9.19 2.78 -69.66
CA LYS C 187 8.98 3.57 -68.45
C LYS C 187 8.16 2.83 -67.40
N HIS C 188 8.40 1.54 -67.25
CA HIS C 188 7.70 0.76 -66.24
C HIS C 188 8.29 0.96 -64.88
N THR C 189 9.51 1.47 -64.80
CA THR C 189 10.09 1.86 -63.53
C THR C 189 10.52 3.32 -63.56
N ASP C 190 10.50 3.93 -62.38
CA ASP C 190 10.84 5.32 -62.16
C ASP C 190 12.04 5.29 -61.24
N PHE C 191 13.21 5.67 -61.76
CA PHE C 191 14.45 5.36 -61.08
C PHE C 191 14.70 6.28 -59.90
N TRP C 192 15.17 5.68 -58.83
CA TRP C 192 15.63 6.43 -57.67
C TRP C 192 17.02 6.94 -57.95
N PHE C 193 17.26 8.19 -57.60
CA PHE C 193 18.59 8.74 -57.79
C PHE C 193 18.87 9.80 -56.74
N GLU C 194 20.16 10.02 -56.50
CA GLU C 194 20.61 11.17 -55.72
C GLU C 194 20.90 12.35 -56.63
N VAL C 195 21.76 12.17 -57.62
CA VAL C 195 22.17 13.26 -58.50
C VAL C 195 21.73 13.05 -59.95
N ASP C 196 22.17 11.96 -60.57
CA ASP C 196 21.88 11.67 -61.97
C ASP C 196 21.57 10.20 -62.09
N ALA C 197 20.36 9.88 -62.58
CA ALA C 197 19.88 8.50 -62.60
C ALA C 197 20.72 7.59 -63.48
N LYS C 198 21.19 8.08 -64.63
CA LYS C 198 21.94 7.22 -65.54
C LYS C 198 23.30 6.79 -64.97
N LYS C 199 24.04 7.71 -64.33
CA LYS C 199 25.33 7.32 -63.78
C LYS C 199 25.21 6.43 -62.55
N GLU C 200 24.13 6.53 -61.80
CA GLU C 200 24.09 5.80 -60.53
C GLU C 200 23.49 4.41 -60.68
N TRP C 201 22.89 4.08 -61.81
CA TRP C 201 22.35 2.75 -61.92
C TRP C 201 23.19 1.94 -62.87
N PRO C 202 23.58 0.73 -62.48
CA PRO C 202 24.42 -0.10 -63.36
C PRO C 202 23.66 -0.53 -64.60
N ASP C 203 24.42 -0.95 -65.59
CA ASP C 203 23.85 -1.45 -66.82
C ASP C 203 23.46 -2.91 -66.67
N SER C 204 22.33 -3.27 -67.28
CA SER C 204 21.97 -4.67 -67.47
C SER C 204 23.09 -5.42 -68.20
N LYS C 205 23.19 -6.72 -67.95
CA LYS C 205 24.10 -7.51 -68.75
C LYS C 205 23.63 -7.75 -70.19
N TYR C 206 22.47 -7.23 -70.59
CA TYR C 206 21.98 -7.29 -71.96
C TYR C 206 21.81 -5.88 -72.53
N ALA C 207 22.55 -4.91 -72.00
CA ALA C 207 22.47 -3.54 -72.49
C ALA C 207 22.90 -3.41 -73.94
N THR C 208 23.88 -4.19 -74.37
CA THR C 208 24.36 -4.14 -75.74
C THR C 208 23.53 -4.96 -76.71
N TRP C 209 22.45 -5.59 -76.27
CA TRP C 209 21.58 -6.32 -77.18
C TRP C 209 20.41 -5.50 -77.69
N GLU C 210 20.30 -4.23 -77.30
CA GLU C 210 19.23 -3.36 -77.73
C GLU C 210 19.76 -1.94 -77.81
N GLU C 211 19.10 -1.12 -78.61
CA GLU C 211 19.74 0.17 -78.79
C GLU C 211 19.16 1.22 -77.86
N PRO C 212 20.06 2.02 -77.27
CA PRO C 212 19.66 3.11 -76.35
C PRO C 212 18.61 4.05 -76.94
N PRO C 213 17.82 4.73 -76.10
CA PRO C 213 16.85 5.70 -76.62
C PRO C 213 17.58 6.95 -77.12
N LYS C 214 17.16 7.44 -78.29
CA LYS C 214 17.79 8.62 -78.84
C LYS C 214 17.47 9.85 -78.00
N PRO C 215 18.42 10.81 -77.92
CA PRO C 215 18.20 12.01 -77.09
C PRO C 215 17.00 12.86 -77.45
N GLY C 216 16.54 12.83 -78.70
CA GLY C 216 15.37 13.60 -79.06
C GLY C 216 14.04 12.89 -78.88
N GLU C 217 14.03 11.60 -79.29
CA GLU C 217 12.93 10.63 -79.32
C GLU C 217 11.76 10.89 -78.36
N VAL C 218 10.55 10.94 -78.91
CA VAL C 218 9.34 11.05 -78.10
C VAL C 218 8.89 9.70 -77.60
N PHE C 219 8.09 9.74 -76.54
CA PHE C 219 7.62 8.53 -75.86
C PHE C 219 6.55 7.84 -76.70
N ASP C 220 6.83 6.60 -77.10
CA ASP C 220 5.91 5.71 -77.82
C ASP C 220 4.95 5.10 -76.81
N TYR C 221 3.79 5.74 -76.65
CA TYR C 221 2.79 5.25 -75.70
C TYR C 221 2.07 3.99 -76.18
N LYS C 222 2.36 3.51 -77.38
CA LYS C 222 1.79 2.28 -77.92
C LYS C 222 2.75 1.10 -77.85
N ALA C 223 4.03 1.35 -77.53
CA ALA C 223 4.98 0.26 -77.44
C ALA C 223 4.62 -0.66 -76.29
N LYS C 224 4.80 -1.95 -76.50
CA LYS C 224 4.59 -2.99 -75.52
C LYS C 224 5.88 -3.76 -75.27
N PRO C 225 5.98 -4.46 -74.13
CA PRO C 225 7.13 -5.35 -73.92
C PRO C 225 7.13 -6.43 -75.00
N ASN C 226 8.31 -6.74 -75.51
CA ASN C 226 8.29 -7.66 -76.63
C ASN C 226 9.45 -8.63 -76.67
N ARG C 227 10.53 -8.38 -75.94
CA ARG C 227 11.67 -9.29 -75.92
C ARG C 227 12.02 -9.67 -74.48
N PHE C 228 11.93 -10.95 -74.15
CA PHE C 228 12.13 -11.41 -72.77
C PHE C 228 13.32 -12.36 -72.73
N TYR C 229 14.42 -11.91 -72.14
CA TYR C 229 15.60 -12.73 -71.96
C TYR C 229 15.54 -13.49 -70.65
N MET C 230 15.72 -14.81 -70.70
CA MET C 230 15.67 -15.61 -69.47
C MET C 230 16.70 -16.72 -69.56
N THR C 231 17.17 -17.14 -68.39
CA THR C 231 18.10 -18.25 -68.27
C THR C 231 17.55 -19.26 -67.28
N VAL C 232 17.38 -20.49 -67.72
CA VAL C 232 16.82 -21.55 -66.90
C VAL C 232 17.95 -22.43 -66.41
N GLU C 233 18.30 -22.34 -65.15
CA GLU C 233 19.24 -23.29 -64.56
C GLU C 233 18.50 -24.45 -63.93
N THR C 234 19.12 -25.62 -64.00
CA THR C 234 18.53 -26.81 -63.41
C THR C 234 19.52 -27.44 -62.47
N THR C 235 19.03 -28.39 -61.69
CA THR C 235 19.82 -29.09 -60.69
C THR C 235 20.42 -30.37 -61.22
N GLY C 236 20.13 -30.74 -62.45
CA GLY C 236 20.63 -31.97 -63.01
C GLY C 236 19.63 -33.09 -62.95
N SER C 237 18.56 -32.91 -62.17
CA SER C 237 17.44 -33.86 -62.16
C SER C 237 16.77 -33.97 -63.53
N LEU C 238 16.82 -32.92 -64.32
CA LEU C 238 16.35 -32.90 -65.69
C LEU C 238 17.31 -32.07 -66.51
N LYS C 239 17.45 -32.40 -67.78
CA LYS C 239 18.28 -31.56 -68.62
C LYS C 239 17.52 -30.30 -68.97
N ALA C 240 18.30 -29.24 -69.23
CA ALA C 240 17.74 -27.91 -69.43
C ALA C 240 16.75 -27.84 -70.59
N ASN C 241 17.07 -28.52 -71.69
CA ASN C 241 16.14 -28.56 -72.83
C ASN C 241 14.83 -29.27 -72.51
N GLN C 242 14.87 -30.31 -71.68
CA GLN C 242 13.66 -31.00 -71.26
C GLN C 242 12.75 -30.12 -70.43
N VAL C 243 13.32 -29.32 -69.51
CA VAL C 243 12.54 -28.46 -68.64
C VAL C 243 11.76 -27.42 -69.44
N PHE C 244 12.41 -26.80 -70.42
CA PHE C 244 11.71 -25.82 -71.25
C PHE C 244 10.61 -26.48 -72.05
N SER C 245 10.89 -27.66 -72.63
CA SER C 245 9.90 -28.39 -73.41
C SER C 245 8.74 -28.86 -72.53
N ARG C 246 9.03 -29.51 -71.41
CA ARG C 246 7.96 -29.99 -70.55
C ARG C 246 7.20 -28.88 -69.84
N GLY C 247 7.83 -27.73 -69.61
CA GLY C 247 7.08 -26.59 -69.10
C GLY C 247 5.95 -26.20 -70.04
N ILE C 248 6.27 -26.07 -71.33
CA ILE C 248 5.28 -25.78 -72.36
C ILE C 248 4.23 -26.88 -72.44
N LYS C 249 4.66 -28.14 -72.41
CA LYS C 249 3.74 -29.28 -72.49
C LYS C 249 2.77 -29.29 -71.32
N THR C 250 3.27 -29.12 -70.10
CA THR C 250 2.43 -29.15 -68.90
C THR C 250 1.39 -28.04 -68.94
N LEU C 251 1.83 -26.84 -69.33
CA LEU C 251 0.93 -25.70 -69.45
C LEU C 251 -0.16 -25.94 -70.49
N GLN C 252 0.13 -26.76 -71.50
CA GLN C 252 -0.87 -27.07 -72.52
C GLN C 252 -2.01 -27.90 -71.95
N GLU C 253 -1.68 -28.99 -71.26
CA GLU C 253 -2.70 -29.88 -70.68
C GLU C 253 -3.60 -29.15 -69.70
N LYS C 254 -3.04 -28.23 -68.91
CA LYS C 254 -3.83 -27.44 -67.98
C LYS C 254 -4.88 -26.59 -68.71
N LEU C 255 -4.48 -25.93 -69.80
CA LEU C 255 -5.44 -25.19 -70.60
C LEU C 255 -6.40 -26.12 -71.31
N ALA C 256 -5.90 -27.27 -71.75
CA ALA C 256 -6.73 -28.27 -72.39
C ALA C 256 -7.81 -28.78 -71.44
N ASN C 257 -7.44 -28.98 -70.16
CA ASN C 257 -8.38 -29.46 -69.16
C ASN C 257 -9.48 -28.44 -68.93
N VAL C 258 -9.15 -27.15 -68.94
CA VAL C 258 -10.17 -26.10 -68.83
C VAL C 258 -11.11 -26.14 -70.03
N LEU C 259 -10.55 -26.31 -71.23
CA LEU C 259 -11.33 -26.37 -72.46
C LEU C 259 -12.28 -27.55 -72.46
N PHE C 260 -11.81 -28.71 -71.99
CA PHE C 260 -12.65 -29.89 -71.83
C PHE C 260 -13.87 -29.62 -70.95
N GLU C 261 -13.67 -28.98 -69.80
CA GLU C 261 -14.75 -28.78 -68.84
C GLU C 261 -15.86 -27.87 -69.36
N LEU C 262 -15.54 -26.88 -70.20
CA LEU C 262 -16.60 -26.05 -70.75
C LEU C 262 -17.48 -26.81 -71.72
N GLU C 263 -16.90 -27.62 -72.59
CA GLU C 263 -17.71 -28.37 -73.55
C GLU C 263 -18.39 -29.58 -72.95
N ASN C 264 -18.13 -29.91 -71.70
CA ASN C 264 -18.86 -30.96 -71.00
C ASN C 264 -19.93 -30.45 -70.03
N SER C 265 -19.79 -29.24 -69.50
CA SER C 265 -20.81 -28.72 -68.60
C SER C 265 -22.15 -28.38 -69.23
N ARG C 266 -22.26 -28.23 -70.56
CA ARG C 266 -23.58 -27.95 -71.12
C ARG C 266 -24.52 -29.16 -71.02
N VAL D 3 -45.59 -23.02 -1.87
CA VAL D 3 -46.24 -23.20 -3.16
C VAL D 3 -47.20 -22.03 -3.36
N SER D 4 -48.41 -22.17 -2.83
CA SER D 4 -49.43 -21.13 -2.89
C SER D 4 -49.31 -20.22 -1.68
N THR D 5 -49.38 -18.90 -1.92
CA THR D 5 -49.16 -17.89 -0.89
C THR D 5 -50.33 -16.92 -0.90
N SER D 6 -50.30 -15.97 0.03
CA SER D 6 -51.42 -15.05 0.22
C SER D 6 -50.99 -13.59 0.21
N THR D 7 -51.91 -12.70 0.59
CA THR D 7 -51.64 -11.28 0.63
C THR D 7 -50.70 -10.95 1.81
N VAL D 8 -50.88 -11.68 2.92
CA VAL D 8 -50.13 -11.46 4.16
C VAL D 8 -48.69 -11.91 3.92
N GLY D 9 -47.73 -11.02 4.14
CA GLY D 9 -46.35 -11.39 3.89
C GLY D 9 -45.31 -11.13 4.97
N ALA D 10 -44.06 -11.36 4.58
CA ALA D 10 -42.87 -11.16 5.42
C ALA D 10 -42.79 -11.97 6.73
N ARG D 11 -43.51 -11.51 7.76
CA ARG D 11 -43.47 -12.15 9.08
C ARG D 11 -42.00 -12.29 9.54
N ARG D 12 -41.23 -11.23 9.34
CA ARG D 12 -39.86 -11.22 9.83
C ARG D 12 -39.81 -11.29 11.37
N ARG D 13 -38.65 -11.71 11.87
CA ARG D 13 -38.45 -12.02 13.29
C ARG D 13 -38.58 -10.78 14.18
N ARG D 14 -39.27 -10.93 15.31
CA ARG D 14 -39.33 -9.89 16.33
C ARG D 14 -38.71 -10.36 17.64
N ALA D 15 -38.31 -9.36 18.46
CA ALA D 15 -37.57 -9.62 19.70
C ALA D 15 -38.41 -10.36 20.71
N LYS D 16 -39.69 -10.03 20.83
CA LYS D 16 -40.56 -10.67 21.80
C LYS D 16 -41.34 -11.72 21.06
N GLN D 17 -41.39 -12.93 21.61
CA GLN D 17 -42.12 -13.97 20.93
C GLN D 17 -43.61 -13.78 21.21
N GLN D 18 -44.42 -14.65 20.65
CA GLN D 18 -45.84 -14.56 20.86
C GLN D 18 -46.44 -15.94 20.94
N VAL D 19 -47.35 -16.10 21.91
CA VAL D 19 -48.09 -17.33 22.09
C VAL D 19 -49.57 -17.08 21.93
N ASP D 20 -49.96 -15.84 21.61
CA ASP D 20 -51.21 -15.61 20.93
C ASP D 20 -51.10 -15.98 19.45
N ASP D 21 -50.67 -17.19 19.07
CA ASP D 21 -50.74 -17.52 17.65
C ASP D 21 -51.43 -18.87 17.51
N GLU D 22 -51.24 -19.73 18.53
CA GLU D 22 -51.74 -21.10 18.56
C GLU D 22 -53.25 -21.04 18.38
N GLU D 23 -53.76 -21.74 17.37
CA GLU D 23 -55.18 -21.63 17.09
C GLU D 23 -56.04 -22.24 18.19
N ASN D 24 -56.86 -21.37 18.78
CA ASN D 24 -57.78 -21.68 19.86
C ASN D 24 -59.04 -20.89 19.53
N ALA D 25 -60.12 -21.56 19.14
CA ALA D 25 -61.35 -20.83 18.83
C ALA D 25 -61.94 -20.17 20.08
N THR D 26 -61.72 -20.77 21.26
CA THR D 26 -62.17 -20.18 22.52
C THR D 26 -61.51 -18.84 22.80
N LEU D 27 -60.20 -18.72 22.53
CA LEU D 27 -59.46 -17.49 22.78
C LEU D 27 -59.36 -16.54 21.58
N LEU D 28 -60.14 -16.78 20.51
CA LEU D 28 -60.16 -15.94 19.29
C LEU D 28 -58.77 -15.80 18.66
N ARG D 29 -57.99 -16.88 18.69
CA ARG D 29 -56.69 -16.92 18.03
C ARG D 29 -56.77 -17.72 16.74
N LEU D 30 -56.80 -17.02 15.60
CA LEU D 30 -57.00 -17.69 14.32
C LEU D 30 -55.72 -17.73 13.50
N GLY D 31 -54.60 -17.31 14.08
CA GLY D 31 -53.30 -17.35 13.46
C GLY D 31 -53.06 -16.13 12.60
N PRO D 32 -51.89 -16.07 11.95
CA PRO D 32 -51.53 -14.85 11.21
C PRO D 32 -52.28 -14.70 9.90
N GLU D 33 -52.81 -15.79 9.34
CA GLU D 33 -53.47 -15.75 8.03
C GLU D 33 -54.93 -15.31 8.15
N PHE D 34 -55.54 -15.55 9.30
CA PHE D 34 -56.96 -15.33 9.53
C PHE D 34 -57.11 -14.25 10.58
N ALA D 35 -56.34 -13.16 10.45
CA ALA D 35 -56.49 -11.99 11.31
C ALA D 35 -57.87 -11.38 11.15
N LEU D 36 -58.27 -10.55 12.12
CA LEU D 36 -59.57 -9.90 12.03
C LEU D 36 -59.67 -9.00 10.81
N LYS D 37 -58.67 -8.18 10.55
CA LYS D 37 -58.69 -7.31 9.39
C LYS D 37 -57.76 -7.89 8.33
N GLN D 38 -58.33 -8.37 7.23
CA GLN D 38 -57.55 -8.83 6.09
C GLN D 38 -57.51 -7.78 4.98
N TYR D 39 -56.70 -8.07 3.98
CA TYR D 39 -56.60 -7.25 2.79
C TYR D 39 -56.73 -8.15 1.57
N ASP D 40 -57.53 -7.69 0.62
CA ASP D 40 -57.76 -8.40 -0.64
C ASP D 40 -56.59 -8.15 -1.60
N HIS D 41 -56.72 -8.67 -2.82
CA HIS D 41 -55.66 -8.52 -3.81
C HIS D 41 -55.50 -7.09 -4.39
N ASP D 42 -56.18 -6.06 -3.88
CA ASP D 42 -55.96 -4.69 -4.30
C ASP D 42 -55.43 -3.82 -3.17
N GLY D 43 -55.28 -4.38 -1.96
CA GLY D 43 -54.82 -3.62 -0.83
C GLY D 43 -55.92 -3.03 0.02
N ASN D 44 -57.18 -3.23 -0.36
CA ASN D 44 -58.31 -2.68 0.37
C ASN D 44 -58.56 -3.48 1.64
N GLU D 45 -59.01 -2.78 2.68
CA GLU D 45 -59.28 -3.39 3.97
C GLU D 45 -60.59 -4.18 3.89
N HIS D 46 -60.67 -5.24 4.70
CA HIS D 46 -61.78 -6.18 4.60
C HIS D 46 -61.88 -6.99 5.88
N ASP D 47 -63.11 -7.15 6.37
CA ASP D 47 -63.38 -8.00 7.52
C ASP D 47 -63.20 -9.48 7.16
N LEU D 48 -62.79 -10.28 8.15
CA LEU D 48 -62.58 -11.70 7.94
C LEU D 48 -63.91 -12.35 7.53
N ILE D 49 -63.86 -13.24 6.57
CA ILE D 49 -65.07 -13.86 6.03
C ILE D 49 -65.20 -15.27 6.59
N ALA D 50 -65.91 -15.40 7.71
CA ALA D 50 -66.26 -16.70 8.26
C ALA D 50 -67.68 -17.04 7.79
N LEU D 51 -67.89 -18.29 7.41
CA LEU D 51 -69.13 -18.68 6.77
C LEU D 51 -69.84 -19.77 7.56
N SER D 52 -71.12 -19.54 7.85
CA SER D 52 -71.96 -20.57 8.43
C SER D 52 -72.22 -21.68 7.42
N LEU D 53 -72.75 -22.80 7.94
CA LEU D 53 -73.12 -23.94 7.11
C LEU D 53 -74.18 -23.60 6.06
N SER D 54 -75.05 -22.64 6.35
CA SER D 54 -76.15 -22.35 5.43
C SER D 54 -75.71 -21.50 4.25
N GLU D 55 -74.96 -20.40 4.50
CA GLU D 55 -74.30 -19.65 3.44
C GLU D 55 -73.45 -20.52 2.53
N SER D 56 -72.50 -21.26 3.13
CA SER D 56 -71.58 -22.12 2.40
C SER D 56 -72.25 -23.13 1.47
N ARG D 57 -73.40 -23.68 1.87
CA ARG D 57 -74.08 -24.63 0.99
C ARG D 57 -74.57 -23.96 -0.28
N LEU D 58 -75.10 -22.74 -0.18
CA LEU D 58 -75.60 -22.03 -1.35
C LEU D 58 -74.48 -21.63 -2.32
N LEU D 59 -73.43 -20.98 -1.81
CA LEU D 59 -72.30 -20.52 -2.64
C LEU D 59 -71.62 -21.67 -3.39
N ILE D 60 -71.26 -22.74 -2.68
CA ILE D 60 -70.50 -23.84 -3.29
C ILE D 60 -71.34 -24.52 -4.37
N ARG D 61 -72.62 -24.77 -4.07
CA ARG D 61 -73.51 -25.41 -5.03
C ARG D 61 -73.76 -24.52 -6.23
N GLU D 62 -73.92 -23.20 -6.01
CA GLU D 62 -74.12 -22.27 -7.12
C GLU D 62 -72.89 -22.21 -8.00
N ALA D 63 -71.70 -22.09 -7.38
CA ALA D 63 -70.44 -22.00 -8.13
C ALA D 63 -70.24 -23.24 -8.99
N LEU D 64 -70.63 -24.42 -8.48
CA LEU D 64 -70.40 -25.64 -9.22
C LEU D 64 -71.34 -25.75 -10.42
N LYS D 65 -72.61 -25.38 -10.23
CA LYS D 65 -73.55 -25.48 -11.35
C LYS D 65 -73.40 -24.36 -12.36
N ALA D 66 -72.98 -23.16 -11.93
CA ALA D 66 -72.68 -22.11 -12.91
C ALA D 66 -71.46 -22.46 -13.75
N ARG D 67 -70.45 -23.06 -13.12
CA ARG D 67 -69.28 -23.54 -13.84
C ARG D 67 -69.63 -24.72 -14.74
N SER D 68 -70.50 -25.62 -14.26
CA SER D 68 -70.93 -26.78 -15.06
C SER D 68 -71.71 -26.33 -16.27
N ARG D 69 -72.50 -25.28 -16.11
CA ARG D 69 -73.28 -24.74 -17.22
C ARG D 69 -72.33 -24.10 -18.22
N ALA D 70 -71.30 -23.41 -17.70
CA ALA D 70 -70.29 -22.78 -18.53
C ALA D 70 -69.49 -23.82 -19.32
N ARG D 71 -69.21 -24.99 -18.71
CA ARG D 71 -68.52 -26.07 -19.41
C ARG D 71 -69.38 -26.67 -20.51
N ASN D 72 -70.69 -26.52 -20.41
CA ASN D 72 -71.66 -26.99 -21.38
C ASN D 72 -72.09 -25.87 -22.33
N GLY D 73 -71.34 -24.76 -22.38
CA GLY D 73 -71.71 -23.69 -23.29
C GLY D 73 -72.97 -22.92 -22.91
N GLY D 74 -73.52 -23.17 -21.73
CA GLY D 74 -74.72 -22.50 -21.26
C GLY D 74 -75.98 -23.35 -21.37
N VAL D 75 -75.86 -24.60 -20.95
CA VAL D 75 -77.03 -25.45 -20.72
C VAL D 75 -77.41 -25.45 -19.24
N ILE D 84 -79.38 -29.50 -7.87
CA ILE D 84 -80.44 -30.23 -7.19
C ILE D 84 -79.79 -31.36 -6.37
N ASP D 85 -79.43 -32.48 -7.00
CA ASP D 85 -78.90 -33.62 -6.28
C ASP D 85 -77.41 -33.46 -6.06
N ASP D 86 -76.95 -33.90 -4.88
CA ASP D 86 -75.55 -33.71 -4.49
C ASP D 86 -74.61 -34.65 -5.22
N ASP D 87 -75.03 -35.89 -5.46
CA ASP D 87 -74.21 -36.88 -6.17
C ASP D 87 -73.96 -36.50 -7.63
N GLU D 88 -74.88 -35.76 -8.24
CA GLU D 88 -74.68 -35.28 -9.61
C GLU D 88 -73.78 -34.06 -9.68
N LEU D 89 -73.89 -33.17 -8.69
CA LEU D 89 -73.11 -31.94 -8.68
C LEU D 89 -71.60 -32.18 -8.47
N ALA D 90 -71.22 -33.25 -7.76
CA ALA D 90 -69.81 -33.55 -7.50
C ALA D 90 -69.03 -34.13 -8.69
N LYS D 91 -69.69 -34.60 -9.75
CA LYS D 91 -69.00 -35.11 -10.93
C LYS D 91 -68.40 -34.02 -11.82
N VAL D 92 -68.70 -32.74 -11.54
CA VAL D 92 -68.10 -31.63 -12.26
C VAL D 92 -66.57 -31.54 -12.08
N THR D 93 -66.04 -31.99 -10.94
CA THR D 93 -64.61 -31.91 -10.70
C THR D 93 -63.81 -32.83 -11.61
N SER D 94 -62.49 -32.61 -11.62
CA SER D 94 -61.57 -33.29 -12.52
C SER D 94 -60.61 -34.12 -11.67
N GLY D 95 -60.67 -35.45 -11.80
CA GLY D 95 -59.78 -36.30 -11.05
C GLY D 95 -60.43 -36.94 -9.84
N ALA D 96 -60.09 -38.20 -9.57
CA ALA D 96 -60.72 -38.93 -8.47
C ALA D 96 -60.40 -38.34 -7.11
N VAL D 97 -59.23 -37.71 -6.95
CA VAL D 97 -58.89 -37.04 -5.70
C VAL D 97 -59.83 -35.86 -5.46
N ALA D 98 -60.09 -35.09 -6.51
CA ALA D 98 -61.00 -33.95 -6.44
C ALA D 98 -62.44 -34.41 -6.27
N ASN D 99 -62.81 -35.48 -6.97
CA ASN D 99 -64.15 -36.09 -6.83
C ASN D 99 -64.46 -36.46 -5.39
N GLY D 100 -63.47 -36.98 -4.66
CA GLY D 100 -63.69 -37.39 -3.30
C GLY D 100 -64.00 -36.29 -2.30
N VAL D 101 -63.12 -35.28 -2.21
CA VAL D 101 -63.25 -34.20 -1.22
C VAL D 101 -64.53 -33.39 -1.45
N VAL D 102 -64.91 -33.19 -2.70
CA VAL D 102 -66.07 -32.34 -3.00
C VAL D 102 -67.38 -33.08 -2.69
N LYS D 103 -67.46 -34.36 -3.05
CA LYS D 103 -68.63 -35.18 -2.75
C LYS D 103 -68.87 -35.33 -1.25
N LYS D 104 -67.79 -35.61 -0.50
CA LYS D 104 -67.88 -35.74 0.95
C LYS D 104 -68.27 -34.43 1.62
N THR D 105 -67.91 -33.29 1.04
CA THR D 105 -68.26 -32.03 1.69
C THR D 105 -69.73 -31.71 1.49
N LEU D 106 -70.28 -32.01 0.30
CA LEU D 106 -71.69 -31.71 0.06
C LEU D 106 -72.58 -32.62 0.89
N ASP D 107 -72.28 -33.92 0.89
CA ASP D 107 -73.02 -34.92 1.66
C ASP D 107 -72.97 -34.64 3.15
N TYR D 108 -71.82 -34.19 3.67
CA TYR D 108 -71.72 -33.78 5.07
C TYR D 108 -72.64 -32.60 5.33
N LEU D 109 -72.57 -31.59 4.46
CA LEU D 109 -73.47 -30.45 4.55
C LEU D 109 -74.92 -30.87 4.29
N ASN D 110 -75.13 -31.91 3.47
CA ASN D 110 -76.47 -32.41 3.21
C ASN D 110 -77.13 -32.99 4.45
N THR D 111 -76.35 -33.42 5.43
CA THR D 111 -76.90 -34.04 6.62
C THR D 111 -76.73 -33.18 7.86
N PHE D 112 -76.30 -31.92 7.72
CA PHE D 112 -76.21 -31.06 8.89
C PHE D 112 -76.61 -29.61 8.65
N ALA D 113 -76.94 -29.21 7.43
CA ALA D 113 -77.44 -27.86 7.13
C ALA D 113 -78.93 -27.77 7.40
N ARG D 114 -79.33 -27.02 8.45
CA ARG D 114 -80.76 -26.92 8.77
C ARG D 114 -81.53 -26.20 7.66
N PHE D 115 -81.04 -25.04 7.22
CA PHE D 115 -81.77 -24.20 6.27
C PHE D 115 -81.22 -24.46 4.87
N LYS D 116 -81.82 -25.44 4.21
CA LYS D 116 -81.34 -26.02 2.96
C LYS D 116 -81.87 -25.30 1.71
N ASP D 117 -82.46 -24.11 1.85
CA ASP D 117 -82.87 -23.33 0.70
C ASP D 117 -82.60 -21.85 0.94
N GLU D 118 -82.58 -21.09 -0.16
CA GLU D 118 -82.20 -19.68 -0.12
C GLU D 118 -83.27 -18.77 0.49
N GLU D 119 -84.55 -19.16 0.40
CA GLU D 119 -85.61 -18.41 1.07
C GLU D 119 -85.38 -18.31 2.58
N THR D 120 -85.33 -19.46 3.26
CA THR D 120 -85.01 -19.50 4.69
C THR D 120 -83.63 -18.93 4.99
N CYS D 121 -82.66 -19.18 4.10
CA CYS D 121 -81.28 -18.75 4.34
C CYS D 121 -81.14 -17.24 4.36
N THR D 122 -81.77 -16.56 3.40
CA THR D 122 -81.77 -15.10 3.40
C THR D 122 -82.47 -14.55 4.62
N ALA D 123 -83.53 -15.22 5.09
CA ALA D 123 -84.16 -14.85 6.36
C ALA D 123 -83.18 -14.96 7.52
N VAL D 124 -82.40 -16.06 7.56
CA VAL D 124 -81.35 -16.19 8.56
C VAL D 124 -80.23 -15.17 8.32
N ASP D 125 -79.97 -14.84 7.05
CA ASP D 125 -78.94 -13.87 6.69
C ASP D 125 -79.27 -12.49 7.23
N GLN D 126 -80.51 -12.03 7.00
CA GLN D 126 -80.94 -10.72 7.48
C GLN D 126 -81.04 -10.68 9.00
N LEU D 127 -81.48 -11.78 9.62
CA LEU D 127 -81.58 -11.86 11.08
C LEU D 127 -80.23 -11.64 11.76
N LEU D 128 -79.16 -12.22 11.21
CA LEU D 128 -77.84 -12.12 11.81
C LEU D 128 -77.07 -10.90 11.34
N HIS D 129 -77.38 -10.38 10.15
CA HIS D 129 -76.71 -9.18 9.64
C HIS D 129 -77.68 -8.01 9.67
N LEU D 137 -69.05 -6.42 18.83
CA LEU D 137 -69.50 -7.62 18.12
C LEU D 137 -68.42 -8.13 17.17
N HIS D 138 -67.76 -9.22 17.54
CA HIS D 138 -66.69 -9.70 16.67
C HIS D 138 -67.29 -10.58 15.57
N PRO D 139 -66.75 -10.51 14.34
CA PRO D 139 -67.31 -11.33 13.24
C PRO D 139 -67.22 -12.85 13.43
N PHE D 140 -66.21 -13.35 14.14
CA PHE D 140 -66.10 -14.79 14.40
C PHE D 140 -67.23 -15.34 15.28
N GLU D 141 -67.58 -14.63 16.36
CA GLU D 141 -68.65 -15.12 17.24
C GLU D 141 -70.00 -15.16 16.53
N ILE D 142 -70.27 -14.16 15.67
CA ILE D 142 -71.54 -14.07 14.96
C ILE D 142 -71.72 -15.29 14.05
N ALA D 143 -70.63 -15.79 13.48
CA ALA D 143 -70.63 -16.97 12.62
C ALA D 143 -70.74 -18.28 13.41
N GLN D 144 -70.22 -18.30 14.64
CA GLN D 144 -70.26 -19.49 15.48
C GLN D 144 -71.69 -19.82 15.92
N LEU D 145 -72.41 -18.81 16.40
CA LEU D 145 -73.82 -18.93 16.82
C LEU D 145 -74.73 -19.54 15.77
N SER D 146 -74.48 -19.27 14.48
CA SER D 146 -75.30 -19.83 13.42
C SER D 146 -74.97 -21.30 13.16
N SER D 147 -73.71 -21.70 13.32
CA SER D 147 -73.32 -23.07 12.99
C SER D 147 -73.78 -24.05 14.04
N LEU D 148 -73.68 -23.70 15.32
CA LEU D 148 -73.99 -24.63 16.40
C LEU D 148 -75.43 -24.35 16.84
N GLY D 149 -76.32 -25.29 16.53
CA GLY D 149 -77.68 -25.23 17.03
C GLY D 149 -77.77 -25.34 18.54
N CYS D 150 -78.63 -24.53 19.13
CA CYS D 150 -78.84 -24.49 20.57
C CYS D 150 -80.32 -24.34 20.86
N GLU D 151 -80.75 -24.83 22.01
CA GLU D 151 -82.13 -24.69 22.47
C GLU D 151 -82.33 -23.41 23.30
N ASP D 152 -81.61 -23.30 24.41
CA ASP D 152 -81.80 -22.25 25.40
C ASP D 152 -80.50 -21.45 25.58
N VAL D 153 -80.61 -20.36 26.34
CA VAL D 153 -79.43 -19.55 26.68
C VAL D 153 -78.41 -20.35 27.49
N ASP D 154 -78.88 -21.28 28.33
CA ASP D 154 -78.00 -22.11 29.15
C ASP D 154 -77.07 -22.96 28.29
N GLU D 155 -77.59 -23.49 27.18
CA GLU D 155 -76.79 -24.33 26.29
C GLU D 155 -75.80 -23.54 25.44
N ALA D 156 -76.03 -22.26 25.18
CA ALA D 156 -75.10 -21.54 24.32
C ALA D 156 -73.82 -21.09 25.02
N ILE D 157 -73.92 -20.54 26.23
CA ILE D 157 -72.73 -20.08 26.96
C ILE D 157 -71.87 -21.19 27.56
N THR D 158 -72.33 -22.43 27.59
CA THR D 158 -71.46 -23.50 28.07
C THR D 158 -70.52 -24.01 26.97
N LEU D 159 -71.08 -24.50 25.87
CA LEU D 159 -70.30 -25.02 24.75
C LEU D 159 -69.47 -23.95 24.05
N ILE D 160 -69.86 -22.68 24.17
CA ILE D 160 -69.16 -21.54 23.56
C ILE D 160 -68.89 -20.56 24.70
N PRO D 161 -67.89 -20.82 25.57
CA PRO D 161 -67.73 -20.01 26.79
C PRO D 161 -67.28 -18.56 26.61
N SER D 162 -67.21 -18.06 25.38
CA SER D 162 -66.81 -16.68 25.16
C SER D 162 -67.96 -15.71 25.25
N LEU D 163 -69.20 -16.20 25.08
CA LEU D 163 -70.42 -15.39 25.17
C LEU D 163 -70.79 -14.99 26.60
N ALA D 164 -70.06 -15.46 27.61
CA ALA D 164 -70.28 -15.15 29.01
C ALA D 164 -70.39 -13.66 29.33
N ALA D 165 -69.24 -12.98 29.35
CA ALA D 165 -69.11 -11.59 29.77
C ALA D 165 -69.36 -10.60 28.65
N LYS D 166 -70.40 -10.78 27.84
CA LYS D 166 -70.72 -9.76 26.85
C LYS D 166 -71.95 -8.92 27.16
N LYS D 167 -72.92 -9.44 27.94
CA LYS D 167 -73.98 -8.65 28.59
C LYS D 167 -74.97 -8.10 27.56
N GLU D 168 -75.17 -8.86 26.50
CA GLU D 168 -76.00 -8.46 25.37
C GLU D 168 -76.59 -9.74 24.78
N VAL D 169 -77.79 -10.08 25.23
CA VAL D 169 -78.32 -11.41 24.98
C VAL D 169 -78.99 -11.20 23.60
N ASN D 170 -80.33 -11.12 23.53
CA ASN D 170 -81.26 -11.39 22.42
C ASN D 170 -81.28 -12.87 22.00
N LEU D 171 -80.22 -13.63 22.39
CA LEU D 171 -79.94 -15.07 22.36
C LEU D 171 -81.20 -15.93 22.25
N GLN D 172 -82.17 -15.66 23.13
CA GLN D 172 -83.38 -16.45 23.22
C GLN D 172 -84.20 -16.28 21.94
N ARG D 173 -84.37 -15.03 21.49
CA ARG D 173 -85.07 -14.73 20.26
C ARG D 173 -84.27 -15.16 19.03
N ILE D 174 -82.95 -15.18 19.14
CA ILE D 174 -82.09 -15.83 18.13
C ILE D 174 -82.45 -17.31 17.99
N LEU D 175 -82.36 -18.06 19.09
CA LEU D 175 -82.68 -19.49 19.10
C LEU D 175 -84.15 -19.78 18.73
N ASP D 176 -85.08 -18.94 19.17
CA ASP D 176 -86.49 -19.15 18.82
C ASP D 176 -86.72 -19.01 17.32
N GLU D 177 -86.15 -17.97 16.70
CA GLU D 177 -86.29 -17.80 15.26
C GLU D 177 -85.58 -18.91 14.49
N LEU D 178 -84.36 -19.28 14.91
CA LEU D 178 -83.66 -20.41 14.29
C LEU D 178 -84.49 -21.70 14.36
N ASN D 179 -85.06 -21.99 15.53
CA ASN D 179 -85.87 -23.20 15.69
C ASN D 179 -87.22 -23.11 15.00
N ARG D 180 -87.83 -21.92 14.91
CA ARG D 180 -89.09 -21.79 14.21
C ARG D 180 -88.91 -21.88 12.70
N LEU D 181 -87.90 -21.22 12.14
CA LEU D 181 -87.57 -21.37 10.72
C LEU D 181 -87.20 -22.81 10.38
N GLU D 182 -86.65 -23.55 11.34
CA GLU D 182 -86.24 -24.95 11.21
C GLU D 182 -87.39 -25.87 10.84
N ASP D 183 -87.35 -26.45 9.64
CA ASP D 183 -88.40 -27.33 9.17
C ASP D 183 -88.40 -28.62 10.01
N PRO D 184 -89.54 -29.33 10.07
CA PRO D 184 -89.53 -30.65 10.74
C PRO D 184 -88.72 -31.67 9.96
N TYR D 185 -88.47 -32.80 10.61
CA TYR D 185 -87.71 -33.88 10.00
C TYR D 185 -88.33 -35.20 10.39
N GLU E 2 -3.90 58.39 6.43
CA GLU E 2 -2.87 57.35 6.29
C GLU E 2 -3.42 55.94 6.63
N ASP E 3 -2.88 55.26 7.65
CA ASP E 3 -3.42 53.99 8.11
C ASP E 3 -4.86 54.11 8.63
N ASN E 4 -5.27 55.30 9.08
CA ASN E 4 -6.65 55.48 9.51
C ASN E 4 -7.60 55.38 8.31
N ASN E 5 -7.12 55.72 7.11
CA ASN E 5 -7.97 55.67 5.93
C ASN E 5 -8.29 54.24 5.52
N ARG E 6 -7.34 53.32 5.71
CA ARG E 6 -7.61 51.93 5.37
C ARG E 6 -8.61 51.27 6.32
N ILE E 7 -8.62 51.66 7.60
CA ILE E 7 -9.64 51.18 8.52
C ILE E 7 -11.03 51.62 8.08
N ILE E 8 -11.19 52.92 7.80
CA ILE E 8 -12.48 53.44 7.33
C ILE E 8 -12.89 52.83 6.01
N SER E 9 -11.93 52.66 5.08
CA SER E 9 -12.26 52.15 3.75
C SER E 9 -12.79 50.73 3.80
N ARG E 10 -12.08 49.84 4.51
CA ARG E 10 -12.51 48.45 4.62
C ARG E 10 -13.85 48.35 5.32
N LEU E 11 -14.03 49.13 6.39
CA LEU E 11 -15.32 49.17 7.08
C LEU E 11 -16.44 49.69 6.19
N TRP E 12 -16.15 50.73 5.39
CA TRP E 12 -17.16 51.22 4.45
C TRP E 12 -17.52 50.20 3.39
N ARG E 13 -16.55 49.39 2.96
CA ARG E 13 -16.82 48.38 1.95
C ARG E 13 -17.64 47.26 2.54
N SER E 14 -17.29 46.85 3.76
CA SER E 14 -18.09 45.90 4.52
C SER E 14 -19.53 46.36 4.67
N PHE E 15 -19.75 47.67 4.83
CA PHE E 15 -21.11 48.16 4.98
C PHE E 15 -21.93 48.00 3.70
N ARG E 16 -21.33 48.31 2.55
CA ARG E 16 -22.03 48.13 1.28
C ARG E 16 -22.38 46.65 1.06
N THR E 17 -21.50 45.75 1.48
CA THR E 17 -21.75 44.32 1.34
C THR E 17 -22.94 43.88 2.17
N VAL E 18 -23.04 44.38 3.41
CA VAL E 18 -24.15 44.05 4.31
C VAL E 18 -25.48 44.51 3.71
N LYS E 19 -25.48 45.69 3.09
CA LYS E 19 -26.69 46.20 2.45
C LYS E 19 -27.10 45.32 1.27
N GLU E 20 -26.12 44.96 0.42
CA GLU E 20 -26.36 43.98 -0.65
C GLU E 20 -26.93 42.69 -0.10
N MET E 21 -26.36 42.20 1.01
CA MET E 21 -26.86 40.98 1.65
C MET E 21 -28.33 41.13 2.04
N ALA E 22 -28.65 42.25 2.69
CA ALA E 22 -30.03 42.53 3.10
C ALA E 22 -30.97 42.60 1.91
N ALA E 23 -30.53 43.28 0.84
CA ALA E 23 -31.33 43.39 -0.38
C ALA E 23 -31.63 42.03 -0.98
N ASP E 24 -30.63 41.17 -1.10
CA ASP E 24 -30.84 39.85 -1.68
C ASP E 24 -31.75 38.98 -0.82
N ARG E 25 -31.73 39.16 0.50
CA ARG E 25 -32.65 38.35 1.29
C ARG E 25 -34.09 38.82 1.19
N GLY E 26 -34.38 39.92 0.49
CA GLY E 26 -35.76 40.36 0.35
C GLY E 26 -36.11 41.55 1.20
N TYR E 27 -35.18 42.11 1.94
CA TYR E 27 -35.56 43.24 2.75
C TYR E 27 -35.47 44.50 1.93
N PHE E 28 -36.23 45.51 2.36
CA PHE E 28 -36.28 46.77 1.65
C PHE E 28 -35.20 47.69 2.20
N ILE E 29 -34.35 48.17 1.30
CA ILE E 29 -33.33 49.16 1.58
C ILE E 29 -33.50 50.30 0.59
N SER E 30 -33.54 51.52 1.12
CA SER E 30 -33.82 52.71 0.31
C SER E 30 -32.71 52.90 -0.72
N GLN E 31 -33.09 53.36 -1.92
CA GLN E 31 -32.16 53.58 -3.01
C GLN E 31 -31.17 54.72 -2.76
N GLU E 32 -31.30 55.45 -1.65
CA GLU E 32 -30.35 56.47 -1.24
C GLU E 32 -29.28 55.89 -0.30
N GLU E 33 -29.67 54.94 0.56
CA GLU E 33 -28.73 54.30 1.45
C GLU E 33 -27.84 53.27 0.75
N MET E 34 -28.33 52.63 -0.31
CA MET E 34 -27.48 51.67 -1.02
C MET E 34 -26.34 52.35 -1.75
N ASP E 35 -26.59 53.50 -2.37
CA ASP E 35 -25.59 54.19 -3.17
C ASP E 35 -24.77 55.22 -2.39
N GLN E 36 -24.85 55.22 -1.06
CA GLN E 36 -24.15 56.20 -0.22
C GLN E 36 -22.64 56.15 -0.47
N SER E 37 -22.09 57.29 -0.91
CA SER E 37 -20.66 57.37 -1.20
C SER E 37 -19.81 57.22 0.05
N LEU E 38 -18.52 57.04 -0.19
CA LEU E 38 -17.52 56.98 0.88
C LEU E 38 -17.32 58.30 1.60
N GLU E 39 -17.39 59.43 0.88
CA GLU E 39 -17.17 60.73 1.51
C GLU E 39 -18.24 61.09 2.52
N GLU E 40 -19.51 60.91 2.15
CA GLU E 40 -20.62 61.13 3.08
C GLU E 40 -20.51 60.22 4.29
N PHE E 41 -20.05 58.98 4.06
CA PHE E 41 -19.87 58.00 5.11
C PHE E 41 -18.85 58.46 6.15
N ARG E 42 -17.72 59.05 5.72
CA ARG E 42 -16.70 59.47 6.68
C ARG E 42 -17.20 60.58 7.58
N SER E 43 -17.90 61.55 6.99
CA SER E 43 -18.50 62.66 7.74
C SER E 43 -19.43 62.18 8.83
N LYS E 44 -20.27 61.19 8.54
CA LYS E 44 -21.30 60.80 9.49
C LYS E 44 -20.81 59.87 10.57
N ILE E 45 -19.77 59.09 10.32
CA ILE E 45 -19.42 57.99 11.20
C ILE E 45 -18.19 58.28 12.05
N CYS E 46 -17.23 59.05 11.55
CA CYS E 46 -16.00 59.24 12.29
C CYS E 46 -16.15 60.38 13.28
N ASP E 47 -15.30 60.36 14.31
CA ASP E 47 -15.22 61.45 15.28
C ASP E 47 -14.50 62.67 14.70
N SER E 48 -14.11 63.58 15.58
CA SER E 48 -13.21 64.64 15.13
C SER E 48 -11.80 64.09 14.95
N MET E 49 -11.45 63.05 15.69
CA MET E 49 -10.15 62.41 15.53
C MET E 49 -10.13 61.39 14.39
N GLY E 50 -11.28 61.11 13.77
CA GLY E 50 -11.33 60.22 12.64
C GLY E 50 -11.68 58.78 12.97
N ASN E 51 -11.82 58.46 14.25
CA ASN E 51 -12.13 57.11 14.70
C ASN E 51 -13.62 56.83 14.58
N PRO E 52 -14.00 55.64 14.10
CA PRO E 52 -15.40 55.37 13.80
C PRO E 52 -16.19 54.79 14.97
N GLN E 53 -17.47 55.14 15.01
CA GLN E 53 -18.37 54.76 16.09
C GLN E 53 -19.32 53.72 15.50
N ARG E 54 -19.10 52.44 15.84
CA ARG E 54 -19.87 51.36 15.24
C ARG E 54 -21.36 51.45 15.57
N LYS E 55 -21.70 51.85 16.79
CA LYS E 55 -23.09 51.90 17.23
C LYS E 55 -23.95 52.85 16.41
N LEU E 56 -23.34 53.80 15.69
CA LEU E 56 -24.11 54.64 14.81
C LEU E 56 -24.41 53.97 13.48
N MET E 57 -23.75 52.85 13.17
CA MET E 57 -23.96 52.20 11.89
C MET E 57 -25.11 51.19 11.87
N SER E 58 -25.58 50.76 13.04
CA SER E 58 -26.69 49.80 13.13
C SER E 58 -27.93 50.33 12.42
N PHE E 59 -28.73 49.41 11.89
CA PHE E 59 -29.93 49.83 11.19
C PHE E 59 -30.94 48.69 11.19
N LEU E 60 -32.15 49.04 10.77
CA LEU E 60 -33.31 48.19 10.77
C LEU E 60 -33.87 48.18 9.36
N ALA E 61 -34.43 47.05 8.95
CA ALA E 61 -35.00 46.95 7.62
C ALA E 61 -36.21 46.02 7.67
N ASN E 62 -37.12 46.23 6.72
CA ASN E 62 -38.33 45.45 6.59
C ASN E 62 -38.39 44.80 5.22
N PRO E 63 -39.12 43.69 5.07
CA PRO E 63 -39.26 43.08 3.74
C PRO E 63 -40.02 43.94 2.75
N THR E 64 -39.59 43.88 1.49
CA THR E 64 -40.36 44.43 0.38
C THR E 64 -41.71 43.70 0.28
N PRO E 65 -42.73 44.33 -0.35
CA PRO E 65 -44.00 43.62 -0.56
C PRO E 65 -43.87 42.35 -1.40
N GLU E 66 -43.00 42.36 -2.41
CA GLU E 66 -42.78 41.17 -3.23
C GLU E 66 -42.23 40.02 -2.40
N ALA E 67 -41.21 40.30 -1.59
CA ALA E 67 -40.59 39.26 -0.76
C ALA E 67 -41.59 38.70 0.24
N LEU E 68 -42.45 39.56 0.78
CA LEU E 68 -43.45 39.12 1.75
C LEU E 68 -44.48 38.25 1.06
N GLU E 69 -44.78 38.55 -0.19
CA GLU E 69 -45.66 37.71 -0.98
C GLU E 69 -45.04 36.33 -1.19
N LYS E 70 -43.75 36.28 -1.49
CA LYS E 70 -43.10 35.00 -1.73
C LYS E 70 -42.84 34.22 -0.45
N TYR E 71 -42.22 34.86 0.54
CA TYR E 71 -41.85 34.23 1.81
C TYR E 71 -42.63 34.86 2.95
N SER E 72 -43.61 34.15 3.49
CA SER E 72 -44.42 34.69 4.57
C SER E 72 -43.76 34.54 5.94
N ASP E 73 -42.56 33.95 6.01
CA ASP E 73 -41.80 33.83 7.25
C ASP E 73 -40.78 34.94 7.45
N LEU E 74 -40.83 35.99 6.66
CA LEU E 74 -39.81 37.04 6.68
C LEU E 74 -40.25 38.18 7.57
N GLY E 75 -39.52 38.37 8.67
CA GLY E 75 -39.81 39.36 9.70
C GLY E 75 -38.87 40.54 9.62
N THR E 76 -38.54 41.11 10.77
CA THR E 76 -37.64 42.26 10.84
C THR E 76 -36.21 41.83 11.06
N LEU E 77 -35.29 42.54 10.43
CA LEU E 77 -33.86 42.21 10.45
C LEU E 77 -33.15 43.34 11.18
N TRP E 78 -32.31 42.99 12.14
CA TRP E 78 -31.49 43.92 12.89
C TRP E 78 -30.02 43.65 12.61
N VAL E 79 -29.32 44.66 12.09
CA VAL E 79 -27.90 44.56 11.80
C VAL E 79 -27.15 45.38 12.83
N GLU E 80 -26.11 44.81 13.42
CA GLU E 80 -25.32 45.43 14.47
C GLU E 80 -23.84 45.18 14.29
N PHE E 81 -23.05 46.24 14.38
CA PHE E 81 -21.59 46.14 14.43
C PHE E 81 -21.16 46.26 15.88
N CYS E 82 -20.36 45.31 16.34
CA CYS E 82 -19.99 45.24 17.73
C CYS E 82 -18.71 46.03 17.97
N ASP E 83 -18.75 46.96 18.92
CA ASP E 83 -17.61 47.78 19.25
C ASP E 83 -16.49 47.05 19.99
N GLU E 84 -16.72 45.86 20.51
CA GLU E 84 -15.67 45.18 21.27
C GLU E 84 -14.95 44.15 20.43
N PRO E 85 -13.64 44.36 20.14
CA PRO E 85 -12.87 43.44 19.27
C PRO E 85 -12.98 41.97 19.65
N SER E 86 -12.84 41.67 20.93
CA SER E 86 -12.97 40.32 21.44
C SER E 86 -14.37 40.24 22.05
N VAL E 87 -15.21 39.36 21.54
CA VAL E 87 -16.58 39.28 22.04
C VAL E 87 -16.62 38.25 23.16
N GLY E 88 -16.84 38.75 24.38
CA GLY E 88 -16.90 37.94 25.57
C GLY E 88 -18.32 37.69 26.02
N ILE E 89 -18.43 37.04 27.18
CA ILE E 89 -19.72 36.69 27.79
C ILE E 89 -20.51 37.95 28.13
N LYS E 90 -19.82 39.06 28.44
CA LYS E 90 -20.48 40.32 28.77
C LYS E 90 -21.20 40.93 27.58
N THR E 91 -20.59 40.89 26.40
CA THR E 91 -21.16 41.51 25.22
C THR E 91 -22.38 40.77 24.74
N MET E 92 -22.33 39.44 24.78
CA MET E 92 -23.40 38.63 24.21
C MET E 92 -24.70 38.76 25.00
N ARG E 93 -24.62 38.95 26.34
CA ARG E 93 -25.84 39.03 27.14
C ARG E 93 -26.68 40.24 26.77
N ASN E 94 -26.03 41.40 26.65
CA ASN E 94 -26.73 42.63 26.27
C ASN E 94 -27.26 42.57 24.85
N PHE E 95 -26.55 41.86 23.96
CA PHE E 95 -27.01 41.71 22.60
C PHE E 95 -28.26 40.83 22.53
N CYS E 96 -28.23 39.67 23.20
CA CYS E 96 -29.41 38.79 23.20
C CYS E 96 -30.61 39.45 23.87
N LEU E 97 -30.36 40.22 24.94
CA LEU E 97 -31.41 40.97 25.60
C LEU E 97 -32.04 42.02 24.68
N ARG E 98 -31.18 42.78 23.97
CA ARG E 98 -31.64 43.83 23.06
C ARG E 98 -32.55 43.27 21.97
N ILE E 99 -32.21 42.09 21.45
CA ILE E 99 -32.97 41.46 20.37
C ILE E 99 -34.35 41.07 20.85
N GLN E 100 -34.41 40.45 22.02
CA GLN E 100 -35.68 40.00 22.59
C GLN E 100 -36.57 41.17 22.99
N GLU E 101 -35.98 42.18 23.65
CA GLU E 101 -36.74 43.34 24.13
C GLU E 101 -37.44 44.06 22.98
N LYS E 102 -36.69 44.36 21.92
CA LYS E 102 -37.23 45.00 20.72
C LYS E 102 -37.89 44.02 19.75
N ASN E 103 -37.99 42.74 20.10
CA ASN E 103 -38.51 41.58 19.34
C ASN E 103 -38.19 41.63 17.84
N PHE E 104 -36.90 41.64 17.55
CA PHE E 104 -36.46 41.38 16.18
C PHE E 104 -36.57 39.91 15.81
N SER E 105 -36.80 39.67 14.52
CA SER E 105 -36.85 38.32 13.98
C SER E 105 -35.48 37.74 13.69
N THR E 106 -34.51 38.55 13.29
CA THR E 106 -33.18 38.05 12.95
C THR E 106 -32.14 39.11 13.28
N GLY E 107 -31.03 38.68 13.87
CA GLY E 107 -29.92 39.58 14.10
C GLY E 107 -28.57 39.18 13.55
N ILE E 108 -27.97 40.09 12.80
CA ILE E 108 -26.68 39.87 12.16
C ILE E 108 -25.62 40.55 13.01
N PHE E 109 -24.67 39.78 13.52
CA PHE E 109 -23.65 40.27 14.45
C PHE E 109 -22.26 40.26 13.82
N ILE E 110 -21.78 41.44 13.46
CA ILE E 110 -20.44 41.60 12.89
C ILE E 110 -19.46 41.87 14.03
N TYR E 111 -18.43 41.04 14.13
CA TYR E 111 -17.39 41.21 15.14
C TYR E 111 -16.11 41.67 14.45
N GLN E 112 -15.11 42.03 15.25
CA GLN E 112 -13.88 42.58 14.71
C GLN E 112 -12.76 41.55 14.57
N ASN E 113 -12.39 40.88 15.66
CA ASN E 113 -11.23 40.01 15.61
C ASN E 113 -11.54 38.53 15.79
N ASN E 114 -12.31 38.15 16.81
CA ASN E 114 -12.57 36.74 17.05
C ASN E 114 -13.80 36.61 17.93
N ILE E 115 -14.27 35.37 18.08
CA ILE E 115 -15.32 35.00 19.02
C ILE E 115 -14.86 33.78 19.80
N THR E 116 -14.83 33.90 21.13
CA THR E 116 -14.35 32.81 21.97
C THR E 116 -15.29 31.61 21.87
N PRO E 117 -14.75 30.37 21.87
CA PRO E 117 -15.61 29.17 21.78
C PRO E 117 -16.66 29.06 22.89
N SER E 118 -16.38 29.61 24.07
CA SER E 118 -17.36 29.63 25.15
C SER E 118 -18.54 30.53 24.79
N ALA E 119 -18.25 31.71 24.24
CA ALA E 119 -19.29 32.61 23.78
C ALA E 119 -20.01 32.08 22.55
N ASN E 120 -19.39 31.19 21.79
CA ASN E 120 -20.02 30.63 20.60
C ASN E 120 -21.18 29.69 20.96
N LYS E 121 -21.26 29.21 22.20
CA LYS E 121 -22.40 28.37 22.57
C LYS E 121 -23.62 29.19 22.97
N MET E 122 -23.46 30.48 23.25
CA MET E 122 -24.58 31.38 23.53
C MET E 122 -25.43 31.74 22.30
N ILE E 123 -25.09 31.23 21.13
CA ILE E 123 -25.76 31.59 19.88
C ILE E 123 -27.04 30.77 19.64
N PRO E 124 -27.08 29.44 19.77
CA PRO E 124 -28.36 28.75 19.54
C PRO E 124 -29.29 28.71 20.75
N THR E 125 -28.96 29.35 21.87
CA THR E 125 -29.81 29.35 23.05
C THR E 125 -30.82 30.49 23.09
N VAL E 126 -31.13 31.11 21.96
CA VAL E 126 -31.82 32.39 21.94
C VAL E 126 -32.92 32.27 20.88
N SER E 127 -33.29 31.03 20.59
CA SER E 127 -34.34 30.70 19.62
C SER E 127 -35.72 31.13 20.16
N PRO E 128 -36.74 31.27 19.28
CA PRO E 128 -36.87 31.11 17.82
C PRO E 128 -36.26 32.25 17.00
N ALA E 129 -35.66 33.22 17.70
CA ALA E 129 -34.88 34.24 17.04
C ALA E 129 -33.58 33.62 16.53
N ILE E 130 -33.07 34.12 15.42
CA ILE E 130 -31.92 33.50 14.77
C ILE E 130 -30.78 34.51 14.87
N ILE E 131 -29.64 34.06 15.38
CA ILE E 131 -28.45 34.91 15.44
C ILE E 131 -27.42 34.37 14.47
N GLU E 132 -26.90 35.23 13.60
CA GLU E 132 -25.83 34.91 12.67
C GLU E 132 -24.65 35.84 12.92
N THR E 133 -23.44 35.30 12.86
CA THR E 133 -22.23 36.06 13.11
C THR E 133 -21.33 36.11 11.88
N PHE E 134 -20.64 37.23 11.70
CA PHE E 134 -19.70 37.38 10.60
C PHE E 134 -18.45 38.09 11.07
N GLN E 135 -17.30 37.59 10.63
CA GLN E 135 -16.05 38.29 10.81
C GLN E 135 -15.92 39.42 9.80
N GLU E 136 -15.51 40.61 10.28
CA GLU E 136 -15.46 41.81 9.45
C GLU E 136 -14.56 41.65 8.23
N SER E 137 -13.48 40.87 8.34
CA SER E 137 -12.62 40.57 7.20
C SER E 137 -13.41 39.93 6.06
N ASP E 138 -14.23 38.91 6.38
CA ASP E 138 -14.94 38.12 5.38
C ASP E 138 -15.94 38.91 4.56
N LEU E 139 -16.25 40.14 4.93
CA LEU E 139 -17.27 40.92 4.23
C LEU E 139 -16.69 42.05 3.41
N VAL E 140 -15.37 42.25 3.45
CA VAL E 140 -14.72 43.31 2.68
C VAL E 140 -15.00 43.17 1.19
N VAL E 141 -15.04 41.94 0.68
CA VAL E 141 -15.46 41.68 -0.69
C VAL E 141 -16.77 40.90 -0.66
N ASN E 142 -17.72 41.32 -1.48
CA ASN E 142 -18.97 40.60 -1.63
C ASN E 142 -18.69 39.48 -2.61
N ILE E 143 -18.60 38.25 -2.09
CA ILE E 143 -18.18 37.11 -2.88
C ILE E 143 -19.16 36.76 -4.00
N THR E 144 -20.45 37.10 -3.86
CA THR E 144 -21.39 36.78 -4.93
C THR E 144 -21.18 37.57 -6.22
N HIS E 145 -20.34 38.60 -6.22
CA HIS E 145 -20.04 39.28 -7.46
C HIS E 145 -18.93 38.61 -8.25
N HIS E 146 -18.39 37.51 -7.75
CA HIS E 146 -17.30 36.83 -8.41
C HIS E 146 -17.83 36.07 -9.62
N GLU E 147 -17.02 36.03 -10.69
CA GLU E 147 -17.31 35.24 -11.89
C GLU E 147 -17.73 33.81 -11.57
N LEU E 148 -17.03 33.16 -10.66
CA LEU E 148 -17.26 31.75 -10.45
C LEU E 148 -18.49 31.45 -9.60
N VAL E 149 -19.11 32.45 -8.99
CA VAL E 149 -20.29 32.23 -8.16
C VAL E 149 -21.57 32.59 -8.90
N PRO E 150 -22.32 31.62 -9.39
CA PRO E 150 -23.60 31.92 -10.03
C PRO E 150 -24.66 32.36 -9.04
N LYS E 151 -25.73 32.98 -9.57
CA LYS E 151 -26.79 33.57 -8.76
C LYS E 151 -27.61 32.51 -8.05
N HIS E 152 -27.58 32.54 -6.71
CA HIS E 152 -28.41 31.69 -5.87
C HIS E 152 -29.73 32.36 -5.51
N ILE E 153 -30.84 31.64 -5.68
CA ILE E 153 -32.17 32.13 -5.36
C ILE E 153 -32.85 31.08 -4.50
N ARG E 154 -33.30 31.46 -3.29
CA ARG E 154 -33.96 30.48 -2.43
C ARG E 154 -35.35 30.16 -2.97
N LEU E 155 -35.70 28.88 -3.04
CA LEU E 155 -37.07 28.51 -3.42
C LEU E 155 -38.04 28.67 -2.26
N SER E 156 -39.23 29.14 -2.56
CA SER E 156 -40.33 29.15 -1.60
C SER E 156 -40.83 27.75 -1.31
N ASP E 157 -41.57 27.64 -0.19
CA ASP E 157 -42.13 26.36 0.23
C ASP E 157 -43.08 25.75 -0.79
N GLY E 158 -43.87 26.57 -1.47
CA GLY E 158 -44.75 26.03 -2.50
C GLY E 158 -43.98 25.53 -3.71
N GLU E 159 -42.97 26.30 -4.14
CA GLU E 159 -42.14 25.88 -5.26
C GLU E 159 -41.37 24.62 -4.95
N LYS E 160 -40.85 24.51 -3.73
CA LYS E 160 -40.13 23.31 -3.29
C LYS E 160 -41.00 22.06 -3.36
N SER E 161 -42.20 22.11 -2.78
CA SER E 161 -43.12 20.97 -2.84
C SER E 161 -43.44 20.56 -4.26
N GLN E 162 -43.65 21.54 -5.14
CA GLN E 162 -43.92 21.25 -6.55
C GLN E 162 -42.74 20.56 -7.20
N LEU E 163 -41.52 20.97 -6.83
CA LEU E 163 -40.30 20.37 -7.37
C LEU E 163 -40.16 18.90 -6.98
N LEU E 164 -40.37 18.58 -5.70
CA LEU E 164 -40.18 17.22 -5.21
C LEU E 164 -41.13 16.26 -5.89
N GLN E 165 -42.35 16.70 -6.19
CA GLN E 165 -43.31 15.80 -6.83
C GLN E 165 -42.94 15.55 -8.27
N ARG E 166 -42.43 16.57 -8.97
CA ARG E 166 -42.06 16.41 -10.38
C ARG E 166 -40.98 15.36 -10.56
N TYR E 167 -40.01 15.30 -9.64
CA TYR E 167 -38.97 14.28 -9.72
C TYR E 167 -39.24 13.07 -8.84
N LYS E 168 -40.37 13.04 -8.13
CA LYS E 168 -40.73 11.97 -7.19
C LYS E 168 -39.61 11.63 -6.19
N LEU E 169 -39.13 12.67 -5.53
CA LEU E 169 -37.94 12.66 -4.70
C LEU E 169 -38.28 12.70 -3.23
N LYS E 170 -37.54 11.94 -2.43
CA LYS E 170 -37.40 12.31 -1.04
C LYS E 170 -36.43 13.48 -0.91
N GLU E 171 -36.55 14.21 0.21
CA GLU E 171 -35.72 15.38 0.45
C GLU E 171 -34.24 15.03 0.54
N SER E 172 -33.95 13.87 1.10
CA SER E 172 -32.57 13.42 1.30
C SER E 172 -31.83 12.97 0.04
N GLN E 173 -32.47 13.10 -1.11
CA GLN E 173 -31.85 12.71 -2.38
C GLN E 173 -31.29 13.85 -3.19
N LEU E 174 -31.53 15.10 -2.78
CA LEU E 174 -31.01 16.22 -3.54
C LEU E 174 -29.54 16.44 -3.19
N PRO E 175 -28.73 17.01 -4.08
CA PRO E 175 -27.40 17.49 -3.67
C PRO E 175 -27.46 18.47 -2.53
N ARG E 176 -26.36 18.55 -1.79
CA ARG E 176 -26.36 19.27 -0.53
C ARG E 176 -25.41 20.44 -0.54
N ILE E 177 -25.67 21.39 0.36
CA ILE E 177 -24.73 22.45 0.70
C ILE E 177 -24.65 22.58 2.21
N GLN E 178 -23.43 22.61 2.75
CA GLN E 178 -23.24 22.69 4.19
C GLN E 178 -23.67 24.06 4.69
N ARG E 179 -24.20 24.09 5.93
CA ARG E 179 -24.59 25.36 6.55
C ARG E 179 -23.46 26.38 6.64
N GLU E 180 -22.24 25.94 6.93
CA GLU E 180 -21.18 26.95 7.01
C GLU E 180 -20.59 27.38 5.68
N ASP E 181 -21.12 26.88 4.56
CA ASP E 181 -20.68 27.33 3.25
C ASP E 181 -20.90 28.84 3.12
N PRO E 182 -19.93 29.59 2.56
CA PRO E 182 -20.08 31.05 2.40
C PRO E 182 -21.34 31.55 1.72
N VAL E 183 -21.86 30.87 0.71
CA VAL E 183 -23.04 31.43 0.07
C VAL E 183 -24.31 31.08 0.86
N ALA E 184 -24.34 29.93 1.53
CA ALA E 184 -25.46 29.59 2.41
C ALA E 184 -25.56 30.55 3.60
N ARG E 185 -24.42 30.92 4.18
CA ARG E 185 -24.43 31.84 5.30
C ARG E 185 -24.87 33.22 4.88
N TYR E 186 -24.40 33.66 3.71
CA TYR E 186 -24.79 34.94 3.12
C TYR E 186 -26.30 35.04 2.98
N LEU E 187 -26.98 33.97 2.63
CA LEU E 187 -28.41 34.04 2.48
C LEU E 187 -29.16 33.74 3.77
N GLY E 188 -28.44 33.38 4.82
CA GLY E 188 -29.05 32.91 6.06
C GLY E 188 -29.94 31.69 5.89
N LEU E 189 -29.50 30.74 5.09
CA LEU E 189 -30.25 29.51 4.88
C LEU E 189 -30.36 28.67 6.15
N LYS E 190 -31.55 28.14 6.37
CA LYS E 190 -31.80 27.21 7.46
C LYS E 190 -32.03 25.83 6.87
N ARG E 191 -31.84 24.82 7.70
CA ARG E 191 -32.04 23.41 7.34
C ARG E 191 -33.39 23.15 6.69
N GLY E 192 -33.36 22.46 5.55
CA GLY E 192 -34.53 22.11 4.80
C GLY E 192 -34.84 23.02 3.63
N GLN E 193 -34.23 24.19 3.57
CA GLN E 193 -34.48 25.12 2.49
C GLN E 193 -33.63 24.81 1.27
N VAL E 194 -34.17 25.10 0.10
CA VAL E 194 -33.54 24.76 -1.17
C VAL E 194 -33.16 26.05 -1.89
N VAL E 195 -31.95 26.09 -2.45
CA VAL E 195 -31.56 27.15 -3.36
C VAL E 195 -31.65 26.62 -4.78
N LYS E 196 -32.05 27.49 -5.69
CA LYS E 196 -31.97 27.23 -7.11
C LYS E 196 -30.78 27.98 -7.69
N ILE E 197 -30.02 27.32 -8.54
CA ILE E 197 -28.77 27.86 -9.03
C ILE E 197 -28.82 27.78 -10.54
N ILE E 198 -28.93 28.93 -11.20
CA ILE E 198 -28.93 29.02 -12.64
C ILE E 198 -27.53 29.37 -13.08
N ARG E 199 -26.99 28.62 -14.03
CA ARG E 199 -25.55 28.54 -14.20
C ARG E 199 -25.25 28.53 -15.69
N ARG E 200 -24.18 29.23 -16.08
CA ARG E 200 -23.64 29.10 -17.43
C ARG E 200 -23.30 27.64 -17.74
N SER E 201 -23.49 27.26 -19.00
CA SER E 201 -23.09 25.96 -19.49
C SER E 201 -22.58 26.08 -20.91
N GLU E 202 -21.42 25.50 -21.19
CA GLU E 202 -20.89 25.59 -22.54
C GLU E 202 -21.54 24.62 -23.52
N THR E 203 -22.34 23.66 -23.06
CA THR E 203 -23.05 22.78 -23.98
C THR E 203 -24.50 23.16 -24.21
N SER E 204 -25.20 23.68 -23.21
CA SER E 204 -26.60 24.05 -23.41
C SER E 204 -26.88 25.53 -23.23
N GLY E 205 -25.91 26.34 -22.86
CA GLY E 205 -26.18 27.74 -22.61
C GLY E 205 -26.67 28.06 -21.22
N ARG E 206 -27.76 27.42 -20.79
CA ARG E 206 -28.32 27.76 -19.50
C ARG E 206 -28.70 26.45 -18.81
N TYR E 207 -28.49 26.34 -17.50
CA TYR E 207 -28.81 25.10 -16.82
C TYR E 207 -29.18 25.41 -15.38
N ALA E 208 -30.31 24.89 -14.92
CA ALA E 208 -30.77 25.12 -13.55
C ALA E 208 -30.41 23.95 -12.64
N SER E 209 -29.59 24.23 -11.63
CA SER E 209 -29.17 23.25 -10.63
C SER E 209 -29.85 23.55 -9.31
N TYR E 210 -30.30 22.53 -8.60
CA TYR E 210 -30.92 22.70 -7.29
C TYR E 210 -30.07 22.06 -6.22
N ARG E 211 -29.88 22.76 -5.09
CA ARG E 211 -29.27 22.21 -3.89
C ARG E 211 -30.09 22.50 -2.65
N ILE E 212 -30.11 21.55 -1.72
CA ILE E 212 -30.83 21.69 -0.47
C ILE E 212 -29.82 21.85 0.67
N CYS E 213 -30.16 22.72 1.63
CA CYS E 213 -29.25 23.07 2.70
C CYS E 213 -29.35 22.08 3.85
N LEU E 214 -28.21 21.60 4.34
CA LEU E 214 -28.30 20.80 5.54
C LEU E 214 -28.45 21.73 6.73
N GLU F 71 -51.83 0.68 -8.40
CA GLU F 71 -51.17 1.59 -7.48
C GLU F 71 -49.93 2.25 -8.10
N LEU F 72 -48.86 1.45 -8.26
CA LEU F 72 -47.66 1.93 -8.92
C LEU F 72 -47.87 2.23 -10.39
N ALA F 73 -48.83 1.56 -11.03
CA ALA F 73 -49.00 1.68 -12.48
C ALA F 73 -49.52 3.06 -12.86
N ILE F 74 -48.93 3.61 -13.92
CA ILE F 74 -49.26 4.93 -14.44
C ILE F 74 -50.20 4.76 -15.62
N LEU F 75 -51.30 5.51 -15.63
CA LEU F 75 -52.34 5.40 -16.64
C LEU F 75 -51.81 5.82 -18.00
N LYS F 76 -52.40 5.18 -19.04
CA LYS F 76 -51.99 5.35 -20.43
C LYS F 76 -51.94 6.81 -20.88
N GLU F 77 -52.90 7.63 -20.46
CA GLU F 77 -52.95 9.00 -20.92
C GLU F 77 -51.84 9.86 -20.30
N GLU F 78 -51.29 9.44 -19.17
CA GLU F 78 -50.29 10.18 -18.41
C GLU F 78 -48.88 9.62 -18.54
N ARG F 79 -48.60 8.83 -19.56
CA ARG F 79 -47.26 8.26 -19.74
C ARG F 79 -46.31 9.35 -20.22
N THR F 80 -45.15 9.45 -19.58
CA THR F 80 -44.19 10.50 -19.88
C THR F 80 -42.84 10.06 -20.45
N THR F 81 -42.51 8.78 -20.48
CA THR F 81 -41.19 8.43 -20.95
C THR F 81 -41.15 8.48 -22.48
N THR F 82 -39.94 8.38 -23.02
CA THR F 82 -39.70 8.63 -24.44
C THR F 82 -40.46 7.64 -25.32
N PRO F 83 -41.09 8.09 -26.41
CA PRO F 83 -41.76 7.16 -27.31
C PRO F 83 -40.88 6.44 -28.30
N TYR F 84 -39.57 6.58 -28.25
CA TYR F 84 -38.71 5.79 -29.14
C TYR F 84 -38.12 4.63 -28.39
N LEU F 85 -38.03 3.50 -29.09
CA LEU F 85 -37.34 2.34 -28.56
C LEU F 85 -35.85 2.62 -28.44
N THR F 86 -35.30 2.40 -27.25
CA THR F 86 -33.89 2.62 -26.99
C THR F 86 -33.08 1.44 -27.51
N LYS F 87 -31.78 1.64 -27.70
CA LYS F 87 -30.95 0.52 -28.16
C LYS F 87 -30.97 -0.64 -27.17
N TYR F 88 -31.07 -0.35 -25.87
CA TYR F 88 -31.09 -1.43 -24.89
C TYR F 88 -32.40 -2.18 -24.91
N GLU F 89 -33.52 -1.47 -25.04
CA GLU F 89 -34.81 -2.13 -25.15
C GLU F 89 -34.90 -2.99 -26.41
N ARG F 90 -34.32 -2.50 -27.52
CA ARG F 90 -34.35 -3.22 -28.79
C ARG F 90 -33.60 -4.54 -28.68
N ALA F 91 -32.39 -4.50 -28.12
CA ALA F 91 -31.55 -5.69 -27.97
C ALA F 91 -32.22 -6.75 -27.09
N ARG F 92 -32.84 -6.33 -26.00
CA ARG F 92 -33.51 -7.27 -25.12
C ARG F 92 -34.74 -7.89 -25.79
N ILE F 93 -35.52 -7.08 -26.51
CA ILE F 93 -36.71 -7.58 -27.20
C ILE F 93 -36.34 -8.60 -28.27
N LEU F 94 -35.32 -8.30 -29.07
CA LEU F 94 -34.90 -9.21 -30.13
C LEU F 94 -34.41 -10.52 -29.56
N GLY F 95 -33.57 -10.46 -28.52
CA GLY F 95 -33.07 -11.68 -27.91
C GLY F 95 -34.14 -12.52 -27.25
N THR F 96 -35.02 -11.90 -26.45
CA THR F 96 -36.09 -12.63 -25.79
C THR F 96 -37.02 -13.29 -26.80
N ARG F 97 -37.40 -12.56 -27.84
CA ARG F 97 -38.31 -13.12 -28.84
C ARG F 97 -37.64 -14.22 -29.64
N ALA F 98 -36.38 -14.02 -30.02
CA ALA F 98 -35.56 -15.08 -30.63
C ALA F 98 -35.56 -16.34 -29.80
N LEU F 99 -35.28 -16.21 -28.50
CA LEU F 99 -35.24 -17.34 -27.58
C LEU F 99 -36.57 -18.09 -27.58
N GLN F 100 -37.69 -17.37 -27.49
CA GLN F 100 -38.99 -18.01 -27.49
C GLN F 100 -39.28 -18.77 -28.79
N ILE F 101 -38.81 -18.24 -29.93
CA ILE F 101 -39.02 -18.91 -31.20
C ILE F 101 -38.24 -20.21 -31.26
N SER F 102 -37.01 -20.22 -30.76
CA SER F 102 -36.23 -21.45 -30.75
C SER F 102 -36.81 -22.50 -29.80
N MET F 103 -37.66 -22.11 -28.86
CA MET F 103 -38.38 -23.07 -28.04
C MET F 103 -39.75 -23.39 -28.60
N ASN F 104 -40.00 -23.01 -29.87
CA ASN F 104 -41.18 -23.36 -30.66
C ASN F 104 -42.45 -22.60 -30.24
N ALA F 105 -42.27 -21.33 -29.90
CA ALA F 105 -43.41 -20.44 -29.75
C ALA F 105 -44.03 -20.18 -31.13
N PRO F 106 -45.34 -20.01 -31.21
CA PRO F 106 -45.99 -19.63 -32.47
C PRO F 106 -45.44 -18.33 -33.04
N VAL F 107 -45.03 -18.38 -34.31
CA VAL F 107 -44.47 -17.21 -34.98
C VAL F 107 -45.62 -16.49 -35.68
N LEU F 108 -45.60 -15.15 -35.61
CA LEU F 108 -46.69 -14.32 -36.11
C LEU F 108 -46.48 -13.77 -37.52
N VAL F 109 -45.38 -14.07 -38.17
CA VAL F 109 -45.17 -13.62 -39.55
C VAL F 109 -44.90 -14.82 -40.42
N ASP F 110 -45.02 -14.60 -41.73
CA ASP F 110 -44.59 -15.62 -42.69
C ASP F 110 -43.08 -15.77 -42.68
N ILE F 111 -42.63 -17.00 -42.63
CA ILE F 111 -41.21 -17.36 -42.71
C ILE F 111 -40.93 -17.85 -44.13
N GLU F 112 -40.11 -17.10 -44.87
CA GLU F 112 -39.73 -17.56 -46.19
C GLU F 112 -38.42 -18.33 -46.15
N GLY F 113 -37.36 -17.73 -46.66
CA GLY F 113 -36.05 -18.34 -46.79
C GLY F 113 -35.18 -18.18 -45.57
N GLU F 114 -35.49 -17.18 -44.75
CA GLU F 114 -34.66 -16.82 -43.60
C GLU F 114 -35.13 -17.54 -42.36
N THR F 115 -34.38 -18.58 -41.97
CA THR F 115 -34.82 -19.51 -40.94
C THR F 115 -34.04 -19.43 -39.64
N ASP F 116 -32.99 -18.60 -39.55
CA ASP F 116 -32.30 -18.40 -38.28
C ASP F 116 -33.26 -17.81 -37.24
N PRO F 117 -33.16 -18.22 -35.97
CA PRO F 117 -34.01 -17.61 -34.93
C PRO F 117 -33.93 -16.10 -34.82
N LEU F 118 -32.72 -15.54 -34.87
CA LEU F 118 -32.55 -14.09 -34.80
C LEU F 118 -33.16 -13.38 -36.00
N GLN F 119 -33.08 -14.00 -37.18
CA GLN F 119 -33.61 -13.38 -38.39
C GLN F 119 -35.12 -13.28 -38.37
N ILE F 120 -35.79 -14.35 -37.91
CA ILE F 120 -37.25 -14.34 -37.80
C ILE F 120 -37.69 -13.27 -36.81
N ALA F 121 -37.00 -13.15 -35.68
CA ALA F 121 -37.34 -12.14 -34.69
C ALA F 121 -37.15 -10.73 -35.24
N MET F 122 -36.07 -10.50 -35.99
CA MET F 122 -35.85 -9.21 -36.64
C MET F 122 -36.89 -8.91 -37.70
N LYS F 123 -37.40 -9.93 -38.38
CA LYS F 123 -38.46 -9.73 -39.34
C LYS F 123 -39.75 -9.29 -38.65
N GLU F 124 -40.11 -9.96 -37.55
CA GLU F 124 -41.29 -9.57 -36.77
C GLU F 124 -41.19 -8.14 -36.25
N LEU F 125 -40.00 -7.72 -35.82
CA LEU F 125 -39.82 -6.35 -35.33
C LEU F 125 -40.11 -5.32 -36.42
N SER F 126 -39.61 -5.56 -37.62
CA SER F 126 -39.78 -4.63 -38.73
C SER F 126 -41.23 -4.46 -39.16
N GLN F 127 -42.08 -5.43 -38.89
CA GLN F 127 -43.49 -5.33 -39.23
C GLN F 127 -44.37 -4.96 -38.04
N ARG F 128 -43.76 -4.55 -36.93
CA ARG F 128 -44.46 -4.17 -35.69
C ARG F 128 -45.37 -5.27 -35.13
N LYS F 129 -44.87 -6.51 -35.13
CA LYS F 129 -45.70 -7.67 -34.76
C LYS F 129 -45.19 -8.45 -33.56
N ILE F 130 -44.23 -7.95 -32.81
CA ILE F 130 -43.77 -8.61 -31.58
C ILE F 130 -44.73 -8.41 -30.41
N PRO F 131 -45.30 -9.48 -29.85
CA PRO F 131 -46.33 -9.40 -28.80
C PRO F 131 -45.82 -9.23 -27.37
N LEU F 132 -44.97 -8.23 -27.15
CA LEU F 132 -44.40 -8.02 -25.83
C LEU F 132 -44.62 -6.58 -25.35
N VAL F 133 -44.54 -6.42 -24.04
CA VAL F 133 -44.75 -5.13 -23.37
C VAL F 133 -43.51 -4.84 -22.56
N ILE F 134 -42.97 -3.64 -22.71
CA ILE F 134 -41.89 -3.15 -21.87
C ILE F 134 -42.44 -2.54 -20.60
N ARG F 135 -41.93 -3.00 -19.47
CA ARG F 135 -42.24 -2.38 -18.19
C ARG F 135 -41.04 -1.53 -17.82
N ARG F 136 -41.12 -0.23 -18.05
CA ARG F 136 -39.99 0.66 -17.78
C ARG F 136 -40.07 1.15 -16.35
N TYR F 137 -39.12 0.77 -15.52
CA TYR F 137 -39.12 1.23 -14.15
C TYR F 137 -38.52 2.62 -14.08
N LEU F 138 -39.19 3.50 -13.40
CA LEU F 138 -38.77 4.84 -13.02
C LEU F 138 -38.04 4.76 -11.68
N PRO F 139 -37.21 5.77 -11.33
CA PRO F 139 -36.43 5.70 -10.08
C PRO F 139 -37.19 5.44 -8.78
N ASP F 140 -38.43 5.92 -8.65
CA ASP F 140 -39.16 5.70 -7.41
C ASP F 140 -39.80 4.32 -7.31
N GLY F 141 -39.71 3.52 -8.35
CA GLY F 141 -40.31 2.21 -8.35
C GLY F 141 -41.59 2.11 -9.15
N SER F 142 -42.26 3.22 -9.42
CA SER F 142 -43.40 3.21 -10.32
C SER F 142 -42.95 2.89 -11.74
N TYR F 143 -43.92 2.63 -12.62
CA TYR F 143 -43.55 2.13 -13.92
C TYR F 143 -44.62 2.46 -14.94
N GLU F 144 -44.19 2.59 -16.19
CA GLU F 144 -45.08 2.74 -17.33
C GLU F 144 -44.93 1.50 -18.19
N ASP F 145 -46.03 0.81 -18.46
CA ASP F 145 -46.02 -0.27 -19.43
C ASP F 145 -46.20 0.28 -20.84
N TRP F 146 -45.28 -0.06 -21.74
CA TRP F 146 -45.38 0.28 -23.16
C TRP F 146 -45.33 -0.98 -24.00
N GLY F 147 -46.32 -1.18 -24.86
CA GLY F 147 -46.25 -2.29 -25.78
C GLY F 147 -45.26 -2.01 -26.90
N CYS F 148 -44.57 -3.06 -27.37
CA CYS F 148 -43.69 -2.91 -28.53
C CYS F 148 -44.45 -2.65 -29.82
N ASP F 149 -45.75 -2.92 -29.85
CA ASP F 149 -46.56 -2.52 -30.98
C ASP F 149 -46.72 -1.00 -31.08
N GLU F 150 -46.64 -0.27 -29.98
CA GLU F 150 -46.87 1.16 -30.10
C GLU F 150 -45.60 2.02 -30.07
N LEU F 151 -44.49 1.50 -29.58
CA LEU F 151 -43.26 2.28 -29.60
C LEU F 151 -42.66 2.40 -31.00
N ILE F 152 -42.22 3.61 -31.32
CA ILE F 152 -41.67 3.89 -32.64
C ILE F 152 -40.25 3.38 -32.70
N VAL F 153 -39.94 2.57 -33.70
CA VAL F 153 -38.59 2.07 -33.93
C VAL F 153 -37.99 2.83 -35.08
N ASP F 154 -36.79 3.35 -34.89
CA ASP F 154 -36.11 4.03 -35.99
C ASP F 154 -35.79 3.10 -37.16
N MET G 1 -64.00 -25.59 9.70
CA MET G 1 -64.53 -24.24 9.86
C MET G 1 -64.28 -23.55 8.53
N PHE G 2 -65.35 -23.10 7.86
CA PHE G 2 -65.25 -22.56 6.51
C PHE G 2 -64.93 -21.07 6.49
N PHE G 3 -64.07 -20.68 5.56
CA PHE G 3 -63.74 -19.28 5.31
C PHE G 3 -63.68 -19.03 3.82
N LEU G 4 -63.78 -17.76 3.45
CA LEU G 4 -63.39 -17.28 2.13
C LEU G 4 -62.03 -16.60 2.17
N LYS G 5 -61.09 -17.09 1.37
CA LYS G 5 -59.73 -16.58 1.33
C LYS G 5 -59.32 -16.15 -0.06
N ASP G 6 -58.68 -14.97 -0.10
CA ASP G 6 -58.10 -14.42 -1.31
C ASP G 6 -56.66 -14.94 -1.40
N LEU G 7 -56.41 -15.84 -2.34
CA LEU G 7 -55.12 -16.51 -2.46
C LEU G 7 -54.47 -16.17 -3.79
N SER G 8 -53.24 -16.65 -3.94
CA SER G 8 -52.56 -16.49 -5.21
C SER G 8 -51.55 -17.60 -5.39
N LEU G 9 -51.28 -17.89 -6.65
CA LEU G 9 -50.41 -18.99 -7.06
C LEU G 9 -49.48 -18.52 -8.16
N ILE G 10 -48.20 -18.83 -8.02
CA ILE G 10 -47.22 -18.53 -9.05
C ILE G 10 -47.26 -19.67 -10.05
N LEU G 11 -47.56 -19.34 -11.30
CA LEU G 11 -47.62 -20.28 -12.40
C LEU G 11 -46.54 -19.97 -13.42
N THR G 12 -45.79 -20.99 -13.80
CA THR G 12 -44.77 -20.86 -14.83
C THR G 12 -45.27 -21.52 -16.11
N LEU G 13 -45.21 -20.78 -17.20
CA LEU G 13 -45.77 -21.20 -18.48
C LEU G 13 -44.66 -21.38 -19.50
N HIS G 14 -44.64 -22.53 -20.15
CA HIS G 14 -43.65 -22.76 -21.18
C HIS G 14 -44.03 -21.95 -22.42
N PRO G 15 -43.04 -21.42 -23.16
CA PRO G 15 -43.35 -20.53 -24.30
C PRO G 15 -44.22 -21.13 -25.40
N SER G 16 -44.19 -22.44 -25.59
CA SER G 16 -45.04 -23.11 -26.58
C SER G 16 -46.54 -23.03 -26.29
N TYR G 17 -46.94 -22.52 -25.13
CA TYR G 17 -48.33 -22.31 -24.75
C TYR G 17 -48.81 -20.89 -25.01
N PHE G 18 -48.01 -20.08 -25.70
CA PHE G 18 -48.32 -18.66 -25.94
C PHE G 18 -49.28 -18.45 -27.11
N GLY G 19 -50.55 -18.80 -26.89
CA GLY G 19 -51.52 -18.71 -27.94
C GLY G 19 -52.70 -17.84 -27.53
N PRO G 20 -53.71 -17.74 -28.39
CA PRO G 20 -54.82 -16.81 -28.13
C PRO G 20 -55.74 -17.22 -27.00
N GLN G 21 -55.70 -18.46 -26.54
CA GLN G 21 -56.52 -18.96 -25.43
C GLN G 21 -55.68 -19.23 -24.19
N MET G 22 -54.64 -18.42 -24.01
CA MET G 22 -53.65 -18.61 -22.97
C MET G 22 -54.30 -18.54 -21.60
N ASN G 23 -55.14 -17.52 -21.40
CA ASN G 23 -55.81 -17.29 -20.14
C ASN G 23 -56.75 -18.44 -19.79
N GLN G 24 -57.45 -18.97 -20.80
CA GLN G 24 -58.37 -20.08 -20.55
C GLN G 24 -57.62 -21.33 -20.14
N TYR G 25 -56.46 -21.59 -20.77
CA TYR G 25 -55.59 -22.68 -20.33
C TYR G 25 -55.18 -22.50 -18.87
N LEU G 26 -54.84 -21.27 -18.49
CA LEU G 26 -54.37 -20.99 -17.12
C LEU G 26 -55.48 -21.19 -16.12
N ARG G 27 -56.71 -20.86 -16.51
CA ARG G 27 -57.84 -21.03 -15.61
C ARG G 27 -58.08 -22.49 -15.32
N GLU G 28 -58.02 -23.34 -16.37
CA GLU G 28 -58.08 -24.78 -16.18
C GLU G 28 -56.89 -25.28 -15.37
N LYS G 29 -55.70 -24.72 -15.63
CA LYS G 29 -54.49 -25.13 -14.94
C LYS G 29 -54.54 -24.84 -13.45
N LEU G 30 -55.00 -23.64 -13.08
CA LEU G 30 -55.18 -23.27 -11.68
C LEU G 30 -56.09 -24.23 -10.92
N LEU G 31 -57.23 -24.55 -11.51
CA LEU G 31 -58.23 -25.40 -10.86
C LEU G 31 -57.73 -26.83 -10.66
N THR G 32 -57.09 -27.40 -11.68
CA THR G 32 -56.53 -28.76 -11.58
C THR G 32 -55.50 -28.88 -10.47
N ASP G 33 -54.75 -27.82 -10.20
CA ASP G 33 -53.63 -27.88 -9.28
C ASP G 33 -54.03 -27.56 -7.85
N VAL G 34 -55.12 -26.82 -7.64
CA VAL G 34 -55.44 -26.23 -6.35
C VAL G 34 -56.65 -26.90 -5.70
N GLU G 35 -57.64 -27.30 -6.49
CA GLU G 35 -58.89 -27.84 -5.94
C GLU G 35 -58.69 -29.23 -5.35
N GLY G 36 -59.11 -29.39 -4.09
CA GLY G 36 -59.01 -30.65 -3.39
C GLY G 36 -57.73 -30.84 -2.59
N THR G 37 -56.74 -29.98 -2.79
CA THR G 37 -55.47 -30.06 -2.08
C THR G 37 -55.57 -29.41 -0.70
N CYS G 38 -54.69 -29.83 0.19
CA CYS G 38 -54.65 -29.38 1.57
C CYS G 38 -53.30 -28.80 1.91
N THR G 39 -53.30 -27.74 2.72
CA THR G 39 -52.09 -27.17 3.31
C THR G 39 -52.37 -26.86 4.78
N GLY G 40 -51.35 -27.00 5.61
CA GLY G 40 -51.46 -26.65 7.02
C GLY G 40 -51.71 -25.18 7.30
N GLN G 41 -51.39 -24.30 6.35
CA GLN G 41 -51.51 -22.86 6.56
C GLN G 41 -52.94 -22.37 6.42
N PHE G 42 -53.68 -22.92 5.45
CA PHE G 42 -55.07 -22.55 5.19
C PHE G 42 -56.09 -23.66 5.37
N GLY G 43 -55.70 -24.92 5.29
CA GLY G 43 -56.64 -26.03 5.34
C GLY G 43 -56.90 -26.63 3.97
N TYR G 44 -58.06 -27.28 3.87
CA TYR G 44 -58.49 -27.81 2.58
C TYR G 44 -59.07 -26.68 1.74
N ILE G 45 -58.64 -26.59 0.50
CA ILE G 45 -59.23 -25.67 -0.47
C ILE G 45 -60.36 -26.38 -1.20
N VAL G 46 -61.59 -26.03 -0.88
CA VAL G 46 -62.74 -26.81 -1.34
C VAL G 46 -63.09 -26.47 -2.78
N THR G 47 -63.50 -25.23 -3.03
CA THR G 47 -63.77 -24.75 -4.38
C THR G 47 -63.32 -23.29 -4.51
N VAL G 48 -62.87 -22.94 -5.71
CA VAL G 48 -62.44 -21.58 -6.03
C VAL G 48 -63.62 -20.81 -6.59
N LEU G 49 -63.82 -19.59 -6.10
CA LEU G 49 -64.92 -18.74 -6.56
C LEU G 49 -64.57 -18.06 -7.88
N ASP G 50 -65.56 -18.05 -8.79
CA ASP G 50 -65.56 -17.27 -10.03
C ASP G 50 -64.38 -17.65 -10.93
N GLY G 51 -64.21 -18.97 -11.11
CA GLY G 51 -63.01 -19.48 -11.75
C GLY G 51 -62.85 -19.03 -13.19
N MET G 52 -63.96 -18.98 -13.94
CA MET G 52 -63.88 -18.64 -15.34
C MET G 52 -63.66 -17.15 -15.59
N ASN G 53 -63.72 -16.31 -14.56
CA ASN G 53 -63.49 -14.88 -14.71
C ASN G 53 -62.27 -14.35 -13.98
N ILE G 54 -61.36 -15.21 -13.51
CA ILE G 54 -60.20 -14.73 -12.77
C ILE G 54 -59.27 -13.89 -13.65
N ASP G 55 -58.88 -12.73 -13.12
CA ASP G 55 -57.93 -11.82 -13.77
C ASP G 55 -56.52 -12.25 -13.40
N VAL G 56 -55.78 -12.79 -14.37
CA VAL G 56 -54.43 -13.31 -14.13
C VAL G 56 -53.32 -12.27 -14.16
N GLY G 57 -53.59 -11.05 -14.58
CA GLY G 57 -52.52 -10.06 -14.63
C GLY G 57 -51.63 -10.29 -15.83
N LYS G 58 -50.45 -9.67 -15.80
CA LYS G 58 -49.47 -9.87 -16.86
C LYS G 58 -48.36 -10.79 -16.41
N GLY G 59 -47.87 -11.60 -17.37
CA GLY G 59 -46.80 -12.53 -17.10
C GLY G 59 -45.40 -11.96 -17.23
N ARG G 60 -44.61 -12.15 -16.18
CA ARG G 60 -43.20 -11.79 -16.20
C ARG G 60 -42.35 -12.85 -16.88
N ILE G 61 -41.60 -12.45 -17.89
CA ILE G 61 -40.66 -13.32 -18.60
C ILE G 61 -39.41 -13.52 -17.75
N ILE G 62 -39.04 -14.77 -17.51
CA ILE G 62 -37.84 -15.08 -16.74
C ILE G 62 -36.57 -14.87 -17.56
N PRO G 63 -35.67 -13.97 -17.14
CA PRO G 63 -34.41 -13.78 -17.88
C PRO G 63 -33.59 -15.05 -17.99
N GLY G 64 -33.18 -15.39 -19.21
CA GLY G 64 -32.31 -16.52 -19.43
C GLY G 64 -33.00 -17.84 -19.71
N SER G 65 -34.31 -17.93 -19.50
CA SER G 65 -35.02 -19.19 -19.72
C SER G 65 -36.23 -19.07 -20.63
N GLY G 66 -36.73 -17.87 -20.89
CA GLY G 66 -37.82 -17.74 -21.84
C GLY G 66 -39.21 -18.00 -21.31
N SER G 67 -39.35 -18.86 -20.30
CA SER G 67 -40.65 -19.17 -19.72
C SER G 67 -41.25 -17.95 -19.05
N ALA G 68 -42.58 -17.96 -18.91
CA ALA G 68 -43.33 -16.83 -18.38
C ALA G 68 -43.95 -17.17 -17.03
N GLU G 69 -43.92 -16.18 -16.15
CA GLU G 69 -44.41 -16.31 -14.77
C GLU G 69 -45.65 -15.45 -14.56
N PHE G 70 -46.76 -16.10 -14.22
CA PHE G 70 -48.01 -15.42 -13.89
C PHE G 70 -48.26 -15.53 -12.40
N GLU G 71 -48.74 -14.44 -11.82
CA GLU G 71 -49.27 -14.46 -10.46
C GLU G 71 -50.78 -14.40 -10.58
N VAL G 72 -51.42 -15.56 -10.40
CA VAL G 72 -52.87 -15.68 -10.54
C VAL G 72 -53.47 -15.40 -9.17
N LYS G 73 -54.04 -14.22 -9.01
CA LYS G 73 -54.74 -13.89 -7.78
C LYS G 73 -56.14 -14.46 -7.89
N TYR G 74 -56.65 -15.04 -6.81
CA TYR G 74 -57.95 -15.68 -6.87
C TYR G 74 -58.62 -15.69 -5.50
N ARG G 75 -59.87 -16.15 -5.49
CA ARG G 75 -60.67 -16.25 -4.27
C ARG G 75 -61.27 -17.64 -4.17
N ALA G 76 -61.12 -18.29 -3.02
CA ALA G 76 -61.58 -19.66 -2.85
C ALA G 76 -62.38 -19.85 -1.56
N VAL G 77 -63.16 -20.92 -1.55
CA VAL G 77 -63.75 -21.48 -0.33
C VAL G 77 -62.72 -22.40 0.33
N VAL G 78 -62.34 -22.11 1.56
CA VAL G 78 -61.36 -22.96 2.23
C VAL G 78 -61.96 -23.54 3.49
N TRP G 79 -61.48 -24.73 3.86
CA TRP G 79 -61.90 -25.43 5.06
C TRP G 79 -60.72 -25.82 5.94
N LYS G 80 -60.60 -25.18 7.10
CA LYS G 80 -59.62 -25.57 8.08
C LYS G 80 -60.31 -25.79 9.41
N PRO G 81 -60.07 -26.90 10.10
CA PRO G 81 -60.62 -27.07 11.44
C PRO G 81 -59.72 -26.39 12.47
N PHE G 82 -60.25 -26.22 13.67
CA PHE G 82 -59.50 -25.51 14.71
C PHE G 82 -59.66 -26.20 16.05
N LYS G 83 -58.57 -26.18 16.82
CA LYS G 83 -58.58 -26.61 18.20
C LYS G 83 -59.48 -25.72 19.05
N GLY G 84 -60.40 -26.36 19.79
CA GLY G 84 -61.37 -25.68 20.61
C GLY G 84 -62.74 -25.63 20.00
N GLU G 85 -62.82 -25.85 18.70
CA GLU G 85 -64.07 -25.71 17.96
C GLU G 85 -64.92 -26.96 18.23
N VAL G 86 -66.16 -26.76 18.63
CA VAL G 86 -67.07 -27.88 18.80
C VAL G 86 -67.77 -28.09 17.46
N VAL G 87 -67.84 -29.35 17.03
CA VAL G 87 -68.40 -29.72 15.74
C VAL G 87 -69.16 -31.04 15.85
N ASP G 88 -70.07 -31.21 14.91
CA ASP G 88 -70.80 -32.45 14.68
C ASP G 88 -70.02 -33.32 13.69
N ALA G 89 -70.40 -34.59 13.61
CA ALA G 89 -69.64 -35.52 12.78
C ALA G 89 -70.47 -36.75 12.44
N ILE G 90 -69.94 -37.56 11.53
CA ILE G 90 -70.51 -38.85 11.13
C ILE G 90 -69.43 -39.90 11.31
N VAL G 91 -69.70 -40.91 12.15
CA VAL G 91 -68.71 -41.91 12.49
C VAL G 91 -68.44 -42.83 11.29
N SER G 92 -67.16 -43.04 11.00
CA SER G 92 -66.73 -43.88 9.89
C SER G 92 -66.35 -45.30 10.32
N ASN G 93 -65.75 -45.45 11.51
CA ASN G 93 -65.31 -46.74 12.04
C ASN G 93 -65.46 -46.73 13.54
N VAL G 94 -65.64 -47.91 14.12
CA VAL G 94 -65.62 -48.09 15.57
C VAL G 94 -64.63 -49.21 15.89
N SER G 95 -63.75 -48.97 16.86
CA SER G 95 -62.73 -49.95 17.17
C SER G 95 -62.47 -49.99 18.68
N PRO G 96 -61.73 -50.99 19.21
CA PRO G 96 -61.43 -51.01 20.66
C PRO G 96 -60.67 -49.78 21.18
N ILE G 97 -60.01 -49.00 20.32
CA ILE G 97 -59.23 -47.85 20.72
C ILE G 97 -60.01 -46.55 20.56
N GLY G 98 -61.29 -46.61 20.21
CA GLY G 98 -62.09 -45.42 20.02
C GLY G 98 -62.89 -45.45 18.73
N PHE G 99 -63.14 -44.29 18.12
CA PHE G 99 -63.82 -44.27 16.84
C PHE G 99 -63.19 -43.23 15.91
N PHE G 100 -63.50 -43.38 14.64
CA PHE G 100 -63.07 -42.46 13.59
C PHE G 100 -64.30 -41.80 12.99
N ALA G 101 -64.25 -40.49 12.83
CA ALA G 101 -65.42 -39.74 12.39
C ALA G 101 -65.06 -38.86 11.20
N ASP G 102 -65.85 -38.94 10.14
CA ASP G 102 -65.62 -38.16 8.92
C ASP G 102 -66.29 -36.81 9.08
N VAL G 103 -65.48 -35.75 9.18
CA VAL G 103 -66.04 -34.40 9.20
C VAL G 103 -65.68 -33.78 7.87
N GLY G 104 -66.45 -34.10 6.83
CA GLY G 104 -66.24 -33.54 5.52
C GLY G 104 -65.06 -34.24 4.88
N PRO G 105 -64.01 -33.46 4.59
CA PRO G 105 -62.83 -34.04 3.91
C PRO G 105 -62.08 -35.08 4.74
N LEU G 106 -61.83 -34.82 6.03
CA LEU G 106 -60.89 -35.60 6.81
C LEU G 106 -61.58 -36.43 7.89
N ASN G 107 -60.76 -37.14 8.65
CA ASN G 107 -61.19 -38.06 9.68
C ASN G 107 -60.55 -37.71 11.03
N VAL G 108 -61.34 -37.74 12.11
CA VAL G 108 -60.86 -37.38 13.45
C VAL G 108 -60.89 -38.63 14.33
N PHE G 109 -59.79 -38.86 15.08
CA PHE G 109 -59.67 -39.99 16.00
C PHE G 109 -59.89 -39.52 17.45
N VAL G 110 -60.84 -40.14 18.15
CA VAL G 110 -61.06 -39.93 19.58
C VAL G 110 -60.64 -41.19 20.35
N SER G 111 -59.69 -41.05 21.28
CA SER G 111 -59.18 -42.21 22.00
C SER G 111 -60.05 -42.59 23.21
N THR G 112 -59.81 -43.82 23.71
CA THR G 112 -60.61 -44.43 24.78
C THR G 112 -60.53 -43.76 26.14
N ARG G 113 -59.37 -43.20 26.53
CA ARG G 113 -59.33 -42.56 27.85
C ARG G 113 -60.09 -41.23 27.90
N LEU G 114 -60.45 -40.67 26.75
CA LEU G 114 -61.32 -39.51 26.67
C LEU G 114 -62.74 -39.86 26.25
N ILE G 115 -63.19 -41.09 26.50
CA ILE G 115 -64.57 -41.48 26.25
C ILE G 115 -65.18 -41.88 27.59
N PRO G 116 -66.38 -41.37 27.94
CA PRO G 116 -67.04 -41.77 29.20
C PRO G 116 -67.27 -43.26 29.36
N ASP G 117 -67.25 -43.71 30.62
CA ASP G 117 -67.25 -45.14 30.92
C ASP G 117 -68.55 -45.82 30.52
N ASN G 118 -69.69 -45.10 30.63
CA ASN G 118 -70.98 -45.75 30.34
C ASN G 118 -71.22 -46.02 28.86
N LEU G 119 -70.38 -45.51 27.96
CA LEU G 119 -70.53 -45.84 26.54
C LEU G 119 -69.67 -47.08 26.31
N VAL G 120 -70.32 -48.22 26.07
CA VAL G 120 -69.64 -49.49 26.01
C VAL G 120 -69.73 -50.02 24.58
N TYR G 121 -68.59 -50.42 24.03
CA TYR G 121 -68.54 -50.99 22.69
C TYR G 121 -69.23 -52.36 22.70
N ASN G 122 -70.23 -52.53 21.85
CA ASN G 122 -71.03 -53.76 21.84
C ASN G 122 -70.91 -54.43 20.47
N PRO G 123 -70.00 -55.39 20.30
CA PRO G 123 -69.90 -56.10 19.02
C PRO G 123 -71.03 -57.08 18.74
N SER G 124 -71.60 -57.71 19.78
CA SER G 124 -72.66 -58.71 19.58
C SER G 124 -73.94 -58.14 19.00
N ASN G 125 -74.24 -56.85 19.24
CA ASN G 125 -75.44 -56.23 18.70
C ASN G 125 -75.39 -56.24 17.17
N SER G 126 -76.55 -56.29 16.53
CA SER G 126 -76.65 -56.20 15.08
C SER G 126 -77.56 -55.05 14.67
N PRO G 127 -77.04 -53.97 14.07
CA PRO G 127 -75.64 -53.74 13.72
C PRO G 127 -74.80 -53.20 14.90
N PRO G 128 -73.46 -53.33 14.83
CA PRO G 128 -72.60 -52.89 15.95
C PRO G 128 -72.72 -51.40 16.21
N ALA G 129 -72.66 -51.03 17.49
CA ALA G 129 -72.89 -49.65 17.90
C ALA G 129 -72.34 -49.42 19.29
N TYR G 130 -72.21 -48.15 19.62
CA TYR G 130 -72.03 -47.71 21.00
C TYR G 130 -73.45 -47.46 21.51
N MET G 131 -73.85 -48.13 22.59
CA MET G 131 -75.26 -48.09 22.92
C MET G 131 -75.53 -47.63 24.34
N SER G 132 -76.72 -47.07 24.52
CA SER G 132 -77.27 -46.81 25.84
C SER G 132 -78.77 -47.10 25.77
N ASN G 133 -79.52 -46.59 26.73
CA ASN G 133 -80.99 -46.54 26.75
C ASN G 133 -81.43 -45.08 26.53
N ASP G 134 -81.69 -44.74 25.24
CA ASP G 134 -82.19 -43.52 24.57
C ASP G 134 -81.08 -42.87 23.77
N GLU G 135 -79.93 -43.52 23.72
CA GLU G 135 -78.78 -43.09 22.95
C GLU G 135 -78.51 -44.20 21.93
N LEU G 136 -77.98 -43.81 20.77
CA LEU G 136 -77.79 -44.77 19.70
C LEU G 136 -76.76 -44.17 18.76
N ILE G 137 -75.55 -44.72 18.79
CA ILE G 137 -74.46 -44.24 17.94
C ILE G 137 -74.16 -45.34 16.93
N THR G 138 -74.84 -45.29 15.80
CA THR G 138 -74.58 -46.14 14.65
C THR G 138 -73.99 -45.23 13.59
N LYS G 139 -73.56 -45.80 12.46
CA LYS G 139 -72.96 -44.99 11.41
C LYS G 139 -73.99 -43.98 10.91
N GLY G 140 -73.59 -42.72 10.85
CA GLY G 140 -74.52 -41.66 10.48
C GLY G 140 -75.23 -41.01 11.63
N SER G 141 -74.89 -41.35 12.86
CA SER G 141 -75.51 -40.78 14.05
C SER G 141 -74.87 -39.44 14.36
N LYS G 142 -75.69 -38.41 14.52
CA LYS G 142 -75.18 -37.12 14.95
C LYS G 142 -74.58 -37.23 16.34
N VAL G 143 -73.33 -36.79 16.47
CA VAL G 143 -72.56 -36.84 17.70
C VAL G 143 -71.95 -35.45 17.76
N ARG G 144 -71.68 -34.95 18.96
CA ARG G 144 -71.07 -33.65 19.13
C ARG G 144 -69.74 -33.75 19.86
N LEU G 145 -68.63 -33.41 19.19
CA LEU G 145 -67.33 -33.58 19.82
C LEU G 145 -66.60 -32.23 19.82
N LYS G 146 -65.45 -32.15 20.50
CA LYS G 146 -64.66 -30.92 20.55
C LYS G 146 -63.22 -31.21 20.16
N VAL G 147 -62.69 -30.45 19.19
CA VAL G 147 -61.31 -30.62 18.72
C VAL G 147 -60.33 -30.04 19.75
N VAL G 148 -59.51 -30.91 20.34
CA VAL G 148 -58.58 -30.57 21.42
C VAL G 148 -57.13 -30.54 20.96
N GLY G 149 -56.83 -30.84 19.71
CA GLY G 149 -55.45 -30.80 19.24
C GLY G 149 -55.33 -30.99 17.74
N THR G 150 -54.57 -30.12 17.08
CA THR G 150 -54.31 -30.19 15.64
C THR G 150 -52.83 -30.42 15.34
N ARG G 151 -52.56 -31.50 14.58
CA ARG G 151 -51.22 -31.89 14.15
C ARG G 151 -51.16 -31.70 12.64
N THR G 152 -50.00 -31.23 12.15
CA THR G 152 -49.86 -30.86 10.74
C THR G 152 -48.78 -31.68 10.05
N ASP G 153 -49.17 -32.37 8.99
CA ASP G 153 -48.34 -33.14 8.07
C ASP G 153 -48.09 -32.38 6.76
N VAL G 154 -48.53 -31.11 6.66
CA VAL G 154 -48.54 -30.21 5.49
C VAL G 154 -49.17 -30.79 4.20
N ASN G 155 -49.65 -32.03 4.25
CA ASN G 155 -50.26 -32.73 3.12
C ASN G 155 -51.70 -33.04 3.49
N GLU G 156 -51.91 -33.55 4.71
CA GLU G 156 -53.22 -33.75 5.28
C GLU G 156 -53.02 -33.40 6.74
N ILE G 157 -53.98 -32.75 7.36
CA ILE G 157 -53.80 -32.39 8.76
C ILE G 157 -54.60 -33.38 9.59
N TYR G 158 -54.14 -33.63 10.81
CA TYR G 158 -54.78 -34.58 11.72
C TYR G 158 -55.13 -33.94 13.05
N ALA G 159 -56.39 -34.11 13.41
CA ALA G 159 -57.01 -33.51 14.58
C ALA G 159 -57.54 -34.62 15.46
N ILE G 160 -57.33 -34.47 16.76
CA ILE G 160 -57.80 -35.41 17.77
C ILE G 160 -58.91 -34.76 18.60
N GLY G 161 -60.00 -35.51 18.77
CA GLY G 161 -61.16 -35.05 19.50
C GLY G 161 -61.30 -35.69 20.87
N SER G 162 -62.42 -35.36 21.50
CA SER G 162 -62.76 -35.80 22.84
C SER G 162 -64.27 -35.70 23.02
N ILE G 163 -64.85 -36.68 23.69
CA ILE G 163 -66.21 -36.61 24.18
C ILE G 163 -66.28 -36.71 25.70
N LYS G 164 -65.16 -36.44 26.36
CA LYS G 164 -65.01 -36.51 27.81
C LYS G 164 -65.43 -35.18 28.49
N GLU G 165 -66.49 -34.53 28.00
CA GLU G 165 -66.89 -33.24 28.56
C GLU G 165 -68.41 -33.13 28.50
N ASP G 166 -68.91 -32.04 29.09
CA ASP G 166 -70.34 -31.81 29.22
C ASP G 166 -71.01 -31.54 27.87
N PHE G 167 -72.22 -32.08 27.70
CA PHE G 167 -73.09 -31.88 26.54
C PHE G 167 -72.53 -32.47 25.25
N LEU G 168 -71.38 -33.14 25.28
CA LEU G 168 -70.88 -33.74 24.07
C LEU G 168 -71.24 -35.22 24.05
N GLY G 169 -71.61 -35.69 22.87
CA GLY G 169 -72.02 -37.06 22.61
C GLY G 169 -73.14 -37.06 21.60
N ALA G 170 -73.87 -38.18 21.58
CA ALA G 170 -75.04 -38.33 20.72
C ALA G 170 -76.17 -37.41 21.16
N ILE G 171 -77.03 -37.05 20.21
CA ILE G 171 -78.16 -36.17 20.50
C ILE G 171 -79.38 -36.74 19.79
N SER H 3 -22.56 22.42 -82.76
CA SER H 3 -22.62 21.12 -82.10
C SER H 3 -21.76 21.10 -80.84
N ALA H 4 -21.08 22.21 -80.59
CA ALA H 4 -20.26 22.40 -79.41
C ALA H 4 -20.72 23.62 -78.64
N LEU H 5 -20.25 23.72 -77.40
CA LEU H 5 -20.64 24.79 -76.51
C LEU H 5 -19.68 25.97 -76.50
N PHE H 6 -18.41 25.74 -76.76
CA PHE H 6 -17.41 26.80 -76.70
C PHE H 6 -16.28 26.45 -77.64
N ASP H 7 -15.67 27.48 -78.21
CA ASP H 7 -14.57 27.29 -79.16
C ASP H 7 -13.74 28.56 -79.16
N ASP H 8 -12.41 28.38 -79.21
CA ASP H 8 -11.48 29.50 -79.22
C ASP H 8 -10.07 28.97 -79.44
N ILE H 9 -9.13 29.90 -79.63
CA ILE H 9 -7.71 29.61 -79.79
C ILE H 9 -6.93 30.34 -78.71
N PHE H 10 -5.96 29.65 -78.10
CA PHE H 10 -5.25 30.17 -76.94
C PHE H 10 -3.74 30.20 -77.16
N THR H 11 -3.10 31.24 -76.65
CA THR H 11 -1.64 31.31 -76.60
C THR H 11 -1.15 30.94 -75.22
N VAL H 12 -0.21 30.01 -75.16
CA VAL H 12 0.33 29.52 -73.88
C VAL H 12 1.33 30.52 -73.35
N GLN H 13 1.04 31.08 -72.18
CA GLN H 13 1.98 32.02 -71.57
C GLN H 13 2.98 31.36 -70.63
N THR H 14 2.56 30.40 -69.80
CA THR H 14 3.47 29.74 -68.86
C THR H 14 3.21 28.25 -68.84
N VAL H 15 4.27 27.48 -68.63
CA VAL H 15 4.20 26.03 -68.48
C VAL H 15 5.00 25.72 -67.22
N ASP H 16 4.30 25.50 -66.12
CA ASP H 16 4.90 25.18 -64.84
C ASP H 16 5.08 23.67 -64.71
N ASN H 17 6.34 23.23 -64.62
CA ASN H 17 6.59 21.83 -64.30
C ASN H 17 6.65 21.65 -62.78
N GLY H 18 7.77 22.05 -62.17
CA GLY H 18 8.06 21.97 -60.75
C GLY H 18 7.64 20.71 -60.03
N ARG H 19 6.36 20.67 -59.62
CA ARG H 19 5.91 19.71 -58.62
C ARG H 19 6.00 18.28 -59.14
N TYR H 20 5.55 18.04 -60.37
CA TYR H 20 5.35 16.72 -60.91
C TYR H 20 6.17 16.51 -62.17
N ASN H 21 6.46 15.24 -62.44
CA ASN H 21 7.15 14.82 -63.65
C ASN H 21 6.24 14.59 -64.84
N LYS H 22 4.95 14.40 -64.63
CA LYS H 22 4.06 14.07 -65.73
C LYS H 22 2.90 15.04 -65.89
N VAL H 23 2.83 16.11 -65.11
CA VAL H 23 1.75 17.07 -65.24
C VAL H 23 2.38 18.46 -65.27
N SER H 24 1.84 19.32 -66.12
CA SER H 24 2.17 20.74 -66.18
C SER H 24 0.91 21.55 -66.18
N ARG H 25 0.98 22.71 -65.54
CA ARG H 25 -0.07 23.70 -65.54
C ARG H 25 0.19 24.73 -66.62
N ILE H 26 -0.82 25.04 -67.42
CA ILE H 26 -0.65 26.01 -68.48
C ILE H 26 -1.67 27.11 -68.23
N ILE H 27 -1.26 28.33 -68.54
CA ILE H 27 -2.15 29.48 -68.53
C ILE H 27 -2.24 30.02 -69.94
N GLY H 28 -3.44 30.39 -70.37
CA GLY H 28 -3.59 30.96 -71.69
C GLY H 28 -4.65 32.05 -71.71
N ILE H 29 -4.50 32.93 -72.69
CA ILE H 29 -5.45 34.01 -72.95
C ILE H 29 -5.88 33.90 -74.40
N SER H 30 -7.17 34.11 -74.65
CA SER H 30 -7.72 34.11 -76.00
C SER H 30 -7.04 35.14 -76.88
N THR H 31 -6.58 34.71 -78.05
CA THR H 31 -6.03 35.61 -79.06
C THR H 31 -7.03 36.66 -79.50
N THR H 32 -8.32 36.32 -79.55
CA THR H 32 -9.31 37.22 -80.14
C THR H 32 -10.05 38.05 -79.10
N ASN H 33 -9.93 37.72 -77.81
CA ASN H 33 -10.75 38.37 -76.80
C ASN H 33 -9.96 38.28 -75.49
N SER H 34 -9.32 39.37 -75.08
CA SER H 34 -8.68 39.40 -73.77
C SER H 34 -9.72 39.31 -72.66
N ALA H 35 -9.23 39.10 -71.43
CA ALA H 35 -10.00 38.83 -70.21
C ALA H 35 -10.75 37.51 -70.26
N ILE H 36 -10.48 36.67 -71.26
CA ILE H 36 -10.93 35.29 -71.28
C ILE H 36 -9.67 34.45 -71.05
N LYS H 37 -9.53 33.90 -69.86
CA LYS H 37 -8.33 33.19 -69.46
C LYS H 37 -8.65 31.73 -69.18
N LEU H 38 -7.69 30.86 -69.48
CA LEU H 38 -7.82 29.42 -69.31
C LEU H 38 -6.61 28.92 -68.52
N THR H 39 -6.87 28.30 -67.39
CA THR H 39 -5.83 27.59 -66.65
C THR H 39 -6.11 26.10 -66.69
N LEU H 40 -5.13 25.31 -67.14
CA LEU H 40 -5.38 23.90 -67.40
C LEU H 40 -4.16 23.06 -67.07
N ASP H 41 -4.38 22.02 -66.27
CA ASP H 41 -3.41 20.95 -66.09
C ASP H 41 -3.50 19.94 -67.24
N ILE H 42 -2.34 19.49 -67.73
CA ILE H 42 -2.29 18.51 -68.82
C ILE H 42 -1.14 17.54 -68.58
N ASN H 43 -1.27 16.36 -69.18
CA ASN H 43 -0.27 15.31 -69.07
C ASN H 43 0.86 15.64 -70.05
N ASN H 44 2.07 15.87 -69.51
CA ASN H 44 3.25 16.19 -70.31
C ASN H 44 3.58 15.15 -71.36
N GLU H 45 3.60 13.87 -70.99
CA GLU H 45 4.15 12.85 -71.86
C GLU H 45 3.25 12.53 -73.04
N MET H 46 1.97 12.79 -72.93
CA MET H 46 1.00 12.46 -73.95
C MET H 46 0.81 13.62 -74.89
N PHE H 47 0.94 14.84 -74.38
CA PHE H 47 0.66 16.04 -75.15
C PHE H 47 1.64 17.12 -74.69
N PRO H 48 2.90 17.04 -75.15
CA PRO H 48 3.89 18.03 -74.75
C PRO H 48 3.57 19.38 -75.35
N VAL H 49 3.57 20.39 -74.52
CA VAL H 49 3.30 21.75 -74.95
C VAL H 49 4.49 22.62 -74.59
N SER H 50 4.69 23.64 -75.41
CA SER H 50 5.72 24.63 -75.16
C SER H 50 5.04 25.98 -74.99
N GLN H 51 5.83 26.94 -74.54
CA GLN H 51 5.30 28.28 -74.37
C GLN H 51 5.10 28.91 -75.74
N ASP H 52 4.06 29.76 -75.85
CA ASP H 52 3.62 30.50 -77.03
C ASP H 52 2.93 29.61 -78.06
N ASP H 53 2.61 28.37 -77.72
CA ASP H 53 1.92 27.48 -78.64
C ASP H 53 0.47 27.90 -78.82
N SER H 54 -0.04 27.74 -80.03
CA SER H 54 -1.44 28.02 -80.35
C SER H 54 -2.25 26.74 -80.25
N LEU H 55 -3.33 26.77 -79.47
CA LEU H 55 -4.12 25.59 -79.16
C LEU H 55 -5.58 25.92 -79.37
N THR H 56 -6.27 25.12 -80.17
CA THR H 56 -7.71 25.24 -80.33
C THR H 56 -8.38 24.41 -79.25
N VAL H 57 -9.24 25.04 -78.46
CA VAL H 57 -9.85 24.40 -77.30
C VAL H 57 -11.35 24.43 -77.52
N THR H 58 -11.96 23.25 -77.59
CA THR H 58 -13.39 23.12 -77.73
C THR H 58 -13.97 22.45 -76.49
N LEU H 59 -15.14 22.92 -76.06
CA LEU H 59 -15.86 22.33 -74.93
C LEU H 59 -17.22 21.84 -75.39
N ALA H 60 -17.47 20.55 -75.24
CA ALA H 60 -18.72 19.95 -75.62
C ALA H 60 -19.29 19.22 -74.41
N ASN H 61 -20.60 18.98 -74.45
CA ASN H 61 -21.23 18.12 -73.46
C ASN H 61 -21.53 16.71 -73.99
N SER H 62 -21.11 16.41 -75.22
CA SER H 62 -21.31 15.11 -75.82
C SER H 62 -20.35 15.00 -76.99
N LEU H 63 -19.81 13.80 -77.22
CA LEU H 63 -18.98 13.57 -78.38
C LEU H 63 -19.72 12.94 -79.55
N SER H 64 -21.04 12.78 -79.45
CA SER H 64 -21.79 12.09 -80.48
C SER H 64 -22.18 13.07 -81.58
N LEU H 65 -21.81 12.75 -82.81
CA LEU H 65 -22.12 13.63 -83.95
C LEU H 65 -23.59 13.55 -84.33
N LYS H 76 -23.90 4.28 -70.42
CA LYS H 76 -23.18 4.91 -69.31
C LYS H 76 -21.91 4.18 -68.93
N SER H 77 -21.81 2.90 -69.29
CA SER H 77 -20.69 2.07 -68.89
C SER H 77 -19.72 2.11 -70.06
N TRP H 78 -18.55 2.71 -69.83
CA TRP H 78 -17.55 2.91 -70.88
C TRP H 78 -17.11 1.59 -71.49
N ARG H 79 -16.99 1.59 -72.79
CA ARG H 79 -16.50 0.43 -73.51
C ARG H 79 -15.38 0.87 -74.42
N PRO H 80 -14.44 -0.02 -74.72
CA PRO H 80 -13.38 0.29 -75.70
C PRO H 80 -13.99 0.68 -77.02
N PRO H 81 -13.54 1.79 -77.61
CA PRO H 81 -14.20 2.29 -78.83
C PRO H 81 -14.00 1.34 -80.01
N LYS H 82 -15.10 1.11 -80.73
CA LYS H 82 -15.00 0.34 -81.96
C LYS H 82 -14.32 1.18 -83.03
N PRO H 83 -13.45 0.59 -83.85
CA PRO H 83 -12.86 1.36 -84.96
C PRO H 83 -13.86 1.80 -86.02
N THR H 84 -15.05 1.21 -86.08
CA THR H 84 -16.01 1.60 -87.12
C THR H 84 -16.81 2.85 -86.79
N ASP H 85 -17.12 3.12 -85.53
CA ASP H 85 -17.95 4.28 -85.23
C ASP H 85 -17.10 5.55 -85.23
N LYS H 86 -17.78 6.69 -85.14
CA LYS H 86 -17.09 7.96 -85.31
C LYS H 86 -17.73 9.00 -84.40
N SER H 87 -16.87 9.84 -83.82
CA SER H 87 -17.24 10.81 -82.82
C SER H 87 -16.40 12.05 -83.04
N LEU H 88 -16.79 13.13 -82.34
CA LEU H 88 -16.07 14.41 -82.38
C LEU H 88 -14.57 14.29 -82.08
N ALA H 89 -14.16 13.25 -81.35
CA ALA H 89 -12.78 13.15 -80.90
C ALA H 89 -11.84 12.67 -81.99
N ASP H 90 -12.35 12.24 -83.15
CA ASP H 90 -11.50 11.75 -84.21
C ASP H 90 -10.62 12.84 -84.82
N ASP H 91 -10.97 14.11 -84.65
CA ASP H 91 -10.25 15.22 -85.23
C ASP H 91 -9.38 15.96 -84.23
N TYR H 92 -9.31 15.52 -82.98
CA TYR H 92 -8.47 16.17 -82.00
C TYR H 92 -7.39 15.23 -81.46
N ASP H 93 -6.41 15.84 -80.80
CA ASP H 93 -5.25 15.13 -80.29
C ASP H 93 -5.35 14.75 -78.83
N TYR H 94 -6.07 15.52 -78.03
CA TYR H 94 -6.05 15.36 -76.58
C TYR H 94 -7.45 15.65 -76.09
N VAL H 95 -8.11 14.67 -75.49
CA VAL H 95 -9.48 14.83 -75.03
C VAL H 95 -9.51 14.45 -73.57
N MET H 96 -10.26 15.20 -72.77
CA MET H 96 -10.44 14.89 -71.36
C MET H 96 -11.91 15.02 -71.01
N PHE H 97 -12.34 14.26 -70.01
CA PHE H 97 -13.72 14.29 -69.53
C PHE H 97 -13.79 14.66 -68.07
N GLY H 98 -14.75 15.51 -67.70
CA GLY H 98 -14.71 16.05 -66.35
C GLY H 98 -16.04 16.46 -65.77
N THR H 99 -15.96 16.94 -64.53
CA THR H 99 -17.09 17.32 -63.71
C THR H 99 -17.02 18.82 -63.40
N VAL H 100 -18.11 19.53 -63.63
CA VAL H 100 -18.17 20.94 -63.25
C VAL H 100 -18.47 21.02 -61.76
N TYR H 101 -17.55 21.60 -60.98
CA TYR H 101 -17.75 21.64 -59.54
C TYR H 101 -17.93 23.03 -58.97
N LYS H 102 -17.93 24.08 -59.79
CA LYS H 102 -18.21 25.43 -59.32
C LYS H 102 -18.57 26.28 -60.52
N PHE H 103 -19.72 26.95 -60.41
CA PHE H 103 -20.22 27.92 -61.39
C PHE H 103 -20.36 29.30 -60.74
N GLU H 104 -19.42 30.19 -61.01
CA GLU H 104 -19.27 31.48 -60.32
C GLU H 104 -20.04 32.58 -61.05
N GLU H 105 -21.13 33.03 -60.44
CA GLU H 105 -21.90 34.15 -60.98
C GLU H 105 -21.34 35.39 -60.29
N GLY H 106 -20.26 35.89 -60.90
CA GLY H 106 -19.41 36.94 -60.36
C GLY H 106 -19.84 38.35 -60.71
N ASP H 107 -18.92 39.28 -60.46
CA ASP H 107 -19.05 40.72 -60.65
C ASP H 107 -18.99 40.97 -62.16
N GLU H 108 -19.33 42.22 -62.57
CA GLU H 108 -19.68 42.69 -63.91
C GLU H 108 -19.50 41.69 -65.05
N ASP H 109 -18.28 41.28 -65.40
CA ASP H 109 -18.30 40.14 -66.31
C ASP H 109 -17.21 39.16 -65.94
N LYS H 110 -16.89 39.05 -64.65
CA LYS H 110 -15.88 38.09 -64.18
C LYS H 110 -16.53 36.75 -63.91
N ILE H 111 -16.50 35.83 -64.86
CA ILE H 111 -17.11 34.53 -64.66
C ILE H 111 -16.00 33.49 -64.65
N LYS H 112 -15.99 32.62 -63.63
CA LYS H 112 -15.00 31.56 -63.58
C LYS H 112 -15.77 30.25 -63.56
N VAL H 113 -15.27 29.26 -64.29
CA VAL H 113 -15.85 27.93 -64.34
C VAL H 113 -14.77 26.95 -63.95
N TYR H 114 -14.95 26.29 -62.82
CA TYR H 114 -13.99 25.32 -62.33
C TYR H 114 -14.48 23.93 -62.67
N VAL H 115 -13.63 23.13 -63.31
CA VAL H 115 -13.94 21.77 -63.71
C VAL H 115 -12.80 20.90 -63.23
N SER H 116 -13.12 19.67 -62.79
CA SER H 116 -12.15 18.69 -62.33
C SER H 116 -12.15 17.50 -63.26
N PHE H 117 -11.01 17.25 -63.93
CA PHE H 117 -10.83 16.07 -64.76
C PHE H 117 -10.08 15.01 -63.97
N GLY H 118 -10.80 14.35 -63.05
CA GLY H 118 -10.18 13.38 -62.16
C GLY H 118 -9.06 13.92 -61.31
N GLY H 119 -9.14 15.17 -60.90
CA GLY H 119 -8.09 15.81 -60.13
C GLY H 119 -7.16 16.66 -60.95
N LEU H 120 -7.13 16.47 -62.26
CA LEU H 120 -6.57 17.46 -63.17
C LEU H 120 -7.53 18.62 -63.30
N LEU H 121 -7.12 19.80 -62.86
CA LEU H 121 -8.04 20.90 -62.64
C LEU H 121 -8.02 21.88 -63.80
N MET H 122 -9.14 22.56 -64.00
CA MET H 122 -9.27 23.61 -64.99
C MET H 122 -9.99 24.79 -64.36
N CYS H 123 -9.48 25.99 -64.59
CA CYS H 123 -10.27 27.20 -64.42
C CYS H 123 -10.37 27.92 -65.75
N LEU H 124 -11.61 28.21 -66.15
CA LEU H 124 -11.89 28.99 -67.34
C LEU H 124 -12.52 30.30 -66.93
N GLU H 125 -11.85 31.41 -67.25
CA GLU H 125 -12.33 32.74 -66.97
C GLU H 125 -12.84 33.37 -68.26
N GLY H 126 -13.86 34.22 -68.15
CA GLY H 126 -14.40 34.83 -69.33
C GLY H 126 -15.72 35.51 -69.05
N GLY H 127 -16.41 35.88 -70.12
CA GLY H 127 -17.64 36.64 -70.01
C GLY H 127 -18.91 35.82 -70.10
N TYR H 128 -20.01 36.44 -69.64
CA TYR H 128 -21.32 35.78 -69.58
C TYR H 128 -21.79 35.33 -70.95
N LYS H 129 -21.62 36.18 -71.96
CA LYS H 129 -22.12 35.87 -73.30
C LYS H 129 -21.36 34.73 -73.95
N SER H 130 -20.10 34.53 -73.57
CA SER H 130 -19.29 33.43 -74.07
C SER H 130 -19.48 32.12 -73.30
N LEU H 131 -19.95 32.19 -72.06
CA LEU H 131 -19.94 31.01 -71.19
C LEU H 131 -21.28 30.61 -70.59
N ALA H 132 -22.39 31.25 -70.97
CA ALA H 132 -23.69 30.97 -70.37
C ALA H 132 -24.14 29.55 -70.61
N SER H 133 -23.78 28.97 -71.75
CA SER H 133 -24.18 27.62 -72.09
C SER H 133 -23.42 26.55 -71.29
N LEU H 134 -22.28 26.91 -70.70
CA LEU H 134 -21.45 25.97 -69.96
C LEU H 134 -21.99 25.55 -68.59
N LYS H 135 -23.15 26.03 -68.14
CA LYS H 135 -23.71 25.54 -66.87
C LYS H 135 -24.22 24.12 -67.06
N GLN H 136 -23.29 23.17 -67.03
CA GLN H 136 -23.58 21.78 -67.33
C GLN H 136 -23.16 20.89 -66.16
N ASP H 137 -23.59 19.64 -66.23
CA ASP H 137 -23.13 18.63 -65.28
C ASP H 137 -21.76 18.07 -65.64
N ASN H 138 -21.54 17.75 -66.91
CA ASN H 138 -20.26 17.22 -67.33
C ASN H 138 -19.77 17.94 -68.58
N LEU H 139 -18.46 17.95 -68.77
CA LEU H 139 -17.88 18.59 -69.92
C LEU H 139 -16.75 17.76 -70.47
N TYR H 140 -16.69 17.64 -71.79
CA TYR H 140 -15.48 17.28 -72.49
C TYR H 140 -14.67 18.52 -72.81
N ILE H 141 -13.36 18.36 -72.85
CA ILE H 141 -12.47 19.36 -73.39
C ILE H 141 -11.66 18.71 -74.49
N LEU H 142 -11.59 19.36 -75.64
CA LEU H 142 -10.87 18.84 -76.79
C LEU H 142 -9.83 19.87 -77.19
N ILE H 143 -8.61 19.42 -77.44
CA ILE H 143 -7.48 20.29 -77.70
C ILE H 143 -6.92 19.87 -79.05
N ARG H 144 -6.71 20.84 -79.92
CA ARG H 144 -6.23 20.59 -81.27
C ARG H 144 -4.86 21.19 -81.51
N ARG H 145 -3.98 20.37 -82.10
CA ARG H 145 -2.62 20.67 -82.55
C ARG H 145 -1.64 20.81 -81.39
N SER I 3 37.22 33.20 16.58
CA SER I 3 38.15 32.70 17.60
C SER I 3 37.55 32.83 19.00
N PHE I 4 37.19 31.72 19.62
CA PHE I 4 36.65 31.71 20.97
C PHE I 4 37.64 30.99 21.85
N ARG I 5 37.84 31.44 23.08
CA ARG I 5 39.00 30.88 23.77
C ARG I 5 38.65 30.05 25.00
N PHE I 6 39.69 29.41 25.51
CA PHE I 6 39.68 28.50 26.64
C PHE I 6 40.59 28.98 27.76
N CYS I 7 40.18 28.65 28.99
CA CYS I 7 40.94 29.02 30.17
C CYS I 7 42.31 28.35 30.12
N LEU I 8 43.34 29.11 30.43
CA LEU I 8 44.69 28.57 30.32
C LEU I 8 45.07 27.61 31.43
N GLU I 9 44.25 27.45 32.46
CA GLU I 9 44.55 26.54 33.57
C GLU I 9 43.57 25.39 33.71
N CYS I 10 42.37 25.50 33.15
CA CYS I 10 41.36 24.47 33.31
C CYS I 10 40.96 23.88 31.97
N ASN I 11 41.25 24.58 30.87
CA ASN I 11 40.98 24.30 29.46
C ASN I 11 39.49 24.32 29.10
N ASN I 12 38.61 24.58 30.06
CA ASN I 12 37.21 24.75 29.78
C ASN I 12 36.93 26.15 29.24
N MET I 13 35.76 26.30 28.62
CA MET I 13 35.48 27.50 27.86
C MET I 13 35.05 28.66 28.75
N LEU I 14 35.48 29.87 28.37
CA LEU I 14 35.15 31.07 29.11
C LEU I 14 33.84 31.67 28.61
N TYR I 15 33.01 32.15 29.54
CA TYR I 15 31.79 32.82 29.10
C TYR I 15 31.86 34.31 29.42
N PRO I 16 31.29 35.18 28.57
CA PRO I 16 31.35 36.62 28.86
C PRO I 16 30.37 36.97 29.97
N LYS I 17 30.85 37.78 30.92
CA LYS I 17 30.01 38.22 32.04
C LYS I 17 30.43 39.64 32.43
N GLU I 18 29.45 40.49 32.75
CA GLU I 18 29.75 41.87 33.11
C GLU I 18 30.17 41.97 34.57
N ASP I 19 31.19 42.80 34.82
CA ASP I 19 31.55 43.26 36.15
C ASP I 19 30.83 44.55 36.52
N LYS I 20 29.71 44.41 37.25
CA LYS I 20 28.80 45.54 37.50
C LYS I 20 29.49 46.64 38.29
N GLU I 21 30.36 46.27 39.24
CA GLU I 21 30.93 47.25 40.16
C GLU I 21 31.95 48.16 39.47
N ASN I 22 32.84 47.60 38.65
CA ASN I 22 33.84 48.42 37.96
C ASN I 22 33.33 48.90 36.61
N GLN I 23 32.18 48.38 36.18
CA GLN I 23 31.50 48.68 34.91
C GLN I 23 32.41 48.36 33.72
N ARG I 24 32.79 47.09 33.62
CA ARG I 24 33.61 46.56 32.54
C ARG I 24 33.22 45.13 32.21
N LEU I 25 33.49 44.76 30.95
CA LEU I 25 33.17 43.43 30.43
C LEU I 25 34.32 42.46 30.75
N LEU I 26 33.97 41.31 31.31
CA LEU I 26 34.91 40.22 31.60
C LEU I 26 34.57 38.97 30.81
N TYR I 27 35.55 38.06 30.77
CA TYR I 27 35.38 36.69 30.28
C TYR I 27 35.60 35.73 31.43
N SER I 28 34.51 35.14 31.93
CA SER I 28 34.58 34.25 33.08
C SER I 28 34.44 32.78 32.72
N CYS I 29 35.13 31.94 33.49
CA CYS I 29 35.04 30.49 33.45
C CYS I 29 33.79 30.02 34.20
N ARG I 30 33.55 28.70 34.16
CA ARG I 30 32.38 28.13 34.83
C ARG I 30 32.76 26.98 35.74
N ASN I 31 33.99 26.48 35.68
CA ASN I 31 34.45 25.47 36.62
C ASN I 31 35.42 25.98 37.67
N CYS I 32 35.90 27.22 37.54
CA CYS I 32 36.80 27.76 38.55
C CYS I 32 36.67 29.28 38.55
N ASP I 33 37.52 29.94 39.33
CA ASP I 33 37.42 31.36 39.62
C ASP I 33 38.21 32.24 38.66
N TYR I 34 38.80 31.68 37.60
CA TYR I 34 39.64 32.49 36.73
C TYR I 34 38.78 33.46 35.93
N THR I 35 39.29 34.68 35.75
CA THR I 35 38.58 35.70 34.98
C THR I 35 39.63 36.61 34.35
N GLU I 36 39.31 37.20 33.19
CA GLU I 36 40.24 38.09 32.50
C GLU I 36 39.45 39.15 31.74
N LEU I 37 40.16 40.20 31.34
CA LEU I 37 39.58 41.37 30.69
C LEU I 37 39.30 41.14 29.21
N ALA I 38 38.19 41.69 28.73
CA ALA I 38 37.76 41.54 27.35
C ALA I 38 38.42 42.60 26.48
N GLU I 39 39.09 42.15 25.42
CA GLU I 39 39.66 43.06 24.43
C GLU I 39 38.66 43.57 23.39
N ASP I 40 37.50 42.92 23.25
CA ASP I 40 36.57 43.22 22.17
C ASP I 40 35.17 43.40 22.72
N PRO I 41 34.53 44.56 22.52
CA PRO I 41 33.14 44.71 22.98
C PRO I 41 32.18 43.81 22.23
N LYS I 42 32.52 43.35 21.03
CA LYS I 42 31.64 42.50 20.26
C LYS I 42 31.63 41.10 20.87
N VAL I 43 30.43 40.52 21.00
CA VAL I 43 30.28 39.25 21.69
C VAL I 43 29.78 38.16 20.76
N TYR I 44 29.07 38.51 19.70
CA TYR I 44 28.36 37.56 18.86
C TYR I 44 28.08 38.26 17.55
N ARG I 45 28.21 37.53 16.45
CA ARG I 45 27.84 38.06 15.15
C ARG I 45 27.11 36.97 14.38
N HIS I 46 26.09 37.37 13.65
CA HIS I 46 25.26 36.49 12.82
C HIS I 46 25.12 37.10 11.45
N GLU I 47 25.72 36.45 10.46
CA GLU I 47 25.69 36.90 9.08
C GLU I 47 24.55 36.18 8.38
N LEU I 48 23.55 36.95 7.95
CA LEU I 48 22.47 36.42 7.13
C LEU I 48 22.86 36.37 5.67
N ILE I 49 23.34 37.48 5.12
CA ILE I 49 23.88 37.50 3.77
C ILE I 49 25.38 37.25 3.91
N THR I 50 25.78 36.00 3.77
CA THR I 50 27.16 35.60 4.05
C THR I 50 27.91 35.31 2.76
N ASN I 51 29.24 35.46 2.83
CA ASN I 51 30.12 35.10 1.73
C ASN I 51 31.27 34.22 2.20
N ILE I 52 31.22 33.72 3.44
CA ILE I 52 32.31 32.94 4.01
C ILE I 52 32.34 31.52 3.46
N GLY I 53 33.57 31.06 3.21
CA GLY I 53 33.97 29.85 2.52
C GLY I 53 33.92 29.88 1.01
N GLU I 54 33.76 31.05 0.40
CA GLU I 54 33.70 31.13 -1.06
C GLU I 54 35.06 30.77 -1.67
N THR I 55 36.09 31.50 -1.23
CA THR I 55 37.50 31.50 -1.58
C THR I 55 38.40 30.52 -0.81
N ALA I 56 38.12 30.31 0.48
CA ALA I 56 38.74 29.39 1.48
C ALA I 56 39.57 28.23 0.91
N GLY I 57 39.02 27.31 0.12
CA GLY I 57 39.84 26.11 -0.10
C GLY I 57 40.94 26.39 -1.12
N ILE I 58 42.02 27.03 -0.66
CA ILE I 58 43.24 27.27 -1.41
C ILE I 58 44.34 26.31 -0.98
N VAL I 59 44.66 25.24 -1.72
CA VAL I 59 45.67 24.37 -1.14
C VAL I 59 46.94 24.46 -2.01
N ASP I 60 48.07 24.13 -1.39
CA ASP I 60 49.36 24.16 -2.09
C ASP I 60 49.54 23.17 -3.24
N ASP I 61 48.79 22.07 -3.27
CA ASP I 61 48.99 21.07 -4.31
C ASP I 61 47.88 21.04 -5.36
N ILE I 62 47.08 22.10 -5.45
CA ILE I 62 46.00 22.13 -6.42
C ILE I 62 46.51 22.08 -7.86
N GLY I 63 47.71 22.59 -8.11
CA GLY I 63 48.34 22.50 -9.42
C GLY I 63 48.88 21.15 -9.82
N GLN I 64 48.90 20.20 -8.90
CA GLN I 64 49.36 18.85 -9.20
C GLN I 64 48.22 17.96 -9.69
N ASP I 65 47.00 18.44 -9.61
CA ASP I 65 45.77 17.80 -10.03
C ASP I 65 45.61 17.95 -11.54
N PRO I 66 45.84 16.89 -12.32
CA PRO I 66 45.80 17.02 -13.79
C PRO I 66 44.40 17.13 -14.36
N THR I 67 43.37 17.00 -13.53
CA THR I 67 41.98 17.10 -13.96
C THR I 67 41.48 18.54 -14.05
N LEU I 68 42.21 19.47 -13.52
CA LEU I 68 41.86 20.89 -13.55
C LEU I 68 42.22 21.53 -14.90
N PRO I 69 41.35 22.38 -15.42
CA PRO I 69 41.66 23.09 -16.67
C PRO I 69 42.68 24.18 -16.44
N ARG I 70 43.41 24.50 -17.51
CA ARG I 70 44.53 25.42 -17.45
C ARG I 70 44.21 26.64 -18.31
N SER I 71 44.77 27.78 -17.88
CA SER I 71 44.47 29.06 -18.50
C SER I 71 45.75 29.83 -18.79
N ASP I 72 45.57 30.92 -19.51
CA ASP I 72 46.65 31.82 -19.91
C ASP I 72 46.78 33.08 -19.05
N LYS I 73 45.89 33.25 -18.04
CA LYS I 73 45.82 34.53 -17.31
C LYS I 73 47.16 34.87 -16.66
N GLU I 74 47.50 36.15 -16.72
CA GLU I 74 48.76 36.64 -16.18
C GLU I 74 48.69 36.83 -14.67
N CYS I 75 49.59 36.19 -13.95
CA CYS I 75 49.68 36.36 -12.51
C CYS I 75 50.09 37.79 -12.18
N PRO I 76 49.45 38.43 -11.20
CA PRO I 76 49.93 39.76 -10.80
C PRO I 76 51.31 39.73 -10.17
N GLU I 77 51.62 38.69 -9.39
CA GLU I 77 52.91 38.63 -8.71
C GLU I 77 54.07 38.29 -9.64
N CYS I 78 54.12 37.03 -10.08
CA CYS I 78 55.25 36.51 -10.84
C CYS I 78 55.06 36.52 -12.36
N HIS I 79 53.84 36.80 -12.86
CA HIS I 79 53.54 36.88 -14.30
C HIS I 79 53.78 35.54 -15.02
N SER I 80 53.51 34.40 -14.36
CA SER I 80 53.56 33.11 -15.04
C SER I 80 52.35 32.85 -15.95
N ARG I 81 52.61 32.03 -16.97
CA ARG I 81 51.65 31.68 -18.02
C ARG I 81 51.15 30.25 -17.83
N ASP I 82 50.82 29.90 -16.59
CA ASP I 82 50.48 28.51 -16.26
C ASP I 82 49.74 28.51 -14.93
N CYS I 83 48.46 28.17 -14.94
CA CYS I 83 47.64 28.20 -13.75
C CYS I 83 46.55 27.14 -13.88
N VAL I 84 45.88 26.86 -12.77
CA VAL I 84 44.64 26.09 -12.80
C VAL I 84 43.51 27.02 -12.38
N PHE I 85 42.30 26.73 -12.83
CA PHE I 85 41.16 27.55 -12.44
C PHE I 85 39.98 26.68 -12.09
N PHE I 86 39.00 27.28 -11.42
CA PHE I 86 37.83 26.54 -10.95
C PHE I 86 36.78 27.54 -10.51
N GLN I 87 35.51 27.18 -10.71
CA GLN I 87 34.46 28.04 -10.17
C GLN I 87 34.37 27.82 -8.66
N SER I 88 33.53 28.64 -8.01
CA SER I 88 33.39 28.62 -6.56
C SER I 88 33.03 27.23 -6.01
N GLN I 89 33.71 26.83 -4.94
CA GLN I 89 33.44 25.61 -4.21
C GLN I 89 32.33 25.77 -3.17
N GLN I 90 31.68 26.93 -3.13
CA GLN I 90 30.52 27.12 -2.30
C GLN I 90 29.31 26.42 -2.92
N ARG I 91 28.69 25.53 -2.15
CA ARG I 91 27.60 24.67 -2.60
C ARG I 91 26.22 25.24 -2.33
N ARG I 92 26.08 26.55 -2.40
CA ARG I 92 24.77 27.14 -2.26
C ARG I 92 24.08 27.12 -3.62
N LYS I 93 22.76 27.27 -3.61
CA LYS I 93 22.04 27.20 -4.88
C LYS I 93 22.12 28.51 -5.66
N ASP I 94 22.32 29.62 -4.96
CA ASP I 94 22.43 30.94 -5.57
C ASP I 94 23.86 31.35 -5.88
N THR I 95 24.83 30.44 -5.68
CA THR I 95 26.24 30.74 -5.89
C THR I 95 26.48 31.20 -7.33
N ASN I 96 27.34 32.20 -7.49
CA ASN I 96 27.72 32.68 -8.80
C ASN I 96 28.54 31.59 -9.53
N MET I 97 28.80 31.83 -10.81
CA MET I 97 29.57 30.91 -11.63
C MET I 97 30.94 31.49 -11.98
N THR I 98 31.30 32.63 -11.38
CA THR I 98 32.55 33.30 -11.68
C THR I 98 33.73 32.43 -11.28
N LEU I 99 34.78 32.50 -12.06
CA LEU I 99 35.89 31.57 -11.89
C LEU I 99 36.94 32.17 -10.98
N PHE I 100 37.59 31.30 -10.23
CA PHE I 100 38.80 31.62 -9.50
C PHE I 100 39.98 31.00 -10.21
N TYR I 101 41.04 31.79 -10.40
CA TYR I 101 42.27 31.31 -10.98
C TYR I 101 43.30 31.26 -9.86
N VAL I 102 44.14 30.24 -9.88
CA VAL I 102 45.23 30.10 -8.92
C VAL I 102 46.56 29.98 -9.63
N CYS I 103 47.43 30.97 -9.42
CA CYS I 103 48.78 30.93 -9.98
C CYS I 103 49.51 29.80 -9.28
N LEU I 104 50.16 28.94 -10.05
CA LEU I 104 50.85 27.85 -9.37
C LEU I 104 52.12 28.27 -8.63
N ASN I 105 52.54 29.53 -8.75
CA ASN I 105 53.77 29.99 -8.09
C ASN I 105 53.42 30.63 -6.75
N CYS I 106 52.73 31.79 -6.76
CA CYS I 106 52.40 32.45 -5.50
C CYS I 106 51.07 32.03 -4.87
N LYS I 107 50.27 31.21 -5.57
CA LYS I 107 48.96 30.73 -5.09
C LYS I 107 47.95 31.84 -4.79
N LYS I 108 48.04 32.98 -5.48
CA LYS I 108 47.00 34.01 -5.33
C LYS I 108 45.75 33.62 -6.14
N THR I 109 44.59 34.01 -5.61
CA THR I 109 43.26 33.84 -6.21
C THR I 109 42.61 35.11 -6.75
N PHE I 110 42.40 35.18 -8.07
CA PHE I 110 41.76 36.35 -8.70
C PHE I 110 40.58 35.89 -9.55
N ARG I 111 39.88 36.86 -10.15
CA ARG I 111 38.69 36.65 -10.97
C ARG I 111 38.81 37.38 -12.31
N ASP I 112 37.78 37.22 -13.14
CA ASP I 112 37.65 37.91 -14.42
C ASP I 112 36.70 39.11 -14.40
N GLU I 113 36.62 39.87 -13.31
CA GLU I 113 35.71 41.02 -13.32
C GLU I 113 36.42 42.32 -13.68
N MET J 1 25.44 -27.30 -38.93
CA MET J 1 25.77 -28.59 -38.34
C MET J 1 26.60 -29.35 -39.33
N ILE J 2 26.04 -29.51 -40.54
CA ILE J 2 26.73 -30.06 -41.68
C ILE J 2 26.20 -29.25 -42.86
N ILE J 3 26.99 -29.16 -43.93
CA ILE J 3 26.69 -28.31 -45.09
C ILE J 3 25.29 -28.60 -45.63
N PRO J 4 24.46 -27.59 -45.81
CA PRO J 4 23.13 -27.81 -46.38
C PRO J 4 23.19 -28.33 -47.79
N VAL J 5 22.20 -29.16 -48.13
CA VAL J 5 22.12 -29.72 -49.48
C VAL J 5 21.85 -28.62 -50.49
N ARG J 6 20.87 -27.75 -50.21
CA ARG J 6 20.50 -26.71 -51.15
C ARG J 6 20.73 -25.34 -50.54
N CYS J 7 21.01 -24.36 -51.40
CA CYS J 7 20.87 -22.95 -51.04
C CYS J 7 19.44 -22.68 -50.64
N PHE J 8 19.26 -22.07 -49.46
CA PHE J 8 17.91 -21.76 -48.99
C PHE J 8 17.13 -20.86 -49.95
N SER J 9 17.78 -19.84 -50.50
CA SER J 9 17.05 -18.82 -51.23
C SER J 9 16.71 -19.20 -52.66
N CYS J 10 17.64 -19.81 -53.39
CA CYS J 10 17.39 -20.11 -54.79
C CYS J 10 17.30 -21.59 -55.13
N GLY J 11 17.81 -22.48 -54.31
CA GLY J 11 17.70 -23.89 -54.55
C GLY J 11 18.86 -24.58 -55.26
N LYS J 12 19.87 -23.85 -55.74
CA LYS J 12 21.01 -24.49 -56.39
C LYS J 12 21.69 -25.45 -55.41
N VAL J 13 22.06 -26.63 -55.88
CA VAL J 13 22.73 -27.61 -55.02
C VAL J 13 24.11 -27.08 -54.64
N VAL J 14 24.37 -27.02 -53.34
CA VAL J 14 25.69 -26.66 -52.82
C VAL J 14 26.24 -27.71 -51.89
N GLY J 15 25.53 -28.80 -51.64
CA GLY J 15 26.07 -29.78 -50.73
C GLY J 15 27.16 -30.66 -51.27
N ASP J 16 27.53 -30.54 -52.55
CA ASP J 16 28.62 -31.32 -53.12
C ASP J 16 29.88 -30.51 -53.32
N LYS J 17 29.94 -29.30 -52.77
CA LYS J 17 31.04 -28.39 -53.04
C LYS J 17 31.81 -28.05 -51.77
N TRP J 18 31.48 -28.69 -50.65
CA TRP J 18 32.11 -28.35 -49.38
C TRP J 18 33.55 -28.86 -49.32
N ASP J 19 33.76 -30.10 -49.73
CA ASP J 19 35.10 -30.67 -49.76
C ASP J 19 36.01 -29.91 -50.69
N ALA J 20 35.51 -29.56 -51.88
CA ALA J 20 36.29 -28.78 -52.83
C ALA J 20 36.68 -27.42 -52.28
N TYR J 21 35.82 -26.82 -51.46
CA TYR J 21 36.12 -25.50 -50.89
C TYR J 21 37.24 -25.54 -49.86
N LEU J 22 37.24 -26.54 -48.97
CA LEU J 22 38.31 -26.64 -47.98
C LEU J 22 39.68 -26.89 -48.61
N ARG J 23 39.72 -27.69 -49.69
CA ARG J 23 40.99 -27.97 -50.35
C ARG J 23 41.59 -26.71 -50.98
N LEU J 24 40.75 -25.91 -51.64
CA LEU J 24 41.19 -24.64 -52.23
C LEU J 24 41.77 -23.67 -51.21
N LEU J 25 41.31 -23.72 -49.96
CA LEU J 25 41.85 -22.83 -48.94
C LEU J 25 43.24 -23.25 -48.50
N GLU J 26 43.53 -24.54 -48.50
CA GLU J 26 44.90 -24.98 -48.24
C GLU J 26 45.87 -24.45 -49.28
N GLU J 27 45.48 -24.47 -50.55
CA GLU J 27 46.35 -23.91 -51.60
C GLU J 27 46.49 -22.35 -51.52
N GLY J 28 45.99 -21.65 -50.50
CA GLY J 28 46.20 -20.23 -50.35
C GLY J 28 45.26 -19.31 -51.08
N LYS J 29 44.26 -19.83 -51.79
CA LYS J 29 43.29 -18.94 -52.42
C LYS J 29 42.47 -18.20 -51.37
N GLN J 30 42.05 -17.00 -51.74
CA GLN J 30 41.17 -16.20 -50.91
C GLN J 30 39.73 -16.63 -51.14
N GLU J 31 38.91 -16.39 -50.11
CA GLU J 31 37.56 -16.93 -50.02
C GLU J 31 36.73 -16.53 -51.24
N GLY J 32 36.81 -15.25 -51.62
CA GLY J 32 36.08 -14.77 -52.79
C GLY J 32 36.48 -15.51 -54.05
N ASP J 33 37.78 -15.74 -54.24
CA ASP J 33 38.28 -16.43 -55.42
C ASP J 33 37.88 -17.90 -55.43
N ALA J 34 37.96 -18.57 -54.26
CA ALA J 34 37.54 -19.97 -54.15
C ALA J 34 36.08 -20.16 -54.55
N LEU J 35 35.20 -19.27 -54.07
CA LEU J 35 33.80 -19.33 -54.48
C LEU J 35 33.64 -19.09 -55.97
N ASP J 36 34.43 -18.17 -56.52
CA ASP J 36 34.41 -17.88 -57.96
C ASP J 36 34.76 -19.12 -58.78
N GLU J 37 35.80 -19.85 -58.37
CA GLU J 37 36.20 -21.05 -59.11
C GLU J 37 35.10 -22.11 -59.09
N LEU J 38 34.34 -22.20 -58.01
CA LEU J 38 33.28 -23.18 -57.93
C LEU J 38 32.02 -22.77 -58.69
N LYS J 39 32.03 -21.61 -59.35
CA LYS J 39 30.93 -21.06 -60.14
C LYS J 39 29.71 -20.69 -59.31
N LEU J 40 29.90 -20.30 -58.06
CA LEU J 40 28.78 -19.83 -57.24
C LEU J 40 28.68 -18.33 -57.43
N LYS J 41 27.89 -17.91 -58.41
CA LYS J 41 27.95 -16.51 -58.82
C LYS J 41 26.97 -15.64 -58.04
N ARG J 42 25.73 -16.08 -57.86
CA ARG J 42 24.77 -15.29 -57.11
C ARG J 42 25.13 -15.30 -55.64
N TYR J 43 24.97 -14.16 -54.99
CA TYR J 43 25.38 -14.04 -53.59
C TYR J 43 24.50 -14.83 -52.62
N CYS J 44 23.29 -15.23 -53.02
CA CYS J 44 22.54 -16.16 -52.19
C CYS J 44 23.28 -17.49 -52.02
N CYS J 45 23.87 -18.01 -53.09
CA CYS J 45 24.62 -19.25 -52.98
C CYS J 45 25.90 -19.07 -52.19
N ARG J 46 26.55 -17.91 -52.37
CA ARG J 46 27.81 -17.63 -51.69
C ARG J 46 27.71 -17.62 -50.18
N ARG J 47 26.65 -17.01 -49.62
CA ARG J 47 26.48 -17.02 -48.15
C ARG J 47 26.49 -18.44 -47.58
N MET J 48 25.88 -19.39 -48.29
CA MET J 48 25.75 -20.77 -47.82
C MET J 48 27.10 -21.38 -47.53
N VAL J 49 28.06 -21.22 -48.44
CA VAL J 49 29.35 -21.86 -48.23
C VAL J 49 30.23 -21.00 -47.35
N LEU J 50 30.24 -19.68 -47.59
CA LEU J 50 31.12 -18.78 -46.87
C LEU J 50 30.83 -18.71 -45.38
N THR J 51 29.57 -18.84 -44.98
CA THR J 51 29.20 -18.64 -43.59
C THR J 51 28.76 -19.89 -42.86
N HIS J 52 28.86 -21.06 -43.47
CA HIS J 52 28.52 -22.28 -42.75
C HIS J 52 29.57 -22.57 -41.68
N VAL J 53 29.13 -23.15 -40.57
CA VAL J 53 30.02 -23.51 -39.48
C VAL J 53 29.87 -25.00 -39.26
N ASP J 54 31.00 -25.72 -39.38
CA ASP J 54 31.02 -27.18 -39.40
C ASP J 54 31.13 -27.75 -38.00
N LEU J 55 30.00 -27.92 -37.34
CA LEU J 55 30.03 -28.41 -35.97
C LEU J 55 30.11 -29.92 -35.86
N ILE J 56 29.76 -30.65 -36.93
CA ILE J 56 29.76 -32.11 -36.90
C ILE J 56 31.15 -32.69 -36.59
N GLU J 57 32.22 -31.97 -36.95
CA GLU J 57 33.55 -32.43 -36.56
C GLU J 57 33.71 -32.44 -35.05
N LYS J 58 33.10 -31.48 -34.36
CA LYS J 58 33.12 -31.52 -32.90
C LYS J 58 32.25 -32.62 -32.32
N PHE J 59 31.03 -32.83 -32.84
CA PHE J 59 30.17 -33.86 -32.23
C PHE J 59 30.72 -35.26 -32.39
N LEU J 60 31.47 -35.53 -33.46
CA LEU J 60 32.01 -36.88 -33.62
C LEU J 60 33.06 -37.24 -32.59
N ARG J 61 33.74 -36.26 -31.99
CA ARG J 61 34.76 -36.56 -30.98
C ARG J 61 34.21 -37.25 -29.74
N TYR J 62 32.90 -37.21 -29.51
CA TYR J 62 32.32 -37.77 -28.28
C TYR J 62 32.12 -39.24 -28.53
N ASN J 63 33.01 -40.07 -27.98
CA ASN J 63 33.15 -41.51 -28.16
C ASN J 63 31.82 -42.27 -28.14
N PRO J 64 31.43 -42.87 -29.31
CA PRO J 64 30.10 -43.46 -29.56
C PRO J 64 29.41 -44.18 -28.41
N LEU J 65 28.09 -44.06 -28.34
CA LEU J 65 27.35 -44.52 -27.19
C LEU J 65 26.80 -45.93 -27.38
N GLU J 66 27.45 -46.70 -28.25
CA GLU J 66 27.28 -48.16 -28.40
C GLU J 66 28.57 -48.71 -29.01
N MET K 1 -0.22 -28.50 -36.90
CA MET K 1 -1.43 -28.91 -36.18
C MET K 1 -2.67 -28.39 -36.88
N ASN K 2 -2.56 -27.18 -37.43
CA ASN K 2 -3.60 -26.61 -38.28
C ASN K 2 -3.13 -26.30 -39.68
N ALA K 3 -1.96 -26.79 -40.05
CA ALA K 3 -1.48 -26.61 -41.41
C ALA K 3 -2.31 -27.51 -42.31
N PRO K 4 -2.80 -27.03 -43.45
CA PRO K 4 -3.55 -27.93 -44.32
C PRO K 4 -2.58 -28.75 -45.14
N ASP K 5 -3.10 -29.85 -45.68
CA ASP K 5 -2.29 -30.67 -46.58
C ASP K 5 -1.90 -29.88 -47.81
N ARG K 6 -0.60 -29.93 -48.13
CA ARG K 6 -0.12 -29.16 -49.27
C ARG K 6 -0.66 -29.66 -50.60
N PHE K 7 -0.93 -30.97 -50.72
CA PHE K 7 -1.52 -31.56 -51.92
C PHE K 7 -2.93 -31.05 -52.24
N GLU K 8 -3.61 -30.40 -51.31
CA GLU K 8 -4.94 -29.83 -51.54
C GLU K 8 -4.93 -28.66 -52.50
N LEU K 9 -3.77 -28.12 -52.87
CA LEU K 9 -3.68 -27.04 -53.85
C LEU K 9 -4.09 -27.49 -55.25
N PHE K 10 -3.88 -28.75 -55.60
CA PHE K 10 -4.09 -29.19 -56.97
C PHE K 10 -4.98 -30.41 -57.09
N ILE K 11 -5.20 -31.16 -56.03
CA ILE K 11 -6.08 -32.33 -56.06
C ILE K 11 -7.50 -31.90 -55.76
N LEU K 12 -8.39 -32.21 -56.69
CA LEU K 12 -9.79 -31.83 -56.60
C LEU K 12 -10.59 -32.84 -55.77
N PRO K 13 -11.29 -32.40 -54.71
CA PRO K 13 -12.26 -33.28 -54.04
C PRO K 13 -13.33 -33.77 -55.02
N ASP K 14 -13.90 -34.95 -54.72
CA ASP K 14 -14.84 -35.57 -55.66
C ASP K 14 -16.17 -34.83 -55.77
N ASP K 15 -16.61 -34.17 -54.71
CA ASP K 15 -17.86 -33.42 -54.71
C ASP K 15 -17.70 -31.97 -55.13
N VAL K 16 -16.54 -31.58 -55.65
CA VAL K 16 -16.21 -30.21 -55.96
C VAL K 16 -15.89 -30.08 -57.44
N PRO K 17 -16.60 -29.27 -58.21
CA PRO K 17 -16.32 -29.16 -59.64
C PRO K 17 -15.10 -28.30 -59.84
N LYS K 18 -14.27 -28.70 -60.82
CA LYS K 18 -13.10 -27.93 -61.22
C LYS K 18 -13.46 -26.50 -61.66
N LEU K 19 -14.69 -26.29 -62.13
CA LEU K 19 -15.08 -25.07 -62.84
C LEU K 19 -16.56 -24.89 -62.56
N LYS K 20 -16.96 -23.66 -62.27
CA LYS K 20 -18.37 -23.35 -62.03
C LYS K 20 -18.75 -22.02 -62.65
N ILE K 21 -19.77 -22.02 -63.50
CA ILE K 21 -20.25 -20.85 -64.22
C ILE K 21 -21.59 -20.46 -63.63
N THR K 22 -21.74 -19.20 -63.26
CA THR K 22 -23.03 -18.69 -62.83
C THR K 22 -23.28 -17.39 -63.57
N PRO K 23 -24.54 -16.95 -63.69
CA PRO K 23 -24.80 -15.67 -64.35
C PRO K 23 -24.69 -14.51 -63.36
N ASP K 24 -24.43 -13.34 -63.93
CA ASP K 24 -24.58 -12.08 -63.22
C ASP K 24 -25.73 -11.39 -63.94
N SER K 25 -26.96 -11.61 -63.44
CA SER K 25 -28.14 -11.10 -64.12
C SER K 25 -28.33 -9.59 -63.93
N ARG K 26 -27.52 -8.93 -63.10
CA ARG K 26 -27.64 -7.50 -62.89
C ARG K 26 -27.34 -6.69 -64.14
N VAL K 27 -26.45 -7.20 -64.98
CA VAL K 27 -26.15 -6.59 -66.28
C VAL K 27 -26.34 -7.66 -67.34
N PRO K 28 -26.62 -7.28 -68.60
CA PRO K 28 -26.80 -8.30 -69.64
C PRO K 28 -25.47 -8.95 -70.02
N ASN K 29 -25.53 -10.27 -70.21
CA ASN K 29 -24.50 -11.06 -70.89
C ASN K 29 -23.19 -11.12 -70.10
N CYS K 30 -23.29 -11.42 -68.82
CA CYS K 30 -22.14 -11.41 -67.94
C CYS K 30 -22.14 -12.69 -67.13
N ILE K 31 -20.99 -13.36 -67.05
CA ILE K 31 -20.87 -14.56 -66.25
C ILE K 31 -19.78 -14.41 -65.21
N ILE K 32 -19.92 -15.18 -64.14
CA ILE K 32 -18.90 -15.33 -63.11
C ILE K 32 -18.37 -16.75 -63.22
N ILE K 33 -17.07 -16.90 -63.44
CA ILE K 33 -16.47 -18.23 -63.50
C ILE K 33 -15.57 -18.41 -62.30
N LYS K 34 -15.88 -19.41 -61.50
CA LYS K 34 -15.11 -19.82 -60.34
C LYS K 34 -14.21 -21.00 -60.71
N PHE K 35 -12.90 -20.81 -60.60
CA PHE K 35 -11.93 -21.85 -60.91
C PHE K 35 -11.44 -22.45 -59.60
N GLU K 36 -11.54 -23.76 -59.47
CA GLU K 36 -11.09 -24.45 -58.28
C GLU K 36 -9.73 -25.09 -58.52
N ARG K 37 -8.89 -25.05 -57.48
CA ARG K 37 -7.54 -25.62 -57.47
C ARG K 37 -6.68 -25.07 -58.60
N GLU K 38 -6.64 -23.74 -58.71
CA GLU K 38 -5.80 -23.05 -59.69
C GLU K 38 -5.27 -21.75 -59.13
N ASP K 39 -4.35 -21.15 -59.87
CA ASP K 39 -3.44 -20.10 -59.41
C ASP K 39 -3.47 -18.91 -60.36
N HIS K 40 -2.69 -17.90 -59.99
CA HIS K 40 -2.28 -16.85 -60.92
C HIS K 40 -1.69 -17.37 -62.23
N THR K 41 -0.95 -18.49 -62.17
CA THR K 41 -0.32 -19.13 -63.34
C THR K 41 -1.30 -19.28 -64.50
N LEU K 42 -2.42 -19.94 -64.24
CA LEU K 42 -3.45 -20.10 -65.25
C LEU K 42 -4.17 -18.79 -65.52
N ALA K 43 -4.53 -18.06 -64.45
CA ALA K 43 -5.47 -16.95 -64.53
C ALA K 43 -4.93 -15.79 -65.33
N ASN K 44 -3.68 -15.40 -65.08
CA ASN K 44 -3.11 -14.26 -65.77
C ASN K 44 -2.94 -14.54 -67.25
N LEU K 45 -2.60 -15.78 -67.58
CA LEU K 45 -2.46 -16.20 -68.97
C LEU K 45 -3.76 -16.00 -69.75
N LEU K 46 -4.87 -16.55 -69.24
CA LEU K 46 -6.16 -16.35 -69.89
C LEU K 46 -6.58 -14.89 -69.95
N ARG K 47 -6.27 -14.11 -68.91
CA ARG K 47 -6.82 -12.76 -68.80
C ARG K 47 -6.30 -11.83 -69.89
N GLU K 48 -4.99 -11.80 -70.11
CA GLU K 48 -4.44 -10.88 -71.10
C GLU K 48 -4.89 -11.23 -72.50
N GLU K 49 -4.76 -12.50 -72.88
CA GLU K 49 -5.31 -13.05 -74.13
C GLU K 49 -6.73 -12.57 -74.41
N LEU K 50 -7.61 -12.70 -73.42
CA LEU K 50 -9.01 -12.32 -73.59
C LEU K 50 -9.14 -10.83 -73.85
N ALA K 51 -8.29 -10.01 -73.21
CA ALA K 51 -8.46 -8.57 -73.27
C ALA K 51 -8.15 -8.01 -74.64
N LEU K 52 -7.36 -8.71 -75.44
CA LEU K 52 -7.06 -8.23 -76.79
C LEU K 52 -8.14 -8.60 -77.80
N TYR K 53 -9.12 -9.40 -77.43
CA TYR K 53 -10.21 -9.68 -78.37
C TYR K 53 -11.17 -8.50 -78.45
N PRO K 54 -11.58 -8.13 -79.67
CA PRO K 54 -12.49 -6.97 -79.83
C PRO K 54 -13.86 -7.13 -79.21
N ASP K 55 -14.38 -8.35 -79.08
CA ASP K 55 -15.72 -8.51 -78.55
C ASP K 55 -15.79 -8.76 -77.06
N VAL K 56 -14.67 -8.73 -76.35
CA VAL K 56 -14.67 -8.79 -74.89
C VAL K 56 -14.64 -7.35 -74.36
N THR K 57 -15.68 -6.97 -73.63
CA THR K 57 -15.78 -5.63 -73.08
C THR K 57 -15.31 -5.53 -71.65
N PHE K 58 -15.30 -6.63 -70.90
CA PHE K 58 -14.79 -6.61 -69.54
C PHE K 58 -14.22 -7.97 -69.21
N VAL K 59 -12.99 -7.99 -68.69
CA VAL K 59 -12.43 -9.19 -68.10
C VAL K 59 -11.58 -8.82 -66.89
N ALA K 60 -11.76 -9.57 -65.80
CA ALA K 60 -11.00 -9.35 -64.58
C ALA K 60 -10.98 -10.65 -63.79
N TYR K 61 -10.00 -10.75 -62.90
CA TYR K 61 -9.92 -11.83 -61.92
C TYR K 61 -9.38 -11.36 -60.58
N LYS K 62 -9.66 -12.13 -59.54
CA LYS K 62 -9.05 -11.90 -58.24
C LYS K 62 -8.80 -13.26 -57.59
N VAL K 63 -7.65 -13.39 -56.93
CA VAL K 63 -7.41 -14.49 -56.00
C VAL K 63 -7.82 -13.98 -54.63
N GLU K 64 -8.98 -14.42 -54.15
CA GLU K 64 -9.56 -13.83 -52.96
C GLU K 64 -8.74 -14.06 -51.69
N HIS K 65 -8.09 -15.20 -51.56
CA HIS K 65 -7.26 -15.39 -50.39
C HIS K 65 -6.13 -16.36 -50.72
N PRO K 66 -4.86 -16.00 -50.58
CA PRO K 66 -3.78 -16.91 -50.98
C PRO K 66 -3.74 -18.23 -50.23
N LEU K 67 -4.41 -18.36 -49.09
CA LEU K 67 -4.39 -19.62 -48.37
C LEU K 67 -5.33 -20.65 -48.99
N PHE K 68 -6.12 -20.24 -49.98
CA PHE K 68 -7.05 -21.13 -50.67
C PHE K 68 -6.72 -21.01 -52.14
N ALA K 69 -6.41 -22.12 -52.78
CA ALA K 69 -6.02 -22.12 -54.18
C ALA K 69 -7.28 -22.07 -55.05
N ASN K 70 -7.90 -20.89 -55.09
CA ASN K 70 -8.92 -20.68 -56.10
C ASN K 70 -8.86 -19.25 -56.58
N PHE K 71 -9.59 -18.98 -57.64
CA PHE K 71 -9.80 -17.62 -58.08
C PHE K 71 -11.12 -17.57 -58.81
N VAL K 72 -11.59 -16.37 -59.01
CA VAL K 72 -12.87 -16.12 -59.65
C VAL K 72 -12.66 -15.09 -60.73
N MET K 73 -13.22 -15.34 -61.90
CA MET K 73 -13.05 -14.44 -63.03
C MET K 73 -14.41 -13.93 -63.42
N ARG K 74 -14.46 -12.67 -63.86
CA ARG K 74 -15.68 -12.05 -64.36
C ARG K 74 -15.49 -11.68 -65.81
N LEU K 75 -16.44 -12.06 -66.64
CA LEU K 75 -16.30 -11.91 -68.07
C LEU K 75 -17.61 -11.40 -68.65
N GLN K 76 -17.58 -10.23 -69.27
CA GLN K 76 -18.74 -9.70 -69.95
C GLN K 76 -18.38 -9.44 -71.41
N THR K 77 -19.25 -9.86 -72.31
CA THR K 77 -19.10 -9.62 -73.75
C THR K 77 -20.32 -8.88 -74.27
N GLU K 78 -20.14 -8.23 -75.43
CA GLU K 78 -21.24 -7.55 -76.09
C GLU K 78 -22.29 -8.55 -76.57
N GLU K 79 -23.46 -8.00 -76.90
CA GLU K 79 -24.69 -8.76 -77.19
C GLU K 79 -24.51 -9.90 -78.20
N GLY K 80 -23.73 -9.68 -79.26
CA GLY K 80 -23.56 -10.71 -80.29
C GLY K 80 -22.96 -12.01 -79.79
N THR K 81 -21.89 -11.93 -79.01
CA THR K 81 -21.10 -13.11 -78.68
C THR K 81 -21.53 -13.68 -77.33
N ARG K 82 -21.40 -15.02 -77.19
CA ARG K 82 -21.72 -15.60 -75.90
C ARG K 82 -20.43 -15.77 -75.12
N PRO K 83 -20.36 -15.27 -73.87
CA PRO K 83 -19.09 -15.24 -73.12
C PRO K 83 -18.36 -16.56 -73.04
N LYS K 84 -19.10 -17.62 -72.67
CA LYS K 84 -18.55 -18.97 -72.57
C LYS K 84 -17.92 -19.44 -73.87
N GLN K 85 -18.49 -19.06 -75.02
CA GLN K 85 -17.89 -19.45 -76.29
C GLN K 85 -16.58 -18.72 -76.50
N ALA K 86 -16.57 -17.43 -76.20
CA ALA K 86 -15.39 -16.57 -76.29
C ALA K 86 -14.24 -17.10 -75.44
N LEU K 87 -14.56 -17.67 -74.28
CA LEU K 87 -13.53 -18.26 -73.44
C LEU K 87 -12.87 -19.45 -74.12
N GLU K 88 -13.66 -20.31 -74.77
CA GLU K 88 -13.13 -21.41 -75.56
C GLU K 88 -12.19 -20.91 -76.65
N ARG K 89 -12.53 -19.81 -77.30
CA ARG K 89 -11.68 -19.27 -78.36
C ARG K 89 -10.33 -18.82 -77.79
N ALA K 90 -10.35 -18.11 -76.66
CA ALA K 90 -9.12 -17.70 -75.98
C ALA K 90 -8.23 -18.88 -75.61
N CYS K 91 -8.83 -19.97 -75.15
CA CYS K 91 -8.10 -21.19 -74.81
C CYS K 91 -7.38 -21.78 -76.01
N ALA K 92 -8.08 -21.93 -77.14
CA ALA K 92 -7.52 -22.59 -78.31
C ALA K 92 -6.40 -21.78 -78.93
N SER K 93 -6.54 -20.44 -78.96
CA SER K 93 -5.47 -19.56 -79.40
C SER K 93 -4.17 -19.80 -78.65
N ILE K 94 -4.24 -19.90 -77.31
CA ILE K 94 -3.01 -20.01 -76.53
C ILE K 94 -2.38 -21.39 -76.68
N ILE K 95 -3.20 -22.45 -76.73
CA ILE K 95 -2.70 -23.79 -77.03
C ILE K 95 -1.97 -23.80 -78.36
N ASN K 96 -2.50 -23.09 -79.35
CA ASN K 96 -1.83 -23.02 -80.64
C ASN K 96 -0.51 -22.27 -80.56
N LYS K 97 -0.51 -21.08 -79.93
CA LYS K 97 0.74 -20.33 -79.77
C LYS K 97 1.80 -21.10 -79.01
N LEU K 98 1.42 -21.90 -78.02
CA LEU K 98 2.43 -22.67 -77.30
C LEU K 98 2.92 -23.85 -78.11
N LYS K 99 2.05 -24.47 -78.91
CA LYS K 99 2.46 -25.53 -79.81
C LYS K 99 3.50 -25.03 -80.82
N THR K 100 3.19 -23.92 -81.48
CA THR K 100 4.16 -23.23 -82.34
C THR K 100 5.46 -22.93 -81.60
N LEU K 101 5.33 -22.37 -80.40
CA LEU K 101 6.49 -21.95 -79.62
C LEU K 101 7.37 -23.15 -79.25
N ASP K 102 6.75 -24.27 -78.93
CA ASP K 102 7.49 -25.50 -78.62
C ASP K 102 8.24 -26.01 -79.84
N HIS K 103 7.62 -25.91 -81.01
CA HIS K 103 8.23 -26.36 -82.26
C HIS K 103 9.46 -25.53 -82.59
N LYS K 104 9.35 -24.22 -82.56
CA LYS K 104 10.47 -23.34 -82.89
C LYS K 104 11.63 -23.48 -81.92
N PHE K 105 11.36 -23.83 -80.66
CA PHE K 105 12.46 -24.06 -79.74
C PHE K 105 13.23 -25.34 -80.07
N ASN K 106 12.51 -26.43 -80.38
CA ASN K 106 13.12 -27.70 -80.77
C ASN K 106 14.05 -27.55 -81.97
N GLU K 107 13.60 -26.85 -83.01
CA GLU K 107 14.42 -26.61 -84.20
C GLU K 107 15.71 -25.88 -83.83
N GLU K 108 15.58 -24.73 -83.15
CA GLU K 108 16.74 -23.95 -82.75
C GLU K 108 17.69 -24.72 -81.83
N TRP K 109 17.15 -25.68 -81.07
CA TRP K 109 17.94 -26.44 -80.10
C TRP K 109 18.90 -27.42 -80.77
N ASN K 110 18.45 -28.12 -81.80
CA ASN K 110 19.31 -29.06 -82.51
C ASN K 110 20.49 -28.37 -83.16
N ILE K 111 20.28 -27.17 -83.70
CA ILE K 111 21.38 -26.41 -84.32
C ILE K 111 22.48 -26.12 -83.31
N LYS K 112 22.12 -25.86 -82.04
CA LYS K 112 23.14 -25.58 -81.04
C LYS K 112 23.72 -26.84 -80.40
N ASN K 113 23.04 -27.99 -80.53
CA ASN K 113 23.45 -29.31 -80.00
C ASN K 113 24.89 -29.65 -80.43
N GLY L 28 14.98 -60.87 -22.40
CA GLY L 28 13.69 -60.22 -22.42
C GLY L 28 13.71 -58.83 -23.05
N VAL L 29 14.43 -57.91 -22.41
CA VAL L 29 14.57 -56.55 -22.90
C VAL L 29 16.04 -56.24 -23.10
N LYS L 30 16.39 -55.75 -24.27
CA LYS L 30 17.77 -55.46 -24.60
C LYS L 30 18.22 -54.15 -23.96
N TYR L 31 19.41 -54.16 -23.38
CA TYR L 31 20.02 -52.97 -22.80
C TYR L 31 21.41 -52.75 -23.37
N THR L 32 22.07 -51.70 -22.91
CA THR L 32 23.40 -51.36 -23.41
C THR L 32 24.20 -50.70 -22.29
N CYS L 33 25.44 -51.11 -22.12
CA CYS L 33 26.28 -50.59 -21.06
C CYS L 33 26.84 -49.23 -21.44
N GLY L 34 26.69 -48.25 -20.56
CA GLY L 34 27.16 -46.91 -20.90
C GLY L 34 28.67 -46.75 -20.99
N ALA L 35 29.44 -47.73 -20.52
CA ALA L 35 30.89 -47.66 -20.53
C ALA L 35 31.53 -48.57 -21.58
N CYS L 36 31.18 -49.85 -21.59
CA CYS L 36 31.83 -50.84 -22.42
C CYS L 36 30.98 -51.35 -23.57
N ALA L 37 29.73 -50.89 -23.66
CA ALA L 37 28.77 -51.15 -24.74
C ALA L 37 28.35 -52.62 -24.87
N HIS L 38 28.63 -53.47 -23.90
CA HIS L 38 28.14 -54.85 -23.93
C HIS L 38 26.63 -54.84 -23.91
N ASN L 39 26.02 -55.71 -24.69
CA ASN L 39 24.58 -55.90 -24.66
C ASN L 39 24.14 -57.12 -23.86
N PHE L 40 23.04 -56.99 -23.12
CA PHE L 40 22.52 -58.06 -22.28
C PHE L 40 21.07 -57.72 -21.93
N SER L 41 20.37 -58.69 -21.35
CA SER L 41 19.02 -58.47 -20.88
C SER L 41 18.89 -58.53 -19.36
N LEU L 42 17.79 -57.95 -18.87
CA LEU L 42 17.46 -58.01 -17.45
C LEU L 42 15.94 -58.17 -17.29
N ASN L 43 15.48 -59.08 -16.43
CA ASN L 43 14.04 -59.23 -16.10
C ASN L 43 13.61 -58.50 -14.82
N LYS L 44 13.68 -57.16 -14.90
CA LYS L 44 13.55 -56.15 -13.84
C LYS L 44 14.02 -56.39 -12.41
N SER L 45 14.06 -57.63 -11.90
CA SER L 45 14.38 -57.81 -10.49
C SER L 45 15.89 -57.87 -10.26
N ASP L 46 16.65 -58.00 -11.33
CA ASP L 46 18.10 -58.04 -11.26
C ASP L 46 18.56 -56.63 -10.83
N PRO L 47 19.72 -56.50 -10.18
CA PRO L 47 20.21 -55.14 -9.89
C PRO L 47 20.62 -54.42 -11.17
N VAL L 48 20.59 -53.09 -11.09
CA VAL L 48 20.79 -52.23 -12.25
C VAL L 48 22.28 -51.96 -12.32
N ARG L 49 22.98 -52.78 -13.10
CA ARG L 49 24.40 -52.61 -13.37
C ARG L 49 24.79 -53.39 -14.62
N CYS L 50 25.98 -53.08 -15.13
CA CYS L 50 26.55 -53.82 -16.25
C CYS L 50 27.27 -55.04 -15.73
N LYS L 51 27.03 -56.19 -16.37
CA LYS L 51 27.72 -57.41 -15.98
C LYS L 51 29.22 -57.32 -16.22
N GLU L 52 29.64 -56.59 -17.25
CA GLU L 52 31.05 -56.58 -17.64
C GLU L 52 31.90 -55.71 -16.74
N CYS L 53 31.55 -54.43 -16.61
CA CYS L 53 32.36 -53.47 -15.87
C CYS L 53 31.72 -52.94 -14.60
N GLY L 54 30.47 -53.30 -14.30
CA GLY L 54 29.83 -52.75 -13.12
C GLY L 54 29.35 -51.32 -13.23
N HIS L 55 29.29 -50.76 -14.44
CA HIS L 55 28.82 -49.39 -14.61
C HIS L 55 27.35 -49.32 -14.25
N ARG L 56 26.95 -48.23 -13.60
CA ARG L 56 25.60 -48.10 -13.08
C ARG L 56 24.70 -47.19 -13.90
N VAL L 57 25.12 -46.82 -15.10
CA VAL L 57 24.33 -46.04 -16.04
C VAL L 57 24.09 -46.88 -17.29
N ILE L 58 22.82 -47.25 -17.57
CA ILE L 58 22.53 -48.10 -18.71
C ILE L 58 21.38 -47.52 -19.53
N TYR L 59 21.24 -48.00 -20.76
CA TYR L 59 20.31 -47.44 -21.73
C TYR L 59 19.50 -48.52 -22.45
N LYS L 60 18.22 -48.27 -22.69
CA LYS L 60 17.39 -49.21 -23.43
C LYS L 60 17.77 -49.25 -24.89
N ALA L 61 17.78 -50.45 -25.47
CA ALA L 61 18.02 -50.51 -26.90
C ALA L 61 16.75 -50.16 -27.66
N ARG L 62 16.91 -49.84 -28.93
CA ARG L 62 15.83 -49.32 -29.76
C ARG L 62 14.79 -50.40 -30.02
N THR L 63 13.56 -49.98 -30.30
CA THR L 63 12.44 -50.85 -30.61
C THR L 63 12.68 -51.76 -31.80
N LYS L 64 12.02 -52.92 -31.75
CA LYS L 64 11.97 -53.82 -32.90
C LYS L 64 11.24 -53.21 -34.09
N ARG L 65 10.26 -52.34 -33.85
CA ARG L 65 9.41 -51.84 -34.93
C ARG L 65 10.18 -50.95 -35.90
N MET L 66 9.74 -50.98 -37.15
CA MET L 66 10.26 -50.08 -38.17
C MET L 66 9.72 -48.66 -37.99
N ILE L 67 10.59 -47.69 -38.23
CA ILE L 67 10.28 -46.26 -38.14
C ILE L 67 10.33 -45.66 -39.54
N GLN L 68 9.31 -44.89 -39.90
CA GLN L 68 9.23 -44.20 -41.18
C GLN L 68 9.19 -42.70 -41.03
N PHE L 69 9.89 -41.99 -41.92
CA PHE L 69 9.84 -40.54 -41.93
C PHE L 69 9.60 -40.05 -43.35
N ASP L 70 8.90 -38.92 -43.49
CA ASP L 70 8.44 -38.43 -44.79
C ASP L 70 9.48 -37.64 -45.55
N ALA L 71 10.65 -37.40 -44.96
CA ALA L 71 11.76 -36.71 -45.61
C ALA L 71 11.35 -35.31 -46.07
N ARG L 72 10.52 -34.65 -45.28
CA ARG L 72 10.10 -33.28 -45.58
C ARG L 72 10.54 -32.35 -44.47
N GLU P 3 18.08 -44.02 36.06
CA GLU P 3 17.70 -43.51 37.39
C GLU P 3 16.50 -44.23 37.99
N ARG P 4 16.59 -44.61 39.26
CA ARG P 4 15.44 -45.19 39.95
C ARG P 4 15.17 -44.41 41.23
N ALA P 5 13.96 -44.55 41.76
CA ALA P 5 13.55 -43.86 42.97
C ALA P 5 13.30 -44.88 44.06
N CYS P 6 13.86 -44.66 45.24
CA CYS P 6 13.64 -45.56 46.38
C CYS P 6 12.20 -45.47 46.84
N MET P 7 11.58 -46.62 46.97
CA MET P 7 10.20 -46.58 47.41
C MET P 7 10.10 -46.16 48.88
N LEU P 8 11.07 -46.36 49.67
CA LEU P 8 10.94 -46.04 51.09
C LEU P 8 11.16 -44.55 51.37
N CYS P 9 12.21 -43.97 50.78
CA CYS P 9 12.58 -42.59 51.07
C CYS P 9 12.38 -41.63 49.91
N GLY P 10 12.21 -42.17 48.71
CA GLY P 10 11.89 -41.33 47.58
C GLY P 10 13.10 -40.76 46.86
N ILE P 11 14.30 -41.10 47.33
CA ILE P 11 15.49 -40.54 46.70
C ILE P 11 15.70 -41.10 45.31
N VAL P 12 16.19 -40.22 44.43
CA VAL P 12 16.45 -40.56 43.04
C VAL P 12 17.95 -40.69 42.76
N LEU P 13 18.36 -41.86 42.31
CA LEU P 13 19.76 -42.16 42.06
C LEU P 13 19.87 -43.05 40.83
N PRO P 14 21.04 -43.02 40.15
CA PRO P 14 21.27 -44.05 39.12
C PRO P 14 21.11 -45.43 39.74
N GLY P 15 20.43 -46.33 39.03
CA GLY P 15 20.11 -47.65 39.53
C GLY P 15 21.31 -48.42 40.05
N ARG P 16 22.45 -48.30 39.37
CA ARG P 16 23.64 -49.03 39.77
C ARG P 16 24.10 -48.60 41.17
N VAL P 17 23.73 -47.38 41.56
CA VAL P 17 24.10 -46.86 42.87
C VAL P 17 23.39 -47.68 43.93
N PHE P 18 22.14 -48.04 43.66
CA PHE P 18 21.35 -48.85 44.56
C PHE P 18 22.00 -50.21 44.72
N MET P 19 22.71 -50.63 43.68
CA MET P 19 23.40 -51.92 43.69
C MET P 19 24.78 -51.80 44.36
N GLN P 20 25.50 -50.71 44.04
CA GLN P 20 26.84 -50.46 44.56
C GLN P 20 26.87 -50.09 46.05
N ASN P 21 26.07 -49.09 46.43
CA ASN P 21 26.14 -48.52 47.77
C ASN P 21 24.87 -48.70 48.60
N GLY P 22 23.79 -49.16 47.97
CA GLY P 22 22.51 -49.26 48.65
C GLY P 22 21.81 -47.91 48.65
N CYS P 23 20.65 -47.82 49.30
CA CYS P 23 20.04 -46.50 49.43
C CYS P 23 20.74 -45.71 50.52
N PRO P 24 21.32 -44.41 50.35
CA PRO P 24 22.02 -43.67 51.42
C PRO P 24 21.15 -43.32 52.62
N ASN P 25 19.83 -43.34 52.44
CA ASN P 25 18.92 -43.10 53.55
C ASN P 25 18.44 -44.36 54.26
N CYS P 26 18.32 -45.46 53.49
CA CYS P 26 17.52 -46.61 53.92
C CYS P 26 18.30 -47.91 54.11
N ASP P 27 19.58 -47.95 53.73
CA ASP P 27 20.17 -49.27 53.50
C ASP P 27 20.42 -50.01 54.80
N SER P 28 20.34 -49.32 55.93
CA SER P 28 20.45 -49.97 57.23
C SER P 28 19.34 -51.01 57.43
N VAL P 29 18.20 -50.80 56.77
CA VAL P 29 17.09 -51.72 56.91
C VAL P 29 16.80 -52.44 55.58
N LEU P 30 17.09 -51.78 54.46
CA LEU P 30 16.73 -52.33 53.16
C LEU P 30 17.82 -53.26 52.61
N ASN P 31 19.06 -53.02 53.00
CA ASN P 31 20.19 -53.85 52.60
C ASN P 31 20.29 -54.04 51.10
N LEU P 32 20.08 -52.99 50.30
CA LEU P 32 20.13 -53.20 48.85
C LEU P 32 21.54 -53.42 48.37
N ARG P 33 22.51 -52.94 49.14
CA ARG P 33 23.89 -53.02 48.74
C ARG P 33 24.23 -54.49 48.55
N ASP P 34 23.76 -55.32 49.47
CA ASP P 34 24.06 -56.74 49.46
C ASP P 34 22.94 -57.60 48.86
N SER P 35 22.27 -57.06 47.84
CA SER P 35 21.12 -57.77 47.26
C SER P 35 21.45 -58.24 45.85
N ASP P 36 20.44 -58.82 45.20
CA ASP P 36 20.50 -59.09 43.77
C ASP P 36 19.67 -58.02 43.04
N GLN P 37 19.72 -58.01 41.71
CA GLN P 37 18.98 -57.01 40.95
C GLN P 37 17.48 -57.16 41.15
N ALA P 38 16.99 -58.38 41.35
CA ALA P 38 15.56 -58.58 41.58
C ALA P 38 15.14 -57.85 42.86
N THR P 39 15.94 -57.91 43.91
CA THR P 39 15.62 -57.19 45.14
C THR P 39 15.64 -55.66 44.97
N VAL P 40 16.68 -55.15 44.33
CA VAL P 40 16.80 -53.72 44.09
C VAL P 40 15.59 -53.21 43.32
N ASN P 41 15.13 -53.98 42.35
CA ASN P 41 14.02 -53.58 41.48
C ASN P 41 12.67 -53.73 42.17
N GLU P 42 12.66 -54.43 43.32
CA GLU P 42 11.43 -54.54 44.07
C GLU P 42 11.30 -53.42 45.08
N CYS P 43 12.44 -52.78 45.39
CA CYS P 43 12.44 -51.69 46.37
C CYS P 43 12.66 -50.30 45.78
N THR P 44 13.01 -50.27 44.49
CA THR P 44 13.22 -49.00 43.79
C THR P 44 12.45 -49.06 42.49
N SER P 45 12.01 -47.90 42.01
CA SER P 45 11.17 -47.87 40.82
C SER P 45 11.79 -47.04 39.69
N SER P 46 11.69 -47.56 38.47
CA SER P 46 12.14 -46.81 37.30
C SER P 46 11.11 -45.76 36.91
N SER P 47 9.94 -45.81 37.54
CA SER P 47 8.82 -44.92 37.24
C SER P 47 8.47 -43.97 38.38
N PHE P 48 8.72 -42.69 38.15
CA PHE P 48 8.48 -41.70 39.18
C PHE P 48 8.27 -40.34 38.54
N GLU P 49 7.65 -39.44 39.28
CA GLU P 49 7.31 -38.12 38.77
C GLU P 49 7.47 -37.04 39.81
N GLY P 50 7.87 -35.86 39.36
CA GLY P 50 7.99 -34.69 40.22
C GLY P 50 9.36 -34.68 40.84
N LEU P 51 10.32 -34.21 40.07
CA LEU P 51 11.70 -34.17 40.52
C LEU P 51 11.92 -32.99 41.48
N VAL P 52 12.48 -33.27 42.65
CA VAL P 52 12.68 -32.29 43.70
C VAL P 52 14.14 -32.23 44.11
N ALA P 53 14.75 -31.06 43.94
CA ALA P 53 16.07 -30.85 44.49
C ALA P 53 15.88 -30.43 45.94
N VAL P 54 16.33 -31.26 46.87
CA VAL P 54 16.29 -30.87 48.28
C VAL P 54 17.69 -30.52 48.72
N GLY P 55 17.91 -29.24 49.01
CA GLY P 55 19.23 -28.77 49.37
C GLY P 55 19.41 -28.67 50.87
N ASP P 56 18.30 -28.43 51.57
CA ASP P 56 18.32 -28.17 53.00
C ASP P 56 17.18 -28.93 53.68
N ASN P 57 17.34 -30.23 53.85
CA ASN P 57 16.26 -31.07 54.32
C ASN P 57 15.61 -30.62 55.62
N GLU P 58 16.41 -30.14 56.43
CA GLU P 58 15.88 -30.01 57.77
C GLU P 58 15.11 -28.70 57.96
N HIS P 59 15.28 -27.75 57.05
CA HIS P 59 14.54 -26.47 57.13
C HIS P 59 13.61 -26.17 55.95
N SER P 60 13.59 -27.06 54.98
CA SER P 60 12.68 -26.96 53.86
C SER P 60 11.27 -27.38 54.22
N TRP P 61 10.28 -26.53 53.93
CA TRP P 61 8.90 -26.95 54.11
C TRP P 61 8.56 -28.02 53.07
N VAL P 62 9.07 -27.85 51.85
CA VAL P 62 8.81 -28.83 50.80
C VAL P 62 9.28 -30.21 51.30
N ALA P 63 10.47 -30.26 51.88
CA ALA P 63 10.98 -31.51 52.41
C ALA P 63 10.11 -32.06 53.54
N LYS P 64 9.60 -31.20 54.41
CA LYS P 64 8.77 -31.68 55.51
C LYS P 64 7.46 -32.30 54.96
N TRP P 65 6.86 -31.63 53.97
CA TRP P 65 5.63 -32.14 53.38
C TRP P 65 5.83 -33.51 52.75
N LEU P 66 6.97 -33.69 52.09
CA LEU P 66 7.27 -34.95 51.41
C LEU P 66 7.85 -36.00 52.36
N ARG P 67 8.01 -35.60 53.64
CA ARG P 67 8.56 -36.46 54.69
C ARG P 67 9.95 -36.95 54.30
N VAL P 68 10.77 -36.01 53.81
CA VAL P 68 12.18 -36.28 53.57
C VAL P 68 13.05 -35.30 54.37
N ASP P 69 12.49 -34.69 55.40
CA ASP P 69 13.21 -33.71 56.18
C ASP P 69 14.32 -34.29 57.06
N ARG P 70 14.29 -35.60 57.29
CA ARG P 70 15.34 -36.22 58.10
C ARG P 70 16.37 -36.92 57.22
N PHE P 71 16.24 -36.77 55.91
CA PHE P 71 17.12 -37.45 54.98
C PHE P 71 18.24 -36.54 54.48
N GLN P 72 19.03 -37.05 53.54
CA GLN P 72 20.19 -36.32 53.05
C GLN P 72 19.84 -35.45 51.84
N PRO P 73 20.57 -34.34 51.66
CA PRO P 73 20.34 -33.50 50.47
C PRO P 73 20.52 -34.31 49.19
N GLY P 74 19.70 -34.01 48.19
CA GLY P 74 19.70 -34.82 46.99
C GLY P 74 18.46 -34.62 46.15
N LEU P 75 18.31 -35.48 45.15
CA LEU P 75 17.13 -35.46 44.28
C LEU P 75 16.12 -36.44 44.80
N TYR P 76 14.86 -36.00 44.91
CA TYR P 76 13.80 -36.85 45.39
C TYR P 76 12.63 -36.77 44.42
N ALA P 77 11.71 -37.71 44.56
CA ALA P 77 10.54 -37.76 43.69
C ALA P 77 9.28 -37.49 44.49
N VAL P 78 8.39 -36.69 43.94
CA VAL P 78 7.10 -36.46 44.60
C VAL P 78 6.26 -37.73 44.62
N ARG P 79 6.20 -38.41 43.48
CA ARG P 79 5.43 -39.64 43.35
C ARG P 79 6.32 -40.77 42.84
N VAL P 80 6.30 -41.88 43.57
CA VAL P 80 7.03 -43.08 43.18
C VAL P 80 6.00 -44.19 42.92
N ASP P 81 6.01 -44.75 41.72
CA ASP P 81 5.02 -45.77 41.38
C ASP P 81 5.42 -47.17 41.83
N GLY P 82 4.44 -47.94 42.29
CA GLY P 82 4.69 -49.28 42.75
C GLY P 82 4.61 -49.24 44.27
N ARG P 83 4.58 -50.40 44.89
CA ARG P 83 4.69 -50.44 46.33
C ARG P 83 5.68 -51.53 46.71
N LEU P 84 6.30 -51.35 47.86
CA LEU P 84 7.18 -52.36 48.42
C LEU P 84 6.44 -53.69 48.50
N PRO P 85 7.13 -54.79 48.19
CA PRO P 85 6.54 -56.14 48.29
C PRO P 85 6.12 -56.45 49.72
N SER P 86 5.03 -57.18 49.89
CA SER P 86 4.49 -57.39 51.24
C SER P 86 5.51 -58.07 52.16
N ASP P 87 6.39 -58.90 51.60
CA ASP P 87 7.39 -59.58 52.42
C ASP P 87 8.43 -58.61 52.97
N ILE P 88 8.80 -57.61 52.16
CA ILE P 88 9.73 -56.60 52.61
C ILE P 88 9.06 -55.63 53.59
N VAL P 89 7.82 -55.24 53.32
CA VAL P 89 7.09 -54.43 54.29
C VAL P 89 7.06 -55.16 55.63
N ALA P 90 6.79 -56.47 55.61
CA ALA P 90 6.73 -57.22 56.86
C ALA P 90 8.09 -57.21 57.56
N ALA P 91 9.17 -57.31 56.79
CA ALA P 91 10.49 -57.34 57.41
C ALA P 91 10.85 -55.97 57.98
N LEU P 92 10.45 -54.91 57.29
CA LEU P 92 10.71 -53.58 57.81
C LEU P 92 9.98 -53.34 59.10
N GLU P 93 8.77 -53.88 59.19
CA GLU P 93 7.96 -53.69 60.37
C GLU P 93 8.56 -54.42 61.56
N GLN P 94 9.20 -55.55 61.30
CA GLN P 94 9.96 -56.25 62.33
C GLN P 94 11.07 -55.37 62.90
N TYR P 95 11.51 -54.39 62.11
CA TYR P 95 12.60 -53.49 62.50
C TYR P 95 12.13 -52.19 63.10
N GLY P 96 10.83 -52.09 63.34
CA GLY P 96 10.28 -50.86 63.88
C GLY P 96 10.14 -49.74 62.86
N VAL P 97 10.19 -50.08 61.58
CA VAL P 97 10.04 -49.10 60.52
C VAL P 97 8.63 -49.12 59.92
N TYR P 98 7.95 -47.98 59.88
CA TYR P 98 6.62 -47.97 59.29
C TYR P 98 6.63 -47.41 57.88
N TYR P 99 6.21 -48.26 56.94
CA TYR P 99 6.18 -47.89 55.54
C TYR P 99 4.95 -47.06 55.21
N ARG P 100 5.17 -45.86 54.71
CA ARG P 100 4.07 -45.05 54.21
C ARG P 100 4.31 -44.95 52.73
N PRO P 101 3.46 -45.61 51.93
CA PRO P 101 3.67 -45.66 50.48
C PRO P 101 3.76 -44.27 49.83
N ARG P 102 4.60 -44.15 48.82
CA ARG P 102 4.82 -42.86 48.16
C ARG P 102 4.20 -42.78 46.77
N ASP P 103 3.21 -43.63 46.53
CA ASP P 103 2.60 -43.75 45.20
C ASP P 103 1.34 -42.94 45.02
N GLY P 104 0.89 -42.30 46.10
CA GLY P 104 -0.33 -41.52 46.06
C GLY P 104 -1.56 -42.33 46.42
N PRO Q 216 0.13 -37.29 61.41
CA PRO Q 216 -0.88 -36.93 60.40
C PRO Q 216 -0.37 -35.87 59.45
N GLN Q 217 -0.68 -36.01 58.16
CA GLN Q 217 -0.26 -35.04 57.16
C GLN Q 217 -0.78 -33.62 57.48
N ARG Q 218 -1.95 -33.52 58.12
CA ARG Q 218 -2.53 -32.20 58.41
C ARG Q 218 -1.68 -31.35 59.37
N LEU Q 219 -0.72 -31.96 60.07
CA LEU Q 219 0.13 -31.18 60.98
C LEU Q 219 1.34 -30.61 60.25
N LEU Q 220 1.49 -30.97 58.98
CA LEU Q 220 2.63 -30.50 58.21
C LEU Q 220 2.31 -29.33 57.28
N ILE Q 221 1.12 -28.76 57.40
CA ILE Q 221 0.73 -27.67 56.53
C ILE Q 221 1.67 -26.47 56.71
N PRO Q 222 1.88 -25.69 55.63
CA PRO Q 222 2.77 -24.53 55.69
C PRO Q 222 2.19 -23.37 56.46
N THR Q 223 3.09 -22.54 56.99
CA THR Q 223 2.71 -21.35 57.72
C THR Q 223 3.52 -20.17 57.22
N VAL Q 224 3.20 -19.01 57.77
CA VAL Q 224 3.88 -17.76 57.43
C VAL Q 224 5.37 -17.80 57.80
N ASP Q 225 5.74 -18.72 58.69
CA ASP Q 225 7.14 -18.87 59.11
C ASP Q 225 7.98 -19.67 58.12
N ASP Q 226 7.32 -20.36 57.21
CA ASP Q 226 8.00 -21.18 56.21
C ASP Q 226 8.54 -20.32 55.07
N PRO Q 227 9.57 -20.83 54.35
CA PRO Q 227 10.08 -20.04 53.23
C PRO Q 227 9.02 -19.80 52.16
N GLY Q 228 9.26 -18.80 51.32
CA GLY Q 228 8.41 -18.51 50.19
C GLY Q 228 8.70 -19.48 49.06
N ILE Q 229 7.74 -19.60 48.15
CA ILE Q 229 7.93 -20.37 46.92
C ILE Q 229 7.61 -19.48 45.73
N TRP Q 230 8.56 -19.39 44.81
CA TRP Q 230 8.38 -18.67 43.55
C TRP Q 230 8.29 -19.67 42.41
N GLY Q 231 7.46 -19.38 41.42
CA GLY Q 231 7.48 -20.11 40.17
C GLY Q 231 8.33 -19.36 39.16
N VAL Q 232 8.97 -20.09 38.26
CA VAL Q 232 9.78 -19.49 37.21
C VAL Q 232 9.49 -20.20 35.88
N LYS Q 233 9.37 -19.43 34.81
CA LYS Q 233 9.16 -19.96 33.48
C LYS Q 233 10.47 -20.48 32.90
N VAL Q 234 10.47 -21.71 32.38
CA VAL Q 234 11.66 -22.27 31.75
C VAL Q 234 11.31 -22.89 30.39
N ARG Q 235 12.33 -23.13 29.58
CA ARG Q 235 12.13 -23.76 28.26
C ARG Q 235 11.43 -25.11 28.42
N LEU Q 236 10.41 -25.33 27.58
CA LEU Q 236 9.62 -26.54 27.64
C LEU Q 236 10.51 -27.77 27.50
N GLY Q 237 10.34 -28.74 28.38
CA GLY Q 237 11.14 -29.95 28.33
C GLY Q 237 12.44 -29.85 29.10
N LYS Q 238 12.73 -28.67 29.65
CA LYS Q 238 13.99 -28.47 30.33
C LYS Q 238 13.80 -28.28 31.83
N GLU Q 239 12.59 -28.55 32.31
CA GLU Q 239 12.27 -28.35 33.73
C GLU Q 239 13.09 -29.26 34.65
N LYS Q 240 13.21 -30.53 34.31
CA LYS Q 240 14.04 -31.44 35.12
C LYS Q 240 15.49 -31.00 35.09
N ASP Q 241 15.99 -30.58 33.93
CA ASP Q 241 17.37 -30.11 33.85
C ASP Q 241 17.65 -28.92 34.75
N VAL Q 242 16.71 -27.97 34.80
CA VAL Q 242 16.86 -26.80 35.66
C VAL Q 242 16.86 -27.20 37.13
N VAL Q 243 16.00 -28.13 37.52
CA VAL Q 243 15.98 -28.61 38.90
C VAL Q 243 17.33 -29.23 39.27
N ARG Q 244 17.87 -30.06 38.38
CA ARG Q 244 19.20 -30.64 38.53
C ARG Q 244 20.30 -29.62 38.72
N GLN Q 245 20.27 -28.61 37.82
CA GLN Q 245 21.29 -27.56 37.83
C GLN Q 245 21.26 -26.77 39.12
N ILE Q 246 20.05 -26.50 39.60
CA ILE Q 246 19.91 -25.81 40.88
C ILE Q 246 20.50 -26.63 42.02
N LEU Q 247 20.28 -27.94 42.03
CA LEU Q 247 20.85 -28.78 43.07
C LEU Q 247 22.38 -28.72 43.03
N LYS Q 248 22.96 -28.84 41.83
CA LYS Q 248 24.44 -28.79 41.74
C LYS Q 248 25.00 -27.50 42.29
N LYS Q 249 24.35 -26.40 41.98
CA LYS Q 249 24.80 -25.08 42.45
C LYS Q 249 24.68 -24.99 43.97
N LYS Q 250 23.55 -25.44 44.52
CA LYS Q 250 23.35 -25.45 45.97
C LYS Q 250 24.44 -26.24 46.72
N LEU Q 251 24.68 -27.46 46.26
CA LEU Q 251 25.62 -28.36 46.95
C LEU Q 251 27.06 -27.86 46.83
N ALA Q 252 27.36 -27.20 45.72
CA ALA Q 252 28.72 -26.75 45.44
C ALA Q 252 29.10 -25.55 46.26
N ARG Q 253 28.09 -24.80 46.70
CA ARG Q 253 28.28 -23.56 47.42
C ARG Q 253 28.01 -23.70 48.92
N GLU Q 254 27.56 -24.87 49.36
CA GLU Q 254 27.34 -25.13 50.78
C GLU Q 254 28.60 -24.85 51.62
N GLY Q 255 28.46 -24.06 52.68
CA GLY Q 255 29.59 -23.80 53.57
C GLY Q 255 30.58 -22.73 53.10
N THR Q 256 30.39 -22.21 51.89
CA THR Q 256 31.27 -21.15 51.40
C THR Q 256 30.76 -19.81 51.93
N LYS Q 257 31.42 -18.72 51.59
CA LYS Q 257 30.97 -17.42 52.07
C LYS Q 257 29.76 -16.92 51.29
N ASN Q 258 29.49 -17.53 50.15
CA ASN Q 258 28.35 -17.17 49.31
C ASN Q 258 27.45 -18.37 49.01
N PRO Q 259 26.81 -18.93 50.05
CA PRO Q 259 25.94 -20.09 49.83
C PRO Q 259 24.75 -19.72 48.95
N LEU Q 260 24.20 -20.66 48.20
CA LEU Q 260 22.95 -20.42 47.49
C LEU Q 260 21.80 -20.56 48.48
N GLU Q 261 21.12 -19.47 48.76
CA GLU Q 261 20.14 -19.46 49.82
C GLU Q 261 18.76 -19.86 49.29
N ILE Q 262 18.72 -21.04 48.66
CA ILE Q 262 17.46 -21.71 48.39
C ILE Q 262 17.40 -23.00 49.20
N TYR Q 263 16.17 -23.45 49.49
CA TYR Q 263 15.97 -24.67 50.28
C TYR Q 263 15.69 -25.88 49.41
N SER Q 264 14.92 -25.67 48.36
CA SER Q 264 14.53 -26.73 47.48
C SER Q 264 14.09 -26.16 46.16
N ALA Q 265 13.99 -27.00 45.14
CA ALA Q 265 13.39 -26.61 43.87
C ALA Q 265 12.72 -27.82 43.26
N PHE Q 266 11.63 -27.64 42.53
CA PHE Q 266 11.01 -28.81 41.94
C PHE Q 266 10.22 -28.46 40.70
N GLN Q 267 9.84 -29.49 39.95
CA GLN Q 267 9.08 -29.30 38.72
C GLN Q 267 8.01 -30.38 38.56
N ARG Q 268 6.76 -29.96 38.38
CA ARG Q 268 5.66 -30.88 38.22
C ARG Q 268 5.34 -31.11 36.74
N ASP Q 269 5.24 -32.37 36.35
CA ASP Q 269 4.94 -32.72 34.97
C ASP Q 269 3.66 -32.04 34.49
N SER Q 270 2.63 -32.06 35.33
CA SER Q 270 1.35 -31.44 35.00
C SER Q 270 1.49 -29.94 34.72
N PHE Q 271 2.55 -29.32 35.24
CA PHE Q 271 2.80 -27.89 35.06
C PHE Q 271 3.96 -27.66 34.11
N LYS Q 272 3.76 -27.89 32.81
CA LYS Q 272 4.80 -27.67 31.80
C LYS Q 272 5.44 -26.27 31.85
N GLY Q 273 6.75 -26.23 31.59
CA GLY Q 273 7.44 -24.96 31.44
C GLY Q 273 7.67 -24.15 32.70
N HIS Q 274 7.63 -24.66 33.88
CA HIS Q 274 7.76 -24.02 35.19
C HIS Q 274 8.63 -24.83 36.12
N VAL Q 275 9.38 -24.11 36.88
CA VAL Q 275 10.08 -24.68 38.02
C VAL Q 275 9.68 -23.88 39.25
N TYR Q 276 9.58 -24.53 40.40
CA TYR Q 276 9.26 -23.84 41.65
C TYR Q 276 10.46 -23.88 42.55
N ILE Q 277 10.72 -22.76 43.21
CA ILE Q 277 11.94 -22.63 44.00
C ILE Q 277 11.62 -22.10 45.36
N GLU Q 278 12.13 -22.75 46.40
CA GLU Q 278 11.84 -22.40 47.78
C GLU Q 278 12.98 -21.57 48.36
N ALA Q 279 12.65 -20.40 48.90
CA ALA Q 279 13.65 -19.52 49.49
C ALA Q 279 13.01 -18.48 50.41
N ARG Q 280 13.82 -17.57 50.92
CA ARG Q 280 13.33 -16.53 51.83
C ARG Q 280 13.38 -15.16 51.16
N LYS Q 281 14.32 -14.98 50.25
CA LYS Q 281 14.48 -13.72 49.54
C LYS Q 281 14.43 -13.92 48.03
N ALA Q 282 13.81 -12.98 47.33
CA ALA Q 282 13.69 -13.05 45.88
C ALA Q 282 15.08 -13.09 45.21
N GLU Q 283 16.01 -12.34 45.78
CA GLU Q 283 17.37 -12.29 45.26
C GLU Q 283 17.99 -13.69 45.12
N ALA Q 284 17.62 -14.60 46.02
CA ALA Q 284 18.12 -15.96 45.96
C ALA Q 284 17.59 -16.69 44.72
N ILE Q 285 16.38 -16.32 44.28
CA ILE Q 285 15.82 -16.93 43.08
C ILE Q 285 16.66 -16.51 41.88
N ASN Q 286 16.96 -15.22 41.80
CA ASN Q 286 17.81 -14.72 40.72
C ASN Q 286 19.19 -15.39 40.73
N ASP Q 287 19.72 -15.58 41.94
CA ASP Q 287 21.00 -16.24 42.14
C ASP Q 287 20.96 -17.69 41.66
N ALA Q 288 19.88 -18.42 42.01
CA ALA Q 288 19.76 -19.82 41.59
C ALA Q 288 19.77 -19.97 40.07
N LEU Q 289 19.15 -19.02 39.37
CA LEU Q 289 18.99 -19.14 37.92
C LEU Q 289 20.06 -18.44 37.08
N LYS Q 290 20.96 -17.71 37.73
CA LYS Q 290 21.92 -16.92 37.00
C LYS Q 290 22.77 -17.79 36.07
N GLY Q 291 22.79 -17.43 34.79
CA GLY Q 291 23.57 -18.12 33.79
C GLY Q 291 22.92 -19.38 33.24
N ASN Q 292 21.73 -19.71 33.74
CA ASN Q 292 21.08 -20.93 33.28
C ASN Q 292 20.47 -20.72 31.90
N VAL Q 293 20.94 -21.49 30.92
CA VAL Q 293 20.57 -21.28 29.52
C VAL Q 293 19.16 -21.73 29.20
N ASN Q 294 18.54 -22.43 30.16
CA ASN Q 294 17.20 -22.97 29.98
C ASN Q 294 16.09 -22.09 30.56
N VAL Q 295 16.50 -20.94 31.09
CA VAL Q 295 15.58 -20.05 31.78
C VAL Q 295 15.33 -18.79 30.98
N PHE Q 296 14.08 -18.33 30.91
CA PHE Q 296 13.81 -17.10 30.16
C PHE Q 296 14.25 -15.86 30.91
N SER Q 297 15.11 -15.10 30.23
CA SER Q 297 15.78 -13.92 30.77
C SER Q 297 14.84 -12.81 31.26
N ASN Q 298 13.65 -12.74 30.69
CA ASN Q 298 12.65 -11.80 31.19
C ASN Q 298 12.46 -11.99 32.70
N ASN Q 299 12.20 -10.91 33.45
CA ASN Q 299 12.16 -11.05 34.90
C ASN Q 299 10.82 -11.66 35.29
N SER Q 300 10.54 -12.82 34.71
CA SER Q 300 9.32 -13.54 34.95
C SER Q 300 9.52 -14.61 36.00
N LYS Q 301 9.39 -14.26 37.23
CA LYS Q 301 9.10 -15.17 38.33
C LYS Q 301 7.84 -14.64 38.95
N PHE Q 302 7.15 -15.58 39.57
CA PHE Q 302 5.90 -15.21 40.22
C PHE Q 302 5.83 -15.84 41.61
N LEU Q 303 5.17 -15.15 42.53
CA LEU Q 303 5.01 -15.61 43.91
C LEU Q 303 3.82 -16.56 44.06
N VAL Q 304 3.99 -17.63 44.83
CA VAL Q 304 2.92 -18.56 45.14
C VAL Q 304 2.38 -18.25 46.54
N GLY Q 305 1.07 -18.33 46.73
CA GLY Q 305 0.51 -18.12 48.05
C GLY Q 305 0.68 -19.33 48.96
N ILE Q 306 0.88 -19.11 50.25
CA ILE Q 306 1.00 -20.20 51.20
C ILE Q 306 -0.14 -21.20 51.06
N VAL Q 307 -1.34 -20.70 50.75
CA VAL Q 307 -2.53 -21.55 50.68
C VAL Q 307 -2.53 -22.43 49.41
N GLU Q 308 -1.60 -22.13 48.50
CA GLU Q 308 -1.43 -22.89 47.26
C GLU Q 308 -0.29 -23.90 47.30
N TYR Q 309 0.51 -23.87 48.36
CA TYR Q 309 1.71 -24.73 48.42
C TYR Q 309 1.43 -26.21 48.30
N LYS Q 310 0.44 -26.71 49.11
CA LYS Q 310 0.41 -28.18 49.15
C LYS Q 310 -0.13 -28.77 47.84
N ASP Q 311 -0.94 -28.04 47.20
CA ASP Q 311 -1.52 -28.52 45.97
C ASP Q 311 -0.43 -28.71 44.91
N LEU Q 312 0.67 -27.98 45.06
CA LEU Q 312 1.80 -28.07 44.12
C LEU Q 312 2.47 -29.43 44.22
N LEU Q 313 2.30 -30.09 45.36
CA LEU Q 313 2.99 -31.34 45.71
C LEU Q 313 2.01 -32.52 45.81
N ARG Q 314 0.79 -32.36 45.29
CA ARG Q 314 -0.12 -33.50 45.22
C ARG Q 314 0.46 -34.59 44.34
N PRO Q 315 0.56 -35.82 44.87
CA PRO Q 315 1.18 -36.84 44.03
C PRO Q 315 0.27 -37.29 42.90
N VAL Q 316 -1.02 -37.45 43.13
CA VAL Q 316 -1.95 -37.87 42.09
C VAL Q 316 -3.02 -36.81 41.84
N LYS Q 322 -5.48 -46.61 39.28
CA LYS Q 322 -6.59 -47.51 39.00
C LYS Q 322 -6.12 -48.72 38.20
N LEU Q 323 -7.05 -49.62 37.90
CA LEU Q 323 -6.74 -50.82 37.14
C LEU Q 323 -7.22 -52.02 37.94
N THR Q 324 -8.24 -52.68 37.44
CA THR Q 324 -8.78 -53.84 38.15
C THR Q 324 -9.04 -54.95 37.18
N ARG Q 325 -8.78 -56.16 37.64
CA ARG Q 325 -9.01 -57.32 36.83
C ARG Q 325 -10.50 -57.43 36.45
N GLY Q 326 -10.76 -57.66 35.16
CA GLY Q 326 -12.10 -57.71 34.63
C GLY Q 326 -12.56 -56.44 33.95
N SER Q 327 -11.83 -55.35 34.18
CA SER Q 327 -12.16 -54.05 33.58
C SER Q 327 -11.50 -53.90 32.21
N TYR Q 328 -11.95 -52.90 31.47
CA TYR Q 328 -11.39 -52.61 30.16
C TYR Q 328 -10.36 -51.51 30.21
N VAL Q 329 -9.36 -51.64 29.34
CA VAL Q 329 -8.36 -50.61 29.14
C VAL Q 329 -8.15 -50.50 27.62
N ARG Q 330 -7.44 -49.45 27.19
CA ARG Q 330 -7.05 -49.32 25.78
C ARG Q 330 -5.53 -49.45 25.67
N VAL Q 331 -5.09 -50.28 24.73
CA VAL Q 331 -3.65 -50.51 24.53
C VAL Q 331 -3.01 -49.30 23.83
N LYS Q 332 -1.80 -48.95 24.26
CA LYS Q 332 -1.12 -47.75 23.79
C LYS Q 332 0.06 -48.01 22.84
N ASN Q 333 0.43 -49.27 22.61
CA ASN Q 333 1.62 -49.61 21.82
C ASN Q 333 1.39 -50.84 20.94
N GLY Q 334 2.11 -50.92 19.83
CA GLY Q 334 2.15 -52.14 19.05
C GLY Q 334 1.00 -52.29 18.06
N LYS Q 335 0.86 -53.47 17.46
CA LYS Q 335 -0.21 -53.65 16.50
C LYS Q 335 -1.58 -53.55 17.14
N PHE Q 336 -1.65 -53.69 18.46
CA PHE Q 336 -2.93 -53.59 19.15
C PHE Q 336 -3.20 -52.18 19.69
N LYS Q 337 -2.35 -51.23 19.30
CA LYS Q 337 -2.52 -49.85 19.73
C LYS Q 337 -3.91 -49.34 19.41
N GLY Q 338 -4.58 -48.77 20.41
CA GLY Q 338 -5.93 -48.26 20.24
C GLY Q 338 -7.01 -49.29 20.50
N ASP Q 339 -6.65 -50.56 20.61
CA ASP Q 339 -7.67 -51.59 20.81
C ASP Q 339 -8.09 -51.69 22.27
N LEU Q 340 -9.38 -52.01 22.46
CA LEU Q 340 -9.92 -52.25 23.78
C LEU Q 340 -9.50 -53.64 24.24
N ALA Q 341 -9.16 -53.78 25.50
CA ALA Q 341 -8.74 -55.09 26.01
C ALA Q 341 -9.24 -55.26 27.43
N GLN Q 342 -9.56 -56.49 27.80
CA GLN Q 342 -9.88 -56.76 29.24
C GLN Q 342 -8.65 -57.08 30.06
N VAL Q 343 -8.57 -56.46 31.24
CA VAL Q 343 -7.49 -56.81 32.17
C VAL Q 343 -7.73 -58.18 32.77
N ASP Q 344 -6.87 -59.14 32.43
CA ASP Q 344 -7.01 -60.49 32.98
C ASP Q 344 -6.30 -60.66 34.32
N GLU Q 345 -5.08 -60.14 34.41
CA GLU Q 345 -4.30 -60.25 35.65
C GLU Q 345 -3.04 -59.40 35.57
N VAL Q 346 -2.40 -59.19 36.73
CA VAL Q 346 -1.18 -58.41 36.80
C VAL Q 346 -0.04 -59.23 37.40
N LEU Q 347 1.19 -58.85 37.07
CA LEU Q 347 2.37 -59.55 37.58
C LEU Q 347 2.53 -59.36 39.08
N GLU Q 348 3.14 -60.33 39.74
CA GLU Q 348 3.37 -60.28 41.17
C GLU Q 348 4.07 -58.98 41.58
N ASN Q 349 5.15 -58.65 40.87
CA ASN Q 349 5.91 -57.45 41.16
C ASN Q 349 5.06 -56.19 41.01
N GLY Q 350 4.23 -56.16 39.98
CA GLY Q 350 3.37 -55.02 39.73
C GLY Q 350 3.93 -54.07 38.69
N LEU Q 351 3.87 -54.49 37.43
CA LEU Q 351 4.39 -53.68 36.33
C LEU Q 351 3.62 -53.96 35.03
N GLU Q 352 3.58 -55.22 34.63
CA GLU Q 352 2.89 -55.62 33.42
C GLU Q 352 1.59 -56.34 33.74
N ALA Q 353 0.57 -56.13 32.89
CA ALA Q 353 -0.73 -56.76 33.08
C ALA Q 353 -1.08 -57.66 31.90
N ARG Q 354 -1.63 -58.82 32.20
CA ARG Q 354 -2.02 -59.77 31.18
C ARG Q 354 -3.36 -59.27 30.64
N LEU Q 355 -3.44 -59.08 29.33
CA LEU Q 355 -4.63 -58.57 28.66
C LEU Q 355 -5.26 -59.60 27.73
N LYS Q 356 -6.58 -59.57 27.69
CA LYS Q 356 -7.38 -60.41 26.80
C LYS Q 356 -7.79 -59.53 25.63
N LEU Q 357 -7.39 -59.95 24.43
CA LEU Q 357 -7.41 -59.09 23.24
C LEU Q 357 -7.98 -59.85 22.05
N VAL Q 358 -8.79 -59.19 21.22
CA VAL Q 358 -9.19 -59.77 19.95
C VAL Q 358 -7.99 -59.75 18.99
N PRO Q 359 -7.55 -60.92 18.53
CA PRO Q 359 -6.31 -60.97 17.75
C PRO Q 359 -6.38 -60.35 16.36
N ARG Q 360 -5.21 -60.04 15.83
CA ARG Q 360 -5.04 -59.53 14.47
C ARG Q 360 -4.00 -60.41 13.78
N LEU Q 361 -4.45 -61.51 13.19
CA LEU Q 361 -3.57 -62.58 12.69
C LEU Q 361 -3.73 -62.85 11.21
N ASP Q 362 -2.71 -63.46 10.61
CA ASP Q 362 -2.73 -63.92 9.23
C ASP Q 362 -2.52 -65.44 9.02
N TYR Q 363 -2.33 -66.17 10.12
CA TYR Q 363 -2.07 -67.61 10.03
C TYR Q 363 -0.86 -67.96 9.18
N GLY Q 364 0.16 -67.10 9.21
CA GLY Q 364 1.42 -67.34 8.54
C GLY Q 364 1.35 -67.23 7.03
N LYS Q 365 0.28 -66.64 6.53
CA LYS Q 365 -0.05 -66.67 5.10
C LYS Q 365 1.04 -66.19 4.17
N ASP Q 366 1.77 -65.15 4.54
CA ASP Q 366 2.81 -64.62 3.66
C ASP Q 366 4.21 -64.67 4.27
N LEU Q 367 4.43 -65.61 5.19
CA LEU Q 367 5.73 -65.73 5.83
C LEU Q 367 6.76 -66.40 4.92
N SER Q 368 8.03 -66.07 5.14
CA SER Q 368 9.13 -66.65 4.37
C SER Q 368 10.08 -67.43 5.25
N TYR Q 386 5.77 -57.04 12.41
CA TYR Q 386 4.53 -56.39 12.03
C TYR Q 386 4.45 -54.97 12.60
N THR Q 387 3.67 -54.12 11.95
CA THR Q 387 3.51 -52.74 12.40
C THR Q 387 2.04 -52.41 12.65
N SER Q 388 1.79 -51.23 13.19
CA SER Q 388 0.43 -50.80 13.49
C SER Q 388 -0.23 -50.16 12.26
N LYS Q 389 0.59 -49.86 11.26
CA LYS Q 389 0.08 -49.25 10.02
C LYS Q 389 -0.10 -50.31 8.93
N PHE Q 390 0.50 -51.47 9.13
CA PHE Q 390 0.39 -52.57 8.16
C PHE Q 390 -0.06 -53.85 8.84
N ARG Q 391 -0.87 -53.70 9.88
CA ARG Q 391 -1.39 -54.84 10.63
C ARG Q 391 -2.56 -55.48 9.89
N PRO Q 392 -3.25 -56.43 10.53
CA PRO Q 392 -4.39 -57.20 10.08
C PRO Q 392 -5.69 -56.74 10.76
N ALA Q 393 -6.83 -57.05 10.15
CA ALA Q 393 -8.11 -56.84 10.85
C ALA Q 393 -8.23 -57.69 12.09
N GLN Q 394 -9.06 -57.25 13.03
CA GLN Q 394 -9.28 -58.02 14.26
C GLN Q 394 -10.29 -59.15 14.00
N ARG Q 395 -9.97 -60.34 14.51
CA ARG Q 395 -10.90 -61.46 14.39
C ARG Q 395 -10.46 -62.49 15.42
N LEU Q 396 -11.42 -63.14 16.08
CA LEU Q 396 -11.09 -64.14 17.08
C LEU Q 396 -10.23 -65.24 16.46
N PHE Q 397 -9.29 -65.75 17.25
CA PHE Q 397 -8.42 -66.82 16.82
C PHE Q 397 -9.28 -68.04 16.50
N SER Q 398 -8.97 -68.70 15.39
CA SER Q 398 -9.69 -69.90 14.96
C SER Q 398 -8.65 -71.01 14.91
N GLU Q 399 -8.70 -71.93 15.87
CA GLU Q 399 -7.69 -72.99 15.90
C GLU Q 399 -7.78 -73.98 14.73
N ALA Q 400 -8.97 -74.21 14.18
CA ALA Q 400 -9.04 -75.10 13.02
C ALA Q 400 -8.47 -74.46 11.76
N GLU Q 401 -8.58 -73.14 11.66
CA GLU Q 401 -7.95 -72.42 10.58
C GLU Q 401 -6.42 -72.52 10.70
N ALA Q 402 -5.91 -72.36 11.93
CA ALA Q 402 -4.48 -72.53 12.18
C ALA Q 402 -4.03 -73.97 11.88
N ARG Q 403 -4.85 -74.93 12.26
CA ARG Q 403 -4.55 -76.34 11.99
C ARG Q 403 -4.43 -76.58 10.48
N VAL Q 404 -5.39 -76.04 9.74
CA VAL Q 404 -5.42 -76.21 8.30
C VAL Q 404 -4.22 -75.54 7.62
N HIS Q 405 -3.91 -74.30 8.02
CA HIS Q 405 -3.00 -73.47 7.26
C HIS Q 405 -1.57 -73.41 7.76
N GLU Q 406 -1.36 -73.67 9.05
CA GLU Q 406 -0.03 -73.48 9.64
C GLU Q 406 0.16 -74.37 10.87
N ILE Q 409 1.33 -74.55 15.65
CA ILE Q 409 0.17 -74.69 16.53
C ILE Q 409 0.37 -75.77 17.57
N ARG Q 410 0.21 -75.40 18.84
CA ARG Q 410 0.38 -76.30 19.98
C ARG Q 410 -0.82 -76.24 20.90
N ARG Q 411 -1.48 -77.37 21.14
CA ARG Q 411 -2.55 -77.38 22.12
C ARG Q 411 -1.97 -77.44 23.52
N ASP Q 412 -2.51 -76.60 24.41
CA ASP Q 412 -2.01 -76.47 25.78
C ASP Q 412 -3.01 -76.87 26.85
N ARG Q 413 -4.29 -76.80 26.52
CA ARG Q 413 -5.34 -77.09 27.50
C ARG Q 413 -6.65 -77.06 26.75
N ASP Q 414 -7.75 -77.22 27.47
CA ASP Q 414 -9.04 -76.99 26.87
C ASP Q 414 -9.12 -75.53 26.43
N GLY Q 415 -9.35 -75.40 25.14
CA GLY Q 415 -9.54 -74.14 24.43
C GLY Q 415 -8.33 -73.23 24.40
N PHE Q 416 -7.17 -73.78 24.75
CA PHE Q 416 -5.94 -73.00 24.84
C PHE Q 416 -4.91 -73.53 23.87
N VAL Q 417 -4.49 -72.66 22.96
CA VAL Q 417 -3.47 -72.98 21.98
C VAL Q 417 -2.36 -71.95 22.02
N THR Q 418 -1.13 -72.40 21.81
CA THR Q 418 -0.03 -71.51 21.57
C THR Q 418 0.23 -71.53 20.07
N TYR Q 419 0.08 -70.37 19.43
CA TYR Q 419 0.22 -70.28 18.00
C TYR Q 419 1.24 -69.18 17.70
N GLY Q 420 2.31 -69.52 17.00
CA GLY Q 420 3.43 -68.61 16.80
C GLY Q 420 3.87 -67.94 18.10
N GLY Q 421 3.98 -68.77 19.15
CA GLY Q 421 4.55 -68.32 20.43
C GLY Q 421 3.71 -67.29 21.16
N GLU Q 422 2.43 -67.21 20.82
CA GLU Q 422 1.47 -66.41 21.59
C GLU Q 422 0.34 -67.33 22.02
N GLU Q 423 -0.28 -67.00 23.15
CA GLU Q 423 -1.35 -67.80 23.71
C GLU Q 423 -2.76 -67.29 23.40
N TYR Q 424 -3.62 -68.20 22.93
CA TYR Q 424 -5.00 -67.90 22.56
C TYR Q 424 -5.89 -68.83 23.31
N TYR Q 425 -6.81 -68.27 24.10
CA TYR Q 425 -7.74 -69.06 24.90
C TYR Q 425 -9.16 -68.67 24.51
N GLU Q 426 -9.92 -69.64 24.01
CA GLU Q 426 -11.29 -69.42 23.54
C GLU Q 426 -11.36 -68.27 22.53
N GLY Q 427 -10.33 -68.18 21.69
CA GLY Q 427 -10.29 -67.22 20.61
C GLY Q 427 -9.60 -65.89 20.89
N PHE Q 428 -9.31 -65.62 22.16
CA PHE Q 428 -8.67 -64.36 22.53
C PHE Q 428 -7.18 -64.53 22.80
N LEU Q 429 -6.39 -63.54 22.37
CA LEU Q 429 -4.99 -63.42 22.75
C LEU Q 429 -4.91 -63.05 24.23
N TYR Q 430 -4.01 -63.71 24.96
CA TYR Q 430 -3.66 -63.30 26.30
C TYR Q 430 -2.20 -62.93 26.25
N LYS Q 431 -1.91 -61.64 26.43
CA LYS Q 431 -0.55 -61.12 26.26
C LYS Q 431 -0.24 -60.08 27.32
N THR Q 432 0.99 -60.12 27.83
CA THR Q 432 1.40 -59.19 28.87
C THR Q 432 1.85 -57.86 28.28
N PHE Q 433 1.37 -56.77 28.88
CA PHE Q 433 1.74 -55.41 28.53
C PHE Q 433 2.19 -54.69 29.78
N ARG Q 434 3.16 -53.80 29.64
CA ARG Q 434 3.46 -52.90 30.72
C ARG Q 434 2.23 -52.08 31.07
N LEU Q 435 2.00 -51.88 32.37
CA LEU Q 435 0.92 -51.03 32.81
C LEU Q 435 1.06 -49.63 32.21
N GLN Q 436 2.29 -49.15 32.05
CA GLN Q 436 2.48 -47.84 31.46
C GLN Q 436 2.09 -47.79 29.98
N ASN Q 437 1.88 -48.98 29.40
CA ASN Q 437 1.49 -49.16 27.99
C ASN Q 437 -0.01 -49.32 27.77
N LEU Q 438 -0.80 -49.11 28.83
CA LEU Q 438 -2.24 -49.15 28.70
C LEU Q 438 -2.85 -47.88 29.27
N ILE Q 439 -4.00 -47.51 28.74
CA ILE Q 439 -4.75 -46.37 29.23
C ILE Q 439 -5.92 -46.89 30.04
N VAL Q 440 -6.05 -46.41 31.27
CA VAL Q 440 -7.13 -46.85 32.17
C VAL Q 440 -8.21 -45.82 32.42
N ASN Q 441 -7.94 -44.59 32.02
CA ASN Q 441 -8.81 -43.45 32.32
C ASN Q 441 -9.50 -42.84 31.11
N SER Q 442 -10.72 -42.37 31.31
CA SER Q 442 -11.49 -41.68 30.27
C SER Q 442 -11.68 -42.39 28.94
N ILE Q 443 -11.68 -43.71 28.98
CA ILE Q 443 -11.89 -44.53 27.78
C ILE Q 443 -13.21 -44.33 27.25
N ASN Q 444 -13.34 -44.14 25.95
CA ASN Q 444 -14.65 -44.02 25.31
C ASN Q 444 -14.88 -45.21 24.38
N PRO Q 445 -15.77 -46.13 24.74
CA PRO Q 445 -16.02 -47.23 23.82
C PRO Q 445 -16.55 -46.68 22.49
N THR Q 446 -16.15 -47.32 21.41
CA THR Q 446 -16.58 -46.91 20.09
C THR Q 446 -17.88 -47.59 19.70
N LEU Q 447 -18.45 -47.17 18.59
CA LEU Q 447 -19.62 -47.82 18.02
C LEU Q 447 -19.34 -49.32 17.82
N ASN Q 448 -18.19 -49.60 17.22
CA ASN Q 448 -17.81 -50.96 16.90
C ASN Q 448 -17.68 -51.80 18.19
N GLU Q 449 -17.14 -51.21 19.25
CA GLU Q 449 -16.95 -51.92 20.52
C GLU Q 449 -18.26 -52.20 21.25
N LEU Q 450 -19.21 -51.28 21.13
CA LEU Q 450 -20.53 -51.52 21.66
C LEU Q 450 -21.20 -52.67 20.90
N SER Q 451 -21.02 -52.72 19.58
CA SER Q 451 -21.54 -53.86 18.82
C SER Q 451 -20.92 -55.18 19.26
N LEU Q 452 -19.62 -55.18 19.55
CA LEU Q 452 -18.93 -56.43 19.87
C LEU Q 452 -19.08 -56.88 21.32
N PHE Q 453 -18.67 -56.02 22.25
CA PHE Q 453 -18.69 -56.38 23.68
C PHE Q 453 -20.02 -55.99 24.34
N ASP Q 752 -13.50 -54.40 -30.54
CA ASP Q 752 -13.01 -54.55 -31.90
C ASP Q 752 -11.57 -55.08 -31.76
N PRO Q 753 -11.14 -55.98 -32.65
CA PRO Q 753 -9.83 -56.62 -32.47
C PRO Q 753 -8.64 -55.93 -33.14
N THR Q 754 -8.81 -54.76 -33.73
CA THR Q 754 -7.70 -54.13 -34.45
C THR Q 754 -7.24 -52.80 -33.87
N LEU Q 755 -7.77 -52.37 -32.73
CA LEU Q 755 -7.24 -51.17 -32.07
C LEU Q 755 -5.79 -51.39 -31.67
N ASN Q 756 -5.01 -50.30 -31.71
CA ASN Q 756 -3.63 -50.22 -31.22
C ASN Q 756 -2.62 -51.10 -31.97
N LYS Q 757 -3.06 -51.80 -33.01
CA LYS Q 757 -2.20 -52.61 -33.86
C LYS Q 757 -1.68 -51.78 -35.02
N THR Q 758 -0.46 -52.06 -35.45
CA THR Q 758 0.19 -51.26 -36.48
C THR Q 758 -0.46 -51.56 -37.84
N VAL Q 759 -0.53 -50.53 -38.70
CA VAL Q 759 -1.34 -50.56 -39.91
C VAL Q 759 -0.53 -49.88 -41.01
N LYS Q 760 -0.71 -50.35 -42.25
CA LYS Q 760 -0.23 -49.69 -43.45
C LYS Q 760 -1.40 -49.35 -44.35
N ILE Q 761 -1.33 -48.18 -44.99
CA ILE Q 761 -2.40 -47.66 -45.83
C ILE Q 761 -2.09 -48.01 -47.27
N ARG Q 762 -3.05 -48.58 -48.00
CA ARG Q 762 -2.80 -49.08 -49.34
C ARG Q 762 -3.48 -48.31 -50.46
N GLN Q 763 -4.36 -47.36 -50.16
CA GLN Q 763 -4.96 -46.49 -51.16
C GLN Q 763 -4.95 -45.06 -50.64
N GLY Q 764 -5.07 -44.10 -51.56
CA GLY Q 764 -5.26 -42.71 -51.18
C GLY Q 764 -3.95 -41.95 -51.16
N GLY Q 765 -4.05 -40.68 -50.72
CA GLY Q 765 -2.85 -39.85 -50.63
C GLY Q 765 -1.84 -40.26 -49.57
N TYR Q 766 -2.24 -41.07 -48.60
CA TYR Q 766 -1.35 -41.52 -47.54
C TYR Q 766 -0.92 -42.97 -47.73
N LYS Q 767 -0.87 -43.41 -48.97
CA LYS Q 767 -0.62 -44.80 -49.31
C LYS Q 767 0.84 -45.14 -49.05
N GLY Q 768 1.08 -46.23 -48.32
CA GLY Q 768 2.41 -46.64 -47.93
C GLY Q 768 2.92 -46.17 -46.56
N LYS Q 769 2.11 -45.46 -45.78
CA LYS Q 769 2.54 -44.90 -44.50
C LYS Q 769 2.15 -45.80 -43.32
N ILE Q 770 3.01 -45.81 -42.28
CA ILE Q 770 2.77 -46.59 -41.07
C ILE Q 770 1.86 -45.76 -40.16
N GLY Q 771 1.11 -46.44 -39.31
CA GLY Q 771 0.25 -45.78 -38.35
C GLY Q 771 -0.21 -46.75 -37.28
N ILE Q 772 -0.96 -46.23 -36.32
CA ILE Q 772 -1.55 -47.01 -35.24
C ILE Q 772 -3.02 -46.64 -35.12
N VAL Q 773 -3.89 -47.63 -34.94
CA VAL Q 773 -5.32 -47.41 -34.78
C VAL Q 773 -5.59 -46.79 -33.42
N LYS Q 774 -5.89 -45.50 -33.40
CA LYS Q 774 -6.16 -44.78 -32.16
C LYS Q 774 -7.61 -44.94 -31.68
N GLU Q 775 -8.56 -45.00 -32.60
CA GLU Q 775 -9.98 -45.11 -32.28
C GLU Q 775 -10.73 -45.76 -33.45
N ALA Q 776 -11.52 -46.79 -33.16
CA ALA Q 776 -12.23 -47.54 -34.19
C ALA Q 776 -13.72 -47.64 -33.87
N ASN Q 777 -14.41 -46.49 -33.87
CA ASN Q 777 -15.83 -46.45 -33.55
C ASN Q 777 -16.67 -47.25 -34.55
N GLY Q 778 -16.58 -46.90 -35.82
CA GLY Q 778 -17.29 -47.63 -36.86
C GLY Q 778 -16.98 -47.13 -38.25
N ASP Q 779 -16.54 -48.01 -39.17
CA ASP Q 779 -16.30 -47.72 -40.60
C ASP Q 779 -15.19 -46.70 -40.86
N ARG Q 780 -15.20 -45.61 -40.11
CA ARG Q 780 -14.20 -44.54 -40.14
C ARG Q 780 -13.24 -44.74 -38.99
N PHE Q 781 -11.98 -45.03 -39.29
CA PHE Q 781 -10.97 -45.24 -38.26
C PHE Q 781 -10.22 -43.96 -38.00
N ARG Q 782 -9.54 -43.92 -36.86
CA ARG Q 782 -8.62 -42.86 -36.50
C ARG Q 782 -7.24 -43.48 -36.42
N VAL Q 783 -6.41 -43.20 -37.42
CA VAL Q 783 -5.04 -43.68 -37.44
C VAL Q 783 -4.13 -42.55 -36.99
N GLU Q 784 -3.26 -42.82 -36.01
CA GLU Q 784 -2.28 -41.81 -35.64
C GLU Q 784 -1.11 -42.10 -36.58
N LEU Q 785 -1.02 -41.32 -37.66
CA LEU Q 785 0.06 -41.47 -38.64
C LEU Q 785 1.40 -41.27 -37.95
N HIS Q 786 2.43 -41.95 -38.45
CA HIS Q 786 3.72 -41.73 -37.82
C HIS Q 786 4.40 -40.51 -38.40
N ASN Q 787 4.21 -40.29 -39.68
CA ASN Q 787 5.11 -39.47 -40.48
C ASN Q 787 4.88 -37.98 -40.22
N PRO Q 788 3.65 -37.37 -40.36
CA PRO Q 788 3.50 -36.06 -39.76
C PRO Q 788 2.72 -36.13 -38.46
N ASN Q 789 2.87 -35.13 -37.58
CA ASN Q 789 2.23 -35.20 -36.26
C ASN Q 789 0.77 -34.83 -36.48
N LYS Q 790 0.01 -35.81 -36.98
CA LYS Q 790 -1.41 -35.66 -37.23
C LYS Q 790 -2.11 -37.02 -37.14
N THR Q 791 -3.31 -37.01 -36.60
CA THR Q 791 -4.20 -38.17 -36.54
C THR Q 791 -5.35 -37.99 -37.51
N ILE Q 792 -5.53 -38.93 -38.44
CA ILE Q 792 -6.47 -38.71 -39.53
C ILE Q 792 -7.73 -39.55 -39.40
N PRO Q 793 -8.86 -39.10 -39.95
CA PRO Q 793 -10.04 -39.97 -40.13
C PRO Q 793 -9.90 -40.74 -41.43
N ILE Q 794 -10.12 -42.07 -41.39
CA ILE Q 794 -9.93 -42.83 -42.62
C ILE Q 794 -10.93 -43.99 -42.73
N PRO Q 795 -11.44 -44.26 -43.93
CA PRO Q 795 -12.31 -45.43 -44.15
C PRO Q 795 -11.59 -46.78 -44.10
N CYS Q 796 -12.33 -47.79 -43.64
CA CYS Q 796 -11.83 -49.14 -43.43
C CYS Q 796 -11.38 -49.89 -44.67
N SER Q 797 -11.90 -49.57 -45.86
CA SER Q 797 -11.41 -50.17 -47.10
C SER Q 797 -9.93 -49.90 -47.39
N PHE Q 798 -9.38 -48.82 -46.84
CA PHE Q 798 -8.05 -48.33 -47.13
C PHE Q 798 -6.91 -48.94 -46.32
N LEU Q 799 -7.17 -49.84 -45.38
CA LEU Q 799 -6.13 -50.27 -44.46
C LEU Q 799 -5.62 -51.68 -44.73
N LEU Q 800 -4.31 -51.87 -44.53
CA LEU Q 800 -3.69 -53.17 -44.36
C LEU Q 800 -3.25 -53.31 -42.91
N ILE Q 801 -3.52 -54.47 -42.30
CA ILE Q 801 -3.13 -54.73 -40.92
C ILE Q 801 -1.94 -55.70 -40.89
N GLU Q 802 -1.02 -55.51 -39.95
CA GLU Q 802 0.08 -56.44 -39.79
C GLU Q 802 -0.35 -57.63 -38.95
N SER Q 803 0.12 -58.81 -39.34
CA SER Q 803 -0.20 -60.06 -38.69
C SER Q 803 1.08 -60.89 -38.70
N THR Q 804 0.93 -62.21 -38.58
CA THR Q 804 2.08 -63.10 -38.53
C THR Q 804 2.88 -63.05 -39.82
N HIS Q 805 2.19 -63.05 -40.96
CA HIS Q 805 2.82 -62.95 -42.27
C HIS Q 805 2.30 -61.71 -42.99
N GLY Q 806 3.14 -60.68 -43.05
CA GLY Q 806 2.93 -59.45 -43.78
C GLY Q 806 1.69 -58.64 -43.44
N TRP Q 807 1.42 -57.70 -44.34
CA TRP Q 807 0.28 -56.79 -44.25
C TRP Q 807 -0.89 -57.47 -44.93
N VAL Q 808 -1.95 -57.73 -44.17
CA VAL Q 808 -3.07 -58.53 -44.65
C VAL Q 808 -4.31 -57.65 -44.81
N PRO Q 809 -5.03 -57.74 -45.95
CA PRO Q 809 -6.32 -57.06 -46.15
C PRO Q 809 -7.42 -57.48 -45.18
N TYR Q 810 -8.66 -57.04 -45.39
CA TYR Q 810 -9.74 -57.34 -44.45
C TYR Q 810 -10.20 -58.80 -44.48
N GLU Q 811 -9.25 -59.73 -44.28
CA GLU Q 811 -9.52 -61.13 -44.04
C GLU Q 811 -8.87 -61.57 -42.72
N ASP Q 812 -8.55 -60.61 -41.85
CA ASP Q 812 -7.88 -60.90 -40.59
C ASP Q 812 -8.90 -61.17 -39.49
N PRO R 42 15.54 87.72 94.26
CA PRO R 42 16.88 87.29 93.85
C PRO R 42 16.88 86.59 92.50
N HIS R 43 17.52 85.42 92.43
CA HIS R 43 17.68 84.67 91.20
C HIS R 43 16.78 83.44 91.14
N ARG R 44 15.51 83.59 91.56
CA ARG R 44 14.47 82.56 91.71
C ARG R 44 14.39 81.54 90.58
N TYR R 45 14.56 82.00 89.34
CA TYR R 45 14.64 81.15 88.15
C TYR R 45 13.38 80.32 87.89
N ARG R 46 12.40 80.95 87.22
CA ARG R 46 11.39 80.23 86.46
C ARG R 46 12.00 79.01 85.77
N PRO R 47 11.35 77.85 85.88
CA PRO R 47 12.09 76.58 85.98
C PRO R 47 12.66 76.10 84.66
N GLY R 48 13.38 74.98 84.72
CA GLY R 48 13.86 74.29 83.54
C GLY R 48 15.28 73.76 83.67
N THR R 49 16.14 74.51 84.35
CA THR R 49 17.54 74.11 84.47
C THR R 49 17.73 73.16 85.64
N VAL R 50 16.85 73.24 86.63
CA VAL R 50 16.97 72.44 87.84
C VAL R 50 16.81 70.96 87.54
N ALA R 51 15.67 70.60 86.95
CA ALA R 51 15.34 69.20 86.69
C ALA R 51 16.32 68.57 85.70
N LEU R 52 16.57 69.26 84.59
CA LEU R 52 17.40 68.69 83.54
C LEU R 52 18.85 68.66 83.95
N ARG R 53 19.26 69.63 84.76
CA ARG R 53 20.61 69.64 85.31
C ARG R 53 20.82 68.48 86.26
N GLU R 54 19.82 68.18 87.08
CA GLU R 54 19.97 67.04 87.98
C GLU R 54 19.87 65.73 87.23
N ILE R 55 19.17 65.71 86.09
CA ILE R 55 19.21 64.55 85.21
C ILE R 55 20.63 64.36 84.67
N ARG R 56 21.28 65.47 84.29
CA ARG R 56 22.66 65.41 83.83
C ARG R 56 23.59 64.91 84.93
N ARG R 57 23.33 65.34 86.16
CA ARG R 57 24.15 64.88 87.26
C ARG R 57 23.93 63.40 87.54
N TYR R 58 22.69 62.95 87.57
CA TYR R 58 22.40 61.57 87.90
C TYR R 58 22.69 60.62 86.75
N GLN R 59 22.93 61.15 85.56
CA GLN R 59 23.41 60.30 84.49
C GLN R 59 24.92 60.41 84.31
N LYS R 60 25.55 61.44 84.90
CA LYS R 60 26.99 61.36 85.11
C LYS R 60 27.32 60.39 86.22
N SER R 61 26.34 60.09 87.06
CA SER R 61 26.54 59.36 88.30
C SER R 61 26.86 57.90 88.04
N THR R 62 27.26 57.21 89.10
CA THR R 62 27.52 55.78 89.07
C THR R 62 26.62 55.03 90.03
N GLU R 63 26.60 55.45 91.29
CA GLU R 63 26.14 54.60 92.39
C GLU R 63 24.62 54.66 92.59
N LEU R 64 24.19 54.18 93.75
CA LEU R 64 22.77 53.98 94.02
C LEU R 64 22.06 55.29 94.30
N LEU R 65 20.77 55.21 94.58
CA LEU R 65 20.01 56.38 95.03
C LEU R 65 19.23 56.10 96.31
N ILE R 66 18.62 54.93 96.42
CA ILE R 66 17.90 54.60 97.65
C ILE R 66 18.92 54.25 98.71
N ARG R 67 18.81 54.89 99.87
CA ARG R 67 19.81 54.62 100.89
C ARG R 67 19.41 53.41 101.73
N LYS R 68 20.41 52.90 102.46
CA LYS R 68 20.53 51.47 102.69
C LYS R 68 19.51 50.93 103.69
N LEU R 69 19.59 51.40 104.92
CA LEU R 69 18.83 50.94 106.07
C LEU R 69 17.31 50.81 105.88
N PRO R 70 16.57 51.80 105.34
CA PRO R 70 15.12 51.61 105.28
C PRO R 70 14.74 50.57 104.26
N PHE R 71 15.49 50.50 103.17
CA PHE R 71 15.31 49.44 102.19
C PHE R 71 15.57 48.08 102.79
N GLN R 72 16.62 47.97 103.62
CA GLN R 72 16.93 46.71 104.29
C GLN R 72 15.80 46.28 105.22
N ARG R 73 15.26 47.25 105.98
CA ARG R 73 14.21 46.91 106.92
C ARG R 73 12.92 46.52 106.20
N LEU R 74 12.64 47.14 105.05
CA LEU R 74 11.50 46.73 104.25
C LEU R 74 11.68 45.31 103.72
N VAL R 75 12.90 45.01 103.29
CA VAL R 75 13.23 43.66 102.84
C VAL R 75 12.99 42.64 103.94
N ARG R 76 13.42 42.95 105.15
CA ARG R 76 13.22 42.01 106.25
C ARG R 76 11.76 41.91 106.65
N GLU R 77 10.98 42.96 106.44
CA GLU R 77 9.55 42.86 106.75
C GLU R 77 8.83 41.97 105.74
N ILE R 78 9.16 42.11 104.46
CA ILE R 78 8.65 41.16 103.48
C ILE R 78 9.18 39.76 103.76
N ALA R 79 10.41 39.67 104.23
CA ALA R 79 11.04 38.39 104.51
C ALA R 79 10.42 37.70 105.72
N GLN R 80 9.76 38.46 106.58
CA GLN R 80 9.25 37.89 107.81
C GLN R 80 7.87 37.27 107.60
N ASP R 81 7.54 36.91 106.36
CA ASP R 81 6.18 36.53 106.02
C ASP R 81 6.04 35.08 105.60
N PHE R 82 7.10 34.47 105.06
CA PHE R 82 6.98 33.12 104.53
C PHE R 82 7.76 32.10 105.33
N LYS R 83 8.98 32.41 105.73
CA LYS R 83 9.68 31.66 106.75
C LYS R 83 10.24 32.67 107.72
N THR R 84 10.01 32.45 109.01
CA THR R 84 10.47 33.38 110.01
C THR R 84 11.98 33.27 110.17
N ASP R 85 12.56 34.36 110.68
CA ASP R 85 13.86 34.35 111.37
C ASP R 85 14.99 33.93 110.43
N LEU R 86 15.17 34.73 109.39
CA LEU R 86 16.17 34.37 108.38
C LEU R 86 17.29 35.38 108.37
N ARG R 87 18.50 34.89 108.15
CA ARG R 87 19.68 35.73 108.20
C ARG R 87 20.24 35.90 106.81
N PHE R 88 21.03 36.96 106.63
CA PHE R 88 21.36 37.48 105.31
C PHE R 88 22.79 37.97 105.27
N GLN R 89 23.44 37.81 104.13
CA GLN R 89 24.70 38.50 103.88
C GLN R 89 24.44 39.75 103.06
N SER R 90 25.37 40.71 103.17
CA SER R 90 25.09 42.05 102.70
C SER R 90 25.05 42.13 101.18
N ALA R 91 25.83 41.26 100.51
CA ALA R 91 25.93 41.32 99.06
C ALA R 91 24.62 40.94 98.40
N ALA R 92 23.86 40.04 99.02
CA ALA R 92 22.52 39.72 98.54
C ALA R 92 21.64 40.94 98.54
N ILE R 93 21.69 41.70 99.62
CA ILE R 93 20.86 42.89 99.77
C ILE R 93 21.28 43.95 98.76
N GLY R 94 22.58 44.06 98.52
CA GLY R 94 23.05 45.01 97.52
C GLY R 94 22.62 44.64 96.12
N ALA R 95 22.62 43.34 95.81
CA ALA R 95 22.10 42.89 94.52
C ALA R 95 20.63 43.19 94.39
N LEU R 96 19.88 42.98 95.47
CA LEU R 96 18.45 43.28 95.49
C LEU R 96 18.20 44.75 95.23
N GLN R 97 19.01 45.61 95.84
CA GLN R 97 18.86 47.05 95.66
C GLN R 97 19.21 47.45 94.24
N GLU R 98 20.27 46.85 93.69
CA GLU R 98 20.70 47.09 92.32
C GLU R 98 19.60 46.76 91.32
N ALA R 99 19.08 45.54 91.39
CA ALA R 99 18.09 45.08 90.44
C ALA R 99 16.76 45.79 90.65
N SER R 100 16.49 46.18 91.88
CA SER R 100 15.29 46.95 92.16
C SER R 100 15.34 48.30 91.45
N GLU R 101 16.45 49.02 91.62
CA GLU R 101 16.57 50.33 90.99
C GLU R 101 16.61 50.21 89.48
N ALA R 102 17.19 49.13 88.95
CA ALA R 102 17.19 48.94 87.51
C ALA R 102 15.78 48.69 86.98
N TYR R 103 15.00 47.89 87.71
CA TYR R 103 13.62 47.57 87.36
C TYR R 103 12.78 48.83 87.30
N LEU R 104 12.98 49.69 88.28
CA LEU R 104 12.19 50.90 88.32
C LEU R 104 12.67 51.92 87.29
N VAL R 105 13.97 51.90 86.97
CA VAL R 105 14.50 52.76 85.93
C VAL R 105 13.88 52.41 84.58
N GLY R 106 13.77 51.11 84.29
CA GLY R 106 13.14 50.71 83.04
C GLY R 106 11.67 51.06 82.99
N LEU R 107 10.97 50.90 84.13
CA LEU R 107 9.58 51.36 84.22
C LEU R 107 9.47 52.84 83.92
N PHE R 108 10.37 53.64 84.50
CA PHE R 108 10.35 55.08 84.26
C PHE R 108 10.66 55.43 82.82
N GLU R 109 11.56 54.70 82.17
CA GLU R 109 11.90 55.01 80.78
C GLU R 109 10.70 54.80 79.87
N ASP R 110 10.06 53.63 79.96
CA ASP R 110 8.92 53.40 79.09
C ASP R 110 7.73 54.28 79.49
N THR R 111 7.63 54.62 80.77
CA THR R 111 6.59 55.54 81.21
C THR R 111 6.81 56.92 80.62
N ASN R 112 8.08 57.33 80.55
CA ASN R 112 8.47 58.59 79.96
C ASN R 112 8.12 58.63 78.48
N LEU R 113 8.36 57.53 77.78
CA LEU R 113 8.01 57.53 76.37
C LEU R 113 6.49 57.48 76.17
N CYS R 114 5.77 56.85 77.10
CA CYS R 114 4.31 56.91 77.06
C CYS R 114 3.80 58.33 77.25
N ALA R 115 4.46 59.08 78.12
CA ALA R 115 4.05 60.46 78.36
C ALA R 115 4.37 61.34 77.16
N ILE R 116 5.51 61.09 76.53
CA ILE R 116 5.88 61.86 75.34
C ILE R 116 4.91 61.58 74.21
N HIS R 117 4.45 60.33 74.10
CA HIS R 117 3.41 60.05 73.13
C HIS R 117 2.06 60.63 73.56
N ALA R 118 1.88 60.86 74.85
CA ALA R 118 0.65 61.50 75.31
C ALA R 118 0.64 63.01 75.10
N LYS R 119 1.64 63.56 74.41
CA LYS R 119 1.84 64.99 74.19
C LYS R 119 1.87 65.78 75.49
N ARG R 120 2.40 65.15 76.54
CA ARG R 120 2.49 65.75 77.85
C ARG R 120 3.87 65.50 78.41
N VAL R 121 4.21 66.23 79.45
CA VAL R 121 5.39 65.92 80.24
C VAL R 121 5.01 65.42 81.62
N THR R 122 3.82 65.76 82.11
CA THR R 122 3.33 65.23 83.36
C THR R 122 3.03 63.74 83.21
N ILE R 123 3.57 62.94 84.11
CA ILE R 123 3.27 61.52 84.11
C ILE R 123 1.88 61.27 84.69
N MET R 124 1.39 60.06 84.50
CA MET R 124 0.11 59.61 85.03
C MET R 124 0.28 58.19 85.55
N PRO R 125 -0.60 57.73 86.44
CA PRO R 125 -0.48 56.34 86.90
C PRO R 125 -0.83 55.33 85.84
N LYS R 126 -1.81 55.61 85.00
CA LYS R 126 -2.22 54.61 84.01
C LYS R 126 -1.18 54.47 82.91
N ASP R 127 -0.27 55.43 82.79
CA ASP R 127 0.96 55.22 82.05
C ASP R 127 1.73 54.00 82.55
N ILE R 128 1.99 53.95 83.85
CA ILE R 128 2.70 52.83 84.44
C ILE R 128 1.88 51.55 84.29
N GLN R 129 0.56 51.68 84.39
CA GLN R 129 -0.28 50.49 84.22
C GLN R 129 -0.25 49.97 82.79
N LEU R 130 -0.18 50.88 81.81
CA LEU R 130 -0.06 50.45 80.43
C LEU R 130 1.31 49.83 80.16
N ALA R 131 2.35 50.38 80.79
CA ALA R 131 3.69 49.87 80.60
C ALA R 131 3.83 48.45 81.15
N ARG R 132 3.32 48.23 82.35
CA ARG R 132 3.31 46.88 82.90
C ARG R 132 2.31 45.97 82.20
N ARG R 133 1.28 46.54 81.54
CA ARG R 133 0.41 45.72 80.72
C ARG R 133 1.15 45.16 79.53
N ILE R 134 1.96 46.00 78.90
CA ILE R 134 2.70 45.53 77.73
C ILE R 134 3.86 44.65 78.15
N ARG R 135 4.43 44.85 79.33
CA ARG R 135 5.53 44.00 79.74
C ARG R 135 5.10 42.61 80.18
N GLY R 136 3.80 42.34 80.26
CA GLY R 136 3.35 41.03 80.67
C GLY R 136 3.60 40.69 82.12
N GLU R 137 3.83 41.70 82.96
CA GLU R 137 4.11 41.50 84.37
C GLU R 137 2.95 42.08 85.16
N ARG R 138 1.91 41.27 85.34
CA ARG R 138 0.59 41.77 85.67
C ARG R 138 0.44 42.02 87.17
N ARG S 27 7.09 46.87 110.18
CA ARG S 27 5.90 47.68 109.96
C ARG S 27 6.26 49.02 109.35
N ASP S 28 5.47 49.43 108.34
CA ASP S 28 5.41 50.79 107.81
C ASP S 28 6.72 51.21 107.12
N ASN S 29 7.63 50.27 106.90
CA ASN S 29 8.81 50.56 106.09
C ASN S 29 8.48 50.66 104.62
N ILE S 30 7.30 50.18 104.22
CA ILE S 30 6.74 50.52 102.92
C ILE S 30 6.60 52.02 102.79
N GLN S 31 6.22 52.69 103.88
CA GLN S 31 6.21 54.14 103.94
C GLN S 31 7.59 54.71 104.22
N GLY S 32 8.61 53.86 104.39
CA GLY S 32 9.97 54.34 104.43
C GLY S 32 10.48 54.79 103.08
N ILE S 33 9.76 54.46 102.01
CA ILE S 33 10.05 54.98 100.69
C ILE S 33 9.81 56.48 100.69
N THR S 34 10.82 57.26 100.34
CA THR S 34 10.69 58.71 100.39
C THR S 34 10.40 59.25 99.01
N LYS S 35 9.60 60.30 98.97
CA LYS S 35 9.38 61.05 97.74
C LYS S 35 10.65 61.58 97.07
N PRO S 36 11.66 62.15 97.77
CA PRO S 36 12.88 62.54 97.05
C PRO S 36 13.66 61.38 96.46
N ALA S 37 13.54 60.18 97.03
CA ALA S 37 14.17 59.04 96.38
C ALA S 37 13.50 58.71 95.07
N ILE S 38 12.16 58.79 95.06
CA ILE S 38 11.39 58.58 93.84
C ILE S 38 11.74 59.64 92.82
N ARG S 39 11.95 60.88 93.28
CA ARG S 39 12.45 61.96 92.44
C ARG S 39 13.78 61.61 91.81
N ARG S 40 14.74 61.14 92.61
CA ARG S 40 16.07 60.83 92.11
C ARG S 40 16.01 59.70 91.08
N LEU S 41 15.15 58.72 91.35
CA LEU S 41 14.95 57.63 90.40
C LEU S 41 14.31 58.11 89.12
N ALA S 42 13.43 59.10 89.21
CA ALA S 42 12.84 59.66 88.00
C ALA S 42 13.88 60.43 87.21
N ARG S 43 14.81 61.09 87.90
CA ARG S 43 15.76 61.92 87.17
C ARG S 43 16.81 61.06 86.46
N ARG S 44 17.34 60.04 87.14
CA ARG S 44 18.21 59.11 86.42
C ARG S 44 17.39 58.32 85.41
N GLY S 45 16.11 58.05 85.73
CA GLY S 45 15.18 57.56 84.75
C GLY S 45 14.83 58.56 83.67
N GLY S 46 15.17 59.82 83.87
CA GLY S 46 15.05 60.80 82.82
C GLY S 46 13.70 61.48 82.82
N VAL S 47 12.90 61.17 83.82
CA VAL S 47 11.56 61.73 83.89
C VAL S 47 11.66 63.17 84.35
N LYS S 48 11.00 64.07 83.61
CA LYS S 48 11.00 65.47 83.99
C LYS S 48 9.93 65.80 85.01
N ARG S 49 8.66 65.63 84.64
CA ARG S 49 7.56 66.17 85.41
C ARG S 49 6.88 65.05 86.19
N ILE S 50 6.65 65.29 87.47
CA ILE S 50 6.19 64.26 88.40
C ILE S 50 4.79 64.59 88.88
N SER S 51 3.85 63.68 88.71
CA SER S 51 2.52 63.88 89.27
C SER S 51 2.50 63.40 90.71
N GLY S 52 1.44 63.76 91.43
CA GLY S 52 1.37 63.47 92.84
C GLY S 52 0.73 62.13 93.16
N LEU S 53 0.01 61.57 92.21
CA LEU S 53 -0.67 60.31 92.44
C LEU S 53 0.19 59.12 92.07
N ILE S 54 1.50 59.23 92.22
CA ILE S 54 2.39 58.25 91.64
C ILE S 54 3.04 57.40 92.71
N TYR S 55 3.22 57.97 93.89
CA TYR S 55 4.20 57.46 94.84
C TYR S 55 3.76 56.15 95.47
N GLU S 56 2.49 56.07 95.86
CA GLU S 56 2.05 54.84 96.50
C GLU S 56 1.82 53.73 95.49
N GLU S 57 1.47 54.10 94.26
CA GLU S 57 1.42 53.13 93.18
C GLU S 57 2.79 52.53 92.93
N THR S 58 3.82 53.39 92.94
CA THR S 58 5.20 52.96 92.85
C THR S 58 5.58 52.02 93.97
N ARG S 59 5.15 52.36 95.20
CA ARG S 59 5.42 51.52 96.35
C ARG S 59 4.78 50.15 96.20
N GLY S 60 3.55 50.10 95.68
CA GLY S 60 2.88 48.83 95.52
C GLY S 60 3.53 47.94 94.47
N VAL S 61 3.96 48.53 93.36
CA VAL S 61 4.62 47.76 92.32
C VAL S 61 5.97 47.22 92.81
N LEU S 62 6.76 48.08 93.46
CA LEU S 62 8.02 47.68 94.07
C LEU S 62 7.83 46.56 95.07
N LYS S 63 6.74 46.64 95.85
CA LYS S 63 6.46 45.64 96.86
C LYS S 63 6.15 44.28 96.24
N VAL S 64 5.31 44.25 95.21
CA VAL S 64 4.94 42.97 94.57
C VAL S 64 6.14 42.32 93.90
N PHE S 65 6.96 43.15 93.23
CA PHE S 65 8.25 42.73 92.70
C PHE S 65 9.07 42.00 93.76
N LEU S 66 9.35 42.69 94.86
CA LEU S 66 10.18 42.13 95.90
C LEU S 66 9.54 40.92 96.58
N GLU S 67 8.19 40.87 96.59
CA GLU S 67 7.48 39.71 97.09
C GLU S 67 7.88 38.45 96.33
N ASN S 68 7.72 38.50 95.01
CA ASN S 68 8.02 37.32 94.19
C ASN S 68 9.50 36.95 94.28
N VAL S 69 10.35 37.99 94.32
CA VAL S 69 11.79 37.77 94.39
C VAL S 69 12.17 37.03 95.67
N ILE S 70 11.79 37.57 96.82
CA ILE S 70 12.26 37.00 98.06
C ILE S 70 11.56 35.69 98.35
N ARG S 71 10.32 35.49 97.87
CA ARG S 71 9.67 34.17 97.96
C ARG S 71 10.53 33.11 97.29
N ASP S 72 10.97 33.39 96.06
CA ASP S 72 11.75 32.39 95.34
C ASP S 72 13.13 32.19 95.97
N ALA S 73 13.74 33.27 96.46
CA ALA S 73 15.05 33.15 97.07
C ALA S 73 15.00 32.34 98.36
N VAL S 74 13.98 32.59 99.17
CA VAL S 74 13.81 31.84 100.39
C VAL S 74 13.46 30.39 100.09
N THR S 75 12.77 30.12 98.98
CA THR S 75 12.49 28.73 98.65
C THR S 75 13.76 27.98 98.25
N TYR S 76 14.60 28.63 97.43
CA TYR S 76 15.95 28.13 97.18
C TYR S 76 16.74 27.91 98.45
N THR S 77 16.52 28.72 99.47
CA THR S 77 17.26 28.49 100.69
C THR S 77 16.59 27.43 101.57
N GLU S 78 15.29 27.23 101.38
CA GLU S 78 14.56 26.15 102.05
C GLU S 78 15.15 24.82 101.69
N HIS S 79 15.35 24.59 100.40
CA HIS S 79 16.01 23.35 100.03
C HIS S 79 17.49 23.36 100.38
N ALA S 80 18.08 24.52 100.63
CA ALA S 80 19.49 24.56 100.99
C ALA S 80 19.76 24.02 102.39
N LYS S 81 18.74 23.92 103.24
CA LYS S 81 18.86 23.47 104.64
C LYS S 81 19.87 24.30 105.42
N ARG S 82 19.93 25.58 105.11
CA ARG S 82 20.75 26.54 105.83
C ARG S 82 19.87 27.74 106.08
N LYS S 83 19.85 28.22 107.32
CA LYS S 83 18.93 29.26 107.72
C LYS S 83 19.36 30.65 107.24
N THR S 84 20.42 30.74 106.44
CA THR S 84 20.92 32.01 105.93
C THR S 84 20.91 31.97 104.41
N VAL S 85 20.39 33.04 103.81
CA VAL S 85 20.31 33.15 102.36
C VAL S 85 21.54 33.88 101.85
N THR S 86 22.14 33.39 100.77
CA THR S 86 23.34 33.99 100.24
C THR S 86 23.02 34.87 99.04
N ALA S 87 24.03 35.61 98.62
CA ALA S 87 23.94 36.37 97.39
C ALA S 87 23.74 35.46 96.20
N MET S 88 24.38 34.29 96.24
CA MET S 88 24.29 33.34 95.15
C MET S 88 22.86 32.86 94.96
N ASP S 89 22.15 32.70 96.09
CA ASP S 89 20.75 32.27 96.07
C ASP S 89 19.88 33.26 95.32
N VAL S 90 20.04 34.53 95.64
CA VAL S 90 19.25 35.59 95.02
C VAL S 90 19.60 35.70 93.56
N VAL S 91 20.88 35.47 93.23
CA VAL S 91 21.32 35.45 91.84
C VAL S 91 20.60 34.36 91.07
N TYR S 92 20.54 33.16 91.64
CA TYR S 92 19.95 32.03 90.94
C TYR S 92 18.46 32.23 90.77
N ALA S 93 17.82 32.78 91.81
CA ALA S 93 16.39 33.04 91.78
C ALA S 93 16.04 34.10 90.76
N LEU S 94 16.86 35.13 90.64
CA LEU S 94 16.51 36.13 89.66
C LEU S 94 16.84 35.67 88.26
N LYS S 95 17.77 34.74 88.13
CA LYS S 95 17.95 34.11 86.82
C LYS S 95 16.72 33.30 86.45
N ARG S 96 16.09 32.67 87.45
CA ARG S 96 14.84 31.95 87.22
C ARG S 96 13.72 32.86 86.73
N GLN S 97 13.71 34.11 87.16
CA GLN S 97 12.70 35.04 86.65
C GLN S 97 13.07 35.58 85.28
N GLY S 98 14.33 35.51 84.91
CA GLY S 98 14.71 35.98 83.59
C GLY S 98 15.03 37.46 83.58
N ARG S 99 15.17 38.02 84.78
CA ARG S 99 15.54 39.41 85.00
C ARG S 99 17.01 39.46 85.36
N THR S 100 17.79 38.63 84.67
CA THR S 100 19.02 38.10 85.20
C THR S 100 20.10 39.15 85.30
N LEU S 101 20.74 39.19 86.45
CA LEU S 101 21.67 40.24 86.82
C LEU S 101 23.04 39.62 87.04
N TYR S 102 24.08 40.26 86.52
CA TYR S 102 25.44 39.79 86.72
C TYR S 102 26.02 40.44 87.97
N GLY S 103 27.32 40.39 88.10
CA GLY S 103 28.05 41.22 89.03
C GLY S 103 28.57 40.54 90.26
N PHE S 104 27.79 39.66 90.85
CA PHE S 104 28.16 39.05 92.11
C PHE S 104 28.45 37.57 91.97
N GLY S 105 28.52 37.06 90.75
CA GLY S 105 28.82 35.65 90.52
C GLY S 105 27.63 34.75 90.71
N GLY S 106 27.50 33.72 89.88
CA GLY S 106 26.43 32.76 90.03
C GLY S 106 26.02 32.00 88.79
N THR T 20 2.59 -2.98 87.94
CA THR T 20 3.12 -1.65 87.67
C THR T 20 3.09 -0.80 88.93
N ARG T 21 4.19 -0.07 89.14
CA ARG T 21 4.34 0.80 90.30
C ARG T 21 3.27 1.88 90.38
N SER T 22 2.72 2.30 89.24
CA SER T 22 1.65 3.29 89.22
C SER T 22 0.40 2.77 89.90
N SER T 23 -0.01 1.57 89.53
CA SER T 23 -1.05 0.87 90.26
C SER T 23 -0.65 0.62 91.71
N ARG T 24 0.62 0.31 91.96
CA ARG T 24 1.09 0.15 93.32
C ARG T 24 1.19 1.49 94.04
N ALA T 25 1.26 2.59 93.30
CA ALA T 25 1.02 3.90 93.89
C ALA T 25 -0.42 4.34 93.78
N GLY T 26 -1.27 3.56 93.10
CA GLY T 26 -2.67 3.89 92.95
C GLY T 26 -2.91 5.12 92.09
N LEU T 27 -2.10 5.30 91.05
CA LEU T 27 -2.16 6.50 90.24
C LEU T 27 -2.36 6.12 88.79
N GLN T 28 -2.18 7.08 87.87
CA GLN T 28 -2.44 6.79 86.47
C GLN T 28 -1.26 7.06 85.54
N PHE T 29 -0.13 7.54 86.04
CA PHE T 29 0.89 7.74 85.01
C PHE T 29 2.00 6.71 85.15
N PRO T 30 2.49 6.20 84.02
CA PRO T 30 3.52 5.17 84.05
C PRO T 30 4.85 5.68 84.59
N VAL T 31 5.24 5.06 85.70
CA VAL T 31 6.43 5.45 86.46
C VAL T 31 7.67 5.18 85.64
N GLY T 32 7.81 3.94 85.18
CA GLY T 32 9.07 3.50 84.62
C GLY T 32 9.43 4.17 83.31
N ARG T 33 8.42 4.59 82.55
CA ARG T 33 8.68 5.40 81.37
C ARG T 33 9.31 6.71 81.78
N VAL T 34 8.81 7.30 82.85
CA VAL T 34 9.37 8.55 83.34
C VAL T 34 10.76 8.31 83.91
N HIS T 35 10.93 7.20 84.62
CA HIS T 35 12.24 6.82 85.14
C HIS T 35 13.26 6.61 84.03
N ARG T 36 12.80 6.08 82.90
CA ARG T 36 13.65 5.95 81.73
C ARG T 36 14.02 7.30 81.15
N LEU T 37 13.02 8.18 81.03
CA LEU T 37 13.27 9.48 80.42
C LEU T 37 14.14 10.35 81.30
N LEU T 38 14.07 10.16 82.62
CA LEU T 38 14.98 10.87 83.50
C LEU T 38 16.42 10.42 83.29
N ARG T 39 16.64 9.13 83.06
CA ARG T 39 17.95 8.62 82.72
C ARG T 39 18.47 9.17 81.41
N LYS T 40 17.69 9.09 80.35
CA LYS T 40 18.19 9.50 79.05
C LYS T 40 18.16 11.01 78.83
N GLY T 41 17.79 11.78 79.84
CA GLY T 41 17.77 13.22 79.72
C GLY T 41 19.04 13.88 80.20
N ASN T 42 20.00 13.06 80.66
CA ASN T 42 21.20 13.51 81.37
C ASN T 42 20.84 14.38 82.55
N TYR T 43 19.77 14.00 83.25
CA TYR T 43 19.22 14.88 84.25
C TYR T 43 20.01 14.84 85.54
N SER T 44 20.65 13.72 85.83
CA SER T 44 21.60 13.63 86.94
C SER T 44 22.54 12.49 86.62
N GLU T 45 23.27 12.05 87.63
CA GLU T 45 24.03 10.83 87.45
C GLU T 45 23.22 9.63 87.94
N ARG T 46 22.63 9.72 89.13
CA ARG T 46 21.79 8.65 89.62
C ARG T 46 20.37 9.15 89.90
N VAL T 47 19.45 8.20 89.92
CA VAL T 47 18.01 8.46 89.99
C VAL T 47 17.45 7.69 91.17
N GLY T 48 16.75 8.39 92.06
CA GLY T 48 16.21 7.78 93.25
C GLY T 48 15.03 6.85 93.01
N ALA T 49 14.41 6.42 94.10
CA ALA T 49 13.32 5.46 93.99
C ALA T 49 12.01 6.13 93.61
N GLY T 50 11.50 7.02 94.46
CA GLY T 50 10.14 7.51 94.32
C GLY T 50 9.97 8.89 93.75
N ALA T 51 11.06 9.57 93.42
CA ALA T 51 10.98 10.83 92.68
C ALA T 51 10.09 10.79 91.42
N PRO T 52 10.12 9.76 90.56
CA PRO T 52 9.17 9.77 89.44
C PRO T 52 7.73 9.61 89.86
N VAL T 53 7.47 8.96 90.99
CA VAL T 53 6.11 8.86 91.49
C VAL T 53 5.59 10.24 91.84
N TYR T 54 6.42 11.03 92.53
CA TYR T 54 6.02 12.37 92.95
C TYR T 54 5.80 13.26 91.73
N LEU T 55 6.69 13.16 90.75
CA LEU T 55 6.56 13.96 89.55
C LEU T 55 5.32 13.57 88.75
N ALA T 56 5.04 12.27 88.69
CA ALA T 56 3.88 11.78 87.95
C ALA T 56 2.60 12.25 88.59
N ALA T 57 2.56 12.25 89.92
CA ALA T 57 1.38 12.74 90.63
C ALA T 57 1.20 14.23 90.41
N VAL T 58 2.31 14.98 90.34
CA VAL T 58 2.23 16.41 90.05
C VAL T 58 1.60 16.63 88.68
N LEU T 59 2.10 15.91 87.68
CA LEU T 59 1.54 15.96 86.34
C LEU T 59 0.06 15.61 86.35
N GLU T 60 -0.29 14.62 87.15
CA GLU T 60 -1.65 14.09 87.19
C GLU T 60 -2.62 15.12 87.75
N TYR T 61 -2.22 15.80 88.82
CA TYR T 61 -3.10 16.82 89.38
C TYR T 61 -3.16 18.04 88.48
N LEU T 62 -2.05 18.37 87.81
CA LEU T 62 -2.04 19.51 86.89
C LEU T 62 -3.01 19.29 85.75
N THR T 63 -2.89 18.15 85.07
CA THR T 63 -3.79 17.89 83.97
C THR T 63 -5.22 17.69 84.43
N ALA T 64 -5.41 17.23 85.66
CA ALA T 64 -6.75 17.11 86.20
C ALA T 64 -7.40 18.47 86.34
N GLU T 65 -6.66 19.43 86.90
CA GLU T 65 -7.19 20.78 87.08
C GLU T 65 -7.47 21.46 85.75
N ILE T 66 -6.53 21.33 84.82
CA ILE T 66 -6.65 21.97 83.52
C ILE T 66 -7.84 21.43 82.77
N LEU T 67 -7.92 20.11 82.65
CA LEU T 67 -8.99 19.54 81.89
C LEU T 67 -10.31 19.58 82.63
N GLU T 68 -10.28 19.79 83.94
CA GLU T 68 -11.52 20.01 84.67
C GLU T 68 -12.13 21.35 84.28
N LEU T 69 -11.29 22.39 84.22
CA LEU T 69 -11.78 23.67 83.73
C LEU T 69 -12.18 23.59 82.26
N ALA T 70 -11.49 22.75 81.49
CA ALA T 70 -11.87 22.54 80.10
C ALA T 70 -13.23 21.86 80.00
N GLY T 71 -13.51 20.94 80.92
CA GLY T 71 -14.81 20.31 80.95
C GLY T 71 -15.90 21.30 81.27
N ASN T 72 -15.60 22.23 82.18
CA ASN T 72 -16.56 23.31 82.43
C ASN T 72 -16.72 24.20 81.21
N ALA T 73 -15.65 24.41 80.47
CA ALA T 73 -15.72 25.20 79.24
C ALA T 73 -16.60 24.54 78.20
N ALA T 74 -16.55 23.21 78.12
CA ALA T 74 -17.46 22.50 77.22
C ALA T 74 -18.89 22.53 77.75
N ARG T 75 -19.05 22.55 79.08
CA ARG T 75 -20.37 22.72 79.67
C ARG T 75 -20.97 24.06 79.31
N ASP T 76 -20.13 25.07 79.13
CA ASP T 76 -20.61 26.40 78.76
C ASP T 76 -21.23 26.39 77.38
N ASN T 77 -20.49 25.94 76.39
CA ASN T 77 -20.92 25.97 75.01
C ASN T 77 -21.87 24.83 74.68
N LYS T 78 -22.08 23.91 75.64
CA LYS T 78 -22.83 22.67 75.44
C LYS T 78 -22.24 21.86 74.28
N LYS T 79 -20.92 21.68 74.33
CA LYS T 79 -20.21 20.86 73.38
C LYS T 79 -19.72 19.60 74.09
N THR T 80 -19.66 18.50 73.35
CA THR T 80 -19.25 17.24 73.95
C THR T 80 -17.78 16.91 73.69
N ARG T 81 -17.31 17.15 72.48
CA ARG T 81 -15.91 16.98 72.15
C ARG T 81 -15.17 18.27 72.44
N ILE T 82 -14.00 18.16 73.03
CA ILE T 82 -13.24 19.34 73.40
C ILE T 82 -12.62 19.92 72.13
N ILE T 83 -12.91 21.19 71.87
CA ILE T 83 -12.16 21.91 70.86
C ILE T 83 -11.04 22.65 71.57
N PRO T 84 -9.93 22.97 70.89
CA PRO T 84 -8.86 23.73 71.55
C PRO T 84 -9.23 25.13 71.97
N ARG T 85 -10.29 25.70 71.40
CA ARG T 85 -10.75 27.02 71.83
C ARG T 85 -11.17 27.01 73.28
N HIS T 86 -11.83 25.91 73.70
CA HIS T 86 -12.14 25.69 75.10
C HIS T 86 -10.89 25.74 75.94
N LEU T 87 -9.81 25.15 75.44
CA LEU T 87 -8.57 25.07 76.20
C LEU T 87 -7.96 26.45 76.39
N GLN T 88 -7.93 27.23 75.31
CA GLN T 88 -7.34 28.56 75.39
C GLN T 88 -8.18 29.47 76.29
N LEU T 89 -9.51 29.34 76.22
CA LEU T 89 -10.39 30.13 77.07
C LEU T 89 -10.20 29.79 78.53
N ALA T 90 -10.15 28.50 78.86
CA ALA T 90 -9.97 28.11 80.23
C ALA T 90 -8.59 28.47 80.75
N ILE T 91 -7.60 28.56 79.86
CA ILE T 91 -6.33 29.09 80.28
C ILE T 91 -6.45 30.58 80.57
N ARG T 92 -7.13 31.32 79.71
CA ARG T 92 -7.18 32.76 79.86
C ARG T 92 -8.16 33.24 80.91
N ASN T 93 -8.95 32.34 81.50
CA ASN T 93 -9.85 32.79 82.54
C ASN T 93 -9.20 32.76 83.91
N ASP T 94 -8.68 31.60 84.31
CA ASP T 94 -8.08 31.44 85.63
C ASP T 94 -6.81 32.26 85.77
N GLU T 95 -6.56 32.73 86.98
CA GLU T 95 -5.47 33.67 87.21
C GLU T 95 -4.12 32.96 87.16
N GLU T 96 -3.89 32.04 88.10
CA GLU T 96 -2.58 31.43 88.30
C GLU T 96 -2.15 30.61 87.09
N LEU T 97 -3.10 29.97 86.43
CA LEU T 97 -2.81 29.24 85.22
C LEU T 97 -2.39 30.14 84.09
N ASN T 98 -3.04 31.29 83.94
CA ASN T 98 -2.66 32.22 82.89
C ASN T 98 -1.33 32.90 83.20
N LYS T 99 -1.00 33.08 84.47
CA LYS T 99 0.31 33.63 84.80
C LYS T 99 1.39 32.59 84.55
N LEU T 100 1.05 31.31 84.74
CA LEU T 100 1.94 30.23 84.37
C LEU T 100 2.20 30.22 82.86
N LEU T 101 1.13 30.13 82.09
CA LEU T 101 1.29 29.96 80.65
C LEU T 101 1.23 31.28 79.91
N GLY T 102 1.99 32.27 80.39
CA GLY T 102 1.93 33.59 79.81
C GLY T 102 2.61 33.62 78.47
N ARG T 103 3.76 32.96 78.40
CA ARG T 103 4.48 32.88 77.15
C ARG T 103 4.03 31.72 76.28
N VAL T 104 2.81 31.26 76.44
CA VAL T 104 2.34 30.06 75.78
C VAL T 104 1.26 30.46 74.79
N THR T 105 1.39 30.00 73.57
CA THR T 105 0.24 30.09 72.68
C THR T 105 -0.07 28.73 72.08
N ILE T 106 -1.27 28.61 71.53
CA ILE T 106 -1.79 27.35 71.02
C ILE T 106 -2.37 27.61 69.64
N ALA T 107 -2.06 26.74 68.69
CA ALA T 107 -2.73 26.77 67.40
C ALA T 107 -4.21 26.52 67.58
N GLN T 108 -5.01 27.16 66.73
CA GLN T 108 -6.46 27.31 66.91
C GLN T 108 -6.80 27.87 68.28
N GLY T 109 -6.03 28.84 68.74
CA GLY T 109 -6.23 29.40 70.06
C GLY T 109 -7.29 30.47 70.16
N GLY T 110 -7.11 31.57 69.44
CA GLY T 110 -7.94 32.73 69.66
C GLY T 110 -7.56 33.42 70.95
N VAL T 111 -8.33 34.45 71.29
CA VAL T 111 -8.08 35.25 72.48
C VAL T 111 -9.39 35.47 73.23
N LEU T 112 -9.29 36.31 74.25
CA LEU T 112 -10.45 36.72 75.02
C LEU T 112 -11.42 37.53 74.17
N PRO T 113 -12.71 37.19 74.21
CA PRO T 113 -13.68 38.07 73.58
C PRO T 113 -13.79 39.34 74.41
N ASN T 114 -13.13 40.40 73.96
CA ASN T 114 -12.86 41.55 74.82
C ASN T 114 -13.02 42.83 74.01
N ILE T 115 -13.73 43.79 74.57
CA ILE T 115 -14.04 45.04 73.91
C ILE T 115 -13.77 46.16 74.90
N GLN T 116 -12.92 47.10 74.50
CA GLN T 116 -12.75 48.32 75.28
C GLN T 116 -13.99 49.19 75.10
N ALA T 117 -14.74 49.38 76.20
CA ALA T 117 -16.03 50.05 76.12
C ALA T 117 -15.89 51.53 75.84
N VAL T 118 -14.70 52.09 76.00
CA VAL T 118 -14.42 53.43 75.52
C VAL T 118 -14.47 53.54 74.02
N LEU T 119 -14.40 52.42 73.31
CA LEU T 119 -14.58 52.40 71.87
C LEU T 119 -15.97 51.94 71.49
N LEU T 120 -16.79 51.58 72.45
CA LEU T 120 -18.21 51.40 72.15
C LEU T 120 -18.84 52.76 71.85
N PRO T 121 -19.78 52.82 70.92
CA PRO T 121 -20.41 54.09 70.60
C PRO T 121 -21.36 54.54 71.70
N LYS T 122 -21.85 55.77 71.54
CA LYS T 122 -22.66 56.39 72.57
C LYS T 122 -24.12 56.48 72.15
N ARG U 35 8.91 -0.62 61.22
CA ARG U 35 8.07 0.48 61.68
C ARG U 35 8.54 0.93 63.07
N SER U 36 9.09 2.14 63.13
CA SER U 36 9.58 2.68 64.39
C SER U 36 8.42 3.05 65.31
N ARG U 37 8.56 2.70 66.58
CA ARG U 37 7.48 2.86 67.56
C ARG U 37 7.59 4.25 68.17
N LYS U 38 6.56 5.07 67.95
CA LYS U 38 6.54 6.42 68.47
C LYS U 38 5.76 6.50 69.78
N GLU U 39 5.91 7.63 70.47
CA GLU U 39 5.39 7.81 71.82
C GLU U 39 4.17 8.72 71.82
N SER U 40 3.32 8.54 72.83
CA SER U 40 2.25 9.48 73.14
C SER U 40 1.91 9.31 74.61
N TYR U 41 1.22 10.29 75.17
CA TYR U 41 0.73 10.15 76.53
C TYR U 41 -0.79 10.11 76.52
N SER U 42 -1.36 9.77 75.37
CA SER U 42 -2.77 10.03 75.11
C SER U 42 -3.67 9.13 75.96
N ILE U 43 -3.27 7.87 76.14
CA ILE U 43 -4.15 6.93 76.81
C ILE U 43 -4.26 7.24 78.30
N TYR U 44 -3.20 7.79 78.87
CA TYR U 44 -3.11 8.03 80.31
C TYR U 44 -4.02 9.18 80.72
N VAL U 45 -3.77 10.34 80.13
CA VAL U 45 -4.58 11.52 80.36
C VAL U 45 -5.99 11.30 79.83
N TYR U 46 -6.13 10.44 78.82
CA TYR U 46 -7.43 10.00 78.37
C TYR U 46 -8.22 9.32 79.48
N LYS U 47 -7.58 8.38 80.18
CA LYS U 47 -8.20 7.75 81.34
C LYS U 47 -8.51 8.76 82.44
N VAL U 48 -7.62 9.74 82.65
CA VAL U 48 -7.84 10.73 83.68
C VAL U 48 -9.04 11.60 83.34
N LEU U 49 -9.17 11.95 82.07
CA LEU U 49 -10.33 12.68 81.58
C LEU U 49 -11.60 11.87 81.77
N LYS U 50 -11.55 10.58 81.47
CA LYS U 50 -12.69 9.70 81.71
C LYS U 50 -13.04 9.60 83.18
N GLN U 51 -12.05 9.68 84.06
CA GLN U 51 -12.33 9.74 85.50
C GLN U 51 -13.09 11.01 85.84
N VAL U 52 -12.49 12.17 85.52
CA VAL U 52 -13.06 13.42 85.98
C VAL U 52 -14.31 13.82 85.21
N HIS U 53 -14.50 13.29 84.00
CA HIS U 53 -15.71 13.53 83.23
C HIS U 53 -15.98 12.30 82.40
N PRO U 54 -16.90 11.45 82.85
CA PRO U 54 -17.23 10.27 82.04
C PRO U 54 -17.98 10.63 80.78
N ASP U 55 -18.86 11.62 80.82
CA ASP U 55 -19.62 12.01 79.64
C ASP U 55 -18.98 13.21 78.96
N THR U 56 -17.88 12.96 78.26
CA THR U 56 -17.11 14.01 77.60
C THR U 56 -16.24 13.41 76.50
N GLY U 57 -16.33 13.96 75.29
CA GLY U 57 -15.43 13.61 74.22
C GLY U 57 -14.31 14.62 74.08
N ILE U 58 -13.41 14.36 73.12
CA ILE U 58 -12.23 15.20 72.93
C ILE U 58 -11.78 15.06 71.48
N SER U 59 -11.12 16.11 70.96
CA SER U 59 -10.51 16.06 69.64
C SER U 59 -9.08 15.54 69.74
N SER U 60 -8.59 15.04 68.61
CA SER U 60 -7.28 14.42 68.59
C SER U 60 -6.17 15.44 68.72
N LYS U 61 -6.34 16.60 68.06
CA LYS U 61 -5.32 17.63 68.11
C LYS U 61 -5.14 18.15 69.52
N ALA U 62 -6.24 18.30 70.25
CA ALA U 62 -6.17 18.72 71.64
C ALA U 62 -5.46 17.71 72.50
N MET U 63 -5.59 16.42 72.15
CA MET U 63 -4.87 15.40 72.88
C MET U 63 -3.37 15.55 72.64
N GLY U 64 -3.00 15.88 71.41
CA GLY U 64 -1.61 16.20 71.14
C GLY U 64 -1.14 17.44 71.88
N ILE U 65 -2.04 18.42 72.03
CA ILE U 65 -1.71 19.64 72.75
C ILE U 65 -1.40 19.32 74.20
N MET U 66 -2.20 18.44 74.79
CA MET U 66 -1.96 18.06 76.17
C MET U 66 -0.69 17.27 76.32
N ASN U 67 -0.35 16.49 75.30
CA ASN U 67 0.92 15.78 75.33
C ASN U 67 2.08 16.76 75.31
N SER U 68 1.98 17.80 74.48
CA SER U 68 2.97 18.85 74.46
C SER U 68 3.01 19.60 75.78
N PHE U 69 1.85 19.73 76.43
CA PHE U 69 1.75 20.40 77.72
C PHE U 69 2.56 19.66 78.77
N VAL U 70 2.36 18.34 78.84
CA VAL U 70 3.11 17.51 79.76
C VAL U 70 4.59 17.58 79.46
N ASN U 71 4.93 17.60 78.17
CA ASN U 71 6.32 17.76 77.76
C ASN U 71 6.93 19.02 78.31
N ASP U 72 6.24 20.14 78.15
CA ASP U 72 6.77 21.44 78.53
C ASP U 72 6.95 21.54 80.03
N ILE U 73 5.93 21.10 80.77
CA ILE U 73 6.00 21.21 82.23
C ILE U 73 7.09 20.31 82.76
N PHE U 74 7.20 19.11 82.21
CA PHE U 74 8.24 18.18 82.58
C PHE U 74 9.63 18.74 82.31
N GLU U 75 9.78 19.41 81.18
CA GLU U 75 11.08 19.96 80.81
C GLU U 75 11.50 21.10 81.73
N ARG U 76 10.56 21.98 82.08
CA ARG U 76 10.92 23.07 82.99
C ARG U 76 11.26 22.54 84.37
N ILE U 77 10.51 21.54 84.84
CA ILE U 77 10.80 20.90 86.11
C ILE U 77 12.17 20.27 86.10
N ALA U 78 12.49 19.54 85.04
CA ALA U 78 13.75 18.82 84.99
C ALA U 78 14.92 19.77 84.91
N GLY U 79 14.75 20.88 84.20
CA GLY U 79 15.80 21.88 84.17
C GLY U 79 16.00 22.52 85.51
N GLU U 80 14.92 22.71 86.27
CA GLU U 80 15.08 23.21 87.61
C GLU U 80 15.72 22.16 88.50
N ALA U 81 15.49 20.88 88.19
CA ALA U 81 16.13 19.82 88.95
C ALA U 81 17.64 19.79 88.70
N SER U 82 18.04 20.02 87.46
CA SER U 82 19.47 20.05 87.17
C SER U 82 20.14 21.24 87.82
N ARG U 83 19.45 22.38 87.82
CA ARG U 83 19.98 23.51 88.56
C ARG U 83 19.96 23.27 90.06
N LEU U 84 18.98 22.51 90.56
CA LEU U 84 18.99 22.09 91.96
C LEU U 84 20.22 21.29 92.28
N ALA U 85 20.59 20.41 91.35
CA ALA U 85 21.79 19.60 91.51
C ALA U 85 23.03 20.47 91.56
N HIS U 86 23.16 21.37 90.59
CA HIS U 86 24.42 22.10 90.46
C HIS U 86 24.53 23.21 91.49
N TYR U 87 23.41 23.73 91.98
CA TYR U 87 23.53 24.64 93.09
C TYR U 87 23.49 23.90 94.41
N ASN U 88 23.43 22.57 94.38
CA ASN U 88 23.62 21.81 95.60
C ASN U 88 24.80 20.87 95.54
N LYS U 89 25.50 20.81 94.40
CA LYS U 89 26.73 20.02 94.21
C LYS U 89 26.49 18.54 94.49
N ARG U 90 25.29 18.08 94.20
CA ARG U 90 24.88 16.71 94.43
C ARG U 90 24.30 16.17 93.14
N SER U 91 24.26 14.84 93.01
CA SER U 91 23.81 14.24 91.75
C SER U 91 22.74 13.18 91.98
N THR U 92 22.22 13.07 93.18
CA THR U 92 21.14 12.15 93.47
C THR U 92 19.86 12.96 93.32
N ILE U 93 18.81 12.33 92.81
CA ILE U 93 17.51 13.00 92.77
C ILE U 93 16.54 12.24 93.66
N THR U 94 16.01 12.90 94.68
CA THR U 94 14.90 12.37 95.45
C THR U 94 13.65 13.22 95.21
N SER U 95 12.55 12.84 95.85
CA SER U 95 11.28 13.52 95.72
C SER U 95 11.27 14.90 96.35
N ARG U 96 12.16 15.16 97.30
CA ARG U 96 12.24 16.45 97.96
C ARG U 96 12.61 17.55 96.97
N GLU U 97 13.51 17.21 96.05
CA GLU U 97 13.93 18.13 95.00
C GLU U 97 12.78 18.40 94.05
N ILE U 98 11.96 17.39 93.81
CA ILE U 98 10.82 17.57 92.92
C ILE U 98 9.81 18.50 93.56
N GLN U 99 9.61 18.36 94.88
CA GLN U 99 8.71 19.23 95.62
C GLN U 99 9.17 20.67 95.57
N THR U 100 10.46 20.89 95.85
CA THR U 100 10.94 22.27 95.87
C THR U 100 11.00 22.83 94.46
N ALA U 101 11.14 21.98 93.44
CA ALA U 101 11.08 22.44 92.07
C ALA U 101 9.68 22.90 91.70
N VAL U 102 8.67 22.13 92.09
CA VAL U 102 7.30 22.47 91.76
C VAL U 102 6.90 23.77 92.44
N ARG U 103 7.23 23.92 93.72
CA ARG U 103 6.86 25.17 94.36
C ARG U 103 7.84 26.30 94.06
N LEU U 104 8.90 26.04 93.30
CA LEU U 104 9.59 27.13 92.64
C LEU U 104 8.88 27.56 91.37
N LEU U 105 8.34 26.59 90.61
CA LEU U 105 7.82 26.99 89.31
C LEU U 105 6.37 27.42 89.40
N LEU U 106 5.59 26.67 89.96
CA LEU U 106 4.17 26.97 89.91
C LEU U 106 3.77 28.01 90.94
N PRO U 107 2.73 28.79 90.67
CA PRO U 107 2.23 29.74 91.66
C PRO U 107 1.52 29.05 92.81
N GLY U 108 1.51 29.75 93.94
CA GLY U 108 1.28 29.22 95.28
C GLY U 108 0.18 28.23 95.58
N GLU U 109 -1.08 28.62 95.34
CA GLU U 109 -2.21 27.82 95.84
C GLU U 109 -2.34 26.52 95.07
N LEU U 110 -2.33 26.62 93.75
CA LEU U 110 -2.23 25.48 92.85
C LEU U 110 -1.07 24.58 93.22
N ALA U 111 0.10 25.18 93.49
CA ALA U 111 1.30 24.44 93.83
C ALA U 111 1.13 23.66 95.13
N LYS U 112 0.51 24.27 96.13
CA LYS U 112 0.39 23.61 97.42
C LYS U 112 -0.61 22.46 97.33
N HIS U 113 -1.67 22.63 96.54
CA HIS U 113 -2.59 21.52 96.28
C HIS U 113 -1.89 20.37 95.57
N ALA U 114 -1.04 20.69 94.60
CA ALA U 114 -0.33 19.65 93.88
C ALA U 114 0.68 18.94 94.78
N VAL U 115 1.34 19.71 95.66
CA VAL U 115 2.28 19.13 96.62
C VAL U 115 1.55 18.19 97.55
N SER U 116 0.33 18.56 97.95
CA SER U 116 -0.48 17.70 98.80
C SER U 116 -0.82 16.39 98.11
N GLU U 117 -1.23 16.47 96.83
CA GLU U 117 -1.54 15.27 96.07
C GLU U 117 -0.33 14.37 95.93
N GLY U 118 0.83 14.95 95.61
CA GLY U 118 2.03 14.17 95.45
C GLY U 118 2.50 13.56 96.75
N THR U 119 2.35 14.28 97.85
CA THR U 119 2.84 13.79 99.12
C THR U 119 1.97 12.65 99.62
N LYS U 120 0.65 12.76 99.44
CA LYS U 120 -0.24 11.67 99.82
C LYS U 120 0.00 10.46 98.94
N ALA U 121 0.35 10.68 97.68
CA ALA U 121 0.69 9.56 96.83
C ALA U 121 1.99 8.90 97.25
N VAL U 122 2.96 9.71 97.72
CA VAL U 122 4.23 9.17 98.23
C VAL U 122 3.97 8.29 99.45
N THR U 123 3.09 8.76 100.33
CA THR U 123 2.74 7.98 101.50
C THR U 123 2.04 6.68 101.11
N LYS U 124 1.08 6.73 100.18
CA LYS U 124 0.32 5.54 99.83
C LYS U 124 1.18 4.51 99.10
N TYR U 125 2.11 4.97 98.28
CA TYR U 125 3.01 4.02 97.64
C TYR U 125 4.04 3.47 98.61
N THR U 126 4.88 4.33 99.19
CA THR U 126 5.99 3.86 100.00
C THR U 126 5.58 3.29 101.35
N SER U 127 4.31 3.46 101.74
CA SER U 127 3.82 2.78 102.93
C SER U 127 3.71 1.28 102.69
N ALA U 128 3.16 0.90 101.55
CA ALA U 128 3.29 -0.45 101.04
C ALA U 128 4.62 -0.55 100.29
N LYS U 129 4.78 -1.60 99.48
CA LYS U 129 5.98 -1.75 98.68
C LYS U 129 6.02 -0.67 97.59
N HIS V 43 -29.92 52.15 51.99
CA HIS V 43 -29.47 53.44 52.51
C HIS V 43 -28.09 53.27 53.11
N ARG V 44 -27.59 54.30 53.80
CA ARG V 44 -26.23 54.27 54.31
C ARG V 44 -26.24 54.08 55.82
N TYR V 45 -25.36 53.21 56.32
CA TYR V 45 -25.19 52.99 57.74
C TYR V 45 -24.18 53.97 58.32
N ARG V 46 -24.24 54.17 59.63
CA ARG V 46 -23.36 55.12 60.29
C ARG V 46 -22.10 54.42 60.77
N PRO V 47 -20.94 55.08 60.62
CA PRO V 47 -19.67 54.34 60.68
C PRO V 47 -19.32 53.88 62.08
N GLY V 48 -18.38 52.93 62.13
CA GLY V 48 -17.91 52.34 63.35
C GLY V 48 -18.67 51.10 63.76
N THR V 49 -19.91 50.93 63.28
CA THR V 49 -20.78 49.90 63.80
C THR V 49 -20.41 48.53 63.28
N VAL V 50 -20.28 48.42 61.95
CA VAL V 50 -20.04 47.15 61.28
C VAL V 50 -18.70 46.58 61.70
N ALA V 51 -17.73 47.46 61.97
CA ALA V 51 -16.41 47.04 62.43
C ALA V 51 -16.49 46.33 63.76
N LEU V 52 -17.22 46.90 64.72
CA LEU V 52 -17.33 46.28 66.03
C LEU V 52 -18.17 45.02 65.97
N ARG V 53 -19.16 45.00 65.08
CA ARG V 53 -19.97 43.80 64.91
C ARG V 53 -19.12 42.66 64.37
N GLU V 54 -18.23 42.96 63.43
CA GLU V 54 -17.35 41.92 62.97
C GLU V 54 -16.17 41.67 63.90
N ILE V 55 -15.91 42.56 64.85
CA ILE V 55 -15.02 42.19 65.94
C ILE V 55 -15.67 41.10 66.78
N ARG V 56 -16.96 41.26 67.07
CA ARG V 56 -17.69 40.22 67.80
C ARG V 56 -17.82 38.94 66.97
N ARG V 57 -17.82 39.09 65.66
CA ARG V 57 -17.82 37.90 64.83
C ARG V 57 -16.44 37.23 64.79
N TYR V 58 -15.35 38.01 64.71
CA TYR V 58 -13.99 37.51 64.50
C TYR V 58 -13.28 37.17 65.79
N GLN V 59 -13.93 37.36 66.93
CA GLN V 59 -13.44 36.78 68.17
C GLN V 59 -13.95 35.37 68.38
N LYS V 60 -14.53 34.75 67.34
CA LYS V 60 -15.15 33.46 67.52
C LYS V 60 -14.41 32.31 66.86
N SER V 61 -14.21 32.37 65.55
CA SER V 61 -13.54 31.28 64.85
C SER V 61 -12.04 31.52 64.87
N THR V 62 -11.30 30.55 65.38
CA THR V 62 -9.86 30.64 65.43
C THR V 62 -9.19 30.18 64.14
N GLU V 63 -9.92 30.22 63.03
CA GLU V 63 -9.35 29.82 61.76
C GLU V 63 -8.37 30.86 61.26
N LEU V 64 -7.47 30.44 60.39
CA LEU V 64 -6.37 31.29 59.97
C LEU V 64 -6.85 32.40 59.05
N LEU V 65 -6.42 33.62 59.36
CA LEU V 65 -6.85 34.78 58.60
C LEU V 65 -6.17 34.92 57.25
N ILE V 66 -4.84 34.91 57.21
CA ILE V 66 -4.16 34.99 55.93
C ILE V 66 -4.26 33.63 55.25
N ARG V 67 -4.80 33.61 54.03
CA ARG V 67 -4.91 32.31 53.38
C ARG V 67 -3.59 31.93 52.71
N LYS V 68 -3.55 30.69 52.22
CA LYS V 68 -2.34 29.88 52.31
C LYS V 68 -1.29 30.29 51.30
N LEU V 69 -1.60 30.14 50.02
CA LEU V 69 -0.71 30.33 48.86
C LEU V 69 0.12 31.61 48.87
N PRO V 70 -0.44 32.81 49.13
CA PRO V 70 0.44 33.98 49.12
C PRO V 70 1.39 34.01 50.30
N PHE V 71 0.90 33.58 51.46
CA PHE V 71 1.73 33.47 52.65
C PHE V 71 2.87 32.50 52.42
N GLN V 72 2.57 31.39 51.77
CA GLN V 72 3.57 30.39 51.43
C GLN V 72 4.61 30.96 50.49
N ARG V 73 4.16 31.73 49.49
CA ARG V 73 5.11 32.35 48.57
C ARG V 73 6.02 33.35 49.28
N LEU V 74 5.46 34.10 50.23
CA LEU V 74 6.27 35.08 50.93
C LEU V 74 7.31 34.41 51.81
N VAL V 75 6.90 33.35 52.51
CA VAL V 75 7.83 32.61 53.35
C VAL V 75 8.90 31.94 52.50
N ARG V 76 8.52 31.38 51.35
CA ARG V 76 9.50 30.78 50.46
C ARG V 76 10.49 31.79 49.92
N GLU V 77 10.00 32.99 49.61
CA GLU V 77 10.88 33.99 49.02
C GLU V 77 11.90 34.47 50.04
N ILE V 78 11.49 34.63 51.29
CA ILE V 78 12.47 35.02 52.31
C ILE V 78 13.40 33.87 52.59
N ALA V 79 12.89 32.64 52.51
CA ALA V 79 13.71 31.47 52.75
C ALA V 79 14.69 31.22 51.62
N GLN V 80 14.49 31.87 50.47
CA GLN V 80 15.36 31.63 49.32
C GLN V 80 16.79 32.07 49.58
N ASP V 81 16.98 33.10 50.40
CA ASP V 81 18.28 33.74 50.48
C ASP V 81 19.11 33.26 51.66
N PHE V 82 19.01 32.00 52.02
CA PHE V 82 19.93 31.43 52.99
C PHE V 82 20.67 30.22 52.47
N LYS V 83 19.97 29.26 51.91
CA LYS V 83 20.57 28.23 51.08
C LYS V 83 19.51 27.83 50.08
N THR V 84 19.94 27.44 48.89
CA THR V 84 19.07 27.44 47.73
C THR V 84 18.05 26.31 47.77
N ASP V 85 16.78 26.69 47.69
CA ASP V 85 15.65 25.82 47.34
C ASP V 85 15.49 24.66 48.32
N LEU V 86 15.09 25.00 49.54
CA LEU V 86 14.85 24.00 50.56
C LEU V 86 13.40 23.56 50.51
N ARG V 87 13.16 22.25 50.56
CA ARG V 87 11.80 21.74 50.62
C ARG V 87 11.18 22.02 51.98
N PHE V 88 9.86 21.90 52.04
CA PHE V 88 9.12 22.27 53.25
C PHE V 88 8.03 21.27 53.61
N GLN V 89 7.89 21.05 54.90
CA GLN V 89 6.74 20.37 55.45
C GLN V 89 5.57 21.35 55.53
N SER V 90 4.42 20.91 55.03
CA SER V 90 3.23 21.76 55.04
C SER V 90 2.72 22.01 56.44
N ALA V 91 2.89 21.06 57.35
CA ALA V 91 2.52 21.26 58.74
C ALA V 91 3.39 22.35 59.37
N ALA V 92 4.67 22.40 58.99
CA ALA V 92 5.54 23.46 59.45
C ALA V 92 5.08 24.81 58.93
N ILE V 93 4.55 24.84 57.71
CA ILE V 93 4.01 26.06 57.14
C ILE V 93 2.80 26.52 57.92
N GLY V 94 1.93 25.58 58.30
CA GLY V 94 0.81 25.93 59.17
C GLY V 94 1.25 26.42 60.54
N ALA V 95 2.35 25.88 61.04
CA ALA V 95 2.89 26.32 62.32
C ALA V 95 3.36 27.78 62.25
N LEU V 96 4.14 28.09 61.22
CA LEU V 96 4.57 29.45 60.95
C LEU V 96 3.39 30.39 60.82
N GLN V 97 2.34 29.94 60.14
CA GLN V 97 1.16 30.77 59.91
C GLN V 97 0.43 31.07 61.21
N GLU V 98 0.23 30.04 62.03
CA GLU V 98 -0.40 30.18 63.33
C GLU V 98 0.36 31.14 64.22
N ALA V 99 1.68 30.91 64.35
CA ALA V 99 2.50 31.69 65.27
C ALA V 99 2.56 33.14 64.83
N SER V 100 2.64 33.36 63.52
CA SER V 100 2.69 34.70 62.99
C SER V 100 1.39 35.45 63.26
N GLU V 101 0.25 34.79 63.03
CA GLU V 101 -1.02 35.49 63.19
C GLU V 101 -1.31 35.80 64.64
N ALA V 102 -1.03 34.87 65.55
CA ALA V 102 -1.27 35.16 66.97
C ALA V 102 -0.34 36.25 67.48
N TYR V 103 0.92 36.21 67.05
CA TYR V 103 1.92 37.23 67.35
C TYR V 103 1.44 38.61 66.98
N LEU V 104 1.03 38.77 65.74
CA LEU V 104 0.55 40.07 65.28
C LEU V 104 -0.73 40.50 65.96
N VAL V 105 -1.62 39.57 66.30
CA VAL V 105 -2.86 39.94 66.98
C VAL V 105 -2.56 40.50 68.36
N GLY V 106 -1.67 39.85 69.10
CA GLY V 106 -1.34 40.34 70.43
C GLY V 106 -0.62 41.66 70.40
N LEU V 107 0.27 41.84 69.42
CA LEU V 107 0.96 43.12 69.29
C LEU V 107 -0.01 44.22 68.91
N PHE V 108 -1.02 43.89 68.11
CA PHE V 108 -2.11 44.82 67.87
C PHE V 108 -2.87 45.18 69.12
N GLU V 109 -3.08 44.21 70.01
CA GLU V 109 -3.83 44.50 71.23
C GLU V 109 -3.10 45.53 72.08
N ASP V 110 -1.79 45.32 72.26
CA ASP V 110 -1.02 46.30 73.01
C ASP V 110 -0.97 47.66 72.31
N THR V 111 -0.89 47.66 70.97
CA THR V 111 -0.85 48.93 70.25
C THR V 111 -2.19 49.66 70.36
N ASN V 112 -3.28 48.91 70.33
CA ASN V 112 -4.60 49.48 70.48
C ASN V 112 -4.77 50.08 71.86
N LEU V 113 -4.28 49.40 72.89
CA LEU V 113 -4.39 49.96 74.23
C LEU V 113 -3.51 51.18 74.40
N CYS V 114 -2.37 51.24 73.68
CA CYS V 114 -1.55 52.44 73.65
C CYS V 114 -2.33 53.61 73.09
N ALA V 115 -3.04 53.39 71.98
CA ALA V 115 -3.79 54.48 71.36
C ALA V 115 -4.98 54.91 72.22
N ILE V 116 -5.62 53.96 72.90
CA ILE V 116 -6.69 54.28 73.83
C ILE V 116 -6.16 55.14 74.97
N HIS V 117 -4.96 54.84 75.43
CA HIS V 117 -4.31 55.72 76.38
C HIS V 117 -3.97 57.07 75.78
N ALA V 118 -3.74 57.11 74.47
CA ALA V 118 -3.31 58.33 73.81
C ALA V 118 -4.45 59.28 73.48
N LYS V 119 -5.61 59.10 74.15
CA LYS V 119 -6.78 59.99 74.06
C LYS V 119 -7.33 60.03 72.64
N ARG V 120 -7.16 58.92 71.93
CA ARG V 120 -7.56 58.80 70.54
C ARG V 120 -8.21 57.45 70.33
N VAL V 121 -8.73 57.24 69.13
CA VAL V 121 -9.31 55.96 68.77
C VAL V 121 -8.56 55.29 67.63
N THR V 122 -7.99 56.06 66.71
CA THR V 122 -7.36 55.52 65.53
C THR V 122 -5.90 55.18 65.82
N ILE V 123 -5.42 54.11 65.20
CA ILE V 123 -4.03 53.73 65.34
C ILE V 123 -3.12 54.70 64.60
N MET V 124 -1.85 54.67 64.95
CA MET V 124 -0.79 55.41 64.28
C MET V 124 0.41 54.49 64.19
N PRO V 125 1.31 54.71 63.23
CA PRO V 125 2.54 53.92 63.20
C PRO V 125 3.46 54.18 64.38
N LYS V 126 3.44 55.41 64.89
CA LYS V 126 4.19 55.74 66.08
C LYS V 126 3.74 54.94 67.29
N ASP V 127 2.49 54.49 67.30
CA ASP V 127 2.01 53.63 68.36
C ASP V 127 2.69 52.29 68.32
N ILE V 128 2.87 51.74 67.12
CA ILE V 128 3.58 50.49 66.95
C ILE V 128 5.02 50.66 67.38
N GLN V 129 5.61 51.82 67.07
CA GLN V 129 6.97 52.10 67.50
C GLN V 129 7.07 52.17 69.01
N LEU V 130 6.06 52.74 69.66
CA LEU V 130 6.05 52.82 71.12
C LEU V 130 5.96 51.46 71.75
N ALA V 131 5.06 50.62 71.23
CA ALA V 131 4.88 49.29 71.79
C ALA V 131 6.12 48.43 71.58
N ARG V 132 6.72 48.53 70.41
CA ARG V 132 7.94 47.78 70.13
C ARG V 132 9.10 48.29 70.97
N ARG V 133 9.13 49.59 71.24
CA ARG V 133 10.16 50.17 72.08
C ARG V 133 10.00 49.71 73.52
N ILE V 134 8.78 49.42 73.94
CA ILE V 134 8.59 48.84 75.26
C ILE V 134 9.03 47.39 75.28
N ARG V 135 8.64 46.61 74.26
CA ARG V 135 9.03 45.21 74.26
C ARG V 135 10.51 45.00 74.00
N GLY V 136 11.12 45.81 73.13
CA GLY V 136 12.55 45.73 72.94
C GLY V 136 13.01 44.94 71.75
N GLU V 137 12.25 44.94 70.65
CA GLU V 137 12.75 44.34 69.42
C GLU V 137 13.87 45.18 68.83
N ARG V 138 13.53 46.38 68.40
CA ARG V 138 14.52 47.34 67.93
C ARG V 138 15.28 47.87 69.12
N ALA V 139 16.53 48.28 68.92
CA ALA V 139 17.25 49.05 69.91
C ALA V 139 16.60 50.42 70.06
N ASN W 29 5.71 40.24 46.13
CA ASN W 29 6.71 39.85 47.10
C ASN W 29 6.13 40.00 48.50
N ILE W 30 6.60 41.02 49.22
CA ILE W 30 6.02 41.38 50.50
C ILE W 30 4.63 41.98 50.30
N GLN W 31 4.32 42.43 49.10
CA GLN W 31 3.04 43.05 48.79
C GLN W 31 1.93 42.02 48.56
N GLY W 32 2.20 40.74 48.82
CA GLY W 32 1.15 39.76 48.85
C GLY W 32 0.27 39.83 50.08
N ILE W 33 0.62 40.70 51.02
CA ILE W 33 -0.20 40.92 52.21
C ILE W 33 -1.28 41.92 51.83
N THR W 34 -2.54 41.49 51.87
CA THR W 34 -3.60 42.40 51.49
C THR W 34 -3.97 43.31 52.66
N LYS W 35 -4.50 44.49 52.30
CA LYS W 35 -5.09 45.39 53.28
C LYS W 35 -6.17 44.74 54.15
N PRO W 36 -7.18 44.03 53.64
CA PRO W 36 -8.16 43.43 54.56
C PRO W 36 -7.61 42.31 55.40
N ALA W 37 -6.45 41.76 55.07
CA ALA W 37 -5.82 40.80 55.96
C ALA W 37 -5.36 41.46 57.26
N ILE W 38 -4.63 42.57 57.15
CA ILE W 38 -4.20 43.28 58.34
C ILE W 38 -5.39 43.90 59.04
N ARG W 39 -6.45 44.23 58.28
CA ARG W 39 -7.70 44.64 58.90
C ARG W 39 -8.32 43.53 59.74
N ARG W 40 -8.32 42.31 59.22
CA ARG W 40 -8.81 41.17 59.99
C ARG W 40 -7.92 40.92 61.20
N LEU W 41 -6.63 41.20 61.08
CA LEU W 41 -5.73 41.15 62.22
C LEU W 41 -6.10 42.18 63.27
N ALA W 42 -6.56 43.35 62.85
CA ALA W 42 -7.07 44.31 63.81
C ALA W 42 -8.38 43.83 64.43
N ARG W 43 -9.17 43.10 63.65
CA ARG W 43 -10.49 42.68 64.13
C ARG W 43 -10.36 41.59 65.19
N ARG W 44 -9.50 40.60 64.95
CA ARG W 44 -9.28 39.59 65.99
C ARG W 44 -8.52 40.19 67.16
N GLY W 45 -7.67 41.18 66.90
CA GLY W 45 -7.17 42.00 67.97
C GLY W 45 -8.25 42.86 68.60
N GLY W 46 -9.28 43.19 67.85
CA GLY W 46 -10.36 44.02 68.35
C GLY W 46 -10.11 45.49 68.20
N VAL W 47 -9.55 45.92 67.07
CA VAL W 47 -9.17 47.31 66.90
C VAL W 47 -10.14 47.96 65.94
N LYS W 48 -10.56 49.18 66.25
CA LYS W 48 -11.67 49.77 65.52
C LYS W 48 -11.22 50.54 64.30
N ARG W 49 -10.41 51.58 64.48
CA ARG W 49 -10.22 52.57 63.42
C ARG W 49 -8.77 52.62 62.98
N ILE W 50 -8.57 52.69 61.67
CA ILE W 50 -7.31 52.31 61.03
C ILE W 50 -6.75 53.52 60.28
N SER W 51 -5.44 53.74 60.40
CA SER W 51 -4.75 54.79 59.65
C SER W 51 -4.15 54.28 58.34
N GLY W 52 -3.25 55.08 57.75
CA GLY W 52 -2.71 54.75 56.45
C GLY W 52 -1.41 53.97 56.41
N LEU W 53 -0.34 54.49 57.04
CA LEU W 53 1.01 53.94 56.92
C LEU W 53 1.20 52.64 57.68
N ILE W 54 0.18 52.29 58.47
CA ILE W 54 0.00 51.05 59.20
C ILE W 54 0.36 49.83 58.37
N TYR W 55 -0.02 49.83 57.11
CA TYR W 55 0.06 48.65 56.27
C TYR W 55 1.51 48.28 55.99
N GLU W 56 2.28 49.26 55.53
CA GLU W 56 3.66 49.02 55.18
C GLU W 56 4.49 48.79 56.43
N GLU W 57 4.15 49.49 57.52
CA GLU W 57 4.83 49.26 58.79
C GLU W 57 4.60 47.83 59.28
N THR W 58 3.39 47.33 59.09
CA THR W 58 3.03 45.98 59.50
C THR W 58 3.81 44.96 58.72
N ARG W 59 3.89 45.15 57.40
CA ARG W 59 4.63 44.23 56.55
C ARG W 59 6.10 44.21 56.93
N GLY W 60 6.64 45.37 57.32
CA GLY W 60 8.04 45.41 57.72
C GLY W 60 8.33 44.64 59.00
N VAL W 61 7.47 44.82 60.01
CA VAL W 61 7.74 44.15 61.28
C VAL W 61 7.53 42.65 61.15
N LEU W 62 6.50 42.26 60.39
CA LEU W 62 6.28 40.86 60.07
C LEU W 62 7.47 40.25 59.35
N LYS W 63 8.08 41.03 58.46
CA LYS W 63 9.25 40.55 57.72
C LYS W 63 10.40 40.25 58.65
N VAL W 64 10.73 41.18 59.55
CA VAL W 64 11.87 40.99 60.44
C VAL W 64 11.64 39.82 61.39
N PHE W 65 10.40 39.67 61.84
CA PHE W 65 9.97 38.53 62.65
C PHE W 65 10.26 37.21 61.95
N LEU W 66 9.74 37.06 60.73
CA LEU W 66 9.96 35.84 59.96
C LEU W 66 11.43 35.66 59.60
N GLU W 67 12.17 36.76 59.46
CA GLU W 67 13.60 36.69 59.16
C GLU W 67 14.37 35.97 60.24
N ASN W 68 14.20 36.41 61.49
CA ASN W 68 14.91 35.76 62.58
C ASN W 68 14.46 34.32 62.77
N VAL W 69 13.13 34.09 62.65
CA VAL W 69 12.57 32.77 62.86
C VAL W 69 13.11 31.77 61.84
N ILE W 70 13.00 32.11 60.56
CA ILE W 70 13.36 31.16 59.54
C ILE W 70 14.88 31.05 59.41
N ARG W 71 15.62 32.11 59.82
CA ARG W 71 17.08 32.00 59.86
C ARG W 71 17.54 30.93 60.81
N ASP W 72 17.09 30.98 62.06
CA ASP W 72 17.56 29.93 62.96
C ASP W 72 16.89 28.59 62.68
N ALA W 73 15.74 28.59 62.01
CA ALA W 73 15.14 27.33 61.58
C ALA W 73 16.01 26.64 60.54
N VAL W 74 16.50 27.40 59.56
CA VAL W 74 17.38 26.83 58.58
C VAL W 74 18.74 26.50 59.19
N THR W 75 19.10 27.19 60.28
CA THR W 75 20.29 26.79 61.02
C THR W 75 20.13 25.40 61.63
N TYR W 76 18.97 25.14 62.25
CA TYR W 76 18.63 23.80 62.71
C TYR W 76 18.70 22.78 61.61
N THR W 77 18.18 23.10 60.44
CA THR W 77 18.14 22.11 59.37
C THR W 77 19.53 21.93 58.75
N GLU W 78 20.35 22.98 58.80
CA GLU W 78 21.76 22.87 58.45
C GLU W 78 22.46 21.86 59.33
N HIS W 79 22.20 21.89 60.63
CA HIS W 79 22.78 20.85 61.46
C HIS W 79 22.15 19.49 61.20
N ALA W 80 20.89 19.48 60.75
CA ALA W 80 20.23 18.22 60.44
C ALA W 80 20.80 17.50 59.24
N LYS W 81 21.60 18.19 58.40
CA LYS W 81 22.21 17.66 57.18
C LYS W 81 21.16 17.15 56.19
N ARG W 82 19.96 17.73 56.26
CA ARG W 82 18.84 17.27 55.47
C ARG W 82 18.24 18.45 54.74
N LYS W 83 17.49 18.16 53.69
CA LYS W 83 17.11 19.18 52.74
C LYS W 83 15.68 19.68 52.93
N THR W 84 15.04 19.31 54.03
CA THR W 84 13.72 19.82 54.37
C THR W 84 13.73 20.25 55.82
N VAL W 85 13.25 21.47 56.07
CA VAL W 85 13.15 21.94 57.44
C VAL W 85 12.02 21.19 58.12
N THR W 86 12.30 20.64 59.29
CA THR W 86 11.27 19.90 60.00
C THR W 86 10.35 20.87 60.71
N ALA W 87 9.12 20.43 60.94
CA ALA W 87 8.23 21.17 61.82
C ALA W 87 8.77 21.19 63.24
N MET W 88 9.48 20.12 63.63
CA MET W 88 10.14 20.07 64.92
C MET W 88 11.12 21.20 65.09
N ASP W 89 11.95 21.45 64.07
CA ASP W 89 12.94 22.52 64.12
C ASP W 89 12.29 23.89 64.22
N VAL W 90 11.15 24.05 63.54
CA VAL W 90 10.38 25.28 63.67
C VAL W 90 9.94 25.48 65.10
N VAL W 91 9.44 24.41 65.71
CA VAL W 91 8.99 24.46 67.10
C VAL W 91 10.15 24.80 68.02
N TYR W 92 11.29 24.15 67.82
CA TYR W 92 12.43 24.38 68.70
C TYR W 92 13.00 25.77 68.51
N ALA W 93 12.93 26.31 67.30
CA ALA W 93 13.39 27.67 67.08
C ALA W 93 12.47 28.67 67.76
N LEU W 94 11.17 28.38 67.76
CA LEU W 94 10.24 29.19 68.54
C LEU W 94 10.55 29.13 70.02
N LYS W 95 10.93 27.95 70.52
CA LYS W 95 11.39 27.83 71.90
C LYS W 95 12.65 28.65 72.11
N ARG W 96 13.53 28.69 71.11
CA ARG W 96 14.77 29.43 71.24
C ARG W 96 14.53 30.93 71.30
N GLN W 97 13.48 31.41 70.64
CA GLN W 97 13.09 32.78 70.86
C GLN W 97 12.10 32.94 72.00
N GLY W 98 11.89 31.92 72.81
CA GLY W 98 10.98 32.04 73.92
C GLY W 98 9.55 32.20 73.51
N ARG W 99 9.16 31.54 72.42
CA ARG W 99 7.86 31.72 71.80
C ARG W 99 7.17 30.38 71.69
N THR W 100 7.11 29.69 72.82
CA THR W 100 6.70 28.29 72.84
C THR W 100 5.25 28.12 72.40
N LEU W 101 5.08 27.30 71.39
CA LEU W 101 3.79 27.01 70.77
C LEU W 101 3.53 25.52 70.86
N TYR W 102 2.37 25.17 71.39
CA TYR W 102 1.95 23.78 71.49
C TYR W 102 1.34 23.34 70.17
N GLY W 103 0.64 22.22 70.22
CA GLY W 103 -0.25 21.83 69.15
C GLY W 103 0.33 20.92 68.11
N PHE W 104 1.56 21.16 67.67
CA PHE W 104 2.06 20.43 66.52
C PHE W 104 3.21 19.52 66.90
N GLY W 105 3.12 18.88 68.06
CA GLY W 105 4.16 17.97 68.48
C GLY W 105 5.45 18.65 68.84
N GLY W 106 5.48 19.30 70.01
CA GLY W 106 6.68 19.99 70.45
C GLY W 106 7.10 19.65 71.87
N ALA X 18 55.07 20.93 72.45
CA ALA X 18 54.19 21.53 73.45
C ALA X 18 53.47 20.47 74.26
N LYS X 19 53.72 20.45 75.57
CA LYS X 19 53.07 19.48 76.43
C LYS X 19 51.60 19.81 76.62
N THR X 20 51.31 21.05 76.98
CA THR X 20 49.94 21.45 77.28
C THR X 20 49.15 21.70 76.00
N ARG X 21 47.88 21.28 76.03
CA ARG X 21 46.99 21.48 74.89
C ARG X 21 46.71 22.95 74.63
N SER X 22 46.81 23.79 75.65
CA SER X 22 46.68 25.23 75.45
C SER X 22 47.82 25.75 74.58
N SER X 23 49.04 25.27 74.83
CA SER X 23 50.14 25.60 73.94
C SER X 23 49.98 24.90 72.60
N ARG X 24 49.35 23.72 72.59
CA ARG X 24 49.06 23.05 71.33
C ARG X 24 47.95 23.73 70.56
N ALA X 25 47.17 24.59 71.22
CA ALA X 25 46.19 25.40 70.52
C ALA X 25 46.64 26.83 70.33
N GLY X 26 47.70 27.25 71.03
CA GLY X 26 48.15 28.63 70.92
C GLY X 26 47.19 29.63 71.50
N LEU X 27 46.41 29.23 72.49
CA LEU X 27 45.34 30.04 73.03
C LEU X 27 45.62 30.34 74.50
N GLN X 28 44.64 30.89 75.19
CA GLN X 28 44.84 31.34 76.56
C GLN X 28 43.92 30.68 77.57
N PHE X 29 43.04 29.79 77.16
CA PHE X 29 42.11 29.17 78.09
C PHE X 29 42.48 27.72 78.35
N PRO X 30 42.17 27.16 79.52
CA PRO X 30 42.44 25.74 79.76
C PRO X 30 41.34 24.88 79.16
N VAL X 31 41.74 24.00 78.24
CA VAL X 31 40.74 23.21 77.53
C VAL X 31 40.24 22.06 78.39
N GLY X 32 41.15 21.37 79.09
CA GLY X 32 40.76 20.23 79.90
C GLY X 32 39.88 20.62 81.06
N ARG X 33 40.03 21.86 81.54
CA ARG X 33 39.02 22.51 82.35
C ARG X 33 37.64 22.40 81.74
N VAL X 34 37.52 22.81 80.48
CA VAL X 34 36.22 22.85 79.82
C VAL X 34 35.71 21.44 79.59
N HIS X 35 36.61 20.51 79.28
CA HIS X 35 36.21 19.13 79.06
C HIS X 35 35.72 18.50 80.35
N ARG X 36 36.33 18.85 81.48
CA ARG X 36 35.85 18.34 82.75
C ARG X 36 34.53 19.00 83.12
N LEU X 37 34.37 20.28 82.77
CA LEU X 37 33.11 20.97 82.94
C LEU X 37 32.01 20.31 82.15
N LEU X 38 32.30 19.88 80.94
CA LEU X 38 31.36 19.13 80.15
C LEU X 38 31.07 17.77 80.78
N ARG X 39 32.12 17.12 81.30
CA ARG X 39 31.92 15.84 81.96
C ARG X 39 31.18 16.02 83.27
N LYS X 40 31.62 16.95 84.10
CA LYS X 40 30.88 17.30 85.32
C LYS X 40 29.82 18.35 85.00
N GLY X 41 29.00 18.06 84.01
CA GLY X 41 27.95 18.95 83.64
C GLY X 41 26.63 18.23 83.56
N ASN X 42 26.70 16.91 83.42
CA ASN X 42 25.58 16.09 82.95
C ASN X 42 25.02 16.67 81.65
N TYR X 43 25.92 16.97 80.74
CA TYR X 43 25.57 17.59 79.48
C TYR X 43 25.33 16.58 78.39
N SER X 44 26.36 15.82 78.02
CA SER X 44 26.22 14.66 77.16
C SER X 44 26.72 13.45 77.94
N GLU X 45 26.72 12.30 77.29
CA GLU X 45 27.37 11.16 77.92
C GLU X 45 28.85 11.12 77.56
N ARG X 46 29.18 11.30 76.30
CA ARG X 46 30.56 11.40 75.89
C ARG X 46 30.80 12.75 75.24
N VAL X 47 32.06 13.17 75.28
CA VAL X 47 32.49 14.46 74.71
C VAL X 47 33.71 14.21 73.86
N GLY X 48 33.65 14.64 72.60
CA GLY X 48 34.76 14.50 71.69
C GLY X 48 35.93 15.42 72.00
N ALA X 49 36.88 15.43 71.08
CA ALA X 49 38.15 16.13 71.27
C ALA X 49 38.14 17.53 70.69
N GLY X 50 37.30 17.82 69.70
CA GLY X 50 37.40 19.09 69.02
C GLY X 50 36.42 20.13 69.52
N ALA X 51 35.26 19.66 70.00
CA ALA X 51 34.28 20.56 70.61
C ALA X 51 34.81 21.42 71.76
N PRO X 52 35.58 20.94 72.75
CA PRO X 52 36.02 21.86 73.82
C PRO X 52 36.98 22.90 73.35
N VAL X 53 37.87 22.51 72.44
CA VAL X 53 38.78 23.47 71.81
C VAL X 53 37.98 24.53 71.05
N TYR X 54 36.95 24.08 70.33
CA TYR X 54 36.16 24.97 69.49
C TYR X 54 35.42 25.99 70.33
N LEU X 55 34.81 25.52 71.40
CA LEU X 55 34.03 26.39 72.28
C LEU X 55 34.94 27.36 73.03
N ALA X 56 36.12 26.89 73.46
CA ALA X 56 37.04 27.77 74.14
C ALA X 56 37.56 28.86 73.21
N ALA X 57 37.77 28.53 71.95
CA ALA X 57 38.16 29.53 70.97
C ALA X 57 37.08 30.57 70.77
N VAL X 58 35.81 30.12 70.75
CA VAL X 58 34.70 31.06 70.63
C VAL X 58 34.67 31.99 71.82
N LEU X 59 34.88 31.45 73.02
CA LEU X 59 34.92 32.23 74.24
C LEU X 59 36.03 33.27 74.19
N GLU X 60 37.19 32.86 73.71
CA GLU X 60 38.34 33.75 73.66
C GLU X 60 38.11 34.88 72.66
N TYR X 61 37.44 34.57 71.54
CA TYR X 61 37.07 35.61 70.59
C TYR X 61 36.08 36.59 71.19
N LEU X 62 35.10 36.08 71.95
CA LEU X 62 34.10 36.94 72.55
C LEU X 62 34.72 37.88 73.58
N THR X 63 35.65 37.35 74.37
CA THR X 63 36.37 38.18 75.33
C THR X 63 37.13 39.30 74.63
N ALA X 64 37.91 38.95 73.62
CA ALA X 64 38.73 39.96 72.94
C ALA X 64 37.85 41.00 72.24
N GLU X 65 36.76 40.54 71.63
CA GLU X 65 35.86 41.42 70.92
C GLU X 65 35.20 42.43 71.82
N ILE X 66 34.70 42.00 72.98
CA ILE X 66 34.00 42.95 73.84
C ILE X 66 35.01 43.81 74.59
N LEU X 67 36.17 43.25 74.91
CA LEU X 67 37.20 44.05 75.55
C LEU X 67 37.78 45.11 74.63
N GLU X 68 37.64 44.96 73.32
CA GLU X 68 37.95 46.08 72.42
C GLU X 68 37.07 47.30 72.73
N LEU X 69 35.75 47.08 72.78
CA LEU X 69 34.84 48.19 73.08
C LEU X 69 35.02 48.68 74.49
N ALA X 70 35.43 47.78 75.39
CA ALA X 70 35.78 48.19 76.74
C ALA X 70 36.99 49.11 76.76
N GLY X 71 38.01 48.79 75.97
CA GLY X 71 39.22 49.60 75.93
C GLY X 71 38.95 51.00 75.40
N ASN X 72 38.18 51.08 74.31
CA ASN X 72 37.85 52.40 73.77
C ASN X 72 36.94 53.18 74.70
N ALA X 73 35.98 52.51 75.34
CA ALA X 73 35.05 53.20 76.21
C ALA X 73 35.73 53.68 77.48
N ALA X 74 36.70 52.93 77.99
CA ALA X 74 37.46 53.40 79.15
C ALA X 74 38.43 54.51 78.76
N ARG X 75 38.97 54.44 77.54
CA ARG X 75 39.88 55.47 77.05
C ARG X 75 39.16 56.77 76.77
N ASP X 76 37.83 56.73 76.66
CA ASP X 76 37.02 57.95 76.49
C ASP X 76 37.13 58.90 77.66
N ASN X 77 37.56 58.45 78.83
CA ASN X 77 37.54 59.27 80.03
C ASN X 77 38.88 59.38 80.73
N LYS X 78 39.98 59.07 80.04
CA LYS X 78 41.35 59.24 80.51
C LYS X 78 41.61 58.44 81.78
N LYS X 79 41.04 57.24 81.83
CA LYS X 79 41.17 56.38 82.99
C LYS X 79 41.70 55.03 82.56
N THR X 80 42.74 54.57 83.24
CA THR X 80 43.43 53.35 82.84
C THR X 80 42.58 52.13 83.18
N ARG X 81 41.70 52.26 84.16
CA ARG X 81 40.97 51.12 84.68
C ARG X 81 39.55 51.08 84.13
N ILE X 82 39.08 49.89 83.79
CA ILE X 82 37.72 49.72 83.29
C ILE X 82 36.77 49.71 84.48
N ILE X 83 35.72 50.50 84.40
CA ILE X 83 34.72 50.52 85.46
C ILE X 83 33.49 49.83 84.90
N PRO X 84 32.52 49.42 85.72
CA PRO X 84 31.30 48.83 85.16
C PRO X 84 30.50 49.75 84.27
N ARG X 85 30.51 51.07 84.56
CA ARG X 85 29.82 52.03 83.71
C ARG X 85 30.39 52.03 82.30
N HIS X 86 31.71 51.86 82.19
CA HIS X 86 32.34 51.69 80.89
C HIS X 86 31.78 50.49 80.16
N LEU X 87 31.61 49.38 80.86
CA LEU X 87 31.15 48.16 80.22
C LEU X 87 29.73 48.30 79.74
N GLN X 88 28.87 48.93 80.54
CA GLN X 88 27.49 49.13 80.12
C GLN X 88 27.41 50.09 78.95
N LEU X 89 28.24 51.14 78.96
CA LEU X 89 28.31 52.06 77.84
C LEU X 89 28.75 51.36 76.56
N ALA X 90 29.79 50.52 76.67
CA ALA X 90 30.31 49.84 75.50
C ALA X 90 29.32 48.82 74.98
N ILE X 91 28.53 48.21 75.85
CA ILE X 91 27.50 47.31 75.39
C ILE X 91 26.41 48.07 74.66
N ARG X 92 25.87 49.10 75.30
CA ARG X 92 24.76 49.83 74.70
C ARG X 92 25.15 50.61 73.47
N ASN X 93 26.42 50.92 73.32
CA ASN X 93 26.87 51.55 72.10
C ASN X 93 27.09 50.54 70.99
N ASP X 94 27.12 49.26 71.31
CA ASP X 94 27.11 48.23 70.28
C ASP X 94 25.68 47.92 69.89
N GLU X 95 25.52 47.35 68.69
CA GLU X 95 24.22 46.84 68.31
C GLU X 95 24.05 45.35 68.59
N GLU X 96 24.99 44.53 68.12
CA GLU X 96 24.87 43.08 68.31
C GLU X 96 24.97 42.70 69.78
N LEU X 97 25.83 43.36 70.53
CA LEU X 97 25.94 43.05 71.95
C LEU X 97 24.74 43.54 72.73
N ASN X 98 24.07 44.59 72.27
CA ASN X 98 22.91 45.09 72.99
C ASN X 98 21.71 44.17 72.78
N LYS X 99 21.53 43.68 71.56
CA LYS X 99 20.48 42.70 71.33
C LYS X 99 20.88 41.35 71.91
N LEU X 100 22.18 41.11 72.09
CA LEU X 100 22.63 39.97 72.89
C LEU X 100 22.18 40.12 74.34
N LEU X 101 22.49 41.26 74.94
CA LEU X 101 22.32 41.42 76.38
C LEU X 101 21.02 42.13 76.74
N GLY X 102 19.94 41.83 76.01
CA GLY X 102 18.70 42.56 76.18
C GLY X 102 18.01 42.31 77.50
N ARG X 103 18.00 41.06 77.95
CA ARG X 103 17.46 40.74 79.26
C ARG X 103 18.49 40.88 80.36
N VAL X 104 19.61 41.54 80.09
CA VAL X 104 20.79 41.46 80.93
C VAL X 104 21.02 42.82 81.57
N THR X 105 21.41 42.81 82.84
CA THR X 105 21.69 44.02 83.59
C THR X 105 23.05 43.86 84.25
N ILE X 106 23.82 44.91 84.26
CA ILE X 106 25.12 44.95 84.89
C ILE X 106 25.00 45.64 86.23
N ALA X 107 25.67 45.10 87.25
CA ALA X 107 25.79 45.82 88.50
C ALA X 107 26.61 47.08 88.29
N GLN X 108 26.21 48.14 89.00
CA GLN X 108 26.74 49.50 88.87
C GLN X 108 26.68 50.01 87.44
N GLY X 109 25.60 49.69 86.73
CA GLY X 109 25.50 50.06 85.34
C GLY X 109 24.88 51.41 85.02
N GLY X 110 23.63 51.63 85.42
CA GLY X 110 22.90 52.77 84.91
C GLY X 110 22.50 52.55 83.46
N VAL X 111 22.10 53.64 82.79
CA VAL X 111 21.74 53.60 81.39
C VAL X 111 22.35 54.78 80.66
N LEU X 112 22.01 54.89 79.38
CA LEU X 112 22.61 55.87 78.49
C LEU X 112 22.09 57.27 78.78
N PRO X 113 22.78 58.30 78.30
CA PRO X 113 22.16 59.63 78.30
C PRO X 113 21.04 59.68 77.29
N ASN X 114 19.80 59.70 77.79
CA ASN X 114 18.62 59.84 76.94
C ASN X 114 17.95 61.14 77.31
N ILE X 115 18.44 62.23 76.75
CA ILE X 115 17.84 63.54 76.89
C ILE X 115 16.94 63.76 75.69
N GLN X 116 15.65 63.87 75.93
CA GLN X 116 14.72 64.06 74.83
C GLN X 116 14.80 65.50 74.34
N ALA X 117 14.47 65.69 73.06
CA ALA X 117 14.62 66.99 72.41
C ALA X 117 13.58 67.98 72.91
N VAL X 118 12.50 67.49 73.51
CA VAL X 118 11.48 68.34 74.10
C VAL X 118 11.91 68.96 75.42
N LEU X 119 13.15 68.75 75.85
CA LEU X 119 13.54 69.09 77.21
C LEU X 119 14.56 70.22 77.27
N LEU X 120 15.35 70.40 76.23
CA LEU X 120 16.39 71.42 76.26
C LEU X 120 15.76 72.81 76.16
N PRO X 121 16.30 73.80 76.88
CA PRO X 121 15.74 75.15 76.81
C PRO X 121 16.05 75.81 75.46
N LYS X 122 15.00 75.97 74.67
CA LYS X 122 15.15 76.46 73.30
C LYS X 122 14.73 77.93 73.16
N LYS Y 38 38.86 28.02 94.17
CA LYS Y 38 37.69 28.06 93.31
C LYS Y 38 37.95 29.10 92.23
N GLU Y 39 38.36 28.65 91.06
CA GLU Y 39 39.14 29.50 90.17
C GLU Y 39 38.26 30.48 89.41
N SER Y 40 38.75 31.72 89.29
CA SER Y 40 38.20 32.69 88.37
C SER Y 40 39.13 32.80 87.18
N TYR Y 41 38.84 33.69 86.25
CA TYR Y 41 39.52 33.65 84.96
C TYR Y 41 40.43 34.86 84.79
N SER Y 42 41.08 35.29 85.87
CA SER Y 42 41.59 36.65 85.99
C SER Y 42 42.79 36.89 85.08
N ILE Y 43 43.79 36.01 85.16
CA ILE Y 43 44.98 36.22 84.36
C ILE Y 43 44.71 35.93 82.89
N TYR Y 44 43.68 35.16 82.61
CA TYR Y 44 43.23 34.97 81.23
C TYR Y 44 42.76 36.29 80.67
N VAL Y 45 41.98 37.02 81.46
CA VAL Y 45 41.56 38.35 81.12
C VAL Y 45 42.74 39.30 80.99
N TYR Y 46 43.74 39.18 81.88
CA TYR Y 46 44.92 40.01 81.78
C TYR Y 46 45.68 39.79 80.48
N LYS Y 47 45.77 38.53 80.06
CA LYS Y 47 46.52 38.24 78.84
C LYS Y 47 45.75 38.66 77.60
N VAL Y 48 44.42 38.51 77.61
CA VAL Y 48 43.59 39.03 76.50
C VAL Y 48 43.73 40.54 76.42
N LEU Y 49 43.71 41.19 77.58
CA LEU Y 49 43.80 42.64 77.67
C LEU Y 49 45.14 43.15 77.18
N LYS Y 50 46.23 42.47 77.56
CA LYS Y 50 47.53 42.84 77.06
C LYS Y 50 47.69 42.52 75.59
N GLN Y 51 46.93 41.56 75.08
CA GLN Y 51 46.90 41.34 73.64
C GLN Y 51 46.04 42.37 72.90
N VAL Y 52 45.23 43.15 73.60
CA VAL Y 52 44.39 44.08 72.86
C VAL Y 52 44.73 45.52 73.19
N HIS Y 53 44.50 45.95 74.43
CA HIS Y 53 44.87 47.29 74.86
C HIS Y 53 45.90 47.12 75.96
N PRO Y 54 47.19 47.02 75.62
CA PRO Y 54 48.19 46.55 76.60
C PRO Y 54 48.59 47.58 77.65
N ASP Y 55 47.92 48.71 77.74
CA ASP Y 55 48.22 49.72 78.76
C ASP Y 55 46.98 50.06 79.55
N THR Y 56 46.27 49.04 79.99
CA THR Y 56 44.92 49.22 80.52
C THR Y 56 44.77 48.46 81.82
N GLY Y 57 44.34 49.16 82.87
CA GLY Y 57 44.03 48.51 84.13
C GLY Y 57 42.58 48.09 84.19
N ILE Y 58 42.19 47.61 85.37
CA ILE Y 58 40.86 47.08 85.58
C ILE Y 58 40.59 47.07 87.07
N SER Y 59 39.32 47.21 87.45
CA SER Y 59 38.92 47.08 88.83
C SER Y 59 38.61 45.63 89.15
N SER Y 60 38.39 45.37 90.44
CA SER Y 60 38.02 44.03 90.87
C SER Y 60 36.64 43.65 90.38
N LYS Y 61 35.67 44.52 90.60
CA LYS Y 61 34.31 44.15 90.29
C LYS Y 61 34.05 44.12 88.80
N ALA Y 62 34.86 44.84 88.03
CA ALA Y 62 34.82 44.69 86.58
C ALA Y 62 35.17 43.27 86.17
N MET Y 63 36.23 42.71 86.76
CA MET Y 63 36.58 41.32 86.55
C MET Y 63 35.47 40.38 86.99
N GLY Y 64 34.79 40.73 88.09
CA GLY Y 64 33.69 39.91 88.55
C GLY Y 64 32.54 39.87 87.56
N ILE Y 65 32.19 41.02 86.99
CA ILE Y 65 31.12 41.07 86.00
C ILE Y 65 31.53 40.34 84.75
N MET Y 66 32.82 40.43 84.38
CA MET Y 66 33.32 39.71 83.22
C MET Y 66 33.21 38.20 83.41
N ASN Y 67 33.51 37.71 84.62
CA ASN Y 67 33.46 36.27 84.80
C ASN Y 67 32.01 35.80 84.90
N SER Y 68 31.15 36.66 85.45
CA SER Y 68 29.72 36.41 85.40
C SER Y 68 29.25 36.25 83.97
N PHE Y 69 29.70 37.16 83.11
CA PHE Y 69 29.40 37.14 81.69
C PHE Y 69 29.87 35.84 81.04
N VAL Y 70 31.11 35.46 81.31
CA VAL Y 70 31.70 34.29 80.67
C VAL Y 70 30.97 33.03 81.07
N ASN Y 71 30.61 32.93 82.35
CA ASN Y 71 29.89 31.77 82.83
C ASN Y 71 28.50 31.69 82.22
N ASP Y 72 27.82 32.83 82.10
CA ASP Y 72 26.50 32.86 81.47
C ASP Y 72 26.59 32.37 80.03
N ILE Y 73 27.56 32.87 79.28
CA ILE Y 73 27.68 32.51 77.88
C ILE Y 73 28.00 31.03 77.73
N PHE Y 74 28.90 30.53 78.57
CA PHE Y 74 29.27 29.12 78.53
C PHE Y 74 28.07 28.23 78.84
N GLU Y 75 27.29 28.63 79.84
CA GLU Y 75 26.13 27.83 80.20
C GLU Y 75 25.08 27.84 79.10
N ARG Y 76 24.86 28.99 78.46
CA ARG Y 76 23.85 29.08 77.43
C ARG Y 76 24.21 28.24 76.22
N ILE Y 77 25.48 28.30 75.81
CA ILE Y 77 25.92 27.53 74.66
C ILE Y 77 25.86 26.05 74.96
N ALA Y 78 26.32 25.66 76.14
CA ALA Y 78 26.41 24.25 76.50
C ALA Y 78 25.02 23.63 76.60
N GLY Y 79 24.09 24.35 77.22
CA GLY Y 79 22.74 23.85 77.29
C GLY Y 79 22.08 23.79 75.93
N GLU Y 80 22.41 24.74 75.05
CA GLU Y 80 21.84 24.68 73.72
C GLU Y 80 22.43 23.50 72.94
N ALA Y 81 23.69 23.17 73.20
CA ALA Y 81 24.28 22.00 72.58
C ALA Y 81 23.66 20.72 73.10
N SER Y 82 23.31 20.71 74.38
CA SER Y 82 22.63 19.55 74.94
C SER Y 82 21.25 19.40 74.33
N ARG Y 83 20.59 20.54 74.05
CA ARG Y 83 19.36 20.51 73.29
C ARG Y 83 19.59 19.97 71.89
N LEU Y 84 20.73 20.31 71.28
CA LEU Y 84 21.04 19.77 69.96
C LEU Y 84 21.14 18.26 69.99
N ALA Y 85 21.79 17.74 71.02
CA ALA Y 85 21.93 16.30 71.19
C ALA Y 85 20.58 15.63 71.35
N HIS Y 86 19.79 16.09 72.31
CA HIS Y 86 18.52 15.44 72.59
C HIS Y 86 17.47 15.69 71.52
N TYR Y 87 17.57 16.78 70.79
CA TYR Y 87 16.68 16.98 69.67
C TYR Y 87 17.19 16.23 68.45
N ASN Y 88 18.40 15.71 68.50
CA ASN Y 88 18.97 15.02 67.35
C ASN Y 88 19.46 13.62 67.65
N LYS Y 89 19.28 13.14 68.89
CA LYS Y 89 19.54 11.75 69.29
C LYS Y 89 20.99 11.35 69.07
N ARG Y 90 21.90 12.32 69.18
CA ARG Y 90 23.31 12.07 68.97
C ARG Y 90 23.95 11.97 70.34
N SER Y 91 24.56 10.83 70.61
CA SER Y 91 24.97 10.49 71.97
C SER Y 91 26.22 11.23 72.42
N THR Y 92 26.85 11.99 71.54
CA THR Y 92 27.93 12.87 71.96
C THR Y 92 27.85 14.16 71.17
N ILE Y 93 28.82 15.03 71.42
CA ILE Y 93 28.87 16.34 70.79
C ILE Y 93 30.28 16.56 70.25
N THR Y 94 30.36 16.88 68.96
CA THR Y 94 31.58 17.29 68.31
C THR Y 94 31.58 18.79 68.11
N SER Y 95 32.54 19.28 67.36
CA SER Y 95 32.65 20.72 67.12
C SER Y 95 31.56 21.27 66.21
N ARG Y 96 30.96 20.42 65.35
CA ARG Y 96 29.95 20.89 64.40
C ARG Y 96 28.70 21.37 65.13
N GLU Y 97 28.34 20.67 66.19
CA GLU Y 97 27.27 21.08 67.07
C GLU Y 97 27.57 22.43 67.72
N ILE Y 98 28.83 22.65 68.06
CA ILE Y 98 29.19 23.90 68.71
C ILE Y 98 29.10 25.05 67.71
N GLN Y 99 29.49 24.78 66.46
CA GLN Y 99 29.38 25.77 65.41
C GLN Y 99 27.93 26.16 65.17
N THR Y 100 27.05 25.17 65.04
CA THR Y 100 25.66 25.53 64.79
C THR Y 100 25.01 26.16 66.01
N ALA Y 101 25.48 25.85 67.22
CA ALA Y 101 24.89 26.50 68.39
C ALA Y 101 25.33 27.95 68.50
N VAL Y 102 26.59 28.23 68.17
CA VAL Y 102 27.06 29.61 68.13
C VAL Y 102 26.32 30.40 67.06
N ARG Y 103 25.98 29.76 65.95
CA ARG Y 103 25.06 30.37 65.00
C ARG Y 103 23.71 30.66 65.63
N LEU Y 104 23.20 29.73 66.46
CA LEU Y 104 21.86 29.89 67.00
C LEU Y 104 21.79 30.99 68.06
N LEU Y 105 22.92 31.29 68.70
CA LEU Y 105 22.87 32.31 69.75
C LEU Y 105 23.28 33.68 69.23
N LEU Y 106 24.45 33.78 68.69
CA LEU Y 106 24.88 35.12 68.36
C LEU Y 106 24.41 35.52 66.96
N PRO Y 107 24.06 36.78 66.75
CA PRO Y 107 23.70 37.24 65.41
C PRO Y 107 24.89 37.37 64.47
N GLY Y 108 24.61 37.78 63.22
CA GLY Y 108 25.44 37.62 62.04
C GLY Y 108 26.94 37.85 62.05
N GLU Y 109 27.37 39.10 62.29
CA GLU Y 109 28.78 39.45 62.15
C GLU Y 109 29.63 38.75 63.20
N LEU Y 110 29.18 38.83 64.46
CA LEU Y 110 29.79 38.09 65.55
C LEU Y 110 29.84 36.61 65.26
N ALA Y 111 28.76 36.07 64.69
CA ALA Y 111 28.69 34.64 64.40
C ALA Y 111 29.71 34.24 63.36
N LYS Y 112 29.83 35.03 62.30
CA LYS Y 112 30.71 34.64 61.22
C LYS Y 112 32.17 34.76 61.64
N HIS Y 113 32.50 35.83 62.38
CA HIS Y 113 33.88 35.98 62.86
C HIS Y 113 34.21 34.92 63.91
N ALA Y 114 33.22 34.50 64.69
CA ALA Y 114 33.47 33.46 65.67
C ALA Y 114 33.69 32.12 65.00
N VAL Y 115 32.91 31.82 63.96
CA VAL Y 115 33.09 30.59 63.20
C VAL Y 115 34.47 30.56 62.57
N SER Y 116 34.92 31.72 62.08
CA SER Y 116 36.25 31.83 61.49
C SER Y 116 37.34 31.54 62.52
N GLU Y 117 37.22 32.16 63.70
CA GLU Y 117 38.23 31.98 64.73
C GLU Y 117 38.25 30.54 65.23
N GLY Y 118 37.08 29.94 65.37
CA GLY Y 118 37.01 28.57 65.84
C GLY Y 118 37.62 27.59 64.86
N THR Y 119 37.32 27.75 63.57
CA THR Y 119 37.89 26.86 62.57
C THR Y 119 39.38 27.07 62.44
N LYS Y 120 39.86 28.30 62.65
CA LYS Y 120 41.31 28.55 62.60
C LYS Y 120 42.01 27.86 63.77
N ALA Y 121 41.38 27.90 64.94
CA ALA Y 121 41.93 27.18 66.09
C ALA Y 121 41.92 25.67 65.88
N VAL Y 122 40.83 25.15 65.29
CA VAL Y 122 40.75 23.74 64.92
C VAL Y 122 41.86 23.38 63.96
N THR Y 123 42.14 24.26 63.01
CA THR Y 123 43.19 24.03 62.03
C THR Y 123 44.56 23.96 62.68
N LYS Y 124 44.88 24.95 63.52
CA LYS Y 124 46.23 24.99 64.06
C LYS Y 124 46.44 23.92 65.11
N TYR Y 125 45.39 23.55 65.86
CA TYR Y 125 45.54 22.44 66.78
C TYR Y 125 45.59 21.11 66.05
N THR Y 126 44.94 21.00 64.89
CA THR Y 126 44.91 19.74 64.17
C THR Y 126 46.23 19.52 63.44
N SER Y 127 46.87 20.62 63.01
CA SER Y 127 48.16 20.50 62.34
C SER Y 127 49.25 20.02 63.30
N ALA Y 128 49.12 20.34 64.58
CA ALA Y 128 50.07 19.90 65.60
C ALA Y 128 49.40 19.84 66.97
#